data_2J7A
#
_entry.id   2J7A
#
_cell.length_a   79.664
_cell.length_b   258.117
_cell.length_c   580.742
_cell.angle_alpha   90.00
_cell.angle_beta   90.00
_cell.angle_gamma   90.00
#
_symmetry.space_group_name_H-M   'P 21 21 21'
#
loop_
_entity.id
_entity.type
_entity.pdbx_description
1 polymer 'CYTOCHROME C NITRITE REDUCTASE NRFA'
2 polymer 'CYTOCHROME C QUINOL DEHYDROGENASE NRFH'
3 non-polymer 'HEME C'
4 non-polymer 'CALCIUM ION'
5 non-polymer DODECYL-BETA-D-MALTOSIDE
6 non-polymer 'ACETATE ION'
7 water water
#
loop_
_entity_poly.entity_id
_entity_poly.type
_entity_poly.pdbx_seq_one_letter_code
_entity_poly.pdbx_strand_id
1 'polypeptide(L)'
;AGCSDVSTELKTPVYKTKLTAEEIRNSAFKPEFPKQYASYERNDETTVMTEYKGSVPFNKNDNVNPLPEGYRHAQPYLKN
LWLGYPFMYEYREARGHTYAIQDFLHIDRINRYAEKGGLPATCWNCKTPKMMEWVKESGDGFWAKDVNEFRDKIDMKDHT
IGCATCHDPQTMELRITSVPLTDYLVSQGKDPKKLPRNEMRALVCGQCHVEYYFNGPTMGVNKKPVFPWAEGFDPADMYR
YYDKHGDLQVKGFEGKFADWTHPASKTPMIKAQHPEYETWINGTHGAAGVTCADCHMSYTRSDDKKKISSHWWTSPMKDP
EMRACRQCHSDKTPDYLKSRVLFTQKRTFDLLLAAQEVSVKAHEAVRLANEYQGAKAAGYDDLMIQAREMVRKGQFFWDY
VSAENSVGFHNPAKALDTLAQSQQFSQKAIDLAMEATQYGIGKDLSGDIKTIVPPILKMNRKLQQDPEFMKTHKWFQYLP
VLPKADQVWDGQKRLVSAKQ
;
A,B,D,E,G,H,J,K,M,N,P,Q
2 'polypeptide(L)'
;MSEEKSRNGPARLKLVLGGATLGVVALATVAFGMKYTDQRPFCTSCHIMNPVGVTHKLSGHANISCNDCHAPHNLLAKLP
FKAIAGARDVYMNTLGHPGDLILAGMETKEVVNANCKACHTMTNVEVASMEAKKYCTDCHRNVQHMRMKPISTREVADE
;
C,F,I,L,O,R
#
# COMPACT_ATOMS: atom_id res chain seq x y z
N GLY A 2 -38.13 -19.10 -20.60
CA GLY A 2 -38.07 -18.66 -19.17
C GLY A 2 -37.59 -17.23 -18.94
N CYS A 3 -37.24 -16.93 -17.69
CA CYS A 3 -36.70 -15.63 -17.32
C CYS A 3 -35.17 -15.61 -17.20
N SER A 4 -34.63 -14.40 -17.12
CA SER A 4 -33.24 -14.14 -16.79
C SER A 4 -33.14 -14.01 -15.27
N ASP A 5 -32.08 -14.52 -14.64
CA ASP A 5 -31.78 -14.12 -13.25
C ASP A 5 -30.77 -12.98 -13.25
N VAL A 6 -30.55 -12.33 -14.40
CA VAL A 6 -29.80 -11.07 -14.40
C VAL A 6 -30.73 -9.99 -13.86
N SER A 7 -30.94 -10.01 -12.55
CA SER A 7 -31.80 -9.05 -11.87
C SER A 7 -31.08 -7.73 -11.59
N THR A 8 -29.74 -7.79 -11.55
CA THR A 8 -28.95 -6.58 -11.35
C THR A 8 -28.31 -6.17 -12.69
N GLU A 9 -28.60 -4.95 -13.11
CA GLU A 9 -28.21 -4.46 -14.42
C GLU A 9 -27.05 -3.51 -14.27
N LEU A 10 -26.12 -3.57 -15.23
CA LEU A 10 -24.93 -2.74 -15.21
C LEU A 10 -25.27 -1.34 -15.64
N LYS A 11 -24.98 -0.39 -14.76
CA LYS A 11 -25.27 1.01 -15.00
C LYS A 11 -24.06 1.79 -14.54
N THR A 12 -23.65 2.77 -15.33
CA THR A 12 -22.66 3.75 -14.93
C THR A 12 -23.09 4.43 -13.62
N PRO A 13 -22.26 4.32 -12.56
CA PRO A 13 -22.56 4.92 -11.26
C PRO A 13 -22.75 6.45 -11.31
N VAL A 14 -23.76 6.90 -10.59
CA VAL A 14 -24.13 8.31 -10.47
C VAL A 14 -24.08 8.65 -8.98
N TYR A 15 -23.47 9.79 -8.64
CA TYR A 15 -23.26 10.14 -7.23
C TYR A 15 -23.93 11.45 -6.90
N LYS A 16 -24.44 11.53 -5.67
CA LYS A 16 -24.91 12.78 -5.11
C LYS A 16 -24.48 12.79 -3.65
N THR A 17 -23.41 13.54 -3.37
CA THR A 17 -22.85 13.57 -2.02
C THR A 17 -23.51 14.65 -1.15
N LYS A 18 -23.13 14.63 0.11
CA LYS A 18 -23.59 15.61 1.08
C LYS A 18 -22.64 16.80 1.19
N LEU A 19 -21.73 16.92 0.22
CA LEU A 19 -20.70 17.95 0.26
C LEU A 19 -21.09 19.25 -0.46
N THR A 20 -20.50 20.37 -0.02
CA THR A 20 -20.74 21.66 -0.66
C THR A 20 -19.89 21.78 -1.91
N ALA A 21 -20.29 22.68 -2.80
CA ALA A 21 -19.68 22.83 -4.11
C ALA A 21 -18.22 23.26 -4.05
N GLU A 22 -17.77 23.62 -2.85
CA GLU A 22 -16.44 24.21 -2.68
C GLU A 22 -15.58 23.48 -1.66
N GLU A 23 -16.06 22.32 -1.20
CA GLU A 23 -15.31 21.44 -0.31
C GLU A 23 -13.97 21.04 -0.94
N ILE A 24 -12.89 21.23 -0.19
CA ILE A 24 -11.56 20.83 -0.63
C ILE A 24 -10.81 20.00 0.42
N ARG A 25 -11.40 19.75 1.58
CA ARG A 25 -10.69 18.97 2.60
C ARG A 25 -10.82 17.49 2.29
N ASN A 26 -9.69 16.80 2.22
CA ASN A 26 -9.68 15.36 1.93
C ASN A 26 -10.51 14.55 2.91
N SER A 27 -10.36 14.86 4.20
CA SER A 27 -11.06 14.17 5.28
C SER A 27 -12.59 14.25 5.13
N ALA A 28 -13.07 15.27 4.43
CA ALA A 28 -14.51 15.49 4.20
C ALA A 28 -15.13 14.44 3.28
N PHE A 29 -14.28 13.82 2.47
CA PHE A 29 -14.67 12.80 1.49
C PHE A 29 -14.63 11.39 2.06
N LYS A 30 -13.89 11.21 3.14
CA LYS A 30 -13.64 9.88 3.72
C LYS A 30 -14.89 9.10 4.16
N PRO A 31 -15.86 9.77 4.81
CA PRO A 31 -17.16 9.19 5.13
C PRO A 31 -17.98 8.77 3.91
N GLU A 32 -17.97 9.56 2.86
CA GLU A 32 -18.76 9.26 1.65
C GLU A 32 -18.17 8.05 0.89
N PHE A 33 -16.83 8.04 0.77
CA PHE A 33 -16.07 7.08 -0.05
C PHE A 33 -14.89 6.40 0.67
N PRO A 34 -15.19 5.55 1.67
CA PRO A 34 -14.13 4.93 2.48
C PRO A 34 -13.26 3.93 1.72
N LYS A 35 -13.74 3.41 0.58
CA LYS A 35 -13.00 2.40 -0.18
C LYS A 35 -11.89 3.02 -0.99
N GLN A 36 -12.25 4.10 -1.69
CA GLN A 36 -11.30 4.85 -2.50
C GLN A 36 -10.37 5.65 -1.58
N TYR A 37 -10.89 6.04 -0.43
CA TYR A 37 -10.09 6.73 0.57
C TYR A 37 -9.01 5.83 1.21
N ALA A 38 -9.38 4.59 1.52
CA ALA A 38 -8.42 3.58 1.98
C ALA A 38 -7.29 3.36 0.95
N SER A 39 -7.66 3.31 -0.34
CA SER A 39 -6.73 3.20 -1.47
C SER A 39 -5.78 4.39 -1.51
N TYR A 40 -6.36 5.59 -1.39
CA TYR A 40 -5.57 6.82 -1.38
C TYR A 40 -4.55 6.87 -0.22
N GLU A 41 -4.89 6.31 0.93
CA GLU A 41 -3.93 6.26 2.06
C GLU A 41 -2.69 5.37 1.84
N ARG A 42 -2.77 4.43 0.88
CA ARG A 42 -1.60 3.62 0.50
C ARG A 42 -0.37 4.47 0.05
N ASN A 43 -0.61 5.69 -0.42
CA ASN A 43 0.43 6.60 -0.89
C ASN A 43 1.41 7.02 0.22
N ASP A 44 1.04 6.70 1.45
CA ASP A 44 1.86 6.93 2.65
C ASP A 44 3.03 5.97 2.73
N GLU A 45 2.95 4.86 2.01
CA GLU A 45 4.08 3.94 1.92
C GLU A 45 5.27 4.60 1.21
N THR A 46 6.36 4.70 1.94
CA THR A 46 7.55 5.38 1.48
C THR A 46 8.83 4.55 1.78
N THR A 47 8.71 3.23 1.66
CA THR A 47 9.78 2.32 2.01
C THR A 47 10.26 1.48 0.83
N VAL A 48 9.48 1.43 -0.25
CA VAL A 48 9.71 0.43 -1.32
C VAL A 48 10.33 1.01 -2.59
N MET A 49 11.47 0.46 -2.97
CA MET A 49 12.17 0.79 -4.21
C MET A 49 11.86 -0.25 -5.29
N THR A 50 11.86 0.18 -6.56
CA THR A 50 11.86 -0.77 -7.68
C THR A 50 13.29 -0.75 -8.22
N GLU A 51 13.53 -1.25 -9.43
CA GLU A 51 14.87 -1.15 -9.97
C GLU A 51 15.36 0.32 -10.12
N TYR A 52 14.61 1.16 -10.83
CA TYR A 52 15.02 2.56 -11.07
C TYR A 52 14.19 3.61 -10.32
N LYS A 53 12.99 3.24 -9.92
CA LYS A 53 12.06 4.16 -9.26
C LYS A 53 11.59 3.62 -7.90
N GLY A 54 10.51 4.14 -7.37
CA GLY A 54 10.09 3.76 -6.04
C GLY A 54 9.72 4.97 -5.23
N SER A 55 9.49 4.77 -3.93
CA SER A 55 8.86 5.80 -3.10
C SER A 55 9.68 6.26 -1.92
N VAL A 56 10.97 5.92 -1.91
CA VAL A 56 11.92 6.50 -0.97
C VAL A 56 12.50 7.79 -1.54
N PRO A 57 12.29 8.94 -0.85
CA PRO A 57 12.77 10.22 -1.43
C PRO A 57 14.28 10.49 -1.34
N PHE A 58 15.10 9.59 -1.92
CA PHE A 58 16.56 9.79 -1.91
C PHE A 58 17.01 11.01 -2.74
N ASN A 59 18.22 11.48 -2.48
CA ASN A 59 18.81 12.56 -3.26
C ASN A 59 19.29 12.05 -4.64
N LYS A 60 18.79 12.67 -5.70
CA LYS A 60 18.89 12.11 -7.05
C LYS A 60 20.28 12.14 -7.66
N ASN A 61 21.13 13.03 -7.13
CA ASN A 61 22.53 13.10 -7.53
C ASN A 61 23.47 12.18 -6.72
N ASP A 62 22.93 11.51 -5.70
CA ASP A 62 23.79 10.79 -4.73
C ASP A 62 23.86 9.28 -4.98
N ASN A 63 24.97 8.82 -5.57
CA ASN A 63 25.26 7.38 -5.73
C ASN A 63 26.36 6.86 -4.80
N VAL A 64 26.64 7.63 -3.75
CA VAL A 64 27.69 7.31 -2.79
C VAL A 64 27.08 6.72 -1.50
N ASN A 65 26.11 7.44 -0.92
CA ASN A 65 25.48 7.01 0.32
C ASN A 65 24.35 5.99 0.14
N PRO A 66 24.13 5.10 1.14
CA PRO A 66 23.02 4.15 1.02
C PRO A 66 21.64 4.81 1.24
N LEU A 67 20.57 4.05 0.99
CA LEU A 67 19.22 4.54 1.20
C LEU A 67 19.02 4.89 2.68
N PRO A 68 18.21 5.94 2.99
CA PRO A 68 17.41 6.76 2.10
C PRO A 68 18.10 8.02 1.63
N GLU A 69 19.43 8.10 1.78
CA GLU A 69 20.17 9.30 1.40
C GLU A 69 20.54 9.33 -0.08
N GLY A 70 21.01 8.19 -0.58
CA GLY A 70 21.38 8.00 -1.96
C GLY A 70 20.93 6.64 -2.44
N TYR A 71 21.25 6.33 -3.69
CA TYR A 71 20.83 5.06 -4.31
C TYR A 71 21.88 4.68 -5.34
N ARG A 72 21.93 3.40 -5.70
CA ARG A 72 22.88 2.88 -6.71
C ARG A 72 22.68 3.45 -8.11
N HIS A 73 21.44 3.80 -8.42
CA HIS A 73 21.12 4.47 -9.68
C HIS A 73 20.78 5.93 -9.42
N ALA A 74 21.81 6.75 -9.53
CA ALA A 74 21.71 8.18 -9.28
C ALA A 74 22.49 8.87 -10.37
N GLN A 75 22.26 10.18 -10.51
CA GLN A 75 22.90 10.99 -11.55
C GLN A 75 23.89 11.92 -10.89
N PRO A 76 25.18 11.54 -10.83
CA PRO A 76 26.18 12.30 -10.02
C PRO A 76 26.40 13.78 -10.39
N TYR A 77 25.99 14.19 -11.58
CA TYR A 77 26.35 15.50 -12.12
C TYR A 77 25.25 16.55 -12.08
N LEU A 78 24.19 16.31 -11.32
CA LEU A 78 23.03 17.21 -11.32
C LEU A 78 23.32 18.61 -10.74
N LYS A 79 24.05 18.67 -9.63
CA LYS A 79 24.39 19.97 -9.04
C LYS A 79 25.29 20.79 -9.94
N ASN A 80 26.24 20.13 -10.60
CA ASN A 80 27.17 20.76 -11.55
C ASN A 80 26.39 21.40 -12.70
N LEU A 81 25.50 20.61 -13.29
CA LEU A 81 24.70 21.01 -14.45
C LEU A 81 23.61 22.05 -14.13
N TRP A 82 23.17 22.11 -12.87
CA TRP A 82 22.19 23.12 -12.43
C TRP A 82 22.80 24.19 -11.55
N LEU A 83 24.11 24.42 -11.73
CA LEU A 83 24.83 25.43 -10.97
C LEU A 83 24.14 26.80 -11.09
N GLY A 84 23.86 27.41 -9.94
CA GLY A 84 23.25 28.73 -9.91
C GLY A 84 21.73 28.71 -10.05
N TYR A 85 21.16 27.53 -9.95
CA TYR A 85 19.72 27.35 -10.01
C TYR A 85 19.28 26.67 -8.70
N PRO A 86 18.06 26.95 -8.20
CA PRO A 86 17.55 26.27 -6.98
C PRO A 86 17.61 24.73 -6.95
N PHE A 87 17.74 24.08 -8.09
CA PHE A 87 17.86 22.61 -8.10
C PHE A 87 19.26 22.15 -7.69
N MET A 88 20.20 23.09 -7.62
CA MET A 88 21.52 22.73 -7.09
C MET A 88 21.51 22.54 -5.58
N TYR A 89 20.40 22.94 -4.92
CA TYR A 89 20.29 22.83 -3.46
C TYR A 89 19.70 21.53 -2.96
N GLU A 90 18.61 21.08 -3.58
CA GLU A 90 17.93 19.85 -3.18
C GLU A 90 17.06 19.36 -4.31
N TYR A 91 17.04 18.06 -4.52
CA TYR A 91 16.25 17.46 -5.58
C TYR A 91 16.17 15.97 -5.31
N ARG A 92 14.96 15.54 -4.98
CA ARG A 92 14.71 14.22 -4.47
C ARG A 92 13.76 13.44 -5.35
N GLU A 93 13.84 12.11 -5.23
CA GLU A 93 12.91 11.23 -5.90
C GLU A 93 11.46 11.51 -5.45
N ALA A 94 10.54 11.65 -6.42
CA ALA A 94 9.12 11.87 -6.14
C ALA A 94 8.46 10.69 -5.40
N ARG A 95 7.63 11.00 -4.41
CA ARG A 95 6.89 9.99 -3.67
C ARG A 95 5.41 10.34 -3.66
N GLY A 96 4.62 9.68 -2.81
CA GLY A 96 3.16 9.71 -2.89
C GLY A 96 2.52 11.07 -2.76
N HIS A 97 1.30 11.19 -3.30
CA HIS A 97 0.56 12.44 -3.30
C HIS A 97 0.22 12.94 -1.90
N THR A 98 0.09 12.02 -0.95
CA THR A 98 -0.17 12.40 0.43
C THR A 98 0.98 13.20 1.06
N TYR A 99 2.17 13.15 0.46
CA TYR A 99 3.34 13.90 0.95
C TYR A 99 3.66 15.21 0.24
N ALA A 100 2.86 15.58 -0.75
CA ALA A 100 3.18 16.75 -1.59
C ALA A 100 3.49 18.07 -0.84
N ILE A 101 2.64 18.42 0.12
CA ILE A 101 2.86 19.63 0.93
C ILE A 101 3.97 19.44 1.98
N GLN A 102 4.04 18.27 2.59
CA GLN A 102 5.10 17.96 3.53
C GLN A 102 6.49 18.12 2.90
N ASP A 103 6.64 17.58 1.69
CA ASP A 103 7.86 17.66 0.92
C ASP A 103 8.15 19.07 0.39
N PHE A 104 7.11 19.75 -0.08
CA PHE A 104 7.20 21.17 -0.45
C PHE A 104 7.82 22.02 0.68
N LEU A 105 7.40 21.74 1.92
CA LEU A 105 7.77 22.56 3.07
C LEU A 105 9.09 22.20 3.74
N HIS A 106 9.70 21.09 3.31
CA HIS A 106 11.04 20.63 3.76
CA HIS A 106 11.04 20.82 3.80
C HIS A 106 12.15 20.96 2.75
N ILE A 107 11.75 21.20 1.50
CA ILE A 107 12.69 21.41 0.38
C ILE A 107 13.52 22.71 0.48
N ASP A 108 14.82 22.55 0.24
CA ASP A 108 15.79 23.63 0.30
C ASP A 108 15.82 24.51 -0.96
N ARG A 109 15.06 24.13 -1.99
CA ARG A 109 14.93 24.96 -3.19
C ARG A 109 14.28 26.31 -2.87
N ILE A 110 13.35 26.28 -1.93
CA ILE A 110 12.71 27.45 -1.35
C ILE A 110 13.60 27.99 -0.23
N ASN A 111 13.83 29.31 -0.21
CA ASN A 111 14.64 29.89 0.86
C ASN A 111 13.93 29.84 2.21
N ARG A 112 14.57 29.19 3.18
CA ARG A 112 14.05 29.11 4.54
C ARG A 112 14.91 29.92 5.50
N TYR A 113 15.90 30.64 4.96
CA TYR A 113 16.81 31.48 5.77
C TYR A 113 16.52 32.99 5.59
N ALA A 114 15.34 33.27 5.07
CA ALA A 114 14.77 34.59 4.97
C ALA A 114 13.27 34.41 5.13
N GLU A 115 12.58 35.52 5.40
CA GLU A 115 11.12 35.58 5.38
C GLU A 115 10.59 35.19 3.99
N LYS A 116 11.16 35.80 2.96
CA LYS A 116 10.85 35.47 1.56
C LYS A 116 11.58 34.23 1.06
N GLY A 117 10.84 33.42 0.30
CA GLY A 117 11.37 32.17 -0.28
C GLY A 117 12.10 32.33 -1.59
N GLY A 118 11.86 33.46 -2.25
CA GLY A 118 12.53 33.78 -3.51
C GLY A 118 11.96 33.05 -4.72
N LEU A 119 10.85 32.34 -4.48
CA LEU A 119 10.11 31.67 -5.53
C LEU A 119 8.67 32.18 -5.53
N PRO A 120 8.00 32.16 -6.69
CA PRO A 120 6.63 32.64 -6.75
C PRO A 120 5.59 31.72 -6.08
N ALA A 121 4.42 32.28 -5.78
CA ALA A 121 3.30 31.50 -5.29
C ALA A 121 2.77 30.53 -6.33
N THR A 122 3.26 30.63 -7.57
CA THR A 122 2.93 29.61 -8.60
C THR A 122 3.43 28.21 -8.23
N CYS A 123 4.43 28.15 -7.36
CA CYS A 123 4.93 26.88 -6.84
C CYS A 123 3.88 26.04 -6.13
N TRP A 124 2.84 26.69 -5.61
CA TRP A 124 1.69 25.98 -5.00
C TRP A 124 0.76 25.39 -6.04
N ASN A 125 0.88 25.83 -7.29
CA ASN A 125 -0.08 25.47 -8.35
C ASN A 125 -0.40 23.96 -8.46
N CYS A 126 0.61 23.10 -8.32
CA CYS A 126 0.38 21.67 -8.48
C CYS A 126 0.53 20.88 -7.18
N LYS A 127 0.26 21.52 -6.04
CA LYS A 127 0.44 20.93 -4.71
C LYS A 127 -0.84 20.84 -3.88
N THR A 128 -1.88 21.61 -4.24
CA THR A 128 -3.05 21.78 -3.35
C THR A 128 -4.33 22.26 -4.04
N PRO A 129 -5.48 21.61 -3.75
CA PRO A 129 -6.77 22.16 -4.22
C PRO A 129 -7.15 23.54 -3.59
N LYS A 130 -6.35 23.99 -2.63
CA LYS A 130 -6.44 25.32 -2.01
C LYS A 130 -6.11 26.43 -3.04
N MET A 131 -5.44 26.06 -4.13
CA MET A 131 -5.28 26.93 -5.32
C MET A 131 -6.56 27.57 -5.85
N MET A 132 -7.71 26.90 -5.72
CA MET A 132 -8.99 27.47 -6.16
C MET A 132 -9.45 28.70 -5.35
N GLU A 133 -9.32 28.65 -4.02
CA GLU A 133 -9.67 29.78 -3.14
C GLU A 133 -8.73 30.95 -3.33
N TRP A 134 -7.45 30.62 -3.44
CA TRP A 134 -6.37 31.59 -3.48
C TRP A 134 -6.44 32.44 -4.75
N VAL A 135 -6.72 31.80 -5.88
CA VAL A 135 -6.89 32.51 -7.15
C VAL A 135 -8.19 33.29 -7.20
N LYS A 136 -9.29 32.70 -6.74
CA LYS A 136 -10.55 33.43 -6.57
C LYS A 136 -10.35 34.77 -5.82
N GLU A 137 -9.52 34.72 -4.77
CA GLU A 137 -9.27 35.83 -3.86
C GLU A 137 -8.38 36.92 -4.45
N SER A 138 -7.26 36.52 -5.08
CA SER A 138 -6.26 37.50 -5.54
C SER A 138 -6.17 37.66 -7.06
N GLY A 139 -6.92 36.85 -7.80
CA GLY A 139 -6.91 36.87 -9.26
C GLY A 139 -5.52 36.73 -9.88
N ASP A 140 -5.26 37.57 -10.88
CA ASP A 140 -3.98 37.63 -11.59
C ASP A 140 -2.80 37.95 -10.67
N GLY A 141 -3.09 38.53 -9.52
CA GLY A 141 -2.03 38.98 -8.63
C GLY A 141 -1.50 37.88 -7.74
N PHE A 142 -2.13 36.70 -7.80
CA PHE A 142 -1.72 35.59 -6.95
C PHE A 142 -0.30 35.15 -7.30
N TRP A 143 -0.09 34.88 -8.59
CA TRP A 143 1.11 34.21 -9.07
C TRP A 143 2.44 34.83 -8.67
N ALA A 144 2.55 36.16 -8.79
CA ALA A 144 3.80 36.87 -8.46
C ALA A 144 4.06 37.15 -6.96
N LYS A 145 3.14 36.73 -6.08
CA LYS A 145 3.38 36.70 -4.62
C LYS A 145 4.51 35.75 -4.22
N ASP A 146 5.16 36.02 -3.10
CA ASP A 146 6.17 35.10 -2.60
C ASP A 146 5.50 33.83 -2.12
N VAL A 147 6.13 32.70 -2.40
CA VAL A 147 5.65 31.37 -2.02
C VAL A 147 5.40 31.24 -0.50
N ASN A 148 6.29 31.84 0.29
CA ASN A 148 6.22 31.71 1.76
C ASN A 148 5.04 32.45 2.42
N GLU A 149 4.31 33.26 1.65
CA GLU A 149 3.13 33.97 2.17
C GLU A 149 1.98 33.02 2.55
N PHE A 150 1.94 31.86 1.91
CA PHE A 150 0.89 30.87 2.12
C PHE A 150 1.38 29.65 2.90
N ARG A 151 2.61 29.74 3.39
CA ARG A 151 3.30 28.61 4.02
C ARG A 151 2.65 28.15 5.33
N ASP A 152 2.10 29.11 6.07
CA ASP A 152 1.43 28.86 7.35
C ASP A 152 -0.11 29.01 7.22
N LYS A 153 -0.61 29.01 5.99
CA LYS A 153 -2.04 29.15 5.74
C LYS A 153 -2.65 27.92 5.06
N ILE A 154 -2.15 26.74 5.43
CA ILE A 154 -2.53 25.49 4.79
C ILE A 154 -2.33 24.30 5.76
N ASP A 155 -3.15 23.26 5.59
CA ASP A 155 -3.07 22.04 6.38
C ASP A 155 -2.34 20.97 5.53
N MET A 156 -1.12 20.61 5.93
CA MET A 156 -0.27 19.67 5.20
C MET A 156 -0.96 18.42 4.71
N LYS A 157 -1.95 17.99 5.47
CA LYS A 157 -2.55 16.68 5.28
C LYS A 157 -3.94 16.81 4.66
N ASP A 158 -4.74 17.75 5.14
CA ASP A 158 -6.11 17.86 4.71
C ASP A 158 -6.18 18.59 3.36
N HIS A 159 -5.11 19.33 3.04
CA HIS A 159 -5.08 20.13 1.82
C HIS A 159 -4.04 19.70 0.75
N THR A 160 -3.38 18.56 0.91
CA THR A 160 -2.51 18.04 -0.16
C THR A 160 -3.37 17.66 -1.34
N ILE A 161 -2.72 17.40 -2.48
CA ILE A 161 -3.34 16.72 -3.61
C ILE A 161 -4.32 15.69 -3.07
N GLY A 162 -5.57 15.86 -3.46
CA GLY A 162 -6.63 14.99 -2.99
C GLY A 162 -7.85 15.13 -3.85
N CYS A 163 -8.99 14.76 -3.30
CA CYS A 163 -10.19 14.46 -4.06
C CYS A 163 -10.70 15.59 -4.93
N ALA A 164 -10.69 16.81 -4.42
CA ALA A 164 -11.20 17.95 -5.17
C ALA A 164 -10.27 18.39 -6.31
N THR A 165 -8.98 18.00 -6.26
CA THR A 165 -8.08 18.16 -7.43
C THR A 165 -8.70 17.63 -8.74
N CYS A 166 -9.36 16.48 -8.69
CA CYS A 166 -9.89 15.80 -9.87
C CYS A 166 -11.40 15.59 -9.91
N HIS A 167 -12.05 15.75 -8.76
CA HIS A 167 -13.48 15.45 -8.62
C HIS A 167 -14.30 16.67 -8.22
N ASP A 168 -15.44 16.85 -8.89
CA ASP A 168 -16.50 17.73 -8.38
C ASP A 168 -17.04 17.10 -7.08
N PRO A 169 -16.95 17.81 -5.93
CA PRO A 169 -17.32 17.26 -4.61
C PRO A 169 -18.77 16.82 -4.49
N GLN A 170 -19.65 17.43 -5.28
CA GLN A 170 -21.06 17.11 -5.23
C GLN A 170 -21.44 15.91 -6.11
N THR A 171 -20.87 15.83 -7.30
CA THR A 171 -21.27 14.81 -8.26
C THR A 171 -20.21 13.73 -8.44
N MET A 172 -18.97 14.05 -8.05
CA MET A 172 -17.80 13.17 -8.24
C MET A 172 -17.40 12.97 -9.70
N GLU A 173 -17.98 13.73 -10.60
CA GLU A 173 -17.55 13.69 -11.99
C GLU A 173 -16.13 14.27 -12.06
N LEU A 174 -15.36 13.76 -13.02
CA LEU A 174 -13.99 14.18 -13.20
C LEU A 174 -13.92 15.61 -13.67
N ARG A 175 -12.89 16.32 -13.18
CA ARG A 175 -12.75 17.77 -13.29
C ARG A 175 -11.31 18.17 -13.64
N ILE A 176 -11.17 19.19 -14.47
CA ILE A 176 -9.89 19.87 -14.59
C ILE A 176 -9.96 21.18 -13.81
N THR A 177 -9.15 21.26 -12.75
CA THR A 177 -9.08 22.43 -11.87
C THR A 177 -7.90 23.33 -12.18
N SER A 178 -6.95 22.80 -12.95
CA SER A 178 -5.74 23.50 -13.40
C SER A 178 -5.98 24.76 -14.21
N VAL A 179 -5.26 25.82 -13.87
CA VAL A 179 -5.34 27.05 -14.68
C VAL A 179 -4.62 26.87 -16.04
N PRO A 180 -3.32 26.49 -16.04
CA PRO A 180 -2.59 26.36 -17.29
C PRO A 180 -3.06 25.27 -18.22
N LEU A 181 -3.63 24.19 -17.71
CA LEU A 181 -4.15 23.13 -18.57
C LEU A 181 -5.44 23.56 -19.23
N THR A 182 -6.27 24.30 -18.49
CA THR A 182 -7.49 24.87 -19.04
C THR A 182 -7.16 25.88 -20.15
N ASP A 183 -6.12 26.70 -19.91
CA ASP A 183 -5.62 27.66 -20.89
C ASP A 183 -5.22 26.95 -22.17
N TYR A 184 -4.46 25.86 -22.04
CA TYR A 184 -4.06 25.06 -23.20
C TYR A 184 -5.26 24.47 -23.97
N LEU A 185 -6.25 23.97 -23.23
CA LEU A 185 -7.41 23.32 -23.85
C LEU A 185 -8.26 24.32 -24.63
N VAL A 186 -8.58 25.44 -24.00
CA VAL A 186 -9.23 26.56 -24.67
C VAL A 186 -8.52 26.90 -25.98
N SER A 187 -7.19 27.09 -25.91
CA SER A 187 -6.38 27.39 -27.09
C SER A 187 -6.51 26.38 -28.24
N GLN A 188 -7.03 25.19 -27.94
CA GLN A 188 -7.21 24.14 -28.94
C GLN A 188 -8.68 23.99 -29.35
N GLY A 189 -9.51 24.91 -28.85
CA GLY A 189 -10.97 24.89 -29.07
C GLY A 189 -11.70 23.78 -28.33
N LYS A 190 -11.11 23.31 -27.23
CA LYS A 190 -11.67 22.22 -26.46
C LYS A 190 -12.44 22.71 -25.24
N ASP A 191 -13.59 22.09 -24.99
CA ASP A 191 -14.41 22.41 -23.81
C ASP A 191 -13.96 21.52 -22.64
N PRO A 192 -13.39 22.14 -21.57
CA PRO A 192 -12.86 21.34 -20.46
C PRO A 192 -13.96 20.59 -19.69
N LYS A 193 -15.20 21.01 -19.87
CA LYS A 193 -16.36 20.40 -19.22
C LYS A 193 -17.04 19.34 -20.08
N LYS A 194 -16.61 19.17 -21.33
CA LYS A 194 -17.17 18.16 -22.23
C LYS A 194 -16.10 17.30 -22.93
N LEU A 195 -15.10 16.87 -22.15
CA LEU A 195 -14.02 16.09 -22.70
C LEU A 195 -14.40 14.61 -22.67
N PRO A 196 -14.06 13.85 -23.73
CA PRO A 196 -14.41 12.44 -23.73
C PRO A 196 -13.67 11.76 -22.57
N ARG A 197 -14.20 10.64 -22.09
CA ARG A 197 -13.67 9.98 -20.90
C ARG A 197 -12.23 9.45 -21.06
N ASN A 198 -11.91 8.86 -22.22
CA ASN A 198 -10.55 8.32 -22.43
C ASN A 198 -9.50 9.43 -22.38
N GLU A 199 -9.85 10.61 -22.91
CA GLU A 199 -9.00 11.79 -22.78
C GLU A 199 -8.89 12.32 -21.34
N MET A 200 -9.99 12.37 -20.61
CA MET A 200 -9.98 12.74 -19.17
C MET A 200 -9.05 11.88 -18.31
N ARG A 201 -9.04 10.58 -18.57
CA ARG A 201 -8.18 9.60 -17.84
C ARG A 201 -6.65 9.78 -18.05
N ALA A 202 -6.24 10.74 -18.87
CA ALA A 202 -4.85 11.18 -18.94
C ALA A 202 -4.73 12.65 -18.53
N LEU A 203 -5.72 13.45 -18.92
CA LEU A 203 -5.71 14.89 -18.66
C LEU A 203 -5.69 15.25 -17.18
N VAL A 204 -6.43 14.49 -16.37
CA VAL A 204 -6.39 14.65 -14.91
C VAL A 204 -4.97 14.64 -14.35
N CYS A 205 -4.09 13.82 -14.94
CA CYS A 205 -2.67 13.75 -14.56
C CYS A 205 -1.86 14.82 -15.26
N GLY A 206 -2.25 15.13 -16.49
CA GLY A 206 -1.69 16.22 -17.30
C GLY A 206 -1.90 17.62 -16.78
N GLN A 207 -2.73 17.76 -15.74
CA GLN A 207 -2.74 19.00 -14.94
C GLN A 207 -1.39 19.28 -14.27
N CYS A 208 -0.64 18.24 -13.89
CA CYS A 208 0.58 18.47 -13.14
C CYS A 208 1.86 17.80 -13.68
N HIS A 209 1.70 16.64 -14.31
CA HIS A 209 2.86 15.83 -14.78
C HIS A 209 3.30 16.27 -16.14
N VAL A 210 3.76 17.52 -16.19
CA VAL A 210 4.04 18.24 -17.43
C VAL A 210 5.24 19.18 -17.32
N GLU A 211 5.78 19.58 -18.46
CA GLU A 211 6.76 20.66 -18.53
C GLU A 211 6.01 22.00 -18.55
N TYR A 212 6.57 22.98 -17.84
CA TYR A 212 5.91 24.25 -17.61
C TYR A 212 6.98 25.30 -17.50
N TYR A 213 6.58 26.56 -17.62
CA TYR A 213 7.47 27.67 -17.31
C TYR A 213 6.61 28.75 -16.68
N PHE A 214 7.25 29.77 -16.11
CA PHE A 214 6.55 30.92 -15.56
C PHE A 214 6.81 32.16 -16.38
N ASN A 215 5.73 32.90 -16.65
CA ASN A 215 5.85 34.17 -17.40
C ASN A 215 6.85 35.11 -16.77
N GLY A 216 7.63 35.79 -17.59
CA GLY A 216 8.41 36.90 -17.10
C GLY A 216 7.49 38.11 -17.12
N PRO A 217 7.91 39.22 -16.50
CA PRO A 217 7.14 40.48 -16.40
C PRO A 217 6.57 40.99 -17.72
N THR A 218 7.26 40.77 -18.84
CA THR A 218 6.81 41.27 -20.13
C THR A 218 6.17 40.20 -21.03
N MET A 219 5.80 39.07 -20.45
CA MET A 219 5.29 37.94 -21.25
C MET A 219 3.77 37.74 -21.14
N GLY A 220 3.14 38.44 -20.22
CA GLY A 220 1.73 38.28 -19.91
C GLY A 220 1.57 38.55 -18.43
N VAL A 221 0.70 37.81 -17.76
CA VAL A 221 0.57 37.95 -16.32
C VAL A 221 1.86 37.41 -15.68
N ASN A 222 2.64 38.31 -15.08
CA ASN A 222 3.87 37.96 -14.37
C ASN A 222 3.73 36.67 -13.55
N LYS A 223 4.61 35.71 -13.83
CA LYS A 223 4.77 34.48 -13.05
C LYS A 223 3.63 33.46 -13.18
N LYS A 224 2.68 33.72 -14.08
CA LYS A 224 1.61 32.78 -14.38
C LYS A 224 2.20 31.53 -15.04
N PRO A 225 1.73 30.34 -14.68
CA PRO A 225 2.26 29.10 -15.29
C PRO A 225 1.73 28.86 -16.67
N VAL A 226 2.61 28.42 -17.56
CA VAL A 226 2.23 28.11 -18.92
C VAL A 226 2.85 26.76 -19.33
N PHE A 227 2.10 25.95 -20.06
CA PHE A 227 2.65 24.75 -20.70
C PHE A 227 3.14 25.12 -22.12
N PRO A 228 4.43 24.85 -22.44
CA PRO A 228 4.97 25.30 -23.73
C PRO A 228 4.64 24.35 -24.89
N TRP A 229 3.35 24.13 -25.13
CA TRP A 229 2.88 23.05 -25.98
C TRP A 229 2.36 23.48 -27.36
N ALA A 230 2.41 24.78 -27.64
CA ALA A 230 1.93 25.36 -28.89
C ALA A 230 2.55 24.80 -30.18
N GLU A 231 3.83 24.46 -30.14
CA GLU A 231 4.57 23.92 -31.33
C GLU A 231 4.47 22.40 -31.49
N GLY A 232 3.92 21.73 -30.48
CA GLY A 232 3.91 20.27 -30.42
C GLY A 232 4.51 19.81 -29.11
N PHE A 233 4.60 18.49 -28.95
CA PHE A 233 4.92 17.84 -27.69
C PHE A 233 6.36 17.35 -27.54
N ASP A 234 7.04 17.15 -28.67
CA ASP A 234 8.41 16.61 -28.70
C ASP A 234 9.40 17.65 -28.21
N PRO A 235 10.61 17.23 -27.77
CA PRO A 235 11.69 18.14 -27.36
C PRO A 235 12.07 19.21 -28.38
N ALA A 236 12.16 18.86 -29.65
CA ALA A 236 12.48 19.82 -30.71
C ALA A 236 11.39 20.88 -30.84
N ASP A 237 10.15 20.50 -30.57
CA ASP A 237 9.01 21.41 -30.63
C ASP A 237 9.06 22.42 -29.49
N MET A 238 9.33 21.94 -28.28
CA MET A 238 9.37 22.78 -27.12
C MET A 238 10.54 23.70 -27.22
N TYR A 239 11.67 23.15 -27.65
CA TYR A 239 12.86 23.95 -27.91
C TYR A 239 12.56 25.14 -28.81
N ARG A 240 11.90 24.88 -29.94
CA ARG A 240 11.45 25.87 -30.90
C ARG A 240 10.49 26.90 -30.27
N TYR A 241 9.51 26.42 -29.50
CA TYR A 241 8.63 27.28 -28.69
C TYR A 241 9.43 28.31 -27.86
N TYR A 242 10.43 27.81 -27.14
CA TYR A 242 11.30 28.64 -26.32
C TYR A 242 12.28 29.56 -27.06
N ASP A 243 12.33 29.43 -28.40
CA ASP A 243 13.11 30.32 -29.28
C ASP A 243 12.26 31.54 -29.60
N LYS A 244 10.94 31.33 -29.63
CA LYS A 244 9.99 32.33 -30.06
C LYS A 244 9.36 33.08 -28.90
N HIS A 245 9.26 32.47 -27.74
CA HIS A 245 8.59 33.12 -26.63
C HIS A 245 9.63 33.29 -25.56
N GLY A 246 9.78 34.50 -25.03
CA GLY A 246 10.74 34.77 -24.00
C GLY A 246 11.13 36.22 -23.96
N ASP A 247 12.11 36.56 -23.11
CA ASP A 247 12.41 37.95 -22.81
C ASP A 247 13.91 38.30 -22.75
N LEU A 248 14.76 37.41 -23.26
CA LEU A 248 16.21 37.60 -23.18
C LEU A 248 16.64 38.74 -24.06
N GLN A 249 17.63 39.49 -23.57
CA GLN A 249 18.20 40.60 -24.32
C GLN A 249 19.65 40.34 -24.74
N VAL A 250 20.21 39.22 -24.30
CA VAL A 250 21.58 38.83 -24.60
C VAL A 250 21.79 38.66 -26.10
N LYS A 251 22.97 39.07 -26.58
CA LYS A 251 23.33 39.01 -28.00
C LYS A 251 23.36 37.56 -28.47
N GLY A 252 22.62 37.26 -29.54
CA GLY A 252 22.47 35.89 -30.03
C GLY A 252 21.30 35.10 -29.46
N PHE A 253 20.60 35.68 -28.49
CA PHE A 253 19.56 34.98 -27.76
C PHE A 253 18.31 35.85 -27.58
N GLU A 254 18.17 36.88 -28.40
CA GLU A 254 17.21 37.94 -28.19
C GLU A 254 15.81 37.40 -28.32
N GLY A 255 15.01 37.61 -27.27
CA GLY A 255 13.62 37.16 -27.26
C GLY A 255 13.42 35.69 -26.95
N LYS A 256 14.48 35.00 -26.56
CA LYS A 256 14.38 33.57 -26.20
C LYS A 256 14.10 33.43 -24.72
N PHE A 257 13.61 32.27 -24.29
CA PHE A 257 13.35 32.03 -22.87
C PHE A 257 14.57 31.46 -22.15
N ALA A 258 14.80 31.92 -20.93
CA ALA A 258 15.77 31.29 -20.03
C ALA A 258 15.20 31.19 -18.63
N ASP A 259 15.44 30.07 -17.97
CA ASP A 259 15.13 29.93 -16.54
C ASP A 259 16.25 30.48 -15.66
N TRP A 260 17.49 30.33 -16.11
CA TRP A 260 18.66 30.94 -15.47
C TRP A 260 19.80 30.96 -16.47
N THR A 261 20.87 31.67 -16.14
CA THR A 261 22.09 31.52 -16.90
C THR A 261 23.17 30.86 -16.05
N HIS A 262 23.80 29.82 -16.62
CA HIS A 262 24.75 29.00 -15.90
C HIS A 262 25.92 29.90 -15.63
N PRO A 263 26.39 30.00 -14.37
CA PRO A 263 27.42 30.97 -14.06
C PRO A 263 28.83 30.58 -14.52
N ALA A 264 29.11 29.30 -14.72
CA ALA A 264 30.41 28.90 -15.30
C ALA A 264 30.47 29.15 -16.80
N SER A 265 29.56 28.55 -17.55
CA SER A 265 29.60 28.68 -19.01
C SER A 265 28.99 30.01 -19.52
N LYS A 266 28.19 30.66 -18.67
CA LYS A 266 27.44 31.88 -19.02
C LYS A 266 26.44 31.59 -20.15
N THR A 267 25.80 30.42 -20.08
CA THR A 267 24.79 30.02 -21.07
C THR A 267 23.38 30.29 -20.53
N PRO A 268 22.51 30.93 -21.33
CA PRO A 268 21.08 31.02 -21.04
C PRO A 268 20.41 29.65 -21.15
N MET A 269 19.98 29.10 -20.01
CA MET A 269 19.48 27.73 -19.91
C MET A 269 17.96 27.63 -19.75
N ILE A 270 17.40 26.56 -20.30
CA ILE A 270 16.04 26.13 -20.00
C ILE A 270 16.12 24.95 -19.04
N LYS A 271 15.26 24.98 -18.01
CA LYS A 271 15.02 23.84 -17.12
C LYS A 271 13.80 23.04 -17.60
N ALA A 272 13.91 21.72 -17.67
CA ALA A 272 12.77 20.85 -17.93
C ALA A 272 12.28 20.24 -16.63
N GLN A 273 10.98 19.96 -16.55
CA GLN A 273 10.41 19.35 -15.37
C GLN A 273 9.42 18.26 -15.78
N HIS A 274 9.56 17.08 -15.18
CA HIS A 274 8.60 15.97 -15.27
C HIS A 274 7.66 15.99 -16.48
N PRO A 275 8.21 15.88 -17.72
CA PRO A 275 7.26 15.91 -18.83
C PRO A 275 6.53 14.57 -19.18
N GLU A 276 5.90 13.93 -18.19
CA GLU A 276 5.22 12.64 -18.42
C GLU A 276 4.10 12.70 -19.46
N TYR A 277 3.29 13.76 -19.41
CA TYR A 277 2.17 13.84 -20.34
C TYR A 277 2.62 13.88 -21.80
N GLU A 278 3.55 14.80 -22.12
CA GLU A 278 4.09 15.03 -23.46
C GLU A 278 4.94 13.87 -23.99
N THR A 279 5.54 13.13 -23.06
CA THR A 279 6.33 11.94 -23.38
C THR A 279 5.41 10.77 -23.71
N TRP A 280 4.43 10.55 -22.83
CA TRP A 280 3.41 9.54 -22.97
C TRP A 280 2.55 9.65 -24.23
N ILE A 281 2.18 10.85 -24.62
CA ILE A 281 1.09 11.06 -25.58
C ILE A 281 1.31 10.46 -26.97
N ASN A 282 2.57 10.42 -27.41
CA ASN A 282 2.90 9.76 -28.68
C ASN A 282 3.85 8.55 -28.58
N GLY A 283 3.94 7.92 -27.41
CA GLY A 283 4.63 6.63 -27.23
C GLY A 283 3.73 5.45 -27.55
N THR A 284 4.24 4.21 -27.47
CA THR A 284 3.42 3.11 -28.01
C THR A 284 2.09 2.90 -27.31
N HIS A 285 2.02 3.21 -26.03
CA HIS A 285 0.80 3.09 -25.26
C HIS A 285 -0.09 4.32 -25.42
N GLY A 286 0.48 5.51 -25.25
CA GLY A 286 -0.27 6.74 -25.47
C GLY A 286 -0.97 6.84 -26.83
N ALA A 287 -0.22 6.63 -27.90
CA ALA A 287 -0.77 6.75 -29.25
C ALA A 287 -1.85 5.67 -29.51
N ALA A 288 -1.80 4.58 -28.75
CA ALA A 288 -2.78 3.49 -28.88
C ALA A 288 -3.96 3.66 -27.92
N GLY A 289 -4.11 4.85 -27.34
CA GLY A 289 -5.23 5.17 -26.48
C GLY A 289 -5.16 4.59 -25.08
N VAL A 290 -3.95 4.22 -24.65
CA VAL A 290 -3.73 3.63 -23.32
C VAL A 290 -3.16 4.71 -22.42
N THR A 291 -3.76 4.81 -21.24
CA THR A 291 -3.91 6.05 -20.53
C THR A 291 -3.21 5.96 -19.16
N CYS A 292 -2.85 7.09 -18.56
CA CYS A 292 -2.31 7.08 -17.19
C CYS A 292 -3.15 6.25 -16.23
N ALA A 293 -4.47 6.47 -16.24
CA ALA A 293 -5.38 5.77 -15.34
C ALA A 293 -5.45 4.28 -15.62
N ASP A 294 -5.34 3.88 -16.89
CA ASP A 294 -5.26 2.46 -17.27
C ASP A 294 -4.16 1.71 -16.52
N CYS A 295 -2.97 2.28 -16.42
CA CYS A 295 -1.85 1.61 -15.71
C CYS A 295 -1.67 1.97 -14.25
N HIS A 296 -1.99 3.22 -13.91
CA HIS A 296 -1.65 3.77 -12.60
C HIS A 296 -2.90 3.89 -11.70
N MET A 297 -4.07 3.65 -12.27
CA MET A 297 -5.31 3.65 -11.50
C MET A 297 -6.15 2.48 -11.92
N SER A 298 -5.48 1.35 -12.13
CA SER A 298 -6.12 0.12 -12.60
C SER A 298 -7.20 -0.34 -11.63
N TYR A 299 -8.21 -1.00 -12.18
CA TYR A 299 -9.26 -1.63 -11.38
C TYR A 299 -8.67 -2.71 -10.50
N THR A 300 -9.09 -2.72 -9.24
CA THR A 300 -8.63 -3.68 -8.27
C THR A 300 -9.84 -4.28 -7.57
N ARG A 301 -9.96 -5.59 -7.64
CA ARG A 301 -11.10 -6.28 -7.04
C ARG A 301 -10.89 -6.54 -5.55
N SER A 302 -10.96 -5.47 -4.76
CA SER A 302 -10.65 -5.48 -3.34
C SER A 302 -11.87 -5.26 -2.42
N ASP A 303 -13.03 -5.01 -3.02
CA ASP A 303 -14.29 -4.82 -2.27
C ASP A 303 -15.16 -6.06 -2.40
N ASP A 304 -14.94 -7.02 -1.52
CA ASP A 304 -15.20 -8.43 -1.83
C ASP A 304 -14.46 -8.75 -3.14
N LYS A 305 -15.20 -8.89 -4.23
CA LYS A 305 -14.61 -9.12 -5.53
C LYS A 305 -15.04 -8.08 -6.56
N LYS A 306 -15.58 -6.97 -6.08
CA LYS A 306 -16.00 -5.88 -6.94
C LYS A 306 -14.84 -4.94 -7.21
N LYS A 307 -14.76 -4.47 -8.45
CA LYS A 307 -13.76 -3.49 -8.83
C LYS A 307 -13.97 -2.17 -8.09
N ILE A 308 -12.85 -1.55 -7.73
CA ILE A 308 -12.78 -0.13 -7.48
C ILE A 308 -11.57 0.36 -8.29
N SER A 309 -11.43 1.67 -8.45
CA SER A 309 -10.29 2.26 -9.13
C SER A 309 -9.22 2.49 -8.10
N SER A 310 -8.03 1.94 -8.34
CA SER A 310 -6.90 2.15 -7.44
C SER A 310 -6.56 3.62 -7.40
N HIS A 311 -6.46 4.15 -6.19
CA HIS A 311 -6.02 5.54 -5.97
C HIS A 311 -4.66 5.58 -5.31
N TRP A 312 -3.90 4.51 -5.52
CA TRP A 312 -2.53 4.43 -5.11
C TRP A 312 -1.71 4.66 -6.36
N TRP A 313 -1.21 5.89 -6.49
CA TRP A 313 -0.52 6.35 -7.68
C TRP A 313 0.94 6.17 -7.35
N THR A 314 1.53 5.16 -7.98
CA THR A 314 2.84 4.67 -7.61
C THR A 314 3.41 3.88 -8.78
N SER A 315 4.55 3.22 -8.60
CA SER A 315 5.10 2.35 -9.65
C SER A 315 4.23 1.13 -9.90
N PRO A 316 3.84 0.86 -11.15
CA PRO A 316 3.12 -0.40 -11.47
C PRO A 316 3.92 -1.70 -11.20
N MET A 317 5.23 -1.55 -10.96
CA MET A 317 6.16 -2.67 -10.73
C MET A 317 6.17 -3.11 -9.27
N LYS A 318 5.47 -2.38 -8.40
CA LYS A 318 5.40 -2.74 -6.98
C LYS A 318 4.55 -3.96 -6.75
N ASP A 319 3.65 -4.23 -7.69
CA ASP A 319 2.83 -5.43 -7.66
C ASP A 319 3.58 -6.55 -8.38
N PRO A 320 4.07 -7.56 -7.63
CA PRO A 320 4.90 -8.60 -8.29
C PRO A 320 4.10 -9.38 -9.33
N GLU A 321 2.77 -9.29 -9.25
CA GLU A 321 1.90 -9.96 -10.20
C GLU A 321 1.45 -9.09 -11.38
N MET A 322 1.91 -7.82 -11.41
CA MET A 322 1.66 -6.83 -12.48
C MET A 322 0.23 -6.80 -12.99
N ARG A 323 -0.72 -6.68 -12.07
CA ARG A 323 -2.11 -6.95 -12.38
C ARG A 323 -2.73 -5.92 -13.29
N ALA A 324 -2.15 -4.71 -13.25
CA ALA A 324 -2.55 -3.60 -14.11
C ALA A 324 -2.36 -3.90 -15.60
N CYS A 325 -1.32 -4.67 -15.90
CA CYS A 325 -0.87 -4.95 -17.25
C CYS A 325 -1.49 -6.21 -17.81
N ARG A 326 -1.99 -7.06 -16.93
CA ARG A 326 -2.23 -8.45 -17.29
C ARG A 326 -3.64 -8.78 -17.79
N GLN A 327 -4.44 -7.77 -18.09
CA GLN A 327 -5.67 -7.99 -18.84
C GLN A 327 -5.34 -7.78 -20.28
N CYS A 328 -4.61 -6.70 -20.54
CA CYS A 328 -4.15 -6.39 -21.88
C CYS A 328 -3.10 -7.38 -22.32
N HIS A 329 -2.26 -7.79 -21.37
CA HIS A 329 -1.19 -8.73 -21.67
C HIS A 329 -1.37 -10.02 -20.89
N SER A 330 -2.56 -10.61 -20.98
CA SER A 330 -2.87 -11.81 -20.21
C SER A 330 -2.07 -13.01 -20.68
N ASP A 331 -1.64 -12.98 -21.94
CA ASP A 331 -0.74 -14.01 -22.48
C ASP A 331 0.71 -13.96 -21.96
N LYS A 332 1.11 -12.85 -21.34
CA LYS A 332 2.46 -12.72 -20.81
C LYS A 332 2.50 -12.91 -19.29
N THR A 333 3.54 -13.56 -18.78
CA THR A 333 3.74 -13.62 -17.33
C THR A 333 4.15 -12.24 -16.80
N PRO A 334 3.89 -11.98 -15.50
CA PRO A 334 4.36 -10.76 -14.85
C PRO A 334 5.87 -10.52 -15.04
N ASP A 335 6.68 -11.57 -14.92
CA ASP A 335 8.14 -11.39 -15.03
C ASP A 335 8.64 -11.10 -16.43
N TYR A 336 7.91 -11.58 -17.43
CA TYR A 336 8.16 -11.23 -18.82
C TYR A 336 7.94 -9.74 -19.01
N LEU A 337 6.80 -9.25 -18.52
CA LEU A 337 6.46 -7.84 -18.62
C LEU A 337 7.50 -6.95 -17.92
N LYS A 338 7.94 -7.37 -16.73
CA LYS A 338 9.02 -6.67 -16.01
C LYS A 338 10.31 -6.62 -16.79
N SER A 339 10.68 -7.73 -17.45
CA SER A 339 11.94 -7.79 -18.20
C SER A 339 11.94 -6.86 -19.41
N ARG A 340 10.75 -6.60 -19.93
CA ARG A 340 10.54 -5.74 -21.10
C ARG A 340 10.58 -4.28 -20.76
N VAL A 341 10.17 -3.94 -19.52
CA VAL A 341 10.26 -2.57 -18.99
C VAL A 341 11.73 -2.23 -18.76
N LEU A 342 12.46 -3.20 -18.21
CA LEU A 342 13.88 -3.06 -17.87
C LEU A 342 14.77 -3.04 -19.11
N PHE A 343 14.32 -3.70 -20.18
CA PHE A 343 15.01 -3.69 -21.48
C PHE A 343 15.17 -2.22 -21.91
N THR A 344 14.08 -1.47 -21.84
CA THR A 344 14.12 -0.01 -22.05
C THR A 344 14.91 0.74 -20.97
N GLN A 345 14.51 0.59 -19.72
CA GLN A 345 15.04 1.41 -18.60
C GLN A 345 16.54 1.32 -18.40
N LYS A 346 17.08 0.12 -18.56
CA LYS A 346 18.52 -0.09 -18.42
C LYS A 346 19.30 0.74 -19.45
N ARG A 347 18.79 0.77 -20.67
CA ARG A 347 19.49 1.44 -21.78
C ARG A 347 19.29 2.95 -21.72
N THR A 348 18.08 3.36 -21.36
CA THR A 348 17.78 4.78 -21.19
C THR A 348 18.68 5.41 -20.12
N PHE A 349 18.80 4.74 -18.99
CA PHE A 349 19.52 5.27 -17.86
C PHE A 349 21.02 5.35 -18.16
N ASP A 350 21.61 4.29 -18.69
CA ASP A 350 23.04 4.36 -19.08
C ASP A 350 23.33 5.50 -20.04
N LEU A 351 22.49 5.65 -21.07
CA LEU A 351 22.65 6.67 -22.09
C LEU A 351 22.56 8.08 -21.49
N LEU A 352 21.63 8.25 -20.57
CA LEU A 352 21.46 9.48 -19.84
C LEU A 352 22.74 9.93 -19.10
N LEU A 353 23.39 9.04 -18.37
CA LEU A 353 24.61 9.43 -17.62
C LEU A 353 25.73 9.86 -18.53
N ALA A 354 25.76 9.27 -19.72
CA ALA A 354 26.74 9.58 -20.74
C ALA A 354 26.43 10.92 -21.41
N ALA A 355 25.13 11.22 -21.56
CA ALA A 355 24.69 12.51 -22.10
C ALA A 355 24.98 13.66 -21.14
N GLN A 356 24.83 13.40 -19.85
CA GLN A 356 25.11 14.39 -18.82
C GLN A 356 26.60 14.68 -18.66
N GLU A 357 27.44 13.68 -18.90
CA GLU A 357 28.91 13.83 -18.83
C GLU A 357 29.41 14.70 -19.94
N VAL A 358 28.93 14.49 -21.17
CA VAL A 358 29.32 15.33 -22.30
C VAL A 358 28.79 16.77 -22.17
N SER A 359 27.64 16.92 -21.52
CA SER A 359 27.08 18.22 -21.19
C SER A 359 27.97 19.00 -20.23
N VAL A 360 28.46 18.36 -19.17
CA VAL A 360 29.40 18.96 -18.22
C VAL A 360 30.68 19.42 -18.93
N LYS A 361 31.19 18.59 -19.83
CA LYS A 361 32.36 18.91 -20.67
C LYS A 361 32.12 20.07 -21.64
N ALA A 362 30.90 20.16 -22.18
CA ALA A 362 30.45 21.29 -23.00
C ALA A 362 30.45 22.61 -22.22
N HIS A 363 29.92 22.59 -20.99
CA HIS A 363 29.98 23.72 -20.07
C HIS A 363 31.44 24.08 -19.74
N GLU A 364 32.26 23.06 -19.46
CA GLU A 364 33.65 23.29 -19.15
C GLU A 364 34.48 23.86 -20.33
N ALA A 365 34.22 23.37 -21.56
CA ALA A 365 34.83 23.92 -22.78
C ALA A 365 34.42 25.35 -23.08
N VAL A 366 33.16 25.68 -22.82
CA VAL A 366 32.65 27.05 -23.03
C VAL A 366 33.23 27.96 -21.97
N ARG A 367 33.33 27.48 -20.73
CA ARG A 367 33.98 28.20 -19.64
C ARG A 367 35.44 28.53 -19.96
N LEU A 368 36.19 27.52 -20.38
CA LEU A 368 37.59 27.74 -20.79
C LEU A 368 37.73 28.73 -21.95
N ALA A 369 36.90 28.61 -22.97
CA ALA A 369 36.95 29.52 -24.12
C ALA A 369 36.53 30.96 -23.77
N ASN A 370 35.58 31.10 -22.86
CA ASN A 370 35.17 32.41 -22.37
C ASN A 370 36.34 33.16 -21.69
N GLU A 371 37.14 32.43 -20.91
CA GLU A 371 38.24 32.99 -20.12
C GLU A 371 39.62 32.85 -20.78
N TYR A 372 39.63 32.54 -22.08
CA TYR A 372 40.86 32.29 -22.84
C TYR A 372 41.71 33.54 -23.09
N GLN A 373 43.01 33.44 -22.82
CA GLN A 373 43.94 34.56 -22.95
C GLN A 373 44.82 34.51 -24.20
N GLY A 374 44.82 33.37 -24.90
CA GLY A 374 45.59 33.24 -26.13
C GLY A 374 44.93 33.89 -27.33
N ALA A 375 45.46 33.61 -28.52
CA ALA A 375 44.90 34.11 -29.78
C ALA A 375 43.62 33.38 -30.20
N LYS A 376 42.59 34.17 -30.46
CA LYS A 376 41.26 33.68 -30.74
C LYS A 376 41.02 33.66 -32.24
N ALA A 377 40.03 32.89 -32.70
CA ALA A 377 39.67 32.89 -34.12
C ALA A 377 39.07 34.25 -34.50
N ALA A 378 39.04 34.55 -35.78
CA ALA A 378 38.47 35.82 -36.23
C ALA A 378 36.95 35.85 -35.97
N GLY A 379 36.30 34.69 -35.99
CA GLY A 379 34.87 34.59 -35.73
C GLY A 379 34.51 34.20 -34.31
N TYR A 380 35.43 34.41 -33.37
CA TYR A 380 35.26 34.03 -31.95
C TYR A 380 33.90 34.37 -31.33
N ASP A 381 33.50 35.64 -31.39
CA ASP A 381 32.21 36.07 -30.83
C ASP A 381 31.02 35.27 -31.38
N ASP A 382 30.95 35.09 -32.70
CA ASP A 382 29.82 34.36 -33.32
C ASP A 382 29.88 32.85 -33.08
N LEU A 383 31.09 32.36 -32.85
CA LEU A 383 31.30 30.96 -32.52
C LEU A 383 30.93 30.65 -31.08
N MET A 384 31.06 31.64 -30.19
CA MET A 384 30.73 31.44 -28.76
C MET A 384 29.24 31.51 -28.53
N ILE A 385 28.57 32.38 -29.26
CA ILE A 385 27.13 32.38 -29.36
C ILE A 385 26.62 30.99 -29.79
N GLN A 386 27.24 30.41 -30.82
CA GLN A 386 26.82 29.13 -31.39
C GLN A 386 27.08 27.96 -30.43
N ALA A 387 28.23 28.01 -29.74
CA ALA A 387 28.60 27.03 -28.74
C ALA A 387 27.62 27.08 -27.56
N ARG A 388 27.27 28.27 -27.09
CA ARG A 388 26.25 28.45 -26.04
C ARG A 388 24.85 27.96 -26.43
N GLU A 389 24.45 28.22 -27.67
CA GLU A 389 23.22 27.66 -28.24
C GLU A 389 23.19 26.12 -28.19
N MET A 390 24.34 25.47 -28.38
CA MET A 390 24.42 24.01 -28.40
C MET A 390 24.52 23.41 -26.98
N VAL A 391 25.23 24.08 -26.06
CA VAL A 391 25.13 23.76 -24.62
C VAL A 391 23.68 23.82 -24.10
N ARG A 392 22.98 24.88 -24.49
CA ARG A 392 21.61 25.11 -24.09
C ARG A 392 20.69 24.01 -24.63
N LYS A 393 20.82 23.71 -25.90
CA LYS A 393 19.97 22.73 -26.55
C LYS A 393 20.32 21.33 -26.09
N GLY A 394 21.61 21.07 -25.92
CA GLY A 394 22.08 19.78 -25.43
C GLY A 394 21.48 19.49 -24.08
N GLN A 395 21.55 20.46 -23.18
CA GLN A 395 21.05 20.27 -21.81
C GLN A 395 19.55 20.09 -21.76
N PHE A 396 18.82 20.86 -22.56
CA PHE A 396 17.38 20.74 -22.59
C PHE A 396 16.92 19.36 -23.01
N PHE A 397 17.67 18.73 -23.90
CA PHE A 397 17.31 17.41 -24.41
C PHE A 397 17.51 16.29 -23.43
N TRP A 398 18.62 16.30 -22.69
CA TRP A 398 18.86 15.25 -21.70
C TRP A 398 17.98 15.50 -20.48
N ASP A 399 17.63 16.77 -20.26
CA ASP A 399 16.80 17.12 -19.10
C ASP A 399 15.33 16.74 -19.29
N TYR A 400 14.86 16.88 -20.52
CA TYR A 400 13.55 16.39 -20.91
C TYR A 400 13.41 14.90 -20.61
N VAL A 401 14.51 14.14 -20.69
CA VAL A 401 14.49 12.70 -20.40
C VAL A 401 14.73 12.38 -18.92
N SER A 402 15.77 12.97 -18.34
CA SER A 402 16.16 12.79 -16.93
C SER A 402 15.03 13.15 -15.94
N ALA A 403 14.35 14.27 -16.21
CA ALA A 403 13.21 14.73 -15.45
C ALA A 403 11.96 13.84 -15.54
N GLU A 404 11.79 13.12 -16.65
CA GLU A 404 10.64 12.25 -16.85
C GLU A 404 10.78 10.93 -16.04
N ASN A 405 9.72 10.59 -15.34
CA ASN A 405 9.78 9.59 -14.31
C ASN A 405 9.74 8.12 -14.73
N SER A 406 9.62 7.81 -16.02
CA SER A 406 9.48 6.40 -16.41
C SER A 406 10.78 5.72 -16.84
N VAL A 407 11.86 6.52 -16.92
CA VAL A 407 13.18 6.05 -17.35
C VAL A 407 13.05 5.44 -18.76
N GLY A 408 12.31 6.12 -19.61
CA GLY A 408 12.10 5.69 -20.97
C GLY A 408 10.93 4.80 -21.29
N PHE A 409 10.29 4.20 -20.30
CA PHE A 409 9.21 3.24 -20.60
C PHE A 409 7.98 3.84 -21.29
N HIS A 410 7.55 5.03 -20.91
CA HIS A 410 6.40 5.68 -21.54
C HIS A 410 6.55 5.85 -23.04
N ASN A 411 7.79 6.13 -23.48
CA ASN A 411 8.10 6.33 -24.89
C ASN A 411 9.56 5.93 -25.17
N PRO A 412 9.84 4.61 -25.28
CA PRO A 412 11.24 4.17 -25.50
C PRO A 412 11.99 4.84 -26.68
N ALA A 413 11.38 4.82 -27.87
CA ALA A 413 12.02 5.46 -29.01
C ALA A 413 12.26 6.98 -28.87
N LYS A 414 11.32 7.72 -28.30
CA LYS A 414 11.49 9.19 -28.18
C LYS A 414 12.62 9.51 -27.19
N ALA A 415 12.70 8.73 -26.11
CA ALA A 415 13.70 8.93 -25.06
C ALA A 415 15.14 8.65 -25.51
N LEU A 416 15.34 7.50 -26.15
CA LEU A 416 16.63 7.08 -26.65
C LEU A 416 17.11 8.02 -27.76
N ASP A 417 16.19 8.38 -28.64
CA ASP A 417 16.51 9.32 -29.69
C ASP A 417 16.85 10.73 -29.19
N THR A 418 16.11 11.22 -28.20
CA THR A 418 16.36 12.52 -27.57
C THR A 418 17.73 12.60 -26.91
N LEU A 419 18.11 11.53 -26.23
CA LEU A 419 19.45 11.43 -25.63
C LEU A 419 20.54 11.28 -26.67
N ALA A 420 20.28 10.55 -27.75
CA ALA A 420 21.27 10.46 -28.83
C ALA A 420 21.54 11.84 -29.43
N GLN A 421 20.46 12.60 -29.69
CA GLN A 421 20.56 14.01 -30.15
C GLN A 421 21.24 14.92 -29.14
N SER A 422 20.95 14.75 -27.86
CA SER A 422 21.53 15.58 -26.79
C SER A 422 23.06 15.55 -26.84
N GLN A 423 23.63 14.34 -26.91
CA GLN A 423 25.07 14.08 -27.13
C GLN A 423 25.68 14.85 -28.30
N GLN A 424 24.98 14.84 -29.42
CA GLN A 424 25.36 15.56 -30.62
C GLN A 424 25.48 17.06 -30.40
N PHE A 425 24.47 17.66 -29.75
CA PHE A 425 24.45 19.11 -29.49
C PHE A 425 25.55 19.52 -28.53
N SER A 426 25.68 18.80 -27.42
CA SER A 426 26.75 19.01 -26.43
C SER A 426 28.17 18.89 -27.00
N GLN A 427 28.38 17.86 -27.83
CA GLN A 427 29.67 17.65 -28.46
C GLN A 427 29.95 18.77 -29.43
N LYS A 428 28.93 19.22 -30.16
CA LYS A 428 29.11 20.37 -31.07
C LYS A 428 29.48 21.70 -30.36
N ALA A 429 28.95 21.93 -29.17
CA ALA A 429 29.38 23.03 -28.31
C ALA A 429 30.89 23.00 -28.00
N ILE A 430 31.40 21.81 -27.70
CA ILE A 430 32.85 21.51 -27.50
C ILE A 430 33.68 21.78 -28.76
N ASP A 431 33.19 21.35 -29.92
CA ASP A 431 33.81 21.57 -31.21
C ASP A 431 33.92 23.05 -31.58
N LEU A 432 32.83 23.80 -31.39
CA LEU A 432 32.83 25.24 -31.61
C LEU A 432 33.70 25.99 -30.60
N ALA A 433 33.80 25.48 -29.37
CA ALA A 433 34.55 26.15 -28.32
C ALA A 433 36.04 25.97 -28.52
N MET A 434 36.41 24.86 -29.17
CA MET A 434 37.80 24.60 -29.52
C MET A 434 38.23 25.34 -30.80
N GLU A 435 37.32 25.43 -31.76
CA GLU A 435 37.54 26.25 -32.94
C GLU A 435 37.74 27.76 -32.63
N ALA A 436 36.91 28.28 -31.72
CA ALA A 436 36.97 29.67 -31.24
C ALA A 436 38.32 30.08 -30.63
N THR A 437 39.01 29.09 -30.08
CA THR A 437 40.28 29.31 -29.41
C THR A 437 41.45 28.67 -30.15
N GLN A 438 41.24 28.31 -31.43
CA GLN A 438 42.28 27.66 -32.22
C GLN A 438 42.92 26.43 -31.51
N TYR A 439 42.07 25.67 -30.80
CA TYR A 439 42.42 24.44 -30.08
C TYR A 439 43.35 24.66 -28.87
N GLY A 440 43.37 25.92 -28.42
CA GLY A 440 44.16 26.35 -27.26
C GLY A 440 43.69 25.80 -25.92
N ILE A 441 42.40 25.46 -25.83
CA ILE A 441 41.81 24.87 -24.61
C ILE A 441 41.92 23.35 -24.58
N GLY A 442 42.34 22.75 -25.69
CA GLY A 442 42.50 21.30 -25.79
C GLY A 442 43.23 20.63 -24.63
N LYS A 443 44.40 21.15 -24.28
CA LYS A 443 45.18 20.67 -23.14
C LYS A 443 44.36 20.57 -21.85
N ASP A 444 43.38 21.46 -21.71
CA ASP A 444 42.56 21.52 -20.50
C ASP A 444 41.37 20.58 -20.51
N LEU A 445 41.09 19.98 -21.67
CA LEU A 445 39.95 19.07 -21.85
C LEU A 445 40.34 17.59 -22.04
N SER A 446 41.57 17.21 -21.72
CA SER A 446 42.09 15.89 -22.06
C SER A 446 41.57 14.73 -21.18
N GLY A 447 41.52 14.91 -19.87
CA GLY A 447 41.25 13.76 -19.00
C GLY A 447 39.93 13.01 -19.18
N ASP A 448 39.59 12.24 -18.14
CA ASP A 448 38.23 11.81 -17.85
C ASP A 448 37.60 13.07 -17.25
N ILE A 449 36.44 13.46 -17.77
CA ILE A 449 35.69 14.65 -17.29
C ILE A 449 35.44 14.63 -15.76
N LYS A 450 35.42 13.44 -15.18
CA LYS A 450 35.14 13.30 -13.74
C LYS A 450 36.33 13.76 -12.91
N THR A 451 37.50 13.80 -13.55
CA THR A 451 38.75 14.24 -12.92
C THR A 451 38.93 15.77 -13.08
N ILE A 452 38.61 16.30 -14.26
CA ILE A 452 38.78 17.73 -14.51
C ILE A 452 37.61 18.58 -13.97
N VAL A 453 36.39 18.04 -14.01
CA VAL A 453 35.25 18.62 -13.29
C VAL A 453 34.61 17.53 -12.40
N PRO A 454 35.03 17.43 -11.12
CA PRO A 454 34.44 16.44 -10.22
C PRO A 454 32.94 16.68 -9.97
N PRO A 455 32.16 15.58 -9.85
CA PRO A 455 30.76 15.76 -9.45
C PRO A 455 30.63 16.48 -8.09
N ILE A 456 29.68 17.41 -8.00
CA ILE A 456 29.38 18.11 -6.74
C ILE A 456 28.31 17.30 -5.99
N LEU A 457 28.74 16.60 -4.95
CA LEU A 457 27.85 15.83 -4.11
C LEU A 457 27.04 16.67 -3.11
N LYS A 458 27.71 17.58 -2.40
CA LYS A 458 27.07 18.42 -1.38
CA LYS A 458 27.04 18.42 -1.41
C LYS A 458 26.97 19.89 -1.80
N MET A 459 25.77 20.45 -1.68
CA MET A 459 25.47 21.85 -1.90
C MET A 459 24.09 22.09 -1.30
N ASN A 460 24.00 22.97 -0.31
CA ASN A 460 22.72 23.48 0.16
C ASN A 460 22.85 24.95 0.54
N ARG A 461 21.73 25.61 0.84
CA ARG A 461 21.73 27.04 1.18
C ARG A 461 22.62 27.38 2.37
N LYS A 462 22.68 26.48 3.35
CA LYS A 462 23.51 26.64 4.55
C LYS A 462 24.99 26.61 4.19
N LEU A 463 25.41 25.56 3.50
CA LEU A 463 26.80 25.41 3.06
C LEU A 463 27.29 26.56 2.17
N GLN A 464 26.40 27.15 1.37
CA GLN A 464 26.76 28.32 0.56
C GLN A 464 27.07 29.56 1.42
N GLN A 465 26.76 29.49 2.71
CA GLN A 465 27.11 30.54 3.69
C GLN A 465 28.56 30.41 4.14
N ASP A 466 29.12 29.21 4.07
CA ASP A 466 30.47 28.94 4.53
C ASP A 466 31.53 29.38 3.49
N PRO A 467 32.36 30.38 3.81
CA PRO A 467 33.39 30.84 2.86
C PRO A 467 34.52 29.84 2.54
N GLU A 468 34.79 28.89 3.45
CA GLU A 468 35.84 27.88 3.25
C GLU A 468 35.38 26.64 2.46
N PHE A 469 34.11 26.26 2.63
CA PHE A 469 33.44 25.30 1.75
C PHE A 469 33.32 25.81 0.31
N MET A 470 33.07 27.11 0.14
CA MET A 470 32.98 27.72 -1.19
C MET A 470 34.32 27.75 -1.95
N LYS A 471 35.38 27.25 -1.31
CA LYS A 471 36.67 27.05 -1.97
C LYS A 471 36.89 25.60 -2.43
N THR A 472 36.01 24.67 -2.09
CA THR A 472 36.29 23.23 -2.29
C THR A 472 36.06 22.70 -3.72
N HIS A 473 35.59 23.54 -4.63
CA HIS A 473 35.38 23.15 -6.02
C HIS A 473 35.57 24.38 -6.91
N LYS A 474 36.20 24.21 -8.06
CA LYS A 474 36.55 25.34 -8.91
C LYS A 474 35.35 26.01 -9.56
N TRP A 475 34.21 25.30 -9.57
CA TRP A 475 32.96 25.89 -10.07
C TRP A 475 32.28 26.78 -9.00
N PHE A 476 32.68 26.63 -7.74
CA PHE A 476 32.11 27.44 -6.64
C PHE A 476 32.51 28.92 -6.71
N GLN A 477 33.52 29.25 -7.52
CA GLN A 477 34.00 30.61 -7.64
C GLN A 477 33.09 31.47 -8.53
N TYR A 478 32.14 30.81 -9.20
CA TYR A 478 31.17 31.50 -10.05
C TYR A 478 29.88 31.78 -9.30
N LEU A 479 29.85 31.35 -8.03
CA LEU A 479 28.73 31.55 -7.12
C LEU A 479 29.13 32.53 -5.98
N PRO A 480 28.16 33.36 -5.52
CA PRO A 480 28.43 34.21 -4.35
C PRO A 480 28.38 33.43 -3.05
N VAL A 481 29.24 33.80 -2.10
CA VAL A 481 29.13 33.31 -0.73
C VAL A 481 27.95 34.04 -0.09
N LEU A 482 27.01 33.29 0.47
CA LEU A 482 25.77 33.85 0.99
C LEU A 482 25.94 34.42 2.40
N PRO A 483 25.22 35.53 2.71
CA PRO A 483 25.18 36.11 4.06
C PRO A 483 24.87 35.08 5.13
N LYS A 484 25.58 35.16 6.26
CA LYS A 484 25.27 34.33 7.44
C LYS A 484 23.85 34.63 7.90
N ALA A 485 23.02 33.59 7.97
CA ALA A 485 21.60 33.74 8.29
C ALA A 485 21.06 32.50 8.99
N ASP A 486 20.25 32.74 10.02
CA ASP A 486 19.63 31.67 10.79
C ASP A 486 18.42 31.16 10.01
N GLN A 487 18.08 29.89 10.23
CA GLN A 487 16.86 29.35 9.66
C GLN A 487 15.67 30.15 10.24
N VAL A 488 14.83 30.67 9.35
CA VAL A 488 13.60 31.37 9.73
C VAL A 488 12.45 30.38 9.87
N TRP A 489 12.36 29.47 8.89
CA TRP A 489 11.26 28.53 8.76
C TRP A 489 11.73 27.11 8.99
N ASP A 490 10.93 26.35 9.71
CA ASP A 490 11.10 24.92 9.85
C ASP A 490 9.71 24.29 9.64
N GLY A 491 9.47 23.83 8.41
CA GLY A 491 8.14 23.42 8.00
C GLY A 491 7.25 24.65 7.98
N GLN A 492 6.19 24.60 8.81
CA GLN A 492 5.21 25.68 8.90
C GLN A 492 5.45 26.66 10.07
N LYS A 493 6.37 26.29 10.96
CA LYS A 493 6.77 27.11 12.12
C LYS A 493 7.83 28.14 11.77
N ARG A 494 7.66 29.36 12.26
CA ARG A 494 8.74 30.35 12.33
C ARG A 494 9.62 30.03 13.54
N LEU A 495 10.93 30.13 13.35
CA LEU A 495 11.88 29.88 14.44
C LEU A 495 12.25 31.18 15.16
N VAL A 496 12.44 31.07 16.48
CA VAL A 496 12.76 32.22 17.33
C VAL A 496 14.26 32.23 17.67
N ALA B 1 -25.83 -30.27 -38.28
CA ALA B 1 -25.12 -30.25 -39.59
C ALA B 1 -23.64 -30.66 -39.48
N GLY B 2 -23.08 -30.59 -38.27
CA GLY B 2 -21.68 -30.95 -37.99
C GLY B 2 -21.55 -31.42 -36.55
N CYS B 3 -20.59 -32.29 -36.29
CA CYS B 3 -20.67 -33.21 -35.14
C CYS B 3 -19.53 -33.32 -34.13
N SER B 4 -18.31 -33.56 -34.58
CA SER B 4 -17.22 -33.78 -33.63
C SER B 4 -16.54 -32.46 -33.28
N ASP B 5 -15.96 -32.40 -32.07
CA ASP B 5 -15.32 -31.21 -31.56
C ASP B 5 -13.98 -30.96 -32.26
N VAL B 6 -13.52 -29.71 -32.25
CA VAL B 6 -12.18 -29.36 -32.73
C VAL B 6 -11.11 -30.05 -31.90
N SER B 7 -10.02 -30.43 -32.55
CA SER B 7 -8.82 -30.86 -31.85
C SER B 7 -8.00 -29.63 -31.55
N THR B 8 -7.28 -29.69 -30.43
CA THR B 8 -6.54 -28.55 -29.93
C THR B 8 -5.03 -28.68 -30.23
N GLU B 9 -4.68 -29.78 -30.88
CA GLU B 9 -3.29 -30.13 -31.11
C GLU B 9 -2.68 -29.43 -32.32
N LEU B 10 -3.52 -28.75 -33.09
CA LEU B 10 -3.11 -28.02 -34.31
C LEU B 10 -2.14 -28.83 -35.20
N LYS B 11 -2.57 -30.02 -35.59
CA LYS B 11 -1.77 -30.89 -36.44
C LYS B 11 -1.60 -30.19 -37.78
N THR B 12 -0.34 -29.97 -38.13
CA THR B 12 0.06 -29.54 -39.45
C THR B 12 -0.29 -30.62 -40.50
N PRO B 13 -0.83 -30.19 -41.67
CA PRO B 13 -1.00 -31.04 -42.84
C PRO B 13 0.26 -31.78 -43.29
N VAL B 14 0.08 -33.05 -43.64
CA VAL B 14 1.18 -33.97 -43.86
C VAL B 14 1.27 -34.30 -45.34
N TYR B 15 2.49 -34.35 -45.88
CA TYR B 15 2.72 -34.57 -47.32
C TYR B 15 3.62 -35.75 -47.62
N LYS B 16 3.41 -36.37 -48.77
CA LYS B 16 4.32 -37.38 -49.29
C LYS B 16 4.44 -37.12 -50.78
N THR B 17 5.63 -36.66 -51.19
CA THR B 17 5.84 -36.25 -52.57
C THR B 17 6.40 -37.38 -53.44
N LYS B 18 6.48 -37.11 -54.74
CA LYS B 18 7.14 -38.03 -55.69
C LYS B 18 8.62 -37.66 -55.90
N LEU B 19 9.15 -36.77 -55.07
CA LEU B 19 10.53 -36.31 -55.23
C LEU B 19 11.52 -37.17 -54.48
N THR B 20 12.72 -37.29 -55.03
CA THR B 20 13.76 -38.11 -54.43
C THR B 20 14.40 -37.38 -53.25
N ALA B 21 15.17 -38.11 -52.44
CA ALA B 21 15.70 -37.58 -51.18
C ALA B 21 16.47 -36.28 -51.34
N GLU B 22 17.16 -36.16 -52.47
CA GLU B 22 18.14 -35.11 -52.66
C GLU B 22 17.79 -34.13 -53.76
N GLU B 23 16.50 -34.03 -54.07
CA GLU B 23 16.02 -33.11 -55.09
C GLU B 23 16.23 -31.66 -54.62
N ILE B 24 16.89 -30.86 -55.46
CA ILE B 24 17.14 -29.45 -55.15
C ILE B 24 16.61 -28.47 -56.19
N ARG B 25 16.05 -28.96 -57.29
CA ARG B 25 15.56 -28.09 -58.38
C ARG B 25 14.22 -27.49 -58.02
N ASN B 26 14.11 -26.17 -58.09
CA ASN B 26 12.88 -25.47 -57.73
C ASN B 26 11.68 -25.87 -58.58
N SER B 27 11.94 -26.10 -59.86
CA SER B 27 10.89 -26.44 -60.84
C SER B 27 10.27 -27.81 -60.56
N ALA B 28 11.03 -28.69 -59.92
CA ALA B 28 10.52 -29.99 -59.49
C ALA B 28 9.43 -29.92 -58.43
N PHE B 29 9.32 -28.79 -57.73
CA PHE B 29 8.28 -28.63 -56.71
C PHE B 29 6.99 -28.03 -57.27
N LYS B 30 7.06 -27.45 -58.46
CA LYS B 30 5.92 -26.77 -59.04
C LYS B 30 4.66 -27.66 -59.27
N PRO B 31 4.84 -28.86 -59.89
CA PRO B 31 3.70 -29.76 -60.12
C PRO B 31 2.86 -30.13 -58.88
N GLU B 32 3.50 -30.38 -57.74
CA GLU B 32 2.76 -30.76 -56.54
C GLU B 32 2.31 -29.61 -55.64
N PHE B 33 2.99 -28.47 -55.73
CA PHE B 33 2.65 -27.30 -54.90
C PHE B 33 2.52 -26.02 -55.69
N PRO B 34 1.49 -25.95 -56.56
CA PRO B 34 1.31 -24.78 -57.43
C PRO B 34 0.96 -23.47 -56.72
N LYS B 35 0.29 -23.53 -55.57
CA LYS B 35 -0.08 -22.32 -54.85
C LYS B 35 1.11 -21.66 -54.15
N GLN B 36 1.90 -22.46 -53.45
CA GLN B 36 3.12 -21.98 -52.79
C GLN B 36 4.15 -21.52 -53.82
N TYR B 37 4.22 -22.24 -54.93
CA TYR B 37 5.12 -21.89 -56.03
C TYR B 37 4.79 -20.55 -56.72
N ALA B 38 3.51 -20.34 -57.03
CA ALA B 38 3.04 -19.09 -57.62
C ALA B 38 3.29 -17.90 -56.71
N SER B 39 3.12 -18.11 -55.41
CA SER B 39 3.47 -17.16 -54.37
C SER B 39 4.99 -16.88 -54.30
N TYR B 40 5.80 -17.93 -54.43
CA TYR B 40 7.25 -17.84 -54.55
C TYR B 40 7.64 -17.01 -55.79
N GLU B 41 6.92 -17.19 -56.89
CA GLU B 41 7.24 -16.46 -58.10
C GLU B 41 6.96 -14.96 -57.99
N ARG B 42 6.24 -14.53 -56.95
CA ARG B 42 5.95 -13.11 -56.68
C ARG B 42 7.17 -12.29 -56.25
N ASN B 43 8.22 -12.99 -55.82
CA ASN B 43 9.52 -12.43 -55.49
C ASN B 43 10.26 -11.80 -56.68
N ASP B 44 9.76 -12.08 -57.89
CA ASP B 44 10.25 -11.47 -59.12
C ASP B 44 9.97 -9.96 -59.24
N GLU B 45 8.88 -9.49 -58.65
CA GLU B 45 8.54 -8.05 -58.64
C GLU B 45 9.69 -7.21 -58.06
N THR B 46 10.29 -6.40 -58.91
CA THR B 46 11.45 -5.64 -58.51
C THR B 46 11.31 -4.12 -58.82
N THR B 47 10.07 -3.64 -58.80
CA THR B 47 9.74 -2.23 -59.09
C THR B 47 9.23 -1.41 -57.90
N VAL B 48 8.67 -2.08 -56.89
CA VAL B 48 7.99 -1.39 -55.81
C VAL B 48 8.93 -1.00 -54.66
N MET B 49 8.76 0.25 -54.24
CA MET B 49 9.52 0.84 -53.16
C MET B 49 8.59 1.16 -52.00
N THR B 50 9.13 1.15 -50.78
CA THR B 50 8.43 1.65 -49.62
C THR B 50 9.15 2.94 -49.23
N GLU B 51 8.84 3.49 -48.06
CA GLU B 51 9.54 4.67 -47.59
C GLU B 51 11.05 4.43 -47.46
N TYR B 52 11.45 3.43 -46.69
CA TYR B 52 12.87 3.24 -46.47
C TYR B 52 13.44 2.02 -47.24
N LYS B 53 12.56 1.07 -47.56
CA LYS B 53 12.96 -0.20 -48.16
C LYS B 53 12.16 -0.45 -49.43
N GLY B 54 12.09 -1.70 -49.87
CA GLY B 54 11.43 -2.09 -51.12
C GLY B 54 12.32 -3.00 -51.95
N SER B 55 11.96 -3.23 -53.20
CA SER B 55 12.58 -4.29 -54.03
C SER B 55 13.50 -3.84 -55.16
N VAL B 56 13.63 -2.53 -55.37
CA VAL B 56 14.53 -1.99 -56.37
C VAL B 56 15.97 -2.05 -55.85
N PRO B 57 16.86 -2.77 -56.57
CA PRO B 57 18.17 -2.98 -56.02
C PRO B 57 19.10 -1.80 -56.31
N PHE B 58 18.78 -0.63 -55.75
CA PHE B 58 19.56 0.58 -55.99
C PHE B 58 20.89 0.57 -55.22
N ASN B 59 21.79 1.47 -55.55
CA ASN B 59 23.07 1.57 -54.83
C ASN B 59 22.95 2.29 -53.48
N LYS B 60 23.22 1.56 -52.41
CA LYS B 60 22.95 2.03 -51.05
C LYS B 60 23.67 3.31 -50.62
N ASN B 61 24.79 3.63 -51.28
CA ASN B 61 25.55 4.87 -50.99
C ASN B 61 25.09 6.10 -51.81
N ASP B 62 24.16 5.90 -52.74
CA ASP B 62 23.86 6.90 -53.76
C ASP B 62 22.56 7.64 -53.45
N ASN B 63 22.70 8.85 -52.91
CA ASN B 63 21.54 9.73 -52.70
C ASN B 63 21.52 10.88 -53.71
N VAL B 64 22.27 10.71 -54.78
CA VAL B 64 22.42 11.75 -55.79
C VAL B 64 21.52 11.45 -57.00
N ASN B 65 21.67 10.24 -57.55
CA ASN B 65 20.94 9.83 -58.74
C ASN B 65 19.56 9.30 -58.43
N PRO B 66 18.63 9.37 -59.41
CA PRO B 66 17.29 8.82 -59.18
C PRO B 66 17.29 7.29 -59.27
N LEU B 67 16.17 6.67 -58.90
CA LEU B 67 15.97 5.23 -59.10
C LEU B 67 16.03 4.88 -60.59
N PRO B 68 16.57 3.70 -60.94
CA PRO B 68 16.99 2.62 -60.04
C PRO B 68 18.46 2.68 -59.61
N GLU B 69 19.13 3.80 -59.87
CA GLU B 69 20.55 3.93 -59.54
C GLU B 69 20.78 4.40 -58.09
N GLY B 70 19.98 5.37 -57.64
CA GLY B 70 20.06 5.89 -56.28
C GLY B 70 18.70 6.04 -55.62
N TYR B 71 18.68 6.60 -54.42
CA TYR B 71 17.41 6.80 -53.71
C TYR B 71 17.54 7.96 -52.75
N ARG B 72 16.39 8.59 -52.40
CA ARG B 72 16.35 9.75 -51.51
C ARG B 72 16.89 9.43 -50.12
N HIS B 73 16.71 8.18 -49.68
CA HIS B 73 17.29 7.71 -48.42
C HIS B 73 18.37 6.73 -48.74
N ALA B 74 19.60 7.22 -48.73
CA ALA B 74 20.77 6.42 -48.97
C ALA B 74 21.83 6.89 -48.01
N GLN B 75 22.90 6.11 -47.83
CA GLN B 75 23.95 6.45 -46.90
C GLN B 75 25.21 6.83 -47.67
N PRO B 76 25.45 8.16 -47.82
CA PRO B 76 26.48 8.69 -48.73
C PRO B 76 27.92 8.32 -48.41
N TYR B 77 28.21 7.91 -47.17
CA TYR B 77 29.60 7.68 -46.76
C TYR B 77 30.11 6.23 -46.79
N LEU B 78 29.31 5.31 -47.33
CA LEU B 78 29.59 3.87 -47.20
C LEU B 78 30.92 3.42 -47.85
N LYS B 79 31.15 3.83 -49.11
CA LYS B 79 32.43 3.59 -49.79
C LYS B 79 33.66 4.14 -49.04
N ASN B 80 33.54 5.31 -48.38
CA ASN B 80 34.61 5.90 -47.53
C ASN B 80 34.95 5.00 -46.32
N LEU B 81 33.90 4.53 -45.65
CA LEU B 81 34.03 3.76 -44.43
C LEU B 81 34.46 2.32 -44.72
N TRP B 82 34.20 1.85 -45.93
CA TRP B 82 34.60 0.50 -46.38
C TRP B 82 35.79 0.48 -47.34
N LEU B 83 36.57 1.56 -47.30
CA LEU B 83 37.77 1.70 -48.12
C LEU B 83 38.71 0.49 -47.94
N GLY B 84 39.13 -0.11 -49.05
CA GLY B 84 40.05 -1.25 -49.03
C GLY B 84 39.34 -2.56 -48.78
N TYR B 85 38.01 -2.52 -48.79
CA TYR B 85 37.19 -3.71 -48.57
C TYR B 85 36.31 -3.88 -49.79
N PRO B 86 35.98 -5.14 -50.18
CA PRO B 86 35.12 -5.33 -51.38
C PRO B 86 33.80 -4.57 -51.43
N PHE B 87 33.23 -4.25 -50.27
CA PHE B 87 31.99 -3.47 -50.19
C PHE B 87 32.11 -2.05 -50.76
N MET B 88 33.34 -1.54 -50.85
CA MET B 88 33.57 -0.24 -51.49
C MET B 88 33.31 -0.22 -53.01
N TYR B 89 33.28 -1.40 -53.64
CA TYR B 89 33.01 -1.58 -55.09
C TYR B 89 31.53 -1.59 -55.50
N GLU B 90 30.69 -2.28 -54.75
CA GLU B 90 29.26 -2.31 -55.03
C GLU B 90 28.54 -2.91 -53.84
N TYR B 91 27.37 -2.34 -53.54
CA TYR B 91 26.54 -2.75 -52.41
C TYR B 91 25.15 -2.18 -52.65
N ARG B 92 24.24 -3.09 -52.97
CA ARG B 92 22.88 -2.74 -53.40
C ARG B 92 21.84 -3.19 -52.39
N GLU B 93 20.65 -2.61 -52.50
CA GLU B 93 19.51 -2.97 -51.72
C GLU B 93 19.09 -4.39 -52.08
N ALA B 94 18.88 -5.23 -51.06
CA ALA B 94 18.44 -6.60 -51.23
C ALA B 94 17.05 -6.66 -51.88
N ARG B 95 16.84 -7.69 -52.68
CA ARG B 95 15.55 -7.94 -53.32
C ARG B 95 15.18 -9.43 -53.27
N GLY B 96 14.18 -9.84 -54.05
CA GLY B 96 13.57 -11.18 -53.92
C GLY B 96 14.53 -12.35 -54.06
N HIS B 97 14.24 -13.42 -53.32
CA HIS B 97 15.06 -14.63 -53.27
C HIS B 97 15.34 -15.25 -54.63
N THR B 98 14.41 -15.02 -55.57
CA THR B 98 14.49 -15.56 -56.92
C THR B 98 15.63 -14.94 -57.75
N TYR B 99 16.08 -13.75 -57.35
CA TYR B 99 17.24 -13.06 -57.95
C TYR B 99 18.56 -13.31 -57.27
N ALA B 100 18.59 -14.10 -56.19
CA ALA B 100 19.81 -14.23 -55.39
C ALA B 100 21.08 -14.58 -56.17
N ILE B 101 21.01 -15.58 -57.05
CA ILE B 101 22.20 -16.01 -57.81
C ILE B 101 22.54 -15.02 -58.94
N GLN B 102 21.51 -14.54 -59.63
CA GLN B 102 21.67 -13.53 -60.66
C GLN B 102 22.43 -12.30 -60.17
N ASP B 103 22.09 -11.83 -58.98
CA ASP B 103 22.71 -10.68 -58.35
C ASP B 103 24.10 -10.97 -57.85
N PHE B 104 24.30 -12.19 -57.35
CA PHE B 104 25.62 -12.69 -56.92
C PHE B 104 26.62 -12.69 -58.09
N LEU B 105 26.16 -13.12 -59.26
CA LEU B 105 27.02 -13.23 -60.45
C LEU B 105 27.22 -11.92 -61.20
N HIS B 106 26.55 -10.85 -60.76
CA HIS B 106 26.79 -9.56 -61.39
CA HIS B 106 26.69 -9.52 -61.37
C HIS B 106 27.47 -8.55 -60.49
N ILE B 107 27.61 -8.90 -59.20
CA ILE B 107 28.22 -8.00 -58.23
C ILE B 107 29.73 -7.83 -58.46
N ASP B 108 30.19 -6.59 -58.29
CA ASP B 108 31.59 -6.19 -58.45
C ASP B 108 32.45 -6.45 -57.21
N ARG B 109 31.84 -6.88 -56.11
CA ARG B 109 32.59 -7.34 -54.92
C ARG B 109 33.48 -8.59 -55.19
N ILE B 110 32.98 -9.47 -56.04
CA ILE B 110 33.75 -10.63 -56.51
C ILE B 110 34.55 -10.15 -57.73
N ASN B 111 35.86 -10.41 -57.75
CA ASN B 111 36.71 -10.10 -58.92
C ASN B 111 36.24 -10.81 -60.18
N ARG B 112 35.81 -10.02 -61.17
CA ARG B 112 35.47 -10.54 -62.50
C ARG B 112 36.53 -10.21 -63.54
N TYR B 113 37.66 -9.67 -63.09
CA TYR B 113 38.76 -9.24 -63.97
C TYR B 113 40.00 -10.09 -63.72
N ALA B 114 39.78 -11.26 -63.14
CA ALA B 114 40.81 -12.29 -63.01
C ALA B 114 40.13 -13.65 -62.94
N GLU B 115 40.93 -14.71 -63.00
CA GLU B 115 40.42 -16.08 -62.80
C GLU B 115 39.79 -16.21 -61.41
N LYS B 116 40.58 -15.83 -60.41
CA LYS B 116 40.17 -15.86 -59.04
C LYS B 116 39.27 -14.67 -58.68
N GLY B 117 38.14 -14.97 -58.03
CA GLY B 117 37.25 -13.97 -57.47
C GLY B 117 37.82 -13.24 -56.27
N GLY B 118 38.80 -13.87 -55.62
CA GLY B 118 39.46 -13.25 -54.45
C GLY B 118 38.65 -13.42 -53.17
N LEU B 119 37.61 -14.24 -53.27
CA LEU B 119 36.72 -14.50 -52.17
C LEU B 119 36.48 -16.02 -52.09
N PRO B 120 36.20 -16.53 -50.87
CA PRO B 120 36.10 -17.98 -50.74
C PRO B 120 34.78 -18.50 -51.27
N ALA B 121 34.74 -19.80 -51.58
CA ALA B 121 33.52 -20.44 -52.03
C ALA B 121 32.44 -20.41 -50.94
N THR B 122 32.84 -20.13 -49.69
CA THR B 122 31.86 -19.87 -48.64
C THR B 122 30.79 -18.85 -49.06
N CYS B 123 31.15 -17.88 -49.90
CA CYS B 123 30.16 -16.95 -50.48
C CYS B 123 28.90 -17.59 -51.09
N TRP B 124 28.98 -18.86 -51.49
CA TRP B 124 27.80 -19.55 -52.04
C TRP B 124 26.88 -20.03 -50.93
N ASN B 125 27.36 -19.97 -49.69
CA ASN B 125 26.70 -20.60 -48.54
C ASN B 125 25.23 -20.27 -48.36
N CYS B 126 24.88 -19.01 -48.53
CA CYS B 126 23.50 -18.61 -48.36
C CYS B 126 22.88 -18.18 -49.67
N LYS B 127 23.30 -18.80 -50.76
CA LYS B 127 22.78 -18.46 -52.06
C LYS B 127 22.00 -19.60 -52.75
N THR B 128 22.34 -20.84 -52.42
CA THR B 128 21.87 -21.98 -53.22
C THR B 128 21.76 -23.28 -52.44
N PRO B 129 20.70 -24.08 -52.68
CA PRO B 129 20.64 -25.45 -52.11
C PRO B 129 21.69 -26.40 -52.70
N LYS B 130 22.44 -25.95 -53.71
CA LYS B 130 23.53 -26.74 -54.30
C LYS B 130 24.65 -26.95 -53.30
N MET B 131 24.66 -26.14 -52.24
CA MET B 131 25.60 -26.27 -51.14
C MET B 131 25.72 -27.70 -50.59
N MET B 132 24.59 -28.42 -50.55
CA MET B 132 24.54 -29.80 -50.04
C MET B 132 25.39 -30.77 -50.87
N GLU B 133 25.16 -30.84 -52.19
CA GLU B 133 26.03 -31.56 -53.13
C GLU B 133 27.50 -31.14 -53.00
N TRP B 134 27.72 -29.82 -53.01
CA TRP B 134 29.07 -29.24 -53.05
C TRP B 134 29.91 -29.56 -51.82
N VAL B 135 29.28 -29.52 -50.65
CA VAL B 135 29.94 -29.85 -49.37
C VAL B 135 30.12 -31.38 -49.24
N LYS B 136 29.13 -32.15 -49.70
CA LYS B 136 29.24 -33.60 -49.75
C LYS B 136 30.41 -34.05 -50.64
N GLU B 137 30.59 -33.36 -51.77
CA GLU B 137 31.68 -33.65 -52.71
C GLU B 137 33.07 -33.29 -52.15
N SER B 138 33.21 -32.12 -51.52
CA SER B 138 34.53 -31.64 -51.08
C SER B 138 34.77 -31.60 -49.57
N GLY B 139 33.70 -31.58 -48.78
CA GLY B 139 33.82 -31.53 -47.32
C GLY B 139 34.41 -30.24 -46.82
N ASP B 140 35.41 -30.37 -45.93
CA ASP B 140 36.10 -29.25 -45.26
C ASP B 140 36.91 -28.39 -46.21
N GLY B 141 37.34 -28.99 -47.32
CA GLY B 141 38.11 -28.28 -48.31
C GLY B 141 37.26 -27.49 -49.28
N PHE B 142 35.93 -27.59 -49.16
CA PHE B 142 35.02 -26.78 -49.98
C PHE B 142 35.22 -25.28 -49.74
N TRP B 143 35.21 -24.90 -48.46
CA TRP B 143 35.13 -23.49 -48.06
C TRP B 143 36.24 -22.60 -48.60
N ALA B 144 37.46 -23.11 -48.67
CA ALA B 144 38.60 -22.28 -49.04
C ALA B 144 38.97 -22.28 -50.52
N LYS B 145 38.20 -22.99 -51.36
CA LYS B 145 38.27 -22.86 -52.81
C LYS B 145 37.93 -21.44 -53.26
N ASP B 146 38.33 -21.06 -54.46
CA ASP B 146 37.88 -19.78 -55.01
C ASP B 146 36.41 -19.80 -55.43
N VAL B 147 35.72 -18.70 -55.16
CA VAL B 147 34.32 -18.53 -55.46
C VAL B 147 33.97 -18.74 -56.95
N ASN B 148 34.88 -18.33 -57.85
CA ASN B 148 34.63 -18.44 -59.30
C ASN B 148 34.67 -19.87 -59.85
N GLU B 149 35.09 -20.81 -59.00
CA GLU B 149 35.17 -22.21 -59.38
C GLU B 149 33.78 -22.79 -59.61
N PHE B 150 32.77 -22.21 -58.97
CA PHE B 150 31.41 -22.73 -59.07
C PHE B 150 30.48 -21.88 -59.94
N ARG B 151 31.03 -20.80 -60.45
CA ARG B 151 30.32 -19.77 -61.20
C ARG B 151 29.54 -20.32 -62.41
N ASP B 152 30.14 -21.28 -63.11
CA ASP B 152 29.58 -21.93 -64.29
C ASP B 152 28.88 -23.25 -64.00
N LYS B 153 28.70 -23.57 -62.72
CA LYS B 153 28.23 -24.90 -62.33
C LYS B 153 26.92 -24.84 -61.57
N ILE B 154 26.07 -23.89 -61.97
CA ILE B 154 24.81 -23.64 -61.29
C ILE B 154 23.73 -23.21 -62.29
N ASP B 155 22.49 -23.56 -62.03
CA ASP B 155 21.36 -22.99 -62.77
C ASP B 155 20.85 -21.83 -61.95
N MET B 156 20.87 -20.65 -62.56
CA MET B 156 20.63 -19.41 -61.87
C MET B 156 19.17 -19.24 -61.41
N LYS B 157 18.25 -19.99 -62.01
CA LYS B 157 16.83 -19.94 -61.65
C LYS B 157 16.36 -21.20 -60.86
N ASP B 158 16.75 -22.38 -61.33
CA ASP B 158 16.40 -23.65 -60.68
C ASP B 158 17.17 -23.92 -59.39
N HIS B 159 18.35 -23.31 -59.26
CA HIS B 159 19.15 -23.50 -58.06
C HIS B 159 19.31 -22.28 -57.14
N THR B 160 18.46 -21.26 -57.27
CA THR B 160 18.46 -20.15 -56.27
C THR B 160 17.74 -20.61 -55.03
N ILE B 161 17.90 -19.84 -53.95
CA ILE B 161 17.06 -19.96 -52.76
C ILE B 161 15.66 -20.41 -53.16
N GLY B 162 15.34 -21.63 -52.75
CA GLY B 162 14.05 -22.19 -53.09
C GLY B 162 13.71 -23.30 -52.15
N CYS B 163 12.77 -24.12 -52.58
CA CYS B 163 12.06 -25.06 -51.72
C CYS B 163 12.96 -25.95 -50.88
N ALA B 164 14.07 -26.43 -51.44
CA ALA B 164 14.94 -27.37 -50.75
C ALA B 164 15.79 -26.72 -49.64
N THR B 165 15.85 -25.39 -49.64
CA THR B 165 16.55 -24.66 -48.58
C THR B 165 15.92 -24.87 -47.20
N CYS B 166 14.58 -24.94 -47.17
CA CYS B 166 13.84 -25.01 -45.91
C CYS B 166 12.99 -26.26 -45.74
N HIS B 167 12.82 -27.04 -46.79
CA HIS B 167 11.90 -28.18 -46.80
C HIS B 167 12.58 -29.51 -47.16
N ASP B 168 12.25 -30.58 -46.45
CA ASP B 168 12.61 -31.93 -46.89
C ASP B 168 11.83 -32.22 -48.18
N PRO B 169 12.52 -32.58 -49.28
CA PRO B 169 11.73 -32.68 -50.51
C PRO B 169 10.70 -33.82 -50.53
N GLN B 170 10.83 -34.80 -49.63
CA GLN B 170 9.89 -35.94 -49.57
C GLN B 170 8.64 -35.71 -48.73
N THR B 171 8.82 -35.04 -47.59
CA THR B 171 7.78 -34.86 -46.60
C THR B 171 7.41 -33.38 -46.46
N MET B 172 8.21 -32.50 -47.07
CA MET B 172 8.04 -31.05 -46.95
C MET B 172 8.07 -30.50 -45.51
N GLU B 173 8.59 -31.28 -44.56
CA GLU B 173 8.78 -30.77 -43.21
C GLU B 173 9.89 -29.73 -43.19
N LEU B 174 9.71 -28.68 -42.40
CA LEU B 174 10.72 -27.66 -42.20
C LEU B 174 12.01 -28.29 -41.74
N ARG B 175 13.12 -27.81 -42.30
CA ARG B 175 14.43 -28.45 -42.24
C ARG B 175 15.48 -27.37 -42.08
N ILE B 176 16.55 -27.64 -41.34
CA ILE B 176 17.68 -26.71 -41.36
C ILE B 176 18.83 -27.36 -42.13
N THR B 177 19.11 -26.79 -43.30
CA THR B 177 20.18 -27.29 -44.18
C THR B 177 21.47 -26.55 -43.95
N SER B 178 21.42 -25.44 -43.22
CA SER B 178 22.59 -24.62 -42.96
C SER B 178 23.65 -25.27 -42.08
N VAL B 179 24.89 -25.31 -42.56
CA VAL B 179 26.01 -25.80 -41.76
C VAL B 179 26.30 -24.92 -40.53
N PRO B 180 26.51 -23.60 -40.70
CA PRO B 180 26.85 -22.84 -39.50
C PRO B 180 25.72 -22.74 -38.45
N LEU B 181 24.45 -22.80 -38.86
CA LEU B 181 23.35 -22.74 -37.90
C LEU B 181 23.26 -24.04 -37.14
N THR B 182 23.47 -25.15 -37.84
CA THR B 182 23.51 -26.45 -37.20
C THR B 182 24.65 -26.50 -36.17
N ASP B 183 25.84 -26.03 -36.54
CA ASP B 183 26.96 -25.92 -35.61
C ASP B 183 26.57 -25.15 -34.36
N TYR B 184 25.79 -24.07 -34.52
CA TYR B 184 25.35 -23.27 -33.37
C TYR B 184 24.36 -24.02 -32.52
N LEU B 185 23.35 -24.61 -33.15
CA LEU B 185 22.33 -25.39 -32.44
C LEU B 185 22.95 -26.50 -31.61
N VAL B 186 23.83 -27.29 -32.22
CA VAL B 186 24.57 -28.38 -31.54
C VAL B 186 25.38 -27.85 -30.34
N SER B 187 26.02 -26.68 -30.52
CA SER B 187 26.73 -26.01 -29.39
C SER B 187 25.83 -25.61 -28.22
N GLN B 188 24.53 -25.46 -28.48
CA GLN B 188 23.53 -25.14 -27.44
C GLN B 188 22.82 -26.41 -26.95
N GLY B 189 23.24 -27.56 -27.45
CA GLY B 189 22.66 -28.84 -27.03
C GLY B 189 21.31 -29.17 -27.62
N LYS B 190 20.92 -28.43 -28.66
CA LYS B 190 19.67 -28.68 -29.38
C LYS B 190 19.82 -29.68 -30.55
N ASP B 191 18.77 -30.46 -30.79
CA ASP B 191 18.66 -31.37 -31.94
C ASP B 191 17.91 -30.62 -33.04
N PRO B 192 18.62 -30.32 -34.15
CA PRO B 192 18.10 -29.56 -35.30
C PRO B 192 16.90 -30.23 -35.97
N LYS B 193 16.83 -31.56 -35.85
CA LYS B 193 15.75 -32.37 -36.41
C LYS B 193 14.50 -32.39 -35.55
N LYS B 194 14.58 -31.89 -34.31
CA LYS B 194 13.49 -32.00 -33.34
C LYS B 194 13.13 -30.68 -32.68
N LEU B 195 13.16 -29.59 -33.45
CA LEU B 195 12.84 -28.29 -32.89
C LEU B 195 11.33 -28.00 -33.01
N PRO B 196 10.76 -27.26 -32.02
CA PRO B 196 9.34 -26.95 -32.08
C PRO B 196 9.04 -26.07 -33.28
N ARG B 197 7.78 -26.12 -33.73
CA ARG B 197 7.34 -25.39 -34.91
C ARG B 197 7.52 -23.89 -34.82
N ASN B 198 7.28 -23.31 -33.63
CA ASN B 198 7.40 -21.87 -33.47
C ASN B 198 8.86 -21.40 -33.53
N GLU B 199 9.78 -22.22 -33.02
CA GLU B 199 11.22 -22.00 -33.23
C GLU B 199 11.62 -22.05 -34.72
N MET B 200 11.15 -23.06 -35.45
CA MET B 200 11.49 -23.27 -36.85
C MET B 200 10.98 -22.18 -37.77
N ARG B 201 9.88 -21.54 -37.40
CA ARG B 201 9.29 -20.49 -38.20
C ARG B 201 10.14 -19.20 -38.21
N ALA B 202 11.13 -19.12 -37.32
CA ALA B 202 12.17 -18.09 -37.38
C ALA B 202 13.56 -18.64 -37.76
N LEU B 203 13.87 -19.87 -37.35
CA LEU B 203 15.19 -20.47 -37.63
C LEU B 203 15.50 -20.72 -39.10
N VAL B 204 14.49 -21.07 -39.90
CA VAL B 204 14.68 -21.22 -41.35
C VAL B 204 15.26 -19.96 -42.00
N CYS B 205 14.84 -18.77 -41.53
CA CYS B 205 15.41 -17.48 -41.92
C CYS B 205 16.80 -17.22 -41.32
N GLY B 206 16.98 -17.67 -40.07
CA GLY B 206 18.25 -17.56 -39.35
C GLY B 206 19.38 -18.41 -39.92
N GLN B 207 19.06 -19.16 -40.96
CA GLN B 207 20.10 -19.83 -41.73
C GLN B 207 21.02 -18.81 -42.41
N CYS B 208 20.47 -17.64 -42.77
CA CYS B 208 21.15 -16.68 -43.68
C CYS B 208 21.14 -15.22 -43.24
N HIS B 209 20.03 -14.81 -42.64
CA HIS B 209 19.82 -13.43 -42.22
C HIS B 209 20.45 -13.15 -40.86
N VAL B 210 21.79 -13.20 -40.84
CA VAL B 210 22.56 -13.20 -39.62
C VAL B 210 23.93 -12.54 -39.86
N GLU B 211 24.56 -12.10 -38.79
CA GLU B 211 25.96 -11.71 -38.83
C GLU B 211 26.79 -13.01 -38.86
N TYR B 212 27.82 -13.04 -39.67
CA TYR B 212 28.69 -14.23 -39.77
C TYR B 212 30.12 -13.77 -39.92
N TYR B 213 31.06 -14.69 -39.78
CA TYR B 213 32.40 -14.46 -40.28
C TYR B 213 32.96 -15.73 -40.89
N PHE B 214 34.11 -15.60 -41.58
CA PHE B 214 34.85 -16.76 -42.09
C PHE B 214 36.09 -17.01 -41.23
N ASN B 215 36.40 -18.27 -40.97
CA ASN B 215 37.61 -18.62 -40.23
C ASN B 215 38.87 -18.23 -40.98
N GLY B 216 39.85 -17.72 -40.25
CA GLY B 216 41.24 -17.62 -40.72
C GLY B 216 41.90 -19.00 -40.64
N PRO B 217 43.05 -19.16 -41.34
CA PRO B 217 43.76 -20.44 -41.44
C PRO B 217 44.14 -21.09 -40.11
N THR B 218 44.37 -20.31 -39.06
CA THR B 218 44.66 -20.89 -37.73
C THR B 218 43.47 -20.88 -36.75
N MET B 219 42.25 -20.66 -37.25
CA MET B 219 41.06 -20.61 -36.38
C MET B 219 40.21 -21.88 -36.43
N GLY B 220 40.61 -22.84 -37.25
CA GLY B 220 39.84 -24.06 -37.45
C GLY B 220 39.84 -24.36 -38.93
N VAL B 221 38.77 -24.98 -39.42
CA VAL B 221 38.61 -25.20 -40.86
C VAL B 221 38.64 -23.84 -41.58
N ASN B 222 39.55 -23.70 -42.54
CA ASN B 222 39.83 -22.44 -43.23
C ASN B 222 38.65 -22.00 -44.07
N LYS B 223 38.27 -20.73 -43.87
CA LYS B 223 37.16 -20.04 -44.55
C LYS B 223 35.75 -20.56 -44.22
N LYS B 224 35.64 -21.41 -43.21
CA LYS B 224 34.36 -21.97 -42.79
C LYS B 224 33.50 -20.89 -42.14
N PRO B 225 32.20 -20.83 -42.48
CA PRO B 225 31.35 -19.77 -41.91
C PRO B 225 31.02 -20.07 -40.46
N VAL B 226 31.07 -19.04 -39.61
CA VAL B 226 30.77 -19.18 -38.19
C VAL B 226 29.88 -17.99 -37.75
N PHE B 227 28.87 -18.26 -36.94
CA PHE B 227 27.99 -17.20 -36.37
C PHE B 227 28.56 -16.82 -35.02
N PRO B 228 28.98 -15.56 -34.85
CA PRO B 228 29.66 -15.14 -33.61
C PRO B 228 28.72 -14.96 -32.40
N TRP B 229 28.02 -16.04 -32.05
CA TRP B 229 26.87 -16.02 -31.14
C TRP B 229 27.12 -16.47 -29.69
N ALA B 230 28.30 -17.00 -29.41
CA ALA B 230 28.67 -17.58 -28.12
C ALA B 230 28.59 -16.65 -26.91
N GLU B 231 28.76 -15.34 -27.10
CA GLU B 231 28.66 -14.39 -25.99
C GLU B 231 27.25 -13.79 -25.81
N GLY B 232 26.38 -14.00 -26.79
CA GLY B 232 25.01 -13.52 -26.77
C GLY B 232 24.76 -12.83 -28.09
N PHE B 233 23.56 -12.26 -28.25
CA PHE B 233 23.08 -11.72 -29.53
C PHE B 233 23.27 -10.20 -29.76
N ASP B 234 23.57 -9.47 -28.69
CA ASP B 234 23.68 -8.01 -28.73
C ASP B 234 24.99 -7.54 -29.41
N PRO B 235 25.06 -6.26 -29.84
CA PRO B 235 26.31 -5.74 -30.41
C PRO B 235 27.50 -5.88 -29.47
N ALA B 236 27.29 -5.62 -28.17
CA ALA B 236 28.38 -5.65 -27.18
C ALA B 236 28.90 -7.07 -26.97
N ASP B 237 27.99 -8.02 -27.14
CA ASP B 237 28.28 -9.44 -26.98
C ASP B 237 29.13 -9.93 -28.12
N MET B 238 28.78 -9.54 -29.35
CA MET B 238 29.51 -9.96 -30.55
C MET B 238 30.88 -9.32 -30.60
N TYR B 239 30.94 -8.06 -30.18
CA TYR B 239 32.18 -7.31 -30.11
C TYR B 239 33.20 -7.97 -29.16
N ARG B 240 32.75 -8.33 -27.97
CA ARG B 240 33.48 -9.14 -26.99
C ARG B 240 33.93 -10.48 -27.57
N TYR B 241 33.04 -11.17 -28.28
CA TYR B 241 33.39 -12.42 -28.99
C TYR B 241 34.57 -12.20 -29.92
N TYR B 242 34.56 -11.06 -30.62
CA TYR B 242 35.60 -10.76 -31.60
C TYR B 242 36.91 -10.26 -30.99
N ASP B 243 36.91 -10.07 -29.66
CA ASP B 243 38.08 -9.70 -28.86
C ASP B 243 38.83 -10.96 -28.45
N LYS B 244 38.10 -12.08 -28.41
CA LYS B 244 38.60 -13.34 -27.88
C LYS B 244 38.89 -14.36 -28.99
N HIS B 245 38.32 -14.14 -30.17
CA HIS B 245 38.43 -15.05 -31.28
C HIS B 245 38.97 -14.29 -32.46
N GLY B 246 39.95 -14.85 -33.15
CA GLY B 246 40.62 -14.12 -34.22
C GLY B 246 42.11 -14.34 -34.22
N ASP B 247 42.82 -13.59 -35.06
CA ASP B 247 44.19 -13.97 -35.43
C ASP B 247 45.13 -12.80 -35.74
N LEU B 248 44.77 -11.60 -35.32
CA LEU B 248 45.64 -10.46 -35.55
C LEU B 248 46.90 -10.58 -34.72
N GLN B 249 48.02 -10.14 -35.29
CA GLN B 249 49.31 -10.12 -34.61
C GLN B 249 49.77 -8.69 -34.33
N VAL B 250 49.01 -7.72 -34.86
CA VAL B 250 49.25 -6.29 -34.66
C VAL B 250 49.22 -5.85 -33.19
N LYS B 251 50.23 -5.10 -32.78
CA LYS B 251 50.36 -4.62 -31.39
C LYS B 251 49.14 -3.82 -30.87
N GLY B 252 48.52 -4.30 -29.80
CA GLY B 252 47.32 -3.68 -29.21
C GLY B 252 46.03 -4.39 -29.59
N PHE B 253 46.10 -5.25 -30.61
CA PHE B 253 44.95 -6.01 -31.10
C PHE B 253 45.20 -7.53 -31.20
N GLU B 254 46.18 -8.02 -30.43
CA GLU B 254 46.66 -9.42 -30.53
C GLU B 254 45.55 -10.41 -30.28
N GLY B 255 45.20 -11.17 -31.32
CA GLY B 255 44.21 -12.24 -31.19
C GLY B 255 42.78 -11.83 -31.44
N LYS B 256 42.55 -10.58 -31.83
CA LYS B 256 41.20 -10.09 -32.15
C LYS B 256 40.92 -10.40 -33.59
N PHE B 257 39.64 -10.43 -33.95
CA PHE B 257 39.28 -10.67 -35.33
C PHE B 257 39.27 -9.37 -36.15
N ALA B 258 39.72 -9.45 -37.39
CA ALA B 258 39.59 -8.34 -38.32
C ALA B 258 39.18 -8.87 -39.70
N ASP B 259 38.22 -8.21 -40.33
CA ASP B 259 37.90 -8.43 -41.75
C ASP B 259 38.86 -7.73 -42.71
N TRP B 260 39.24 -6.49 -42.40
CA TRP B 260 40.25 -5.74 -43.16
C TRP B 260 40.91 -4.68 -42.28
N THR B 261 41.98 -4.08 -42.77
CA THR B 261 42.57 -2.91 -42.15
C THR B 261 42.24 -1.76 -43.06
N HIS B 262 41.52 -0.78 -42.53
CA HIS B 262 41.19 0.45 -43.26
C HIS B 262 42.51 1.12 -43.62
N PRO B 263 42.81 1.24 -44.92
CA PRO B 263 44.10 1.79 -45.39
C PRO B 263 44.39 3.25 -44.99
N ALA B 264 43.36 4.04 -44.67
CA ALA B 264 43.55 5.46 -44.31
C ALA B 264 43.94 5.68 -42.86
N SER B 265 43.13 5.13 -41.93
CA SER B 265 43.43 5.18 -40.49
C SER B 265 44.36 4.07 -40.01
N LYS B 266 44.47 3.01 -40.81
CA LYS B 266 45.17 1.75 -40.44
C LYS B 266 44.54 1.05 -39.25
N THR B 267 43.21 1.15 -39.12
CA THR B 267 42.46 0.45 -38.08
C THR B 267 42.05 -0.96 -38.57
N PRO B 268 42.28 -2.01 -37.77
CA PRO B 268 41.66 -3.32 -38.09
C PRO B 268 40.15 -3.37 -37.77
N MET B 269 39.36 -3.58 -38.83
CA MET B 269 37.92 -3.41 -38.78
C MET B 269 37.19 -4.75 -38.72
N ILE B 270 36.02 -4.78 -38.08
CA ILE B 270 35.06 -5.86 -38.26
C ILE B 270 33.95 -5.37 -39.21
N LYS B 271 33.51 -6.23 -40.12
CA LYS B 271 32.34 -5.92 -40.96
C LYS B 271 31.16 -6.65 -40.41
N ALA B 272 30.02 -5.96 -40.31
CA ALA B 272 28.76 -6.56 -39.90
C ALA B 272 27.87 -6.87 -41.12
N GLN B 273 27.11 -7.94 -41.04
CA GLN B 273 26.22 -8.27 -42.15
C GLN B 273 24.85 -8.52 -41.62
N HIS B 274 23.86 -7.87 -42.24
CA HIS B 274 22.43 -8.14 -42.04
C HIS B 274 22.07 -9.04 -40.83
N PRO B 275 22.21 -8.55 -39.58
CA PRO B 275 21.81 -9.43 -38.47
C PRO B 275 20.31 -9.39 -38.09
N GLU B 276 19.44 -9.76 -39.02
CA GLU B 276 17.99 -9.75 -38.74
C GLU B 276 17.64 -10.62 -37.56
N TYR B 277 18.16 -11.85 -37.55
CA TYR B 277 17.86 -12.81 -36.48
C TYR B 277 18.27 -12.37 -35.08
N GLU B 278 19.48 -11.86 -34.94
CA GLU B 278 20.02 -11.39 -33.68
C GLU B 278 19.36 -10.15 -33.14
N THR B 279 18.85 -9.34 -34.06
CA THR B 279 18.11 -8.11 -33.76
C THR B 279 16.67 -8.46 -33.37
N TRP B 280 16.02 -9.31 -34.17
CA TRP B 280 14.67 -9.72 -33.91
C TRP B 280 14.54 -10.49 -32.57
N ILE B 281 15.49 -11.40 -32.28
CA ILE B 281 15.32 -12.36 -31.16
C ILE B 281 14.92 -11.75 -29.80
N ASN B 282 15.44 -10.56 -29.50
CA ASN B 282 15.11 -9.92 -28.25
C ASN B 282 14.41 -8.56 -28.40
N GLY B 283 13.78 -8.35 -29.55
CA GLY B 283 12.95 -7.19 -29.79
C GLY B 283 11.57 -7.41 -29.24
N THR B 284 10.69 -6.41 -29.38
CA THR B 284 9.38 -6.54 -28.78
C THR B 284 8.52 -7.69 -29.37
N HIS B 285 8.70 -7.96 -30.65
CA HIS B 285 8.00 -9.06 -31.33
C HIS B 285 8.64 -10.42 -31.14
N GLY B 286 9.97 -10.47 -31.28
CA GLY B 286 10.72 -11.71 -31.11
C GLY B 286 10.72 -12.25 -29.71
N ALA B 287 10.96 -11.39 -28.71
CA ALA B 287 10.84 -11.77 -27.30
C ALA B 287 9.44 -12.34 -26.98
N ALA B 288 8.44 -11.89 -27.70
CA ALA B 288 7.07 -12.36 -27.54
C ALA B 288 6.77 -13.58 -28.41
N GLY B 289 7.79 -14.13 -29.05
CA GLY B 289 7.64 -15.29 -29.93
C GLY B 289 6.93 -15.08 -31.27
N VAL B 290 6.76 -13.83 -31.68
CA VAL B 290 6.22 -13.48 -33.01
C VAL B 290 7.35 -13.61 -34.02
N THR B 291 7.22 -14.59 -34.92
CA THR B 291 8.33 -15.06 -35.77
C THR B 291 8.39 -14.32 -37.08
N CYS B 292 9.53 -14.42 -37.77
CA CYS B 292 9.67 -13.95 -39.14
C CYS B 292 8.49 -14.32 -40.01
N ALA B 293 8.02 -15.56 -39.89
CA ALA B 293 6.92 -16.08 -40.71
C ALA B 293 5.55 -15.47 -40.38
N ASP B 294 5.37 -15.00 -39.14
CA ASP B 294 4.11 -14.35 -38.71
C ASP B 294 3.83 -13.12 -39.56
N CYS B 295 4.87 -12.34 -39.85
CA CYS B 295 4.73 -11.09 -40.63
C CYS B 295 5.19 -11.19 -42.07
N HIS B 296 6.13 -12.09 -42.37
CA HIS B 296 6.67 -12.25 -43.75
C HIS B 296 6.13 -13.41 -44.56
N MET B 297 5.51 -14.37 -43.87
CA MET B 297 4.85 -15.51 -44.51
C MET B 297 3.43 -15.67 -43.99
N SER B 298 2.73 -14.56 -43.93
CA SER B 298 1.36 -14.52 -43.44
C SER B 298 0.40 -15.40 -44.28
N TYR B 299 -0.58 -15.99 -43.61
CA TYR B 299 -1.58 -16.83 -44.26
C TYR B 299 -2.47 -16.08 -45.25
N THR B 300 -2.52 -16.64 -46.46
CA THR B 300 -3.27 -16.08 -47.55
C THR B 300 -4.25 -17.12 -48.09
N ARG B 301 -5.45 -16.66 -48.44
CA ARG B 301 -6.54 -17.54 -48.84
C ARG B 301 -6.88 -17.35 -50.33
N SER B 302 -5.86 -16.94 -51.11
CA SER B 302 -6.04 -16.52 -52.51
C SER B 302 -6.76 -17.53 -53.44
N ASP B 303 -6.20 -18.73 -53.57
CA ASP B 303 -6.82 -19.75 -54.42
C ASP B 303 -7.91 -20.50 -53.64
N ASP B 304 -8.94 -20.97 -54.36
CA ASP B 304 -10.15 -21.56 -53.74
C ASP B 304 -10.61 -20.73 -52.54
N LYS B 305 -10.61 -21.35 -51.36
CA LYS B 305 -10.85 -20.68 -50.08
C LYS B 305 -9.82 -21.24 -49.11
N LYS B 306 -8.77 -21.82 -49.68
CA LYS B 306 -7.76 -22.53 -48.90
C LYS B 306 -6.56 -21.64 -48.61
N LYS B 307 -6.24 -21.51 -47.33
CA LYS B 307 -5.09 -20.76 -46.93
C LYS B 307 -3.77 -21.54 -46.93
N ILE B 308 -2.76 -20.86 -47.43
CA ILE B 308 -1.37 -21.31 -47.49
C ILE B 308 -0.55 -20.21 -46.85
N SER B 309 0.70 -20.51 -46.46
CA SER B 309 1.64 -19.49 -46.05
C SER B 309 2.08 -18.71 -47.28
N SER B 310 2.03 -17.39 -47.22
CA SER B 310 2.61 -16.59 -48.29
C SER B 310 4.11 -16.90 -48.36
N HIS B 311 4.62 -17.06 -49.58
CA HIS B 311 6.04 -17.29 -49.80
C HIS B 311 6.58 -16.15 -50.64
N TRP B 312 5.97 -15.00 -50.49
CA TRP B 312 6.50 -13.79 -51.07
C TRP B 312 7.20 -13.11 -49.91
N TRP B 313 8.52 -13.17 -49.89
CA TRP B 313 9.29 -12.60 -48.79
C TRP B 313 9.74 -11.21 -49.15
N THR B 314 9.08 -10.23 -48.57
CA THR B 314 9.27 -8.86 -48.97
C THR B 314 8.93 -7.94 -47.81
N SER B 315 8.77 -6.65 -48.09
CA SER B 315 8.36 -5.70 -47.09
C SER B 315 6.86 -5.87 -46.78
N PRO B 316 6.52 -6.07 -45.48
CA PRO B 316 5.12 -6.04 -45.08
C PRO B 316 4.40 -4.72 -45.40
N MET B 317 5.16 -3.62 -45.52
CA MET B 317 4.60 -2.27 -45.79
C MET B 317 4.04 -2.08 -47.19
N LYS B 318 4.36 -2.99 -48.11
CA LYS B 318 3.85 -2.92 -49.48
C LYS B 318 2.33 -3.06 -49.55
N ASP B 319 1.74 -3.73 -48.56
CA ASP B 319 0.30 -4.00 -48.46
C ASP B 319 -0.44 -2.79 -47.88
N PRO B 320 -1.19 -2.05 -48.72
CA PRO B 320 -2.02 -0.92 -48.21
C PRO B 320 -2.98 -1.30 -47.06
N GLU B 321 -3.40 -2.57 -47.02
CA GLU B 321 -4.34 -3.06 -46.01
C GLU B 321 -3.65 -3.65 -44.77
N MET B 322 -2.34 -3.84 -44.86
CA MET B 322 -1.51 -4.32 -43.76
C MET B 322 -2.07 -5.61 -43.15
N ARG B 323 -2.55 -6.52 -43.99
CA ARG B 323 -3.30 -7.68 -43.49
C ARG B 323 -2.50 -8.57 -42.53
N ALA B 324 -1.21 -8.75 -42.81
CA ALA B 324 -0.32 -9.59 -42.00
C ALA B 324 -0.36 -9.16 -40.55
N CYS B 325 -0.29 -7.84 -40.35
CA CYS B 325 -0.27 -7.20 -39.04
C CYS B 325 -1.60 -7.29 -38.33
N ARG B 326 -2.69 -7.10 -39.07
CA ARG B 326 -4.05 -7.07 -38.52
C ARG B 326 -4.60 -8.45 -38.20
N GLN B 327 -3.82 -9.51 -38.47
CA GLN B 327 -4.16 -10.86 -37.98
C GLN B 327 -4.08 -10.85 -36.46
N CYS B 328 -3.25 -9.94 -35.95
CA CYS B 328 -3.12 -9.73 -34.52
C CYS B 328 -3.69 -8.38 -34.09
N HIS B 329 -3.27 -7.31 -34.76
CA HIS B 329 -3.62 -5.96 -34.39
C HIS B 329 -4.89 -5.56 -35.09
N SER B 330 -5.95 -6.34 -34.87
CA SER B 330 -7.17 -6.15 -35.63
C SER B 330 -7.90 -4.86 -35.27
N ASP B 331 -7.52 -4.25 -34.15
CA ASP B 331 -8.12 -3.05 -33.63
C ASP B 331 -7.44 -1.76 -34.14
N LYS B 332 -6.42 -1.94 -34.97
CA LYS B 332 -5.66 -0.82 -35.50
C LYS B 332 -5.92 -0.72 -36.99
N THR B 333 -6.01 0.52 -37.47
CA THR B 333 -6.07 0.79 -38.90
C THR B 333 -4.67 0.60 -39.54
N PRO B 334 -4.63 0.26 -40.84
CA PRO B 334 -3.37 0.15 -41.59
C PRO B 334 -2.55 1.43 -41.47
N ASP B 335 -3.25 2.56 -41.54
CA ASP B 335 -2.65 3.87 -41.38
C ASP B 335 -1.90 4.10 -40.05
N TYR B 336 -2.53 3.68 -38.94
CA TYR B 336 -1.91 3.74 -37.60
C TYR B 336 -0.66 2.84 -37.51
N LEU B 337 -0.76 1.64 -38.07
CA LEU B 337 0.35 0.68 -38.07
C LEU B 337 1.60 1.18 -38.80
N LYS B 338 1.40 1.77 -39.98
CA LYS B 338 2.48 2.39 -40.75
C LYS B 338 3.11 3.57 -40.03
N SER B 339 2.32 4.40 -39.35
CA SER B 339 2.85 5.56 -38.62
C SER B 339 3.73 5.13 -37.45
N ARG B 340 3.39 4.01 -36.82
CA ARG B 340 4.22 3.49 -35.71
C ARG B 340 5.52 2.82 -36.19
N VAL B 341 5.50 2.27 -37.41
CA VAL B 341 6.71 1.78 -38.07
C VAL B 341 7.63 2.96 -38.38
N LEU B 342 7.09 3.99 -39.01
CA LEU B 342 7.86 5.20 -39.34
C LEU B 342 8.31 5.95 -38.11
N PHE B 343 7.54 5.91 -37.03
CA PHE B 343 7.98 6.52 -35.77
C PHE B 343 9.40 6.03 -35.45
N THR B 344 9.62 4.74 -35.55
CA THR B 344 10.92 4.13 -35.31
C THR B 344 11.93 4.42 -36.43
N GLN B 345 11.54 4.12 -37.67
CA GLN B 345 12.42 4.16 -38.84
C GLN B 345 13.07 5.51 -39.11
N LYS B 346 12.25 6.56 -39.12
CA LYS B 346 12.76 7.90 -39.38
C LYS B 346 13.85 8.28 -38.39
N ARG B 347 13.59 8.04 -37.11
CA ARG B 347 14.55 8.36 -36.05
C ARG B 347 15.81 7.52 -36.19
N THR B 348 15.64 6.23 -36.48
CA THR B 348 16.78 5.31 -36.66
C THR B 348 17.64 5.71 -37.84
N PHE B 349 17.01 5.98 -38.98
CA PHE B 349 17.76 6.34 -40.19
C PHE B 349 18.49 7.67 -40.09
N ASP B 350 17.86 8.66 -39.45
CA ASP B 350 18.48 9.96 -39.23
C ASP B 350 19.70 9.87 -38.31
N LEU B 351 19.61 9.03 -37.29
CA LEU B 351 20.70 8.85 -36.32
C LEU B 351 21.83 7.99 -36.88
N LEU B 352 21.48 7.05 -37.74
CA LEU B 352 22.47 6.30 -38.51
C LEU B 352 23.39 7.21 -39.32
N LEU B 353 22.82 8.09 -40.14
CA LEU B 353 23.63 9.00 -40.94
C LEU B 353 24.56 9.84 -40.09
N ALA B 354 24.08 10.29 -38.93
CA ALA B 354 24.90 11.09 -38.05
C ALA B 354 26.02 10.27 -37.44
N ALA B 355 25.76 8.99 -37.13
CA ALA B 355 26.78 8.07 -36.62
C ALA B 355 27.88 7.77 -37.63
N GLN B 356 27.50 7.64 -38.89
CA GLN B 356 28.43 7.41 -39.99
C GLN B 356 29.34 8.61 -40.23
N GLU B 357 28.79 9.81 -40.13
CA GLU B 357 29.55 11.07 -40.20
C GLU B 357 30.67 11.21 -39.15
N VAL B 358 30.34 10.95 -37.88
CA VAL B 358 31.34 10.97 -36.82
C VAL B 358 32.37 9.82 -36.97
N SER B 359 31.92 8.71 -37.56
CA SER B 359 32.79 7.58 -37.91
C SER B 359 33.78 8.01 -38.97
N VAL B 360 33.30 8.64 -40.05
CA VAL B 360 34.22 9.20 -41.05
C VAL B 360 35.24 10.16 -40.45
N LYS B 361 34.79 11.03 -39.54
CA LYS B 361 35.65 12.00 -38.89
C LYS B 361 36.68 11.35 -37.98
N ALA B 362 36.29 10.26 -37.32
CA ALA B 362 37.24 9.45 -36.50
C ALA B 362 38.35 8.77 -37.34
N HIS B 363 38.00 8.29 -38.53
CA HIS B 363 39.00 7.80 -39.47
C HIS B 363 39.94 8.92 -39.90
N GLU B 364 39.37 10.09 -40.24
CA GLU B 364 40.18 11.25 -40.64
C GLU B 364 41.12 11.72 -39.53
N ALA B 365 40.62 11.81 -38.30
CA ALA B 365 41.43 12.21 -37.16
C ALA B 365 42.59 11.26 -36.92
N VAL B 366 42.32 9.97 -37.08
CA VAL B 366 43.35 8.97 -36.82
C VAL B 366 44.36 8.98 -37.97
N ARG B 367 43.88 9.16 -39.21
CA ARG B 367 44.75 9.32 -40.37
C ARG B 367 45.71 10.52 -40.22
N LEU B 368 45.18 11.68 -39.82
CA LEU B 368 46.00 12.87 -39.54
C LEU B 368 46.95 12.65 -38.36
N ALA B 369 46.49 12.00 -37.31
CA ALA B 369 47.39 11.73 -36.18
C ALA B 369 48.51 10.77 -36.58
N ASN B 370 48.21 9.89 -37.52
CA ASN B 370 49.18 8.92 -38.01
C ASN B 370 50.28 9.61 -38.82
N GLU B 371 49.88 10.59 -39.64
CA GLU B 371 50.78 11.33 -40.53
C GLU B 371 51.35 12.63 -39.92
N TYR B 372 51.11 12.85 -38.63
CA TYR B 372 51.42 14.12 -37.98
C TYR B 372 52.92 14.34 -37.82
N GLN B 373 53.37 15.53 -38.23
CA GLN B 373 54.80 15.87 -38.31
C GLN B 373 55.32 16.72 -37.13
N GLY B 374 54.40 17.23 -36.31
CA GLY B 374 54.78 18.07 -35.17
C GLY B 374 55.05 17.26 -33.93
N ALA B 375 55.36 17.93 -32.84
CA ALA B 375 55.62 17.29 -31.55
C ALA B 375 54.44 16.46 -31.05
N LYS B 376 54.70 15.17 -30.81
CA LYS B 376 53.68 14.21 -30.37
C LYS B 376 53.67 14.10 -28.86
N ALA B 377 52.50 13.79 -28.30
CA ALA B 377 52.33 13.57 -26.88
C ALA B 377 53.16 12.38 -26.43
N ALA B 378 53.51 12.36 -25.14
CA ALA B 378 54.41 11.36 -24.58
C ALA B 378 53.82 9.93 -24.60
N GLY B 379 52.51 9.80 -24.47
CA GLY B 379 51.90 8.49 -24.58
C GLY B 379 51.29 8.22 -25.96
N TYR B 380 51.89 8.75 -27.01
CA TYR B 380 51.36 8.65 -28.40
C TYR B 380 50.98 7.22 -28.84
N ASP B 381 51.90 6.27 -28.66
CA ASP B 381 51.71 4.92 -29.17
C ASP B 381 50.50 4.25 -28.53
N ASP B 382 50.36 4.43 -27.22
CA ASP B 382 49.25 3.88 -26.46
C ASP B 382 47.93 4.56 -26.83
N LEU B 383 47.98 5.88 -27.02
CA LEU B 383 46.81 6.68 -27.41
C LEU B 383 46.30 6.34 -28.80
N MET B 384 47.20 6.00 -29.72
CA MET B 384 46.82 5.60 -31.08
C MET B 384 46.15 4.22 -31.14
N ILE B 385 46.63 3.30 -30.29
CA ILE B 385 46.02 1.98 -30.11
C ILE B 385 44.59 2.15 -29.60
N GLN B 386 44.43 2.98 -28.56
CA GLN B 386 43.12 3.23 -27.99
C GLN B 386 42.20 3.89 -29.01
N ALA B 387 42.71 4.92 -29.69
CA ALA B 387 41.96 5.63 -30.71
C ALA B 387 41.44 4.68 -31.80
N ARG B 388 42.27 3.75 -32.26
CA ARG B 388 41.88 2.79 -33.30
C ARG B 388 40.89 1.74 -32.81
N GLU B 389 41.04 1.32 -31.56
CA GLU B 389 40.06 0.49 -30.88
C GLU B 389 38.67 1.17 -30.85
N MET B 390 38.64 2.47 -30.57
CA MET B 390 37.38 3.22 -30.59
C MET B 390 36.78 3.44 -31.97
N VAL B 391 37.62 3.61 -32.99
CA VAL B 391 37.18 3.67 -34.37
C VAL B 391 36.52 2.32 -34.79
N ARG B 392 37.19 1.23 -34.43
CA ARG B 392 36.76 -0.12 -34.75
C ARG B 392 35.42 -0.46 -34.04
N LYS B 393 35.37 -0.21 -32.74
CA LYS B 393 34.16 -0.43 -31.97
C LYS B 393 32.98 0.42 -32.46
N GLY B 394 33.25 1.71 -32.68
CA GLY B 394 32.24 2.66 -33.14
C GLY B 394 31.64 2.24 -34.45
N GLN B 395 32.48 1.83 -35.40
CA GLN B 395 32.04 1.39 -36.72
C GLN B 395 31.26 0.06 -36.71
N PHE B 396 31.70 -0.92 -35.92
CA PHE B 396 30.96 -2.17 -35.80
C PHE B 396 29.53 -1.94 -35.27
N PHE B 397 29.41 -1.08 -34.27
CA PHE B 397 28.12 -0.70 -33.72
C PHE B 397 27.16 -0.04 -34.76
N TRP B 398 27.63 0.92 -35.56
CA TRP B 398 26.70 1.48 -36.59
C TRP B 398 26.44 0.46 -37.72
N ASP B 399 27.46 -0.29 -38.11
CA ASP B 399 27.33 -1.32 -39.16
C ASP B 399 26.30 -2.36 -38.78
N TYR B 400 26.27 -2.72 -37.49
CA TYR B 400 25.29 -3.67 -36.97
C TYR B 400 23.87 -3.21 -37.27
N VAL B 401 23.60 -1.90 -37.12
CA VAL B 401 22.28 -1.32 -37.40
C VAL B 401 22.09 -1.07 -38.90
N SER B 402 23.08 -0.43 -39.50
CA SER B 402 23.13 -0.12 -40.95
C SER B 402 22.81 -1.35 -41.82
N ALA B 403 23.47 -2.47 -41.53
CA ALA B 403 23.31 -3.69 -42.30
C ALA B 403 21.95 -4.37 -42.12
N GLU B 404 21.29 -4.11 -40.99
CA GLU B 404 20.03 -4.77 -40.67
C GLU B 404 18.86 -4.12 -41.41
N ASN B 405 17.99 -4.94 -41.96
CA ASN B 405 17.09 -4.49 -43.01
C ASN B 405 15.75 -3.86 -42.63
N SER B 406 15.42 -3.80 -41.35
CA SER B 406 14.13 -3.20 -40.94
C SER B 406 14.23 -1.75 -40.48
N VAL B 407 15.41 -1.14 -40.59
CA VAL B 407 15.63 0.26 -40.23
C VAL B 407 15.11 0.55 -38.81
N GLY B 408 15.44 -0.37 -37.89
CA GLY B 408 15.07 -0.23 -36.48
C GLY B 408 13.77 -0.86 -36.01
N PHE B 409 12.89 -1.26 -36.93
CA PHE B 409 11.57 -1.77 -36.54
C PHE B 409 11.59 -3.13 -35.80
N HIS B 410 12.51 -4.03 -36.16
CA HIS B 410 12.60 -5.36 -35.50
C HIS B 410 12.95 -5.23 -34.03
N ASN B 411 13.69 -4.18 -33.68
CA ASN B 411 14.11 -3.95 -32.31
C ASN B 411 14.41 -2.48 -32.10
N PRO B 412 13.37 -1.63 -31.95
CA PRO B 412 13.56 -0.20 -31.85
C PRO B 412 14.57 0.24 -30.81
N ALA B 413 14.42 -0.21 -29.56
CA ALA B 413 15.33 0.21 -28.49
C ALA B 413 16.78 -0.25 -28.66
N LYS B 414 16.99 -1.46 -29.17
CA LYS B 414 18.36 -1.92 -29.46
C LYS B 414 19.00 -1.06 -30.58
N ALA B 415 18.25 -0.78 -31.65
CA ALA B 415 18.79 0.00 -32.76
C ALA B 415 19.28 1.39 -32.34
N LEU B 416 18.44 2.11 -31.60
CA LEU B 416 18.71 3.49 -31.19
C LEU B 416 19.81 3.56 -30.14
N ASP B 417 19.79 2.58 -29.23
CA ASP B 417 20.80 2.45 -28.20
C ASP B 417 22.18 2.14 -28.80
N THR B 418 22.21 1.24 -29.79
CA THR B 418 23.44 0.84 -30.48
C THR B 418 24.03 2.01 -31.28
N LEU B 419 23.16 2.80 -31.93
CA LEU B 419 23.57 3.99 -32.66
C LEU B 419 24.09 5.08 -31.75
N ALA B 420 23.46 5.24 -30.58
CA ALA B 420 23.92 6.20 -29.56
C ALA B 420 25.30 5.86 -29.00
N GLN B 421 25.52 4.59 -28.70
CA GLN B 421 26.83 4.14 -28.25
C GLN B 421 27.90 4.29 -29.34
N SER B 422 27.56 3.91 -30.57
CA SER B 422 28.46 4.08 -31.72
C SER B 422 29.10 5.46 -31.73
N GLN B 423 28.24 6.47 -31.72
CA GLN B 423 28.62 7.88 -31.72
C GLN B 423 29.60 8.26 -30.58
N GLN B 424 29.44 7.61 -29.43
CA GLN B 424 30.29 7.81 -28.25
C GLN B 424 31.69 7.31 -28.50
N PHE B 425 31.78 6.12 -29.09
CA PHE B 425 33.05 5.47 -29.43
C PHE B 425 33.85 6.22 -30.48
N SER B 426 33.24 6.50 -31.63
CA SER B 426 33.88 7.33 -32.67
C SER B 426 34.35 8.70 -32.17
N GLN B 427 33.53 9.37 -31.36
CA GLN B 427 33.93 10.63 -30.75
C GLN B 427 35.15 10.47 -29.85
N LYS B 428 35.23 9.34 -29.12
CA LYS B 428 36.39 9.13 -28.26
C LYS B 428 37.69 8.87 -29.06
N ALA B 429 37.55 8.23 -30.22
CA ALA B 429 38.65 8.07 -31.17
C ALA B 429 39.20 9.43 -31.57
N ILE B 430 38.30 10.36 -31.91
CA ILE B 430 38.66 11.72 -32.32
C ILE B 430 39.39 12.43 -31.17
N ASP B 431 38.84 12.32 -29.96
CA ASP B 431 39.42 12.88 -28.74
C ASP B 431 40.83 12.37 -28.45
N LEU B 432 41.06 11.07 -28.64
CA LEU B 432 42.36 10.46 -28.33
C LEU B 432 43.41 10.83 -29.37
N ALA B 433 43.00 10.90 -30.63
CA ALA B 433 43.90 11.29 -31.71
C ALA B 433 44.34 12.75 -31.57
N MET B 434 43.42 13.61 -31.16
CA MET B 434 43.72 14.98 -30.81
C MET B 434 44.75 15.08 -29.69
N GLU B 435 44.54 14.31 -28.64
CA GLU B 435 45.44 14.24 -27.50
C GLU B 435 46.83 13.77 -27.92
N ALA B 436 46.90 12.75 -28.77
CA ALA B 436 48.17 12.19 -29.24
C ALA B 436 49.07 13.21 -29.97
N THR B 437 48.42 14.22 -30.56
CA THR B 437 49.07 15.23 -31.38
C THR B 437 49.10 16.61 -30.72
N GLN B 438 48.78 16.65 -29.43
CA GLN B 438 48.63 17.89 -28.66
C GLN B 438 47.77 18.91 -29.42
N TYR B 439 46.64 18.43 -29.95
CA TYR B 439 45.64 19.24 -30.67
C TYR B 439 46.14 19.89 -31.96
N GLY B 440 47.36 19.50 -32.39
CA GLY B 440 47.96 19.96 -33.64
C GLY B 440 47.18 19.62 -34.91
N ILE B 441 46.37 18.55 -34.85
CA ILE B 441 45.49 18.19 -35.98
C ILE B 441 44.14 18.93 -35.98
N GLY B 442 43.86 19.68 -34.91
CA GLY B 442 42.57 20.37 -34.70
C GLY B 442 42.08 21.19 -35.87
N LYS B 443 42.98 21.98 -36.45
CA LYS B 443 42.64 22.87 -37.57
C LYS B 443 42.25 22.10 -38.85
N ASP B 444 42.64 20.82 -38.92
CA ASP B 444 42.35 20.00 -40.09
C ASP B 444 40.97 19.33 -39.95
N LEU B 445 40.42 19.37 -38.74
CA LEU B 445 39.16 18.74 -38.39
C LEU B 445 38.01 19.75 -38.17
N SER B 446 38.28 21.03 -38.42
CA SER B 446 37.36 22.13 -38.08
C SER B 446 36.02 22.29 -38.83
N GLY B 447 35.94 21.94 -40.09
CA GLY B 447 34.67 22.25 -40.77
C GLY B 447 33.49 21.29 -40.60
N ASP B 448 32.64 21.28 -41.61
CA ASP B 448 31.69 20.22 -41.85
C ASP B 448 32.50 19.06 -42.48
N ILE B 449 32.27 17.84 -42.01
CA ILE B 449 33.02 16.67 -42.47
C ILE B 449 32.80 16.37 -43.96
N LYS B 450 31.65 16.81 -44.47
CA LYS B 450 31.31 16.63 -45.88
C LYS B 450 32.20 17.41 -46.84
N THR B 451 32.84 18.49 -46.36
CA THR B 451 33.85 19.21 -47.18
C THR B 451 35.29 18.83 -46.84
N ILE B 452 35.55 18.48 -45.58
CA ILE B 452 36.84 17.87 -45.18
C ILE B 452 37.11 16.53 -45.87
N VAL B 453 36.19 15.57 -45.72
CA VAL B 453 36.28 14.27 -46.42
C VAL B 453 35.03 14.13 -47.28
N PRO B 454 35.15 14.43 -48.58
CA PRO B 454 33.96 14.29 -49.42
C PRO B 454 33.47 12.85 -49.54
N PRO B 455 32.14 12.64 -49.60
CA PRO B 455 31.62 11.32 -49.86
C PRO B 455 32.19 10.79 -51.16
N ILE B 456 32.43 9.48 -51.23
CA ILE B 456 32.92 8.84 -52.45
C ILE B 456 31.71 8.21 -53.15
N LEU B 457 31.23 8.87 -54.21
CA LEU B 457 30.04 8.40 -54.92
C LEU B 457 30.33 7.25 -55.87
N LYS B 458 31.46 7.34 -56.56
CA LYS B 458 31.86 6.37 -57.57
C LYS B 458 33.08 5.58 -57.15
N MET B 459 33.00 4.25 -57.29
CA MET B 459 34.17 3.37 -57.16
C MET B 459 33.78 1.99 -57.62
N ASN B 460 34.59 1.42 -58.53
CA ASN B 460 34.50 0.01 -58.88
C ASN B 460 35.87 -0.52 -59.28
N ARG B 461 35.94 -1.83 -59.56
CA ARG B 461 37.20 -2.48 -59.95
C ARG B 461 37.78 -1.98 -61.30
N LYS B 462 36.91 -1.63 -62.25
CA LYS B 462 37.32 -1.02 -63.52
C LYS B 462 37.97 0.37 -63.36
N LEU B 463 37.35 1.23 -62.55
CA LEU B 463 37.83 2.59 -62.28
C LEU B 463 39.13 2.65 -61.46
N GLN B 464 39.32 1.69 -60.57
CA GLN B 464 40.59 1.58 -59.83
C GLN B 464 41.78 1.17 -60.74
N GLN B 465 41.50 0.79 -61.99
CA GLN B 465 42.57 0.57 -62.98
C GLN B 465 43.08 1.89 -63.60
N ASP B 466 42.32 2.96 -63.42
CA ASP B 466 42.56 4.26 -64.08
C ASP B 466 43.35 5.21 -63.18
N PRO B 467 44.61 5.51 -63.53
CA PRO B 467 45.46 6.23 -62.58
C PRO B 467 45.06 7.70 -62.42
N GLU B 468 44.29 8.21 -63.39
CA GLU B 468 43.82 9.59 -63.36
C GLU B 468 42.56 9.76 -62.50
N PHE B 469 41.70 8.73 -62.49
CA PHE B 469 40.59 8.64 -61.55
C PHE B 469 41.09 8.51 -60.12
N MET B 470 42.19 7.79 -59.94
CA MET B 470 42.74 7.56 -58.61
C MET B 470 43.42 8.77 -57.95
N LYS B 471 43.30 9.95 -58.55
CA LYS B 471 43.81 11.19 -57.96
C LYS B 471 42.64 12.10 -57.58
N THR B 472 41.45 11.56 -57.77
CA THR B 472 40.18 12.29 -57.68
C THR B 472 39.66 12.51 -56.23
N HIS B 473 40.25 11.83 -55.25
CA HIS B 473 39.89 11.97 -53.84
C HIS B 473 41.10 11.67 -52.94
N LYS B 474 41.24 12.42 -51.84
CA LYS B 474 42.41 12.29 -50.94
C LYS B 474 42.66 10.88 -50.43
N TRP B 475 41.59 10.14 -50.16
CA TRP B 475 41.69 8.81 -49.57
C TRP B 475 42.11 7.73 -50.57
N PHE B 476 41.94 7.99 -51.87
CA PHE B 476 42.44 7.11 -52.93
C PHE B 476 43.96 6.88 -52.90
N GLN B 477 44.71 7.84 -52.35
CA GLN B 477 46.17 7.75 -52.23
C GLN B 477 46.62 6.52 -51.44
N TYR B 478 45.70 5.97 -50.65
CA TYR B 478 45.97 4.83 -49.77
C TYR B 478 45.63 3.49 -50.44
N LEU B 479 45.11 3.57 -51.66
CA LEU B 479 44.82 2.38 -52.44
C LEU B 479 45.80 2.23 -53.61
N PRO B 480 46.14 0.97 -53.97
CA PRO B 480 46.91 0.69 -55.18
C PRO B 480 46.11 1.03 -56.44
N VAL B 481 46.81 1.42 -57.51
CA VAL B 481 46.20 1.44 -58.84
C VAL B 481 46.25 0.00 -59.34
N LEU B 482 45.08 -0.55 -59.68
CA LEU B 482 44.98 -1.95 -60.07
C LEU B 482 45.55 -2.14 -61.46
N PRO B 483 46.19 -3.30 -61.73
CA PRO B 483 46.66 -3.59 -63.09
C PRO B 483 45.55 -3.47 -64.13
N LYS B 484 45.90 -2.94 -65.29
CA LYS B 484 44.97 -2.91 -66.42
C LYS B 484 44.62 -4.36 -66.79
N ALA B 485 43.31 -4.65 -66.92
CA ALA B 485 42.82 -6.03 -67.12
C ALA B 485 41.45 -6.06 -67.77
N ASP B 486 41.29 -6.96 -68.75
CA ASP B 486 39.98 -7.20 -69.35
C ASP B 486 39.11 -8.04 -68.41
N GLN B 487 37.79 -7.88 -68.54
CA GLN B 487 36.82 -8.67 -67.82
C GLN B 487 36.88 -10.14 -68.24
N VAL B 488 37.16 -11.02 -67.28
CA VAL B 488 37.19 -12.47 -67.50
C VAL B 488 35.78 -13.07 -67.52
N TRP B 489 34.94 -12.60 -66.60
CA TRP B 489 33.61 -13.15 -66.39
C TRP B 489 32.51 -12.14 -66.69
N ASP B 490 31.55 -12.55 -67.50
CA ASP B 490 30.31 -11.79 -67.64
C ASP B 490 29.10 -12.61 -67.17
N GLY B 491 28.76 -12.47 -65.89
CA GLY B 491 27.75 -13.32 -65.28
C GLY B 491 28.29 -14.72 -65.15
N GLN B 492 27.68 -15.65 -65.88
CA GLN B 492 28.16 -17.03 -65.99
C GLN B 492 29.05 -17.25 -67.20
N LYS B 493 29.12 -16.24 -68.07
CA LYS B 493 29.79 -16.36 -69.37
C LYS B 493 31.26 -15.95 -69.28
N ARG B 494 32.13 -16.88 -69.67
CA ARG B 494 33.57 -16.62 -69.65
C ARG B 494 34.06 -15.93 -70.94
N LEU B 495 34.71 -14.79 -70.76
CA LEU B 495 35.14 -13.95 -71.88
C LEU B 495 36.59 -14.17 -72.31
N VAL B 496 37.44 -14.54 -71.35
CA VAL B 496 38.85 -14.85 -71.63
C VAL B 496 39.17 -16.24 -71.13
N SER B 497 40.17 -16.87 -71.75
CA SER B 497 40.49 -18.27 -71.55
C SER B 497 41.38 -18.48 -70.31
N ALA B 498 41.15 -19.61 -69.64
CA ALA B 498 41.97 -20.02 -68.50
C ALA B 498 43.24 -20.72 -68.96
N LYS C 14 -59.32 -38.72 -29.36
CA LYS C 14 -57.98 -39.39 -29.43
C LYS C 14 -57.13 -38.85 -30.59
N LEU C 15 -57.72 -37.98 -31.41
CA LEU C 15 -56.97 -37.21 -32.41
C LEU C 15 -56.55 -35.84 -31.86
N VAL C 16 -56.60 -35.73 -30.53
CA VAL C 16 -56.03 -34.61 -29.78
C VAL C 16 -54.78 -35.09 -29.01
N LEU C 17 -54.87 -36.29 -28.45
CA LEU C 17 -53.71 -36.93 -27.80
C LEU C 17 -52.62 -37.37 -28.79
N GLY C 18 -52.93 -37.31 -30.09
CA GLY C 18 -51.96 -37.57 -31.15
C GLY C 18 -51.42 -36.29 -31.78
N GLY C 19 -52.17 -35.19 -31.59
CA GLY C 19 -51.75 -33.87 -32.06
C GLY C 19 -50.97 -33.09 -31.02
N ALA C 20 -51.20 -33.44 -29.74
CA ALA C 20 -50.41 -32.91 -28.64
C ALA C 20 -49.06 -33.62 -28.53
N THR C 21 -48.97 -34.82 -29.09
CA THR C 21 -47.69 -35.55 -29.15
C THR C 21 -46.83 -35.09 -30.33
N LEU C 22 -47.43 -34.37 -31.27
CA LEU C 22 -46.67 -33.73 -32.36
C LEU C 22 -46.06 -32.42 -31.87
N GLY C 23 -46.84 -31.65 -31.11
CA GLY C 23 -46.41 -30.36 -30.55
C GLY C 23 -45.30 -30.42 -29.51
N VAL C 24 -45.27 -31.51 -28.73
CA VAL C 24 -44.24 -31.70 -27.71
C VAL C 24 -43.03 -32.51 -28.23
N VAL C 25 -43.02 -32.80 -29.53
CA VAL C 25 -41.87 -33.41 -30.21
C VAL C 25 -41.35 -32.42 -31.26
N ALA C 26 -42.22 -31.53 -31.70
CA ALA C 26 -41.84 -30.45 -32.62
C ALA C 26 -41.23 -29.26 -31.90
N LEU C 27 -41.48 -29.14 -30.60
CA LEU C 27 -40.83 -28.09 -29.80
C LEU C 27 -39.57 -28.62 -29.11
N ALA C 28 -39.59 -29.90 -28.76
CA ALA C 28 -38.43 -30.58 -28.19
C ALA C 28 -37.31 -30.76 -29.23
N THR C 29 -37.69 -30.80 -30.51
CA THR C 29 -36.72 -30.88 -31.60
C THR C 29 -36.18 -29.49 -31.95
N VAL C 30 -37.07 -28.50 -32.06
CA VAL C 30 -36.65 -27.11 -32.30
C VAL C 30 -35.80 -26.57 -31.14
N ALA C 31 -36.16 -26.94 -29.91
CA ALA C 31 -35.37 -26.55 -28.73
C ALA C 31 -33.97 -27.19 -28.71
N PHE C 32 -33.88 -28.48 -29.02
CA PHE C 32 -32.59 -29.17 -29.04
C PHE C 32 -31.73 -28.69 -30.21
N GLY C 33 -32.36 -28.50 -31.38
CA GLY C 33 -31.68 -28.06 -32.60
C GLY C 33 -31.15 -26.63 -32.51
N MET C 34 -31.85 -25.80 -31.75
CA MET C 34 -31.40 -24.45 -31.47
C MET C 34 -30.16 -24.37 -30.57
N LYS C 35 -30.12 -25.21 -29.53
CA LYS C 35 -28.94 -25.32 -28.66
C LYS C 35 -27.75 -26.01 -29.34
N TYR C 36 -28.01 -27.03 -30.16
CA TYR C 36 -26.94 -27.67 -30.92
C TYR C 36 -26.21 -26.68 -31.82
N THR C 37 -26.96 -25.85 -32.53
CA THR C 37 -26.37 -24.91 -33.48
C THR C 37 -25.87 -23.62 -32.81
N ASP C 38 -25.77 -23.66 -31.48
CA ASP C 38 -25.10 -22.64 -30.68
C ASP C 38 -23.67 -23.04 -30.35
N GLN C 39 -23.31 -24.27 -30.68
CA GLN C 39 -22.13 -24.86 -30.07
C GLN C 39 -20.92 -25.14 -30.97
N ARG C 40 -19.79 -25.33 -30.31
CA ARG C 40 -18.50 -25.40 -30.98
C ARG C 40 -18.39 -26.47 -32.07
N PRO C 41 -18.88 -27.71 -31.84
CA PRO C 41 -18.77 -28.70 -32.91
C PRO C 41 -19.57 -28.31 -34.16
N PHE C 42 -20.72 -27.67 -33.97
CA PHE C 42 -21.52 -27.18 -35.09
C PHE C 42 -20.86 -26.01 -35.82
N CYS C 43 -20.40 -25.01 -35.05
CA CYS C 43 -19.71 -23.84 -35.63
C CYS C 43 -18.43 -24.21 -36.37
N THR C 44 -17.64 -25.10 -35.81
CA THR C 44 -16.34 -25.42 -36.39
C THR C 44 -16.43 -26.51 -37.44
N SER C 45 -17.65 -26.87 -37.83
CA SER C 45 -17.89 -27.82 -38.92
C SER C 45 -17.45 -27.23 -40.26
N CYS C 46 -17.35 -25.91 -40.32
CA CYS C 46 -16.64 -25.23 -41.40
C CYS C 46 -15.19 -24.95 -40.99
N HIS C 47 -14.24 -25.41 -41.80
CA HIS C 47 -12.84 -25.36 -41.46
C HIS C 47 -12.29 -23.92 -41.33
N ILE C 48 -12.94 -22.97 -41.98
CA ILE C 48 -12.61 -21.55 -41.85
C ILE C 48 -12.83 -21.07 -40.39
N MET C 49 -13.69 -21.79 -39.68
CA MET C 49 -13.97 -21.47 -38.28
C MET C 49 -13.07 -22.15 -37.23
N ASN C 50 -12.03 -22.89 -37.60
CA ASN C 50 -11.35 -23.53 -36.48
C ASN C 50 -10.20 -22.86 -35.72
N PRO C 51 -9.60 -21.78 -36.27
CA PRO C 51 -8.80 -20.94 -35.39
C PRO C 51 -9.62 -20.34 -34.25
N VAL C 52 -10.81 -19.82 -34.54
CA VAL C 52 -11.66 -19.37 -33.43
C VAL C 52 -12.09 -20.52 -32.53
N GLY C 53 -12.25 -21.72 -33.11
CA GLY C 53 -12.60 -22.92 -32.35
C GLY C 53 -11.49 -23.43 -31.43
N VAL C 54 -10.27 -23.48 -31.97
CA VAL C 54 -9.08 -23.83 -31.16
C VAL C 54 -8.92 -22.82 -30.01
N THR C 55 -8.90 -21.53 -30.34
CA THR C 55 -8.77 -20.49 -29.32
C THR C 55 -9.91 -20.44 -28.27
N HIS C 56 -11.14 -20.79 -28.67
CA HIS C 56 -12.25 -20.98 -27.73
C HIS C 56 -11.98 -22.12 -26.74
N LYS C 57 -11.62 -23.29 -27.26
CA LYS C 57 -11.34 -24.49 -26.45
C LYS C 57 -10.12 -24.33 -25.51
N LEU C 58 -9.20 -23.45 -25.87
CA LEU C 58 -7.98 -23.19 -25.10
C LEU C 58 -8.19 -22.15 -23.98
N SER C 59 -9.31 -21.43 -24.05
CA SER C 59 -9.57 -20.24 -23.22
C SER C 59 -10.38 -20.52 -21.96
N GLY C 60 -10.50 -19.51 -21.11
CA GLY C 60 -11.34 -19.57 -19.91
C GLY C 60 -12.82 -19.71 -20.22
N HIS C 61 -13.22 -19.39 -21.45
CA HIS C 61 -14.58 -19.58 -21.91
C HIS C 61 -14.86 -20.86 -22.69
N ALA C 62 -13.91 -21.80 -22.71
CA ALA C 62 -14.07 -23.11 -23.37
C ALA C 62 -15.42 -23.84 -23.13
N ASN C 63 -15.94 -23.75 -21.91
CA ASN C 63 -17.14 -24.48 -21.52
C ASN C 63 -18.45 -23.67 -21.59
N ILE C 64 -18.41 -22.50 -22.22
CA ILE C 64 -19.64 -21.82 -22.61
C ILE C 64 -19.70 -21.93 -24.14
N SER C 65 -20.89 -21.88 -24.72
CA SER C 65 -21.03 -22.01 -26.16
C SER C 65 -20.60 -20.73 -26.87
N CYS C 66 -20.37 -20.86 -28.17
CA CYS C 66 -20.11 -19.75 -29.07
C CYS C 66 -21.21 -18.68 -28.98
N ASN C 67 -22.48 -19.09 -29.05
CA ASN C 67 -23.59 -18.14 -29.03
C ASN C 67 -23.96 -17.57 -27.66
N ASP C 68 -23.32 -18.07 -26.60
CA ASP C 68 -23.37 -17.36 -25.31
C ASP C 68 -22.71 -15.99 -25.41
N CYS C 69 -21.76 -15.83 -26.34
CA CYS C 69 -21.23 -14.51 -26.66
C CYS C 69 -21.77 -13.94 -27.94
N HIS C 70 -21.87 -14.78 -28.97
CA HIS C 70 -22.13 -14.33 -30.33
C HIS C 70 -23.58 -14.03 -30.76
N ALA C 71 -24.57 -14.40 -29.96
CA ALA C 71 -25.96 -14.12 -30.29
C ALA C 71 -26.66 -13.54 -29.07
N PRO C 72 -27.77 -12.81 -29.28
CA PRO C 72 -28.60 -12.34 -28.19
C PRO C 72 -29.14 -13.49 -27.33
N HIS C 73 -29.18 -13.29 -26.02
CA HIS C 73 -29.73 -14.27 -25.10
C HIS C 73 -31.25 -14.26 -25.15
N ASN C 74 -31.82 -13.05 -25.32
CA ASN C 74 -33.26 -12.87 -25.48
C ASN C 74 -33.81 -13.61 -26.68
N LEU C 75 -34.79 -14.49 -26.45
CA LEU C 75 -35.24 -15.49 -27.42
C LEU C 75 -35.94 -14.93 -28.67
N LEU C 76 -36.65 -13.82 -28.50
CA LEU C 76 -37.27 -13.09 -29.60
C LEU C 76 -36.23 -12.41 -30.49
N ALA C 77 -35.07 -12.08 -29.90
CA ALA C 77 -33.98 -11.45 -30.65
C ALA C 77 -33.04 -12.48 -31.27
N LYS C 78 -32.87 -13.61 -30.57
CA LYS C 78 -31.91 -14.66 -30.92
C LYS C 78 -32.27 -15.45 -32.18
N LEU C 79 -33.51 -15.93 -32.27
CA LEU C 79 -34.01 -16.67 -33.45
C LEU C 79 -33.77 -15.99 -34.81
N PRO C 80 -34.29 -14.75 -35.01
CA PRO C 80 -33.95 -14.05 -36.26
C PRO C 80 -32.45 -13.87 -36.48
N PHE C 81 -31.71 -13.55 -35.42
CA PHE C 81 -30.26 -13.30 -35.52
C PHE C 81 -29.49 -14.51 -36.02
N LYS C 82 -29.76 -15.68 -35.43
CA LYS C 82 -29.11 -16.93 -35.77
C LYS C 82 -29.35 -17.31 -37.23
N ALA C 83 -30.58 -17.06 -37.69
CA ALA C 83 -30.98 -17.38 -39.06
C ALA C 83 -30.28 -16.49 -40.10
N ILE C 84 -30.34 -15.17 -39.86
CA ILE C 84 -29.65 -14.17 -40.69
C ILE C 84 -28.13 -14.35 -40.70
N ALA C 85 -27.55 -14.60 -39.53
CA ALA C 85 -26.10 -14.85 -39.40
C ALA C 85 -25.69 -16.15 -40.09
N GLY C 86 -26.47 -17.21 -39.87
CA GLY C 86 -26.29 -18.49 -40.57
C GLY C 86 -26.43 -18.40 -42.08
N ALA C 87 -27.39 -17.62 -42.56
CA ALA C 87 -27.59 -17.43 -44.00
C ALA C 87 -26.36 -16.81 -44.66
N ARG C 88 -25.92 -15.66 -44.16
CA ARG C 88 -24.74 -14.99 -44.72
C ARG C 88 -23.42 -15.76 -44.56
N ASP C 89 -23.29 -16.55 -43.49
CA ASP C 89 -22.10 -17.37 -43.29
C ASP C 89 -22.06 -18.55 -44.27
N VAL C 90 -23.23 -19.13 -44.53
CA VAL C 90 -23.37 -20.19 -45.54
C VAL C 90 -23.11 -19.64 -46.96
N TYR C 91 -23.64 -18.46 -47.25
CA TYR C 91 -23.36 -17.81 -48.53
C TYR C 91 -21.87 -17.52 -48.73
N MET C 92 -21.19 -17.00 -47.70
CA MET C 92 -19.76 -16.64 -47.81
C MET C 92 -18.85 -17.87 -47.93
N ASN C 93 -19.31 -18.97 -47.38
CA ASN C 93 -18.57 -20.21 -47.43
C ASN C 93 -18.79 -20.98 -48.75
N THR C 94 -19.81 -20.60 -49.51
CA THR C 94 -20.17 -21.30 -50.75
C THR C 94 -20.03 -20.43 -52.00
N LEU C 95 -20.70 -19.27 -52.02
CA LEU C 95 -20.71 -18.42 -53.21
C LEU C 95 -19.92 -17.13 -53.03
N GLY C 96 -19.54 -16.85 -51.80
CA GLY C 96 -18.69 -15.70 -51.52
C GLY C 96 -17.22 -16.05 -51.60
N HIS C 97 -16.41 -15.02 -51.47
CA HIS C 97 -14.96 -15.15 -51.47
CA HIS C 97 -14.95 -15.16 -51.45
C HIS C 97 -14.40 -14.41 -50.24
N PRO C 98 -14.28 -15.11 -49.08
CA PRO C 98 -13.73 -14.44 -47.89
C PRO C 98 -12.27 -14.04 -48.12
N GLY C 99 -11.85 -12.91 -47.55
CA GLY C 99 -10.46 -12.47 -47.65
C GLY C 99 -9.49 -13.18 -46.72
N ASP C 100 -8.28 -12.62 -46.62
CA ASP C 100 -7.26 -13.12 -45.71
C ASP C 100 -7.55 -12.76 -44.26
N LEU C 101 -8.27 -11.67 -44.05
CA LEU C 101 -8.72 -11.23 -42.74
C LEU C 101 -10.21 -11.47 -42.56
N ILE C 102 -10.56 -12.24 -41.52
CA ILE C 102 -11.95 -12.42 -41.11
C ILE C 102 -12.16 -11.60 -39.84
N LEU C 103 -12.98 -10.56 -39.93
CA LEU C 103 -13.24 -9.75 -38.77
C LEU C 103 -14.74 -9.51 -38.56
N ALA C 104 -15.10 -9.33 -37.29
CA ALA C 104 -16.48 -9.12 -36.86
C ALA C 104 -17.01 -7.75 -37.30
N GLY C 105 -18.31 -7.69 -37.58
CA GLY C 105 -18.97 -6.43 -37.94
C GLY C 105 -19.41 -5.65 -36.72
N MET C 106 -19.94 -4.44 -36.92
CA MET C 106 -20.45 -3.63 -35.79
C MET C 106 -21.56 -4.35 -35.02
N GLU C 107 -22.45 -4.98 -35.77
CA GLU C 107 -23.53 -5.79 -35.23
C GLU C 107 -23.05 -6.83 -34.21
N THR C 108 -22.01 -7.59 -34.56
CA THR C 108 -21.54 -8.65 -33.69
C THR C 108 -20.64 -8.13 -32.56
N LYS C 109 -19.98 -7.00 -32.76
CA LYS C 109 -19.20 -6.33 -31.70
C LYS C 109 -20.11 -5.85 -30.58
N GLU C 110 -21.32 -5.44 -30.96
CA GLU C 110 -22.28 -4.89 -30.03
C GLU C 110 -23.03 -6.00 -29.29
N VAL C 111 -23.34 -7.11 -29.97
CA VAL C 111 -23.96 -8.26 -29.26
C VAL C 111 -22.96 -9.00 -28.34
N VAL C 112 -21.74 -9.22 -28.79
CA VAL C 112 -20.72 -9.81 -27.92
C VAL C 112 -20.54 -8.95 -26.67
N ASN C 113 -20.44 -7.64 -26.85
CA ASN C 113 -20.19 -6.76 -25.72
C ASN C 113 -21.32 -6.74 -24.70
N ALA C 114 -22.56 -6.78 -25.18
CA ALA C 114 -23.72 -6.83 -24.28
C ALA C 114 -23.74 -8.12 -23.47
N ASN C 115 -23.16 -9.18 -24.03
CA ASN C 115 -23.10 -10.45 -23.34
C ASN C 115 -22.02 -10.52 -22.26
N CYS C 116 -20.91 -9.78 -22.45
CA CYS C 116 -19.92 -9.55 -21.41
C CYS C 116 -20.56 -8.98 -20.16
N LYS C 117 -21.35 -7.92 -20.35
CA LYS C 117 -22.13 -7.32 -19.25
C LYS C 117 -23.20 -8.26 -18.63
N ALA C 118 -23.80 -9.14 -19.41
CA ALA C 118 -24.83 -10.05 -18.90
C ALA C 118 -24.28 -11.03 -17.87
N CYS C 119 -23.10 -11.57 -18.14
CA CYS C 119 -22.47 -12.49 -17.21
C CYS C 119 -21.49 -11.86 -16.21
N HIS C 120 -21.09 -10.60 -16.41
CA HIS C 120 -20.08 -9.97 -15.54
C HIS C 120 -20.46 -8.62 -14.94
N THR C 121 -21.76 -8.36 -14.86
CA THR C 121 -22.27 -7.18 -14.18
C THR C 121 -21.63 -6.99 -12.79
N MET C 122 -21.64 -8.03 -11.97
CA MET C 122 -21.29 -7.86 -10.56
C MET C 122 -19.83 -7.44 -10.27
N THR C 123 -18.88 -7.94 -11.07
CA THR C 123 -17.50 -7.44 -11.03
C THR C 123 -17.43 -5.92 -11.23
N ASN C 124 -18.27 -5.42 -12.15
CA ASN C 124 -18.22 -4.06 -12.66
C ASN C 124 -19.20 -3.03 -12.05
N VAL C 125 -20.04 -3.43 -11.09
CA VAL C 125 -21.17 -2.59 -10.60
C VAL C 125 -20.84 -1.25 -9.96
N GLU C 126 -19.65 -1.13 -9.38
CA GLU C 126 -19.33 0.08 -8.64
C GLU C 126 -18.36 1.02 -9.36
N VAL C 127 -18.22 0.79 -10.66
CA VAL C 127 -17.12 1.36 -11.44
C VAL C 127 -17.66 1.77 -12.80
N ALA C 128 -17.09 2.84 -13.40
CA ALA C 128 -17.53 3.30 -14.73
C ALA C 128 -16.77 2.64 -15.89
N SER C 129 -16.64 1.30 -15.84
CA SER C 129 -15.93 0.53 -16.88
C SER C 129 -16.56 0.49 -18.29
N MET C 130 -17.77 1.01 -18.46
CA MET C 130 -18.34 1.11 -19.81
C MET C 130 -18.03 2.45 -20.49
N GLU C 131 -17.44 3.40 -19.75
CA GLU C 131 -17.33 4.80 -20.20
C GLU C 131 -16.07 5.16 -20.99
N ALA C 132 -14.90 4.66 -20.59
CA ALA C 132 -13.63 5.03 -21.24
C ALA C 132 -13.44 4.26 -22.52
N LYS C 133 -13.44 2.93 -22.38
CA LYS C 133 -13.31 2.03 -23.52
C LYS C 133 -14.70 1.68 -24.06
N LYS C 134 -14.82 1.77 -25.37
CA LYS C 134 -16.01 1.42 -26.09
C LYS C 134 -16.48 -0.01 -25.82
N TYR C 135 -15.55 -0.95 -25.74
CA TYR C 135 -15.85 -2.38 -25.53
C TYR C 135 -15.06 -2.95 -24.35
N CYS C 136 -15.60 -3.94 -23.68
CA CYS C 136 -14.90 -4.61 -22.56
C CYS C 136 -13.54 -5.17 -22.99
N THR C 137 -13.51 -5.73 -24.20
CA THR C 137 -12.33 -6.35 -24.81
C THR C 137 -11.24 -5.35 -25.25
N ASP C 138 -11.49 -4.04 -25.14
CA ASP C 138 -10.41 -3.09 -25.33
C ASP C 138 -9.38 -3.24 -24.22
N CYS C 139 -9.81 -3.67 -23.03
CA CYS C 139 -8.87 -4.07 -21.99
C CYS C 139 -8.63 -5.57 -21.89
N HIS C 140 -9.67 -6.37 -22.11
CA HIS C 140 -9.58 -7.83 -22.02
C HIS C 140 -9.37 -8.41 -23.41
N ARG C 141 -8.24 -8.03 -23.98
CA ARG C 141 -7.95 -8.18 -25.40
C ARG C 141 -7.91 -9.63 -25.88
N ASN C 142 -7.40 -10.52 -25.04
CA ASN C 142 -7.23 -11.92 -25.45
C ASN C 142 -8.51 -12.75 -25.33
N VAL C 143 -9.58 -12.16 -24.81
CA VAL C 143 -10.90 -12.79 -24.83
C VAL C 143 -11.37 -12.82 -26.29
N GLN C 144 -10.92 -11.84 -27.06
CA GLN C 144 -11.01 -11.89 -28.51
C GLN C 144 -10.04 -12.91 -29.14
N HIS C 145 -10.26 -14.19 -28.84
CA HIS C 145 -9.60 -15.31 -29.50
C HIS C 145 -8.04 -15.28 -29.48
N MET C 146 -7.49 -14.86 -28.35
CA MET C 146 -6.05 -14.89 -28.13
C MET C 146 -5.27 -14.27 -29.29
N ARG C 147 -5.70 -13.10 -29.73
CA ARG C 147 -5.19 -12.49 -30.97
C ARG C 147 -3.74 -12.00 -30.92
N MET C 148 -3.18 -11.90 -29.70
CA MET C 148 -1.82 -11.36 -29.49
C MET C 148 -0.74 -12.46 -29.42
N LYS C 149 -1.18 -13.71 -29.41
CA LYS C 149 -0.27 -14.87 -29.39
C LYS C 149 0.31 -15.22 -30.78
N PRO C 150 1.54 -15.82 -30.81
CA PRO C 150 2.10 -16.14 -32.15
C PRO C 150 1.19 -17.00 -33.02
N ILE C 151 1.25 -16.79 -34.33
CA ILE C 151 0.31 -17.40 -35.26
C ILE C 151 0.26 -18.93 -35.10
N SER C 152 1.42 -19.58 -34.96
CA SER C 152 1.50 -21.05 -34.82
C SER C 152 0.70 -21.69 -33.66
N THR C 153 0.32 -20.89 -32.67
CA THR C 153 -0.45 -21.36 -31.51
C THR C 153 -1.95 -21.40 -31.83
N ARG C 154 -2.30 -20.95 -33.03
CA ARG C 154 -3.67 -20.66 -33.41
C ARG C 154 -3.99 -21.25 -34.77
N GLU C 155 -2.99 -21.27 -35.64
CA GLU C 155 -3.25 -21.43 -37.08
C GLU C 155 -2.35 -22.42 -37.81
N VAL C 156 -2.94 -23.16 -38.76
CA VAL C 156 -2.24 -24.06 -39.67
C VAL C 156 -2.80 -23.88 -41.08
N ALA C 157 -2.06 -24.38 -42.08
CA ALA C 157 -2.52 -24.34 -43.47
C ALA C 157 -3.74 -25.25 -43.67
N ASP C 158 -4.65 -24.84 -44.54
CA ASP C 158 -5.92 -25.54 -44.73
C ASP C 158 -5.74 -26.96 -45.21
N GLY D 2 -31.26 -29.87 -24.26
CA GLY D 2 -30.12 -30.03 -25.22
C GLY D 2 -28.85 -30.60 -24.61
N CYS D 3 -27.75 -30.51 -25.37
CA CYS D 3 -26.45 -30.94 -24.89
C CYS D 3 -25.77 -29.88 -24.00
N SER D 4 -24.91 -30.34 -23.10
CA SER D 4 -24.02 -29.46 -22.35
C SER D 4 -22.89 -29.03 -23.27
N ASP D 5 -22.39 -27.81 -23.05
CA ASP D 5 -21.20 -27.35 -23.74
C ASP D 5 -19.96 -27.37 -22.84
N VAL D 6 -20.09 -27.99 -21.66
CA VAL D 6 -18.96 -28.32 -20.81
C VAL D 6 -18.26 -29.55 -21.41
N SER D 7 -17.50 -29.30 -22.48
CA SER D 7 -16.79 -30.34 -23.18
C SER D 7 -15.47 -30.72 -22.49
N THR D 8 -14.90 -29.77 -21.74
CA THR D 8 -13.66 -30.01 -21.02
C THR D 8 -14.02 -30.30 -19.57
N GLU D 9 -13.69 -31.51 -19.12
CA GLU D 9 -14.05 -31.97 -17.78
C GLU D 9 -12.88 -31.85 -16.85
N LEU D 10 -13.16 -31.48 -15.60
CA LEU D 10 -12.13 -31.31 -14.59
C LEU D 10 -11.60 -32.66 -14.10
N LYS D 11 -10.30 -32.86 -14.27
CA LYS D 11 -9.63 -34.05 -13.78
C LYS D 11 -8.39 -33.65 -13.04
N THR D 12 -8.05 -34.41 -12.01
CA THR D 12 -6.77 -34.23 -11.33
C THR D 12 -5.64 -34.58 -12.30
N PRO D 13 -4.77 -33.61 -12.60
CA PRO D 13 -3.61 -33.87 -13.46
C PRO D 13 -2.87 -35.16 -13.08
N VAL D 14 -2.57 -35.95 -14.09
CA VAL D 14 -1.66 -37.08 -13.96
C VAL D 14 -0.45 -36.75 -14.82
N TYR D 15 0.73 -37.18 -14.40
CA TYR D 15 1.98 -36.90 -15.11
C TYR D 15 2.82 -38.14 -15.32
N LYS D 16 3.40 -38.24 -16.51
CA LYS D 16 4.41 -39.24 -16.81
C LYS D 16 5.53 -38.53 -17.55
N THR D 17 6.67 -38.37 -16.87
CA THR D 17 7.79 -37.62 -17.42
C THR D 17 8.78 -38.52 -18.16
N LYS D 18 9.81 -37.90 -18.72
CA LYS D 18 10.88 -38.63 -19.41
C LYS D 18 12.07 -38.89 -18.49
N LEU D 19 11.99 -38.36 -17.27
CA LEU D 19 13.11 -38.41 -16.32
C LEU D 19 13.27 -39.77 -15.64
N THR D 20 14.48 -40.03 -15.13
CA THR D 20 14.80 -41.28 -14.43
C THR D 20 14.42 -41.22 -12.95
N ALA D 21 14.29 -42.41 -12.35
CA ALA D 21 13.89 -42.58 -10.96
C ALA D 21 14.81 -41.86 -9.96
N GLU D 22 16.03 -41.58 -10.40
CA GLU D 22 17.10 -41.07 -9.54
C GLU D 22 17.52 -39.66 -9.91
N GLU D 23 16.82 -39.05 -10.85
CA GLU D 23 17.06 -37.69 -11.29
C GLU D 23 16.96 -36.68 -10.14
N ILE D 24 18.01 -35.88 -9.97
CA ILE D 24 18.04 -34.84 -8.92
C ILE D 24 18.42 -33.43 -9.40
N ARG D 25 18.82 -33.30 -10.66
CA ARG D 25 19.18 -32.00 -11.20
C ARG D 25 17.93 -31.17 -11.44
N ASN D 26 17.99 -29.91 -11.02
CA ASN D 26 16.87 -29.00 -11.19
C ASN D 26 16.65 -28.67 -12.66
N SER D 27 17.77 -28.40 -13.36
CA SER D 27 17.78 -28.10 -14.79
C SER D 27 17.07 -29.14 -15.66
N ALA D 28 17.04 -30.39 -15.18
CA ALA D 28 16.39 -31.50 -15.91
C ALA D 28 14.87 -31.38 -15.95
N PHE D 29 14.30 -30.74 -14.93
CA PHE D 29 12.86 -30.58 -14.77
C PHE D 29 12.30 -29.43 -15.62
N LYS D 30 13.17 -28.46 -15.93
CA LYS D 30 12.81 -27.26 -16.67
C LYS D 30 12.16 -27.46 -18.08
N PRO D 31 12.65 -28.43 -18.89
CA PRO D 31 11.96 -28.78 -20.14
C PRO D 31 10.53 -29.27 -19.98
N GLU D 32 10.27 -30.13 -19.00
CA GLU D 32 8.93 -30.71 -18.82
C GLU D 32 7.92 -29.77 -18.12
N PHE D 33 8.42 -28.90 -17.25
CA PHE D 33 7.57 -28.00 -16.45
C PHE D 33 8.06 -26.54 -16.45
N PRO D 34 8.04 -25.87 -17.61
CA PRO D 34 8.60 -24.54 -17.70
C PRO D 34 7.83 -23.48 -16.88
N LYS D 35 6.53 -23.69 -16.64
CA LYS D 35 5.76 -22.75 -15.82
C LYS D 35 6.15 -22.75 -14.34
N GLN D 36 6.25 -23.94 -13.74
CA GLN D 36 6.57 -24.09 -12.31
C GLN D 36 8.01 -23.75 -12.10
N TYR D 37 8.81 -24.07 -13.10
CA TYR D 37 10.22 -23.74 -13.09
C TYR D 37 10.42 -22.22 -13.13
N ALA D 38 9.74 -21.56 -14.05
CA ALA D 38 9.83 -20.10 -14.10
C ALA D 38 9.36 -19.45 -12.80
N SER D 39 8.43 -20.11 -12.09
CA SER D 39 7.94 -19.68 -10.77
C SER D 39 9.04 -19.82 -9.70
N TYR D 40 9.67 -20.99 -9.68
CA TYR D 40 10.79 -21.35 -8.83
C TYR D 40 11.95 -20.35 -8.95
N GLU D 41 12.12 -19.80 -10.14
CA GLU D 41 13.17 -18.81 -10.39
C GLU D 41 12.95 -17.46 -9.72
N ARG D 42 11.73 -17.15 -9.33
CA ARG D 42 11.42 -15.90 -8.63
C ARG D 42 12.12 -15.84 -7.26
N ASN D 43 12.45 -17.00 -6.69
CA ASN D 43 13.21 -17.09 -5.44
C ASN D 43 14.60 -16.44 -5.49
N ASP D 44 15.01 -16.02 -6.69
CA ASP D 44 16.29 -15.31 -6.87
C ASP D 44 16.21 -13.86 -6.42
N GLU D 45 15.01 -13.31 -6.37
CA GLU D 45 14.81 -11.95 -5.88
C GLU D 45 15.24 -11.86 -4.39
N THR D 46 16.23 -11.02 -4.12
CA THR D 46 16.86 -10.88 -2.80
C THR D 46 17.05 -9.40 -2.43
N THR D 47 16.08 -8.56 -2.77
CA THR D 47 16.20 -7.11 -2.55
C THR D 47 15.03 -6.52 -1.77
N VAL D 48 13.93 -7.28 -1.68
CA VAL D 48 12.68 -6.80 -1.10
C VAL D 48 12.55 -7.19 0.37
N MET D 49 12.26 -6.20 1.22
CA MET D 49 11.89 -6.41 2.63
C MET D 49 10.41 -6.14 2.88
N THR D 50 9.85 -6.78 3.88
CA THR D 50 8.54 -6.40 4.38
C THR D 50 8.84 -5.68 5.70
N GLU D 51 7.87 -5.59 6.60
CA GLU D 51 8.12 -4.95 7.88
C GLU D 51 9.18 -5.69 8.71
N TYR D 52 8.98 -6.98 8.97
CA TYR D 52 9.88 -7.72 9.85
C TYR D 52 10.75 -8.73 9.13
N LYS D 53 10.34 -9.08 7.90
CA LYS D 53 10.98 -10.15 7.16
C LYS D 53 11.36 -9.71 5.76
N GLY D 54 11.54 -10.66 4.85
CA GLY D 54 12.02 -10.31 3.53
C GLY D 54 13.22 -11.11 3.10
N SER D 55 13.73 -10.79 1.92
CA SER D 55 14.69 -11.66 1.22
C SER D 55 16.10 -11.11 1.22
N VAL D 56 16.34 -10.06 2.00
CA VAL D 56 17.70 -9.53 2.10
C VAL D 56 18.43 -10.23 3.26
N PRO D 57 19.54 -10.96 2.96
CA PRO D 57 20.23 -11.76 3.97
C PRO D 57 21.10 -10.91 4.88
N PHE D 58 20.47 -9.96 5.56
CA PHE D 58 21.14 -9.10 6.52
C PHE D 58 21.52 -9.87 7.79
N ASN D 59 22.51 -9.36 8.51
CA ASN D 59 22.99 -9.96 9.74
C ASN D 59 22.03 -9.64 10.87
N LYS D 60 21.55 -10.68 11.55
CA LYS D 60 20.37 -10.55 12.40
C LYS D 60 20.59 -9.88 13.74
N ASN D 61 21.86 -9.72 14.11
CA ASN D 61 22.22 -9.05 15.36
C ASN D 61 22.49 -7.57 15.14
N ASP D 62 22.39 -7.13 13.89
CA ASP D 62 22.89 -5.82 13.48
C ASP D 62 21.77 -4.81 13.20
N ASN D 63 21.63 -3.84 14.10
CA ASN D 63 20.68 -2.72 13.92
C ASN D 63 21.36 -1.36 13.97
N VAL D 64 22.63 -1.33 13.58
CA VAL D 64 23.44 -0.12 13.54
C VAL D 64 23.64 0.29 12.08
N ASN D 65 24.00 -0.69 11.26
CA ASN D 65 24.29 -0.46 9.85
C ASN D 65 23.04 -0.59 8.99
N PRO D 66 22.99 0.15 7.86
CA PRO D 66 21.87 -0.05 6.92
C PRO D 66 21.96 -1.33 6.10
N LEU D 67 20.86 -1.66 5.41
CA LEU D 67 20.82 -2.79 4.49
C LEU D 67 21.89 -2.63 3.41
N PRO D 68 22.50 -3.75 2.97
CA PRO D 68 22.21 -5.16 3.26
C PRO D 68 22.89 -5.74 4.53
N GLU D 69 23.53 -4.91 5.35
CA GLU D 69 24.33 -5.41 6.47
C GLU D 69 23.55 -5.50 7.78
N GLY D 70 22.74 -4.49 8.06
CA GLY D 70 21.85 -4.48 9.21
C GLY D 70 20.45 -4.08 8.79
N TYR D 71 19.59 -3.81 9.77
CA TYR D 71 18.20 -3.49 9.51
C TYR D 71 17.63 -2.93 10.79
N ARG D 72 16.60 -2.08 10.68
CA ARG D 72 15.97 -1.44 11.85
C ARG D 72 15.42 -2.45 12.87
N HIS D 73 14.91 -3.58 12.39
CA HIS D 73 14.45 -4.66 13.26
C HIS D 73 15.49 -5.76 13.30
N ALA D 74 16.31 -5.69 14.35
CA ALA D 74 17.37 -6.65 14.56
C ALA D 74 17.47 -6.99 16.06
N GLN D 75 18.19 -8.07 16.36
CA GLN D 75 18.30 -8.57 17.73
C GLN D 75 19.74 -8.39 18.26
N PRO D 76 20.01 -7.23 18.90
CA PRO D 76 21.39 -6.81 19.21
C PRO D 76 22.23 -7.77 20.05
N TYR D 77 21.58 -8.66 20.80
CA TYR D 77 22.26 -9.47 21.79
C TYR D 77 22.52 -10.93 21.40
N LEU D 78 22.28 -11.27 20.14
CA LEU D 78 22.46 -12.64 19.66
C LEU D 78 23.88 -13.23 19.83
N LYS D 79 24.90 -12.45 19.47
CA LYS D 79 26.28 -12.93 19.61
C LYS D 79 26.65 -13.18 21.07
N ASN D 80 26.15 -12.31 21.95
CA ASN D 80 26.29 -12.49 23.41
C ASN D 80 25.67 -13.80 23.90
N LEU D 81 24.47 -14.09 23.40
CA LEU D 81 23.68 -15.21 23.90
C LEU D 81 24.15 -16.55 23.32
N TRP D 82 24.82 -16.47 22.19
CA TRP D 82 25.38 -17.62 21.52
C TRP D 82 26.90 -17.67 21.63
N LEU D 83 27.46 -17.02 22.66
CA LEU D 83 28.90 -16.99 22.90
C LEU D 83 29.46 -18.39 23.02
N GLY D 84 30.55 -18.64 22.27
CA GLY D 84 31.18 -19.96 22.20
C GLY D 84 30.46 -21.00 21.37
N TYR D 85 29.47 -20.57 20.58
CA TYR D 85 28.77 -21.46 19.65
C TYR D 85 28.88 -20.86 18.22
N PRO D 86 28.98 -21.72 17.17
CA PRO D 86 29.14 -21.17 15.81
C PRO D 86 28.19 -20.05 15.34
N PHE D 87 26.98 -19.97 15.90
CA PHE D 87 26.06 -18.89 15.56
C PHE D 87 26.54 -17.52 16.01
N MET D 88 27.61 -17.47 16.80
CA MET D 88 28.22 -16.22 17.21
C MET D 88 29.10 -15.61 16.10
N TYR D 89 29.45 -16.43 15.10
CA TYR D 89 30.23 -16.00 13.94
C TYR D 89 29.40 -15.39 12.81
N GLU D 90 28.34 -16.06 12.40
CA GLU D 90 27.44 -15.46 11.41
C GLU D 90 26.06 -16.06 11.46
N TYR D 91 25.05 -15.20 11.35
CA TYR D 91 23.67 -15.61 11.35
C TYR D 91 22.89 -14.53 10.61
N ARG D 92 22.37 -14.88 9.46
CA ARG D 92 21.71 -13.95 8.57
C ARG D 92 20.26 -14.34 8.34
N GLU D 93 19.46 -13.37 7.92
CA GLU D 93 18.08 -13.58 7.46
C GLU D 93 18.04 -14.64 6.35
N ALA D 94 17.12 -15.58 6.44
CA ALA D 94 16.97 -16.64 5.44
C ALA D 94 16.34 -16.06 4.17
N ARG D 95 16.76 -16.56 3.01
CA ARG D 95 16.22 -16.09 1.73
C ARG D 95 15.93 -17.29 0.84
N GLY D 96 15.72 -17.05 -0.46
CA GLY D 96 15.15 -18.05 -1.36
C GLY D 96 15.91 -19.35 -1.41
N HIS D 97 15.18 -20.43 -1.70
CA HIS D 97 15.74 -21.80 -1.79
C HIS D 97 16.86 -21.93 -2.81
N THR D 98 16.81 -21.11 -3.83
CA THR D 98 17.78 -21.14 -4.90
C THR D 98 19.18 -20.70 -4.42
N TYR D 99 19.22 -20.09 -3.24
CA TYR D 99 20.48 -19.67 -2.65
C TYR D 99 21.00 -20.57 -1.53
N ALA D 100 20.31 -21.67 -1.26
CA ALA D 100 20.63 -22.47 -0.08
C ALA D 100 22.10 -22.92 -0.01
N ILE D 101 22.56 -23.60 -1.06
CA ILE D 101 23.96 -24.04 -1.15
C ILE D 101 24.93 -22.88 -1.26
N GLN D 102 24.62 -21.86 -2.06
CA GLN D 102 25.47 -20.69 -2.11
C GLN D 102 25.73 -20.03 -0.72
N ASP D 103 24.66 -19.86 0.06
CA ASP D 103 24.74 -19.27 1.39
C ASP D 103 25.41 -20.19 2.39
N PHE D 104 25.18 -21.48 2.24
CA PHE D 104 25.85 -22.53 3.03
C PHE D 104 27.37 -22.47 2.89
N LEU D 105 27.84 -22.29 1.67
CA LEU D 105 29.28 -22.27 1.39
C LEU D 105 29.97 -20.91 1.62
N HIS D 106 29.20 -19.87 1.96
CA HIS D 106 29.76 -18.56 2.35
CA HIS D 106 29.84 -18.64 2.37
C HIS D 106 29.66 -18.29 3.85
N ILE D 107 28.85 -19.08 4.56
CA ILE D 107 28.66 -18.87 6.01
C ILE D 107 29.91 -19.18 6.86
N ASP D 108 30.21 -18.29 7.81
CA ASP D 108 31.37 -18.40 8.71
C ASP D 108 31.20 -19.43 9.85
N ARG D 109 30.00 -19.99 9.99
CA ARG D 109 29.72 -21.03 10.98
C ARG D 109 30.51 -22.30 10.68
N ILE D 110 30.70 -22.58 9.40
CA ILE D 110 31.55 -23.67 8.94
C ILE D 110 32.97 -23.12 8.88
N ASN D 111 33.93 -23.83 9.46
CA ASN D 111 35.34 -23.38 9.42
C ASN D 111 35.91 -23.43 8.00
N ARG D 112 36.35 -22.28 7.50
CA ARG D 112 36.99 -22.20 6.19
C ARG D 112 38.49 -21.83 6.34
N TYR D 113 39.00 -21.86 7.57
CA TYR D 113 40.40 -21.55 7.87
C TYR D 113 41.17 -22.84 8.21
N ALA D 114 40.57 -23.95 7.79
CA ALA D 114 41.10 -25.29 8.00
C ALA D 114 40.49 -26.20 6.94
N GLU D 115 41.14 -27.34 6.70
CA GLU D 115 40.56 -28.40 5.86
C GLU D 115 39.19 -28.82 6.39
N LYS D 116 39.12 -29.08 7.70
CA LYS D 116 37.91 -29.55 8.36
C LYS D 116 36.97 -28.41 8.72
N GLY D 117 35.68 -28.59 8.45
CA GLY D 117 34.67 -27.58 8.75
C GLY D 117 34.38 -27.44 10.22
N GLY D 118 34.55 -28.53 10.96
CA GLY D 118 34.30 -28.57 12.41
C GLY D 118 32.88 -28.94 12.72
N LEU D 119 32.12 -29.31 11.69
CA LEU D 119 30.69 -29.63 11.80
C LEU D 119 30.41 -30.89 10.97
N PRO D 120 29.36 -31.66 11.34
CA PRO D 120 29.09 -32.94 10.68
C PRO D 120 28.43 -32.75 9.32
N ALA D 121 28.55 -33.77 8.48
CA ALA D 121 27.95 -33.76 7.16
C ALA D 121 26.42 -33.65 7.21
N THR D 122 25.82 -33.92 8.36
CA THR D 122 24.38 -33.64 8.59
C THR D 122 23.95 -32.19 8.25
N CYS D 123 24.88 -31.25 8.28
CA CYS D 123 24.57 -29.90 7.86
C CYS D 123 24.03 -29.80 6.44
N TRP D 124 24.32 -30.81 5.60
CA TRP D 124 23.82 -30.88 4.23
C TRP D 124 22.43 -31.45 4.16
N ASN D 125 21.94 -31.99 5.29
CA ASN D 125 20.65 -32.71 5.33
C ASN D 125 19.45 -31.98 4.66
N CYS D 126 19.41 -30.65 4.84
CA CYS D 126 18.29 -29.86 4.43
C CYS D 126 18.69 -28.82 3.38
N LYS D 127 19.72 -29.14 2.61
CA LYS D 127 20.31 -28.19 1.69
C LYS D 127 20.27 -28.66 0.23
N THR D 128 20.02 -29.96 0.01
CA THR D 128 20.30 -30.62 -1.28
C THR D 128 19.66 -32.02 -1.46
N PRO D 129 19.01 -32.28 -2.61
CA PRO D 129 18.56 -33.65 -2.92
C PRO D 129 19.73 -34.63 -3.19
N LYS D 130 20.94 -34.12 -3.32
CA LYS D 130 22.17 -34.91 -3.32
C LYS D 130 22.27 -35.79 -2.06
N MET D 131 21.51 -35.47 -1.02
CA MET D 131 21.50 -36.24 0.23
C MET D 131 21.15 -37.70 0.05
N MET D 132 20.34 -37.99 -0.95
CA MET D 132 19.90 -39.35 -1.19
C MET D 132 21.02 -40.26 -1.72
N GLU D 133 21.85 -39.74 -2.63
CA GLU D 133 23.03 -40.47 -3.15
C GLU D 133 24.01 -40.73 -2.05
N TRP D 134 24.23 -39.68 -1.28
CA TRP D 134 25.27 -39.61 -0.28
C TRP D 134 25.04 -40.59 0.86
N VAL D 135 23.76 -40.79 1.17
CA VAL D 135 23.33 -41.68 2.23
C VAL D 135 23.25 -43.12 1.70
N LYS D 136 22.84 -43.27 0.45
CA LYS D 136 22.83 -44.60 -0.18
C LYS D 136 24.27 -45.15 -0.23
N GLU D 137 25.22 -44.27 -0.54
CA GLU D 137 26.64 -44.63 -0.61
C GLU D 137 27.31 -44.88 0.77
N SER D 138 27.09 -43.99 1.74
CA SER D 138 27.78 -44.09 3.05
C SER D 138 26.96 -44.72 4.16
N GLY D 139 25.65 -44.82 3.98
CA GLY D 139 24.76 -45.29 5.05
C GLY D 139 24.85 -44.48 6.34
N ASP D 140 24.83 -45.19 7.47
CA ASP D 140 24.86 -44.59 8.80
C ASP D 140 26.15 -43.81 9.06
N GLY D 141 27.19 -44.11 8.30
CA GLY D 141 28.48 -43.46 8.45
C GLY D 141 28.58 -42.11 7.73
N PHE D 142 27.50 -41.71 7.03
CA PHE D 142 27.45 -40.41 6.36
C PHE D 142 27.52 -39.29 7.38
N TRP D 143 26.55 -39.31 8.29
CA TRP D 143 26.29 -38.20 9.21
C TRP D 143 27.52 -37.64 9.88
N ALA D 144 28.37 -38.51 10.39
CA ALA D 144 29.50 -38.11 11.23
C ALA D 144 30.77 -37.71 10.45
N LYS D 145 30.69 -37.69 9.12
CA LYS D 145 31.82 -37.18 8.31
C LYS D 145 31.92 -35.65 8.45
N ASP D 146 33.09 -35.08 8.15
CA ASP D 146 33.21 -33.60 8.19
C ASP D 146 32.43 -32.92 7.03
N VAL D 147 31.94 -31.72 7.29
CA VAL D 147 31.05 -31.03 6.37
C VAL D 147 31.78 -30.71 5.07
N ASN D 148 33.07 -30.39 5.16
CA ASN D 148 33.88 -29.95 4.02
C ASN D 148 34.27 -31.07 3.03
N GLU D 149 34.03 -32.32 3.41
CA GLU D 149 34.22 -33.47 2.52
C GLU D 149 33.36 -33.41 1.25
N PHE D 150 32.21 -32.72 1.31
CA PHE D 150 31.27 -32.70 0.18
C PHE D 150 31.21 -31.32 -0.48
N ARG D 151 31.97 -30.40 0.11
CA ARG D 151 32.04 -29.00 -0.28
C ARG D 151 32.25 -28.78 -1.77
N ASP D 152 33.14 -29.59 -2.35
CA ASP D 152 33.47 -29.52 -3.78
C ASP D 152 32.79 -30.58 -4.63
N LYS D 153 31.96 -31.44 -4.05
CA LYS D 153 31.30 -32.52 -4.78
C LYS D 153 29.85 -32.23 -5.10
N ILE D 154 29.51 -30.96 -5.30
CA ILE D 154 28.12 -30.57 -5.53
C ILE D 154 28.01 -29.38 -6.50
N ASP D 155 26.91 -29.31 -7.26
CA ASP D 155 26.61 -28.14 -8.10
C ASP D 155 25.71 -27.16 -7.35
N MET D 156 26.24 -25.97 -7.14
CA MET D 156 25.61 -24.90 -6.40
C MET D 156 24.18 -24.48 -6.85
N LYS D 157 23.91 -24.54 -8.16
CA LYS D 157 22.58 -24.26 -8.68
C LYS D 157 21.77 -25.51 -8.92
N ASP D 158 22.36 -26.48 -9.60
CA ASP D 158 21.60 -27.63 -10.05
C ASP D 158 21.29 -28.60 -8.93
N HIS D 159 22.00 -28.47 -7.81
CA HIS D 159 21.76 -29.36 -6.66
C HIS D 159 21.23 -28.69 -5.39
N THR D 160 20.75 -27.45 -5.46
CA THR D 160 20.04 -26.86 -4.29
C THR D 160 18.67 -27.44 -4.18
N ILE D 161 18.04 -27.16 -3.05
CA ILE D 161 16.63 -27.40 -2.81
C ILE D 161 15.92 -27.17 -4.14
N GLY D 162 15.32 -28.25 -4.64
CA GLY D 162 14.62 -28.17 -5.91
C GLY D 162 13.68 -29.34 -6.06
N CYS D 163 13.33 -29.63 -7.30
CA CYS D 163 12.17 -30.44 -7.61
C CYS D 163 12.16 -31.80 -6.92
N ALA D 164 13.31 -32.46 -6.90
CA ALA D 164 13.43 -33.84 -6.41
C ALA D 164 13.26 -33.92 -4.90
N THR D 165 13.40 -32.77 -4.22
CA THR D 165 13.23 -32.73 -2.77
C THR D 165 11.82 -33.12 -2.35
N CYS D 166 10.84 -32.79 -3.19
CA CYS D 166 9.45 -32.97 -2.88
C CYS D 166 8.67 -33.75 -3.91
N HIS D 167 9.29 -34.03 -5.06
CA HIS D 167 8.59 -34.65 -6.18
C HIS D 167 9.27 -35.92 -6.61
N ASP D 168 8.46 -36.93 -6.91
CA ASP D 168 8.92 -38.14 -7.58
C ASP D 168 9.21 -37.74 -9.03
N PRO D 169 10.45 -37.88 -9.50
CA PRO D 169 10.82 -37.41 -10.84
C PRO D 169 10.05 -37.97 -12.04
N GLN D 170 9.48 -39.17 -11.91
CA GLN D 170 8.75 -39.78 -13.02
C GLN D 170 7.25 -39.44 -13.07
N THR D 171 6.65 -39.30 -11.89
CA THR D 171 5.20 -39.11 -11.75
C THR D 171 4.85 -37.74 -11.15
N MET D 172 5.84 -37.09 -10.56
CA MET D 172 5.69 -35.77 -9.93
C MET D 172 4.77 -35.77 -8.70
N GLU D 173 4.39 -36.96 -8.23
CA GLU D 173 3.64 -37.13 -6.97
C GLU D 173 4.52 -36.69 -5.81
N LEU D 174 3.88 -36.12 -4.78
CA LEU D 174 4.60 -35.53 -3.68
C LEU D 174 5.23 -36.61 -2.82
N ARG D 175 6.40 -36.31 -2.26
CA ARG D 175 7.31 -37.29 -1.71
C ARG D 175 7.91 -36.75 -0.45
N ILE D 176 8.24 -37.66 0.47
CA ILE D 176 9.09 -37.32 1.58
C ILE D 176 10.43 -38.02 1.41
N THR D 177 11.47 -37.20 1.21
CA THR D 177 12.83 -37.67 1.01
C THR D 177 13.66 -37.52 2.30
N SER D 178 13.03 -36.91 3.30
CA SER D 178 13.68 -36.64 4.59
C SER D 178 13.88 -37.92 5.40
N VAL D 179 15.12 -38.17 5.79
CA VAL D 179 15.39 -39.26 6.74
C VAL D 179 14.70 -39.00 8.11
N PRO D 180 15.03 -37.87 8.81
CA PRO D 180 14.45 -37.62 10.14
C PRO D 180 12.92 -37.45 10.19
N LEU D 181 12.31 -36.86 9.16
CA LEU D 181 10.84 -36.80 9.17
C LEU D 181 10.24 -38.17 8.90
N THR D 182 10.91 -38.99 8.11
CA THR D 182 10.45 -40.37 7.91
C THR D 182 10.52 -41.18 9.21
N ASP D 183 11.63 -41.04 9.95
CA ASP D 183 11.76 -41.65 11.28
C ASP D 183 10.58 -41.30 12.20
N TYR D 184 10.25 -40.03 12.27
CA TYR D 184 9.15 -39.57 13.12
C TYR D 184 7.81 -40.15 12.65
N LEU D 185 7.55 -40.10 11.35
CA LEU D 185 6.29 -40.58 10.78
C LEU D 185 6.07 -42.04 11.07
N VAL D 186 7.15 -42.82 11.02
CA VAL D 186 7.10 -44.24 11.32
C VAL D 186 6.80 -44.49 12.81
N SER D 187 7.40 -43.68 13.68
CA SER D 187 7.18 -43.79 15.14
C SER D 187 5.72 -43.51 15.50
N GLN D 188 5.02 -42.79 14.63
CA GLN D 188 3.63 -42.44 14.84
C GLN D 188 2.72 -43.46 14.17
N GLY D 189 3.35 -44.44 13.52
CA GLY D 189 2.65 -45.51 12.81
C GLY D 189 2.06 -45.09 11.47
N LYS D 190 2.71 -44.15 10.80
CA LYS D 190 2.21 -43.60 9.52
C LYS D 190 3.06 -44.03 8.33
N ASP D 191 2.40 -44.48 7.26
CA ASP D 191 3.09 -44.78 6.00
C ASP D 191 3.35 -43.47 5.26
N PRO D 192 4.63 -43.10 5.07
CA PRO D 192 4.99 -41.86 4.38
C PRO D 192 4.65 -41.86 2.88
N LYS D 193 4.18 -42.99 2.37
CA LYS D 193 3.78 -43.13 0.97
C LYS D 193 2.26 -43.03 0.82
N LYS D 194 1.53 -43.08 1.93
CA LYS D 194 0.06 -43.09 1.87
C LYS D 194 -0.55 -41.94 2.70
N LEU D 195 0.14 -40.82 2.77
CA LEU D 195 -0.32 -39.68 3.57
C LEU D 195 -1.40 -38.89 2.83
N PRO D 196 -2.44 -38.44 3.55
CA PRO D 196 -3.45 -37.59 2.89
C PRO D 196 -2.83 -36.28 2.36
N ARG D 197 -3.48 -35.68 1.35
CA ARG D 197 -2.95 -34.50 0.66
C ARG D 197 -2.77 -33.26 1.54
N ASN D 198 -3.78 -32.92 2.33
CA ASN D 198 -3.70 -31.75 3.21
C ASN D 198 -2.54 -31.89 4.19
N GLU D 199 -2.31 -33.11 4.69
CA GLU D 199 -1.13 -33.43 5.50
C GLU D 199 0.20 -33.21 4.75
N MET D 200 0.28 -33.72 3.53
CA MET D 200 1.49 -33.54 2.70
C MET D 200 1.80 -32.08 2.40
N ARG D 201 0.77 -31.25 2.28
CA ARG D 201 0.96 -29.84 1.95
C ARG D 201 1.58 -28.98 3.06
N ALA D 202 1.77 -29.59 4.23
CA ALA D 202 2.59 -29.00 5.29
C ALA D 202 3.84 -29.86 5.56
N LEU D 203 3.67 -31.19 5.49
CA LEU D 203 4.80 -32.12 5.72
C LEU D 203 6.00 -31.97 4.79
N VAL D 204 5.78 -31.57 3.54
CA VAL D 204 6.91 -31.30 2.61
C VAL D 204 7.81 -30.17 3.08
N CYS D 205 7.28 -29.23 3.86
CA CYS D 205 8.04 -28.13 4.46
C CYS D 205 8.64 -28.53 5.79
N GLY D 206 7.87 -29.26 6.59
CA GLY D 206 8.37 -29.90 7.81
C GLY D 206 9.45 -30.95 7.61
N GLN D 207 9.90 -31.17 6.36
CA GLN D 207 11.12 -31.95 6.13
C GLN D 207 12.31 -31.19 6.68
N CYS D 208 12.20 -29.86 6.70
CA CYS D 208 13.32 -28.96 6.98
C CYS D 208 12.97 -27.84 7.95
N HIS D 209 11.76 -27.32 7.87
CA HIS D 209 11.42 -26.12 8.66
C HIS D 209 11.01 -26.47 10.09
N VAL D 210 11.97 -27.05 10.83
CA VAL D 210 11.72 -27.73 12.08
C VAL D 210 12.89 -27.52 13.05
N GLU D 211 12.62 -27.73 14.34
CA GLU D 211 13.66 -27.88 15.36
C GLU D 211 14.25 -29.30 15.28
N TYR D 212 15.57 -29.39 15.40
CA TYR D 212 16.30 -30.66 15.23
C TYR D 212 17.48 -30.70 16.21
N TYR D 213 17.97 -31.89 16.51
CA TYR D 213 19.31 -32.03 17.08
C TYR D 213 20.08 -33.13 16.33
N PHE D 214 21.39 -33.18 16.54
CA PHE D 214 22.26 -34.26 16.10
C PHE D 214 22.58 -35.22 17.27
N ASN D 215 22.43 -36.52 17.02
CA ASN D 215 22.85 -37.52 18.01
C ASN D 215 24.31 -37.37 18.48
N GLY D 216 24.52 -37.49 19.78
CA GLY D 216 25.85 -37.68 20.33
C GLY D 216 26.22 -39.14 20.12
N PRO D 217 27.53 -39.46 20.33
CA PRO D 217 28.13 -40.79 20.12
C PRO D 217 27.45 -41.92 20.85
N THR D 218 26.79 -41.63 21.98
CA THR D 218 26.07 -42.64 22.76
C THR D 218 24.55 -42.58 22.64
N MET D 219 24.03 -41.80 21.71
CA MET D 219 22.57 -41.61 21.63
C MET D 219 21.88 -42.44 20.58
N GLY D 220 22.69 -43.10 19.75
CA GLY D 220 22.21 -43.82 18.57
C GLY D 220 23.28 -43.63 17.52
N VAL D 221 22.87 -43.63 16.24
CA VAL D 221 23.84 -43.41 15.15
C VAL D 221 24.44 -42.01 15.33
N ASN D 222 25.77 -41.94 15.37
CA ASN D 222 26.49 -40.71 15.72
C ASN D 222 26.23 -39.62 14.69
N LYS D 223 25.76 -38.48 15.20
CA LYS D 223 25.48 -37.24 14.47
C LYS D 223 24.25 -37.28 13.56
N LYS D 224 23.49 -38.37 13.63
CA LYS D 224 22.24 -38.51 12.89
C LYS D 224 21.26 -37.42 13.34
N PRO D 225 20.48 -36.84 12.40
CA PRO D 225 19.50 -35.81 12.76
C PRO D 225 18.20 -36.38 13.36
N VAL D 226 17.75 -35.75 14.44
CA VAL D 226 16.51 -36.19 15.08
C VAL D 226 15.59 -34.97 15.30
N PHE D 227 14.28 -35.16 15.12
CA PHE D 227 13.31 -34.13 15.51
C PHE D 227 12.74 -34.46 16.88
N PRO D 228 13.01 -33.62 17.92
CA PRO D 228 12.66 -33.87 19.34
C PRO D 228 11.16 -33.76 19.63
N TRP D 229 10.37 -34.60 18.97
CA TRP D 229 8.93 -34.43 18.93
C TRP D 229 8.13 -35.44 19.76
N ALA D 230 8.81 -36.36 20.45
CA ALA D 230 8.13 -37.46 21.12
C ALA D 230 7.20 -37.05 22.28
N GLU D 231 7.50 -35.90 22.90
CA GLU D 231 6.69 -35.43 24.03
C GLU D 231 5.61 -34.45 23.59
N GLY D 232 5.66 -34.06 22.31
CA GLY D 232 4.80 -33.04 21.77
C GLY D 232 5.55 -31.91 21.07
N PHE D 233 4.79 -30.93 20.57
CA PHE D 233 5.32 -29.86 19.71
C PHE D 233 5.58 -28.52 20.42
N ASP D 234 4.98 -28.30 21.59
CA ASP D 234 5.14 -27.03 22.31
C ASP D 234 6.54 -26.90 22.92
N PRO D 235 6.99 -25.67 23.26
CA PRO D 235 8.32 -25.50 23.86
C PRO D 235 8.54 -26.26 25.19
N ALA D 236 7.46 -26.50 25.94
CA ALA D 236 7.62 -27.12 27.24
C ALA D 236 7.81 -28.62 27.08
N ASP D 237 7.16 -29.16 26.04
CA ASP D 237 7.26 -30.56 25.61
C ASP D 237 8.67 -30.89 25.13
N MET D 238 9.17 -30.04 24.23
CA MET D 238 10.50 -30.19 23.66
C MET D 238 11.55 -30.06 24.75
N TYR D 239 11.32 -29.15 25.69
CA TYR D 239 12.22 -28.97 26.80
C TYR D 239 12.30 -30.23 27.70
N ARG D 240 11.14 -30.84 27.96
CA ARG D 240 11.04 -32.12 28.68
C ARG D 240 11.74 -33.26 27.93
N TYR D 241 11.56 -33.33 26.62
CA TYR D 241 12.28 -34.28 25.76
C TYR D 241 13.79 -34.20 26.00
N TYR D 242 14.31 -32.97 26.05
CA TYR D 242 15.73 -32.70 26.25
C TYR D 242 16.25 -32.93 27.69
N ASP D 243 15.32 -33.16 28.62
CA ASP D 243 15.61 -33.58 29.98
C ASP D 243 15.87 -35.10 30.00
N LYS D 244 15.20 -35.86 29.12
CA LYS D 244 15.23 -37.34 29.12
C LYS D 244 16.24 -37.93 28.15
N HIS D 245 16.54 -37.21 27.08
CA HIS D 245 17.50 -37.66 26.05
C HIS D 245 18.68 -36.72 26.02
N GLY D 246 19.88 -37.28 26.07
CA GLY D 246 21.08 -36.47 26.05
C GLY D 246 22.19 -37.27 26.68
N ASP D 247 23.33 -36.64 26.90
CA ASP D 247 24.50 -37.36 27.35
C ASP D 247 25.43 -36.50 28.23
N LEU D 248 24.87 -35.53 28.95
CA LEU D 248 25.69 -34.69 29.80
C LEU D 248 26.09 -35.48 31.03
N GLN D 249 27.28 -35.21 31.55
CA GLN D 249 27.71 -35.86 32.79
C GLN D 249 27.88 -34.81 33.89
N VAL D 250 27.63 -33.56 33.52
CA VAL D 250 27.69 -32.41 34.42
C VAL D 250 26.69 -32.56 35.57
N LYS D 251 27.15 -32.36 36.80
CA LYS D 251 26.31 -32.60 37.98
C LYS D 251 25.13 -31.63 38.00
N GLY D 252 23.93 -32.19 38.16
CA GLY D 252 22.67 -31.46 38.07
C GLY D 252 22.01 -31.64 36.71
N PHE D 253 22.81 -32.11 35.75
CA PHE D 253 22.43 -32.18 34.34
C PHE D 253 22.62 -33.56 33.68
N GLU D 254 22.96 -34.56 34.48
CA GLU D 254 23.16 -35.94 34.01
C GLU D 254 22.07 -36.46 33.07
N GLY D 255 22.46 -36.81 31.84
CA GLY D 255 21.57 -37.42 30.86
C GLY D 255 20.72 -36.44 30.05
N LYS D 256 20.99 -35.15 30.23
CA LYS D 256 20.31 -34.09 29.50
C LYS D 256 21.07 -33.71 28.24
N PHE D 257 20.36 -33.12 27.28
CA PHE D 257 20.99 -32.66 26.03
C PHE D 257 21.57 -31.26 26.17
N ALA D 258 22.73 -31.06 25.57
CA ALA D 258 23.29 -29.73 25.41
C ALA D 258 23.90 -29.58 24.02
N ASP D 259 23.63 -28.44 23.39
CA ASP D 259 24.29 -28.12 22.14
C ASP D 259 25.67 -27.53 22.42
N TRP D 260 25.77 -26.73 23.48
CA TRP D 260 27.06 -26.19 23.90
C TRP D 260 26.97 -25.76 25.36
N THR D 261 28.10 -25.41 25.97
CA THR D 261 28.00 -24.77 27.25
C THR D 261 28.51 -23.34 27.11
N HIS D 262 27.71 -22.40 27.57
CA HIS D 262 28.04 -20.99 27.47
C HIS D 262 29.30 -20.76 28.28
N PRO D 263 30.34 -20.16 27.67
CA PRO D 263 31.67 -19.99 28.28
C PRO D 263 31.70 -19.03 29.46
N ALA D 264 30.70 -18.17 29.58
CA ALA D 264 30.67 -17.11 30.60
C ALA D 264 29.91 -17.54 31.85
N SER D 265 28.74 -18.13 31.65
CA SER D 265 27.88 -18.56 32.72
C SER D 265 28.11 -20.03 33.10
N LYS D 266 28.77 -20.78 32.21
CA LYS D 266 28.99 -22.24 32.35
C LYS D 266 27.67 -23.03 32.32
N THR D 267 26.66 -22.49 31.64
CA THR D 267 25.39 -23.18 31.53
C THR D 267 25.43 -24.11 30.30
N PRO D 268 25.02 -25.38 30.48
CA PRO D 268 24.71 -26.29 29.36
C PRO D 268 23.44 -25.89 28.60
N MET D 269 23.63 -25.41 27.38
CA MET D 269 22.57 -24.81 26.56
C MET D 269 21.97 -25.69 25.48
N ILE D 270 20.68 -25.52 25.23
CA ILE D 270 20.02 -26.01 24.01
C ILE D 270 19.88 -24.85 23.01
N LYS D 271 20.23 -25.14 21.76
CA LYS D 271 19.95 -24.22 20.64
C LYS D 271 18.67 -24.61 19.87
N ALA D 272 17.69 -23.70 19.79
CA ALA D 272 16.52 -23.93 18.92
C ALA D 272 16.78 -23.45 17.47
N GLN D 273 16.12 -24.09 16.50
CA GLN D 273 16.26 -23.71 15.10
C GLN D 273 14.87 -23.68 14.47
N HIS D 274 14.55 -22.62 13.74
CA HIS D 274 13.33 -22.49 12.92
C HIS D 274 12.24 -23.53 13.18
N PRO D 275 11.54 -23.43 14.33
CA PRO D 275 10.47 -24.39 14.56
C PRO D 275 9.12 -24.05 13.91
N GLU D 276 9.10 -23.85 12.59
CA GLU D 276 7.90 -23.41 11.87
C GLU D 276 6.78 -24.42 11.87
N TYR D 277 7.11 -25.68 11.60
CA TYR D 277 6.13 -26.78 11.61
C TYR D 277 5.48 -26.97 12.97
N GLU D 278 6.31 -26.96 14.03
CA GLU D 278 5.89 -27.18 15.43
C GLU D 278 5.09 -26.02 16.02
N THR D 279 5.35 -24.81 15.52
CA THR D 279 4.59 -23.61 15.88
C THR D 279 3.26 -23.57 15.15
N TRP D 280 3.31 -23.78 13.83
CA TRP D 280 2.15 -23.74 12.95
C TRP D 280 1.05 -24.74 13.35
N ILE D 281 1.45 -25.95 13.75
CA ILE D 281 0.54 -27.10 13.82
C ILE D 281 -0.67 -26.92 14.75
N ASN D 282 -0.46 -26.24 15.88
CA ASN D 282 -1.57 -25.97 16.81
C ASN D 282 -1.96 -24.49 16.92
N GLY D 283 -1.53 -23.71 15.92
CA GLY D 283 -1.86 -22.28 15.77
C GLY D 283 -3.24 -22.15 15.15
N THR D 284 -3.83 -20.96 15.20
CA THR D 284 -5.20 -20.77 14.71
C THR D 284 -5.47 -21.28 13.27
N HIS D 285 -4.53 -21.10 12.34
CA HIS D 285 -4.63 -21.60 10.95
C HIS D 285 -4.31 -23.10 10.81
N GLY D 286 -3.17 -23.51 11.35
CA GLY D 286 -2.78 -24.92 11.37
C GLY D 286 -3.80 -25.86 11.98
N ALA D 287 -4.38 -25.47 13.13
CA ALA D 287 -5.36 -26.30 13.81
C ALA D 287 -6.67 -26.41 13.01
N ALA D 288 -6.94 -25.38 12.20
CA ALA D 288 -8.10 -25.38 11.31
C ALA D 288 -7.87 -26.10 9.94
N GLY D 289 -6.69 -26.67 9.75
CA GLY D 289 -6.36 -27.43 8.55
C GLY D 289 -5.78 -26.57 7.43
N VAL D 290 -5.35 -25.35 7.78
CA VAL D 290 -4.75 -24.41 6.84
C VAL D 290 -3.25 -24.57 6.90
N THR D 291 -2.69 -24.75 5.72
CA THR D 291 -1.47 -25.47 5.49
C THR D 291 -0.39 -24.53 4.92
N CYS D 292 0.90 -24.92 5.04
CA CYS D 292 1.99 -24.12 4.46
C CYS D 292 1.73 -23.83 2.99
N ALA D 293 1.33 -24.85 2.23
CA ALA D 293 1.09 -24.69 0.80
C ALA D 293 -0.01 -23.68 0.52
N ASP D 294 -1.02 -23.66 1.38
CA ASP D 294 -2.18 -22.77 1.23
C ASP D 294 -1.80 -21.31 1.20
N CYS D 295 -0.83 -20.94 2.03
CA CYS D 295 -0.39 -19.56 2.12
C CYS D 295 0.87 -19.24 1.33
N HIS D 296 1.78 -20.20 1.25
CA HIS D 296 3.08 -20.00 0.60
C HIS D 296 3.23 -20.59 -0.81
N MET D 297 2.27 -21.40 -1.23
CA MET D 297 2.30 -22.03 -2.55
C MET D 297 0.92 -21.93 -3.13
N SER D 298 0.34 -20.75 -2.98
CA SER D 298 -1.04 -20.56 -3.33
C SER D 298 -1.21 -20.56 -4.85
N TYR D 299 -2.39 -20.97 -5.30
CA TYR D 299 -2.72 -20.90 -6.70
C TYR D 299 -2.59 -19.46 -7.22
N THR D 300 -1.91 -19.35 -8.35
CA THR D 300 -1.76 -18.09 -9.03
C THR D 300 -2.15 -18.28 -10.49
N ARG D 301 -2.98 -17.37 -10.98
CA ARG D 301 -3.50 -17.51 -12.33
C ARG D 301 -2.61 -16.75 -13.32
N SER D 302 -1.48 -17.37 -13.68
CA SER D 302 -0.43 -16.67 -14.40
C SER D 302 -0.10 -17.26 -15.76
N ASP D 303 -0.71 -18.39 -16.08
CA ASP D 303 -0.59 -19.01 -17.40
C ASP D 303 -1.86 -18.75 -18.20
N ASP D 304 -1.89 -17.64 -18.95
CA ASP D 304 -3.16 -16.97 -19.26
C ASP D 304 -3.87 -16.65 -17.93
N LYS D 305 -5.03 -17.26 -17.71
CA LYS D 305 -5.76 -17.14 -16.45
C LYS D 305 -5.95 -18.50 -15.78
N LYS D 306 -5.14 -19.48 -16.17
CA LYS D 306 -5.16 -20.78 -15.51
C LYS D 306 -4.27 -20.77 -14.28
N LYS D 307 -4.73 -21.45 -13.24
CA LYS D 307 -3.95 -21.62 -12.02
C LYS D 307 -2.70 -22.45 -12.24
N ILE D 308 -1.62 -22.03 -11.59
CA ILE D 308 -0.54 -22.95 -11.21
C ILE D 308 -0.31 -22.79 -9.72
N SER D 309 0.45 -23.70 -9.12
CA SER D 309 0.87 -23.56 -7.74
C SER D 309 2.13 -22.73 -7.73
N SER D 310 2.09 -21.59 -7.04
CA SER D 310 3.27 -20.76 -6.86
C SER D 310 4.41 -21.54 -6.22
N HIS D 311 5.60 -21.49 -6.83
CA HIS D 311 6.78 -22.14 -6.26
C HIS D 311 7.76 -21.08 -5.82
N TRP D 312 7.20 -19.92 -5.52
CA TRP D 312 7.94 -18.81 -4.99
C TRP D 312 7.63 -18.84 -3.52
N TRP D 313 8.62 -19.27 -2.75
CA TRP D 313 8.49 -19.52 -1.33
C TRP D 313 9.08 -18.35 -0.66
N THR D 314 8.22 -17.44 -0.21
CA THR D 314 8.65 -16.14 0.27
C THR D 314 7.60 -15.57 1.23
N SER D 315 7.77 -14.32 1.65
CA SER D 315 6.75 -13.67 2.48
C SER D 315 5.46 -13.40 1.72
N PRO D 316 4.30 -13.80 2.26
CA PRO D 316 3.03 -13.52 1.57
C PRO D 316 2.68 -12.02 1.48
N MET D 317 3.32 -11.20 2.30
CA MET D 317 3.15 -9.74 2.35
C MET D 317 3.85 -9.00 1.23
N LYS D 318 4.57 -9.73 0.38
CA LYS D 318 5.24 -9.13 -0.77
C LYS D 318 4.24 -8.70 -1.83
N ASP D 319 3.11 -9.38 -1.83
CA ASP D 319 2.00 -9.06 -2.70
C ASP D 319 1.15 -7.98 -2.01
N PRO D 320 1.03 -6.78 -2.62
CA PRO D 320 0.24 -5.73 -1.96
C PRO D 320 -1.24 -6.08 -1.95
N GLU D 321 -1.65 -7.03 -2.79
CA GLU D 321 -3.05 -7.39 -2.88
C GLU D 321 -3.39 -8.69 -2.14
N MET D 322 -2.39 -9.27 -1.46
CA MET D 322 -2.55 -10.41 -0.50
C MET D 322 -3.37 -11.59 -1.03
N ARG D 323 -3.25 -11.87 -2.32
CA ARG D 323 -4.13 -12.81 -3.01
C ARG D 323 -4.15 -14.24 -2.44
N ALA D 324 -3.05 -14.68 -1.82
CA ALA D 324 -3.05 -15.94 -1.06
C ALA D 324 -4.14 -16.00 0.03
N CYS D 325 -4.45 -14.84 0.61
CA CYS D 325 -5.37 -14.69 1.74
C CYS D 325 -6.80 -14.36 1.37
N ARG D 326 -7.00 -13.83 0.16
CA ARG D 326 -8.25 -13.19 -0.19
C ARG D 326 -9.31 -14.08 -0.82
N GLN D 327 -9.06 -15.38 -0.85
CA GLN D 327 -10.12 -16.36 -1.15
C GLN D 327 -10.83 -16.77 0.11
N CYS D 328 -10.03 -16.96 1.16
CA CYS D 328 -10.56 -17.37 2.45
C CYS D 328 -11.07 -16.16 3.17
N HIS D 329 -10.40 -15.03 2.94
CA HIS D 329 -10.74 -13.75 3.58
C HIS D 329 -11.17 -12.71 2.55
N SER D 330 -12.03 -13.11 1.62
CA SER D 330 -12.47 -12.22 0.54
C SER D 330 -13.23 -10.99 1.02
N ASP D 331 -13.81 -11.08 2.21
CA ASP D 331 -14.53 -9.97 2.83
C ASP D 331 -13.61 -8.91 3.46
N LYS D 332 -12.29 -9.15 3.44
CA LYS D 332 -11.30 -8.25 4.04
C LYS D 332 -10.39 -7.69 2.97
N THR D 333 -10.06 -6.40 3.10
CA THR D 333 -9.10 -5.77 2.18
C THR D 333 -7.70 -6.26 2.51
N PRO D 334 -6.80 -6.21 1.52
CA PRO D 334 -5.36 -6.46 1.76
C PRO D 334 -4.78 -5.66 2.94
N ASP D 335 -5.14 -4.38 3.03
CA ASP D 335 -4.71 -3.50 4.10
C ASP D 335 -5.15 -3.98 5.49
N TYR D 336 -6.42 -4.35 5.62
CA TYR D 336 -6.93 -4.92 6.85
C TYR D 336 -6.12 -6.16 7.30
N LEU D 337 -6.00 -7.15 6.41
CA LEU D 337 -5.21 -8.36 6.69
C LEU D 337 -3.79 -8.04 7.13
N LYS D 338 -3.09 -7.18 6.39
CA LYS D 338 -1.74 -6.76 6.76
C LYS D 338 -1.65 -6.16 8.16
N SER D 339 -2.60 -5.33 8.54
CA SER D 339 -2.63 -4.74 9.90
C SER D 339 -2.82 -5.79 10.99
N ARG D 340 -3.59 -6.84 10.70
CA ARG D 340 -3.79 -7.92 11.65
C ARG D 340 -2.56 -8.79 11.88
N VAL D 341 -1.82 -9.05 10.79
CA VAL D 341 -0.47 -9.62 10.85
C VAL D 341 0.45 -8.79 11.76
N LEU D 342 0.53 -7.49 11.49
CA LEU D 342 1.41 -6.59 12.22
C LEU D 342 1.00 -6.40 13.67
N PHE D 343 -0.30 -6.56 13.93
CA PHE D 343 -0.88 -6.46 15.29
C PHE D 343 -0.20 -7.50 16.18
N THR D 344 0.00 -8.70 15.63
CA THR D 344 0.73 -9.77 16.29
C THR D 344 2.25 -9.60 16.30
N GLN D 345 2.85 -9.38 15.14
CA GLN D 345 4.32 -9.31 15.00
C GLN D 345 5.02 -8.22 15.81
N LYS D 346 4.39 -7.06 15.91
CA LYS D 346 5.00 -5.92 16.60
C LYS D 346 5.07 -6.15 18.10
N ARG D 347 4.02 -6.75 18.66
CA ARG D 347 4.02 -7.13 20.06
C ARG D 347 4.93 -8.33 20.31
N THR D 348 5.10 -9.17 19.29
CA THR D 348 5.95 -10.35 19.38
C THR D 348 7.42 -9.96 19.38
N PHE D 349 7.78 -8.99 18.54
CA PHE D 349 9.15 -8.54 18.44
C PHE D 349 9.62 -7.76 19.66
N ASP D 350 8.80 -6.81 20.10
CA ASP D 350 9.13 -5.97 21.22
C ASP D 350 9.40 -6.82 22.47
N LEU D 351 8.54 -7.81 22.68
CA LEU D 351 8.64 -8.76 23.79
C LEU D 351 9.83 -9.70 23.66
N LEU D 352 10.13 -10.14 22.45
CA LEU D 352 11.30 -10.94 22.19
C LEU D 352 12.57 -10.20 22.65
N LEU D 353 12.68 -8.91 22.33
CA LEU D 353 13.86 -8.14 22.68
C LEU D 353 14.02 -7.95 24.18
N ALA D 354 12.88 -7.85 24.88
CA ALA D 354 12.82 -7.72 26.33
C ALA D 354 13.26 -9.00 27.02
N ALA D 355 12.76 -10.13 26.50
CA ALA D 355 13.15 -11.49 26.89
C ALA D 355 14.64 -11.81 26.69
N GLN D 356 15.24 -11.28 25.63
CA GLN D 356 16.67 -11.53 25.34
C GLN D 356 17.56 -10.70 26.25
N GLU D 357 17.07 -9.52 26.62
CA GLU D 357 17.77 -8.66 27.56
C GLU D 357 17.86 -9.21 28.98
N VAL D 358 16.80 -9.87 29.42
CA VAL D 358 16.82 -10.47 30.75
C VAL D 358 17.64 -11.78 30.77
N SER D 359 17.66 -12.48 29.63
CA SER D 359 18.51 -13.66 29.41
C SER D 359 19.99 -13.30 29.52
N VAL D 360 20.40 -12.18 28.93
CA VAL D 360 21.78 -11.71 29.03
C VAL D 360 22.13 -11.42 30.49
N LYS D 361 21.20 -10.73 31.17
CA LYS D 361 21.34 -10.37 32.56
C LYS D 361 21.43 -11.63 33.42
N ALA D 362 20.66 -12.65 33.07
CA ALA D 362 20.75 -13.95 33.74
C ALA D 362 22.14 -14.58 33.61
N HIS D 363 22.67 -14.69 32.39
CA HIS D 363 24.04 -15.18 32.14
C HIS D 363 25.08 -14.37 32.92
N GLU D 364 24.89 -13.05 32.99
CA GLU D 364 25.79 -12.18 33.75
C GLU D 364 25.76 -12.44 35.27
N ALA D 365 24.57 -12.58 35.82
CA ALA D 365 24.35 -12.91 37.23
C ALA D 365 25.06 -14.22 37.61
N VAL D 366 24.85 -15.23 36.77
CA VAL D 366 25.44 -16.55 36.94
C VAL D 366 26.95 -16.51 36.77
N ARG D 367 27.42 -15.73 35.81
CA ARG D 367 28.86 -15.48 35.67
C ARG D 367 29.47 -14.86 36.94
N LEU D 368 28.87 -13.78 37.44
CA LEU D 368 29.36 -13.09 38.63
C LEU D 368 29.31 -13.99 39.87
N ALA D 369 28.22 -14.72 40.05
CA ALA D 369 28.04 -15.67 41.14
C ALA D 369 29.09 -16.81 41.11
N ASN D 370 29.36 -17.31 39.91
CA ASN D 370 30.42 -18.28 39.65
C ASN D 370 31.83 -17.80 40.07
N GLU D 371 32.09 -16.50 39.96
CA GLU D 371 33.42 -15.94 40.27
C GLU D 371 33.50 -15.22 41.62
N TYR D 372 32.41 -15.30 42.39
CA TYR D 372 32.22 -14.50 43.58
C TYR D 372 33.13 -14.92 44.73
N GLN D 373 33.75 -13.92 45.36
CA GLN D 373 34.78 -14.15 46.37
C GLN D 373 34.35 -13.86 47.81
N GLY D 374 33.20 -13.19 47.98
CA GLY D 374 32.62 -12.95 49.31
C GLY D 374 31.89 -14.16 49.89
N ALA D 375 31.13 -13.92 50.96
CA ALA D 375 30.41 -14.96 51.68
C ALA D 375 29.24 -15.55 50.89
N LYS D 376 29.22 -16.85 50.73
CA LYS D 376 28.16 -17.53 49.98
C LYS D 376 27.19 -18.28 50.89
N ALA D 377 25.96 -18.49 50.40
CA ALA D 377 24.97 -19.31 51.07
C ALA D 377 25.49 -20.72 51.28
N ALA D 378 25.07 -21.37 52.36
CA ALA D 378 25.41 -22.78 52.55
C ALA D 378 24.97 -23.64 51.35
N GLY D 379 23.82 -23.33 50.76
CA GLY D 379 23.34 -24.08 49.59
C GLY D 379 23.84 -23.58 48.24
N TYR D 380 25.01 -22.94 48.24
CA TYR D 380 25.60 -22.32 47.05
C TYR D 380 25.67 -23.22 45.80
N ASP D 381 26.19 -24.45 45.94
CA ASP D 381 26.34 -25.33 44.77
C ASP D 381 24.98 -25.74 44.20
N ASP D 382 24.06 -26.07 45.08
CA ASP D 382 22.67 -26.38 44.70
C ASP D 382 21.93 -25.23 44.03
N LEU D 383 22.13 -24.02 44.55
CA LEU D 383 21.51 -22.81 44.02
C LEU D 383 22.06 -22.47 42.64
N MET D 384 23.35 -22.73 42.45
CA MET D 384 24.00 -22.53 41.14
C MET D 384 23.49 -23.49 40.06
N ILE D 385 23.24 -24.75 40.42
CA ILE D 385 22.62 -25.72 39.50
C ILE D 385 21.22 -25.27 39.09
N GLN D 386 20.44 -24.85 40.07
CA GLN D 386 19.11 -24.34 39.84
C GLN D 386 19.06 -23.08 38.98
N ALA D 387 20.04 -22.19 39.16
CA ALA D 387 20.19 -20.96 38.39
C ALA D 387 20.49 -21.26 36.93
N ARG D 388 21.53 -22.07 36.70
CA ARG D 388 21.88 -22.57 35.36
C ARG D 388 20.73 -23.27 34.64
N GLU D 389 20.00 -24.11 35.35
CA GLU D 389 18.77 -24.73 34.82
C GLU D 389 17.74 -23.68 34.35
N MET D 390 17.65 -22.57 35.07
CA MET D 390 16.77 -21.46 34.68
C MET D 390 17.31 -20.61 33.53
N VAL D 391 18.63 -20.42 33.46
CA VAL D 391 19.24 -19.76 32.31
C VAL D 391 18.98 -20.56 31.00
N ARG D 392 19.18 -21.88 31.07
CA ARG D 392 18.98 -22.79 29.94
C ARG D 392 17.52 -22.88 29.48
N LYS D 393 16.59 -22.89 30.41
CA LYS D 393 15.20 -23.00 30.03
C LYS D 393 14.66 -21.69 29.49
N GLY D 394 15.08 -20.58 30.10
CA GLY D 394 14.67 -19.26 29.65
C GLY D 394 15.14 -19.00 28.23
N GLN D 395 16.40 -19.31 27.97
CA GLN D 395 16.98 -19.16 26.66
C GLN D 395 16.34 -20.07 25.63
N PHE D 396 16.15 -21.34 25.95
CA PHE D 396 15.44 -22.24 25.03
C PHE D 396 14.09 -21.69 24.59
N PHE D 397 13.33 -21.17 25.55
CA PHE D 397 12.00 -20.62 25.32
C PHE D 397 12.02 -19.39 24.37
N TRP D 398 12.87 -18.38 24.63
CA TRP D 398 12.95 -17.25 23.70
C TRP D 398 13.52 -17.66 22.33
N ASP D 399 14.55 -18.52 22.33
CA ASP D 399 15.15 -19.01 21.09
C ASP D 399 14.12 -19.71 20.21
N TYR D 400 13.19 -20.43 20.83
CA TYR D 400 12.13 -21.12 20.11
C TYR D 400 11.30 -20.14 19.27
N VAL D 401 11.20 -18.90 19.75
CA VAL D 401 10.38 -17.88 19.13
C VAL D 401 11.21 -17.03 18.17
N SER D 402 12.40 -16.63 18.65
CA SER D 402 13.38 -15.89 17.86
C SER D 402 13.77 -16.61 16.57
N ALA D 403 13.99 -17.92 16.67
CA ALA D 403 14.35 -18.77 15.53
C ALA D 403 13.23 -18.93 14.49
N GLU D 404 11.97 -18.77 14.93
CA GLU D 404 10.82 -19.04 14.07
C GLU D 404 10.53 -17.80 13.18
N ASN D 405 10.11 -18.05 11.95
CA ASN D 405 10.24 -17.04 10.89
C ASN D 405 9.03 -16.12 10.66
N SER D 406 7.95 -16.32 11.40
CA SER D 406 6.75 -15.55 11.18
C SER D 406 6.53 -14.41 12.19
N VAL D 407 7.46 -14.26 13.12
CA VAL D 407 7.39 -13.20 14.15
C VAL D 407 6.05 -13.26 14.89
N GLY D 408 5.63 -14.48 15.20
CA GLY D 408 4.44 -14.67 15.99
C GLY D 408 3.20 -15.00 15.19
N PHE D 409 3.19 -14.70 13.90
CA PHE D 409 1.98 -14.85 13.12
C PHE D 409 1.45 -16.29 12.99
N HIS D 410 2.32 -17.25 12.65
CA HIS D 410 1.89 -18.65 12.66
C HIS D 410 1.10 -19.09 13.91
N ASN D 411 1.51 -18.63 15.09
CA ASN D 411 0.79 -19.00 16.35
C ASN D 411 0.88 -17.87 17.37
N PRO D 412 0.07 -16.81 17.19
CA PRO D 412 0.24 -15.64 18.06
C PRO D 412 0.20 -15.96 19.56
N ALA D 413 -0.81 -16.68 20.04
CA ALA D 413 -0.89 -17.02 21.50
C ALA D 413 0.29 -17.86 22.02
N LYS D 414 0.76 -18.83 21.25
CA LYS D 414 1.91 -19.64 21.70
C LYS D 414 3.20 -18.84 21.79
N ALA D 415 3.38 -17.92 20.85
CA ALA D 415 4.57 -17.08 20.78
C ALA D 415 4.67 -16.15 21.99
N LEU D 416 3.56 -15.49 22.31
CA LEU D 416 3.51 -14.50 23.40
C LEU D 416 3.62 -15.18 24.76
N ASP D 417 2.83 -16.23 24.93
CA ASP D 417 2.93 -17.14 26.07
C ASP D 417 4.38 -17.63 26.34
N THR D 418 5.05 -18.16 25.32
CA THR D 418 6.43 -18.69 25.41
C THR D 418 7.44 -17.63 25.86
N LEU D 419 7.33 -16.42 25.30
CA LEU D 419 8.20 -15.31 25.68
C LEU D 419 7.94 -14.73 27.09
N ALA D 420 6.69 -14.73 27.51
CA ALA D 420 6.33 -14.39 28.92
C ALA D 420 6.95 -15.37 29.93
N GLN D 421 6.83 -16.68 29.65
CA GLN D 421 7.47 -17.71 30.46
C GLN D 421 8.99 -17.61 30.43
N SER D 422 9.56 -17.40 29.24
CA SER D 422 11.02 -17.24 29.10
C SER D 422 11.56 -16.25 30.13
N GLN D 423 10.95 -15.08 30.14
CA GLN D 423 11.25 -13.96 31.05
C GLN D 423 11.22 -14.33 32.54
N GLN D 424 10.19 -15.11 32.91
CA GLN D 424 10.06 -15.69 34.24
C GLN D 424 11.26 -16.57 34.59
N PHE D 425 11.60 -17.51 33.71
CA PHE D 425 12.72 -18.42 33.96
C PHE D 425 14.04 -17.69 34.11
N SER D 426 14.30 -16.76 33.19
CA SER D 426 15.51 -15.96 33.23
C SER D 426 15.62 -15.10 34.49
N GLN D 427 14.52 -14.54 34.95
CA GLN D 427 14.52 -13.76 36.20
C GLN D 427 14.77 -14.65 37.42
N LYS D 428 14.13 -15.83 37.43
CA LYS D 428 14.37 -16.81 38.48
C LYS D 428 15.85 -17.18 38.65
N ALA D 429 16.57 -17.34 37.53
CA ALA D 429 18.04 -17.48 37.50
C ALA D 429 18.76 -16.32 38.18
N ILE D 430 18.38 -15.10 37.83
CA ILE D 430 18.93 -13.91 38.50
C ILE D 430 18.70 -13.97 40.03
N ASP D 431 17.53 -14.43 40.45
CA ASP D 431 17.18 -14.42 41.86
C ASP D 431 18.02 -15.45 42.60
N LEU D 432 18.06 -16.67 42.06
CA LEU D 432 18.83 -17.80 42.60
C LEU D 432 20.34 -17.53 42.65
N ALA D 433 20.87 -16.87 41.63
CA ALA D 433 22.28 -16.45 41.62
C ALA D 433 22.58 -15.41 42.69
N MET D 434 21.65 -14.47 42.91
CA MET D 434 21.80 -13.47 43.96
C MET D 434 21.71 -14.10 45.33
N GLU D 435 20.77 -15.01 45.51
CA GLU D 435 20.65 -15.74 46.75
C GLU D 435 21.94 -16.50 47.08
N ALA D 436 22.45 -17.24 46.09
CA ALA D 436 23.71 -18.00 46.20
C ALA D 436 24.85 -17.20 46.84
N THR D 437 24.88 -15.90 46.56
CA THR D 437 25.98 -15.03 46.94
C THR D 437 25.60 -14.07 48.09
N GLN D 438 24.46 -14.34 48.73
CA GLN D 438 23.89 -13.46 49.78
C GLN D 438 23.72 -12.02 49.29
N TYR D 439 23.28 -11.90 48.03
CA TYR D 439 22.97 -10.61 47.39
C TYR D 439 24.19 -9.74 47.16
N GLY D 440 25.35 -10.37 47.24
CA GLY D 440 26.65 -9.70 47.07
C GLY D 440 26.97 -9.29 45.65
N ILE D 441 26.26 -9.86 44.68
CA ILE D 441 26.41 -9.47 43.27
C ILE D 441 25.46 -8.32 42.84
N GLY D 442 24.60 -7.87 43.74
CA GLY D 442 23.61 -6.82 43.43
C GLY D 442 24.21 -5.57 42.83
N LYS D 443 25.28 -5.09 43.46
CA LYS D 443 26.03 -3.90 43.04
C LYS D 443 26.53 -3.92 41.59
N ASP D 444 26.87 -5.11 41.08
CA ASP D 444 27.32 -5.23 39.69
C ASP D 444 26.18 -5.46 38.68
N LEU D 445 24.96 -5.72 39.15
CA LEU D 445 23.81 -5.89 38.25
C LEU D 445 22.84 -4.71 38.18
N SER D 446 23.33 -3.50 38.51
CA SER D 446 22.44 -2.37 38.76
C SER D 446 22.03 -1.53 37.56
N GLY D 447 22.96 -1.28 36.64
CA GLY D 447 22.69 -0.37 35.51
C GLY D 447 21.55 -0.70 34.55
N ASP D 448 21.65 -0.15 33.34
CA ASP D 448 20.92 -0.69 32.19
C ASP D 448 21.78 -1.88 31.78
N ILE D 449 21.14 -2.99 31.41
CA ILE D 449 21.87 -4.19 30.95
C ILE D 449 22.84 -3.87 29.80
N LYS D 450 22.46 -2.95 28.93
CA LYS D 450 23.27 -2.54 27.80
C LYS D 450 24.54 -1.80 28.21
N THR D 451 24.59 -1.35 29.47
CA THR D 451 25.79 -0.72 30.04
C THR D 451 26.73 -1.78 30.63
N ILE D 452 26.20 -2.65 31.50
CA ILE D 452 27.09 -3.65 32.11
C ILE D 452 27.58 -4.72 31.10
N VAL D 453 26.69 -5.19 30.23
CA VAL D 453 27.09 -6.09 29.14
C VAL D 453 26.71 -5.46 27.79
N PRO D 454 27.64 -4.73 27.15
CA PRO D 454 27.33 -4.18 25.83
C PRO D 454 27.10 -5.28 24.78
N PRO D 455 26.17 -5.06 23.84
CA PRO D 455 25.96 -6.00 22.73
C PRO D 455 27.21 -6.20 21.88
N ILE D 456 27.50 -7.44 21.52
CA ILE D 456 28.62 -7.75 20.65
C ILE D 456 28.15 -7.61 19.19
N LEU D 457 28.62 -6.57 18.51
CA LEU D 457 28.22 -6.32 17.11
C LEU D 457 29.07 -7.17 16.17
N LYS D 458 30.37 -7.20 16.41
CA LYS D 458 31.32 -7.88 15.50
C LYS D 458 31.92 -9.13 16.13
N MET D 459 31.81 -10.25 15.43
CA MET D 459 32.52 -11.49 15.78
C MET D 459 32.51 -12.45 14.59
N ASN D 460 33.69 -12.89 14.19
CA ASN D 460 33.84 -13.93 13.17
C ASN D 460 35.11 -14.69 13.44
N ARG D 461 35.38 -15.71 12.64
CA ARG D 461 36.56 -16.56 12.87
C ARG D 461 37.87 -15.84 12.61
N LYS D 462 37.87 -14.86 11.72
CA LYS D 462 39.09 -14.11 11.43
C LYS D 462 39.45 -13.17 12.59
N LEU D 463 38.43 -12.53 13.17
CA LEU D 463 38.60 -11.63 14.30
C LEU D 463 39.07 -12.37 15.55
N GLN D 464 38.58 -13.60 15.77
CA GLN D 464 39.02 -14.42 16.91
C GLN D 464 40.52 -14.83 16.86
N GLN D 465 41.21 -14.53 15.75
CA GLN D 465 42.67 -14.76 15.61
C GLN D 465 43.49 -13.58 16.17
N ASP D 466 42.87 -12.40 16.16
CA ASP D 466 43.44 -11.14 16.61
C ASP D 466 43.40 -11.04 18.15
N PRO D 467 44.58 -11.04 18.81
CA PRO D 467 44.67 -10.93 20.27
C PRO D 467 44.25 -9.57 20.83
N GLU D 468 44.33 -8.52 20.02
CA GLU D 468 44.00 -7.16 20.45
C GLU D 468 42.50 -6.89 20.41
N PHE D 469 41.83 -7.51 19.45
CA PHE D 469 40.38 -7.49 19.32
C PHE D 469 39.77 -8.21 20.52
N MET D 470 40.37 -9.32 20.90
CA MET D 470 39.82 -10.18 21.95
C MET D 470 39.94 -9.57 23.35
N LYS D 471 40.42 -8.33 23.41
CA LYS D 471 40.50 -7.54 24.64
C LYS D 471 39.38 -6.51 24.72
N THR D 472 38.57 -6.38 23.67
CA THR D 472 37.63 -5.26 23.54
C THR D 472 36.24 -5.49 24.16
N HIS D 473 35.99 -6.71 24.63
CA HIS D 473 34.77 -7.01 25.37
C HIS D 473 35.11 -7.95 26.51
N LYS D 474 34.45 -7.78 27.65
CA LYS D 474 34.75 -8.57 28.85
C LYS D 474 34.43 -10.05 28.70
N TRP D 475 33.42 -10.38 27.90
CA TRP D 475 32.99 -11.76 27.71
C TRP D 475 33.94 -12.53 26.76
N PHE D 476 34.80 -11.80 26.04
CA PHE D 476 35.82 -12.39 25.17
C PHE D 476 36.93 -13.12 25.93
N GLN D 477 37.10 -12.80 27.22
CA GLN D 477 38.11 -13.46 28.04
C GLN D 477 37.74 -14.92 28.36
N TYR D 478 36.53 -15.31 27.99
CA TYR D 478 36.04 -16.69 28.18
C TYR D 478 36.26 -17.55 26.93
N LEU D 479 36.64 -16.89 25.83
CA LEU D 479 36.94 -17.56 24.57
C LEU D 479 38.45 -17.66 24.34
N PRO D 480 38.91 -18.69 23.58
CA PRO D 480 40.31 -18.80 23.16
C PRO D 480 40.65 -17.83 22.03
N VAL D 481 41.88 -17.33 22.02
CA VAL D 481 42.41 -16.65 20.83
C VAL D 481 42.84 -17.77 19.85
N LEU D 482 42.32 -17.71 18.63
CA LEU D 482 42.54 -18.79 17.68
C LEU D 482 43.89 -18.64 16.97
N PRO D 483 44.51 -19.78 16.57
CA PRO D 483 45.79 -19.74 15.88
C PRO D 483 45.69 -18.92 14.60
N LYS D 484 46.75 -18.19 14.26
CA LYS D 484 46.78 -17.46 12.99
C LYS D 484 46.66 -18.46 11.84
N ALA D 485 45.73 -18.19 10.93
CA ALA D 485 45.41 -19.09 9.83
C ALA D 485 44.99 -18.31 8.60
N ASP D 486 45.53 -18.73 7.45
CA ASP D 486 45.02 -18.26 6.17
C ASP D 486 43.80 -19.08 5.80
N GLN D 487 42.86 -18.43 5.12
CA GLN D 487 41.65 -19.07 4.65
C GLN D 487 41.99 -20.20 3.68
N VAL D 488 41.32 -21.33 3.86
CA VAL D 488 41.54 -22.51 3.05
C VAL D 488 40.47 -22.64 1.96
N TRP D 489 39.20 -22.43 2.32
CA TRP D 489 38.10 -22.48 1.36
C TRP D 489 37.53 -21.11 1.10
N ASP D 490 37.21 -20.84 -0.16
CA ASP D 490 36.42 -19.68 -0.54
C ASP D 490 35.31 -20.18 -1.45
N GLY D 491 34.13 -20.38 -0.86
CA GLY D 491 33.03 -21.05 -1.53
C GLY D 491 33.44 -22.48 -1.78
N GLN D 492 33.54 -22.85 -3.05
CA GLN D 492 33.95 -24.18 -3.45
C GLN D 492 35.43 -24.29 -3.83
N LYS D 493 36.13 -23.16 -3.83
CA LYS D 493 37.53 -23.09 -4.27
C LYS D 493 38.47 -23.24 -3.07
N ARG D 494 39.52 -24.03 -3.25
CA ARG D 494 40.62 -24.09 -2.27
C ARG D 494 41.65 -23.02 -2.65
N LEU D 495 42.18 -22.30 -1.66
CA LEU D 495 43.13 -21.21 -1.93
C LEU D 495 44.56 -21.62 -1.61
N GLY E 2 -44.90 -18.17 -5.58
CA GLY E 2 -44.93 -16.73 -5.36
C GLY E 2 -43.68 -16.04 -5.84
N CYS E 3 -43.65 -14.68 -5.88
CA CYS E 3 -42.73 -13.98 -6.78
C CYS E 3 -42.53 -12.45 -6.63
N SER E 4 -41.51 -12.07 -5.85
CA SER E 4 -40.98 -10.72 -5.89
C SER E 4 -39.56 -10.76 -5.37
N ASP E 5 -38.66 -10.00 -5.99
CA ASP E 5 -37.23 -10.05 -5.66
C ASP E 5 -36.97 -9.59 -4.24
N VAL E 6 -36.00 -10.21 -3.58
CA VAL E 6 -35.58 -9.81 -2.24
C VAL E 6 -35.08 -8.38 -2.22
N SER E 7 -35.23 -7.73 -1.07
CA SER E 7 -34.69 -6.40 -0.87
C SER E 7 -33.35 -6.51 -0.14
N THR E 8 -32.41 -5.67 -0.56
CA THR E 8 -31.03 -5.76 -0.12
C THR E 8 -30.69 -4.67 0.93
N GLU E 9 -31.69 -3.86 1.29
CA GLU E 9 -31.55 -2.89 2.37
C GLU E 9 -32.13 -3.54 3.61
N LEU E 10 -31.31 -4.08 4.49
CA LEU E 10 -31.85 -4.93 5.54
C LEU E 10 -32.69 -4.07 6.49
N LYS E 11 -33.99 -3.97 6.15
CA LYS E 11 -34.94 -3.16 6.89
C LYS E 11 -35.29 -3.91 8.16
N THR E 12 -34.88 -3.36 9.29
CA THR E 12 -35.23 -3.91 10.60
C THR E 12 -36.70 -3.60 10.90
N PRO E 13 -37.45 -4.56 11.50
CA PRO E 13 -38.89 -4.37 11.80
C PRO E 13 -39.17 -3.13 12.65
N VAL E 14 -40.20 -2.39 12.29
CA VAL E 14 -40.55 -1.13 12.95
C VAL E 14 -41.67 -1.38 13.98
N TYR E 15 -41.65 -0.63 15.09
CA TYR E 15 -42.58 -0.83 16.21
C TYR E 15 -43.20 0.47 16.69
N LYS E 16 -44.47 0.39 17.08
CA LYS E 16 -45.10 1.49 17.81
C LYS E 16 -45.90 0.89 18.96
N THR E 17 -45.37 1.06 20.16
CA THR E 17 -45.91 0.50 21.39
C THR E 17 -46.89 1.47 22.11
N LYS E 18 -47.61 0.91 23.10
CA LYS E 18 -48.56 1.68 23.91
C LYS E 18 -47.92 2.43 25.08
N LEU E 19 -46.58 2.40 25.15
CA LEU E 19 -45.82 2.94 26.29
C LEU E 19 -45.55 4.44 26.17
N THR E 20 -45.32 5.09 27.32
CA THR E 20 -45.00 6.52 27.34
C THR E 20 -43.50 6.74 27.17
N ALA E 21 -43.16 7.96 26.76
CA ALA E 21 -41.79 8.34 26.41
C ALA E 21 -40.76 8.09 27.51
N GLU E 22 -41.16 8.23 28.77
CA GLU E 22 -40.25 8.09 29.90
C GLU E 22 -40.47 6.81 30.74
N GLU E 23 -41.12 5.81 30.16
CA GLU E 23 -41.31 4.50 30.83
C GLU E 23 -39.99 3.74 31.06
N ILE E 24 -39.83 3.20 32.27
CA ILE E 24 -38.61 2.47 32.64
C ILE E 24 -38.87 1.11 33.33
N ARG E 25 -40.13 0.75 33.54
CA ARG E 25 -40.47 -0.51 34.24
C ARG E 25 -40.32 -1.70 33.30
N ASN E 26 -39.47 -2.64 33.67
CA ASN E 26 -39.27 -3.86 32.87
C ASN E 26 -40.56 -4.62 32.63
N SER E 27 -41.40 -4.70 33.65
CA SER E 27 -42.68 -5.40 33.55
C SER E 27 -43.62 -4.73 32.54
N ALA E 28 -43.43 -3.44 32.29
CA ALA E 28 -44.24 -2.70 31.32
C ALA E 28 -44.08 -3.18 29.86
N PHE E 29 -42.95 -3.84 29.58
CA PHE E 29 -42.62 -4.30 28.24
C PHE E 29 -43.15 -5.70 27.96
N LYS E 30 -43.39 -6.47 29.02
CA LYS E 30 -43.78 -7.87 28.90
C LYS E 30 -45.01 -8.16 28.00
N PRO E 31 -46.16 -7.46 28.21
CA PRO E 31 -47.33 -7.72 27.36
C PRO E 31 -47.07 -7.59 25.85
N GLU E 32 -46.37 -6.52 25.48
CA GLU E 32 -46.07 -6.23 24.06
C GLU E 32 -44.92 -7.05 23.43
N PHE E 33 -43.93 -7.42 24.23
CA PHE E 33 -42.79 -8.23 23.74
C PHE E 33 -42.57 -9.51 24.53
N PRO E 34 -43.49 -10.49 24.39
CA PRO E 34 -43.42 -11.71 25.22
C PRO E 34 -42.23 -12.63 24.92
N LYS E 35 -41.71 -12.59 23.69
CA LYS E 35 -40.60 -13.47 23.29
C LYS E 35 -39.28 -12.95 23.87
N GLN E 36 -39.03 -11.66 23.67
CA GLN E 36 -37.83 -11.02 24.18
C GLN E 36 -37.82 -11.00 25.70
N TYR E 37 -38.98 -10.81 26.32
CA TYR E 37 -39.10 -10.81 27.78
C TYR E 37 -38.84 -12.18 28.40
N ALA E 38 -39.43 -13.23 27.83
CA ALA E 38 -39.15 -14.60 28.27
C ALA E 38 -37.66 -14.90 28.23
N SER E 39 -37.01 -14.51 27.12
CA SER E 39 -35.57 -14.70 26.91
C SER E 39 -34.74 -13.94 27.95
N TYR E 40 -35.17 -12.71 28.23
CA TYR E 40 -34.60 -11.86 29.26
C TYR E 40 -34.64 -12.54 30.64
N GLU E 41 -35.73 -13.27 30.90
CA GLU E 41 -35.90 -13.96 32.18
C GLU E 41 -34.96 -15.16 32.37
N ARG E 42 -34.41 -15.69 31.28
CA ARG E 42 -33.40 -16.77 31.37
C ARG E 42 -32.12 -16.34 32.09
N ASN E 43 -31.88 -15.04 32.20
CA ASN E 43 -30.79 -14.49 33.00
C ASN E 43 -30.86 -14.82 34.49
N ASP E 44 -32.00 -15.36 34.94
CA ASP E 44 -32.16 -15.78 36.33
C ASP E 44 -31.39 -17.06 36.68
N GLU E 45 -31.13 -17.90 35.68
CA GLU E 45 -30.30 -19.08 35.88
C GLU E 45 -28.97 -18.65 36.49
N THR E 46 -28.63 -19.26 37.62
CA THR E 46 -27.45 -18.86 38.41
C THR E 46 -26.69 -20.06 38.97
N THR E 47 -26.87 -21.21 38.32
CA THR E 47 -26.32 -22.47 38.80
C THR E 47 -25.20 -23.01 37.93
N VAL E 48 -25.17 -22.57 36.67
CA VAL E 48 -24.33 -23.20 35.64
C VAL E 48 -22.95 -22.56 35.50
N MET E 49 -21.94 -23.41 35.51
CA MET E 49 -20.56 -23.00 35.44
C MET E 49 -19.97 -23.52 34.13
N THR E 50 -19.02 -22.76 33.56
CA THR E 50 -18.18 -23.22 32.44
C THR E 50 -16.74 -23.28 32.98
N GLU E 51 -15.75 -23.54 32.12
CA GLU E 51 -14.38 -23.76 32.61
C GLU E 51 -13.80 -22.62 33.45
N TYR E 52 -13.83 -21.39 32.93
CA TYR E 52 -13.28 -20.23 33.68
C TYR E 52 -14.35 -19.29 34.17
N LYS E 53 -15.55 -19.44 33.61
CA LYS E 53 -16.61 -18.47 33.84
C LYS E 53 -17.89 -19.17 34.29
N GLY E 54 -19.00 -18.44 34.28
CA GLY E 54 -20.27 -18.99 34.69
C GLY E 54 -21.14 -18.00 35.41
N SER E 55 -22.27 -18.50 35.90
CA SER E 55 -23.32 -17.66 36.49
C SER E 55 -23.37 -17.71 38.01
N VAL E 56 -22.52 -18.56 38.60
CA VAL E 56 -22.40 -18.73 40.04
C VAL E 56 -21.53 -17.60 40.61
N PRO E 57 -22.14 -16.70 41.42
CA PRO E 57 -21.44 -15.51 41.88
C PRO E 57 -20.48 -15.82 43.02
N PHE E 58 -19.47 -16.63 42.73
CA PHE E 58 -18.52 -17.09 43.74
C PHE E 58 -17.54 -15.98 44.07
N ASN E 59 -16.72 -16.18 45.10
CA ASN E 59 -15.75 -15.17 45.49
C ASN E 59 -14.46 -15.30 44.71
N LYS E 60 -14.15 -14.25 43.95
CA LYS E 60 -13.07 -14.31 42.97
C LYS E 60 -11.67 -14.59 43.52
N ASN E 61 -11.47 -14.37 44.82
CA ASN E 61 -10.18 -14.63 45.48
C ASN E 61 -10.10 -16.01 46.17
N ASP E 62 -11.12 -16.84 46.00
CA ASP E 62 -11.28 -18.04 46.85
C ASP E 62 -11.09 -19.34 46.10
N ASN E 63 -9.89 -19.90 46.16
CA ASN E 63 -9.61 -21.22 45.57
C ASN E 63 -9.56 -22.33 46.60
N VAL E 64 -9.89 -21.99 47.85
CA VAL E 64 -9.90 -22.95 48.96
C VAL E 64 -11.25 -23.70 49.06
N ASN E 65 -12.33 -22.93 49.06
CA ASN E 65 -13.68 -23.46 49.26
C ASN E 65 -14.39 -23.95 48.00
N PRO E 66 -15.33 -24.90 48.16
CA PRO E 66 -16.15 -25.37 47.03
C PRO E 66 -17.21 -24.36 46.63
N LEU E 67 -17.82 -24.57 45.46
CA LEU E 67 -18.96 -23.75 45.02
C LEU E 67 -20.16 -23.85 45.98
N PRO E 68 -20.92 -22.76 46.16
CA PRO E 68 -20.83 -21.47 45.47
C PRO E 68 -19.88 -20.46 46.12
N GLU E 69 -19.07 -20.87 47.08
CA GLU E 69 -18.24 -19.91 47.81
C GLU E 69 -16.91 -19.60 47.12
N GLY E 70 -16.21 -20.63 46.68
CA GLY E 70 -14.94 -20.50 45.99
C GLY E 70 -15.00 -21.26 44.69
N TYR E 71 -13.87 -21.36 43.98
CA TYR E 71 -13.82 -22.10 42.71
C TYR E 71 -12.39 -22.54 42.43
N ARG E 72 -12.22 -23.57 41.59
CA ARG E 72 -10.88 -24.10 41.30
C ARG E 72 -9.98 -23.07 40.59
N HIS E 73 -10.60 -22.27 39.73
CA HIS E 73 -9.93 -21.12 39.09
C HIS E 73 -10.30 -19.83 39.84
N ALA E 74 -9.40 -19.38 40.71
CA ALA E 74 -9.63 -18.16 41.45
C ALA E 74 -8.31 -17.42 41.56
N GLN E 75 -8.36 -16.17 41.99
CA GLN E 75 -7.18 -15.32 42.12
C GLN E 75 -6.84 -15.02 43.59
N PRO E 76 -6.10 -15.93 44.25
CA PRO E 76 -5.78 -15.91 45.69
C PRO E 76 -5.26 -14.59 46.27
N TYR E 77 -4.59 -13.77 45.46
CA TYR E 77 -3.97 -12.55 45.96
C TYR E 77 -4.76 -11.24 45.85
N LEU E 78 -5.99 -11.31 45.37
CA LEU E 78 -6.82 -10.10 45.11
C LEU E 78 -6.96 -9.12 46.27
N LYS E 79 -7.28 -9.64 47.45
CA LYS E 79 -7.43 -8.78 48.63
C LYS E 79 -6.10 -8.16 49.04
N ASN E 80 -4.99 -8.88 48.85
CA ASN E 80 -3.66 -8.31 49.17
C ASN E 80 -3.41 -7.10 48.27
N LEU E 81 -3.80 -7.27 47.01
CA LEU E 81 -3.47 -6.33 45.96
C LEU E 81 -4.39 -5.10 46.03
N TRP E 82 -5.60 -5.29 46.54
CA TRP E 82 -6.53 -4.18 46.76
C TRP E 82 -6.65 -3.72 48.22
N LEU E 83 -5.63 -4.00 49.03
CA LEU E 83 -5.54 -3.49 50.40
C LEU E 83 -5.87 -2.01 50.48
N GLY E 84 -6.86 -1.68 51.29
CA GLY E 84 -7.21 -0.29 51.54
C GLY E 84 -8.21 0.30 50.58
N TYR E 85 -8.78 -0.57 49.75
CA TYR E 85 -9.76 -0.21 48.74
C TYR E 85 -10.98 -1.09 48.95
N PRO E 86 -12.21 -0.58 48.64
CA PRO E 86 -13.43 -1.39 48.85
C PRO E 86 -13.40 -2.81 48.30
N PHE E 87 -12.60 -3.04 47.26
CA PHE E 87 -12.51 -4.35 46.62
C PHE E 87 -11.85 -5.42 47.53
N MET E 88 -11.15 -4.97 48.58
CA MET E 88 -10.70 -5.89 49.64
C MET E 88 -11.82 -6.56 50.42
N TYR E 89 -13.01 -5.95 50.46
CA TYR E 89 -14.15 -6.48 51.22
C TYR E 89 -14.96 -7.56 50.51
N GLU E 90 -15.20 -7.39 49.21
CA GLU E 90 -15.95 -8.38 48.47
C GLU E 90 -15.87 -8.11 46.97
N TYR E 91 -15.79 -9.19 46.20
CA TYR E 91 -15.69 -9.15 44.74
C TYR E 91 -16.03 -10.55 44.20
N ARG E 92 -17.22 -10.64 43.62
CA ARG E 92 -17.79 -11.90 43.17
C ARG E 92 -17.89 -11.95 41.66
N GLU E 93 -17.87 -13.16 41.11
CA GLU E 93 -18.15 -13.40 39.69
C GLU E 93 -19.48 -12.73 39.33
N ALA E 94 -19.52 -12.04 38.19
CA ALA E 94 -20.71 -11.36 37.71
C ALA E 94 -21.69 -12.37 37.12
N ARG E 95 -22.98 -12.08 37.21
CA ARG E 95 -23.99 -12.97 36.70
C ARG E 95 -25.09 -12.18 35.96
N GLY E 96 -26.27 -12.78 35.82
CA GLY E 96 -27.34 -12.21 34.98
C GLY E 96 -27.67 -10.77 35.33
N HIS E 97 -28.08 -10.01 34.31
CA HIS E 97 -28.52 -8.62 34.46
C HIS E 97 -29.71 -8.50 35.41
N THR E 98 -30.49 -9.58 35.52
CA THR E 98 -31.68 -9.57 36.37
C THR E 98 -31.35 -9.47 37.88
N TYR E 99 -30.10 -9.74 38.26
CA TYR E 99 -29.66 -9.70 39.65
C TYR E 99 -28.86 -8.48 39.98
N ALA E 100 -28.81 -7.51 39.07
CA ALA E 100 -27.88 -6.39 39.20
C ALA E 100 -28.03 -5.56 40.48
N ILE E 101 -29.24 -5.04 40.74
CA ILE E 101 -29.50 -4.28 41.96
C ILE E 101 -29.52 -5.19 43.20
N GLN E 102 -30.12 -6.36 43.10
CA GLN E 102 -30.02 -7.33 44.19
C GLN E 102 -28.58 -7.56 44.66
N ASP E 103 -27.65 -7.81 43.72
CA ASP E 103 -26.25 -8.00 44.07
C ASP E 103 -25.58 -6.73 44.57
N PHE E 104 -25.97 -5.61 43.97
CA PHE E 104 -25.51 -4.29 44.35
C PHE E 104 -25.86 -3.99 45.82
N LEU E 105 -27.03 -4.44 46.24
CA LEU E 105 -27.56 -4.17 47.58
C LEU E 105 -27.07 -5.16 48.64
N HIS E 106 -26.47 -6.27 48.20
CA HIS E 106 -25.82 -7.22 49.11
CA HIS E 106 -25.83 -7.14 49.16
C HIS E 106 -24.30 -6.99 49.20
N ILE E 107 -23.72 -6.26 48.25
CA ILE E 107 -22.26 -6.11 48.25
C ILE E 107 -21.72 -5.36 49.48
N ASP E 108 -20.61 -5.88 50.01
CA ASP E 108 -19.97 -5.32 51.19
C ASP E 108 -19.05 -4.13 50.90
N ARG E 109 -18.83 -3.83 49.61
CA ARG E 109 -17.98 -2.69 49.22
C ARG E 109 -18.61 -1.36 49.61
N ILE E 110 -19.94 -1.32 49.57
CA ILE E 110 -20.75 -0.22 50.06
C ILE E 110 -20.98 -0.41 51.56
N ASN E 111 -20.70 0.62 52.35
CA ASN E 111 -20.88 0.54 53.80
C ASN E 111 -22.35 0.34 54.26
N ARG E 112 -22.62 -0.81 54.88
CA ARG E 112 -23.94 -1.10 55.44
C ARG E 112 -23.93 -1.00 56.98
N TYR E 113 -22.82 -0.50 57.52
CA TYR E 113 -22.59 -0.38 58.97
C TYR E 113 -22.55 1.09 59.38
N ALA E 114 -23.19 1.92 58.57
CA ALA E 114 -23.34 3.35 58.78
C ALA E 114 -24.44 3.77 57.83
N GLU E 115 -24.94 5.00 57.96
CA GLU E 115 -26.01 5.47 57.08
C GLU E 115 -25.43 5.73 55.69
N LYS E 116 -24.30 6.43 55.67
CA LYS E 116 -23.53 6.70 54.46
C LYS E 116 -22.77 5.45 54.00
N GLY E 117 -22.95 5.12 52.72
CA GLY E 117 -22.30 4.00 52.06
C GLY E 117 -20.80 4.18 51.87
N GLY E 118 -20.35 5.44 51.94
CA GLY E 118 -18.93 5.78 51.75
C GLY E 118 -18.52 5.94 50.30
N LEU E 119 -19.47 5.70 49.39
CA LEU E 119 -19.23 5.71 47.94
C LEU E 119 -20.29 6.58 47.23
N PRO E 120 -19.92 7.18 46.07
CA PRO E 120 -20.85 8.11 45.39
C PRO E 120 -22.04 7.46 44.68
N ALA E 121 -23.12 8.23 44.49
CA ALA E 121 -24.31 7.73 43.81
C ALA E 121 -24.08 7.40 42.32
N THR E 122 -22.91 7.74 41.80
CA THR E 122 -22.47 7.25 40.49
C THR E 122 -22.43 5.71 40.43
N CYS E 123 -22.33 5.05 41.57
CA CYS E 123 -22.35 3.59 41.62
C CYS E 123 -23.63 3.00 41.03
N TRP E 124 -24.72 3.78 41.06
CA TRP E 124 -25.97 3.40 40.39
C TRP E 124 -25.91 3.55 38.85
N ASN E 125 -24.93 4.30 38.34
CA ASN E 125 -24.85 4.59 36.88
C ASN E 125 -25.10 3.42 35.90
N CYS E 126 -24.59 2.24 36.24
CA CYS E 126 -24.70 1.11 35.34
C CYS E 126 -25.53 -0.03 35.90
N LYS E 127 -26.50 0.28 36.75
CA LYS E 127 -27.34 -0.74 37.38
C LYS E 127 -28.82 -0.58 37.06
N THR E 128 -29.22 0.60 36.57
CA THR E 128 -30.65 0.96 36.55
C THR E 128 -31.01 2.06 35.53
N PRO E 129 -32.07 1.84 34.73
CA PRO E 129 -32.72 2.92 33.96
C PRO E 129 -33.25 4.07 34.83
N LYS E 130 -33.42 3.82 36.12
CA LYS E 130 -33.80 4.85 37.09
C LYS E 130 -32.84 6.05 37.10
N MET E 131 -31.66 5.85 36.50
CA MET E 131 -30.66 6.89 36.34
C MET E 131 -31.16 8.12 35.59
N MET E 132 -32.04 7.91 34.62
CA MET E 132 -32.57 9.00 33.81
C MET E 132 -33.48 9.93 34.62
N GLU E 133 -34.38 9.35 35.44
CA GLU E 133 -35.18 10.13 36.40
C GLU E 133 -34.31 10.97 37.32
N TRP E 134 -33.34 10.32 37.97
CA TRP E 134 -32.55 10.91 39.05
C TRP E 134 -31.62 12.02 38.59
N VAL E 135 -31.13 11.93 37.35
CA VAL E 135 -30.23 12.96 36.79
C VAL E 135 -31.04 14.18 36.35
N LYS E 136 -32.21 13.93 35.76
CA LYS E 136 -33.20 14.98 35.49
C LYS E 136 -33.51 15.77 36.78
N GLU E 137 -33.76 15.06 37.88
CA GLU E 137 -34.02 15.66 39.21
C GLU E 137 -32.89 16.55 39.73
N SER E 138 -31.70 15.97 39.89
CA SER E 138 -30.61 16.60 40.66
C SER E 138 -29.51 17.25 39.83
N GLY E 139 -29.48 16.93 38.53
CA GLY E 139 -28.45 17.45 37.62
C GLY E 139 -27.05 16.98 37.91
N ASP E 140 -26.09 17.89 37.76
CA ASP E 140 -24.68 17.68 38.07
C ASP E 140 -24.46 17.26 39.53
N GLY E 141 -25.45 17.53 40.36
CA GLY E 141 -25.38 17.32 41.80
C GLY E 141 -25.66 15.88 42.15
N PHE E 142 -26.27 15.13 41.23
CA PHE E 142 -26.57 13.72 41.49
C PHE E 142 -25.35 12.91 41.88
N TRP E 143 -24.26 13.08 41.14
CA TRP E 143 -23.10 12.20 41.23
C TRP E 143 -22.48 12.14 42.63
N ALA E 144 -22.35 13.29 43.28
CA ALA E 144 -21.57 13.35 44.51
C ALA E 144 -22.42 13.09 45.75
N LYS E 145 -23.69 12.77 45.53
CA LYS E 145 -24.56 12.27 46.61
C LYS E 145 -24.03 10.92 47.08
N ASP E 146 -24.52 10.47 48.22
CA ASP E 146 -24.12 9.21 48.78
C ASP E 146 -24.99 8.09 48.24
N VAL E 147 -24.35 6.99 47.87
CA VAL E 147 -25.01 5.82 47.27
C VAL E 147 -26.27 5.35 48.02
N ASN E 148 -26.23 5.43 49.35
CA ASN E 148 -27.30 4.91 50.19
C ASN E 148 -28.57 5.77 50.22
N GLU E 149 -28.49 7.00 49.69
CA GLU E 149 -29.64 7.90 49.61
C GLU E 149 -30.76 7.35 48.69
N PHE E 150 -30.40 6.42 47.79
CA PHE E 150 -31.34 5.86 46.81
C PHE E 150 -31.64 4.37 47.04
N ARG E 151 -30.99 3.82 48.06
CA ARG E 151 -31.10 2.41 48.44
C ARG E 151 -32.54 1.96 48.63
N ASP E 152 -33.38 2.90 49.03
CA ASP E 152 -34.75 2.65 49.45
C ASP E 152 -35.76 2.98 48.35
N LYS E 153 -35.28 3.64 47.30
CA LYS E 153 -36.13 4.34 46.34
C LYS E 153 -36.20 3.64 44.99
N ILE E 154 -36.11 2.32 45.02
CA ILE E 154 -35.91 1.54 43.81
C ILE E 154 -36.52 0.13 43.91
N ASP E 155 -37.21 -0.28 42.84
CA ASP E 155 -37.76 -1.62 42.74
C ASP E 155 -36.67 -2.54 42.17
N MET E 156 -36.21 -3.52 42.94
CA MET E 156 -35.00 -4.23 42.55
C MET E 156 -35.20 -5.22 41.39
N LYS E 157 -36.45 -5.55 41.11
CA LYS E 157 -36.78 -6.41 39.98
C LYS E 157 -37.20 -5.57 38.76
N ASP E 158 -38.06 -4.58 38.99
CA ASP E 158 -38.63 -3.81 37.88
C ASP E 158 -37.75 -2.65 37.41
N HIS E 159 -36.74 -2.32 38.21
CA HIS E 159 -35.83 -1.23 37.87
C HIS E 159 -34.36 -1.66 37.66
N THR E 160 -34.08 -2.97 37.53
CA THR E 160 -32.77 -3.39 37.03
C THR E 160 -32.64 -3.21 35.55
N ILE E 161 -31.40 -3.43 35.13
CA ILE E 161 -30.93 -3.33 33.77
C ILE E 161 -32.02 -3.29 32.71
N GLY E 162 -32.70 -4.37 32.39
CA GLY E 162 -33.86 -4.25 31.48
C GLY E 162 -33.99 -3.21 30.34
N CYS E 163 -35.16 -3.17 29.74
CA CYS E 163 -35.39 -2.62 28.39
C CYS E 163 -35.11 -1.16 28.12
N ALA E 164 -35.51 -0.28 29.03
CA ALA E 164 -35.31 1.16 28.83
C ALA E 164 -33.84 1.56 28.82
N THR E 165 -32.96 0.67 29.24
CA THR E 165 -31.51 0.93 29.21
C THR E 165 -31.00 1.05 27.78
N CYS E 166 -31.54 0.22 26.88
CA CYS E 166 -31.03 0.07 25.52
C CYS E 166 -32.06 0.43 24.45
N HIS E 167 -33.32 0.57 24.85
CA HIS E 167 -34.42 0.75 23.91
C HIS E 167 -35.26 1.98 24.21
N ASP E 168 -35.60 2.71 23.16
CA ASP E 168 -36.62 3.76 23.25
C ASP E 168 -37.96 3.04 23.47
N PRO E 169 -38.67 3.36 24.58
CA PRO E 169 -39.91 2.64 24.90
C PRO E 169 -41.03 2.72 23.84
N GLN E 170 -41.11 3.83 23.12
CA GLN E 170 -42.17 4.04 22.13
C GLN E 170 -41.93 3.33 20.81
N THR E 171 -40.67 3.36 20.35
CA THR E 171 -40.30 2.79 19.05
C THR E 171 -39.48 1.49 19.13
N MET E 172 -38.86 1.24 20.28
CA MET E 172 -37.91 0.13 20.52
C MET E 172 -36.58 0.24 19.76
N GLU E 173 -36.34 1.38 19.10
CA GLU E 173 -35.05 1.65 18.50
C GLU E 173 -33.98 1.60 19.58
N LEU E 174 -32.82 1.08 19.24
CA LEU E 174 -31.67 1.09 20.13
C LEU E 174 -31.32 2.54 20.46
N ARG E 175 -30.82 2.72 21.69
CA ARG E 175 -30.64 4.02 22.34
C ARG E 175 -29.35 4.01 23.10
N ILE E 176 -28.72 5.17 23.23
CA ILE E 176 -27.70 5.33 24.24
C ILE E 176 -28.20 6.29 25.32
N THR E 177 -28.44 5.71 26.50
CA THR E 177 -28.95 6.43 27.66
C THR E 177 -27.80 6.86 28.59
N SER E 178 -26.65 6.22 28.39
CA SER E 178 -25.46 6.48 29.18
C SER E 178 -24.95 7.91 29.07
N VAL E 179 -24.70 8.53 30.21
CA VAL E 179 -24.10 9.87 30.23
C VAL E 179 -22.59 9.89 29.87
N PRO E 180 -21.78 8.99 30.47
CA PRO E 180 -20.36 8.94 30.06
C PRO E 180 -20.06 8.43 28.63
N LEU E 181 -20.86 7.50 28.12
CA LEU E 181 -20.71 7.07 26.71
C LEU E 181 -21.09 8.19 25.72
N THR E 182 -22.17 8.90 26.02
CA THR E 182 -22.62 10.05 25.22
C THR E 182 -21.58 11.17 25.17
N ASP E 183 -21.01 11.53 26.31
CA ASP E 183 -19.87 12.45 26.34
C ASP E 183 -18.70 12.01 25.45
N TYR E 184 -18.42 10.71 25.39
CA TYR E 184 -17.31 10.22 24.57
C TYR E 184 -17.63 10.33 23.06
N LEU E 185 -18.80 9.81 22.67
CA LEU E 185 -19.30 9.94 21.32
C LEU E 185 -19.34 11.40 20.87
N VAL E 186 -19.80 12.31 21.74
CA VAL E 186 -19.79 13.75 21.42
C VAL E 186 -18.38 14.29 21.16
N SER E 187 -17.41 13.91 22.00
CA SER E 187 -16.00 14.31 21.84
C SER E 187 -15.33 13.76 20.56
N GLN E 188 -15.97 12.78 19.93
CA GLN E 188 -15.46 12.22 18.67
C GLN E 188 -16.23 12.75 17.45
N GLY E 189 -17.10 13.74 17.69
CA GLY E 189 -17.92 14.30 16.62
C GLY E 189 -19.04 13.42 16.13
N LYS E 190 -19.37 12.39 16.91
CA LYS E 190 -20.45 11.48 16.56
C LYS E 190 -21.79 11.93 17.18
N ASP E 191 -22.89 11.66 16.48
CA ASP E 191 -24.24 11.88 17.02
C ASP E 191 -24.80 10.52 17.48
N PRO E 192 -25.04 10.37 18.81
CA PRO E 192 -25.54 9.12 19.39
C PRO E 192 -26.90 8.63 18.86
N LYS E 193 -27.70 9.55 18.32
CA LYS E 193 -29.00 9.22 17.74
C LYS E 193 -28.90 8.80 16.27
N LYS E 194 -27.74 8.98 15.66
CA LYS E 194 -27.55 8.75 14.22
C LYS E 194 -26.41 7.79 13.93
N LEU E 195 -26.32 6.69 14.67
CA LEU E 195 -25.22 5.76 14.51
C LEU E 195 -25.70 4.48 13.82
N PRO E 196 -24.84 3.91 12.94
CA PRO E 196 -25.20 2.71 12.20
C PRO E 196 -25.50 1.51 13.10
N ARG E 197 -26.38 0.64 12.62
CA ARG E 197 -26.81 -0.57 13.30
C ARG E 197 -25.66 -1.41 13.88
N ASN E 198 -24.60 -1.63 13.09
CA ASN E 198 -23.50 -2.49 13.51
C ASN E 198 -22.65 -1.89 14.64
N GLU E 199 -22.49 -0.57 14.65
CA GLU E 199 -21.90 0.13 15.81
C GLU E 199 -22.77 0.03 17.06
N MET E 200 -24.09 0.18 16.88
CA MET E 200 -25.04 0.16 17.99
C MET E 200 -25.08 -1.21 18.71
N ARG E 201 -24.88 -2.28 17.95
CA ARG E 201 -24.89 -3.65 18.47
C ARG E 201 -23.68 -3.97 19.38
N ALA E 202 -22.74 -3.05 19.46
CA ALA E 202 -21.68 -3.09 20.47
C ALA E 202 -21.74 -1.90 21.45
N LEU E 203 -22.22 -0.74 21.01
CA LEU E 203 -22.17 0.41 21.90
C LEU E 203 -23.21 0.31 23.04
N VAL E 204 -24.31 -0.41 22.82
CA VAL E 204 -25.26 -0.63 23.91
C VAL E 204 -24.60 -1.29 25.15
N CYS E 205 -23.67 -2.22 24.92
CA CYS E 205 -22.96 -2.89 26.02
C CYS E 205 -21.82 -2.02 26.53
N GLY E 206 -21.25 -1.23 25.62
CA GLY E 206 -20.17 -0.28 25.91
C GLY E 206 -20.62 0.92 26.71
N GLN E 207 -21.91 0.95 27.04
CA GLN E 207 -22.44 1.87 28.06
C GLN E 207 -21.91 1.53 29.45
N CYS E 208 -21.64 0.23 29.69
CA CYS E 208 -21.29 -0.27 31.02
C CYS E 208 -20.05 -1.14 31.12
N HIS E 209 -19.79 -1.94 30.09
CA HIS E 209 -18.70 -2.91 30.14
C HIS E 209 -17.38 -2.31 29.70
N VAL E 210 -16.95 -1.33 30.49
CA VAL E 210 -15.86 -0.46 30.14
C VAL E 210 -15.04 -0.13 31.39
N GLU E 211 -13.84 0.39 31.17
CA GLU E 211 -13.06 1.00 32.22
C GLU E 211 -13.56 2.44 32.44
N TYR E 212 -13.61 2.87 33.70
CA TYR E 212 -14.16 4.20 34.04
C TYR E 212 -13.43 4.72 35.26
N TYR E 213 -13.52 6.02 35.49
CA TYR E 213 -13.12 6.61 36.76
C TYR E 213 -14.16 7.66 37.15
N PHE E 214 -14.10 8.11 38.40
CA PHE E 214 -14.96 9.18 38.89
C PHE E 214 -14.13 10.44 39.03
N ASN E 215 -14.63 11.55 38.50
CA ASN E 215 -13.98 12.86 38.69
C ASN E 215 -13.67 13.17 40.17
N GLY E 216 -12.47 13.65 40.44
CA GLY E 216 -12.16 14.29 41.71
C GLY E 216 -12.77 15.69 41.69
N PRO E 217 -12.73 16.42 42.84
CA PRO E 217 -13.45 17.70 42.96
C PRO E 217 -12.88 18.89 42.16
N THR E 218 -11.62 18.80 41.71
CA THR E 218 -11.00 19.83 40.87
C THR E 218 -10.76 19.37 39.41
N MET E 219 -11.43 18.29 39.00
CA MET E 219 -11.29 17.73 37.66
C MET E 219 -12.49 18.09 36.75
N GLY E 220 -13.54 18.65 37.35
CA GLY E 220 -14.77 18.92 36.63
C GLY E 220 -15.90 18.63 37.57
N VAL E 221 -17.05 18.21 37.05
CA VAL E 221 -18.17 17.87 37.91
C VAL E 221 -17.76 16.73 38.86
N ASN E 222 -17.58 17.09 40.13
CA ASN E 222 -17.25 16.14 41.16
C ASN E 222 -18.01 14.80 41.06
N LYS E 223 -17.22 13.72 41.04
CA LYS E 223 -17.69 12.32 41.05
C LYS E 223 -18.44 11.87 39.78
N LYS E 224 -18.48 12.73 38.76
CA LYS E 224 -19.05 12.38 37.44
C LYS E 224 -18.21 11.28 36.80
N PRO E 225 -18.86 10.25 36.21
CA PRO E 225 -18.11 9.17 35.57
C PRO E 225 -17.53 9.57 34.21
N VAL E 226 -16.29 9.13 33.94
CA VAL E 226 -15.60 9.43 32.69
C VAL E 226 -14.90 8.16 32.17
N PHE E 227 -15.09 7.84 30.88
CA PHE E 227 -14.31 6.79 30.20
C PHE E 227 -12.92 7.30 29.77
N PRO E 228 -11.82 6.72 30.30
CA PRO E 228 -10.51 7.32 30.02
C PRO E 228 -9.96 6.97 28.62
N TRP E 229 -10.68 7.41 27.58
CA TRP E 229 -10.50 6.91 26.23
C TRP E 229 -9.84 7.84 25.21
N ALA E 230 -9.59 9.10 25.58
CA ALA E 230 -8.96 10.12 24.71
C ALA E 230 -7.61 9.76 24.05
N GLU E 231 -6.86 8.85 24.67
CA GLU E 231 -5.53 8.51 24.13
C GLU E 231 -5.55 7.21 23.35
N GLY E 232 -6.69 6.53 23.38
CA GLY E 232 -6.82 5.20 22.80
C GLY E 232 -7.38 4.16 23.77
N PHE E 233 -7.49 2.92 23.27
CA PHE E 233 -8.20 1.85 23.97
C PHE E 233 -7.29 0.85 24.70
N ASP E 234 -6.00 0.90 24.39
CA ASP E 234 -5.01 -0.04 24.94
C ASP E 234 -4.50 0.36 26.32
N PRO E 235 -4.11 -0.64 27.16
CA PRO E 235 -3.58 -0.36 28.50
C PRO E 235 -2.57 0.79 28.59
N ALA E 236 -1.62 0.85 27.65
CA ALA E 236 -0.60 1.92 27.61
C ALA E 236 -1.20 3.30 27.30
N ASP E 237 -2.30 3.33 26.55
CA ASP E 237 -3.00 4.54 26.16
C ASP E 237 -3.76 5.08 27.36
N MET E 238 -4.55 4.22 28.00
CA MET E 238 -5.20 4.56 29.29
C MET E 238 -4.23 4.95 30.40
N TYR E 239 -3.12 4.22 30.51
CA TYR E 239 -2.10 4.58 31.48
C TYR E 239 -1.57 6.00 31.25
N ARG E 240 -1.31 6.32 29.98
CA ARG E 240 -0.91 7.66 29.53
C ARG E 240 -1.95 8.72 29.87
N TYR E 241 -3.21 8.41 29.61
CA TYR E 241 -4.31 9.30 29.93
C TYR E 241 -4.29 9.62 31.44
N TYR E 242 -4.05 8.61 32.27
CA TYR E 242 -4.02 8.75 33.72
C TYR E 242 -2.80 9.48 34.25
N ASP E 243 -1.78 9.66 33.42
CA ASP E 243 -0.62 10.48 33.75
C ASP E 243 -0.92 11.96 33.64
N LYS E 244 -1.87 12.30 32.78
CA LYS E 244 -2.12 13.71 32.38
C LYS E 244 -3.40 14.30 32.97
N HIS E 245 -4.32 13.45 33.38
CA HIS E 245 -5.57 13.84 34.03
C HIS E 245 -5.63 13.22 35.43
N GLY E 246 -5.88 14.03 36.45
CA GLY E 246 -5.82 13.55 37.83
C GLY E 246 -5.47 14.70 38.77
N ASP E 247 -5.39 14.40 40.07
CA ASP E 247 -5.28 15.46 41.07
C ASP E 247 -4.26 15.23 42.17
N LEU E 248 -3.27 14.37 41.94
CA LEU E 248 -2.32 14.00 42.99
C LEU E 248 -1.33 15.13 43.30
N GLN E 249 -1.01 15.26 44.58
CA GLN E 249 -0.04 16.27 45.01
C GLN E 249 1.27 15.63 45.45
N VAL E 250 1.21 14.31 45.69
CA VAL E 250 2.38 13.51 46.02
C VAL E 250 3.55 13.80 45.08
N LYS E 251 4.73 13.96 45.68
CA LYS E 251 5.97 14.18 44.93
C LYS E 251 6.26 13.00 43.98
N GLY E 252 6.52 13.33 42.71
CA GLY E 252 6.77 12.34 41.66
C GLY E 252 5.54 11.93 40.89
N PHE E 253 4.36 12.23 41.46
CA PHE E 253 3.09 11.80 40.88
C PHE E 253 2.16 12.99 40.63
N GLU E 254 2.74 14.17 40.47
CA GLU E 254 1.97 15.41 40.42
C GLU E 254 1.07 15.44 39.20
N GLY E 255 -0.24 15.55 39.44
CA GLY E 255 -1.22 15.63 38.37
C GLY E 255 -1.74 14.29 37.90
N LYS E 256 -1.17 13.19 38.39
CA LYS E 256 -1.60 11.84 37.96
C LYS E 256 -2.88 11.41 38.68
N PHE E 257 -3.58 10.42 38.12
CA PHE E 257 -4.80 9.95 38.76
C PHE E 257 -4.54 8.74 39.68
N ALA E 258 -5.32 8.64 40.76
CA ALA E 258 -5.22 7.52 41.68
C ALA E 258 -6.58 7.24 42.28
N ASP E 259 -6.97 5.97 42.28
CA ASP E 259 -8.16 5.52 42.97
C ASP E 259 -7.92 5.35 44.47
N TRP E 260 -6.71 4.94 44.85
CA TRP E 260 -6.31 4.86 46.26
C TRP E 260 -4.79 4.78 46.39
N THR E 261 -4.28 4.97 47.61
CA THR E 261 -2.88 4.70 47.93
C THR E 261 -2.83 3.36 48.68
N HIS E 262 -2.08 2.39 48.17
CA HIS E 262 -1.85 1.12 48.86
C HIS E 262 -1.13 1.38 50.18
N PRO E 263 -1.76 1.00 51.30
CA PRO E 263 -1.28 1.24 52.67
C PRO E 263 0.09 0.62 52.99
N ALA E 264 0.40 -0.54 52.40
CA ALA E 264 1.66 -1.24 52.65
C ALA E 264 2.82 -0.58 51.94
N SER E 265 2.78 -0.56 50.60
CA SER E 265 3.84 0.05 49.82
C SER E 265 3.81 1.58 49.72
N LYS E 266 2.67 2.18 50.04
CA LYS E 266 2.46 3.65 49.88
C LYS E 266 2.42 4.08 48.40
N THR E 267 1.96 3.20 47.52
CA THR E 267 1.87 3.50 46.08
C THR E 267 0.49 4.05 45.71
N PRO E 268 0.45 5.23 45.02
CA PRO E 268 -0.77 5.76 44.40
C PRO E 268 -1.23 4.84 43.28
N MET E 269 -2.44 4.29 43.38
CA MET E 269 -2.83 3.18 42.50
C MET E 269 -4.01 3.50 41.58
N ILE E 270 -4.05 2.85 40.42
CA ILE E 270 -5.23 2.89 39.53
C ILE E 270 -5.96 1.56 39.55
N LYS E 271 -7.28 1.63 39.74
CA LYS E 271 -8.15 0.46 39.60
C LYS E 271 -8.79 0.34 38.20
N ALA E 272 -8.53 -0.78 37.51
CA ALA E 272 -9.18 -1.11 36.24
C ALA E 272 -10.48 -1.86 36.48
N GLN E 273 -11.50 -1.59 35.68
CA GLN E 273 -12.77 -2.32 35.80
C GLN E 273 -13.16 -2.86 34.44
N HIS E 274 -13.59 -4.11 34.43
CA HIS E 274 -14.23 -4.76 33.28
C HIS E 274 -14.10 -4.01 31.95
N PRO E 275 -12.88 -4.01 31.34
CA PRO E 275 -12.77 -3.29 30.09
C PRO E 275 -13.09 -4.13 28.86
N GLU E 276 -14.29 -4.69 28.81
CA GLU E 276 -14.68 -5.53 27.66
C GLU E 276 -14.72 -4.78 26.34
N TYR E 277 -15.29 -3.58 26.32
CA TYR E 277 -15.41 -2.83 25.07
C TYR E 277 -14.06 -2.51 24.46
N GLU E 278 -13.13 -2.07 25.30
CA GLU E 278 -11.79 -1.64 24.89
C GLU E 278 -10.91 -2.81 24.47
N THR E 279 -11.16 -3.97 25.05
CA THR E 279 -10.49 -5.21 24.67
C THR E 279 -11.03 -5.76 23.33
N TRP E 280 -12.36 -5.87 23.23
CA TRP E 280 -13.06 -6.38 22.03
C TRP E 280 -12.71 -5.62 20.75
N ILE E 281 -12.70 -4.29 20.85
CA ILE E 281 -12.69 -3.41 19.68
C ILE E 281 -11.52 -3.55 18.68
N ASN E 282 -10.34 -3.92 19.16
CA ASN E 282 -9.20 -4.16 18.26
C ASN E 282 -8.67 -5.60 18.37
N GLY E 283 -9.54 -6.52 18.79
CA GLY E 283 -9.19 -7.94 18.86
C GLY E 283 -9.68 -8.59 17.59
N THR E 284 -9.40 -9.88 17.41
CA THR E 284 -9.71 -10.53 16.14
C THR E 284 -11.17 -10.44 15.65
N HIS E 285 -12.15 -10.56 16.53
CA HIS E 285 -13.57 -10.41 16.15
C HIS E 285 -14.03 -8.97 16.09
N GLY E 286 -13.71 -8.21 17.13
CA GLY E 286 -13.98 -6.77 17.16
C GLY E 286 -13.49 -6.02 15.95
N ALA E 287 -12.21 -6.15 15.62
CA ALA E 287 -11.65 -5.44 14.46
C ALA E 287 -12.31 -5.81 13.14
N ALA E 288 -12.89 -7.02 13.07
CA ALA E 288 -13.62 -7.48 11.90
C ALA E 288 -15.09 -7.12 11.88
N GLY E 289 -15.53 -6.26 12.80
CA GLY E 289 -16.95 -5.89 12.90
C GLY E 289 -17.87 -6.92 13.53
N VAL E 290 -17.28 -7.96 14.14
CA VAL E 290 -18.07 -8.95 14.87
C VAL E 290 -18.39 -8.41 16.26
N THR E 291 -19.67 -8.21 16.48
CA THR E 291 -20.22 -7.40 17.52
C THR E 291 -20.61 -8.25 18.76
N CYS E 292 -20.56 -7.63 19.95
CA CYS E 292 -21.12 -8.24 21.17
C CYS E 292 -22.38 -9.02 20.88
N ALA E 293 -23.37 -8.35 20.28
CA ALA E 293 -24.67 -8.97 19.94
C ALA E 293 -24.55 -10.19 19.05
N ASP E 294 -23.54 -10.22 18.18
CA ASP E 294 -23.30 -11.39 17.32
C ASP E 294 -23.14 -12.68 18.11
N CYS E 295 -22.46 -12.60 19.24
CA CYS E 295 -22.10 -13.79 20.02
C CYS E 295 -22.97 -13.99 21.23
N HIS E 296 -23.45 -12.89 21.78
CA HIS E 296 -24.18 -12.89 23.02
C HIS E 296 -25.69 -12.65 22.88
N MET E 297 -26.13 -12.28 21.68
CA MET E 297 -27.53 -12.08 21.38
C MET E 297 -27.87 -12.64 20.00
N SER E 298 -27.45 -13.87 19.72
CA SER E 298 -27.70 -14.41 18.39
C SER E 298 -29.16 -14.74 18.17
N TYR E 299 -29.55 -14.77 16.91
CA TYR E 299 -30.91 -15.04 16.52
C TYR E 299 -31.30 -16.46 16.89
N THR E 300 -32.43 -16.56 17.57
CA THR E 300 -33.00 -17.84 17.99
C THR E 300 -34.46 -17.92 17.54
N ARG E 301 -34.87 -19.11 17.14
CA ARG E 301 -36.16 -19.34 16.47
C ARG E 301 -37.12 -20.06 17.39
N SER E 302 -36.70 -20.26 18.64
CA SER E 302 -37.40 -21.09 19.63
C SER E 302 -38.94 -20.93 19.65
N ASP E 303 -39.41 -19.70 19.82
CA ASP E 303 -40.83 -19.43 19.99
C ASP E 303 -41.49 -19.21 18.63
N ASP E 304 -42.57 -19.97 18.39
CA ASP E 304 -43.22 -20.09 17.06
C ASP E 304 -42.24 -20.67 16.06
N LYS E 305 -42.06 -19.95 14.95
CA LYS E 305 -40.99 -20.20 14.00
C LYS E 305 -40.30 -18.87 13.72
N LYS E 306 -40.56 -17.87 14.57
CA LYS E 306 -40.08 -16.51 14.32
C LYS E 306 -38.85 -16.15 15.15
N LYS E 307 -37.84 -15.60 14.47
CA LYS E 307 -36.55 -15.39 15.10
C LYS E 307 -36.42 -14.03 15.78
N ILE E 308 -35.98 -14.07 17.04
CA ILE E 308 -35.67 -12.88 17.79
C ILE E 308 -34.22 -12.96 18.26
N SER E 309 -33.67 -11.84 18.72
CA SER E 309 -32.37 -11.84 19.38
C SER E 309 -32.50 -12.44 20.78
N SER E 310 -31.72 -13.47 21.06
CA SER E 310 -31.57 -13.96 22.43
C SER E 310 -31.26 -12.77 23.33
N HIS E 311 -32.07 -12.55 24.35
CA HIS E 311 -31.80 -11.53 25.36
C HIS E 311 -31.28 -12.16 26.64
N TRP E 312 -30.63 -13.29 26.47
CA TRP E 312 -29.98 -14.00 27.54
C TRP E 312 -28.48 -13.76 27.41
N TRP E 313 -27.98 -12.90 28.29
CA TRP E 313 -26.61 -12.41 28.22
C TRP E 313 -25.77 -13.16 29.21
N THR E 314 -24.99 -14.10 28.68
CA THR E 314 -24.30 -15.07 29.49
C THR E 314 -23.07 -15.57 28.70
N SER E 315 -22.36 -16.57 29.21
CA SER E 315 -21.30 -17.20 28.43
C SER E 315 -21.87 -18.01 27.26
N PRO E 316 -21.33 -17.78 26.04
CA PRO E 316 -21.66 -18.61 24.89
C PRO E 316 -21.21 -20.09 25.00
N MET E 317 -20.27 -20.39 25.90
CA MET E 317 -19.72 -21.76 26.12
C MET E 317 -20.71 -22.71 26.81
N LYS E 318 -21.84 -22.16 27.24
CA LYS E 318 -22.91 -22.90 27.91
C LYS E 318 -23.69 -23.74 26.92
N ASP E 319 -23.77 -23.31 25.67
CA ASP E 319 -24.45 -24.06 24.62
C ASP E 319 -23.52 -25.17 24.11
N PRO E 320 -23.81 -26.44 24.47
CA PRO E 320 -22.98 -27.53 23.95
C PRO E 320 -22.96 -27.63 22.41
N GLU E 321 -23.98 -27.10 21.74
CA GLU E 321 -24.02 -27.08 20.27
C GLU E 321 -23.38 -25.82 19.63
N MET E 322 -22.93 -24.89 20.49
CA MET E 322 -22.28 -23.63 20.10
C MET E 322 -22.94 -23.00 18.89
N ARG E 323 -24.25 -22.78 18.96
CA ARG E 323 -25.02 -22.31 17.82
C ARG E 323 -24.69 -20.88 17.38
N ALA E 324 -24.37 -20.01 18.33
CA ALA E 324 -24.07 -18.60 18.03
C ALA E 324 -22.84 -18.50 17.13
N CYS E 325 -21.82 -19.29 17.49
CA CYS E 325 -20.54 -19.34 16.82
C CYS E 325 -20.67 -19.93 15.43
N ARG E 326 -21.51 -20.96 15.30
CA ARG E 326 -21.64 -21.68 14.05
C ARG E 326 -22.55 -20.99 13.01
N GLN E 327 -23.17 -19.88 13.38
CA GLN E 327 -23.81 -19.01 12.38
C GLN E 327 -22.77 -18.55 11.36
N CYS E 328 -21.55 -18.31 11.86
CA CYS E 328 -20.42 -17.99 11.00
C CYS E 328 -19.53 -19.19 10.75
N HIS E 329 -19.07 -19.84 11.83
CA HIS E 329 -18.13 -20.99 11.78
C HIS E 329 -18.80 -22.35 11.48
N SER E 330 -19.64 -22.36 10.46
CA SER E 330 -20.46 -23.53 10.15
C SER E 330 -19.66 -24.77 9.76
N ASP E 331 -18.35 -24.61 9.54
CA ASP E 331 -17.47 -25.72 9.18
C ASP E 331 -16.72 -26.34 10.37
N LYS E 332 -16.88 -25.75 11.56
CA LYS E 332 -16.23 -26.21 12.78
C LYS E 332 -17.24 -26.94 13.66
N THR E 333 -16.76 -27.95 14.39
CA THR E 333 -17.56 -28.68 15.38
C THR E 333 -17.62 -27.84 16.64
N PRO E 334 -18.68 -28.01 17.45
CA PRO E 334 -18.74 -27.33 18.74
C PRO E 334 -17.54 -27.59 19.62
N ASP E 335 -17.05 -28.83 19.63
CA ASP E 335 -15.89 -29.20 20.45
C ASP E 335 -14.60 -28.52 19.98
N TYR E 336 -14.39 -28.46 18.67
CA TYR E 336 -13.23 -27.75 18.10
C TYR E 336 -13.24 -26.28 18.51
N LEU E 337 -14.41 -25.64 18.45
CA LEU E 337 -14.54 -24.24 18.87
C LEU E 337 -14.22 -24.03 20.36
N LYS E 338 -14.68 -24.95 21.21
CA LYS E 338 -14.39 -24.86 22.65
C LYS E 338 -12.92 -24.98 22.92
N SER E 339 -12.26 -25.89 22.21
CA SER E 339 -10.84 -26.12 22.39
C SER E 339 -10.01 -24.90 22.00
N ARG E 340 -10.47 -24.12 21.01
CA ARG E 340 -9.78 -22.87 20.63
C ARG E 340 -9.98 -21.74 21.61
N VAL E 341 -11.17 -21.62 22.20
CA VAL E 341 -11.39 -20.69 23.32
C VAL E 341 -10.48 -21.02 24.52
N LEU E 342 -10.39 -22.30 24.82
CA LEU E 342 -9.62 -22.78 25.97
C LEU E 342 -8.11 -22.67 25.72
N PHE E 343 -7.70 -22.68 24.45
CA PHE E 343 -6.32 -22.49 24.02
C PHE E 343 -5.81 -21.13 24.51
N THR E 344 -6.62 -20.10 24.36
CA THR E 344 -6.30 -18.75 24.88
C THR E 344 -6.50 -18.64 26.40
N GLN E 345 -7.64 -19.10 26.87
CA GLN E 345 -8.03 -18.90 28.28
C GLN E 345 -7.05 -19.50 29.30
N LYS E 346 -6.55 -20.70 29.03
CA LYS E 346 -5.68 -21.40 29.96
C LYS E 346 -4.32 -20.71 30.05
N ARG E 347 -3.79 -20.30 28.91
CA ARG E 347 -2.55 -19.52 28.88
C ARG E 347 -2.73 -18.17 29.56
N THR E 348 -3.88 -17.55 29.34
CA THR E 348 -4.14 -16.20 29.86
C THR E 348 -4.32 -16.23 31.38
N PHE E 349 -5.06 -17.22 31.86
CA PHE E 349 -5.27 -17.39 33.30
C PHE E 349 -3.99 -17.75 34.08
N ASP E 350 -3.20 -18.69 33.57
CA ASP E 350 -1.90 -19.02 34.19
C ASP E 350 -0.94 -17.85 34.29
N LEU E 351 -0.83 -17.07 33.21
CA LEU E 351 0.04 -15.89 33.17
C LEU E 351 -0.43 -14.80 34.12
N LEU E 352 -1.75 -14.67 34.29
CA LEU E 352 -2.35 -13.71 35.22
C LEU E 352 -1.93 -13.96 36.67
N LEU E 353 -1.98 -15.22 37.09
CA LEU E 353 -1.65 -15.60 38.45
C LEU E 353 -0.20 -15.34 38.76
N ALA E 354 0.66 -15.54 37.76
CA ALA E 354 2.07 -15.19 37.86
C ALA E 354 2.32 -13.67 37.87
N ALA E 355 1.64 -12.92 37.01
CA ALA E 355 1.70 -11.44 37.08
C ALA E 355 1.26 -10.88 38.47
N GLN E 356 0.21 -11.44 39.05
CA GLN E 356 -0.27 -11.06 40.38
C GLN E 356 0.72 -11.41 41.51
N GLU E 357 1.55 -12.43 41.32
CA GLU E 357 2.54 -12.85 42.33
C GLU E 357 3.73 -11.92 42.37
N VAL E 358 4.25 -11.60 41.20
CA VAL E 358 5.33 -10.64 41.11
C VAL E 358 4.86 -9.24 41.53
N SER E 359 3.57 -8.96 41.36
CA SER E 359 3.00 -7.71 41.85
C SER E 359 2.96 -7.68 43.38
N VAL E 360 2.47 -8.73 44.01
CA VAL E 360 2.49 -8.85 45.45
C VAL E 360 3.90 -8.61 45.99
N LYS E 361 4.89 -9.24 45.34
CA LYS E 361 6.31 -9.12 45.66
C LYS E 361 6.86 -7.71 45.45
N ALA E 362 6.43 -7.01 44.39
CA ALA E 362 6.83 -5.59 44.21
C ALA E 362 6.33 -4.72 45.35
N HIS E 363 5.06 -4.90 45.72
CA HIS E 363 4.45 -4.23 46.89
C HIS E 363 5.23 -4.49 48.18
N GLU E 364 5.61 -5.74 48.39
CA GLU E 364 6.37 -6.14 49.56
C GLU E 364 7.78 -5.57 49.57
N ALA E 365 8.41 -5.53 48.40
CA ALA E 365 9.75 -5.01 48.25
C ALA E 365 9.83 -3.50 48.54
N VAL E 366 8.81 -2.77 48.09
CA VAL E 366 8.74 -1.33 48.27
C VAL E 366 8.39 -1.01 49.72
N ARG E 367 7.55 -1.86 50.30
CA ARG E 367 7.28 -1.81 51.73
C ARG E 367 8.56 -1.92 52.57
N LEU E 368 9.39 -2.95 52.31
CA LEU E 368 10.63 -3.16 53.04
C LEU E 368 11.62 -2.03 52.82
N ALA E 369 11.67 -1.53 51.58
CA ALA E 369 12.51 -0.40 51.23
C ALA E 369 12.06 0.87 51.93
N ASN E 370 10.75 1.04 52.10
CA ASN E 370 10.16 2.18 52.82
C ASN E 370 10.59 2.24 54.29
N GLU E 371 10.57 1.08 54.95
CA GLU E 371 10.79 0.98 56.39
C GLU E 371 12.22 0.55 56.73
N TYR E 372 13.10 0.62 55.73
CA TYR E 372 14.45 0.13 55.81
C TYR E 372 15.38 0.99 56.67
N GLN E 373 16.21 0.32 57.45
CA GLN E 373 16.94 0.96 58.52
C GLN E 373 18.45 0.98 58.30
N GLY E 374 18.92 0.23 57.30
CA GLY E 374 20.33 0.20 56.94
C GLY E 374 20.74 1.33 55.99
N ALA E 375 22.00 1.29 55.55
CA ALA E 375 22.54 2.28 54.64
C ALA E 375 21.80 2.29 53.31
N LYS E 376 21.29 3.46 52.93
CA LYS E 376 20.52 3.61 51.69
C LYS E 376 21.39 4.11 50.53
N ALA E 377 20.98 3.82 49.31
CA ALA E 377 21.64 4.38 48.14
C ALA E 377 21.52 5.89 48.21
N ALA E 378 22.44 6.59 47.54
CA ALA E 378 22.45 8.05 47.53
C ALA E 378 21.18 8.61 46.89
N GLY E 379 20.69 7.90 45.86
CA GLY E 379 19.46 8.30 45.17
C GLY E 379 18.20 7.65 45.73
N TYR E 380 18.21 7.33 47.02
CA TYR E 380 17.10 6.61 47.65
C TYR E 380 15.71 7.16 47.29
N ASP E 381 15.49 8.46 47.53
CA ASP E 381 14.19 9.08 47.30
C ASP E 381 13.72 9.00 45.85
N ASP E 382 14.63 9.28 44.92
CA ASP E 382 14.30 9.19 43.50
C ASP E 382 13.98 7.75 43.08
N LEU E 383 14.82 6.81 43.51
CA LEU E 383 14.59 5.40 43.21
C LEU E 383 13.26 4.88 43.73
N MET E 384 12.81 5.42 44.87
CA MET E 384 11.57 5.01 45.52
C MET E 384 10.34 5.49 44.76
N ILE E 385 10.42 6.71 44.22
CA ILE E 385 9.38 7.22 43.33
C ILE E 385 9.32 6.33 42.07
N GLN E 386 10.50 6.04 41.51
CA GLN E 386 10.63 5.23 40.31
C GLN E 386 10.02 3.84 40.53
N ALA E 387 10.35 3.25 41.68
CA ALA E 387 9.84 1.95 42.10
C ALA E 387 8.31 1.95 42.27
N ARG E 388 7.76 3.01 42.87
CA ARG E 388 6.30 3.13 43.03
C ARG E 388 5.55 3.30 41.70
N GLU E 389 6.13 4.07 40.79
CA GLU E 389 5.57 4.19 39.44
C GLU E 389 5.49 2.82 38.75
N MET E 390 6.48 1.97 39.00
CA MET E 390 6.52 0.64 38.36
C MET E 390 5.53 -0.33 38.97
N VAL E 391 5.37 -0.27 40.29
CA VAL E 391 4.31 -0.95 41.03
C VAL E 391 2.92 -0.59 40.51
N ARG E 392 2.66 0.72 40.46
CA ARG E 392 1.42 1.30 39.93
C ARG E 392 1.14 0.84 38.48
N LYS E 393 2.15 0.98 37.62
CA LYS E 393 2.02 0.57 36.21
C LYS E 393 1.81 -0.94 36.02
N GLY E 394 2.56 -1.77 36.75
CA GLY E 394 2.44 -3.22 36.63
C GLY E 394 1.09 -3.73 37.07
N GLN E 395 0.60 -3.20 38.19
CA GLN E 395 -0.76 -3.53 38.67
C GLN E 395 -1.89 -3.12 37.72
N PHE E 396 -1.83 -1.91 37.16
CA PHE E 396 -2.84 -1.48 36.17
C PHE E 396 -2.92 -2.41 34.97
N PHE E 397 -1.75 -2.85 34.52
CA PHE E 397 -1.65 -3.77 33.40
C PHE E 397 -2.23 -5.16 33.71
N TRP E 398 -1.93 -5.76 34.86
CA TRP E 398 -2.53 -7.08 35.14
C TRP E 398 -4.03 -6.93 35.41
N ASP E 399 -4.39 -5.79 36.02
CA ASP E 399 -5.74 -5.53 36.47
C ASP E 399 -6.67 -5.32 35.28
N TYR E 400 -6.11 -4.76 34.21
CA TYR E 400 -6.82 -4.55 32.95
C TYR E 400 -7.27 -5.91 32.39
N VAL E 401 -6.42 -6.92 32.53
CA VAL E 401 -6.75 -8.27 32.05
C VAL E 401 -7.59 -9.07 33.07
N SER E 402 -7.19 -9.01 34.34
CA SER E 402 -7.94 -9.69 35.42
C SER E 402 -9.41 -9.30 35.44
N ALA E 403 -9.66 -7.98 35.36
CA ALA E 403 -11.01 -7.42 35.42
C ALA E 403 -11.89 -7.75 34.20
N GLU E 404 -11.28 -8.12 33.07
CA GLU E 404 -12.00 -8.36 31.82
C GLU E 404 -12.57 -9.77 31.84
N ASN E 405 -13.77 -9.95 31.31
CA ASN E 405 -14.52 -11.17 31.58
C ASN E 405 -14.35 -12.37 30.66
N SER E 406 -13.64 -12.21 29.55
CA SER E 406 -13.49 -13.27 28.55
C SER E 406 -12.26 -14.15 28.78
N VAL E 407 -11.43 -13.79 29.77
CA VAL E 407 -10.20 -14.53 30.09
C VAL E 407 -9.28 -14.66 28.85
N GLY E 408 -9.18 -13.56 28.11
CA GLY E 408 -8.28 -13.46 26.98
C GLY E 408 -8.92 -13.75 25.63
N PHE E 409 -10.10 -14.37 25.64
CA PHE E 409 -10.72 -14.70 24.37
C PHE E 409 -11.08 -13.49 23.47
N HIS E 410 -11.58 -12.40 24.03
CA HIS E 410 -11.94 -11.24 23.20
C HIS E 410 -10.75 -10.66 22.40
N ASN E 411 -9.57 -10.69 22.99
CA ASN E 411 -8.35 -10.19 22.35
C ASN E 411 -7.13 -10.97 22.87
N PRO E 412 -6.90 -12.17 22.31
CA PRO E 412 -5.82 -12.99 22.85
C PRO E 412 -4.44 -12.32 22.88
N ALA E 413 -4.00 -11.71 21.78
CA ALA E 413 -2.71 -11.01 21.74
C ALA E 413 -2.59 -9.80 22.70
N LYS E 414 -3.65 -9.02 22.82
CA LYS E 414 -3.57 -7.90 23.74
C LYS E 414 -3.49 -8.40 25.19
N ALA E 415 -4.31 -9.42 25.50
CA ALA E 415 -4.26 -10.05 26.83
C ALA E 415 -2.86 -10.56 27.18
N LEU E 416 -2.28 -11.37 26.30
CA LEU E 416 -0.98 -12.01 26.60
C LEU E 416 0.18 -11.02 26.66
N ASP E 417 0.25 -10.15 25.65
CA ASP E 417 1.19 -9.03 25.65
C ASP E 417 1.06 -8.11 26.88
N THR E 418 -0.16 -7.82 27.33
CA THR E 418 -0.38 -6.93 28.49
C THR E 418 0.13 -7.59 29.78
N LEU E 419 -0.21 -8.86 29.97
CA LEU E 419 0.28 -9.61 31.13
C LEU E 419 1.79 -9.76 31.18
N ALA E 420 2.39 -9.92 30.02
CA ALA E 420 3.85 -10.01 29.88
C ALA E 420 4.56 -8.70 30.24
N GLN E 421 3.99 -7.57 29.80
CA GLN E 421 4.50 -6.27 30.21
C GLN E 421 4.26 -5.99 31.69
N SER E 422 3.08 -6.31 32.21
CA SER E 422 2.82 -6.13 33.66
C SER E 422 3.98 -6.67 34.51
N GLN E 423 4.37 -7.92 34.22
CA GLN E 423 5.45 -8.64 34.92
C GLN E 423 6.77 -7.90 34.89
N GLN E 424 7.07 -7.25 33.76
CA GLN E 424 8.32 -6.50 33.62
C GLN E 424 8.36 -5.25 34.48
N PHE E 425 7.22 -4.60 34.64
CA PHE E 425 7.08 -3.40 35.49
C PHE E 425 7.17 -3.77 36.97
N SER E 426 6.42 -4.77 37.39
CA SER E 426 6.54 -5.31 38.74
C SER E 426 7.98 -5.72 39.08
N GLN E 427 8.61 -6.51 38.21
CA GLN E 427 10.01 -6.88 38.44
C GLN E 427 10.96 -5.69 38.56
N LYS E 428 10.76 -4.68 37.72
CA LYS E 428 11.56 -3.47 37.81
C LYS E 428 11.35 -2.66 39.09
N ALA E 429 10.12 -2.62 39.61
CA ALA E 429 9.86 -2.09 40.95
C ALA E 429 10.72 -2.80 42.01
N ILE E 430 10.76 -4.13 41.95
CA ILE E 430 11.60 -4.94 42.87
C ILE E 430 13.06 -4.57 42.71
N ASP E 431 13.50 -4.44 41.46
CA ASP E 431 14.89 -4.11 41.13
C ASP E 431 15.35 -2.76 41.66
N LEU E 432 14.47 -1.76 41.57
CA LEU E 432 14.75 -0.40 42.03
C LEU E 432 14.70 -0.30 43.57
N ALA E 433 13.79 -1.05 44.19
CA ALA E 433 13.71 -1.13 45.66
C ALA E 433 14.96 -1.77 46.27
N MET E 434 15.50 -2.79 45.60
CA MET E 434 16.75 -3.45 46.02
C MET E 434 17.90 -2.48 45.90
N GLU E 435 17.90 -1.72 44.80
CA GLU E 435 18.91 -0.71 44.54
C GLU E 435 18.86 0.39 45.58
N ALA E 436 17.67 0.91 45.86
CA ALA E 436 17.48 1.93 46.91
C ALA E 436 18.10 1.53 48.26
N THR E 437 18.05 0.24 48.59
CA THR E 437 18.50 -0.27 49.89
C THR E 437 19.86 -0.96 49.87
N GLN E 438 20.61 -0.79 48.79
CA GLN E 438 21.89 -1.50 48.55
C GLN E 438 21.77 -3.00 48.80
N TYR E 439 20.63 -3.55 48.35
CA TYR E 439 20.35 -4.99 48.36
C TYR E 439 20.11 -5.59 49.73
N GLY E 440 19.90 -4.69 50.71
CA GLY E 440 19.73 -5.07 52.12
C GLY E 440 18.38 -5.66 52.46
N ILE E 441 17.43 -5.61 51.52
CA ILE E 441 16.11 -6.19 51.68
C ILE E 441 16.03 -7.58 51.06
N GLY E 442 17.10 -8.00 50.40
CA GLY E 442 17.15 -9.29 49.71
C GLY E 442 16.84 -10.49 50.59
N LYS E 443 17.42 -10.47 51.79
CA LYS E 443 17.17 -11.48 52.82
C LYS E 443 15.70 -11.68 53.20
N ASP E 444 14.88 -10.67 52.89
CA ASP E 444 13.44 -10.66 53.22
C ASP E 444 12.54 -11.00 52.04
N LEU E 445 13.14 -11.13 50.86
CA LEU E 445 12.39 -11.41 49.62
C LEU E 445 12.67 -12.77 48.97
N SER E 446 13.30 -13.67 49.71
CA SER E 446 13.88 -14.88 49.11
C SER E 446 12.99 -16.14 48.98
N GLY E 447 11.93 -16.27 49.75
CA GLY E 447 11.18 -17.54 49.68
C GLY E 447 10.28 -17.77 48.47
N ASP E 448 9.29 -18.64 48.64
CA ASP E 448 8.10 -18.59 47.80
C ASP E 448 7.30 -17.44 48.37
N ILE E 449 6.69 -16.65 47.48
CA ILE E 449 5.94 -15.46 47.89
C ILE E 449 4.73 -15.82 48.80
N LYS E 450 4.13 -16.99 48.58
CA LYS E 450 2.98 -17.41 49.40
C LYS E 450 3.31 -17.70 50.89
N THR E 451 4.59 -17.80 51.22
CA THR E 451 4.99 -17.79 52.63
C THR E 451 5.50 -16.40 53.10
N ILE E 452 6.13 -15.64 52.21
CA ILE E 452 6.59 -14.27 52.50
C ILE E 452 5.42 -13.32 52.76
N VAL E 453 4.41 -13.37 51.88
CA VAL E 453 3.15 -12.67 52.06
C VAL E 453 2.04 -13.68 51.78
N PRO E 454 1.44 -14.25 52.83
CA PRO E 454 0.38 -15.20 52.59
C PRO E 454 -0.82 -14.51 51.96
N PRO E 455 -1.56 -15.22 51.09
CA PRO E 455 -2.80 -14.64 50.58
C PRO E 455 -3.82 -14.36 51.69
N ILE E 456 -4.53 -13.25 51.57
CA ILE E 456 -5.59 -12.87 52.50
C ILE E 456 -6.89 -13.45 51.97
N LEU E 457 -7.40 -14.51 52.60
CA LEU E 457 -8.62 -15.19 52.12
C LEU E 457 -9.93 -14.56 52.63
N LYS E 458 -9.87 -14.01 53.83
CA LYS E 458 -11.01 -13.40 54.48
C LYS E 458 -10.72 -11.97 54.83
N MET E 459 -11.68 -11.10 54.52
CA MET E 459 -11.67 -9.72 54.94
C MET E 459 -13.01 -9.16 54.52
N ASN E 460 -13.72 -8.62 55.50
CA ASN E 460 -14.92 -7.81 55.31
C ASN E 460 -15.02 -6.72 56.38
N ARG E 461 -16.05 -5.88 56.28
CA ARG E 461 -16.21 -4.72 57.16
C ARG E 461 -16.48 -5.09 58.62
N LYS E 462 -17.25 -6.15 58.83
CA LYS E 462 -17.43 -6.70 60.17
C LYS E 462 -16.11 -7.18 60.81
N LEU E 463 -15.29 -7.90 60.03
CA LEU E 463 -14.04 -8.43 60.52
C LEU E 463 -13.03 -7.35 60.89
N GLN E 464 -13.00 -6.26 60.12
CA GLN E 464 -12.10 -5.15 60.39
C GLN E 464 -12.43 -4.38 61.68
N GLN E 465 -13.53 -4.79 62.33
CA GLN E 465 -13.96 -4.22 63.62
C GLN E 465 -13.31 -4.95 64.80
N ASP E 466 -12.95 -6.21 64.54
CA ASP E 466 -12.39 -7.15 65.52
C ASP E 466 -10.88 -7.00 65.63
N PRO E 467 -10.39 -6.46 66.77
CA PRO E 467 -8.95 -6.17 66.93
C PRO E 467 -8.07 -7.42 66.95
N GLU E 468 -8.65 -8.58 67.24
CA GLU E 468 -7.89 -9.83 67.31
C GLU E 468 -7.66 -10.41 65.93
N PHE E 469 -8.67 -10.25 65.06
CA PHE E 469 -8.52 -10.62 63.65
C PHE E 469 -7.47 -9.72 62.98
N MET E 470 -7.50 -8.43 63.28
CA MET E 470 -6.58 -7.45 62.71
C MET E 470 -5.10 -7.63 63.08
N LYS E 471 -4.79 -8.78 63.69
CA LYS E 471 -3.41 -9.13 64.05
C LYS E 471 -2.98 -10.35 63.24
N THR E 472 -3.94 -10.94 62.52
CA THR E 472 -3.82 -12.23 61.83
C THR E 472 -3.00 -12.20 60.52
N HIS E 473 -2.68 -11.00 60.03
CA HIS E 473 -1.82 -10.87 58.85
C HIS E 473 -0.88 -9.67 58.97
N LYS E 474 0.36 -9.84 58.52
CA LYS E 474 1.42 -8.82 58.59
C LYS E 474 1.09 -7.48 57.93
N TRP E 475 0.20 -7.49 56.93
CA TRP E 475 -0.20 -6.32 56.16
C TRP E 475 -1.41 -5.64 56.82
N PHE E 476 -2.00 -6.30 57.81
CA PHE E 476 -3.14 -5.75 58.57
C PHE E 476 -2.76 -4.57 59.46
N GLN E 477 -1.47 -4.45 59.79
CA GLN E 477 -0.97 -3.34 60.61
C GLN E 477 -1.03 -1.98 59.91
N TYR E 478 -1.44 -1.98 58.65
CA TYR E 478 -1.45 -0.77 57.82
C TYR E 478 -2.85 -0.24 57.66
N LEU E 479 -3.82 -1.06 58.03
CA LEU E 479 -5.23 -0.69 58.07
C LEU E 479 -5.69 -0.37 59.50
N PRO E 480 -6.61 0.61 59.64
CA PRO E 480 -7.27 0.85 60.92
C PRO E 480 -8.21 -0.27 61.38
N VAL E 481 -8.36 -0.42 62.71
CA VAL E 481 -9.47 -1.20 63.26
C VAL E 481 -10.66 -0.25 63.25
N LEU E 482 -11.77 -0.70 62.66
CA LEU E 482 -12.93 0.17 62.47
C LEU E 482 -13.75 0.28 63.75
N PRO E 483 -14.39 1.45 63.97
CA PRO E 483 -15.37 1.55 65.04
C PRO E 483 -16.32 0.34 65.04
N LYS E 484 -16.56 -0.24 66.22
CA LYS E 484 -17.61 -1.26 66.37
C LYS E 484 -18.96 -0.63 66.03
N ALA E 485 -19.76 -1.38 65.28
CA ALA E 485 -21.03 -0.86 64.75
C ALA E 485 -21.89 -2.02 64.27
N ASP E 486 -23.20 -1.92 64.51
CA ASP E 486 -24.13 -2.92 64.02
C ASP E 486 -24.60 -2.54 62.62
N GLN E 487 -25.01 -3.55 61.86
CA GLN E 487 -25.52 -3.36 60.52
C GLN E 487 -26.72 -2.40 60.54
N VAL E 488 -26.62 -1.33 59.74
CA VAL E 488 -27.71 -0.40 59.52
C VAL E 488 -28.59 -0.90 58.37
N TRP E 489 -27.95 -1.43 57.33
CA TRP E 489 -28.65 -1.79 56.09
C TRP E 489 -28.59 -3.27 55.80
N ASP E 490 -29.74 -3.85 55.52
CA ASP E 490 -29.81 -5.22 55.03
C ASP E 490 -30.68 -5.19 53.79
N GLY E 491 -30.02 -5.18 52.63
CA GLY E 491 -30.69 -5.01 51.35
C GLY E 491 -31.29 -3.63 51.29
N GLN E 492 -32.61 -3.58 51.20
CA GLN E 492 -33.35 -2.33 51.19
C GLN E 492 -33.94 -1.97 52.57
N LYS E 493 -33.89 -2.95 53.49
CA LYS E 493 -34.45 -2.83 54.84
C LYS E 493 -33.49 -2.14 55.80
N ARG E 494 -33.99 -1.11 56.50
CA ARG E 494 -33.19 -0.44 57.55
C ARG E 494 -33.33 -1.22 58.85
N LEU E 495 -32.26 -1.33 59.62
CA LEU E 495 -32.25 -2.14 60.84
C LEU E 495 -31.98 -1.25 62.03
N LYS F 14 -57.17 -28.94 -39.07
CA LYS F 14 -57.51 -27.81 -38.14
C LYS F 14 -58.15 -28.31 -36.83
N LEU F 15 -58.17 -29.63 -36.67
CA LEU F 15 -58.70 -30.28 -35.46
C LEU F 15 -57.61 -31.10 -34.76
N VAL F 16 -56.54 -31.40 -35.50
CA VAL F 16 -55.33 -32.01 -34.96
C VAL F 16 -54.27 -30.91 -34.77
N LEU F 17 -54.46 -29.78 -35.46
CA LEU F 17 -53.69 -28.55 -35.25
C LEU F 17 -54.14 -27.80 -33.98
N GLY F 18 -55.23 -28.27 -33.37
CA GLY F 18 -55.66 -27.77 -32.07
C GLY F 18 -54.86 -28.41 -30.95
N GLY F 19 -54.45 -29.67 -31.15
CA GLY F 19 -53.56 -30.37 -30.23
C GLY F 19 -52.13 -29.84 -30.31
N ALA F 20 -51.72 -29.46 -31.52
CA ALA F 20 -50.39 -28.89 -31.76
C ALA F 20 -50.34 -27.38 -31.45
N THR F 21 -51.07 -26.99 -30.40
CA THR F 21 -51.08 -25.63 -29.88
C THR F 21 -51.17 -25.83 -28.37
N LEU F 22 -52.32 -26.39 -27.93
CA LEU F 22 -52.45 -26.96 -26.58
C LEU F 22 -51.24 -27.81 -26.17
N GLY F 23 -50.46 -28.28 -27.14
CA GLY F 23 -49.26 -29.08 -26.87
C GLY F 23 -47.99 -28.25 -26.71
N VAL F 24 -47.84 -27.23 -27.57
CA VAL F 24 -46.68 -26.31 -27.48
C VAL F 24 -46.86 -25.30 -26.35
N VAL F 25 -48.11 -25.04 -25.96
CA VAL F 25 -48.40 -24.16 -24.83
C VAL F 25 -48.30 -24.93 -23.51
N ALA F 26 -48.51 -26.24 -23.57
CA ALA F 26 -48.32 -27.10 -22.39
C ALA F 26 -46.84 -27.26 -22.03
N LEU F 27 -46.00 -27.46 -23.04
CA LEU F 27 -44.57 -27.63 -22.83
C LEU F 27 -43.87 -26.31 -22.53
N ALA F 28 -44.36 -25.22 -23.11
CA ALA F 28 -43.79 -23.89 -22.86
C ALA F 28 -44.16 -23.38 -21.47
N THR F 29 -45.31 -23.84 -20.95
CA THR F 29 -45.74 -23.53 -19.59
C THR F 29 -44.91 -24.33 -18.57
N VAL F 30 -44.75 -25.62 -18.83
CA VAL F 30 -43.88 -26.50 -18.04
C VAL F 30 -42.45 -25.94 -17.95
N ALA F 31 -41.88 -25.57 -19.09
CA ALA F 31 -40.51 -25.04 -19.18
C ALA F 31 -40.32 -23.73 -18.43
N PHE F 32 -41.22 -22.75 -18.66
CA PHE F 32 -41.20 -21.50 -17.90
C PHE F 32 -41.27 -21.75 -16.39
N GLY F 33 -42.13 -22.68 -15.97
CA GLY F 33 -42.34 -22.99 -14.56
C GLY F 33 -41.12 -23.61 -13.87
N MET F 34 -40.39 -24.43 -14.62
CA MET F 34 -39.14 -25.05 -14.11
C MET F 34 -38.05 -24.00 -13.88
N LYS F 35 -37.95 -23.03 -14.79
CA LYS F 35 -36.99 -21.94 -14.70
C LYS F 35 -37.37 -20.93 -13.63
N TYR F 36 -38.66 -20.64 -13.50
CA TYR F 36 -39.15 -19.70 -12.51
C TYR F 36 -38.90 -20.16 -11.08
N THR F 37 -38.82 -21.46 -10.92
CA THR F 37 -38.82 -22.11 -9.64
C THR F 37 -37.35 -22.45 -9.25
N ASP F 38 -36.43 -21.93 -10.07
CA ASP F 38 -34.98 -22.02 -9.87
C ASP F 38 -34.44 -20.74 -9.30
N GLN F 39 -35.30 -19.71 -9.36
CA GLN F 39 -34.93 -18.31 -9.28
C GLN F 39 -35.07 -17.73 -7.86
N ARG F 40 -34.30 -16.68 -7.59
CA ARG F 40 -34.26 -16.03 -6.28
C ARG F 40 -35.59 -15.45 -5.75
N PRO F 41 -36.42 -14.80 -6.62
CA PRO F 41 -37.74 -14.34 -6.16
C PRO F 41 -38.65 -15.45 -5.56
N PHE F 42 -38.69 -16.62 -6.20
CA PHE F 42 -39.42 -17.80 -5.73
C PHE F 42 -38.83 -18.42 -4.46
N CYS F 43 -37.53 -18.62 -4.45
CA CYS F 43 -36.84 -19.20 -3.32
C CYS F 43 -37.02 -18.38 -2.05
N THR F 44 -37.15 -17.07 -2.21
CA THR F 44 -37.23 -16.17 -1.08
C THR F 44 -38.67 -15.74 -0.80
N SER F 45 -39.63 -16.47 -1.37
CA SER F 45 -41.03 -16.26 -1.05
C SER F 45 -41.35 -16.89 0.31
N CYS F 46 -40.34 -17.49 0.92
CA CYS F 46 -40.36 -17.92 2.30
C CYS F 46 -39.34 -17.13 3.11
N HIS F 47 -39.78 -16.40 4.14
CA HIS F 47 -38.93 -15.49 4.91
C HIS F 47 -37.69 -16.14 5.52
N ILE F 48 -37.75 -17.46 5.69
CA ILE F 48 -36.64 -18.23 6.22
C ILE F 48 -35.43 -18.22 5.27
N MET F 49 -35.69 -18.13 3.97
CA MET F 49 -34.66 -18.11 2.91
C MET F 49 -34.12 -16.72 2.59
N ASN F 50 -34.56 -15.71 3.34
CA ASN F 50 -34.18 -14.31 3.14
C ASN F 50 -32.69 -13.98 3.30
N PRO F 51 -32.06 -14.36 4.43
CA PRO F 51 -30.63 -14.14 4.59
C PRO F 51 -29.76 -14.73 3.47
N VAL F 52 -30.10 -15.93 2.99
CA VAL F 52 -29.39 -16.50 1.85
C VAL F 52 -29.75 -15.77 0.53
N GLY F 53 -30.94 -15.21 0.48
CA GLY F 53 -31.36 -14.42 -0.68
C GLY F 53 -30.65 -13.08 -0.75
N VAL F 54 -30.51 -12.44 0.41
CA VAL F 54 -29.78 -11.17 0.54
C VAL F 54 -28.29 -11.31 0.21
N THR F 55 -27.64 -12.38 0.67
CA THR F 55 -26.21 -12.58 0.42
C THR F 55 -25.90 -12.99 -1.02
N HIS F 56 -26.84 -13.69 -1.64
CA HIS F 56 -26.80 -14.03 -3.05
C HIS F 56 -26.78 -12.74 -3.86
N LYS F 57 -27.78 -11.89 -3.62
CA LYS F 57 -27.97 -10.66 -4.37
C LYS F 57 -26.80 -9.68 -4.21
N LEU F 58 -26.05 -9.81 -3.12
CA LEU F 58 -24.92 -8.93 -2.81
C LEU F 58 -23.58 -9.39 -3.37
N SER F 59 -23.56 -10.57 -3.98
CA SER F 59 -22.34 -11.29 -4.32
C SER F 59 -22.04 -11.36 -5.82
N GLY F 60 -20.84 -11.83 -6.13
CA GLY F 60 -20.44 -12.12 -7.52
C GLY F 60 -21.42 -12.97 -8.31
N HIS F 61 -22.13 -13.86 -7.62
CA HIS F 61 -23.06 -14.80 -8.25
C HIS F 61 -24.51 -14.34 -8.27
N ALA F 62 -24.71 -13.05 -8.03
CA ALA F 62 -26.04 -12.45 -7.97
C ALA F 62 -26.87 -12.67 -9.23
N ASN F 63 -26.23 -12.88 -10.38
CA ASN F 63 -26.96 -12.91 -11.66
C ASN F 63 -27.14 -14.30 -12.26
N ILE F 64 -26.82 -15.33 -11.47
CA ILE F 64 -27.20 -16.70 -11.78
C ILE F 64 -28.24 -17.11 -10.76
N SER F 65 -29.14 -18.02 -11.14
CA SER F 65 -30.20 -18.43 -10.26
C SER F 65 -29.69 -19.28 -9.10
N CYS F 66 -30.53 -19.49 -8.09
CA CYS F 66 -30.22 -20.35 -6.94
C CYS F 66 -29.86 -21.77 -7.30
N ASN F 67 -30.65 -22.36 -8.20
CA ASN F 67 -30.43 -23.73 -8.63
C ASN F 67 -29.30 -23.91 -9.63
N ASP F 68 -28.74 -22.81 -10.14
CA ASP F 68 -27.47 -22.89 -10.88
C ASP F 68 -26.34 -23.50 -10.01
N CYS F 69 -26.44 -23.31 -8.70
CA CYS F 69 -25.61 -24.06 -7.76
C CYS F 69 -26.33 -25.20 -7.07
N HIS F 70 -27.60 -24.97 -6.74
CA HIS F 70 -28.30 -25.80 -5.78
C HIS F 70 -28.97 -27.06 -6.30
N ALA F 71 -29.12 -27.16 -7.62
CA ALA F 71 -29.69 -28.35 -8.23
C ALA F 71 -28.81 -28.83 -9.40
N PRO F 72 -28.83 -30.16 -9.67
CA PRO F 72 -28.10 -30.74 -10.82
C PRO F 72 -28.48 -30.07 -12.14
N HIS F 73 -27.52 -29.93 -13.05
CA HIS F 73 -27.83 -29.32 -14.36
C HIS F 73 -28.45 -30.29 -15.38
N ASN F 74 -28.09 -31.57 -15.28
CA ASN F 74 -28.67 -32.67 -16.05
C ASN F 74 -30.18 -32.71 -15.83
N LEU F 75 -30.95 -32.72 -16.92
CA LEU F 75 -32.39 -32.54 -16.81
C LEU F 75 -33.08 -33.72 -16.13
N LEU F 76 -32.61 -34.93 -16.43
CA LEU F 76 -33.17 -36.15 -15.84
C LEU F 76 -32.87 -36.28 -14.34
N ALA F 77 -31.79 -35.65 -13.89
CA ALA F 77 -31.47 -35.60 -12.45
C ALA F 77 -32.12 -34.43 -11.72
N LYS F 78 -32.42 -33.35 -12.46
CA LYS F 78 -32.88 -32.07 -11.88
C LYS F 78 -34.33 -32.07 -11.43
N LEU F 79 -35.21 -32.60 -12.29
CA LEU F 79 -36.65 -32.67 -12.02
C LEU F 79 -37.00 -33.43 -10.72
N PRO F 80 -36.48 -34.68 -10.58
CA PRO F 80 -36.68 -35.38 -9.31
C PRO F 80 -36.03 -34.69 -8.08
N PHE F 81 -34.88 -34.03 -8.28
CA PHE F 81 -34.18 -33.36 -7.18
C PHE F 81 -34.99 -32.13 -6.73
N LYS F 82 -35.51 -31.39 -7.68
CA LYS F 82 -36.36 -30.25 -7.38
C LYS F 82 -37.61 -30.64 -6.60
N ALA F 83 -38.24 -31.75 -6.96
CA ALA F 83 -39.48 -32.22 -6.33
C ALA F 83 -39.28 -32.68 -4.88
N ILE F 84 -38.22 -33.44 -4.65
CA ILE F 84 -37.88 -33.96 -3.33
C ILE F 84 -37.38 -32.86 -2.39
N ALA F 85 -36.51 -31.99 -2.88
CA ALA F 85 -36.03 -30.82 -2.11
C ALA F 85 -37.21 -29.89 -1.80
N GLY F 86 -38.00 -29.57 -2.81
CA GLY F 86 -39.20 -28.77 -2.67
C GLY F 86 -40.17 -29.34 -1.66
N ALA F 87 -40.35 -30.66 -1.68
CA ALA F 87 -41.26 -31.34 -0.75
C ALA F 87 -40.78 -31.27 0.70
N ARG F 88 -39.49 -31.52 0.91
CA ARG F 88 -38.85 -31.36 2.23
C ARG F 88 -39.03 -29.94 2.77
N ASP F 89 -38.94 -28.95 1.88
CA ASP F 89 -38.88 -27.54 2.28
C ASP F 89 -40.26 -27.02 2.64
N VAL F 90 -41.26 -27.35 1.82
CA VAL F 90 -42.66 -27.01 2.11
C VAL F 90 -43.07 -27.62 3.45
N TYR F 91 -42.60 -28.86 3.69
CA TYR F 91 -42.85 -29.54 4.96
C TYR F 91 -42.21 -28.84 6.16
N MET F 92 -40.91 -28.58 6.09
CA MET F 92 -40.19 -27.97 7.22
C MET F 92 -40.66 -26.55 7.49
N ASN F 93 -41.29 -25.95 6.50
CA ASN F 93 -41.82 -24.60 6.63
C ASN F 93 -43.22 -24.59 7.24
N THR F 94 -43.99 -25.66 7.03
CA THR F 94 -45.34 -25.72 7.64
C THR F 94 -45.43 -26.61 8.88
N LEU F 95 -45.08 -27.89 8.74
CA LEU F 95 -45.30 -28.85 9.82
C LEU F 95 -44.08 -29.17 10.70
N GLY F 96 -42.89 -28.86 10.22
CA GLY F 96 -41.66 -29.09 10.98
C GLY F 96 -41.30 -27.89 11.84
N HIS F 97 -40.23 -28.03 12.63
CA HIS F 97 -39.73 -26.94 13.48
C HIS F 97 -38.23 -26.75 13.23
N PRO F 98 -37.86 -25.84 12.29
CA PRO F 98 -36.44 -25.65 11.95
C PRO F 98 -35.64 -25.12 13.14
N GLY F 99 -34.37 -25.49 13.20
CA GLY F 99 -33.51 -25.07 14.31
C GLY F 99 -33.07 -23.63 14.17
N ASP F 100 -32.17 -23.23 15.07
CA ASP F 100 -31.54 -21.92 14.99
C ASP F 100 -30.52 -21.90 13.85
N LEU F 101 -29.92 -23.07 13.61
CA LEU F 101 -28.92 -23.25 12.57
C LEU F 101 -29.50 -23.93 11.34
N ILE F 102 -29.55 -23.23 10.23
CA ILE F 102 -29.91 -23.86 8.97
C ILE F 102 -28.62 -24.25 8.25
N LEU F 103 -28.36 -25.54 8.19
CA LEU F 103 -27.15 -26.01 7.53
C LEU F 103 -27.47 -27.02 6.43
N ALA F 104 -26.72 -26.91 5.34
CA ALA F 104 -26.87 -27.79 4.20
C ALA F 104 -26.52 -29.21 4.58
N GLY F 105 -27.29 -30.16 4.05
CA GLY F 105 -27.03 -31.58 4.23
C GLY F 105 -25.98 -32.05 3.25
N MET F 106 -25.58 -33.30 3.38
CA MET F 106 -24.51 -33.87 2.56
C MET F 106 -24.79 -33.90 1.06
N GLU F 107 -26.06 -34.02 0.69
CA GLU F 107 -26.40 -34.12 -0.72
C GLU F 107 -26.25 -32.76 -1.42
N THR F 108 -26.74 -31.69 -0.82
CA THR F 108 -26.55 -30.36 -1.41
C THR F 108 -25.08 -29.94 -1.48
N LYS F 109 -24.28 -30.33 -0.48
CA LYS F 109 -22.83 -30.08 -0.51
C LYS F 109 -22.16 -30.66 -1.77
N GLU F 110 -22.54 -31.88 -2.14
CA GLU F 110 -22.10 -32.56 -3.37
C GLU F 110 -22.63 -31.95 -4.67
N VAL F 111 -23.91 -31.59 -4.70
CA VAL F 111 -24.47 -30.95 -5.90
C VAL F 111 -24.03 -29.50 -6.11
N VAL F 112 -23.82 -28.77 -5.01
CA VAL F 112 -23.24 -27.43 -5.08
C VAL F 112 -21.81 -27.52 -5.63
N ASN F 113 -21.00 -28.40 -5.04
CA ASN F 113 -19.59 -28.53 -5.42
C ASN F 113 -19.34 -28.96 -6.86
N ALA F 114 -20.20 -29.87 -7.36
CA ALA F 114 -20.12 -30.35 -8.75
C ALA F 114 -20.47 -29.26 -9.74
N ASN F 115 -21.25 -28.30 -9.27
CA ASN F 115 -21.62 -27.12 -10.06
C ASN F 115 -20.56 -26.03 -10.14
N CYS F 116 -19.81 -25.84 -9.05
CA CYS F 116 -18.58 -25.03 -9.05
C CYS F 116 -17.68 -25.43 -10.20
N LYS F 117 -17.42 -26.73 -10.28
CA LYS F 117 -16.57 -27.33 -11.30
C LYS F 117 -17.17 -27.23 -12.68
N ALA F 118 -18.49 -27.33 -12.79
CA ALA F 118 -19.13 -27.26 -14.11
C ALA F 118 -18.82 -25.91 -14.75
N CYS F 119 -18.69 -24.88 -13.91
CA CYS F 119 -18.57 -23.52 -14.43
C CYS F 119 -17.18 -22.95 -14.37
N HIS F 120 -16.29 -23.57 -13.59
CA HIS F 120 -14.94 -23.05 -13.37
C HIS F 120 -13.88 -24.10 -13.59
N THR F 121 -14.10 -24.97 -14.56
CA THR F 121 -13.12 -26.00 -14.94
C THR F 121 -11.81 -25.37 -15.40
N MET F 122 -11.94 -24.37 -16.28
CA MET F 122 -10.79 -23.83 -16.99
C MET F 122 -9.77 -23.12 -16.12
N THR F 123 -10.22 -22.48 -15.05
CA THR F 123 -9.34 -21.88 -14.06
C THR F 123 -8.49 -22.94 -13.37
N ASN F 124 -9.07 -24.14 -13.22
CA ASN F 124 -8.52 -25.22 -12.41
C ASN F 124 -7.90 -26.39 -13.20
N VAL F 125 -7.88 -26.34 -14.54
CA VAL F 125 -7.52 -27.55 -15.35
C VAL F 125 -6.16 -28.20 -15.12
N GLU F 126 -5.15 -27.43 -14.73
CA GLU F 126 -3.80 -27.97 -14.59
CA GLU F 126 -3.81 -27.99 -14.58
C GLU F 126 -3.28 -27.97 -13.15
N VAL F 127 -4.21 -28.02 -12.20
CA VAL F 127 -3.92 -27.95 -10.79
C VAL F 127 -4.80 -29.01 -10.05
N ALA F 128 -4.29 -29.59 -8.95
CA ALA F 128 -5.04 -30.61 -8.18
C ALA F 128 -5.93 -30.01 -7.08
N SER F 129 -6.74 -29.03 -7.45
CA SER F 129 -7.47 -28.26 -6.46
C SER F 129 -8.65 -29.02 -5.83
N MET F 130 -9.07 -30.10 -6.50
CA MET F 130 -10.06 -31.03 -5.97
C MET F 130 -9.49 -31.96 -4.87
N GLU F 131 -8.17 -31.98 -4.67
CA GLU F 131 -7.54 -33.04 -3.86
C GLU F 131 -7.18 -32.70 -2.43
N ALA F 132 -6.78 -31.46 -2.15
CA ALA F 132 -6.38 -31.10 -0.77
C ALA F 132 -7.59 -30.86 0.09
N LYS F 133 -8.42 -29.90 -0.34
CA LYS F 133 -9.67 -29.59 0.32
C LYS F 133 -10.81 -30.34 -0.35
N LYS F 134 -11.75 -30.80 0.48
CA LYS F 134 -12.90 -31.60 0.06
C LYS F 134 -13.79 -30.84 -0.91
N TYR F 135 -14.05 -29.58 -0.57
CA TYR F 135 -14.87 -28.66 -1.34
C TYR F 135 -14.08 -27.44 -1.79
N CYS F 136 -14.44 -26.91 -2.97
CA CYS F 136 -13.95 -25.61 -3.48
C CYS F 136 -14.08 -24.51 -2.44
N THR F 137 -15.25 -24.41 -1.81
CA THR F 137 -15.54 -23.38 -0.80
C THR F 137 -14.81 -23.56 0.54
N ASP F 138 -13.98 -24.59 0.67
CA ASP F 138 -13.08 -24.68 1.83
C ASP F 138 -12.00 -23.64 1.68
N CYS F 139 -11.76 -23.18 0.45
CA CYS F 139 -10.92 -22.00 0.23
C CYS F 139 -11.74 -20.75 -0.09
N HIS F 140 -12.76 -20.88 -0.96
CA HIS F 140 -13.68 -19.79 -1.33
C HIS F 140 -14.84 -19.73 -0.38
N ARG F 141 -14.51 -19.44 0.88
CA ARG F 141 -15.44 -19.53 2.00
C ARG F 141 -16.71 -18.68 1.85
N ASN F 142 -16.58 -17.45 1.38
CA ASN F 142 -17.72 -16.56 1.35
C ASN F 142 -18.68 -16.75 0.18
N VAL F 143 -18.33 -17.66 -0.73
CA VAL F 143 -19.28 -18.12 -1.76
C VAL F 143 -20.40 -18.90 -1.01
N GLN F 144 -20.08 -19.35 0.19
CA GLN F 144 -21.08 -19.84 1.13
C GLN F 144 -21.79 -18.69 1.83
N HIS F 145 -22.57 -17.94 1.05
CA HIS F 145 -23.47 -16.93 1.58
C HIS F 145 -22.85 -15.91 2.55
N MET F 146 -21.59 -15.58 2.32
CA MET F 146 -20.89 -14.51 3.06
C MET F 146 -20.90 -14.76 4.56
N ARG F 147 -20.58 -15.98 4.93
CA ARG F 147 -20.78 -16.44 6.31
C ARG F 147 -19.83 -15.85 7.34
N MET F 148 -18.77 -15.19 6.89
CA MET F 148 -17.79 -14.59 7.82
C MET F 148 -18.08 -13.12 8.16
N LYS F 149 -19.01 -12.50 7.45
CA LYS F 149 -19.35 -11.09 7.66
C LYS F 149 -20.20 -10.88 8.94
N PRO F 150 -20.13 -9.68 9.57
CA PRO F 150 -20.98 -9.51 10.76
C PRO F 150 -22.45 -9.85 10.51
N ILE F 151 -23.12 -10.33 11.54
CA ILE F 151 -24.50 -10.80 11.47
C ILE F 151 -25.47 -9.74 10.91
N SER F 152 -25.28 -8.47 11.29
CA SER F 152 -26.16 -7.39 10.85
C SER F 152 -26.08 -7.03 9.34
N THR F 153 -25.09 -7.58 8.65
CA THR F 153 -24.96 -7.40 7.20
C THR F 153 -25.77 -8.45 6.41
N ARG F 154 -26.43 -9.36 7.12
CA ARG F 154 -27.09 -10.50 6.50
C ARG F 154 -28.47 -10.74 7.10
N GLU F 155 -28.69 -10.27 8.32
CA GLU F 155 -29.83 -10.74 9.11
C GLU F 155 -30.61 -9.67 9.91
N VAL F 156 -31.94 -9.74 9.84
CA VAL F 156 -32.86 -8.98 10.71
C VAL F 156 -33.84 -9.95 11.42
N ALA F 157 -34.48 -9.51 12.50
CA ALA F 157 -35.47 -10.34 13.21
C ALA F 157 -36.74 -10.60 12.39
N ASP F 158 -37.44 -11.69 12.70
CA ASP F 158 -38.67 -12.16 12.03
C ASP F 158 -38.41 -13.33 11.06
N GLY G 2 22.63 82.55 -76.69
CA GLY G 2 21.97 83.49 -77.66
C GLY G 2 20.50 83.74 -77.36
N CYS G 3 19.77 84.22 -78.37
CA CYS G 3 18.32 84.44 -78.29
C CYS G 3 17.54 83.24 -78.81
N SER G 4 16.26 83.19 -78.42
CA SER G 4 15.30 82.24 -78.97
C SER G 4 14.82 82.72 -80.34
N ASP G 5 14.56 81.78 -81.24
CA ASP G 5 14.00 82.09 -82.56
C ASP G 5 12.49 82.01 -82.52
N VAL G 6 11.97 81.43 -81.43
CA VAL G 6 10.53 81.43 -81.14
C VAL G 6 10.11 82.88 -80.91
N SER G 7 9.86 83.58 -82.01
CA SER G 7 9.35 84.94 -81.98
C SER G 7 7.83 84.94 -81.82
N THR G 8 7.16 83.98 -82.46
CA THR G 8 5.72 83.84 -82.25
C THR G 8 5.35 82.85 -81.13
N GLU G 9 4.61 83.40 -80.17
CA GLU G 9 4.24 82.78 -78.90
C GLU G 9 2.85 82.15 -78.99
N LEU G 10 2.68 80.92 -78.48
CA LEU G 10 1.39 80.24 -78.46
C LEU G 10 0.50 80.87 -77.40
N LYS G 11 -0.65 81.36 -77.84
CA LYS G 11 -1.66 82.00 -76.99
C LYS G 11 -3.02 81.52 -77.44
N THR G 12 -3.91 81.20 -76.49
CA THR G 12 -5.29 80.86 -76.78
C THR G 12 -6.00 82.01 -77.52
N PRO G 13 -6.47 81.75 -78.76
CA PRO G 13 -7.14 82.75 -79.58
C PRO G 13 -8.27 83.45 -78.86
N VAL G 14 -8.32 84.78 -79.00
CA VAL G 14 -9.41 85.60 -78.46
C VAL G 14 -10.04 86.32 -79.64
N TYR G 15 -11.36 86.41 -79.67
CA TYR G 15 -12.08 87.01 -80.80
C TYR G 15 -12.90 88.21 -80.35
N LYS G 16 -13.01 89.22 -81.22
CA LYS G 16 -14.02 90.28 -81.11
C LYS G 16 -14.58 90.53 -82.52
N THR G 17 -15.79 90.04 -82.75
CA THR G 17 -16.43 90.14 -84.08
C THR G 17 -17.13 91.49 -84.29
N LYS G 18 -17.60 91.70 -85.52
CA LYS G 18 -18.43 92.84 -85.87
C LYS G 18 -19.93 92.53 -85.73
N LEU G 19 -20.25 91.43 -85.03
CA LEU G 19 -21.65 90.98 -84.93
C LEU G 19 -22.39 91.45 -83.66
N THR G 20 -23.71 91.57 -83.79
CA THR G 20 -24.57 91.93 -82.65
C THR G 20 -24.76 90.73 -81.70
N ALA G 21 -25.19 91.05 -80.47
CA ALA G 21 -25.38 90.05 -79.42
C ALA G 21 -26.42 88.95 -79.73
N GLU G 22 -27.37 89.25 -80.61
CA GLU G 22 -28.39 88.27 -80.98
C GLU G 22 -28.38 87.94 -82.48
N GLU G 23 -27.20 87.98 -83.08
CA GLU G 23 -27.04 87.55 -84.45
C GLU G 23 -27.27 86.04 -84.50
N ILE G 24 -28.12 85.59 -85.42
CA ILE G 24 -28.43 84.16 -85.58
C ILE G 24 -28.35 83.65 -87.01
N ARG G 25 -28.04 84.53 -87.96
CA ARG G 25 -27.93 84.14 -89.34
C ARG G 25 -26.55 83.59 -89.60
N ASN G 26 -26.50 82.41 -90.22
CA ASN G 26 -25.23 81.75 -90.50
C ASN G 26 -24.38 82.54 -91.46
N SER G 27 -24.99 83.00 -92.54
CA SER G 27 -24.36 83.87 -93.55
C SER G 27 -23.61 85.06 -92.92
N ALA G 28 -24.11 85.55 -91.78
CA ALA G 28 -23.49 86.69 -91.07
C ALA G 28 -22.12 86.37 -90.48
N PHE G 29 -21.87 85.08 -90.23
CA PHE G 29 -20.60 84.57 -89.68
C PHE G 29 -19.57 84.27 -90.76
N LYS G 30 -20.02 84.06 -91.98
CA LYS G 30 -19.13 83.71 -93.10
C LYS G 30 -18.00 84.71 -93.45
N PRO G 31 -18.27 86.05 -93.45
CA PRO G 31 -17.18 87.01 -93.69
C PRO G 31 -16.11 86.96 -92.61
N GLU G 32 -16.52 86.80 -91.35
CA GLU G 32 -15.63 86.81 -90.19
C GLU G 32 -14.78 85.53 -90.10
N PHE G 33 -15.41 84.38 -90.40
CA PHE G 33 -14.78 83.06 -90.23
C PHE G 33 -14.94 82.19 -91.46
N PRO G 34 -14.26 82.54 -92.56
CA PRO G 34 -14.49 81.80 -93.81
C PRO G 34 -13.90 80.37 -93.80
N LYS G 35 -12.95 80.12 -92.91
CA LYS G 35 -12.28 78.82 -92.83
C LYS G 35 -13.16 77.76 -92.21
N GLN G 36 -13.72 78.07 -91.02
CA GLN G 36 -14.68 77.20 -90.32
C GLN G 36 -15.99 77.15 -91.08
N TYR G 37 -16.34 78.24 -91.76
CA TYR G 37 -17.56 78.27 -92.58
C TYR G 37 -17.51 77.31 -93.76
N ALA G 38 -16.38 77.29 -94.46
CA ALA G 38 -16.13 76.32 -95.54
C ALA G 38 -16.13 74.88 -95.02
N SER G 39 -15.60 74.67 -93.82
CA SER G 39 -15.66 73.36 -93.17
C SER G 39 -17.10 72.98 -92.89
N TYR G 40 -17.84 73.96 -92.36
CA TYR G 40 -19.25 73.78 -92.07
C TYR G 40 -20.07 73.41 -93.32
N GLU G 41 -19.66 73.89 -94.49
CA GLU G 41 -20.40 73.61 -95.72
C GLU G 41 -20.24 72.18 -96.26
N ARG G 42 -19.26 71.43 -95.74
CA ARG G 42 -19.04 70.03 -96.16
C ARG G 42 -20.20 69.15 -95.71
N ASN G 43 -21.02 69.63 -94.77
CA ASN G 43 -22.18 68.88 -94.30
C ASN G 43 -23.21 68.73 -95.40
N ASP G 44 -23.07 69.50 -96.47
CA ASP G 44 -23.95 69.39 -97.64
C ASP G 44 -23.74 68.08 -98.42
N GLU G 45 -22.58 67.45 -98.25
CA GLU G 45 -22.32 66.12 -98.81
C GLU G 45 -23.31 65.09 -98.25
N THR G 46 -24.13 64.56 -99.15
CA THR G 46 -25.19 63.66 -98.79
C THR G 46 -25.19 62.44 -99.75
N THR G 47 -24.01 61.93 -100.07
CA THR G 47 -23.90 60.82 -101.04
C THR G 47 -23.08 59.62 -100.57
N VAL G 48 -22.28 59.83 -99.52
CA VAL G 48 -21.33 58.81 -99.06
C VAL G 48 -21.92 57.99 -97.90
N MET G 49 -21.87 56.66 -98.04
CA MET G 49 -22.23 55.71 -96.98
C MET G 49 -20.98 55.08 -96.38
N THR G 50 -21.05 54.77 -95.09
CA THR G 50 -20.05 53.89 -94.47
C THR G 50 -20.68 52.49 -94.39
N GLU G 51 -20.14 51.59 -93.60
CA GLU G 51 -20.77 50.27 -93.44
C GLU G 51 -22.19 50.34 -92.87
N TYR G 52 -22.35 50.85 -91.65
CA TYR G 52 -23.69 50.92 -91.03
C TYR G 52 -24.35 52.29 -91.16
N LYS G 53 -23.54 53.33 -91.37
CA LYS G 53 -24.02 54.69 -91.33
C LYS G 53 -23.63 55.47 -92.59
N GLY G 54 -23.71 56.80 -92.53
CA GLY G 54 -23.45 57.64 -93.67
C GLY G 54 -24.48 58.74 -93.77
N SER G 55 -24.50 59.41 -94.91
CA SER G 55 -25.23 60.68 -95.07
C SER G 55 -26.32 60.65 -96.13
N VAL G 56 -26.63 59.47 -96.63
CA VAL G 56 -27.78 59.29 -97.51
C VAL G 56 -29.03 59.04 -96.65
N PRO G 57 -30.05 59.93 -96.74
CA PRO G 57 -31.23 59.77 -95.88
C PRO G 57 -32.21 58.67 -96.35
N PHE G 58 -31.78 57.41 -96.31
CA PHE G 58 -32.65 56.29 -96.66
C PHE G 58 -33.70 56.03 -95.60
N ASN G 59 -34.81 55.40 -95.97
CA ASN G 59 -35.82 54.95 -95.00
C ASN G 59 -35.33 53.78 -94.17
N LYS G 60 -35.36 53.94 -92.85
CA LYS G 60 -34.60 53.04 -91.96
C LYS G 60 -35.20 51.64 -91.78
N ASN G 61 -36.49 51.50 -92.05
CA ASN G 61 -37.13 50.19 -92.13
C ASN G 61 -36.92 49.44 -93.46
N ASP G 62 -36.33 50.09 -94.44
CA ASP G 62 -36.37 49.60 -95.84
C ASP G 62 -35.09 48.87 -96.26
N ASN G 63 -35.15 47.53 -96.30
CA ASN G 63 -34.04 46.68 -96.73
C ASN G 63 -34.34 45.95 -98.04
N VAL G 64 -35.42 46.36 -98.69
CA VAL G 64 -35.90 45.79 -99.94
C VAL G 64 -35.39 46.61 -101.14
N ASN G 65 -35.43 47.94 -101.03
CA ASN G 65 -35.04 48.85 -102.11
C ASN G 65 -33.58 49.32 -102.04
N PRO G 66 -32.98 49.62 -103.22
CA PRO G 66 -31.65 50.23 -103.27
C PRO G 66 -31.65 51.65 -102.73
N LEU G 67 -30.46 52.17 -102.42
CA LEU G 67 -30.27 53.57 -102.10
C LEU G 67 -30.75 54.42 -103.28
N PRO G 68 -31.33 55.60 -103.00
CA PRO G 68 -31.47 56.27 -101.70
C PRO G 68 -32.73 55.95 -100.89
N GLU G 69 -33.58 55.02 -101.35
CA GLU G 69 -34.82 54.75 -100.64
CA GLU G 69 -34.85 54.69 -100.68
C GLU G 69 -34.67 53.69 -99.55
N GLY G 70 -33.82 52.69 -99.77
CA GLY G 70 -33.56 51.68 -98.77
C GLY G 70 -32.08 51.42 -98.70
N TYR G 71 -31.69 50.45 -97.88
CA TYR G 71 -30.27 50.08 -97.67
C TYR G 71 -30.21 48.63 -97.18
N ARG G 72 -29.08 47.95 -97.44
CA ARG G 72 -28.86 46.54 -97.03
C ARG G 72 -28.86 46.31 -95.54
N HIS G 73 -28.47 47.31 -94.73
CA HIS G 73 -28.64 47.22 -93.28
C HIS G 73 -29.77 48.14 -92.78
N ALA G 74 -30.99 47.63 -92.79
CA ALA G 74 -32.15 48.37 -92.32
C ALA G 74 -32.88 47.50 -91.30
N GLN G 75 -33.81 48.09 -90.54
CA GLN G 75 -34.55 47.41 -89.50
C GLN G 75 -35.99 47.26 -89.98
N PRO G 76 -36.31 46.12 -90.63
CA PRO G 76 -37.56 45.87 -91.35
C PRO G 76 -38.85 46.03 -90.53
N TYR G 77 -38.73 45.98 -89.20
CA TYR G 77 -39.89 45.91 -88.31
C TYR G 77 -40.25 47.21 -87.60
N LEU G 78 -39.66 48.33 -88.00
CA LEU G 78 -39.84 49.56 -87.25
C LEU G 78 -41.27 50.06 -87.29
N LYS G 79 -41.91 49.99 -88.46
CA LYS G 79 -43.27 50.47 -88.60
C LYS G 79 -44.29 49.63 -87.79
N ASN G 80 -44.06 48.31 -87.68
CA ASN G 80 -44.88 47.45 -86.84
C ASN G 80 -44.78 47.88 -85.39
N LEU G 81 -43.55 48.16 -84.97
CA LEU G 81 -43.23 48.42 -83.56
C LEU G 81 -43.67 49.80 -83.09
N TRP G 82 -43.76 50.73 -84.04
CA TRP G 82 -44.26 52.08 -83.76
C TRP G 82 -45.63 52.31 -84.40
N LEU G 83 -46.43 51.26 -84.52
CA LEU G 83 -47.81 51.37 -84.99
C LEU G 83 -48.62 52.31 -84.07
N GLY G 84 -49.28 53.28 -84.68
CA GLY G 84 -50.06 54.28 -83.95
C GLY G 84 -49.30 55.53 -83.53
N TYR G 85 -48.04 55.63 -83.95
CA TYR G 85 -47.15 56.71 -83.54
C TYR G 85 -46.63 57.38 -84.81
N PRO G 86 -46.43 58.73 -84.81
CA PRO G 86 -45.86 59.45 -85.97
C PRO G 86 -44.64 58.80 -86.64
N PHE G 87 -43.86 58.01 -85.91
CA PHE G 87 -42.71 57.34 -86.48
C PHE G 87 -43.07 56.19 -87.41
N MET G 88 -44.35 55.80 -87.42
CA MET G 88 -44.78 54.79 -88.39
C MET G 88 -44.97 55.38 -89.78
N TYR G 89 -44.95 56.72 -89.89
CA TYR G 89 -45.10 57.42 -91.19
C TYR G 89 -43.80 57.62 -91.94
N GLU G 90 -42.76 58.05 -91.23
CA GLU G 90 -41.49 58.28 -91.89
C GLU G 90 -40.39 58.39 -90.86
N TYR G 91 -39.29 57.67 -91.09
CA TYR G 91 -38.13 57.74 -90.25
C TYR G 91 -36.91 57.41 -91.11
N ARG G 92 -36.00 58.39 -91.20
CA ARG G 92 -34.85 58.33 -92.10
C ARG G 92 -33.51 58.49 -91.37
N GLU G 93 -32.46 58.06 -92.07
CA GLU G 93 -31.11 58.20 -91.60
C GLU G 93 -30.75 59.68 -91.48
N ALA G 94 -30.21 60.04 -90.31
CA ALA G 94 -29.79 61.41 -90.03
C ALA G 94 -28.62 61.78 -90.93
N ARG G 95 -28.63 63.02 -91.41
CA ARG G 95 -27.54 63.56 -92.23
C ARG G 95 -27.21 64.98 -91.72
N GLY G 96 -26.44 65.72 -92.52
CA GLY G 96 -25.79 66.95 -92.08
C GLY G 96 -26.69 68.02 -91.50
N HIS G 97 -26.13 68.80 -90.58
CA HIS G 97 -26.85 69.86 -89.88
C HIS G 97 -27.45 70.92 -90.82
N THR G 98 -26.79 71.11 -91.95
CA THR G 98 -27.23 72.06 -92.97
C THR G 98 -28.55 71.66 -93.61
N TYR G 99 -28.94 70.40 -93.42
CA TYR G 99 -30.24 69.91 -93.91
C TYR G 99 -31.34 69.86 -92.85
N ALA G 100 -31.06 70.31 -91.63
CA ALA G 100 -31.98 70.04 -90.51
C ALA G 100 -33.41 70.54 -90.69
N ILE G 101 -33.54 71.80 -91.10
CA ILE G 101 -34.85 72.42 -91.36
C ILE G 101 -35.53 71.91 -92.65
N GLN G 102 -34.74 71.70 -93.70
CA GLN G 102 -35.22 71.10 -94.94
C GLN G 102 -35.85 69.72 -94.69
N ASP G 103 -35.16 68.88 -93.95
CA ASP G 103 -35.65 67.54 -93.60
C ASP G 103 -36.87 67.58 -92.70
N PHE G 104 -36.82 68.48 -91.73
CA PHE G 104 -37.93 68.77 -90.81
C PHE G 104 -39.20 69.17 -91.58
N LEU G 105 -39.03 70.01 -92.59
CA LEU G 105 -40.16 70.54 -93.34
C LEU G 105 -40.62 69.63 -94.45
N HIS G 106 -39.90 68.52 -94.66
CA HIS G 106 -40.34 67.51 -95.60
C HIS G 106 -40.78 66.17 -95.00
N ILE G 107 -40.61 66.00 -93.68
CA ILE G 107 -41.00 64.76 -92.99
C ILE G 107 -42.51 64.56 -92.82
N ASP G 108 -42.96 63.32 -93.08
CA ASP G 108 -44.38 62.94 -92.99
C ASP G 108 -44.92 62.73 -91.55
N ARG G 109 -44.03 62.72 -90.55
CA ARG G 109 -44.41 62.64 -89.13
C ARG G 109 -45.23 63.85 -88.67
N ILE G 110 -44.93 65.02 -89.24
CA ILE G 110 -45.72 66.24 -89.04
C ILE G 110 -46.86 66.20 -90.07
N ASN G 111 -48.10 66.42 -89.64
CA ASN G 111 -49.23 66.40 -90.58
C ASN G 111 -49.15 67.57 -91.59
N ARG G 112 -49.15 67.23 -92.87
CA ARG G 112 -49.07 68.24 -93.92
C ARG G 112 -50.38 68.29 -94.72
N TYR G 113 -51.37 67.51 -94.29
CA TYR G 113 -52.68 67.41 -94.94
C TYR G 113 -53.75 68.14 -94.09
N ALA G 114 -53.26 69.00 -93.21
CA ALA G 114 -54.12 69.85 -92.39
C ALA G 114 -53.33 71.11 -92.09
N GLU G 115 -54.03 72.19 -91.74
CA GLU G 115 -53.35 73.39 -91.28
C GLU G 115 -52.43 73.10 -90.09
N LYS G 116 -52.95 72.39 -89.10
CA LYS G 116 -52.21 71.99 -87.90
C LYS G 116 -51.39 70.69 -88.09
N GLY G 117 -50.12 70.74 -87.66
CA GLY G 117 -49.18 69.64 -87.80
C GLY G 117 -49.42 68.47 -86.87
N GLY G 118 -50.09 68.74 -85.76
CA GLY G 118 -50.45 67.72 -84.80
C GLY G 118 -49.39 67.44 -83.75
N LEU G 119 -48.26 68.16 -83.84
CA LEU G 119 -47.13 68.01 -82.91
C LEU G 119 -46.79 69.40 -82.33
N PRO G 120 -46.17 69.47 -81.15
CA PRO G 120 -45.93 70.78 -80.57
C PRO G 120 -44.74 71.51 -81.19
N ALA G 121 -44.64 72.83 -80.95
CA ALA G 121 -43.57 73.69 -81.45
C ALA G 121 -42.22 73.39 -80.81
N THR G 122 -42.25 72.55 -79.77
CA THR G 122 -41.03 72.00 -79.18
C THR G 122 -40.25 71.13 -80.16
N CYS G 123 -40.90 70.68 -81.21
CA CYS G 123 -40.22 70.03 -82.34
C CYS G 123 -39.14 70.90 -82.98
N TRP G 124 -39.33 72.22 -82.94
CA TRP G 124 -38.34 73.19 -83.43
C TRP G 124 -37.12 73.30 -82.50
N ASN G 125 -37.26 72.83 -81.27
CA ASN G 125 -36.21 72.97 -80.24
C ASN G 125 -34.75 72.66 -80.64
N CYS G 126 -34.53 71.62 -81.43
CA CYS G 126 -33.18 71.20 -81.75
C CYS G 126 -32.89 71.34 -83.23
N LYS G 127 -33.53 72.32 -83.85
CA LYS G 127 -33.44 72.51 -85.30
C LYS G 127 -32.94 73.89 -85.70
N THR G 128 -33.07 74.87 -84.80
CA THR G 128 -32.84 76.26 -85.17
C THR G 128 -32.45 77.21 -84.04
N PRO G 129 -31.42 78.04 -84.24
CA PRO G 129 -31.11 79.10 -83.27
C PRO G 129 -32.21 80.17 -83.16
N LYS G 130 -33.25 80.04 -84.00
CA LYS G 130 -34.43 80.92 -83.98
C LYS G 130 -35.25 80.68 -82.71
N MET G 131 -34.95 79.56 -82.03
CA MET G 131 -35.52 79.23 -80.73
C MET G 131 -35.35 80.31 -79.67
N MET G 132 -34.24 81.03 -79.70
CA MET G 132 -34.01 82.13 -78.75
C MET G 132 -34.99 83.31 -78.89
N GLU G 133 -35.24 83.79 -80.11
CA GLU G 133 -36.30 84.80 -80.38
C GLU G 133 -37.65 84.29 -79.90
N TRP G 134 -37.98 83.09 -80.35
CA TRP G 134 -39.30 82.50 -80.21
C TRP G 134 -39.72 82.30 -78.76
N VAL G 135 -38.76 81.89 -77.93
CA VAL G 135 -38.96 81.71 -76.51
C VAL G 135 -38.98 83.05 -75.76
N LYS G 136 -38.08 83.97 -76.12
CA LYS G 136 -38.12 85.33 -75.57
C LYS G 136 -39.52 85.95 -75.80
N GLU G 137 -40.09 85.67 -76.96
CA GLU G 137 -41.34 86.26 -77.44
C GLU G 137 -42.60 85.65 -76.78
N SER G 138 -42.66 84.32 -76.67
CA SER G 138 -43.84 83.63 -76.11
C SER G 138 -43.64 83.03 -74.72
N GLY G 139 -42.41 82.90 -74.25
CA GLY G 139 -42.13 82.26 -72.96
C GLY G 139 -42.62 80.83 -72.87
N ASP G 140 -43.14 80.48 -71.69
CA ASP G 140 -43.71 79.18 -71.36
C ASP G 140 -44.80 78.72 -72.34
N GLY G 141 -45.45 79.68 -73.00
CA GLY G 141 -46.52 79.37 -73.94
C GLY G 141 -46.02 78.90 -75.32
N PHE G 142 -44.71 79.02 -75.57
CA PHE G 142 -44.18 78.67 -76.88
C PHE G 142 -44.39 77.20 -77.18
N TRP G 143 -44.03 76.35 -76.22
CA TRP G 143 -43.93 74.91 -76.41
C TRP G 143 -45.21 74.23 -76.91
N ALA G 144 -46.36 74.62 -76.35
CA ALA G 144 -47.62 73.95 -76.66
C ALA G 144 -48.33 74.45 -77.92
N LYS G 145 -47.73 75.44 -78.60
CA LYS G 145 -48.19 75.91 -79.92
C LYS G 145 -48.02 74.80 -80.94
N ASP G 146 -48.64 74.94 -82.11
CA ASP G 146 -48.56 73.90 -83.10
C ASP G 146 -47.28 74.09 -83.90
N VAL G 147 -46.65 72.97 -84.28
CA VAL G 147 -45.40 73.01 -85.02
C VAL G 147 -45.50 73.88 -86.29
N ASN G 148 -46.61 73.78 -87.02
CA ASN G 148 -46.77 74.46 -88.31
C ASN G 148 -46.98 75.98 -88.27
N GLU G 149 -47.15 76.53 -87.07
CA GLU G 149 -47.31 77.98 -86.90
C GLU G 149 -46.01 78.73 -87.24
N PHE G 150 -44.87 78.03 -87.17
CA PHE G 150 -43.56 78.66 -87.47
C PHE G 150 -42.95 78.18 -88.80
N ARG G 151 -43.73 77.42 -89.55
CA ARG G 151 -43.31 76.77 -90.78
C ARG G 151 -42.84 77.75 -91.88
N ASP G 152 -43.58 78.85 -92.02
CA ASP G 152 -43.30 79.89 -93.02
C ASP G 152 -42.60 81.11 -92.40
N LYS G 153 -42.01 80.94 -91.22
CA LYS G 153 -41.39 82.05 -90.49
C LYS G 153 -39.91 81.79 -90.22
N ILE G 154 -39.28 81.04 -91.10
CA ILE G 154 -37.88 80.65 -90.94
C ILE G 154 -37.17 80.58 -92.30
N ASP G 155 -35.89 80.95 -92.32
CA ASP G 155 -35.03 80.74 -93.49
C ASP G 155 -34.38 79.35 -93.36
N MET G 156 -34.73 78.47 -94.30
CA MET G 156 -34.30 77.07 -94.29
C MET G 156 -32.78 76.92 -94.19
N LYS G 157 -32.04 77.91 -94.68
CA LYS G 157 -30.60 77.79 -94.84
C LYS G 157 -29.84 78.73 -93.89
N ASP G 158 -30.35 79.95 -93.71
CA ASP G 158 -29.73 80.92 -92.82
C ASP G 158 -30.07 80.64 -91.36
N HIS G 159 -31.07 79.79 -91.15
CA HIS G 159 -31.53 79.51 -89.80
C HIS G 159 -31.39 78.06 -89.29
N THR G 160 -30.77 77.16 -90.06
CA THR G 160 -30.53 75.82 -89.49
C THR G 160 -29.49 75.89 -88.42
N ILE G 161 -29.34 74.77 -87.73
CA ILE G 161 -28.24 74.52 -86.84
C ILE G 161 -27.02 75.16 -87.44
N GLY G 162 -26.53 76.19 -86.78
CA GLY G 162 -25.33 76.89 -87.20
C GLY G 162 -24.64 77.54 -86.02
N CYS G 163 -23.86 78.57 -86.34
CA CYS G 163 -22.88 79.15 -85.45
C CYS G 163 -23.43 79.61 -84.12
N ALA G 164 -24.56 80.29 -84.14
CA ALA G 164 -25.20 80.80 -82.90
C ALA G 164 -25.68 79.72 -81.94
N THR G 165 -25.95 78.51 -82.45
CA THR G 165 -26.31 77.36 -81.59
C THR G 165 -25.26 77.08 -80.48
N CYS G 166 -23.97 77.23 -80.79
CA CYS G 166 -22.87 76.92 -79.87
C CYS G 166 -21.93 78.07 -79.51
N HIS G 167 -22.04 79.18 -80.24
CA HIS G 167 -21.08 80.28 -80.12
C HIS G 167 -21.73 81.60 -79.74
N ASP G 168 -21.11 82.33 -78.82
CA ASP G 168 -21.48 83.71 -78.58
C ASP G 168 -21.04 84.49 -79.81
N PRO G 169 -21.99 85.14 -80.52
CA PRO G 169 -21.65 85.72 -81.81
C PRO G 169 -20.61 86.82 -81.70
N GLN G 170 -20.47 87.40 -80.50
CA GLN G 170 -19.54 88.51 -80.25
C GLN G 170 -18.15 88.06 -79.85
N THR G 171 -18.05 87.07 -78.97
CA THR G 171 -16.75 86.58 -78.52
C THR G 171 -16.36 85.22 -79.11
N MET G 172 -17.30 84.57 -79.79
CA MET G 172 -17.16 83.15 -80.25
C MET G 172 -16.89 82.13 -79.14
N GLU G 173 -17.11 82.54 -77.90
CA GLU G 173 -17.00 81.68 -76.73
C GLU G 173 -18.12 80.65 -76.84
N LEU G 174 -17.80 79.41 -76.50
CA LEU G 174 -18.79 78.34 -76.48
C LEU G 174 -19.92 78.61 -75.49
N ARG G 175 -21.14 78.27 -75.92
CA ARG G 175 -22.41 78.61 -75.26
C ARG G 175 -23.29 77.39 -75.18
N ILE G 176 -24.05 77.28 -74.10
CA ILE G 176 -25.23 76.43 -74.09
C ILE G 176 -26.51 77.28 -74.26
N THR G 177 -27.15 77.09 -75.40
CA THR G 177 -28.34 77.86 -75.76
C THR G 177 -29.62 77.05 -75.51
N SER G 178 -29.42 75.78 -75.21
CA SER G 178 -30.48 74.81 -74.88
C SER G 178 -31.22 75.05 -73.56
N VAL G 179 -32.55 75.02 -73.64
CA VAL G 179 -33.39 75.24 -72.45
C VAL G 179 -33.37 74.00 -71.53
N PRO G 180 -33.71 72.80 -72.08
CA PRO G 180 -33.62 71.56 -71.27
C PRO G 180 -32.22 71.20 -70.74
N LEU G 181 -31.17 71.42 -71.52
CA LEU G 181 -29.83 71.11 -71.02
C LEU G 181 -29.44 72.02 -69.85
N THR G 182 -29.81 73.30 -69.95
CA THR G 182 -29.58 74.27 -68.88
C THR G 182 -30.36 73.91 -67.62
N ASP G 183 -31.61 73.49 -67.80
CA ASP G 183 -32.45 72.99 -66.71
C ASP G 183 -31.78 71.83 -65.99
N TYR G 184 -31.23 70.89 -66.76
CA TYR G 184 -30.52 69.75 -66.18
C TYR G 184 -29.28 70.18 -65.42
N LEU G 185 -28.53 71.11 -65.99
CA LEU G 185 -27.29 71.55 -65.37
C LEU G 185 -27.51 72.29 -64.06
N VAL G 186 -28.47 73.20 -64.05
CA VAL G 186 -28.87 73.91 -62.86
C VAL G 186 -29.33 72.92 -61.78
N SER G 187 -30.10 71.90 -62.15
CA SER G 187 -30.48 70.84 -61.19
C SER G 187 -29.28 70.11 -60.58
N GLN G 188 -28.13 70.16 -61.26
CA GLN G 188 -26.90 69.55 -60.75
C GLN G 188 -26.01 70.56 -60.02
N GLY G 189 -26.48 71.80 -59.91
CA GLY G 189 -25.73 72.86 -59.25
C GLY G 189 -24.57 73.39 -60.09
N LYS G 190 -24.65 73.22 -61.40
CA LYS G 190 -23.59 73.62 -62.30
C LYS G 190 -23.94 74.95 -62.96
N ASP G 191 -22.95 75.83 -63.12
CA ASP G 191 -23.12 77.10 -63.80
C ASP G 191 -22.86 76.85 -65.27
N PRO G 192 -23.92 77.00 -66.10
CA PRO G 192 -23.81 76.79 -67.55
C PRO G 192 -22.85 77.74 -68.25
N LYS G 193 -22.51 78.85 -67.59
CA LYS G 193 -21.56 79.84 -68.12
C LYS G 193 -20.12 79.68 -67.57
N LYS G 194 -19.91 78.70 -66.70
CA LYS G 194 -18.57 78.48 -66.11
C LYS G 194 -18.17 77.00 -66.14
N LEU G 195 -18.46 76.33 -67.25
CA LEU G 195 -18.15 74.92 -67.41
C LEU G 195 -16.72 74.75 -67.95
N PRO G 196 -15.96 73.78 -67.41
CA PRO G 196 -14.63 73.48 -67.95
C PRO G 196 -14.71 73.17 -69.46
N ARG G 197 -13.61 73.41 -70.19
CA ARG G 197 -13.61 73.15 -71.64
C ARG G 197 -13.85 71.68 -72.05
N ASN G 198 -13.17 70.73 -71.40
CA ASN G 198 -13.40 69.30 -71.73
C ASN G 198 -14.88 68.84 -71.59
N GLU G 199 -15.60 69.39 -70.60
CA GLU G 199 -17.05 69.18 -70.48
C GLU G 199 -17.87 69.83 -71.59
N MET G 200 -17.61 71.11 -71.87
CA MET G 200 -18.25 71.86 -72.97
C MET G 200 -18.17 71.18 -74.36
N ARG G 201 -17.00 70.60 -74.67
CA ARG G 201 -16.81 69.86 -75.90
C ARG G 201 -17.60 68.57 -76.03
N ALA G 202 -18.32 68.17 -74.99
CA ALA G 202 -19.35 67.13 -75.09
C ALA G 202 -20.74 67.75 -74.97
N LEU G 203 -20.89 68.66 -74.02
CA LEU G 203 -22.17 69.34 -73.79
C LEU G 203 -22.75 70.12 -74.97
N VAL G 204 -21.91 70.77 -75.80
CA VAL G 204 -22.46 71.44 -77.02
C VAL G 204 -23.30 70.47 -77.87
N CYS G 205 -22.90 69.20 -77.93
CA CYS G 205 -23.62 68.16 -78.68
C CYS G 205 -24.79 67.56 -77.95
N GLY G 206 -24.62 67.40 -76.62
CA GLY G 206 -25.68 66.98 -75.70
C GLY G 206 -26.79 68.01 -75.45
N GLN G 207 -26.79 69.11 -76.20
CA GLN G 207 -27.98 69.97 -76.24
C GLN G 207 -29.09 69.28 -77.04
N CYS G 208 -28.69 68.44 -78.00
CA CYS G 208 -29.65 67.83 -78.93
C CYS G 208 -29.54 66.32 -79.10
N HIS G 209 -28.33 65.78 -78.99
CA HIS G 209 -28.12 64.32 -79.18
C HIS G 209 -28.33 63.54 -77.89
N VAL G 210 -29.62 63.51 -77.51
CA VAL G 210 -30.07 63.02 -76.21
C VAL G 210 -31.48 62.42 -76.33
N GLU G 211 -31.86 61.62 -75.34
CA GLU G 211 -33.24 61.20 -75.14
C GLU G 211 -33.98 62.29 -74.35
N TYR G 212 -35.22 62.55 -74.73
CA TYR G 212 -35.98 63.67 -74.17
C TYR G 212 -37.41 63.23 -74.07
N TYR G 213 -38.20 64.00 -73.35
CA TYR G 213 -39.65 63.86 -73.44
C TYR G 213 -40.27 65.25 -73.41
N PHE G 214 -41.56 65.31 -73.69
CA PHE G 214 -42.33 66.55 -73.62
C PHE G 214 -43.28 66.41 -72.45
N ASN G 215 -43.35 67.44 -71.61
CA ASN G 215 -44.34 67.47 -70.54
C ASN G 215 -45.76 67.24 -71.01
N GLY G 216 -46.51 66.45 -70.26
CA GLY G 216 -47.97 66.42 -70.38
C GLY G 216 -48.51 67.63 -69.62
N PRO G 217 -49.83 67.88 -69.71
CA PRO G 217 -50.42 69.16 -69.27
C PRO G 217 -50.41 69.34 -67.77
N THR G 218 -50.09 68.26 -67.07
CA THR G 218 -50.18 68.18 -65.63
C THR G 218 -48.80 67.96 -65.00
N MET G 219 -47.75 68.03 -65.83
CA MET G 219 -46.41 67.64 -65.40
C MET G 219 -45.48 68.82 -65.16
N GLY G 220 -45.99 70.01 -65.47
CA GLY G 220 -45.21 71.26 -65.42
C GLY G 220 -45.69 72.09 -66.59
N VAL G 221 -44.79 72.87 -67.19
CA VAL G 221 -45.13 73.62 -68.38
C VAL G 221 -45.48 72.66 -69.52
N ASN G 222 -46.72 72.70 -69.98
CA ASN G 222 -47.18 71.85 -71.07
C ASN G 222 -46.23 71.81 -72.29
N LYS G 223 -45.88 70.58 -72.67
CA LYS G 223 -45.09 70.23 -73.85
C LYS G 223 -43.66 70.76 -73.90
N LYS G 224 -43.19 71.21 -72.75
CA LYS G 224 -41.83 71.67 -72.57
C LYS G 224 -40.90 70.46 -72.56
N PRO G 225 -39.71 70.57 -73.18
CA PRO G 225 -38.84 69.39 -73.25
C PRO G 225 -38.03 69.17 -71.98
N VAL G 226 -37.90 67.90 -71.57
CA VAL G 226 -37.15 67.55 -70.38
C VAL G 226 -36.28 66.38 -70.73
N PHE G 227 -35.03 66.38 -70.27
CA PHE G 227 -34.16 65.21 -70.36
C PHE G 227 -34.34 64.31 -69.13
N PRO G 228 -34.74 63.04 -69.35
CA PRO G 228 -35.06 62.15 -68.22
C PRO G 228 -33.81 61.56 -67.52
N TRP G 229 -32.94 62.44 -67.01
CA TRP G 229 -31.61 62.09 -66.52
C TRP G 229 -31.42 62.01 -64.99
N ALA G 230 -32.49 62.26 -64.24
CA ALA G 230 -32.41 62.40 -62.77
C ALA G 230 -32.03 61.14 -61.99
N GLU G 231 -32.38 59.97 -62.54
CA GLU G 231 -32.02 58.67 -61.94
C GLU G 231 -30.66 58.15 -62.40
N GLY G 232 -30.09 58.83 -63.41
CA GLY G 232 -28.85 58.38 -64.06
C GLY G 232 -29.01 58.20 -65.56
N PHE G 233 -27.92 57.82 -66.23
CA PHE G 233 -27.88 57.82 -67.69
C PHE G 233 -28.21 56.49 -68.40
N ASP G 234 -28.18 55.37 -67.68
CA ASP G 234 -28.37 54.03 -68.28
C ASP G 234 -29.85 53.73 -68.55
N PRO G 235 -30.14 52.77 -69.45
CA PRO G 235 -31.56 52.46 -69.77
C PRO G 235 -32.43 52.11 -68.56
N ALA G 236 -31.88 51.34 -67.62
CA ALA G 236 -32.61 50.98 -66.39
C ALA G 236 -32.87 52.19 -65.49
N ASP G 237 -32.00 53.20 -65.55
CA ASP G 237 -32.21 54.47 -64.85
C ASP G 237 -33.34 55.28 -65.47
N MET G 238 -33.31 55.44 -66.80
CA MET G 238 -34.35 56.18 -67.49
C MET G 238 -35.69 55.49 -67.43
N TYR G 239 -35.66 54.16 -67.47
CA TYR G 239 -36.86 53.38 -67.31
C TYR G 239 -37.50 53.61 -65.93
N ARG G 240 -36.67 53.59 -64.89
CA ARG G 240 -37.07 53.91 -63.51
C ARG G 240 -37.60 55.36 -63.40
N TYR G 241 -36.87 56.32 -63.95
CA TYR G 241 -37.40 57.68 -64.06
C TYR G 241 -38.82 57.73 -64.61
N TYR G 242 -39.09 57.02 -65.70
CA TYR G 242 -40.39 57.06 -66.35
C TYR G 242 -41.46 56.28 -65.60
N ASP G 243 -41.06 55.54 -64.56
CA ASP G 243 -41.99 54.86 -63.63
C ASP G 243 -42.49 55.92 -62.65
N LYS G 244 -41.63 56.87 -62.32
CA LYS G 244 -41.87 57.86 -61.27
C LYS G 244 -42.50 59.14 -61.78
N HIS G 245 -42.22 59.49 -63.03
CA HIS G 245 -42.72 60.73 -63.62
C HIS G 245 -43.59 60.41 -64.82
N GLY G 246 -44.79 60.98 -64.85
CA GLY G 246 -45.74 60.72 -65.92
C GLY G 246 -47.17 60.94 -65.49
N ASP G 247 -48.12 60.62 -66.37
CA ASP G 247 -49.50 60.97 -66.12
C ASP G 247 -50.55 59.91 -66.34
N LEU G 248 -50.13 58.67 -66.63
CA LEU G 248 -51.06 57.60 -66.97
C LEU G 248 -52.03 57.28 -65.83
N GLN G 249 -53.28 57.01 -66.20
CA GLN G 249 -54.29 56.62 -65.22
C GLN G 249 -54.70 55.15 -65.34
N VAL G 250 -54.21 54.50 -66.40
CA VAL G 250 -54.47 53.09 -66.72
C VAL G 250 -54.05 52.17 -65.57
N LYS G 251 -54.88 51.15 -65.30
CA LYS G 251 -54.60 50.15 -64.26
C LYS G 251 -53.30 49.41 -64.51
N GLY G 252 -52.50 49.28 -63.47
CA GLY G 252 -51.18 48.70 -63.57
C GLY G 252 -50.10 49.73 -63.84
N PHE G 253 -50.50 50.89 -64.38
CA PHE G 253 -49.54 51.90 -64.88
C PHE G 253 -49.77 53.33 -64.35
N GLU G 254 -50.41 53.46 -63.18
CA GLU G 254 -50.76 54.79 -62.64
C GLU G 254 -49.52 55.63 -62.36
N GLY G 255 -49.48 56.83 -62.93
CA GLY G 255 -48.37 57.78 -62.72
C GLY G 255 -47.13 57.60 -63.60
N LYS G 256 -47.21 56.65 -64.53
CA LYS G 256 -46.09 56.31 -65.40
C LYS G 256 -46.17 57.11 -66.67
N PHE G 257 -45.03 57.31 -67.32
CA PHE G 257 -45.02 58.03 -68.58
C PHE G 257 -45.35 57.14 -69.77
N ALA G 258 -46.05 57.71 -70.74
CA ALA G 258 -46.22 57.04 -72.03
C ALA G 258 -46.24 58.05 -73.18
N ASP G 259 -45.61 57.68 -74.29
CA ASP G 259 -45.57 58.51 -75.47
C ASP G 259 -46.78 58.21 -76.37
N TRP G 260 -47.19 56.96 -76.41
CA TRP G 260 -48.39 56.52 -77.11
C TRP G 260 -48.71 55.15 -76.54
N THR G 261 -49.91 54.65 -76.79
CA THR G 261 -50.24 53.28 -76.46
C THR G 261 -50.40 52.51 -77.77
N HIS G 262 -49.77 51.33 -77.85
CA HIS G 262 -49.72 50.54 -79.08
C HIS G 262 -51.12 50.00 -79.34
N PRO G 263 -51.71 50.31 -80.50
CA PRO G 263 -53.12 49.91 -80.67
C PRO G 263 -53.37 48.40 -80.84
N ALA G 264 -52.39 47.63 -81.31
CA ALA G 264 -52.54 46.17 -81.42
C ALA G 264 -52.47 45.47 -80.07
N SER G 265 -51.47 45.79 -79.25
CA SER G 265 -51.28 45.13 -77.96
C SER G 265 -51.96 45.83 -76.76
N LYS G 266 -52.28 47.12 -76.94
CA LYS G 266 -52.79 48.02 -75.88
C LYS G 266 -51.76 48.32 -74.79
N THR G 267 -50.49 48.34 -75.15
CA THR G 267 -49.42 48.63 -74.18
C THR G 267 -49.11 50.14 -74.17
N PRO G 268 -49.01 50.74 -72.98
CA PRO G 268 -48.46 52.09 -72.79
C PRO G 268 -46.96 52.16 -73.05
N MET G 269 -46.53 52.86 -74.11
CA MET G 269 -45.15 52.77 -74.63
C MET G 269 -44.27 54.02 -74.36
N ILE G 270 -42.96 53.81 -74.19
CA ILE G 270 -42.00 54.92 -74.19
C ILE G 270 -41.26 54.90 -75.52
N LYS G 271 -41.05 56.08 -76.13
CA LYS G 271 -40.21 56.21 -77.32
C LYS G 271 -38.84 56.80 -76.93
N ALA G 272 -37.78 56.07 -77.28
CA ALA G 272 -36.40 56.55 -77.14
C ALA G 272 -36.00 57.32 -78.38
N GLN G 273 -35.14 58.32 -78.21
CA GLN G 273 -34.62 59.10 -79.31
C GLN G 273 -33.13 59.34 -79.12
N HIS G 274 -32.36 59.16 -80.19
CA HIS G 274 -30.91 59.45 -80.26
C HIS G 274 -30.19 59.71 -78.92
N PRO G 275 -29.98 58.68 -78.08
CA PRO G 275 -29.31 58.97 -76.80
C PRO G 275 -27.78 58.92 -76.86
N GLU G 276 -27.17 59.67 -77.78
CA GLU G 276 -25.71 59.67 -77.93
C GLU G 276 -24.98 60.11 -76.69
N TYR G 277 -25.44 61.17 -76.05
CA TYR G 277 -24.74 61.72 -74.88
C TYR G 277 -24.76 60.72 -73.73
N GLU G 278 -25.92 60.13 -73.47
CA GLU G 278 -26.13 59.25 -72.32
C GLU G 278 -25.40 57.90 -72.51
N THR G 279 -25.29 57.49 -73.78
CA THR G 279 -24.56 56.29 -74.15
C THR G 279 -23.05 56.55 -74.03
N TRP G 280 -22.61 57.66 -74.59
CA TRP G 280 -21.21 58.08 -74.60
C TRP G 280 -20.55 58.23 -73.20
N ILE G 281 -21.22 58.86 -72.23
CA ILE G 281 -20.53 59.37 -71.01
C ILE G 281 -19.82 58.32 -70.18
N ASN G 282 -20.36 57.10 -70.15
CA ASN G 282 -19.74 56.00 -69.41
C ASN G 282 -19.27 54.82 -70.28
N GLY G 283 -19.09 55.06 -71.57
CA GLY G 283 -18.42 54.11 -72.45
C GLY G 283 -16.92 54.25 -72.28
N THR G 284 -16.17 53.43 -73.01
CA THR G 284 -14.72 53.42 -72.83
C THR G 284 -14.03 54.75 -73.13
N HIS G 285 -14.50 55.46 -74.15
CA HIS G 285 -13.92 56.76 -74.50
C HIS G 285 -14.43 57.88 -73.60
N GLY G 286 -15.75 58.00 -73.47
CA GLY G 286 -16.36 59.00 -72.59
C GLY G 286 -15.82 58.98 -71.18
N ALA G 287 -15.73 57.76 -70.59
CA ALA G 287 -15.27 57.57 -69.20
C ALA G 287 -13.84 58.03 -69.03
N ALA G 288 -13.10 58.01 -70.14
CA ALA G 288 -11.69 58.37 -70.16
C ALA G 288 -11.47 59.85 -70.57
N GLY G 289 -12.55 60.62 -70.68
CA GLY G 289 -12.45 62.04 -70.96
C GLY G 289 -12.36 62.40 -72.44
N VAL G 290 -12.67 61.43 -73.31
CA VAL G 290 -12.63 61.64 -74.77
C VAL G 290 -14.03 61.96 -75.25
N THR G 291 -14.11 63.03 -76.02
CA THR G 291 -15.28 63.86 -76.15
C THR G 291 -15.85 63.81 -77.59
N CYS G 292 -17.12 64.16 -77.80
CA CYS G 292 -17.67 64.22 -79.16
C CYS G 292 -16.78 65.04 -80.07
N ALA G 293 -16.41 66.24 -79.61
CA ALA G 293 -15.50 67.11 -80.37
C ALA G 293 -14.17 66.46 -80.69
N ASP G 294 -13.58 65.71 -79.76
CA ASP G 294 -12.29 65.04 -80.03
C ASP G 294 -12.33 64.14 -81.26
N CYS G 295 -13.46 63.49 -81.50
CA CYS G 295 -13.63 62.60 -82.65
C CYS G 295 -14.34 63.20 -83.85
N HIS G 296 -15.29 64.09 -83.60
CA HIS G 296 -16.14 64.63 -84.67
C HIS G 296 -15.80 66.06 -85.08
N MET G 297 -14.98 66.72 -84.28
CA MET G 297 -14.55 68.07 -84.60
C MET G 297 -13.06 68.14 -84.44
N SER G 298 -12.39 67.08 -84.90
CA SER G 298 -10.94 66.97 -84.76
C SER G 298 -10.21 68.06 -85.54
N TYR G 299 -9.08 68.51 -84.99
CA TYR G 299 -8.17 69.43 -85.66
C TYR G 299 -7.78 68.92 -87.04
N THR G 300 -7.91 69.80 -88.02
CA THR G 300 -7.49 69.50 -89.40
C THR G 300 -6.53 70.57 -89.91
N ARG G 301 -5.36 70.13 -90.33
CA ARG G 301 -4.35 71.07 -90.79
C ARG G 301 -4.57 71.42 -92.27
N SER G 302 -5.60 72.21 -92.52
CA SER G 302 -6.06 72.55 -93.88
C SER G 302 -5.93 74.03 -94.25
N ASP G 303 -5.42 74.84 -93.31
CA ASP G 303 -5.16 76.27 -93.54
C ASP G 303 -3.65 76.50 -93.63
N ASP G 304 -3.12 76.42 -94.85
CA ASP G 304 -1.73 75.97 -95.07
C ASP G 304 -1.52 74.67 -94.28
N LYS G 305 -0.71 74.71 -93.22
CA LYS G 305 -0.57 73.56 -92.31
C LYS G 305 -0.95 73.87 -90.86
N LYS G 306 -1.73 74.92 -90.68
CA LYS G 306 -2.29 75.27 -89.38
C LYS G 306 -3.58 74.50 -89.16
N LYS G 307 -3.79 74.06 -87.92
CA LYS G 307 -5.02 73.45 -87.49
C LYS G 307 -6.18 74.42 -87.52
N ILE G 308 -7.31 73.95 -88.04
CA ILE G 308 -8.61 74.50 -87.63
C ILE G 308 -9.38 73.35 -86.99
N SER G 309 -10.51 73.66 -86.36
CA SER G 309 -11.41 72.64 -85.86
C SER G 309 -12.41 72.37 -86.97
N SER G 310 -12.53 71.09 -87.29
CA SER G 310 -13.45 70.63 -88.31
C SER G 310 -14.88 70.82 -87.86
N HIS G 311 -15.69 71.40 -88.74
CA HIS G 311 -17.11 71.62 -88.48
C HIS G 311 -17.92 70.79 -89.43
N TRP G 312 -17.30 69.73 -89.92
CA TRP G 312 -17.96 68.68 -90.64
C TRP G 312 -18.29 67.57 -89.63
N TRP G 313 -19.52 67.59 -89.15
CA TRP G 313 -20.05 66.63 -88.20
C TRP G 313 -20.66 65.50 -88.97
N THR G 314 -19.91 64.39 -89.04
CA THR G 314 -20.26 63.27 -89.88
C THR G 314 -19.62 61.99 -89.30
N SER G 315 -19.64 60.90 -90.08
CA SER G 315 -18.92 59.69 -89.70
C SER G 315 -17.41 59.90 -89.75
N PRO G 316 -16.70 59.58 -88.65
CA PRO G 316 -15.22 59.57 -88.69
C PRO G 316 -14.64 58.54 -89.67
N MET G 317 -15.49 57.64 -90.14
CA MET G 317 -15.09 56.58 -91.06
C MET G 317 -15.10 57.03 -92.52
N LYS G 318 -15.45 58.29 -92.76
CA LYS G 318 -15.45 58.83 -94.12
C LYS G 318 -14.04 59.13 -94.59
N ASP G 319 -13.14 59.34 -93.63
CA ASP G 319 -11.73 59.59 -93.88
C ASP G 319 -10.99 58.25 -93.90
N PRO G 320 -10.63 57.74 -95.09
CA PRO G 320 -9.89 56.45 -95.10
C PRO G 320 -8.62 56.42 -94.24
N GLU G 321 -8.05 57.59 -93.95
CA GLU G 321 -6.85 57.66 -93.12
C GLU G 321 -7.12 57.87 -91.61
N MET G 322 -8.41 57.96 -91.25
CA MET G 322 -8.89 57.97 -89.85
C MET G 322 -8.12 58.97 -88.99
N ARG G 323 -7.84 60.14 -89.55
CA ARG G 323 -6.90 61.08 -88.95
C ARG G 323 -7.30 61.51 -87.55
N ALA G 324 -8.61 61.54 -87.28
CA ALA G 324 -9.13 61.96 -85.99
C ALA G 324 -8.65 61.03 -84.85
N CYS G 325 -8.46 59.75 -85.20
CA CYS G 325 -8.11 58.68 -84.28
C CYS G 325 -6.62 58.47 -84.12
N ARG G 326 -5.85 58.97 -85.09
CA ARG G 326 -4.45 58.57 -85.23
C ARG G 326 -3.42 59.41 -84.49
N GLN G 327 -3.87 60.23 -83.54
CA GLN G 327 -2.92 60.88 -82.62
C GLN G 327 -2.94 60.07 -81.35
N CYS G 328 -4.15 59.74 -80.90
CA CYS G 328 -4.29 58.86 -79.76
C CYS G 328 -3.91 57.44 -80.11
N HIS G 329 -4.26 57.02 -81.32
CA HIS G 329 -3.89 55.66 -81.79
C HIS G 329 -2.91 55.64 -82.93
N SER G 330 -1.85 56.42 -82.80
CA SER G 330 -0.79 56.56 -83.80
C SER G 330 -0.07 55.26 -84.13
N ASP G 331 0.05 54.38 -83.13
CA ASP G 331 0.63 53.05 -83.27
C ASP G 331 -0.25 52.05 -84.04
N LYS G 332 -1.49 52.45 -84.35
CA LYS G 332 -2.41 51.59 -85.12
C LYS G 332 -2.62 52.14 -86.53
N THR G 333 -2.78 51.23 -87.49
CA THR G 333 -3.13 51.63 -88.86
C THR G 333 -4.61 52.00 -88.93
N PRO G 334 -4.97 52.87 -89.89
CA PRO G 334 -6.38 53.22 -90.15
C PRO G 334 -7.30 52.00 -90.30
N ASP G 335 -6.89 51.00 -91.07
CA ASP G 335 -7.68 49.78 -91.30
C ASP G 335 -7.86 48.90 -90.04
N TYR G 336 -6.82 48.85 -89.20
CA TYR G 336 -6.92 48.22 -87.88
C TYR G 336 -8.07 48.84 -87.09
N LEU G 337 -8.04 50.18 -86.92
CA LEU G 337 -9.07 50.95 -86.19
C LEU G 337 -10.48 50.78 -86.74
N LYS G 338 -10.63 50.82 -88.07
CA LYS G 338 -11.92 50.46 -88.68
C LYS G 338 -12.36 49.05 -88.34
N SER G 339 -11.43 48.09 -88.28
CA SER G 339 -11.85 46.70 -88.01
C SER G 339 -12.38 46.51 -86.58
N ARG G 340 -11.82 47.24 -85.63
CA ARG G 340 -12.27 47.20 -84.25
C ARG G 340 -13.63 47.89 -84.06
N VAL G 341 -13.89 48.95 -84.84
CA VAL G 341 -15.21 49.60 -84.92
C VAL G 341 -16.28 48.61 -85.42
N LEU G 342 -15.96 47.90 -86.49
CA LEU G 342 -16.93 46.99 -87.10
C LEU G 342 -17.09 45.73 -86.27
N PHE G 343 -16.05 45.39 -85.51
CA PHE G 343 -16.10 44.27 -84.58
C PHE G 343 -17.33 44.47 -83.66
N THR G 344 -17.47 45.66 -83.08
CA THR G 344 -18.63 45.98 -82.25
C THR G 344 -19.95 46.17 -83.03
N GLN G 345 -19.89 46.96 -84.10
CA GLN G 345 -21.08 47.29 -84.89
C GLN G 345 -21.80 46.08 -85.47
N LYS G 346 -21.05 45.15 -86.03
CA LYS G 346 -21.63 43.97 -86.65
C LYS G 346 -22.42 43.15 -85.64
N ARG G 347 -21.83 42.93 -84.47
CA ARG G 347 -22.51 42.23 -83.39
C ARG G 347 -23.71 43.01 -82.88
N THR G 348 -23.56 44.32 -82.78
CA THR G 348 -24.60 45.19 -82.23
C THR G 348 -25.84 45.17 -83.12
N PHE G 349 -25.63 45.24 -84.43
CA PHE G 349 -26.73 45.31 -85.39
C PHE G 349 -27.50 43.99 -85.54
N ASP G 350 -26.79 42.86 -85.62
CA ASP G 350 -27.42 41.55 -85.66
C ASP G 350 -28.28 41.28 -84.42
N LEU G 351 -27.77 41.63 -83.24
CA LEU G 351 -28.50 41.41 -81.98
C LEU G 351 -29.76 42.31 -81.90
N LEU G 352 -29.62 43.56 -82.34
CA LEU G 352 -30.74 44.49 -82.47
C LEU G 352 -31.88 43.95 -83.36
N LEU G 353 -31.58 43.41 -84.53
CA LEU G 353 -32.64 42.80 -85.34
C LEU G 353 -33.37 41.62 -84.65
N ALA G 354 -32.64 40.83 -83.85
CA ALA G 354 -33.22 39.75 -83.06
C ALA G 354 -34.08 40.29 -81.92
N ALA G 355 -33.58 41.32 -81.25
CA ALA G 355 -34.35 42.02 -80.22
C ALA G 355 -35.69 42.54 -80.73
N GLN G 356 -35.70 43.01 -81.97
CA GLN G 356 -36.88 43.65 -82.53
C GLN G 356 -37.85 42.59 -82.98
N GLU G 357 -37.33 41.41 -83.32
CA GLU G 357 -38.16 40.30 -83.76
C GLU G 357 -38.92 39.71 -82.60
N VAL G 358 -38.26 39.61 -81.44
CA VAL G 358 -38.91 39.07 -80.24
C VAL G 358 -39.92 40.08 -79.68
N SER G 359 -39.64 41.36 -79.92
CA SER G 359 -40.54 42.46 -79.53
C SER G 359 -41.88 42.44 -80.30
N VAL G 360 -41.82 42.30 -81.63
CA VAL G 360 -42.98 42.05 -82.47
C VAL G 360 -43.77 40.84 -81.95
N LYS G 361 -43.07 39.74 -81.62
CA LYS G 361 -43.71 38.56 -81.05
C LYS G 361 -44.38 38.79 -79.68
N ALA G 362 -43.82 39.67 -78.86
CA ALA G 362 -44.38 40.01 -77.56
C ALA G 362 -45.66 40.85 -77.75
N HIS G 363 -45.62 41.83 -78.66
CA HIS G 363 -46.82 42.56 -79.08
C HIS G 363 -47.89 41.66 -79.67
N GLU G 364 -47.47 40.68 -80.45
CA GLU G 364 -48.42 39.77 -81.06
C GLU G 364 -49.08 38.81 -80.06
N ALA G 365 -48.31 38.34 -79.07
CA ALA G 365 -48.85 37.44 -78.04
C ALA G 365 -49.82 38.15 -77.11
N VAL G 366 -49.49 39.41 -76.80
CA VAL G 366 -50.34 40.20 -75.94
C VAL G 366 -51.66 40.51 -76.68
N ARG G 367 -51.57 40.80 -77.97
CA ARG G 367 -52.74 41.04 -78.81
C ARG G 367 -53.64 39.83 -78.80
N LEU G 368 -53.04 38.65 -79.02
CA LEU G 368 -53.77 37.39 -79.02
C LEU G 368 -54.43 37.07 -77.69
N ALA G 369 -53.71 37.32 -76.58
CA ALA G 369 -54.26 37.08 -75.26
C ALA G 369 -55.35 38.09 -74.88
N ASN G 370 -55.24 39.33 -75.38
CA ASN G 370 -56.27 40.38 -75.19
C ASN G 370 -57.64 39.96 -75.79
N GLU G 371 -57.63 39.46 -77.03
CA GLU G 371 -58.84 39.01 -77.71
C GLU G 371 -59.17 37.50 -77.57
N TYR G 372 -58.58 36.84 -76.56
CA TYR G 372 -58.78 35.40 -76.34
C TYR G 372 -60.20 35.04 -75.89
N GLN G 373 -60.76 34.02 -76.54
CA GLN G 373 -62.15 33.60 -76.32
C GLN G 373 -62.26 32.31 -75.49
N GLY G 374 -61.16 31.57 -75.39
CA GLY G 374 -61.14 30.36 -74.56
C GLY G 374 -61.10 30.66 -73.08
N ALA G 375 -60.74 29.64 -72.29
CA ALA G 375 -60.68 29.74 -70.83
C ALA G 375 -59.36 30.34 -70.37
N LYS G 376 -59.47 31.32 -69.48
CA LYS G 376 -58.34 32.12 -69.00
C LYS G 376 -57.87 31.67 -67.63
N ALA G 377 -56.61 31.95 -67.31
CA ALA G 377 -56.11 31.75 -65.96
C ALA G 377 -56.92 32.59 -64.95
N ALA G 378 -56.81 32.24 -63.67
CA ALA G 378 -57.53 32.97 -62.62
C ALA G 378 -56.93 34.36 -62.43
N GLY G 379 -55.63 34.46 -62.71
CA GLY G 379 -54.87 35.71 -62.56
C GLY G 379 -54.74 36.48 -63.86
N TYR G 380 -55.56 36.12 -64.85
CA TYR G 380 -55.54 36.74 -66.17
C TYR G 380 -55.30 38.24 -66.19
N ASP G 381 -56.07 38.98 -65.40
CA ASP G 381 -56.00 40.45 -65.41
C ASP G 381 -54.65 40.96 -64.91
N ASP G 382 -54.17 40.40 -63.81
CA ASP G 382 -52.87 40.79 -63.24
C ASP G 382 -51.70 40.33 -64.11
N LEU G 383 -51.87 39.18 -64.78
CA LEU G 383 -50.85 38.65 -65.70
C LEU G 383 -50.72 39.49 -66.97
N MET G 384 -51.84 40.06 -67.42
CA MET G 384 -51.88 40.91 -68.61
C MET G 384 -51.24 42.26 -68.37
N ILE G 385 -51.35 42.78 -67.16
CA ILE G 385 -50.64 43.98 -66.75
C ILE G 385 -49.13 43.70 -66.77
N GLN G 386 -48.75 42.55 -66.22
CA GLN G 386 -47.36 42.13 -66.16
C GLN G 386 -46.72 41.90 -67.52
N ALA G 387 -47.45 41.24 -68.41
CA ALA G 387 -47.06 41.10 -69.81
C ALA G 387 -46.87 42.46 -70.50
N ARG G 388 -47.83 43.36 -70.36
CA ARG G 388 -47.70 44.69 -70.94
C ARG G 388 -46.50 45.47 -70.43
N GLU G 389 -46.27 45.42 -69.13
CA GLU G 389 -45.12 46.02 -68.48
C GLU G 389 -43.80 45.50 -69.09
N MET G 390 -43.75 44.22 -69.47
CA MET G 390 -42.56 43.65 -70.11
C MET G 390 -42.37 44.02 -71.59
N VAL G 391 -43.49 44.10 -72.32
CA VAL G 391 -43.47 44.60 -73.69
C VAL G 391 -42.89 46.02 -73.72
N ARG G 392 -43.39 46.86 -72.81
CA ARG G 392 -43.00 48.25 -72.65
C ARG G 392 -41.53 48.40 -72.33
N LYS G 393 -41.03 47.54 -71.45
CA LYS G 393 -39.66 47.64 -70.97
C LYS G 393 -38.72 47.05 -72.02
N GLY G 394 -39.13 45.94 -72.62
CA GLY G 394 -38.35 45.32 -73.69
C GLY G 394 -38.12 46.25 -74.84
N GLN G 395 -39.19 46.89 -75.30
CA GLN G 395 -39.14 47.87 -76.39
C GLN G 395 -38.32 49.11 -76.08
N PHE G 396 -38.42 49.64 -74.87
CA PHE G 396 -37.61 50.79 -74.48
C PHE G 396 -36.13 50.49 -74.58
N PHE G 397 -35.76 49.28 -74.13
CA PHE G 397 -34.39 48.84 -74.10
C PHE G 397 -33.78 48.66 -75.49
N TRP G 398 -34.49 48.03 -76.42
CA TRP G 398 -33.95 47.94 -77.79
C TRP G 398 -33.94 49.29 -78.52
N ASP G 399 -34.89 50.17 -78.17
CA ASP G 399 -35.03 51.47 -78.84
C ASP G 399 -33.90 52.40 -78.44
N TYR G 400 -33.50 52.32 -77.17
CA TYR G 400 -32.34 53.05 -76.68
C TYR G 400 -31.09 52.73 -77.51
N VAL G 401 -30.97 51.50 -78.00
CA VAL G 401 -29.82 51.10 -78.81
C VAL G 401 -30.02 51.44 -80.30
N SER G 402 -31.14 51.00 -80.85
CA SER G 402 -31.58 51.30 -82.21
C SER G 402 -31.53 52.78 -82.57
N ALA G 403 -32.04 53.63 -81.68
CA ALA G 403 -32.12 55.06 -81.90
C ALA G 403 -30.78 55.78 -81.90
N GLU G 404 -29.79 55.19 -81.22
CA GLU G 404 -28.45 55.75 -81.06
C GLU G 404 -27.57 55.47 -82.28
N ASN G 405 -26.82 56.48 -82.71
CA ASN G 405 -26.22 56.50 -84.04
C ASN G 405 -24.85 55.84 -84.28
N SER G 406 -24.23 55.28 -83.25
CA SER G 406 -22.89 54.67 -83.41
C SER G 406 -22.93 53.15 -83.61
N VAL G 407 -24.14 52.59 -83.64
CA VAL G 407 -24.35 51.14 -83.74
C VAL G 407 -23.45 50.42 -82.73
N GLY G 408 -23.49 50.91 -81.50
CA GLY G 408 -22.79 50.30 -80.40
C GLY G 408 -21.38 50.76 -80.14
N PHE G 409 -20.75 51.47 -81.08
CA PHE G 409 -19.34 51.89 -80.90
C PHE G 409 -19.10 52.82 -79.74
N HIS G 410 -19.98 53.81 -79.53
CA HIS G 410 -19.82 54.74 -78.42
C HIS G 410 -19.66 54.03 -77.05
N ASN G 411 -20.42 52.95 -76.85
CA ASN G 411 -20.41 52.17 -75.63
C ASN G 411 -20.69 50.69 -75.90
N PRO G 412 -19.66 49.93 -76.33
CA PRO G 412 -19.91 48.52 -76.69
C PRO G 412 -20.59 47.64 -75.64
N ALA G 413 -20.09 47.60 -74.40
CA ALA G 413 -20.74 46.78 -73.36
C ALA G 413 -22.14 47.25 -72.93
N LYS G 414 -22.41 48.55 -72.94
CA LYS G 414 -23.78 48.98 -72.62
C LYS G 414 -24.81 48.53 -73.66
N ALA G 415 -24.48 48.71 -74.93
CA ALA G 415 -25.35 48.37 -76.05
C ALA G 415 -25.66 46.87 -76.15
N LEU G 416 -24.62 46.04 -76.03
CA LEU G 416 -24.79 44.59 -76.08
C LEU G 416 -25.60 44.04 -74.89
N ASP G 417 -25.22 44.47 -73.69
CA ASP G 417 -25.96 44.19 -72.47
C ASP G 417 -27.44 44.61 -72.49
N THR G 418 -27.72 45.80 -73.01
CA THR G 418 -29.07 46.36 -73.10
C THR G 418 -29.94 45.59 -74.10
N LEU G 419 -29.34 45.14 -75.19
CA LEU G 419 -30.02 44.27 -76.12
C LEU G 419 -30.31 42.89 -75.54
N ALA G 420 -29.32 42.33 -74.83
CA ALA G 420 -29.49 41.03 -74.21
C ALA G 420 -30.65 41.12 -73.21
N GLN G 421 -30.69 42.20 -72.41
CA GLN G 421 -31.78 42.42 -71.44
C GLN G 421 -33.14 42.64 -72.09
N SER G 422 -33.20 43.42 -73.16
CA SER G 422 -34.42 43.68 -73.93
C SER G 422 -35.16 42.38 -74.31
N GLN G 423 -34.40 41.48 -74.90
CA GLN G 423 -34.72 40.10 -75.29
C GLN G 423 -35.36 39.31 -74.16
N GLN G 424 -34.76 39.39 -72.97
CA GLN G 424 -35.29 38.81 -71.74
C GLN G 424 -36.67 39.38 -71.35
N PHE G 425 -36.83 40.70 -71.43
CA PHE G 425 -38.12 41.36 -71.09
C PHE G 425 -39.21 41.02 -72.08
N SER G 426 -38.90 41.12 -73.38
CA SER G 426 -39.85 40.75 -74.43
C SER G 426 -40.26 39.28 -74.36
N GLN G 427 -39.31 38.37 -74.11
CA GLN G 427 -39.64 36.95 -73.96
C GLN G 427 -40.52 36.70 -72.74
N LYS G 428 -40.28 37.44 -71.66
CA LYS G 428 -41.11 37.33 -70.46
C LYS G 428 -42.57 37.75 -70.69
N ALA G 429 -42.79 38.79 -71.50
CA ALA G 429 -44.11 39.19 -71.94
C ALA G 429 -44.82 38.08 -72.73
N ILE G 430 -44.11 37.38 -73.61
CA ILE G 430 -44.66 36.23 -74.33
C ILE G 430 -45.07 35.11 -73.37
N ASP G 431 -44.25 34.86 -72.35
CA ASP G 431 -44.45 33.77 -71.40
C ASP G 431 -45.65 34.02 -70.50
N LEU G 432 -45.82 35.27 -70.06
CA LEU G 432 -46.95 35.72 -69.24
C LEU G 432 -48.28 35.74 -69.99
N ALA G 433 -48.27 36.16 -71.25
CA ALA G 433 -49.47 36.14 -72.10
C ALA G 433 -49.97 34.72 -72.41
N MET G 434 -49.05 33.76 -72.42
CA MET G 434 -49.39 32.33 -72.60
C MET G 434 -49.91 31.72 -71.32
N GLU G 435 -49.32 32.10 -70.20
CA GLU G 435 -49.85 31.71 -68.90
C GLU G 435 -51.30 32.17 -68.74
N ALA G 436 -51.55 33.45 -69.05
CA ALA G 436 -52.87 34.09 -68.95
C ALA G 436 -53.99 33.36 -69.72
N THR G 437 -53.62 32.68 -70.81
CA THR G 437 -54.57 32.00 -71.68
C THR G 437 -54.42 30.47 -71.59
N GLN G 438 -53.69 30.04 -70.57
CA GLN G 438 -53.39 28.60 -70.35
C GLN G 438 -52.85 27.97 -71.64
N TYR G 439 -52.04 28.73 -72.37
CA TYR G 439 -51.33 28.27 -73.58
C TYR G 439 -52.23 28.08 -74.80
N GLY G 440 -53.46 28.60 -74.71
CA GLY G 440 -54.42 28.58 -75.82
C GLY G 440 -54.05 29.41 -77.04
N ILE G 441 -53.15 30.36 -76.87
CA ILE G 441 -52.68 31.18 -78.00
C ILE G 441 -51.45 30.59 -78.68
N GLY G 442 -50.80 29.65 -78.02
CA GLY G 442 -49.62 28.98 -78.54
C GLY G 442 -49.70 28.61 -80.00
N LYS G 443 -50.81 27.97 -80.40
CA LYS G 443 -51.03 27.62 -81.81
C LYS G 443 -50.82 28.78 -82.80
N ASP G 444 -51.11 30.00 -82.36
CA ASP G 444 -51.06 31.20 -83.19
C ASP G 444 -49.67 31.87 -83.25
N LEU G 445 -48.72 31.32 -82.51
CA LEU G 445 -47.41 31.91 -82.35
C LEU G 445 -46.31 30.98 -82.81
N SER G 446 -46.68 29.96 -83.59
CA SER G 446 -45.78 28.85 -83.92
C SER G 446 -44.73 29.07 -85.04
N GLY G 447 -45.05 29.85 -86.06
CA GLY G 447 -44.11 29.94 -87.20
C GLY G 447 -42.79 30.68 -87.00
N ASP G 448 -42.28 31.21 -88.12
CA ASP G 448 -41.36 32.34 -88.12
C ASP G 448 -42.22 33.58 -87.87
N ILE G 449 -41.75 34.47 -87.00
CA ILE G 449 -42.48 35.69 -86.68
C ILE G 449 -42.72 36.53 -87.95
N LYS G 450 -41.80 36.46 -88.90
CA LYS G 450 -41.97 37.12 -90.21
C LYS G 450 -43.12 36.59 -91.08
N THR G 451 -43.53 35.34 -90.86
CA THR G 451 -44.71 34.76 -91.53
C THR G 451 -46.03 35.19 -90.82
N ILE G 452 -46.01 35.25 -89.49
CA ILE G 452 -47.23 35.49 -88.75
C ILE G 452 -47.52 36.98 -88.50
N VAL G 453 -46.47 37.79 -88.38
CA VAL G 453 -46.59 39.25 -88.49
C VAL G 453 -45.57 39.76 -89.51
N PRO G 454 -45.99 39.91 -90.76
CA PRO G 454 -45.14 40.47 -91.80
C PRO G 454 -44.64 41.89 -91.49
N PRO G 455 -43.37 42.21 -91.84
CA PRO G 455 -42.91 43.59 -91.82
C PRO G 455 -43.84 44.53 -92.61
N ILE G 456 -44.07 45.72 -92.06
CA ILE G 456 -44.83 46.74 -92.75
C ILE G 456 -43.81 47.62 -93.45
N LEU G 457 -43.71 47.50 -94.76
CA LEU G 457 -42.73 48.29 -95.52
C LEU G 457 -43.21 49.72 -95.83
N LYS G 458 -44.49 49.84 -96.13
CA LYS G 458 -45.07 51.11 -96.54
C LYS G 458 -46.17 51.53 -95.60
N MET G 459 -46.12 52.80 -95.20
CA MET G 459 -47.16 53.48 -94.43
C MET G 459 -46.81 54.95 -94.44
N ASN G 460 -47.74 55.78 -94.89
CA ASN G 460 -47.65 57.22 -94.75
C ASN G 460 -49.04 57.80 -94.52
N ARG G 461 -49.13 59.10 -94.23
CA ARG G 461 -50.43 59.74 -93.98
C ARG G 461 -51.40 59.68 -95.16
N LYS G 462 -50.87 59.77 -96.38
CA LYS G 462 -51.73 59.64 -97.55
C LYS G 462 -52.29 58.21 -97.70
N LEU G 463 -51.45 57.19 -97.45
CA LEU G 463 -51.86 55.80 -97.58
C LEU G 463 -52.93 55.38 -96.57
N GLN G 464 -52.84 55.90 -95.35
CA GLN G 464 -53.84 55.65 -94.32
C GLN G 464 -55.20 56.32 -94.62
N GLN G 465 -55.26 57.07 -95.73
CA GLN G 465 -56.53 57.63 -96.25
C GLN G 465 -57.27 56.64 -97.16
N ASP G 466 -56.55 55.62 -97.64
CA ASP G 466 -57.08 54.64 -98.58
C ASP G 466 -57.69 53.45 -97.81
N PRO G 467 -59.02 53.22 -97.94
CA PRO G 467 -59.64 52.07 -97.26
C PRO G 467 -59.21 50.70 -97.79
N GLU G 468 -58.70 50.66 -99.02
CA GLU G 468 -58.24 49.40 -99.63
C GLU G 468 -56.85 48.98 -99.15
N PHE G 469 -55.95 49.97 -99.07
CA PHE G 469 -54.63 49.80 -98.46
C PHE G 469 -54.74 49.33 -96.99
N MET G 470 -55.69 49.88 -96.24
CA MET G 470 -55.86 49.55 -94.82
C MET G 470 -56.36 48.14 -94.54
N LYS G 471 -56.65 47.39 -95.61
CA LYS G 471 -57.01 45.98 -95.50
C LYS G 471 -55.84 45.00 -95.76
N THR G 472 -54.68 45.53 -96.11
CA THR G 472 -53.53 44.74 -96.57
C THR G 472 -52.64 44.16 -95.45
N HIS G 473 -52.97 44.44 -94.19
CA HIS G 473 -52.23 43.89 -93.05
C HIS G 473 -53.18 43.76 -91.86
N LYS G 474 -53.09 42.64 -91.14
CA LYS G 474 -53.86 42.44 -89.92
C LYS G 474 -53.73 43.56 -88.87
N TRP G 475 -52.56 44.20 -88.80
CA TRP G 475 -52.32 45.21 -87.76
C TRP G 475 -52.98 46.55 -88.06
N PHE G 476 -53.35 46.73 -89.33
CA PHE G 476 -54.01 47.93 -89.82
C PHE G 476 -55.44 48.06 -89.33
N GLN G 477 -56.01 46.98 -88.81
CA GLN G 477 -57.39 47.03 -88.31
C GLN G 477 -57.53 47.77 -86.97
N TYR G 478 -56.38 48.08 -86.36
CA TYR G 478 -56.28 48.77 -85.07
C TYR G 478 -56.04 50.27 -85.26
N LEU G 479 -55.93 50.69 -86.52
CA LEU G 479 -55.75 52.08 -86.89
C LEU G 479 -56.98 52.65 -87.61
N PRO G 480 -57.22 53.96 -87.48
CA PRO G 480 -58.32 54.55 -88.22
C PRO G 480 -57.95 54.78 -89.68
N VAL G 481 -58.94 54.68 -90.56
CA VAL G 481 -58.81 55.18 -91.91
C VAL G 481 -58.99 56.70 -91.83
N LEU G 482 -57.95 57.45 -92.16
CA LEU G 482 -57.99 58.92 -92.09
C LEU G 482 -58.84 59.53 -93.21
N PRO G 483 -59.56 60.64 -92.90
CA PRO G 483 -60.37 61.29 -93.94
C PRO G 483 -59.53 61.72 -95.15
N LYS G 484 -60.13 61.64 -96.35
CA LYS G 484 -59.51 62.12 -97.58
C LYS G 484 -59.19 63.59 -97.42
N ALA G 485 -57.96 63.96 -97.76
CA ALA G 485 -57.45 65.31 -97.55
C ALA G 485 -56.31 65.57 -98.53
N ASP G 486 -56.34 66.75 -99.14
CA ASP G 486 -55.26 67.19 -100.01
C ASP G 486 -54.16 67.79 -99.14
N GLN G 487 -52.93 67.67 -99.62
CA GLN G 487 -51.79 68.28 -98.97
C GLN G 487 -51.97 69.80 -98.88
N VAL G 488 -51.87 70.33 -97.66
CA VAL G 488 -51.90 71.78 -97.44
C VAL G 488 -50.49 72.36 -97.58
N TRP G 489 -49.50 71.68 -97.00
CA TRP G 489 -48.13 72.18 -96.94
C TRP G 489 -47.21 71.38 -97.82
N ASP G 490 -46.38 72.11 -98.56
CA ASP G 490 -45.28 71.53 -99.33
C ASP G 490 -44.01 72.30 -98.98
N GLY G 491 -43.21 71.73 -98.08
CA GLY G 491 -42.18 72.49 -97.40
C GLY G 491 -42.82 73.71 -96.75
N GLN G 492 -42.40 74.88 -97.21
CA GLN G 492 -42.80 76.16 -96.64
C GLN G 492 -44.03 76.78 -97.34
N LYS G 493 -44.38 76.23 -98.50
CA LYS G 493 -45.48 76.72 -99.34
C LYS G 493 -46.84 76.17 -98.92
N ARG G 494 -47.88 77.00 -99.03
CA ARG G 494 -49.25 76.50 -98.98
C ARG G 494 -49.71 76.13 -100.38
N LEU G 495 -50.35 74.98 -100.51
CA LEU G 495 -50.91 74.58 -101.79
C LEU G 495 -52.38 75.02 -101.86
N GLY H 2 29.43 58.26 -69.45
CA GLY H 2 28.50 57.47 -70.35
C GLY H 2 28.64 57.83 -71.81
N CYS H 3 28.76 56.81 -72.67
CA CYS H 3 29.39 57.00 -73.99
C CYS H 3 28.68 56.52 -75.26
N SER H 4 28.38 55.22 -75.36
CA SER H 4 27.84 54.66 -76.61
C SER H 4 26.31 54.60 -76.68
N ASP H 5 25.78 54.73 -77.90
CA ASP H 5 24.34 54.81 -78.16
C ASP H 5 23.59 53.50 -77.85
N VAL H 6 22.30 53.61 -77.51
CA VAL H 6 21.48 52.40 -77.31
C VAL H 6 21.28 51.63 -78.59
N SER H 7 21.18 50.31 -78.44
CA SER H 7 20.75 49.43 -79.51
C SER H 7 19.22 49.40 -79.48
N THR H 8 18.61 49.33 -80.66
CA THR H 8 17.16 49.22 -80.75
C THR H 8 16.70 47.79 -81.08
N GLU H 9 17.62 46.83 -81.05
CA GLU H 9 17.27 45.45 -81.37
C GLU H 9 16.58 44.68 -80.25
N LEU H 10 16.67 45.21 -79.02
CA LEU H 10 16.09 44.61 -77.82
C LEU H 10 16.50 43.13 -77.68
N LYS H 11 17.80 42.92 -77.54
CA LYS H 11 18.39 41.60 -77.41
C LYS H 11 18.03 41.02 -76.05
N THR H 12 17.31 39.92 -76.07
CA THR H 12 17.04 39.14 -74.86
C THR H 12 18.38 38.68 -74.22
N PRO H 13 18.49 38.73 -72.87
CA PRO H 13 19.72 38.21 -72.25
C PRO H 13 19.86 36.71 -72.52
N VAL H 14 21.10 36.25 -72.67
CA VAL H 14 21.37 34.84 -73.00
C VAL H 14 21.78 34.06 -71.76
N TYR H 15 21.37 32.80 -71.72
CA TYR H 15 21.72 31.90 -70.62
C TYR H 15 22.30 30.59 -71.13
N LYS H 16 23.18 30.01 -70.34
CA LYS H 16 23.66 28.64 -70.53
C LYS H 16 23.75 28.04 -69.15
N THR H 17 22.85 27.09 -68.86
CA THR H 17 22.75 26.48 -67.53
C THR H 17 23.61 25.21 -67.38
N LYS H 18 23.65 24.69 -66.16
CA LYS H 18 24.32 23.42 -65.85
C LYS H 18 23.35 22.23 -65.91
N LEU H 19 22.18 22.47 -66.52
CA LEU H 19 21.10 21.49 -66.56
C LEU H 19 21.17 20.67 -67.84
N THR H 20 20.74 19.41 -67.74
CA THR H 20 20.74 18.49 -68.89
C THR H 20 19.56 18.84 -69.80
N ALA H 21 19.58 18.27 -71.00
CA ALA H 21 18.61 18.56 -72.03
C ALA H 21 17.18 18.19 -71.61
N GLU H 22 17.04 17.16 -70.78
CA GLU H 22 15.73 16.62 -70.41
C GLU H 22 15.30 16.93 -68.96
N GLU H 23 16.04 17.81 -68.28
CA GLU H 23 15.72 18.23 -66.92
C GLU H 23 14.27 18.74 -66.84
N ILE H 24 13.51 18.24 -65.85
CA ILE H 24 12.13 18.70 -65.60
C ILE H 24 11.83 19.00 -64.14
N ARG H 25 12.80 18.79 -63.25
CA ARG H 25 12.55 19.04 -61.83
C ARG H 25 12.54 20.54 -61.57
N ASN H 26 11.44 21.04 -61.01
CA ASN H 26 11.34 22.47 -60.66
C ASN H 26 12.49 22.94 -59.77
N SER H 27 12.79 22.15 -58.74
CA SER H 27 13.89 22.40 -57.81
C SER H 27 15.25 22.58 -58.46
N ALA H 28 15.51 21.85 -59.56
CA ALA H 28 16.77 21.96 -60.30
C ALA H 28 17.07 23.38 -60.81
N PHE H 29 16.02 24.17 -61.03
CA PHE H 29 16.12 25.52 -61.60
C PHE H 29 16.36 26.61 -60.56
N LYS H 30 16.08 26.31 -59.30
CA LYS H 30 16.19 27.28 -58.21
C LYS H 30 17.59 27.87 -57.98
N PRO H 31 18.66 27.03 -57.92
CA PRO H 31 20.03 27.58 -57.79
C PRO H 31 20.51 28.59 -58.84
N GLU H 32 20.08 28.47 -60.09
CA GLU H 32 20.53 29.42 -61.12
C GLU H 32 19.59 30.61 -61.35
N PHE H 33 18.32 30.43 -60.99
CA PHE H 33 17.30 31.45 -61.14
C PHE H 33 16.50 31.68 -59.85
N PRO H 34 17.17 32.20 -58.81
CA PRO H 34 16.51 32.41 -57.50
C PRO H 34 15.35 33.42 -57.53
N LYS H 35 15.46 34.45 -58.38
CA LYS H 35 14.47 35.54 -58.44
C LYS H 35 13.14 35.12 -59.06
N GLN H 36 13.22 34.44 -60.21
CA GLN H 36 12.05 33.85 -60.88
C GLN H 36 11.47 32.68 -60.11
N TYR H 37 12.32 31.90 -59.44
CA TYR H 37 11.84 30.84 -58.55
C TYR H 37 11.08 31.40 -57.35
N ALA H 38 11.67 32.37 -56.65
CA ALA H 38 10.98 33.05 -55.57
C ALA H 38 9.60 33.59 -55.99
N SER H 39 9.55 34.22 -57.18
CA SER H 39 8.32 34.73 -57.81
C SER H 39 7.31 33.62 -58.06
N TYR H 40 7.80 32.52 -58.64
CA TYR H 40 7.05 31.29 -58.87
C TYR H 40 6.42 30.75 -57.58
N GLU H 41 7.18 30.79 -56.50
CA GLU H 41 6.67 30.28 -55.24
C GLU H 41 5.51 31.10 -54.67
N ARG H 42 5.33 32.33 -55.16
CA ARG H 42 4.20 33.20 -54.79
C ARG H 42 2.81 32.63 -55.19
N ASN H 43 2.80 31.70 -56.14
CA ASN H 43 1.59 30.97 -56.54
C ASN H 43 1.01 30.05 -55.45
N ASP H 44 1.76 29.87 -54.36
CA ASP H 44 1.27 29.21 -53.14
C ASP H 44 0.18 30.00 -52.39
N GLU H 45 0.16 31.32 -52.55
CA GLU H 45 -0.87 32.14 -51.92
C GLU H 45 -2.27 31.70 -52.37
N THR H 46 -3.08 31.25 -51.42
CA THR H 46 -4.39 30.70 -51.73
C THR H 46 -5.52 31.25 -50.83
N THR H 47 -5.36 32.51 -50.41
CA THR H 47 -6.31 33.19 -49.50
C THR H 47 -7.04 34.42 -50.08
N VAL H 48 -6.47 35.03 -51.12
CA VAL H 48 -6.96 36.31 -51.62
C VAL H 48 -8.04 36.16 -52.70
N MET H 49 -9.15 36.88 -52.50
CA MET H 49 -10.22 36.96 -53.47
C MET H 49 -10.25 38.34 -54.10
N THR H 50 -10.61 38.39 -55.38
CA THR H 50 -11.03 39.65 -55.97
C THR H 50 -12.55 39.65 -55.98
N GLU H 51 -13.18 40.57 -56.72
CA GLU H 51 -14.61 40.64 -56.79
C GLU H 51 -15.24 39.39 -57.42
N TYR H 52 -14.74 38.99 -58.59
CA TYR H 52 -15.28 37.80 -59.26
C TYR H 52 -14.34 36.59 -59.21
N LYS H 53 -13.04 36.85 -59.08
CA LYS H 53 -12.02 35.82 -59.17
C LYS H 53 -11.13 35.81 -57.92
N GLY H 54 -10.00 35.12 -57.97
CA GLY H 54 -9.15 34.96 -56.80
C GLY H 54 -8.60 33.55 -56.71
N SER H 55 -7.89 33.26 -55.61
CA SER H 55 -7.09 32.04 -55.49
C SER H 55 -7.62 31.04 -54.48
N VAL H 56 -8.80 31.32 -53.91
CA VAL H 56 -9.50 30.35 -53.09
C VAL H 56 -10.28 29.36 -53.99
N PRO H 57 -9.95 28.07 -53.86
CA PRO H 57 -10.60 27.08 -54.70
C PRO H 57 -12.00 26.70 -54.18
N PHE H 58 -12.91 27.66 -54.15
CA PHE H 58 -14.26 27.41 -53.71
C PHE H 58 -15.01 26.58 -54.75
N ASN H 59 -16.17 26.04 -54.39
CA ASN H 59 -16.99 25.29 -55.34
C ASN H 59 -17.84 26.18 -56.21
N LYS H 60 -17.61 26.11 -57.51
CA LYS H 60 -18.18 27.08 -58.45
C LYS H 60 -19.71 27.13 -58.56
N ASN H 61 -20.41 26.09 -58.12
CA ASN H 61 -21.89 26.10 -58.09
C ASN H 61 -22.50 26.55 -56.76
N ASP H 62 -21.66 26.85 -55.77
CA ASP H 62 -22.10 27.05 -54.38
C ASP H 62 -22.17 28.53 -54.01
N ASN H 63 -23.37 29.09 -54.08
CA ASN H 63 -23.65 30.45 -53.58
C ASN H 63 -24.33 30.47 -52.21
N VAL H 64 -24.35 29.32 -51.53
CA VAL H 64 -25.07 29.16 -50.27
C VAL H 64 -24.13 29.21 -49.05
N ASN H 65 -22.99 28.54 -49.15
CA ASN H 65 -22.02 28.48 -48.06
C ASN H 65 -20.98 29.57 -48.13
N PRO H 66 -20.46 30.03 -46.96
CA PRO H 66 -19.33 30.97 -47.00
C PRO H 66 -18.04 30.35 -47.52
N LEU H 67 -17.07 31.21 -47.84
CA LEU H 67 -15.72 30.76 -48.19
C LEU H 67 -15.12 29.94 -47.05
N PRO H 68 -14.30 28.93 -47.37
CA PRO H 68 -13.81 28.59 -48.71
C PRO H 68 -14.66 27.58 -49.48
N GLU H 69 -15.89 27.32 -49.04
CA GLU H 69 -16.71 26.30 -49.71
CA GLU H 69 -16.74 26.31 -49.68
C GLU H 69 -17.60 26.88 -50.80
N GLY H 70 -18.09 28.09 -50.61
CA GLY H 70 -18.95 28.76 -51.57
C GLY H 70 -18.51 30.20 -51.71
N TYR H 71 -19.23 30.97 -52.54
CA TYR H 71 -18.94 32.39 -52.73
C TYR H 71 -20.21 33.17 -53.16
N ARG H 72 -20.23 34.48 -52.94
CA ARG H 72 -21.41 35.29 -53.30
C ARG H 72 -21.70 35.35 -54.80
N HIS H 73 -20.64 35.26 -55.61
CA HIS H 73 -20.78 35.07 -57.06
C HIS H 73 -20.39 33.65 -57.43
N ALA H 74 -21.39 32.79 -57.53
CA ALA H 74 -21.22 31.42 -57.98
C ALA H 74 -22.39 31.14 -58.90
N GLN H 75 -22.39 29.97 -59.53
CA GLN H 75 -23.33 29.66 -60.59
C GLN H 75 -24.12 28.42 -60.18
N PRO H 76 -25.28 28.65 -59.53
CA PRO H 76 -25.99 27.57 -58.81
C PRO H 76 -26.50 26.42 -59.68
N TYR H 77 -26.62 26.63 -60.98
CA TYR H 77 -27.17 25.57 -61.82
C TYR H 77 -26.16 24.63 -62.52
N LEU H 78 -24.86 24.79 -62.27
CA LEU H 78 -23.85 24.00 -63.00
C LEU H 78 -24.08 22.48 -62.96
N LYS H 79 -24.27 21.91 -61.77
CA LYS H 79 -24.50 20.46 -61.64
C LYS H 79 -25.72 19.95 -62.43
N ASN H 80 -26.82 20.72 -62.45
CA ASN H 80 -28.01 20.46 -63.28
C ASN H 80 -27.64 20.38 -64.78
N LEU H 81 -26.84 21.35 -65.23
CA LEU H 81 -26.48 21.51 -66.63
C LEU H 81 -25.41 20.51 -67.08
N TRP H 82 -24.65 19.96 -66.12
CA TRP H 82 -23.68 18.90 -66.44
C TRP H 82 -24.11 17.56 -65.89
N LEU H 83 -25.42 17.34 -65.80
CA LEU H 83 -25.97 16.04 -65.36
C LEU H 83 -25.42 14.91 -66.22
N GLY H 84 -24.93 13.86 -65.56
CA GLY H 84 -24.35 12.71 -66.24
C GLY H 84 -22.94 12.90 -66.78
N TYR H 85 -22.28 13.98 -66.38
CA TYR H 85 -20.93 14.27 -66.85
C TYR H 85 -20.10 14.48 -65.59
N PRO H 86 -18.80 14.09 -65.59
CA PRO H 86 -17.98 14.16 -64.36
C PRO H 86 -17.89 15.54 -63.71
N PHE H 87 -18.23 16.58 -64.45
CA PHE H 87 -18.24 17.93 -63.89
C PHE H 87 -19.37 18.13 -62.87
N MET H 88 -20.40 17.29 -62.90
CA MET H 88 -21.43 17.33 -61.86
C MET H 88 -20.95 16.87 -60.47
N TYR H 89 -19.73 16.30 -60.40
CA TYR H 89 -19.14 15.84 -59.14
C TYR H 89 -18.33 16.88 -58.42
N GLU H 90 -17.50 17.61 -59.14
CA GLU H 90 -16.64 18.59 -58.51
C GLU H 90 -16.06 19.52 -59.56
N TYR H 91 -16.14 20.82 -59.26
CA TYR H 91 -15.64 21.86 -60.14
C TYR H 91 -15.39 23.10 -59.29
N ARG H 92 -14.11 23.41 -59.12
CA ARG H 92 -13.67 24.45 -58.22
C ARG H 92 -12.98 25.56 -58.99
N GLU H 93 -12.92 26.75 -58.39
CA GLU H 93 -12.18 27.89 -58.89
C GLU H 93 -10.67 27.55 -59.01
N ALA H 94 -10.08 27.87 -60.16
CA ALA H 94 -8.66 27.62 -60.40
C ALA H 94 -7.77 28.50 -59.54
N ARG H 95 -6.60 27.99 -59.21
CA ARG H 95 -5.66 28.70 -58.35
C ARG H 95 -4.23 28.44 -58.83
N GLY H 96 -3.22 28.75 -58.01
CA GLY H 96 -1.84 28.74 -58.48
C GLY H 96 -1.34 27.49 -59.18
N HIS H 97 -0.41 27.67 -60.11
CA HIS H 97 0.19 26.57 -60.89
C HIS H 97 0.91 25.53 -60.02
N THR H 98 1.47 26.00 -58.90
CA THR H 98 2.11 25.13 -57.89
C THR H 98 1.19 24.07 -57.25
N TYR H 99 -0.12 24.28 -57.34
CA TYR H 99 -1.14 23.34 -56.86
C TYR H 99 -1.75 22.46 -57.93
N ALA H 100 -1.26 22.52 -59.16
CA ALA H 100 -1.92 21.84 -60.29
C ALA H 100 -2.13 20.32 -60.07
N ILE H 101 -1.09 19.61 -59.65
CA ILE H 101 -1.20 18.16 -59.46
C ILE H 101 -1.94 17.81 -58.15
N GLN H 102 -1.66 18.56 -57.08
CA GLN H 102 -2.36 18.39 -55.81
C GLN H 102 -3.87 18.42 -56.00
N ASP H 103 -4.36 19.47 -56.66
CA ASP H 103 -5.76 19.61 -57.02
C ASP H 103 -6.27 18.51 -57.96
N PHE H 104 -5.43 18.11 -58.91
CA PHE H 104 -5.74 17.04 -59.86
C PHE H 104 -6.00 15.72 -59.13
N LEU H 105 -5.13 15.39 -58.19
CA LEU H 105 -5.27 14.13 -57.46
C LEU H 105 -6.35 14.17 -56.37
N HIS H 106 -6.94 15.34 -56.13
CA HIS H 106 -7.96 15.49 -55.10
C HIS H 106 -9.37 15.56 -55.70
N ILE H 107 -9.45 15.86 -56.99
CA ILE H 107 -10.75 16.07 -57.64
C ILE H 107 -11.60 14.80 -57.69
N ASP H 108 -12.90 14.97 -57.48
CA ASP H 108 -13.86 13.88 -57.55
C ASP H 108 -14.31 13.57 -59.00
N ARG H 109 -13.88 14.37 -59.98
CA ARG H 109 -14.15 14.08 -61.42
C ARG H 109 -13.47 12.78 -61.88
N ILE H 110 -12.26 12.54 -61.38
CA ILE H 110 -11.59 11.25 -61.49
C ILE H 110 -12.13 10.28 -60.44
N ASN H 111 -12.62 9.12 -60.89
CA ASN H 111 -13.04 8.07 -59.97
C ASN H 111 -11.89 7.55 -59.06
N ARG H 112 -12.05 7.81 -57.76
CA ARG H 112 -11.14 7.29 -56.72
C ARG H 112 -11.76 6.10 -55.96
N TYR H 113 -12.84 5.53 -56.49
CA TYR H 113 -13.59 4.43 -55.86
C TYR H 113 -13.52 3.17 -56.73
N ALA H 114 -12.57 3.17 -57.65
CA ALA H 114 -12.21 2.02 -58.47
C ALA H 114 -10.72 2.15 -58.82
N GLU H 115 -10.17 1.12 -59.44
CA GLU H 115 -8.80 1.17 -59.94
C GLU H 115 -8.74 2.16 -61.06
N LYS H 116 -9.71 2.03 -61.97
CA LYS H 116 -9.83 2.90 -63.12
C LYS H 116 -10.47 4.23 -62.78
N GLY H 117 -9.77 5.32 -63.11
CA GLY H 117 -10.27 6.68 -62.92
C GLY H 117 -11.41 7.02 -63.85
N GLY H 118 -11.55 6.23 -64.92
CA GLY H 118 -12.66 6.36 -65.85
C GLY H 118 -12.48 7.50 -66.83
N LEU H 119 -11.25 8.02 -66.85
CA LEU H 119 -10.85 9.15 -67.68
C LEU H 119 -9.47 8.80 -68.30
N PRO H 120 -9.16 9.35 -69.49
CA PRO H 120 -7.90 9.02 -70.16
C PRO H 120 -6.69 9.72 -69.52
N ALA H 121 -5.50 9.19 -69.78
CA ALA H 121 -4.25 9.76 -69.29
C ALA H 121 -3.95 11.14 -69.90
N THR H 122 -4.60 11.44 -71.03
CA THR H 122 -4.65 12.78 -71.62
C THR H 122 -4.96 13.90 -70.60
N CYS H 123 -5.65 13.56 -69.52
CA CYS H 123 -5.86 14.48 -68.41
C CYS H 123 -4.58 14.95 -67.74
N TRP H 124 -3.49 14.22 -67.90
CA TRP H 124 -2.19 14.71 -67.42
C TRP H 124 -1.58 15.78 -68.31
N ASN H 125 -2.15 15.98 -69.50
CA ASN H 125 -1.55 16.76 -70.58
C ASN H 125 -1.13 18.17 -70.22
N CYS H 126 -1.96 18.87 -69.46
CA CYS H 126 -1.67 20.24 -69.06
C CYS H 126 -1.40 20.37 -67.58
N LYS H 127 -0.90 19.30 -66.98
CA LYS H 127 -0.65 19.27 -65.55
C LYS H 127 0.86 19.20 -65.18
N THR H 128 1.69 18.64 -66.04
CA THR H 128 3.05 18.24 -65.65
C THR H 128 4.01 18.14 -66.82
N PRO H 129 5.25 18.63 -66.63
CA PRO H 129 6.30 18.42 -67.63
C PRO H 129 6.76 16.95 -67.76
N LYS H 130 6.26 16.07 -66.91
CA LYS H 130 6.53 14.63 -67.10
C LYS H 130 5.86 14.03 -68.36
N MET H 131 4.93 14.78 -68.97
CA MET H 131 4.32 14.41 -70.26
C MET H 131 5.35 14.06 -71.35
N MET H 132 6.45 14.78 -71.38
CA MET H 132 7.50 14.54 -72.34
C MET H 132 8.10 13.12 -72.20
N GLU H 133 8.49 12.73 -70.98
CA GLU H 133 8.98 11.36 -70.68
C GLU H 133 7.97 10.30 -71.09
N TRP H 134 6.73 10.50 -70.64
CA TRP H 134 5.63 9.57 -70.77
C TRP H 134 5.22 9.34 -72.21
N VAL H 135 5.14 10.41 -73.01
CA VAL H 135 4.80 10.26 -74.45
C VAL H 135 5.98 9.67 -75.23
N LYS H 136 7.20 10.00 -74.83
CA LYS H 136 8.40 9.39 -75.40
C LYS H 136 8.43 7.86 -75.15
N GLU H 137 7.97 7.43 -73.98
CA GLU H 137 8.01 6.01 -73.61
C GLU H 137 6.84 5.20 -74.24
N SER H 138 5.66 5.79 -74.35
CA SER H 138 4.48 5.07 -74.86
C SER H 138 3.95 5.52 -76.23
N GLY H 139 4.44 6.66 -76.73
CA GLY H 139 3.97 7.18 -78.03
C GLY H 139 2.47 7.43 -78.06
N ASP H 140 1.84 7.05 -79.17
CA ASP H 140 0.40 7.28 -79.43
C ASP H 140 -0.52 6.53 -78.50
N GLY H 141 -0.01 5.45 -77.92
CA GLY H 141 -0.73 4.64 -76.95
C GLY H 141 -0.76 5.21 -75.54
N PHE H 142 -0.02 6.28 -75.29
CA PHE H 142 -0.13 6.99 -73.99
C PHE H 142 -1.55 7.46 -73.65
N TRP H 143 -2.21 8.10 -74.60
CA TRP H 143 -3.41 8.90 -74.34
C TRP H 143 -4.60 8.11 -73.80
N ALA H 144 -4.78 6.91 -74.33
CA ALA H 144 -5.95 6.11 -74.02
C ALA H 144 -5.74 5.18 -72.81
N LYS H 145 -4.53 5.19 -72.25
CA LYS H 145 -4.31 4.63 -70.93
C LYS H 145 -5.23 5.30 -69.90
N ASP H 146 -5.50 4.63 -68.78
CA ASP H 146 -6.33 5.23 -67.72
C ASP H 146 -5.54 6.24 -66.92
N VAL H 147 -6.21 7.30 -66.47
CA VAL H 147 -5.54 8.40 -65.80
C VAL H 147 -4.84 7.93 -64.53
N ASN H 148 -5.46 6.98 -63.83
CA ASN H 148 -4.94 6.47 -62.55
C ASN H 148 -3.64 5.68 -62.63
N GLU H 149 -3.27 5.23 -63.82
CA GLU H 149 -2.03 4.50 -64.04
C GLU H 149 -0.83 5.28 -63.59
N PHE H 150 -0.89 6.61 -63.70
CA PHE H 150 0.28 7.49 -63.42
C PHE H 150 0.21 8.24 -62.12
N ARG H 151 -0.88 8.02 -61.39
CA ARG H 151 -1.22 8.69 -60.14
C ARG H 151 -0.09 8.73 -59.09
N ASP H 152 0.63 7.63 -58.98
CA ASP H 152 1.72 7.46 -58.01
C ASP H 152 3.12 7.58 -58.64
N LYS H 153 3.19 8.12 -59.85
CA LYS H 153 4.43 8.08 -60.65
C LYS H 153 4.94 9.47 -61.00
N ILE H 154 4.84 10.35 -60.01
CA ILE H 154 4.99 11.79 -60.18
C ILE H 154 5.22 12.44 -58.81
N ASP H 155 6.08 13.46 -58.76
CA ASP H 155 6.31 14.26 -57.56
C ASP H 155 5.39 15.46 -57.63
N MET H 156 4.54 15.58 -56.63
CA MET H 156 3.43 16.53 -56.65
C MET H 156 3.89 17.98 -56.73
N LYS H 157 5.08 18.24 -56.20
CA LYS H 157 5.67 19.56 -56.10
C LYS H 157 6.79 19.78 -57.13
N ASP H 158 7.57 18.73 -57.41
CA ASP H 158 8.64 18.85 -58.40
C ASP H 158 8.19 18.73 -59.84
N HIS H 159 7.11 18.02 -60.08
CA HIS H 159 6.64 17.79 -61.43
C HIS H 159 5.35 18.50 -61.77
N THR H 160 4.95 19.46 -60.94
CA THR H 160 3.82 20.32 -61.28
C THR H 160 4.27 21.34 -62.33
N ILE H 161 3.33 21.91 -63.07
CA ILE H 161 3.63 22.98 -64.02
C ILE H 161 4.80 23.81 -63.46
N GLY H 162 5.90 23.87 -64.22
CA GLY H 162 7.05 24.65 -63.79
C GLY H 162 7.93 24.96 -64.97
N CYS H 163 9.19 25.26 -64.70
CA CYS H 163 10.09 25.82 -65.72
C CYS H 163 10.15 25.09 -67.05
N ALA H 164 10.25 23.76 -67.01
CA ALA H 164 10.40 22.95 -68.23
C ALA H 164 9.19 22.99 -69.16
N THR H 165 8.03 23.38 -68.62
CA THR H 165 6.81 23.57 -69.41
C THR H 165 7.03 24.58 -70.55
N CYS H 166 7.74 25.68 -70.26
CA CYS H 166 7.87 26.80 -71.20
C CYS H 166 9.31 27.16 -71.57
N HIS H 167 10.29 26.62 -70.85
CA HIS H 167 11.70 26.93 -71.05
C HIS H 167 12.52 25.71 -71.45
N ASP H 168 13.48 25.92 -72.34
CA ASP H 168 14.52 24.95 -72.64
C ASP H 168 15.44 24.98 -71.43
N PRO H 169 15.68 23.81 -70.78
CA PRO H 169 16.38 23.93 -69.50
C PRO H 169 17.86 24.31 -69.66
N GLN H 170 18.40 24.17 -70.88
CA GLN H 170 19.80 24.52 -71.17
C GLN H 170 20.06 26.00 -71.50
N THR H 171 19.23 26.58 -72.36
CA THR H 171 19.37 27.99 -72.81
C THR H 171 18.33 28.92 -72.21
N MET H 172 17.31 28.35 -71.56
CA MET H 172 16.12 29.07 -71.04
C MET H 172 15.25 29.77 -72.10
N GLU H 173 15.48 29.46 -73.37
CA GLU H 173 14.65 30.01 -74.44
CA GLU H 173 14.65 29.99 -74.46
C GLU H 173 13.23 29.50 -74.28
N LEU H 174 12.27 30.36 -74.60
CA LEU H 174 10.88 29.96 -74.52
C LEU H 174 10.67 28.83 -75.51
N ARG H 175 9.78 27.91 -75.15
CA ARG H 175 9.60 26.60 -75.78
C ARG H 175 8.12 26.27 -75.83
N ILE H 176 7.68 25.67 -76.92
CA ILE H 176 6.37 25.02 -76.90
C ILE H 176 6.56 23.50 -76.77
N THR H 177 6.15 22.94 -75.63
CA THR H 177 6.28 21.49 -75.35
C THR H 177 4.98 20.75 -75.59
N SER H 178 3.91 21.52 -75.74
CA SER H 178 2.55 21.02 -75.98
C SER H 178 2.37 20.29 -77.29
N VAL H 179 1.90 19.05 -77.22
CA VAL H 179 1.60 18.27 -78.40
C VAL H 179 0.43 18.85 -79.20
N PRO H 180 -0.75 19.09 -78.58
CA PRO H 180 -1.82 19.63 -79.41
C PRO H 180 -1.60 21.08 -79.94
N LEU H 181 -0.86 21.91 -79.20
CA LEU H 181 -0.50 23.25 -79.72
C LEU H 181 0.48 23.13 -80.88
N THR H 182 1.41 22.17 -80.81
CA THR H 182 2.34 21.92 -81.92
C THR H 182 1.63 21.44 -83.19
N ASP H 183 0.69 20.50 -83.05
CA ASP H 183 -0.18 20.03 -84.15
C ASP H 183 -0.90 21.18 -84.84
N TYR H 184 -1.44 22.11 -84.06
CA TYR H 184 -2.10 23.30 -84.61
C TYR H 184 -1.14 24.19 -85.36
N LEU H 185 0.01 24.48 -84.77
CA LEU H 185 0.99 25.37 -85.40
C LEU H 185 1.47 24.84 -86.75
N VAL H 186 1.69 23.53 -86.83
CA VAL H 186 2.17 22.87 -88.06
C VAL H 186 1.11 22.92 -89.15
N SER H 187 -0.16 22.74 -88.76
CA SER H 187 -1.30 22.86 -89.67
C SER H 187 -1.44 24.27 -90.29
N GLN H 188 -0.83 25.26 -89.64
CA GLN H 188 -0.85 26.65 -90.14
C GLN H 188 0.45 27.05 -90.83
N GLY H 189 1.29 26.06 -91.12
CA GLY H 189 2.58 26.29 -91.77
C GLY H 189 3.60 27.01 -90.92
N LYS H 190 3.38 27.06 -89.60
CA LYS H 190 4.31 27.71 -88.68
C LYS H 190 5.32 26.73 -88.09
N ASP H 191 6.53 27.23 -87.84
CA ASP H 191 7.59 26.48 -87.16
C ASP H 191 7.63 26.93 -85.72
N PRO H 192 7.29 26.02 -84.78
CA PRO H 192 7.24 26.27 -83.33
C PRO H 192 8.56 26.74 -82.70
N LYS H 193 9.67 26.39 -83.34
CA LYS H 193 11.01 26.72 -82.86
C LYS H 193 11.46 28.08 -83.35
N LYS H 194 10.72 28.67 -84.28
CA LYS H 194 11.11 29.94 -84.87
C LYS H 194 9.96 30.97 -84.86
N LEU H 195 9.25 31.05 -83.73
CA LEU H 195 8.20 32.03 -83.56
C LEU H 195 8.70 33.30 -82.88
N PRO H 196 8.16 34.47 -83.29
CA PRO H 196 8.62 35.74 -82.70
C PRO H 196 8.37 35.80 -81.20
N ARG H 197 9.12 36.67 -80.54
CA ARG H 197 9.00 36.85 -79.11
C ARG H 197 7.58 37.23 -78.70
N ASN H 198 6.94 38.15 -79.42
CA ASN H 198 5.61 38.62 -79.02
C ASN H 198 4.55 37.55 -79.14
N GLU H 199 4.70 36.68 -80.13
CA GLU H 199 3.83 35.52 -80.25
C GLU H 199 4.03 34.48 -79.14
N MET H 200 5.29 34.17 -78.82
CA MET H 200 5.62 33.21 -77.76
C MET H 200 5.10 33.65 -76.39
N ARG H 201 5.04 34.96 -76.16
CA ARG H 201 4.56 35.49 -74.89
C ARG H 201 3.06 35.25 -74.63
N ALA H 202 2.34 34.79 -75.65
CA ALA H 202 0.95 34.33 -75.47
C ALA H 202 0.82 32.83 -75.73
N LEU H 203 1.59 32.32 -76.68
CA LEU H 203 1.56 30.89 -77.04
C LEU H 203 1.94 29.96 -75.87
N VAL H 204 2.92 30.36 -75.05
CA VAL H 204 3.28 29.54 -73.87
C VAL H 204 2.09 29.24 -72.94
N CYS H 205 1.17 30.20 -72.78
CA CYS H 205 -0.08 30.00 -72.04
C CYS H 205 -1.14 29.25 -72.86
N GLY H 206 -1.16 29.51 -74.18
CA GLY H 206 -2.06 28.84 -75.12
C GLY H 206 -1.79 27.35 -75.27
N GLN H 207 -0.78 26.88 -74.58
CA GLN H 207 -0.50 25.44 -74.43
C GLN H 207 -1.61 24.72 -73.68
N CYS H 208 -2.25 25.43 -72.76
CA CYS H 208 -3.21 24.84 -71.80
C CYS H 208 -4.51 25.60 -71.64
N HIS H 209 -4.46 26.93 -71.74
CA HIS H 209 -5.63 27.79 -71.46
C HIS H 209 -6.55 27.94 -72.67
N VAL H 210 -7.08 26.80 -73.12
CA VAL H 210 -7.74 26.65 -74.42
C VAL H 210 -8.90 25.66 -74.31
N GLU H 211 -9.86 25.78 -75.23
CA GLU H 211 -10.87 24.73 -75.42
C GLU H 211 -10.21 23.61 -76.20
N TYR H 212 -10.53 22.38 -75.80
CA TYR H 212 -9.92 21.19 -76.36
C TYR H 212 -10.95 20.10 -76.40
N TYR H 213 -10.66 19.04 -77.12
CA TYR H 213 -11.42 17.81 -76.99
C TYR H 213 -10.47 16.62 -77.10
N PHE H 214 -10.99 15.43 -76.81
CA PHE H 214 -10.26 14.17 -76.97
C PHE H 214 -10.84 13.40 -78.13
N ASN H 215 -9.99 12.83 -78.97
CA ASN H 215 -10.44 11.95 -80.08
C ASN H 215 -11.23 10.75 -79.58
N GLY H 216 -12.29 10.42 -80.33
CA GLY H 216 -12.94 9.11 -80.24
C GLY H 216 -12.14 8.09 -81.02
N PRO H 217 -12.47 6.80 -80.88
CA PRO H 217 -11.75 5.70 -81.53
C PRO H 217 -11.62 5.82 -83.04
N THR H 218 -12.61 6.39 -83.69
CA THR H 218 -12.68 6.42 -85.13
C THR H 218 -12.26 7.78 -85.71
N MET H 219 -11.63 8.61 -84.88
CA MET H 219 -11.34 10.00 -85.25
C MET H 219 -9.86 10.25 -85.46
N GLY H 220 -9.04 9.23 -85.17
CA GLY H 220 -7.59 9.34 -85.25
C GLY H 220 -7.04 8.59 -84.07
N VAL H 221 -5.94 9.06 -83.51
CA VAL H 221 -5.36 8.43 -82.33
C VAL H 221 -6.32 8.63 -81.15
N ASN H 222 -6.69 7.50 -80.53
CA ASN H 222 -7.67 7.47 -79.46
C ASN H 222 -7.26 8.31 -78.24
N LYS H 223 -8.20 9.16 -77.80
CA LYS H 223 -8.07 10.03 -76.63
C LYS H 223 -7.01 11.13 -76.75
N LYS H 224 -6.48 11.32 -77.94
CA LYS H 224 -5.43 12.30 -78.21
C LYS H 224 -6.07 13.68 -78.14
N PRO H 225 -5.37 14.67 -77.54
CA PRO H 225 -5.97 15.99 -77.46
C PRO H 225 -5.87 16.78 -78.76
N VAL H 226 -6.96 17.46 -79.11
CA VAL H 226 -7.06 18.29 -80.31
C VAL H 226 -7.71 19.62 -79.93
N PHE H 227 -7.19 20.71 -80.48
CA PHE H 227 -7.79 22.03 -80.29
C PHE H 227 -8.72 22.31 -81.48
N PRO H 228 -10.03 22.47 -81.23
CA PRO H 228 -10.99 22.66 -82.35
C PRO H 228 -10.89 24.03 -83.08
N TRP H 229 -9.75 24.34 -83.69
CA TRP H 229 -9.50 25.70 -84.18
C TRP H 229 -9.55 25.87 -85.69
N ALA H 230 -9.77 24.79 -86.42
CA ALA H 230 -9.66 24.83 -87.88
C ALA H 230 -10.60 25.85 -88.51
N GLU H 231 -11.73 26.15 -87.86
CA GLU H 231 -12.73 27.02 -88.47
C GLU H 231 -12.58 28.46 -88.02
N GLY H 232 -11.67 28.71 -87.09
CA GLY H 232 -11.51 30.00 -86.45
C GLY H 232 -11.67 29.91 -84.94
N PHE H 233 -11.50 31.05 -84.26
CA PHE H 233 -11.49 31.09 -82.80
C PHE H 233 -12.83 31.38 -82.10
N ASP H 234 -13.77 31.95 -82.84
CA ASP H 234 -15.05 32.35 -82.29
C ASP H 234 -15.93 31.14 -81.92
N PRO H 235 -16.91 31.32 -80.98
CA PRO H 235 -17.83 30.22 -80.63
C PRO H 235 -18.61 29.62 -81.79
N ALA H 236 -18.99 30.43 -82.78
CA ALA H 236 -19.71 29.94 -83.95
C ALA H 236 -18.81 29.07 -84.82
N ASP H 237 -17.51 29.37 -84.79
CA ASP H 237 -16.49 28.68 -85.59
C ASP H 237 -16.22 27.29 -85.01
N MET H 238 -15.92 27.24 -83.70
CA MET H 238 -15.75 25.98 -82.97
C MET H 238 -16.99 25.12 -83.04
N TYR H 239 -18.16 25.75 -82.98
CA TYR H 239 -19.42 25.02 -83.05
C TYR H 239 -19.64 24.36 -84.41
N ARG H 240 -19.41 25.12 -85.47
CA ARG H 240 -19.28 24.59 -86.85
C ARG H 240 -18.27 23.45 -86.93
N TYR H 241 -17.08 23.64 -86.36
CA TYR H 241 -16.05 22.58 -86.29
C TYR H 241 -16.63 21.27 -85.74
N TYR H 242 -17.43 21.38 -84.68
CA TYR H 242 -17.98 20.23 -84.01
C TYR H 242 -19.17 19.57 -84.75
N ASP H 243 -19.64 20.22 -85.83
CA ASP H 243 -20.69 19.69 -86.70
C ASP H 243 -20.05 18.76 -87.72
N LYS H 244 -18.78 19.04 -88.03
CA LYS H 244 -18.07 18.42 -89.13
C LYS H 244 -17.12 17.32 -88.67
N HIS H 245 -16.72 17.35 -87.41
CA HIS H 245 -15.79 16.38 -86.84
C HIS H 245 -16.47 15.74 -85.64
N GLY H 246 -16.49 14.42 -85.58
CA GLY H 246 -17.12 13.71 -84.47
C GLY H 246 -17.56 12.35 -84.88
N ASP H 247 -18.27 11.64 -84.00
CA ASP H 247 -18.58 10.24 -84.27
C ASP H 247 -19.99 9.79 -83.89
N LEU H 248 -20.92 10.73 -83.77
CA LEU H 248 -22.27 10.39 -83.34
C LEU H 248 -22.98 9.63 -84.44
N GLN H 249 -23.79 8.66 -84.04
CA GLN H 249 -24.58 7.88 -84.97
C GLN H 249 -26.09 8.12 -84.78
N VAL H 250 -26.42 8.85 -83.70
CA VAL H 250 -27.78 9.27 -83.37
C VAL H 250 -28.43 10.08 -84.49
N LYS H 251 -29.67 9.74 -84.84
CA LYS H 251 -30.42 10.41 -85.91
C LYS H 251 -30.54 11.92 -85.65
N GLY H 252 -30.17 12.71 -86.67
CA GLY H 252 -30.20 14.16 -86.59
C GLY H 252 -28.88 14.79 -86.18
N PHE H 253 -27.99 13.96 -85.64
CA PHE H 253 -26.70 14.41 -85.12
C PHE H 253 -25.52 13.64 -85.70
N GLU H 254 -25.73 12.96 -86.82
CA GLU H 254 -24.72 12.01 -87.34
C GLU H 254 -23.46 12.71 -87.75
N GLY H 255 -22.35 12.33 -87.11
CA GLY H 255 -21.03 12.84 -87.48
C GLY H 255 -20.53 13.98 -86.60
N LYS H 256 -21.44 14.53 -85.77
CA LYS H 256 -21.13 15.62 -84.86
C LYS H 256 -20.38 15.12 -83.64
N PHE H 257 -19.68 16.03 -82.97
CA PHE H 257 -19.00 15.70 -81.73
C PHE H 257 -19.91 15.90 -80.52
N ALA H 258 -19.79 14.97 -79.56
CA ALA H 258 -20.46 15.08 -78.27
C ALA H 258 -19.54 14.61 -77.17
N ASP H 259 -19.48 15.38 -76.09
CA ASP H 259 -18.76 14.98 -74.87
C ASP H 259 -19.58 14.02 -73.98
N TRP H 260 -20.90 14.24 -73.93
CA TRP H 260 -21.81 13.33 -73.24
C TRP H 260 -23.25 13.57 -73.73
N THR H 261 -24.16 12.69 -73.33
CA THR H 261 -25.58 12.90 -73.59
C THR H 261 -26.26 13.26 -72.27
N HIS H 262 -26.90 14.44 -72.25
CA HIS H 262 -27.64 14.85 -71.05
C HIS H 262 -28.76 13.84 -70.81
N PRO H 263 -28.72 13.14 -69.64
CA PRO H 263 -29.65 12.05 -69.34
C PRO H 263 -31.12 12.44 -69.12
N ALA H 264 -31.38 13.70 -68.76
CA ALA H 264 -32.75 14.22 -68.63
C ALA H 264 -33.37 14.56 -69.99
N SER H 265 -32.65 15.33 -70.82
CA SER H 265 -33.21 15.80 -72.09
C SER H 265 -32.78 14.91 -73.26
N LYS H 266 -31.82 14.03 -73.03
CA LYS H 266 -31.25 13.17 -74.08
C LYS H 266 -30.60 13.97 -75.24
N THR H 267 -30.02 15.10 -74.89
CA THR H 267 -29.31 15.93 -75.85
C THR H 267 -27.84 15.53 -75.84
N PRO H 268 -27.24 15.32 -77.04
CA PRO H 268 -25.78 15.22 -77.17
C PRO H 268 -25.09 16.58 -76.95
N MET H 269 -24.25 16.68 -75.93
CA MET H 269 -23.69 17.97 -75.48
C MET H 269 -22.19 18.10 -75.76
N ILE H 270 -21.76 19.34 -76.01
CA ILE H 270 -20.34 19.68 -76.03
C ILE H 270 -20.03 20.39 -74.71
N LYS H 271 -18.87 20.07 -74.14
CA LYS H 271 -18.35 20.72 -72.97
C LYS H 271 -17.27 21.70 -73.44
N ALA H 272 -17.37 22.96 -73.03
CA ALA H 272 -16.30 23.94 -73.27
C ALA H 272 -15.35 24.02 -72.07
N GLN H 273 -14.08 24.24 -72.34
CA GLN H 273 -13.11 24.45 -71.26
C GLN H 273 -12.30 25.68 -71.50
N HIS H 274 -12.16 26.49 -70.44
CA HIS H 274 -11.27 27.64 -70.32
C HIS H 274 -10.69 28.15 -71.64
N PRO H 275 -11.51 28.73 -72.52
CA PRO H 275 -10.85 29.19 -73.74
C PRO H 275 -10.25 30.61 -73.65
N GLU H 276 -9.35 30.83 -72.70
CA GLU H 276 -8.66 32.12 -72.56
C GLU H 276 -8.00 32.59 -73.85
N TYR H 277 -7.21 31.70 -74.47
CA TYR H 277 -6.49 32.05 -75.68
C TYR H 277 -7.38 32.48 -76.88
N GLU H 278 -8.42 31.71 -77.17
CA GLU H 278 -9.37 31.97 -78.25
C GLU H 278 -10.20 33.22 -78.01
N THR H 279 -10.46 33.50 -76.73
CA THR H 279 -11.19 34.69 -76.27
C THR H 279 -10.32 35.94 -76.38
N TRP H 280 -9.14 35.88 -75.79
CA TRP H 280 -8.12 36.93 -75.85
C TRP H 280 -7.66 37.38 -77.28
N ILE H 281 -7.51 36.43 -78.18
CA ILE H 281 -6.78 36.70 -79.44
C ILE H 281 -7.38 37.81 -80.34
N ASN H 282 -8.71 37.94 -80.31
CA ASN H 282 -9.39 39.00 -81.07
C ASN H 282 -10.17 39.97 -80.18
N GLY H 283 -9.70 40.12 -78.94
CA GLY H 283 -10.27 41.07 -77.98
C GLY H 283 -9.49 42.35 -78.09
N THR H 284 -9.95 43.42 -77.43
CA THR H 284 -9.27 44.71 -77.64
C THR H 284 -7.75 44.68 -77.32
N HIS H 285 -7.33 43.90 -76.33
CA HIS H 285 -5.89 43.79 -76.02
C HIS H 285 -5.14 42.83 -76.93
N GLY H 286 -5.68 41.62 -77.12
CA GLY H 286 -5.08 40.61 -77.95
C GLY H 286 -4.91 41.00 -79.40
N ALA H 287 -5.91 41.70 -79.93
CA ALA H 287 -5.90 42.12 -81.32
C ALA H 287 -4.88 43.22 -81.54
N ALA H 288 -4.53 43.92 -80.47
CA ALA H 288 -3.51 44.97 -80.47
C ALA H 288 -2.13 44.42 -80.05
N GLY H 289 -2.00 43.10 -79.92
CA GLY H 289 -0.72 42.46 -79.62
C GLY H 289 -0.32 42.48 -78.15
N VAL H 290 -1.24 42.91 -77.29
CA VAL H 290 -0.99 42.92 -75.84
C VAL H 290 -1.22 41.50 -75.28
N THR H 291 -0.16 40.99 -74.69
CA THR H 291 0.10 39.57 -74.57
C THR H 291 -0.30 39.14 -73.16
N CYS H 292 -0.67 37.87 -72.96
CA CYS H 292 -0.91 37.36 -71.60
C CYS H 292 0.18 37.80 -70.65
N ALA H 293 1.43 37.74 -71.09
CA ALA H 293 2.59 38.10 -70.26
C ALA H 293 2.68 39.61 -69.94
N ASP H 294 2.10 40.46 -70.78
CA ASP H 294 2.12 41.89 -70.53
C ASP H 294 1.35 42.19 -69.25
N CYS H 295 0.27 41.43 -69.00
CA CYS H 295 -0.59 41.64 -67.85
C CYS H 295 -0.36 40.66 -66.68
N HIS H 296 -0.02 39.41 -67.01
CA HIS H 296 0.13 38.36 -65.98
C HIS H 296 1.57 38.06 -65.57
N MET H 297 2.53 38.56 -66.35
CA MET H 297 3.96 38.45 -66.05
C MET H 297 4.68 39.78 -66.24
N SER H 298 4.13 40.86 -65.69
CA SER H 298 4.74 42.16 -65.87
C SER H 298 6.11 42.27 -65.20
N TYR H 299 6.93 43.18 -65.71
CA TYR H 299 8.28 43.36 -65.20
C TYR H 299 8.32 43.92 -63.80
N THR H 300 9.06 43.23 -62.94
CA THR H 300 9.21 43.64 -61.54
C THR H 300 10.66 43.86 -61.11
N ARG H 301 10.85 44.81 -60.20
CA ARG H 301 12.20 45.25 -59.83
C ARG H 301 12.48 44.96 -58.34
N SER H 302 11.80 43.96 -57.80
CA SER H 302 11.92 43.58 -56.38
C SER H 302 13.38 43.55 -55.86
N ASP H 303 14.13 42.51 -56.25
CA ASP H 303 15.49 42.26 -55.76
C ASP H 303 16.49 43.18 -56.47
N ASP H 304 17.61 43.49 -55.81
CA ASP H 304 18.59 44.47 -56.32
C ASP H 304 17.83 45.70 -56.83
N LYS H 305 17.94 45.91 -58.13
CA LYS H 305 17.26 46.97 -58.86
C LYS H 305 17.05 46.43 -60.29
N LYS H 306 17.15 45.11 -60.43
CA LYS H 306 17.08 44.45 -61.74
C LYS H 306 15.69 43.85 -61.97
N LYS H 307 15.10 44.20 -63.11
CA LYS H 307 13.78 43.70 -63.47
C LYS H 307 13.84 42.31 -64.06
N ILE H 308 12.93 41.47 -63.57
CA ILE H 308 12.66 40.13 -64.07
C ILE H 308 11.18 40.12 -64.40
N SER H 309 10.75 39.16 -65.21
CA SER H 309 9.32 38.89 -65.41
C SER H 309 8.75 38.27 -64.15
N SER H 310 7.63 38.82 -63.69
CA SER H 310 6.87 38.20 -62.63
C SER H 310 6.39 36.81 -63.07
N HIS H 311 6.62 35.82 -62.22
CA HIS H 311 6.15 34.46 -62.48
C HIS H 311 5.03 34.05 -61.50
N TRP H 312 4.41 35.07 -60.92
CA TRP H 312 3.20 34.90 -60.13
C TRP H 312 2.03 35.06 -61.09
N TRP H 313 1.43 33.95 -61.48
CA TRP H 313 0.37 33.95 -62.48
C TRP H 313 -0.96 33.96 -61.73
N THR H 314 -1.53 35.15 -61.61
CA THR H 314 -2.68 35.35 -60.77
C THR H 314 -3.57 36.46 -61.33
N SER H 315 -4.52 36.94 -60.54
CA SER H 315 -5.38 38.05 -60.96
C SER H 315 -4.60 39.37 -60.91
N PRO H 316 -4.57 40.11 -62.03
CA PRO H 316 -4.00 41.45 -61.97
C PRO H 316 -4.71 42.39 -60.99
N MET H 317 -5.97 42.10 -60.64
CA MET H 317 -6.76 42.92 -59.72
C MET H 317 -6.35 42.79 -58.26
N LYS H 318 -5.42 41.89 -57.97
CA LYS H 318 -4.92 41.74 -56.60
C LYS H 318 -4.06 42.95 -56.22
N ASP H 319 -3.32 43.49 -57.19
CA ASP H 319 -2.47 44.67 -57.01
C ASP H 319 -3.30 45.93 -56.80
N PRO H 320 -3.31 46.49 -55.59
CA PRO H 320 -4.07 47.75 -55.40
C PRO H 320 -3.54 48.94 -56.24
N GLU H 321 -2.25 48.90 -56.57
CA GLU H 321 -1.63 49.94 -57.41
C GLU H 321 -1.69 49.66 -58.92
N MET H 322 -2.23 48.50 -59.29
CA MET H 322 -2.42 48.08 -60.67
C MET H 322 -1.22 48.41 -61.56
N ARG H 323 -0.04 48.01 -61.12
CA ARG H 323 1.21 48.40 -61.77
C ARG H 323 1.38 47.87 -63.18
N ALA H 324 0.95 46.62 -63.41
CA ALA H 324 1.08 45.99 -64.72
C ALA H 324 0.34 46.79 -65.78
N CYS H 325 -0.85 47.29 -65.42
CA CYS H 325 -1.68 48.06 -66.33
C CYS H 325 -1.12 49.45 -66.61
N ARG H 326 -0.56 50.06 -65.57
CA ARG H 326 -0.05 51.42 -65.62
C ARG H 326 1.34 51.50 -66.25
N GLN H 327 1.97 50.37 -66.54
CA GLN H 327 3.11 50.35 -67.48
C GLN H 327 2.70 50.97 -68.81
N CYS H 328 1.45 50.73 -69.22
CA CYS H 328 0.89 51.37 -70.41
C CYS H 328 -0.06 52.53 -70.09
N HIS H 329 -1.02 52.27 -69.20
CA HIS H 329 -2.10 53.21 -68.86
C HIS H 329 -1.70 54.14 -67.75
N SER H 330 -0.55 54.79 -67.89
CA SER H 330 0.04 55.58 -66.81
C SER H 330 -0.76 56.86 -66.46
N ASP H 331 -1.70 57.22 -67.33
CA ASP H 331 -2.55 58.38 -67.09
C ASP H 331 -3.87 58.04 -66.40
N LYS H 332 -4.03 56.76 -66.04
CA LYS H 332 -5.23 56.27 -65.37
C LYS H 332 -4.89 55.87 -63.94
N THR H 333 -5.81 56.14 -63.02
CA THR H 333 -5.67 55.74 -61.61
C THR H 333 -6.03 54.27 -61.50
N PRO H 334 -5.38 53.56 -60.56
CA PRO H 334 -5.75 52.17 -60.27
C PRO H 334 -7.27 51.97 -60.11
N ASP H 335 -7.94 52.90 -59.44
CA ASP H 335 -9.36 52.83 -59.22
C ASP H 335 -10.17 53.00 -60.50
N TYR H 336 -9.72 53.89 -61.38
CA TYR H 336 -10.42 54.04 -62.63
C TYR H 336 -10.36 52.73 -63.42
N LEU H 337 -9.17 52.14 -63.49
CA LEU H 337 -8.94 50.91 -64.25
C LEU H 337 -9.77 49.75 -63.71
N LYS H 338 -9.84 49.67 -62.38
CA LYS H 338 -10.60 48.63 -61.72
C LYS H 338 -12.07 48.72 -62.07
N SER H 339 -12.60 49.95 -62.09
CA SER H 339 -13.99 50.27 -62.40
C SER H 339 -14.38 49.94 -63.86
N ARG H 340 -13.42 49.99 -64.77
CA ARG H 340 -13.65 49.63 -66.16
C ARG H 340 -13.67 48.10 -66.39
N VAL H 341 -12.88 47.37 -65.61
CA VAL H 341 -12.95 45.91 -65.60
C VAL H 341 -14.30 45.44 -65.01
N LEU H 342 -14.70 46.06 -63.91
CA LEU H 342 -15.99 45.77 -63.30
C LEU H 342 -17.14 46.16 -64.21
N PHE H 343 -16.97 47.23 -64.98
CA PHE H 343 -18.01 47.62 -65.93
C PHE H 343 -18.40 46.41 -66.79
N THR H 344 -17.39 45.75 -67.34
CA THR H 344 -17.57 44.54 -68.15
C THR H 344 -18.02 43.31 -67.32
N GLN H 345 -17.32 43.00 -66.23
CA GLN H 345 -17.58 41.76 -65.43
C GLN H 345 -18.98 41.69 -64.84
N LYS H 346 -19.44 42.78 -64.24
CA LYS H 346 -20.75 42.83 -63.62
C LYS H 346 -21.85 42.46 -64.63
N ARG H 347 -21.69 42.93 -65.87
CA ARG H 347 -22.70 42.71 -66.89
C ARG H 347 -22.58 41.31 -67.48
N THR H 348 -21.35 40.82 -67.59
CA THR H 348 -21.10 39.49 -68.14
C THR H 348 -21.59 38.40 -67.18
N PHE H 349 -21.33 38.59 -65.90
CA PHE H 349 -21.68 37.61 -64.90
C PHE H 349 -23.20 37.57 -64.69
N ASP H 350 -23.84 38.73 -64.68
CA ASP H 350 -25.28 38.83 -64.53
C ASP H 350 -26.02 38.14 -65.67
N LEU H 351 -25.55 38.41 -66.89
CA LEU H 351 -26.11 37.83 -68.12
C LEU H 351 -25.89 36.32 -68.23
N LEU H 352 -24.76 35.84 -67.70
CA LEU H 352 -24.43 34.42 -67.69
C LEU H 352 -25.42 33.62 -66.86
N LEU H 353 -25.73 34.10 -65.67
CA LEU H 353 -26.71 33.45 -64.79
C LEU H 353 -28.07 33.35 -65.46
N ALA H 354 -28.44 34.39 -66.20
CA ALA H 354 -29.68 34.42 -66.97
C ALA H 354 -29.65 33.44 -68.13
N ALA H 355 -28.53 33.38 -68.84
CA ALA H 355 -28.32 32.39 -69.89
C ALA H 355 -28.42 30.92 -69.38
N GLN H 356 -27.86 30.63 -68.21
CA GLN H 356 -27.89 29.30 -67.61
C GLN H 356 -29.29 28.87 -67.12
N GLU H 357 -30.05 29.83 -66.61
CA GLU H 357 -31.45 29.61 -66.21
C GLU H 357 -32.37 29.23 -67.37
N VAL H 358 -32.21 29.92 -68.49
CA VAL H 358 -32.99 29.60 -69.70
C VAL H 358 -32.54 28.26 -70.32
N SER H 359 -31.28 27.88 -70.06
CA SER H 359 -30.71 26.61 -70.52
C SER H 359 -31.29 25.43 -69.75
N VAL H 360 -31.35 25.56 -68.41
CA VAL H 360 -32.02 24.57 -67.55
C VAL H 360 -33.47 24.35 -67.99
N LYS H 361 -34.17 25.45 -68.27
CA LYS H 361 -35.54 25.45 -68.76
C LYS H 361 -35.67 24.79 -70.15
N ALA H 362 -34.72 25.03 -71.04
CA ALA H 362 -34.62 24.27 -72.30
C ALA H 362 -34.50 22.74 -72.10
N HIS H 363 -33.61 22.30 -71.20
CA HIS H 363 -33.48 20.88 -70.87
C HIS H 363 -34.78 20.33 -70.27
N GLU H 364 -35.43 21.13 -69.44
CA GLU H 364 -36.67 20.72 -68.78
C GLU H 364 -37.81 20.59 -69.79
N ALA H 365 -37.88 21.55 -70.72
CA ALA H 365 -38.84 21.55 -71.82
C ALA H 365 -38.67 20.33 -72.72
N VAL H 366 -37.43 20.04 -73.12
CA VAL H 366 -37.17 18.87 -73.96
C VAL H 366 -37.43 17.55 -73.20
N ARG H 367 -37.12 17.51 -71.91
CA ARG H 367 -37.44 16.37 -71.03
C ARG H 367 -38.93 16.08 -70.94
N LEU H 368 -39.74 17.13 -70.69
CA LEU H 368 -41.18 17.02 -70.69
C LEU H 368 -41.73 16.58 -72.03
N ALA H 369 -41.18 17.14 -73.11
CA ALA H 369 -41.64 16.83 -74.47
C ALA H 369 -41.30 15.38 -74.83
N ASN H 370 -40.18 14.92 -74.30
CA ASN H 370 -39.74 13.54 -74.50
C ASN H 370 -40.71 12.52 -73.87
N GLU H 371 -41.19 12.85 -72.67
CA GLU H 371 -42.04 11.97 -71.87
C GLU H 371 -43.53 12.26 -71.98
N TYR H 372 -43.92 13.12 -72.92
CA TYR H 372 -45.29 13.61 -73.02
C TYR H 372 -46.23 12.55 -73.58
N GLN H 373 -47.41 12.42 -72.98
CA GLN H 373 -48.34 11.37 -73.38
C GLN H 373 -49.66 11.82 -74.04
N GLY H 374 -49.87 13.13 -74.13
CA GLY H 374 -51.01 13.70 -74.86
C GLY H 374 -50.71 13.77 -76.34
N ALA H 375 -51.62 14.36 -77.11
CA ALA H 375 -51.47 14.41 -78.57
C ALA H 375 -50.30 15.29 -79.04
N LYS H 376 -49.44 14.71 -79.89
CA LYS H 376 -48.23 15.38 -80.39
C LYS H 376 -48.41 15.93 -81.82
N ALA H 377 -47.66 17.00 -82.13
CA ALA H 377 -47.64 17.57 -83.49
C ALA H 377 -47.21 16.51 -84.53
N ALA H 378 -47.65 16.70 -85.78
CA ALA H 378 -47.32 15.77 -86.85
C ALA H 378 -45.81 15.75 -87.20
N GLY H 379 -45.13 16.86 -86.95
CA GLY H 379 -43.69 16.97 -87.15
C GLY H 379 -42.85 16.73 -85.91
N TYR H 380 -43.46 16.13 -84.88
CA TYR H 380 -42.81 15.83 -83.60
C TYR H 380 -41.34 15.38 -83.65
N ASP H 381 -41.05 14.39 -84.50
CA ASP H 381 -39.71 13.75 -84.50
C ASP H 381 -38.62 14.68 -85.02
N ASP H 382 -38.91 15.45 -86.06
CA ASP H 382 -37.98 16.47 -86.55
CA ASP H 382 -37.99 16.46 -86.56
C ASP H 382 -37.91 17.69 -85.63
N LEU H 383 -39.04 18.08 -85.03
CA LEU H 383 -39.05 19.19 -84.08
C LEU H 383 -38.16 18.93 -82.85
N MET H 384 -38.19 17.70 -82.34
CA MET H 384 -37.35 17.27 -81.23
C MET H 384 -35.87 17.24 -81.58
N ILE H 385 -35.55 16.85 -82.80
CA ILE H 385 -34.19 16.95 -83.31
C ILE H 385 -33.73 18.41 -83.31
N GLN H 386 -34.58 19.27 -83.85
CA GLN H 386 -34.34 20.71 -83.88
C GLN H 386 -34.20 21.30 -82.48
N ALA H 387 -35.05 20.87 -81.55
CA ALA H 387 -35.04 21.37 -80.18
C ALA H 387 -33.74 21.02 -79.46
N ARG H 388 -33.32 19.77 -79.56
CA ARG H 388 -32.06 19.28 -78.98
C ARG H 388 -30.80 19.94 -79.56
N GLU H 389 -30.80 20.16 -80.87
CA GLU H 389 -29.77 20.95 -81.53
C GLU H 389 -29.64 22.36 -80.88
N MET H 390 -30.79 23.01 -80.65
CA MET H 390 -30.82 24.32 -79.98
C MET H 390 -30.44 24.28 -78.49
N VAL H 391 -30.76 23.19 -77.80
CA VAL H 391 -30.29 23.01 -76.41
C VAL H 391 -28.76 22.88 -76.37
N ARG H 392 -28.22 22.05 -77.25
CA ARG H 392 -26.79 21.81 -77.37
C ARG H 392 -26.03 23.05 -77.80
N LYS H 393 -26.49 23.73 -78.85
CA LYS H 393 -25.89 25.01 -79.27
C LYS H 393 -25.93 26.07 -78.18
N GLY H 394 -27.12 26.31 -77.63
CA GLY H 394 -27.25 27.28 -76.51
C GLY H 394 -26.27 27.03 -75.37
N GLN H 395 -26.12 25.77 -74.96
CA GLN H 395 -25.26 25.41 -73.84
C GLN H 395 -23.76 25.58 -74.09
N PHE H 396 -23.30 25.19 -75.28
CA PHE H 396 -21.91 25.43 -75.69
C PHE H 396 -21.60 26.92 -75.73
N PHE H 397 -22.57 27.73 -76.14
CA PHE H 397 -22.38 29.18 -76.14
C PHE H 397 -22.22 29.78 -74.73
N TRP H 398 -23.04 29.41 -73.74
CA TRP H 398 -22.81 30.00 -72.39
C TRP H 398 -21.57 29.42 -71.71
N ASP H 399 -21.29 28.15 -72.01
CA ASP H 399 -20.20 27.39 -71.40
C ASP H 399 -18.86 27.98 -71.85
N TYR H 400 -18.78 28.32 -73.13
CA TYR H 400 -17.65 29.04 -73.69
C TYR H 400 -17.32 30.29 -72.86
N VAL H 401 -18.36 31.02 -72.44
CA VAL H 401 -18.15 32.21 -71.58
C VAL H 401 -17.93 31.83 -70.10
N SER H 402 -18.81 30.99 -69.57
CA SER H 402 -18.73 30.49 -68.19
C SER H 402 -17.37 29.96 -67.82
N ALA H 403 -16.80 29.13 -68.70
CA ALA H 403 -15.52 28.44 -68.48
C ALA H 403 -14.31 29.37 -68.48
N GLU H 404 -14.40 30.46 -69.26
CA GLU H 404 -13.31 31.43 -69.45
C GLU H 404 -13.15 32.28 -68.19
N ASN H 405 -11.91 32.52 -67.79
CA ASN H 405 -11.62 32.99 -66.45
C ASN H 405 -11.59 34.51 -66.23
N SER H 406 -11.83 35.33 -67.25
CA SER H 406 -11.75 36.79 -67.04
C SER H 406 -13.09 37.45 -66.83
N VAL H 407 -14.17 36.66 -66.72
CA VAL H 407 -15.56 37.15 -66.66
C VAL H 407 -15.83 38.31 -67.68
N GLY H 408 -15.44 38.08 -68.94
CA GLY H 408 -15.71 39.04 -70.02
C GLY H 408 -14.64 40.08 -70.33
N PHE H 409 -13.67 40.29 -69.44
CA PHE H 409 -12.68 41.34 -69.64
C PHE H 409 -11.66 41.11 -70.79
N HIS H 410 -11.30 39.86 -71.05
CA HIS H 410 -10.40 39.56 -72.16
C HIS H 410 -11.00 39.93 -73.51
N ASN H 411 -12.32 39.87 -73.60
CA ASN H 411 -13.04 40.17 -74.84
C ASN H 411 -14.48 40.53 -74.53
N PRO H 412 -14.73 41.77 -74.05
CA PRO H 412 -16.09 42.17 -73.57
C PRO H 412 -17.23 41.99 -74.58
N ALA H 413 -17.04 42.50 -75.80
CA ALA H 413 -17.99 42.39 -76.91
C ALA H 413 -18.31 40.96 -77.34
N LYS H 414 -17.30 40.08 -77.36
CA LYS H 414 -17.53 38.69 -77.76
C LYS H 414 -18.24 37.89 -76.66
N ALA H 415 -17.84 38.10 -75.41
CA ALA H 415 -18.54 37.50 -74.27
C ALA H 415 -20.02 37.92 -74.18
N LEU H 416 -20.30 39.22 -74.25
CA LEU H 416 -21.68 39.72 -74.20
C LEU H 416 -22.55 39.29 -75.39
N ASP H 417 -21.96 39.31 -76.58
CA ASP H 417 -22.64 38.82 -77.77
C ASP H 417 -22.87 37.30 -77.73
N THR H 418 -21.91 36.56 -77.17
CA THR H 418 -22.02 35.09 -77.06
C THR H 418 -23.14 34.70 -76.09
N LEU H 419 -23.22 35.42 -74.97
CA LEU H 419 -24.27 35.18 -73.99
C LEU H 419 -25.66 35.50 -74.51
N ALA H 420 -25.79 36.55 -75.32
CA ALA H 420 -27.09 36.95 -75.86
C ALA H 420 -27.62 35.95 -76.89
N GLN H 421 -26.74 35.45 -77.76
CA GLN H 421 -27.11 34.42 -78.73
C GLN H 421 -27.45 33.11 -78.04
N SER H 422 -26.66 32.75 -77.03
CA SER H 422 -26.93 31.58 -76.19
C SER H 422 -28.39 31.53 -75.72
N GLN H 423 -28.83 32.66 -75.18
CA GLN H 423 -30.18 32.83 -74.68
C GLN H 423 -31.23 32.63 -75.79
N GLN H 424 -30.93 33.10 -77.00
CA GLN H 424 -31.79 32.91 -78.18
C GLN H 424 -31.92 31.43 -78.60
N PHE H 425 -30.83 30.69 -78.51
CA PHE H 425 -30.84 29.26 -78.85
C PHE H 425 -31.65 28.40 -77.87
N SER H 426 -31.38 28.54 -76.58
CA SER H 426 -32.12 27.86 -75.52
C SER H 426 -33.61 28.16 -75.58
N GLN H 427 -33.97 29.43 -75.78
CA GLN H 427 -35.38 29.80 -75.88
C GLN H 427 -36.05 29.20 -77.13
N LYS H 428 -35.32 29.12 -78.23
CA LYS H 428 -35.84 28.42 -79.39
C LYS H 428 -36.05 26.92 -79.15
N ALA H 429 -35.18 26.32 -78.34
CA ALA H 429 -35.36 24.92 -77.91
C ALA H 429 -36.68 24.75 -77.16
N ILE H 430 -37.00 25.69 -76.26
CA ILE H 430 -38.25 25.66 -75.50
C ILE H 430 -39.42 25.81 -76.44
N ASP H 431 -39.34 26.78 -77.36
CA ASP H 431 -40.38 27.00 -78.36
C ASP H 431 -40.70 25.77 -79.18
N LEU H 432 -39.65 25.11 -79.68
CA LEU H 432 -39.80 23.94 -80.55
C LEU H 432 -40.43 22.73 -79.85
N ALA H 433 -39.97 22.46 -78.62
CA ALA H 433 -40.58 21.46 -77.75
C ALA H 433 -42.07 21.76 -77.42
N MET H 434 -42.41 23.05 -77.27
CA MET H 434 -43.79 23.45 -77.07
C MET H 434 -44.64 23.22 -78.31
N GLU H 435 -44.07 23.52 -79.48
CA GLU H 435 -44.75 23.29 -80.73
C GLU H 435 -44.97 21.78 -80.98
N ALA H 436 -43.97 20.97 -80.63
CA ALA H 436 -43.98 19.51 -80.83
C ALA H 436 -45.09 18.79 -80.04
N THR H 437 -45.44 19.34 -78.88
CA THR H 437 -46.43 18.77 -77.95
C THR H 437 -47.71 19.58 -77.95
N GLN H 438 -47.87 20.43 -78.97
CA GLN H 438 -49.00 21.36 -79.12
C GLN H 438 -49.33 22.12 -77.83
N TYR H 439 -48.27 22.61 -77.18
CA TYR H 439 -48.28 23.43 -75.94
C TYR H 439 -48.79 22.70 -74.71
N GLY H 440 -48.93 21.37 -74.85
CA GLY H 440 -49.37 20.48 -73.76
C GLY H 440 -48.44 20.53 -72.57
N ILE H 441 -47.15 20.73 -72.82
CA ILE H 441 -46.17 20.85 -71.73
C ILE H 441 -46.13 22.22 -71.04
N GLY H 442 -46.87 23.20 -71.56
CA GLY H 442 -46.87 24.57 -71.05
C GLY H 442 -47.15 24.74 -69.56
N LYS H 443 -48.18 24.04 -69.09
CA LYS H 443 -48.56 24.01 -67.68
C LYS H 443 -47.41 23.61 -66.77
N ASP H 444 -46.49 22.78 -67.29
CA ASP H 444 -45.37 22.29 -66.50
C ASP H 444 -44.17 23.25 -66.47
N LEU H 445 -44.20 24.27 -67.33
CA LEU H 445 -43.13 25.28 -67.41
C LEU H 445 -43.52 26.71 -66.97
N SER H 446 -44.66 26.85 -66.28
CA SER H 446 -45.22 28.17 -65.95
C SER H 446 -44.49 29.07 -64.95
N GLY H 447 -43.79 28.53 -63.98
CA GLY H 447 -43.28 29.44 -62.95
C GLY H 447 -41.88 30.03 -63.08
N ASP H 448 -41.28 30.19 -61.92
CA ASP H 448 -39.89 30.48 -61.74
C ASP H 448 -39.18 29.15 -61.98
N ILE H 449 -38.17 29.16 -62.85
CA ILE H 449 -37.42 27.93 -63.15
C ILE H 449 -36.80 27.34 -61.87
N LYS H 450 -36.54 28.20 -60.87
CA LYS H 450 -35.90 27.75 -59.63
C LYS H 450 -36.80 26.87 -58.74
N THR H 451 -38.11 26.99 -58.93
CA THR H 451 -39.12 26.19 -58.25
C THR H 451 -39.42 24.90 -59.05
N ILE H 452 -39.54 25.05 -60.37
CA ILE H 452 -39.74 23.93 -61.30
C ILE H 452 -38.57 22.96 -61.32
N VAL H 453 -37.36 23.50 -61.51
CA VAL H 453 -36.14 22.67 -61.42
C VAL H 453 -35.18 23.28 -60.40
N PRO H 454 -35.20 22.76 -59.16
CA PRO H 454 -34.33 23.34 -58.14
C PRO H 454 -32.85 23.14 -58.44
N PRO H 455 -32.00 24.13 -58.08
CA PRO H 455 -30.58 23.90 -58.20
C PRO H 455 -30.10 22.67 -57.39
N ILE H 456 -29.21 21.87 -57.99
CA ILE H 456 -28.54 20.76 -57.33
C ILE H 456 -27.26 21.29 -56.69
N LEU H 457 -27.27 21.43 -55.38
CA LEU H 457 -26.14 22.01 -54.65
C LEU H 457 -25.11 20.93 -54.30
N LYS H 458 -25.59 19.72 -54.04
CA LYS H 458 -24.73 18.62 -53.63
C LYS H 458 -24.81 17.45 -54.59
N MET H 459 -23.65 16.93 -54.95
CA MET H 459 -23.55 15.71 -55.73
C MET H 459 -22.07 15.36 -55.79
N ASN H 460 -21.78 14.11 -55.45
CA ASN H 460 -20.45 13.53 -55.62
C ASN H 460 -20.58 12.03 -55.80
N ARG H 461 -19.47 11.38 -56.15
CA ARG H 461 -19.46 9.92 -56.40
C ARG H 461 -19.86 9.06 -55.19
N LYS H 462 -19.57 9.53 -53.98
CA LYS H 462 -20.04 8.88 -52.74
C LYS H 462 -21.57 8.96 -52.53
N LEU H 463 -22.16 10.13 -52.76
CA LEU H 463 -23.60 10.33 -52.57
C LEU H 463 -24.42 9.60 -53.62
N GLN H 464 -23.82 9.37 -54.77
CA GLN H 464 -24.52 8.68 -55.84
C GLN H 464 -24.63 7.18 -55.53
N GLN H 465 -23.98 6.74 -54.44
CA GLN H 465 -24.10 5.36 -53.94
C GLN H 465 -25.30 5.18 -53.00
N ASP H 466 -25.84 6.30 -52.55
CA ASP H 466 -26.90 6.36 -51.52
C ASP H 466 -28.27 6.42 -52.19
N PRO H 467 -29.01 5.30 -52.17
CA PRO H 467 -30.26 5.23 -52.94
C PRO H 467 -31.35 6.12 -52.34
N GLU H 468 -31.18 6.54 -51.09
CA GLU H 468 -32.11 7.47 -50.44
C GLU H 468 -31.80 8.92 -50.82
N PHE H 469 -30.52 9.22 -51.04
CA PHE H 469 -30.10 10.53 -51.58
C PHE H 469 -30.58 10.72 -53.02
N MET H 470 -30.62 9.64 -53.78
CA MET H 470 -30.96 9.70 -55.19
C MET H 470 -32.46 9.75 -55.44
N LYS H 471 -33.24 9.91 -54.37
CA LYS H 471 -34.67 10.20 -54.48
C LYS H 471 -34.94 11.69 -54.30
N THR H 472 -33.89 12.41 -53.96
CA THR H 472 -33.94 13.76 -53.39
C THR H 472 -34.16 14.92 -54.40
N HIS H 473 -34.05 14.62 -55.70
CA HIS H 473 -34.25 15.58 -56.77
C HIS H 473 -34.87 14.82 -57.93
N LYS H 474 -35.80 15.45 -58.65
CA LYS H 474 -36.46 14.82 -59.81
C LYS H 474 -35.50 14.33 -60.90
N TRP H 475 -34.41 15.07 -61.11
CA TRP H 475 -33.46 14.75 -62.17
C TRP H 475 -32.55 13.56 -61.85
N PHE H 476 -32.46 13.20 -60.56
CA PHE H 476 -31.68 12.03 -60.14
C PHE H 476 -32.19 10.71 -60.69
N GLN H 477 -33.47 10.64 -61.05
CA GLN H 477 -34.05 9.44 -61.63
C GLN H 477 -33.47 9.04 -62.98
N TYR H 478 -32.70 9.93 -63.59
CA TYR H 478 -32.07 9.65 -64.90
C TYR H 478 -30.64 9.14 -64.76
N LEU H 479 -30.18 9.11 -63.52
CA LEU H 479 -28.88 8.64 -63.14
C LEU H 479 -28.96 7.25 -62.50
N PRO H 480 -27.95 6.40 -62.74
CA PRO H 480 -27.86 5.14 -62.01
C PRO H 480 -27.44 5.37 -60.56
N VAL H 481 -27.96 4.55 -59.64
CA VAL H 481 -27.37 4.47 -58.29
C VAL H 481 -26.06 3.69 -58.42
N LEU H 482 -24.96 4.26 -57.93
CA LEU H 482 -23.68 3.59 -58.13
C LEU H 482 -23.53 2.44 -57.14
N PRO H 483 -22.77 1.37 -57.52
CA PRO H 483 -22.42 0.30 -56.59
C PRO H 483 -21.75 0.84 -55.34
N LYS H 484 -22.10 0.30 -54.17
CA LYS H 484 -21.38 0.65 -52.96
C LYS H 484 -19.92 0.20 -53.12
N ALA H 485 -19.00 1.12 -52.85
CA ALA H 485 -17.57 0.91 -53.08
C ALA H 485 -16.72 1.75 -52.12
N ASP H 486 -15.62 1.17 -51.67
CA ASP H 486 -14.69 1.87 -50.79
C ASP H 486 -13.75 2.72 -51.62
N GLN H 487 -13.21 3.77 -51.01
CA GLN H 487 -12.20 4.58 -51.65
C GLN H 487 -10.91 3.78 -51.84
N VAL H 488 -10.44 3.74 -53.08
CA VAL H 488 -9.20 3.08 -53.48
C VAL H 488 -8.04 4.06 -53.38
N TRP H 489 -8.32 5.33 -53.68
CA TRP H 489 -7.29 6.37 -53.81
C TRP H 489 -7.53 7.60 -52.93
N ASP H 490 -6.52 7.96 -52.14
CA ASP H 490 -6.57 9.20 -51.39
C ASP H 490 -5.34 10.02 -51.71
N GLY H 491 -5.49 10.90 -52.70
CA GLY H 491 -4.35 11.60 -53.28
C GLY H 491 -3.52 10.59 -54.05
N GLN H 492 -2.26 10.44 -53.63
CA GLN H 492 -1.35 9.44 -54.19
C GLN H 492 -1.35 8.10 -53.44
N LYS H 493 -1.99 8.07 -52.26
CA LYS H 493 -2.04 6.86 -51.42
C LYS H 493 -3.11 5.86 -51.84
N ARG H 494 -2.73 4.60 -52.05
CA ARG H 494 -3.70 3.50 -52.21
C ARG H 494 -4.24 3.15 -50.85
N LEU H 495 -5.55 2.93 -50.78
CA LEU H 495 -6.17 2.49 -49.54
C LEU H 495 -6.58 1.02 -49.63
N VAL H 496 -6.93 0.56 -50.83
CA VAL H 496 -7.23 -0.86 -51.03
C VAL H 496 -6.17 -1.48 -51.92
N SER H 497 -5.88 -2.74 -51.68
CA SER H 497 -4.89 -3.49 -52.43
C SER H 497 -5.38 -3.81 -53.86
N ALA H 498 -4.44 -3.73 -54.82
CA ALA H 498 -4.67 -4.14 -56.20
C ALA H 498 -4.51 -5.66 -56.33
N LYS I 14 51.26 88.52 -72.02
CA LYS I 14 51.79 87.19 -71.58
C LYS I 14 51.01 86.59 -70.41
N LEU I 15 50.61 87.42 -69.44
CA LEU I 15 49.82 86.98 -68.28
C LEU I 15 48.31 87.12 -68.51
N VAL I 16 47.95 87.96 -69.49
CA VAL I 16 46.55 88.16 -69.89
C VAL I 16 46.25 87.37 -71.18
N LEU I 17 47.27 87.13 -72.00
CA LEU I 17 47.16 86.28 -73.20
C LEU I 17 47.14 84.78 -72.87
N GLY I 18 47.53 84.44 -71.64
CA GLY I 18 47.51 83.06 -71.16
C GLY I 18 46.34 82.76 -70.23
N GLY I 19 45.80 83.81 -69.62
CA GLY I 19 44.61 83.72 -68.77
C GLY I 19 43.32 83.74 -69.59
N ALA I 20 43.39 84.36 -70.76
CA ALA I 20 42.27 84.38 -71.70
C ALA I 20 42.15 83.07 -72.47
N THR I 21 43.29 82.43 -72.76
CA THR I 21 43.30 81.12 -73.41
C THR I 21 42.79 80.01 -72.46
N LEU I 22 42.75 80.30 -71.17
CA LEU I 22 42.13 79.42 -70.17
C LEU I 22 40.61 79.59 -70.21
N GLY I 23 40.16 80.85 -70.23
CA GLY I 23 38.74 81.19 -70.28
C GLY I 23 38.00 80.66 -71.49
N VAL I 24 38.67 80.65 -72.65
CA VAL I 24 38.10 80.11 -73.90
C VAL I 24 38.34 78.61 -74.05
N VAL I 25 38.82 77.97 -72.99
CA VAL I 25 38.89 76.51 -72.93
C VAL I 25 38.03 76.01 -71.76
N ALA I 26 37.83 76.87 -70.77
CA ALA I 26 36.96 76.56 -69.62
C ALA I 26 35.49 76.72 -69.98
N LEU I 27 35.18 77.65 -70.88
CA LEU I 27 33.81 77.86 -71.35
C LEU I 27 33.49 76.97 -72.55
N ALA I 28 34.50 76.68 -73.38
CA ALA I 28 34.33 75.76 -74.50
C ALA I 28 34.13 74.31 -74.03
N THR I 29 34.70 73.97 -72.89
CA THR I 29 34.59 72.61 -72.32
C THR I 29 33.31 72.43 -71.50
N VAL I 30 32.92 73.47 -70.77
CA VAL I 30 31.65 73.48 -70.05
C VAL I 30 30.46 73.51 -71.02
N ALA I 31 30.61 74.23 -72.13
CA ALA I 31 29.57 74.29 -73.17
C ALA I 31 29.40 72.97 -73.93
N PHE I 32 30.51 72.28 -74.19
CA PHE I 32 30.49 70.95 -74.81
C PHE I 32 29.97 69.87 -73.84
N GLY I 33 30.34 69.98 -72.56
CA GLY I 33 29.90 69.05 -71.53
C GLY I 33 28.41 69.16 -71.25
N MET I 34 27.89 70.38 -71.36
CA MET I 34 26.47 70.68 -71.16
C MET I 34 25.54 70.09 -72.22
N LYS I 35 26.04 70.00 -73.45
CA LYS I 35 25.31 69.43 -74.58
C LYS I 35 25.41 67.91 -74.55
N TYR I 36 26.61 67.39 -74.27
CA TYR I 36 26.82 65.95 -74.21
C TYR I 36 25.90 65.31 -73.18
N THR I 37 25.71 66.03 -72.09
CA THR I 37 24.92 65.65 -70.94
C THR I 37 23.40 65.81 -71.19
N ASP I 38 23.04 66.23 -72.41
CA ASP I 38 21.66 66.31 -72.88
C ASP I 38 21.26 65.11 -73.72
N GLN I 39 22.23 64.28 -74.07
CA GLN I 39 22.00 63.38 -75.18
C GLN I 39 21.78 61.94 -74.78
N ARG I 40 21.13 61.22 -75.68
CA ARG I 40 20.70 59.84 -75.46
C ARG I 40 21.81 58.91 -74.97
N PRO I 41 23.02 58.94 -75.59
CA PRO I 41 24.07 58.04 -75.10
C PRO I 41 24.47 58.30 -73.65
N PHE I 42 24.45 59.56 -73.23
CA PHE I 42 24.66 59.88 -71.82
C PHE I 42 23.51 59.39 -70.95
N CYS I 43 22.28 59.83 -71.28
CA CYS I 43 21.07 59.43 -70.52
C CYS I 43 20.91 57.92 -70.32
N THR I 44 21.14 57.18 -71.41
CA THR I 44 20.97 55.75 -71.41
C THR I 44 22.17 55.01 -70.83
N SER I 45 23.13 55.73 -70.24
CA SER I 45 24.29 55.07 -69.64
C SER I 45 23.92 54.36 -68.34
N CYS I 46 22.75 54.71 -67.81
CA CYS I 46 22.05 53.91 -66.79
C CYS I 46 21.02 52.96 -67.43
N HIS I 47 21.18 51.67 -67.15
CA HIS I 47 20.37 50.62 -67.77
C HIS I 47 18.85 50.78 -67.52
N ILE I 48 18.52 51.52 -66.47
CA ILE I 48 17.14 51.80 -66.12
C ILE I 48 16.49 52.76 -67.16
N MET I 49 17.33 53.48 -67.91
CA MET I 49 16.87 54.44 -68.90
C MET I 49 16.80 53.82 -70.29
N ASN I 50 17.04 52.52 -70.42
CA ASN I 50 17.03 51.85 -71.73
C ASN I 50 15.69 51.82 -72.49
N PRO I 51 14.57 51.55 -71.78
CA PRO I 51 13.29 51.59 -72.51
C PRO I 51 12.97 52.97 -73.09
N VAL I 52 13.20 54.03 -72.33
CA VAL I 52 12.97 55.39 -72.85
C VAL I 52 13.96 55.73 -73.97
N GLY I 53 15.19 55.21 -73.88
CA GLY I 53 16.18 55.33 -74.96
C GLY I 53 15.72 54.67 -76.26
N VAL I 54 15.43 53.37 -76.19
CA VAL I 54 14.88 52.57 -77.31
C VAL I 54 13.68 53.22 -77.98
N THR I 55 12.70 53.65 -77.19
CA THR I 55 11.52 54.28 -77.75
C THR I 55 11.81 55.66 -78.38
N HIS I 56 12.70 56.45 -77.76
CA HIS I 56 13.19 57.69 -78.35
C HIS I 56 13.80 57.46 -79.74
N LYS I 57 14.79 56.56 -79.82
CA LYS I 57 15.49 56.24 -81.09
C LYS I 57 14.58 55.68 -82.19
N LEU I 58 13.46 55.09 -81.78
CA LEU I 58 12.50 54.47 -82.70
C LEU I 58 11.43 55.46 -83.21
N SER I 59 11.37 56.63 -82.57
CA SER I 59 10.29 57.62 -82.76
C SER I 59 10.65 58.75 -83.71
N GLY I 60 9.63 59.56 -84.04
CA GLY I 60 9.79 60.78 -84.87
C GLY I 60 10.74 61.81 -84.28
N HIS I 61 11.00 61.70 -82.98
CA HIS I 61 11.91 62.63 -82.29
C HIS I 61 13.27 62.03 -82.03
N ALA I 62 13.59 60.92 -82.72
CA ALA I 62 14.91 60.25 -82.62
C ALA I 62 16.07 61.21 -82.67
N ASN I 63 15.96 62.24 -83.52
CA ASN I 63 17.12 63.08 -83.81
C ASN I 63 17.17 64.40 -83.08
N ILE I 64 16.31 64.58 -82.07
CA ILE I 64 16.44 65.65 -81.10
C ILE I 64 16.92 65.02 -79.80
N SER I 65 17.63 65.78 -78.97
CA SER I 65 18.16 65.22 -77.72
C SER I 65 17.05 65.02 -76.67
N CYS I 66 17.34 64.19 -75.69
CA CYS I 66 16.48 63.99 -74.52
C CYS I 66 16.06 65.29 -73.86
N ASN I 67 17.01 66.21 -73.66
CA ASN I 67 16.74 67.45 -72.95
C ASN I 67 16.12 68.58 -73.78
N ASP I 68 16.04 68.39 -75.09
CA ASP I 68 15.18 69.23 -75.92
C ASP I 68 13.71 69.17 -75.48
N CYS I 69 13.32 68.08 -74.81
CA CYS I 69 12.01 67.96 -74.18
C CYS I 69 12.12 68.05 -72.66
N HIS I 70 13.12 67.36 -72.10
CA HIS I 70 13.21 67.18 -70.64
C HIS I 70 13.77 68.31 -69.78
N ALA I 71 14.45 69.30 -70.37
CA ALA I 71 14.91 70.43 -69.54
C ALA I 71 14.46 71.75 -70.16
N PRO I 72 14.38 72.82 -69.33
CA PRO I 72 14.08 74.14 -69.90
C PRO I 72 15.12 74.53 -70.95
N HIS I 73 14.72 75.30 -71.94
CA HIS I 73 15.62 75.74 -72.98
C HIS I 73 16.41 76.96 -72.51
N ASN I 74 15.69 77.86 -71.83
CA ASN I 74 16.27 79.06 -71.23
C ASN I 74 17.48 78.66 -70.37
N LEU I 75 18.62 79.26 -70.70
CA LEU I 75 19.91 78.91 -70.12
C LEU I 75 20.00 79.10 -68.60
N LEU I 76 19.36 80.15 -68.10
CA LEU I 76 19.33 80.43 -66.67
C LEU I 76 18.51 79.40 -65.88
N ALA I 77 17.50 78.83 -66.52
CA ALA I 77 16.62 77.84 -65.87
C ALA I 77 17.14 76.42 -66.07
N LYS I 78 17.88 76.21 -67.16
CA LYS I 78 18.40 74.91 -67.57
C LYS I 78 19.52 74.38 -66.67
N LEU I 79 20.52 75.22 -66.39
CA LEU I 79 21.66 74.82 -65.54
C LEU I 79 21.24 74.26 -64.17
N PRO I 80 20.50 75.05 -63.35
CA PRO I 80 19.97 74.50 -62.09
C PRO I 80 19.13 73.23 -62.24
N PHE I 81 18.21 73.21 -63.21
CA PHE I 81 17.33 72.07 -63.45
C PHE I 81 18.06 70.74 -63.69
N LYS I 82 19.00 70.75 -64.64
CA LYS I 82 19.83 69.58 -64.94
C LYS I 82 20.66 69.14 -63.75
N ALA I 83 21.17 70.11 -62.99
CA ALA I 83 21.93 69.83 -61.77
C ALA I 83 21.12 69.09 -60.72
N ILE I 84 19.92 69.60 -60.45
CA ILE I 84 19.03 69.04 -59.44
C ILE I 84 18.44 67.69 -59.86
N ALA I 85 18.08 67.58 -61.14
CA ALA I 85 17.54 66.33 -61.68
C ALA I 85 18.62 65.25 -61.79
N GLY I 86 19.84 65.65 -62.14
CA GLY I 86 20.98 64.74 -62.15
C GLY I 86 21.32 64.19 -60.76
N ALA I 87 21.24 65.05 -59.75
CA ALA I 87 21.50 64.64 -58.37
C ALA I 87 20.51 63.59 -57.89
N ARG I 88 19.21 63.86 -58.02
CA ARG I 88 18.20 62.87 -57.59
C ARG I 88 18.20 61.57 -58.41
N ASP I 89 18.56 61.66 -59.68
CA ASP I 89 18.64 60.47 -60.52
C ASP I 89 19.82 59.60 -60.13
N VAL I 90 20.95 60.23 -59.81
CA VAL I 90 22.14 59.52 -59.32
C VAL I 90 21.85 58.91 -57.94
N TYR I 91 21.24 59.69 -57.05
CA TYR I 91 20.81 59.15 -55.77
C TYR I 91 19.89 57.92 -55.92
N MET I 92 18.89 58.01 -56.81
CA MET I 92 17.89 56.94 -56.97
C MET I 92 18.46 55.67 -57.57
N ASN I 93 19.56 55.82 -58.32
CA ASN I 93 20.21 54.70 -58.96
C ASN I 93 21.26 54.03 -58.07
N THR I 94 21.62 54.70 -56.98
CA THR I 94 22.68 54.24 -56.09
C THR I 94 22.16 53.91 -54.68
N LEU I 95 21.53 54.89 -54.02
CA LEU I 95 21.07 54.73 -52.63
C LEU I 95 19.57 54.47 -52.52
N GLY I 96 18.83 54.88 -53.55
CA GLY I 96 17.39 54.74 -53.56
C GLY I 96 16.97 53.40 -54.10
N HIS I 97 15.68 53.13 -54.00
CA HIS I 97 15.07 51.88 -54.45
C HIS I 97 13.90 52.20 -55.37
N PRO I 98 14.14 52.29 -56.70
CA PRO I 98 13.07 52.60 -57.67
C PRO I 98 11.98 51.53 -57.71
N GLY I 99 10.74 51.94 -58.00
CA GLY I 99 9.61 51.01 -58.06
C GLY I 99 9.54 50.22 -59.37
N ASP I 100 8.49 49.43 -59.52
CA ASP I 100 8.14 48.76 -60.77
C ASP I 100 7.78 49.75 -61.89
N LEU I 101 7.17 50.87 -61.50
CA LEU I 101 6.82 51.96 -62.38
C LEU I 101 7.77 53.12 -62.15
N ILE I 102 8.31 53.64 -63.25
CA ILE I 102 9.02 54.90 -63.26
C ILE I 102 8.06 55.82 -63.98
N LEU I 103 7.57 56.83 -63.29
CA LEU I 103 6.72 57.80 -63.93
C LEU I 103 7.23 59.22 -63.65
N ALA I 104 6.90 60.14 -64.56
CA ALA I 104 7.30 61.55 -64.44
C ALA I 104 6.53 62.27 -63.36
N GLY I 105 7.21 63.19 -62.67
CA GLY I 105 6.58 64.06 -61.68
C GLY I 105 5.97 65.27 -62.35
N MET I 106 5.27 66.10 -61.58
CA MET I 106 4.58 67.28 -62.11
C MET I 106 5.52 68.29 -62.76
N GLU I 107 6.66 68.49 -62.12
CA GLU I 107 7.76 69.31 -62.60
C GLU I 107 8.16 68.99 -64.07
N THR I 108 8.52 67.73 -64.35
CA THR I 108 8.93 67.38 -65.71
C THR I 108 7.76 67.30 -66.70
N LYS I 109 6.56 66.98 -66.20
CA LYS I 109 5.33 67.03 -67.00
C LYS I 109 5.16 68.45 -67.54
N GLU I 110 5.43 69.42 -66.66
CA GLU I 110 5.31 70.83 -66.97
C GLU I 110 6.38 71.32 -67.95
N VAL I 111 7.65 70.96 -67.73
CA VAL I 111 8.70 71.38 -68.69
C VAL I 111 8.60 70.72 -70.05
N VAL I 112 8.23 69.43 -70.10
CA VAL I 112 8.04 68.76 -71.39
C VAL I 112 6.93 69.44 -72.16
N ASN I 113 5.86 69.82 -71.46
CA ASN I 113 4.73 70.44 -72.16
C ASN I 113 5.09 71.80 -72.74
N ALA I 114 5.85 72.58 -71.96
CA ALA I 114 6.31 73.87 -72.41
C ALA I 114 7.14 73.73 -73.66
N ASN I 115 7.93 72.66 -73.74
CA ASN I 115 8.75 72.39 -74.92
C ASN I 115 7.99 71.94 -76.16
N CYS I 116 6.91 71.18 -76.01
CA CYS I 116 6.01 70.89 -77.13
C CYS I 116 5.58 72.18 -77.81
N LYS I 117 5.17 73.16 -77.00
CA LYS I 117 4.72 74.44 -77.53
C LYS I 117 5.86 75.22 -78.17
N ALA I 118 7.06 75.14 -77.60
CA ALA I 118 8.21 75.86 -78.13
C ALA I 118 8.47 75.50 -79.58
N CYS I 119 8.34 74.21 -79.91
CA CYS I 119 8.67 73.76 -81.26
C CYS I 119 7.49 73.62 -82.20
N HIS I 120 6.27 73.60 -81.64
CA HIS I 120 5.08 73.41 -82.45
C HIS I 120 4.04 74.52 -82.35
N THR I 121 4.49 75.73 -81.99
CA THR I 121 3.55 76.85 -81.92
C THR I 121 2.71 77.04 -83.21
N MET I 122 3.34 77.03 -84.38
CA MET I 122 2.67 77.38 -85.64
C MET I 122 1.56 76.43 -86.13
N THR I 123 1.70 75.13 -85.84
CA THR I 123 0.62 74.14 -86.02
C THR I 123 -0.65 74.57 -85.26
N ASN I 124 -0.44 75.09 -84.04
CA ASN I 124 -1.50 75.31 -83.06
C ASN I 124 -2.01 76.76 -82.92
N VAL I 125 -1.50 77.71 -83.72
CA VAL I 125 -1.74 79.15 -83.49
C VAL I 125 -3.17 79.64 -83.57
N GLU I 126 -4.00 78.96 -84.34
CA GLU I 126 -5.36 79.45 -84.56
C GLU I 126 -6.42 78.62 -83.86
N VAL I 127 -5.96 77.80 -82.95
CA VAL I 127 -6.77 76.79 -82.29
C VAL I 127 -6.50 76.81 -80.79
N ALA I 128 -7.54 76.57 -79.98
CA ALA I 128 -7.42 76.54 -78.52
C ALA I 128 -7.02 75.16 -77.95
N SER I 129 -5.95 74.58 -78.50
CA SER I 129 -5.48 73.23 -78.16
C SER I 129 -4.83 73.10 -76.76
N MET I 130 -4.57 74.23 -76.10
CA MET I 130 -4.05 74.20 -74.72
C MET I 130 -5.17 74.21 -73.68
N GLU I 131 -6.43 74.34 -74.15
CA GLU I 131 -7.58 74.54 -73.24
C GLU I 131 -8.37 73.29 -72.81
N ALA I 132 -8.61 72.36 -73.73
CA ALA I 132 -9.39 71.18 -73.38
C ALA I 132 -8.56 70.28 -72.51
N LYS I 133 -7.43 69.87 -73.08
CA LYS I 133 -6.56 68.89 -72.45
C LYS I 133 -5.43 69.64 -71.79
N LYS I 134 -5.10 69.20 -70.58
CA LYS I 134 -4.05 69.82 -69.78
C LYS I 134 -2.68 69.71 -70.43
N TYR I 135 -2.45 68.63 -71.16
CA TYR I 135 -1.18 68.37 -71.85
C TYR I 135 -1.39 68.06 -73.32
N CYS I 136 -0.40 68.40 -74.15
CA CYS I 136 -0.42 68.08 -75.59
C CYS I 136 -0.50 66.58 -75.82
N THR I 137 0.20 65.83 -74.97
CA THR I 137 0.33 64.38 -75.05
C THR I 137 -0.92 63.67 -74.54
N ASP I 138 -1.92 64.41 -74.07
CA ASP I 138 -3.23 63.82 -73.79
C ASP I 138 -3.92 63.39 -75.08
N CYS I 139 -3.63 64.08 -76.18
CA CYS I 139 -3.97 63.59 -77.52
C CYS I 139 -2.78 62.88 -78.22
N HIS I 140 -1.57 63.42 -78.10
CA HIS I 140 -0.42 62.85 -78.81
C HIS I 140 0.26 61.84 -77.93
N ARG I 141 -0.46 60.76 -77.64
CA ARG I 141 -0.18 59.83 -76.54
C ARG I 141 1.12 59.08 -76.66
N ASN I 142 1.44 58.65 -77.88
CA ASN I 142 2.63 57.86 -78.10
C ASN I 142 3.89 58.69 -78.19
N VAL I 143 3.77 60.02 -78.11
CA VAL I 143 4.96 60.87 -77.93
C VAL I 143 5.54 60.61 -76.52
N GLN I 144 4.70 60.09 -75.63
CA GLN I 144 5.14 59.59 -74.34
C GLN I 144 5.69 58.16 -74.41
N HIS I 145 6.78 57.99 -75.15
CA HIS I 145 7.56 56.76 -75.19
C HIS I 145 6.81 55.51 -75.66
N MET I 146 5.99 55.72 -76.69
CA MET I 146 5.18 54.65 -77.28
C MET I 146 4.57 53.73 -76.21
N ARG I 147 3.95 54.33 -75.20
CA ARG I 147 3.42 53.58 -74.05
C ARG I 147 2.25 52.67 -74.36
N MET I 148 1.61 52.85 -75.51
CA MET I 148 0.46 51.98 -75.81
C MET I 148 0.84 50.66 -76.51
N LYS I 149 2.11 50.53 -76.88
CA LYS I 149 2.58 49.36 -77.62
C LYS I 149 2.87 48.13 -76.73
N PRO I 150 2.80 46.90 -77.32
CA PRO I 150 3.07 45.69 -76.54
C PRO I 150 4.42 45.81 -75.81
N ILE I 151 4.49 45.28 -74.59
CA ILE I 151 5.70 45.39 -73.78
C ILE I 151 6.97 44.92 -74.52
N SER I 152 6.92 43.80 -75.23
CA SER I 152 8.11 43.27 -75.93
C SER I 152 8.75 44.20 -76.99
N THR I 153 8.04 45.24 -77.42
CA THR I 153 8.59 46.22 -78.37
C THR I 153 9.40 47.29 -77.65
N ARG I 154 9.41 47.23 -76.32
CA ARG I 154 10.04 48.27 -75.50
C ARG I 154 11.05 47.76 -74.48
N GLU I 155 10.84 46.53 -74.01
CA GLU I 155 11.43 46.06 -72.76
C GLU I 155 11.95 44.62 -72.75
N VAL I 156 13.10 44.43 -72.12
CA VAL I 156 13.67 43.11 -71.87
C VAL I 156 14.06 43.09 -70.40
N ALA I 157 14.28 41.89 -69.87
CA ALA I 157 14.76 41.70 -68.52
C ALA I 157 16.18 42.22 -68.35
N ASP I 158 16.48 42.65 -67.13
CA ASP I 158 17.78 43.19 -66.68
C ASP I 158 17.78 44.70 -66.48
N GLY J 2 29.66 71.49 -79.39
CA GLY J 2 28.91 70.24 -79.04
C GLY J 2 28.73 69.26 -80.20
N CYS J 3 28.40 68.01 -79.86
CA CYS J 3 28.07 66.98 -80.85
C CYS J 3 26.67 67.22 -81.42
N SER J 4 26.43 66.65 -82.60
CA SER J 4 25.09 66.55 -83.15
C SER J 4 24.34 65.40 -82.46
N ASP J 5 23.02 65.51 -82.38
CA ASP J 5 22.22 64.39 -81.87
C ASP J 5 21.29 63.79 -82.93
N VAL J 6 21.47 64.21 -84.19
CA VAL J 6 20.97 63.41 -85.31
C VAL J 6 21.90 62.21 -85.50
N SER J 7 21.58 61.14 -84.78
CA SER J 7 22.38 59.93 -84.83
C SER J 7 21.88 59.02 -85.93
N THR J 8 20.59 59.14 -86.28
CA THR J 8 20.07 58.39 -87.44
C THR J 8 20.16 59.23 -88.72
N GLU J 9 21.11 58.87 -89.58
CA GLU J 9 21.25 59.53 -90.88
C GLU J 9 20.30 58.94 -91.93
N LEU J 10 19.79 59.81 -92.80
CA LEU J 10 18.87 59.40 -93.87
C LEU J 10 19.64 58.67 -94.98
N LYS J 11 19.13 57.51 -95.37
CA LYS J 11 19.76 56.67 -96.36
C LYS J 11 18.68 56.09 -97.24
N THR J 12 18.91 56.05 -98.54
CA THR J 12 18.03 55.28 -99.43
C THR J 12 18.00 53.81 -98.97
N PRO J 13 16.79 53.28 -98.68
CA PRO J 13 16.68 51.88 -98.26
C PRO J 13 17.25 50.92 -99.29
N VAL J 14 17.81 49.81 -98.82
CA VAL J 14 18.36 48.75 -99.65
C VAL J 14 17.72 47.46 -99.17
N TYR J 15 17.39 46.56 -100.09
CA TYR J 15 16.74 45.32 -99.73
C TYR J 15 17.47 44.12 -100.28
N LYS J 16 17.66 43.12 -99.43
CA LYS J 16 17.90 41.73 -99.87
C LYS J 16 16.80 40.93 -99.25
N THR J 17 15.94 40.32 -100.06
CA THR J 17 14.91 39.45 -99.51
C THR J 17 15.41 37.99 -99.45
N LYS J 18 14.56 37.10 -98.96
CA LYS J 18 14.84 35.67 -98.94
C LYS J 18 14.22 34.97 -100.15
N LEU J 19 13.56 35.75 -100.99
CA LEU J 19 12.83 35.24 -102.16
C LEU J 19 13.74 34.87 -103.35
N THR J 20 13.27 33.93 -104.17
CA THR J 20 13.98 33.53 -105.41
C THR J 20 13.77 34.51 -106.58
N ALA J 21 14.66 34.44 -107.56
CA ALA J 21 14.69 35.38 -108.68
C ALA J 21 13.45 35.38 -109.58
N GLU J 22 12.68 34.29 -109.56
CA GLU J 22 11.47 34.23 -110.39
CA GLU J 22 11.49 34.13 -110.39
C GLU J 22 10.23 33.92 -109.53
N GLU J 23 10.25 34.45 -108.30
CA GLU J 23 9.09 34.42 -107.42
C GLU J 23 8.03 35.36 -108.00
N ILE J 24 6.79 34.87 -108.12
CA ILE J 24 5.68 35.69 -108.62
C ILE J 24 4.42 35.65 -107.74
N ARG J 25 4.43 34.86 -106.67
CA ARG J 25 3.26 34.73 -105.81
C ARG J 25 3.22 35.92 -104.87
N ASN J 26 2.06 36.57 -104.82
CA ASN J 26 1.87 37.75 -104.00
C ASN J 26 2.06 37.46 -102.52
N SER J 27 1.53 36.31 -102.08
CA SER J 27 1.58 35.85 -100.68
C SER J 27 2.99 35.63 -100.14
N ALA J 28 3.94 35.48 -101.05
CA ALA J 28 5.35 35.26 -100.71
C ALA J 28 6.00 36.56 -100.28
N PHE J 29 5.41 37.68 -100.69
CA PHE J 29 5.96 38.99 -100.38
C PHE J 29 5.40 39.50 -99.04
N LYS J 30 4.21 39.04 -98.68
CA LYS J 30 3.57 39.42 -97.43
C LYS J 30 4.46 39.35 -96.16
N PRO J 31 5.17 38.22 -95.92
CA PRO J 31 6.02 38.13 -94.73
C PRO J 31 7.14 39.16 -94.66
N GLU J 32 7.81 39.43 -95.78
CA GLU J 32 8.91 40.39 -95.82
C GLU J 32 8.44 41.84 -95.74
N PHE J 33 7.24 42.11 -96.27
CA PHE J 33 6.73 43.48 -96.38
C PHE J 33 5.28 43.65 -95.92
N PRO J 34 5.04 43.44 -94.61
CA PRO J 34 3.67 43.49 -94.14
C PRO J 34 2.98 44.86 -94.30
N LYS J 35 3.76 45.94 -94.29
CA LYS J 35 3.23 47.31 -94.37
C LYS J 35 2.71 47.67 -95.77
N GLN J 36 3.52 47.39 -96.81
CA GLN J 36 3.10 47.64 -98.19
C GLN J 36 2.09 46.60 -98.61
N TYR J 37 2.22 45.38 -98.09
CA TYR J 37 1.21 44.36 -98.35
C TYR J 37 -0.16 44.78 -97.82
N ALA J 38 -0.20 45.24 -96.56
CA ALA J 38 -1.46 45.74 -95.96
C ALA J 38 -2.10 46.89 -96.76
N SER J 39 -1.27 47.75 -97.34
CA SER J 39 -1.73 48.81 -98.26
C SER J 39 -2.35 48.25 -99.55
N TYR J 40 -1.63 47.35 -100.21
CA TYR J 40 -2.11 46.61 -101.37
C TYR J 40 -3.50 45.97 -101.18
N GLU J 41 -3.76 45.45 -99.99
CA GLU J 41 -5.05 44.83 -99.67
C GLU J 41 -6.22 45.83 -99.58
N ARG J 42 -5.94 47.14 -99.51
CA ARG J 42 -7.02 48.14 -99.52
C ARG J 42 -7.77 48.18 -100.87
N ASN J 43 -7.08 47.75 -101.93
CA ASN J 43 -7.65 47.64 -103.28
C ASN J 43 -8.87 46.73 -103.29
N ASP J 44 -9.05 45.98 -102.21
CA ASP J 44 -10.22 45.11 -102.04
C ASP J 44 -11.54 45.88 -101.84
N GLU J 45 -11.44 47.12 -101.34
CA GLU J 45 -12.57 48.03 -101.22
C GLU J 45 -13.23 48.30 -102.56
N THR J 46 -14.54 48.03 -102.66
CA THR J 46 -15.25 48.04 -103.92
C THR J 46 -16.67 48.62 -103.81
N THR J 47 -16.80 49.61 -102.93
CA THR J 47 -18.10 50.13 -102.57
C THR J 47 -18.20 51.65 -102.72
N VAL J 48 -17.06 52.32 -102.81
CA VAL J 48 -17.01 53.77 -102.83
C VAL J 48 -16.96 54.34 -104.25
N MET J 49 -17.80 55.33 -104.48
CA MET J 49 -17.85 56.09 -105.72
C MET J 49 -17.41 57.52 -105.42
N THR J 50 -16.73 58.16 -106.39
CA THR J 50 -16.52 59.60 -106.32
C THR J 50 -17.58 60.18 -107.24
N GLU J 51 -17.40 61.41 -107.71
CA GLU J 51 -18.39 61.97 -108.63
C GLU J 51 -18.46 61.20 -109.96
N TYR J 52 -17.33 61.04 -110.64
CA TYR J 52 -17.36 60.42 -111.97
C TYR J 52 -16.77 59.00 -111.93
N LYS J 53 -15.92 58.75 -110.94
CA LYS J 53 -15.17 57.52 -110.88
C LYS J 53 -15.46 56.76 -109.58
N GLY J 54 -14.60 55.83 -109.23
CA GLY J 54 -14.86 54.98 -108.06
C GLY J 54 -14.57 53.52 -108.31
N SER J 55 -14.83 52.69 -107.30
CA SER J 55 -14.47 51.27 -107.34
C SER J 55 -15.63 50.30 -107.47
N VAL J 56 -16.83 50.82 -107.72
CA VAL J 56 -17.99 49.96 -107.98
C VAL J 56 -17.99 49.63 -109.48
N PRO J 57 -17.84 48.33 -109.82
CA PRO J 57 -17.73 47.91 -111.22
C PRO J 57 -19.07 47.92 -111.94
N PHE J 58 -19.69 49.08 -112.08
CA PHE J 58 -20.98 49.20 -112.74
C PHE J 58 -20.85 49.12 -114.26
N ASN J 59 -21.94 48.74 -114.94
CA ASN J 59 -21.97 48.68 -116.39
C ASN J 59 -21.98 50.09 -116.98
N LYS J 60 -20.98 50.41 -117.82
CA LYS J 60 -20.71 51.81 -118.21
C LYS J 60 -21.70 52.48 -119.13
N ASN J 61 -22.50 51.66 -119.83
CA ASN J 61 -23.58 52.16 -120.69
C ASN J 61 -24.89 52.35 -119.94
N ASP J 62 -24.93 51.99 -118.66
CA ASP J 62 -26.21 51.92 -117.93
C ASP J 62 -26.46 53.10 -116.98
N ASN J 63 -27.30 54.03 -117.43
CA ASN J 63 -27.73 55.15 -116.58
C ASN J 63 -29.20 55.05 -116.18
N VAL J 64 -29.74 53.83 -116.26
CA VAL J 64 -31.15 53.56 -115.95
C VAL J 64 -31.28 52.98 -114.52
N ASN J 65 -30.51 51.93 -114.23
CA ASN J 65 -30.57 51.24 -112.94
C ASN J 65 -29.65 51.84 -111.89
N PRO J 66 -29.99 51.64 -110.59
CA PRO J 66 -29.09 52.10 -109.53
C PRO J 66 -27.83 51.26 -109.40
N LEU J 67 -26.84 51.80 -108.67
CA LEU J 67 -25.67 51.03 -108.31
C LEU J 67 -26.10 49.76 -107.60
N PRO J 68 -25.33 48.66 -107.77
CA PRO J 68 -24.09 48.56 -108.56
C PRO J 68 -24.26 48.17 -110.04
N GLU J 69 -25.46 48.27 -110.59
CA GLU J 69 -25.73 47.84 -111.96
C GLU J 69 -25.55 48.99 -112.96
N GLY J 70 -26.02 50.17 -112.59
CA GLY J 70 -25.84 51.39 -113.37
C GLY J 70 -25.34 52.52 -112.49
N TYR J 71 -25.25 53.72 -113.07
CA TYR J 71 -24.82 54.91 -112.33
C TYR J 71 -25.40 56.12 -113.06
N ARG J 72 -25.48 57.26 -112.36
CA ARG J 72 -26.12 58.47 -112.90
C ARG J 72 -25.31 59.08 -114.04
N HIS J 73 -23.98 58.95 -113.95
CA HIS J 73 -23.05 59.28 -115.03
C HIS J 73 -22.61 58.02 -115.75
N ALA J 74 -23.33 57.69 -116.82
CA ALA J 74 -23.00 56.58 -117.67
C ALA J 74 -23.07 57.04 -119.14
N GLN J 75 -22.61 56.19 -120.05
CA GLN J 75 -22.53 56.54 -121.49
C GLN J 75 -23.49 55.64 -122.26
N PRO J 76 -24.76 56.08 -122.42
CA PRO J 76 -25.81 55.15 -122.88
C PRO J 76 -25.69 54.55 -124.31
N TYR J 77 -24.82 55.12 -125.15
CA TYR J 77 -24.72 54.70 -126.54
C TYR J 77 -23.58 53.73 -126.84
N LEU J 78 -22.86 53.33 -125.80
CA LEU J 78 -21.68 52.50 -125.94
C LEU J 78 -21.90 51.18 -126.66
N LYS J 79 -22.94 50.42 -126.30
CA LYS J 79 -23.25 49.17 -126.99
C LYS J 79 -23.55 49.40 -128.50
N ASN J 80 -24.19 50.52 -128.82
CA ASN J 80 -24.50 50.90 -130.23
C ASN J 80 -23.23 51.14 -131.04
N LEU J 81 -22.27 51.80 -130.40
CA LEU J 81 -21.09 52.29 -131.08
C LEU J 81 -20.09 51.16 -131.26
N TRP J 82 -20.18 50.15 -130.39
CA TRP J 82 -19.32 48.98 -130.44
C TRP J 82 -20.07 47.75 -130.92
N LEU J 83 -21.16 47.95 -131.67
CA LEU J 83 -21.94 46.87 -132.26
C LEU J 83 -21.02 45.94 -133.06
N GLY J 84 -21.16 44.64 -132.83
CA GLY J 84 -20.32 43.63 -133.49
C GLY J 84 -18.91 43.45 -132.94
N TYR J 85 -18.63 44.08 -131.82
CA TYR J 85 -17.33 43.97 -131.18
C TYR J 85 -17.59 43.42 -129.76
N PRO J 86 -16.62 42.68 -129.15
CA PRO J 86 -16.87 42.14 -127.80
C PRO J 86 -17.24 43.15 -126.72
N PHE J 87 -16.82 44.41 -126.83
CA PHE J 87 -17.24 45.41 -125.84
C PHE J 87 -18.76 45.63 -125.82
N MET J 88 -19.47 45.13 -126.83
CA MET J 88 -20.93 45.24 -126.82
C MET J 88 -21.60 44.31 -125.82
N TYR J 89 -20.85 43.29 -125.36
CA TYR J 89 -21.37 42.29 -124.43
C TYR J 89 -21.29 42.72 -122.97
N GLU J 90 -20.12 43.20 -122.56
CA GLU J 90 -19.94 43.70 -121.19
C GLU J 90 -18.79 44.66 -121.12
N TYR J 91 -19.00 45.78 -120.45
CA TYR J 91 -17.93 46.71 -120.19
C TYR J 91 -18.26 47.48 -118.91
N ARG J 92 -17.36 47.32 -117.95
CA ARG J 92 -17.57 47.81 -116.59
C ARG J 92 -16.45 48.75 -116.14
N GLU J 93 -16.75 49.46 -115.07
CA GLU J 93 -15.89 50.47 -114.50
C GLU J 93 -14.75 49.73 -113.84
N ALA J 94 -13.52 50.15 -114.08
CA ALA J 94 -12.33 49.52 -113.49
C ALA J 94 -12.29 49.61 -111.96
N ARG J 95 -11.77 48.57 -111.31
CA ARG J 95 -11.55 48.62 -109.89
C ARG J 95 -10.17 48.06 -109.48
N GLY J 96 -10.01 47.71 -108.21
CA GLY J 96 -8.67 47.44 -107.66
C GLY J 96 -7.91 46.34 -108.37
N HIS J 97 -6.59 46.40 -108.34
CA HIS J 97 -5.77 45.38 -108.99
C HIS J 97 -5.99 43.98 -108.45
N THR J 98 -6.48 43.89 -107.24
CA THR J 98 -6.65 42.62 -106.57
C THR J 98 -7.79 41.80 -107.20
N TYR J 99 -8.65 42.49 -107.95
CA TYR J 99 -9.76 41.85 -108.64
C TYR J 99 -9.48 41.61 -110.12
N ALA J 100 -8.25 41.87 -110.56
CA ALA J 100 -7.98 41.88 -112.00
C ALA J 100 -8.31 40.58 -112.70
N ILE J 101 -7.85 39.46 -112.13
CA ILE J 101 -8.12 38.12 -112.69
C ILE J 101 -9.55 37.64 -112.46
N GLN J 102 -10.13 37.99 -111.32
CA GLN J 102 -11.52 37.64 -111.01
C GLN J 102 -12.50 38.32 -111.98
N ASP J 103 -12.28 39.62 -112.27
CA ASP J 103 -13.07 40.32 -113.28
C ASP J 103 -12.84 39.79 -114.69
N PHE J 104 -11.59 39.51 -115.02
CA PHE J 104 -11.20 38.88 -116.29
C PHE J 104 -12.01 37.61 -116.59
N LEU J 105 -12.22 36.79 -115.56
CA LEU J 105 -12.86 35.48 -115.71
C LEU J 105 -14.39 35.50 -115.53
N HIS J 106 -14.94 36.68 -115.30
CA HIS J 106 -16.40 36.87 -115.26
CA HIS J 106 -16.39 36.79 -115.31
C HIS J 106 -16.90 37.73 -116.41
N ILE J 107 -15.97 38.31 -117.18
CA ILE J 107 -16.37 39.17 -118.30
C ILE J 107 -16.92 38.37 -119.48
N ASP J 108 -18.07 38.80 -119.99
CA ASP J 108 -18.74 38.17 -121.14
C ASP J 108 -18.04 38.40 -122.49
N ARG J 109 -17.06 39.32 -122.52
CA ARG J 109 -16.27 39.62 -123.73
C ARG J 109 -15.50 38.40 -124.22
N ILE J 110 -15.07 37.58 -123.27
CA ILE J 110 -14.50 36.27 -123.56
C ILE J 110 -15.63 35.26 -123.65
N ASN J 111 -15.58 34.41 -124.67
CA ASN J 111 -16.62 33.39 -124.85
C ASN J 111 -16.57 32.28 -123.80
N ARG J 112 -17.68 32.16 -123.07
CA ARG J 112 -17.81 31.17 -122.00
C ARG J 112 -18.88 30.14 -122.39
N TYR J 113 -19.32 30.23 -123.65
CA TYR J 113 -20.33 29.35 -124.22
C TYR J 113 -19.71 28.36 -125.20
N ALA J 114 -18.38 28.28 -125.19
CA ALA J 114 -17.64 27.29 -125.96
C ALA J 114 -16.34 27.07 -125.22
N GLU J 115 -15.53 26.14 -125.72
CA GLU J 115 -14.21 25.89 -125.15
C GLU J 115 -13.25 27.03 -125.50
N LYS J 116 -13.33 27.50 -126.73
CA LYS J 116 -12.54 28.65 -127.16
C LYS J 116 -13.17 29.98 -126.73
N GLY J 117 -12.33 30.82 -126.12
CA GLY J 117 -12.71 32.17 -125.71
C GLY J 117 -12.97 33.10 -126.88
N GLY J 118 -12.29 32.83 -127.99
CA GLY J 118 -12.44 33.64 -129.20
C GLY J 118 -11.50 34.83 -129.24
N LEU J 119 -10.56 34.87 -128.30
CA LEU J 119 -9.61 36.00 -128.14
C LEU J 119 -8.22 35.44 -127.87
N PRO J 120 -7.15 36.20 -128.22
CA PRO J 120 -5.78 35.74 -128.00
C PRO J 120 -5.36 35.73 -126.54
N ALA J 121 -4.39 34.86 -126.24
CA ALA J 121 -3.85 34.72 -124.91
C ALA J 121 -3.12 36.00 -124.48
N THR J 122 -2.86 36.89 -125.44
CA THR J 122 -2.37 38.27 -125.18
C THR J 122 -3.25 39.05 -124.17
N CYS J 123 -4.54 38.71 -124.11
CA CYS J 123 -5.44 39.27 -123.13
C CYS J 123 -4.97 39.09 -121.69
N TRP J 124 -4.10 38.10 -121.45
CA TRP J 124 -3.51 37.88 -120.12
C TRP J 124 -2.39 38.85 -119.85
N ASN J 125 -1.89 39.53 -120.91
CA ASN J 125 -0.66 40.36 -120.89
C ASN J 125 -0.54 41.34 -119.73
N CYS J 126 -1.66 41.88 -119.32
CA CYS J 126 -1.69 42.96 -118.33
C CYS J 126 -2.51 42.59 -117.13
N LYS J 127 -2.54 41.30 -116.81
CA LYS J 127 -3.39 40.77 -115.78
C LYS J 127 -2.61 39.99 -114.71
N THR J 128 -1.39 39.57 -115.04
CA THR J 128 -0.66 38.57 -114.23
C THR J 128 0.86 38.56 -114.45
N PRO J 129 1.63 38.49 -113.34
CA PRO J 129 3.06 38.20 -113.55
C PRO J 129 3.31 36.72 -113.98
N LYS J 130 2.25 35.91 -114.04
CA LYS J 130 2.32 34.60 -114.71
C LYS J 130 2.84 34.69 -116.15
N MET J 131 2.70 35.86 -116.76
CA MET J 131 3.09 36.08 -118.15
C MET J 131 4.53 35.77 -118.45
N MET J 132 5.40 36.05 -117.48
CA MET J 132 6.83 35.89 -117.66
C MET J 132 7.25 34.46 -117.87
N GLU J 133 6.59 33.52 -117.19
CA GLU J 133 6.88 32.10 -117.39
C GLU J 133 6.17 31.53 -118.60
N TRP J 134 4.96 32.04 -118.88
CA TRP J 134 4.17 31.62 -120.04
C TRP J 134 4.82 31.91 -121.39
N VAL J 135 5.56 33.02 -121.44
CA VAL J 135 6.27 33.48 -122.63
C VAL J 135 7.65 32.81 -122.68
N LYS J 136 8.22 32.55 -121.50
CA LYS J 136 9.47 31.80 -121.42
C LYS J 136 9.28 30.37 -121.97
N GLU J 137 8.12 29.77 -121.66
CA GLU J 137 7.77 28.42 -122.10
CA GLU J 137 7.83 28.43 -122.12
C GLU J 137 7.37 28.37 -123.58
N SER J 138 6.62 29.38 -124.04
CA SER J 138 6.04 29.35 -125.39
C SER J 138 6.62 30.30 -126.43
N GLY J 139 7.34 31.31 -125.98
CA GLY J 139 7.91 32.30 -126.91
C GLY J 139 6.85 33.03 -127.73
N ASP J 140 7.15 33.25 -129.00
CA ASP J 140 6.31 33.95 -129.96
C ASP J 140 4.96 33.27 -130.19
N GLY J 141 4.90 31.98 -129.90
CA GLY J 141 3.70 31.18 -130.11
C GLY J 141 2.67 31.38 -129.01
N PHE J 142 3.07 32.05 -127.91
CA PHE J 142 2.16 32.29 -126.79
C PHE J 142 0.96 33.12 -127.23
N TRP J 143 1.27 34.29 -127.79
CA TRP J 143 0.30 35.34 -128.06
C TRP J 143 -0.93 34.86 -128.81
N ALA J 144 -0.73 34.02 -129.82
CA ALA J 144 -1.82 33.59 -130.72
C ALA J 144 -2.69 32.46 -130.21
N LYS J 145 -2.23 31.76 -129.16
CA LYS J 145 -3.09 30.77 -128.43
C LYS J 145 -4.42 31.37 -127.95
N ASP J 146 -5.43 30.51 -127.74
CA ASP J 146 -6.74 30.94 -127.22
C ASP J 146 -6.69 31.34 -125.75
N VAL J 147 -7.43 32.39 -125.42
CA VAL J 147 -7.39 32.97 -124.08
C VAL J 147 -7.68 31.92 -123.02
N ASN J 148 -8.68 31.07 -123.28
CA ASN J 148 -9.15 30.05 -122.33
C ASN J 148 -8.18 28.89 -122.06
N GLU J 149 -7.12 28.77 -122.85
CA GLU J 149 -6.08 27.76 -122.62
C GLU J 149 -5.38 27.92 -121.26
N PHE J 150 -5.46 29.12 -120.68
CA PHE J 150 -4.78 29.40 -119.40
C PHE J 150 -5.77 29.68 -118.26
N ARG J 151 -7.06 29.51 -118.55
CA ARG J 151 -8.15 29.88 -117.67
C ARG J 151 -8.15 29.17 -116.31
N ASP J 152 -7.95 27.84 -116.32
CA ASP J 152 -7.51 27.12 -115.11
C ASP J 152 -6.05 27.55 -114.96
N LYS J 153 -5.14 26.70 -114.53
CA LYS J 153 -3.70 27.05 -114.69
C LYS J 153 -3.22 28.40 -114.09
N ILE J 154 -4.04 29.02 -113.25
CA ILE J 154 -3.67 30.28 -112.58
C ILE J 154 -4.42 30.44 -111.24
N ASP J 155 -3.73 30.94 -110.21
CA ASP J 155 -4.37 31.32 -108.94
C ASP J 155 -4.92 32.76 -109.00
N MET J 156 -6.23 32.86 -108.88
CA MET J 156 -6.99 34.11 -108.94
C MET J 156 -6.56 35.22 -107.97
N LYS J 157 -6.19 34.87 -106.73
CA LYS J 157 -5.68 35.88 -105.77
C LYS J 157 -4.16 35.98 -105.83
N ASP J 158 -3.46 34.86 -105.99
CA ASP J 158 -2.01 34.88 -105.82
C ASP J 158 -1.25 35.32 -107.07
N HIS J 159 -1.93 35.25 -108.21
CA HIS J 159 -1.33 35.63 -109.46
C HIS J 159 -1.96 36.85 -110.13
N THR J 160 -2.80 37.63 -109.43
CA THR J 160 -3.21 38.95 -109.95
C THR J 160 -2.03 39.90 -109.99
N ILE J 161 -2.19 41.00 -110.72
CA ILE J 161 -1.28 42.13 -110.63
C ILE J 161 -0.84 42.26 -109.18
N GLY J 162 0.47 42.12 -108.97
CA GLY J 162 1.03 42.10 -107.64
C GLY J 162 2.51 42.35 -107.71
N CYS J 163 3.19 42.10 -106.60
CA CYS J 163 4.52 42.63 -106.36
C CYS J 163 5.55 42.38 -107.46
N ALA J 164 5.43 41.24 -108.14
CA ALA J 164 6.42 40.82 -109.15
C ALA J 164 6.27 41.59 -110.48
N THR J 165 5.09 42.18 -110.69
CA THR J 165 4.86 43.00 -111.87
C THR J 165 5.82 44.18 -111.97
N CYS J 166 6.20 44.75 -110.81
CA CYS J 166 6.98 45.99 -110.79
C CYS J 166 8.27 45.93 -110.02
N HIS J 167 8.44 44.86 -109.25
CA HIS J 167 9.56 44.72 -108.35
C HIS J 167 10.36 43.46 -108.66
N ASP J 168 11.69 43.62 -108.67
CA ASP J 168 12.61 42.51 -108.59
C ASP J 168 12.42 41.83 -107.22
N PRO J 169 12.17 40.52 -107.21
CA PRO J 169 11.87 39.82 -105.95
C PRO J 169 13.02 39.78 -104.93
N GLN J 170 14.26 39.95 -105.39
CA GLN J 170 15.40 39.83 -104.52
C GLN J 170 15.85 41.16 -103.93
N THR J 171 15.79 42.20 -104.74
CA THR J 171 16.24 43.52 -104.30
C THR J 171 15.10 44.53 -104.15
N MET J 172 13.91 44.18 -104.62
CA MET J 172 12.74 45.10 -104.65
C MET J 172 12.92 46.31 -105.56
N GLU J 173 14.05 46.39 -106.25
CA GLU J 173 14.27 47.42 -107.24
C GLU J 173 13.18 47.37 -108.30
N LEU J 174 12.72 48.53 -108.77
CA LEU J 174 11.66 48.63 -109.76
C LEU J 174 12.11 48.15 -111.13
N ARG J 175 11.21 47.47 -111.83
CA ARG J 175 11.56 46.88 -113.11
C ARG J 175 10.38 46.92 -114.07
N ILE J 176 10.69 46.78 -115.34
CA ILE J 176 9.69 46.69 -116.39
C ILE J 176 9.68 45.24 -116.84
N THR J 177 8.53 44.60 -116.67
CA THR J 177 8.33 43.19 -117.01
C THR J 177 7.51 43.07 -118.29
N SER J 178 6.98 44.21 -118.73
CA SER J 178 6.18 44.34 -119.96
C SER J 178 6.95 44.06 -121.25
N VAL J 179 6.43 43.15 -122.07
CA VAL J 179 7.04 42.93 -123.39
C VAL J 179 6.90 44.17 -124.28
N PRO J 180 5.64 44.63 -124.55
CA PRO J 180 5.44 45.75 -125.47
C PRO J 180 6.00 47.11 -125.05
N LEU J 181 6.16 47.37 -123.75
CA LEU J 181 6.77 48.63 -123.32
C LEU J 181 8.27 48.58 -123.52
N THR J 182 8.86 47.42 -123.25
CA THR J 182 10.28 47.19 -123.50
C THR J 182 10.61 47.37 -124.98
N ASP J 183 9.79 46.79 -125.85
CA ASP J 183 9.92 46.99 -127.31
C ASP J 183 9.91 48.45 -127.67
N TYR J 184 9.01 49.21 -127.05
CA TYR J 184 8.90 50.62 -127.31
C TYR J 184 10.13 51.33 -126.81
N LEU J 185 10.54 50.99 -125.59
CA LEU J 185 11.71 51.62 -124.98
C LEU J 185 13.00 51.37 -125.75
N VAL J 186 13.21 50.12 -126.17
CA VAL J 186 14.37 49.75 -127.00
C VAL J 186 14.39 50.55 -128.32
N SER J 187 13.24 50.66 -128.97
CA SER J 187 13.09 51.47 -130.19
C SER J 187 13.43 52.96 -130.01
N GLN J 188 13.36 53.46 -128.78
CA GLN J 188 13.72 54.86 -128.51
C GLN J 188 15.17 54.96 -128.04
N GLY J 189 15.88 53.83 -128.11
CA GLY J 189 17.29 53.72 -127.72
C GLY J 189 17.52 53.74 -126.22
N LYS J 190 16.50 53.34 -125.45
CA LYS J 190 16.54 53.42 -123.99
C LYS J 190 16.78 52.06 -123.35
N ASP J 191 17.65 52.03 -122.33
CA ASP J 191 17.92 50.79 -121.57
C ASP J 191 16.91 50.72 -120.43
N PRO J 192 16.00 49.70 -120.46
CA PRO J 192 14.94 49.59 -119.44
C PRO J 192 15.44 49.25 -118.04
N LYS J 193 16.72 48.90 -117.93
CA LYS J 193 17.36 48.53 -116.67
C LYS J 193 18.13 49.70 -116.07
N LYS J 194 18.24 50.80 -116.83
CA LYS J 194 19.01 51.95 -116.37
C LYS J 194 18.22 53.26 -116.42
N LEU J 195 16.90 53.17 -116.30
CA LEU J 195 16.06 54.36 -116.41
C LEU J 195 16.09 55.20 -115.13
N PRO J 196 15.99 56.54 -115.28
CA PRO J 196 15.87 57.43 -114.11
C PRO J 196 14.64 57.13 -113.26
N ARG J 197 14.71 57.44 -111.96
CA ARG J 197 13.62 57.15 -111.03
C ARG J 197 12.29 57.85 -111.36
N ASN J 198 12.36 59.14 -111.68
CA ASN J 198 11.14 59.89 -111.97
C ASN J 198 10.44 59.35 -113.21
N GLU J 199 11.21 58.89 -114.21
CA GLU J 199 10.64 58.19 -115.35
C GLU J 199 9.99 56.84 -114.98
N MET J 200 10.68 56.03 -114.19
CA MET J 200 10.13 54.75 -113.71
C MET J 200 8.84 54.91 -112.88
N ARG J 201 8.72 56.00 -112.11
CA ARG J 201 7.49 56.23 -111.34
C ARG J 201 6.22 56.55 -112.16
N ALA J 202 6.39 56.59 -113.49
CA ALA J 202 5.24 56.57 -114.39
C ALA J 202 5.29 55.40 -115.37
N LEU J 203 6.49 55.02 -115.81
CA LEU J 203 6.63 53.83 -116.69
C LEU J 203 6.09 52.52 -116.08
N VAL J 204 6.22 52.32 -114.76
CA VAL J 204 5.59 51.11 -114.15
C VAL J 204 4.07 51.00 -114.42
N CYS J 205 3.39 52.13 -114.64
CA CYS J 205 1.94 52.10 -114.92
C CYS J 205 1.65 52.00 -116.38
N GLY J 206 2.45 52.72 -117.17
CA GLY J 206 2.45 52.62 -118.60
C GLY J 206 2.90 51.28 -119.16
N GLN J 207 3.08 50.30 -118.29
CA GLN J 207 3.20 48.94 -118.75
C GLN J 207 1.83 48.45 -119.21
N CYS J 208 0.76 49.06 -118.67
CA CYS J 208 -0.60 48.57 -118.87
C CYS J 208 -1.64 49.66 -119.14
N HIS J 209 -1.48 50.82 -118.51
CA HIS J 209 -2.45 51.90 -118.67
C HIS J 209 -2.23 52.70 -119.96
N VAL J 210 -2.45 52.01 -121.07
CA VAL J 210 -2.05 52.48 -122.39
C VAL J 210 -3.01 52.00 -123.45
N GLU J 211 -2.96 52.64 -124.61
CA GLU J 211 -3.57 52.15 -125.83
C GLU J 211 -2.63 51.11 -126.49
N TYR J 212 -3.21 50.03 -126.99
CA TYR J 212 -2.45 48.93 -127.58
C TYR J 212 -3.27 48.39 -128.75
N TYR J 213 -2.61 47.69 -129.67
CA TYR J 213 -3.32 46.78 -130.57
C TYR J 213 -2.60 45.44 -130.59
N PHE J 214 -3.21 44.43 -131.19
CA PHE J 214 -2.56 43.13 -131.44
C PHE J 214 -2.24 42.95 -132.94
N ASN J 215 -1.01 42.54 -133.26
CA ASN J 215 -0.64 42.26 -134.67
C ASN J 215 -1.61 41.29 -135.34
N GLY J 216 -1.91 41.55 -136.60
CA GLY J 216 -2.52 40.55 -137.44
C GLY J 216 -1.41 39.64 -137.98
N PRO J 217 -1.80 38.56 -138.68
CA PRO J 217 -0.92 37.49 -139.18
C PRO J 217 0.22 37.94 -140.07
N THR J 218 0.05 39.09 -140.75
CA THR J 218 1.04 39.61 -141.70
C THR J 218 1.78 40.86 -141.21
N MET J 219 1.55 41.27 -139.97
CA MET J 219 2.15 42.50 -139.43
C MET J 219 3.40 42.29 -138.59
N GLY J 220 3.68 41.03 -138.27
CA GLY J 220 4.81 40.66 -137.42
C GLY J 220 4.42 39.35 -136.78
N VAL J 221 4.93 39.11 -135.57
CA VAL J 221 4.46 37.98 -134.75
C VAL J 221 2.95 38.14 -134.47
N ASN J 222 2.19 37.13 -134.91
CA ASN J 222 0.73 37.11 -134.85
C ASN J 222 0.22 37.35 -133.45
N LYS J 223 -0.75 38.27 -133.34
CA LYS J 223 -1.47 38.62 -132.09
C LYS J 223 -0.61 39.13 -130.91
N LYS J 224 0.63 39.53 -131.20
CA LYS J 224 1.53 40.20 -130.26
C LYS J 224 1.11 41.65 -130.00
N PRO J 225 1.19 42.12 -128.72
CA PRO J 225 0.71 43.46 -128.41
C PRO J 225 1.73 44.55 -128.76
N VAL J 226 1.27 45.63 -129.36
CA VAL J 226 2.15 46.75 -129.71
C VAL J 226 1.54 48.06 -129.19
N PHE J 227 2.37 48.96 -128.69
CA PHE J 227 1.89 50.29 -128.33
C PHE J 227 2.11 51.22 -129.54
N PRO J 228 1.01 51.77 -130.11
CA PRO J 228 1.07 52.58 -131.36
C PRO J 228 1.73 53.96 -131.19
N TRP J 229 2.97 54.00 -130.74
CA TRP J 229 3.57 55.22 -130.24
C TRP J 229 4.64 55.87 -131.12
N ALA J 230 4.91 55.32 -132.31
CA ALA J 230 5.99 55.78 -133.19
C ALA J 230 5.80 57.20 -133.74
N GLU J 231 4.55 57.59 -133.94
CA GLU J 231 4.23 58.90 -134.52
C GLU J 231 4.06 59.98 -133.46
N GLY J 232 3.97 59.58 -132.20
CA GLY J 232 3.69 60.47 -131.06
C GLY J 232 2.50 59.96 -130.24
N PHE J 233 2.17 60.69 -129.17
CA PHE J 233 1.18 60.25 -128.17
C PHE J 233 -0.25 60.80 -128.34
N ASP J 234 -0.41 61.88 -129.09
CA ASP J 234 -1.72 62.52 -129.26
C ASP J 234 -2.67 61.69 -130.14
N PRO J 235 -3.99 61.92 -130.04
CA PRO J 235 -4.94 61.16 -130.88
C PRO J 235 -4.66 61.21 -132.39
N ALA J 236 -4.11 62.32 -132.89
CA ALA J 236 -3.86 62.48 -134.32
C ALA J 236 -2.58 61.75 -134.71
N ASP J 237 -1.63 61.69 -133.78
CA ASP J 237 -0.39 60.96 -133.99
C ASP J 237 -0.69 59.45 -134.12
N MET J 238 -1.50 58.92 -133.19
CA MET J 238 -1.91 57.52 -133.22
C MET J 238 -2.80 57.21 -134.40
N TYR J 239 -3.63 58.17 -134.80
CA TYR J 239 -4.49 57.96 -135.95
C TYR J 239 -3.71 57.84 -137.26
N ARG J 240 -2.66 58.64 -137.38
CA ARG J 240 -1.71 58.57 -138.50
C ARG J 240 -0.94 57.22 -138.47
N TYR J 241 -0.55 56.80 -137.27
CA TYR J 241 0.11 55.51 -137.08
C TYR J 241 -0.74 54.36 -137.64
N TYR J 242 -2.04 54.38 -137.38
CA TYR J 242 -2.97 53.34 -137.86
C TYR J 242 -3.34 53.46 -139.35
N ASP J 243 -2.95 54.56 -140.00
CA ASP J 243 -3.04 54.72 -141.45
C ASP J 243 -1.91 53.99 -142.16
N LYS J 244 -0.75 53.92 -141.49
CA LYS J 244 0.51 53.42 -142.05
C LYS J 244 0.79 51.95 -141.71
N HIS J 245 0.18 51.45 -140.63
CA HIS J 245 0.44 50.11 -140.15
C HIS J 245 -0.90 49.39 -140.02
N GLY J 246 -1.02 48.22 -140.62
CA GLY J 246 -2.31 47.51 -140.67
C GLY J 246 -2.44 46.65 -141.90
N ASP J 247 -3.55 45.95 -142.02
CA ASP J 247 -3.64 44.87 -143.02
C ASP J 247 -4.97 44.82 -143.82
N LEU J 248 -5.68 45.95 -143.85
CA LEU J 248 -6.99 46.00 -144.48
C LEU J 248 -6.84 45.89 -145.98
N GLN J 249 -7.84 45.29 -146.63
CA GLN J 249 -7.85 45.18 -148.07
C GLN J 249 -9.02 45.92 -148.73
N VAL J 250 -9.97 46.35 -147.91
CA VAL J 250 -11.08 47.21 -148.34
C VAL J 250 -10.62 48.41 -149.17
N LYS J 251 -11.35 48.70 -150.26
CA LYS J 251 -11.08 49.89 -151.10
C LYS J 251 -11.26 51.19 -150.31
N GLY J 252 -10.21 52.01 -150.30
CA GLY J 252 -10.17 53.26 -149.55
C GLY J 252 -9.35 53.18 -148.28
N PHE J 253 -9.20 51.94 -147.77
CA PHE J 253 -8.60 51.68 -146.48
C PHE J 253 -7.39 50.74 -146.55
N GLU J 254 -6.91 50.48 -147.77
CA GLU J 254 -5.80 49.56 -148.02
C GLU J 254 -4.59 49.79 -147.08
N GLY J 255 -4.28 48.78 -146.28
CA GLY J 255 -3.09 48.84 -145.42
C GLY J 255 -3.26 49.54 -144.08
N LYS J 256 -4.51 49.92 -143.77
CA LYS J 256 -4.83 50.63 -142.54
C LYS J 256 -5.24 49.60 -141.50
N PHE J 257 -5.07 49.96 -140.23
CA PHE J 257 -5.46 49.07 -139.13
C PHE J 257 -6.94 49.18 -138.80
N ALA J 258 -7.58 48.03 -138.57
CA ALA J 258 -8.93 48.00 -138.02
C ALA J 258 -9.09 46.89 -136.97
N ASP J 259 -9.76 47.22 -135.87
CA ASP J 259 -10.11 46.26 -134.80
C ASP J 259 -11.36 45.45 -135.16
N TRP J 260 -12.28 46.08 -135.86
CA TRP J 260 -13.44 45.40 -136.43
C TRP J 260 -14.09 46.29 -137.45
N THR J 261 -15.09 45.78 -138.15
CA THR J 261 -15.89 46.64 -139.00
C THR J 261 -17.33 46.65 -138.47
N HIS J 262 -17.86 47.88 -138.29
CA HIS J 262 -19.17 48.08 -137.70
C HIS J 262 -20.24 47.49 -138.61
N PRO J 263 -21.00 46.51 -138.13
CA PRO J 263 -21.96 45.82 -139.02
C PRO J 263 -23.10 46.66 -139.59
N ALA J 264 -23.43 47.78 -138.96
CA ALA J 264 -24.49 48.68 -139.47
C ALA J 264 -24.00 49.65 -140.55
N SER J 265 -22.91 50.38 -140.26
CA SER J 265 -22.41 51.37 -141.19
C SER J 265 -21.34 50.82 -142.14
N LYS J 266 -20.85 49.62 -141.83
CA LYS J 266 -19.76 48.95 -142.58
C LYS J 266 -18.45 49.70 -142.56
N THR J 267 -18.17 50.37 -141.44
CA THR J 267 -16.94 51.13 -141.32
C THR J 267 -15.84 50.31 -140.65
N PRO J 268 -14.61 50.33 -141.20
CA PRO J 268 -13.42 49.77 -140.51
C PRO J 268 -12.99 50.62 -139.31
N MET J 269 -13.21 50.10 -138.10
CA MET J 269 -13.03 50.88 -136.86
C MET J 269 -11.73 50.58 -136.09
N ILE J 270 -11.19 51.60 -135.44
CA ILE J 270 -10.18 51.42 -134.38
C ILE J 270 -10.84 51.54 -132.99
N LYS J 271 -10.56 50.57 -132.10
CA LYS J 271 -10.95 50.67 -130.69
C LYS J 271 -9.79 51.24 -129.84
N ALA J 272 -10.04 52.34 -129.11
CA ALA J 272 -9.05 52.83 -128.15
C ALA J 272 -9.28 52.19 -126.77
N GLN J 273 -8.21 52.09 -125.98
CA GLN J 273 -8.28 51.50 -124.65
C GLN J 273 -7.47 52.37 -123.69
N HIS J 274 -8.06 52.70 -122.55
CA HIS J 274 -7.36 53.38 -121.44
C HIS J 274 -6.01 54.01 -121.75
N PRO J 275 -5.97 55.06 -122.62
CA PRO J 275 -4.68 55.72 -122.88
C PRO J 275 -4.19 56.72 -121.81
N GLU J 276 -4.00 56.26 -120.58
CA GLU J 276 -3.66 57.13 -119.44
C GLU J 276 -2.26 57.68 -119.53
N TYR J 277 -1.29 56.81 -119.84
CA TYR J 277 0.10 57.24 -120.01
C TYR J 277 0.27 58.27 -121.13
N GLU J 278 -0.39 58.02 -122.27
CA GLU J 278 -0.31 58.87 -123.47
C GLU J 278 -1.07 60.18 -123.32
N THR J 279 -2.13 60.18 -122.53
CA THR J 279 -2.84 61.41 -122.15
C THR J 279 -2.04 62.21 -121.10
N TRP J 280 -1.54 61.50 -120.10
CA TRP J 280 -0.73 62.08 -119.03
C TRP J 280 0.58 62.80 -119.43
N ILE J 281 1.40 62.22 -120.33
CA ILE J 281 2.81 62.69 -120.57
C ILE J 281 2.96 64.14 -120.98
N ASN J 282 1.97 64.65 -121.72
CA ASN J 282 2.02 66.05 -122.15
C ASN J 282 0.93 66.98 -121.57
N GLY J 283 0.23 66.53 -120.52
CA GLY J 283 -0.70 67.36 -119.75
C GLY J 283 0.02 68.24 -118.74
N THR J 284 -0.70 69.13 -118.04
CA THR J 284 0.00 70.09 -117.17
C THR J 284 0.83 69.49 -116.05
N HIS J 285 0.41 68.36 -115.49
CA HIS J 285 1.21 67.62 -114.48
C HIS J 285 2.31 66.76 -115.10
N GLY J 286 1.96 65.95 -116.09
CA GLY J 286 2.93 65.14 -116.80
C GLY J 286 4.13 65.89 -117.37
N ALA J 287 3.85 67.00 -118.05
CA ALA J 287 4.90 67.86 -118.63
C ALA J 287 5.79 68.56 -117.58
N ALA J 288 5.24 68.76 -116.39
CA ALA J 288 5.98 69.32 -115.25
C ALA J 288 6.72 68.28 -114.40
N GLY J 289 6.64 67.01 -114.78
CA GLY J 289 7.42 65.94 -114.13
C GLY J 289 6.72 65.29 -112.94
N VAL J 290 5.41 65.57 -112.82
CA VAL J 290 4.55 64.97 -111.80
C VAL J 290 3.99 63.68 -112.40
N THR J 291 4.28 62.54 -111.75
CA THR J 291 4.08 61.20 -112.35
C THR J 291 2.90 60.54 -111.70
N CYS J 292 2.50 59.37 -112.21
CA CYS J 292 1.45 58.55 -111.58
C CYS J 292 1.68 58.25 -110.11
N ALA J 293 2.93 57.93 -109.77
CA ALA J 293 3.29 57.54 -108.39
C ALA J 293 3.09 58.67 -107.41
N ASP J 294 3.41 59.90 -107.81
CA ASP J 294 3.20 61.13 -107.02
C ASP J 294 1.78 61.32 -106.53
N CYS J 295 0.83 60.98 -107.38
CA CYS J 295 -0.57 61.18 -107.06
C CYS J 295 -1.29 59.96 -106.62
N HIS J 296 -0.84 58.79 -107.09
CA HIS J 296 -1.53 57.54 -106.85
C HIS J 296 -0.75 56.58 -105.95
N MET J 297 0.50 56.91 -105.62
CA MET J 297 1.25 56.09 -104.67
C MET J 297 1.92 57.05 -103.75
N SER J 298 1.13 57.98 -103.22
CA SER J 298 1.69 59.05 -102.45
C SER J 298 2.19 58.52 -101.11
N TYR J 299 3.17 59.20 -100.55
CA TYR J 299 3.66 58.87 -99.25
C TYR J 299 2.54 59.07 -98.24
N THR J 300 2.32 58.03 -97.45
CA THR J 300 1.30 58.01 -96.40
C THR J 300 2.03 57.72 -95.08
N ARG J 301 1.82 58.56 -94.08
CA ARG J 301 2.53 58.39 -92.81
C ARG J 301 1.69 57.54 -91.88
N SER J 302 1.67 56.24 -92.16
CA SER J 302 0.71 55.37 -91.51
C SER J 302 1.39 54.32 -90.63
N ASP J 303 2.72 54.27 -90.67
CA ASP J 303 3.51 53.35 -89.85
C ASP J 303 4.07 54.07 -88.60
N ASP J 304 3.26 54.15 -87.54
CA ASP J 304 3.36 55.26 -86.56
C ASP J 304 3.24 56.52 -87.41
N LYS J 305 4.30 57.32 -87.48
CA LYS J 305 4.31 58.47 -88.40
C LYS J 305 5.43 58.43 -89.46
N LYS J 306 5.90 57.25 -89.80
CA LYS J 306 6.89 57.13 -90.86
C LYS J 306 6.13 56.90 -92.17
N LYS J 307 6.67 57.47 -93.25
CA LYS J 307 6.12 57.30 -94.60
C LYS J 307 6.28 55.87 -95.08
N ILE J 308 5.22 55.39 -95.71
CA ILE J 308 5.20 54.24 -96.56
C ILE J 308 4.70 54.78 -97.92
N SER J 309 5.04 54.13 -99.03
CA SER J 309 4.37 54.43 -100.30
C SER J 309 3.00 53.73 -100.32
N SER J 310 1.92 54.49 -100.42
CA SER J 310 0.58 53.89 -100.63
C SER J 310 0.56 52.92 -101.80
N HIS J 311 0.02 51.71 -101.60
CA HIS J 311 -0.14 50.75 -102.70
C HIS J 311 -1.61 50.51 -102.96
N TRP J 312 -2.40 51.50 -102.57
CA TRP J 312 -3.81 51.52 -102.82
C TRP J 312 -3.94 52.44 -104.03
N TRP J 313 -4.15 51.80 -105.19
CA TRP J 313 -4.17 52.42 -106.52
C TRP J 313 -5.64 52.66 -106.81
N THR J 314 -6.05 53.91 -106.63
CA THR J 314 -7.45 54.26 -106.55
C THR J 314 -7.60 55.74 -106.92
N SER J 315 -8.83 56.24 -106.97
CA SER J 315 -9.08 57.67 -107.14
C SER J 315 -8.49 58.49 -105.97
N PRO J 316 -7.68 59.52 -106.27
CA PRO J 316 -7.20 60.40 -105.18
C PRO J 316 -8.30 61.19 -104.44
N MET J 317 -9.52 61.23 -105.00
CA MET J 317 -10.66 61.95 -104.42
C MET J 317 -11.42 61.18 -103.35
N LYS J 318 -11.01 59.93 -103.11
CA LYS J 318 -11.54 59.14 -102.03
C LYS J 318 -11.09 59.65 -100.66
N ASP J 319 -9.97 60.36 -100.61
CA ASP J 319 -9.49 60.99 -99.39
C ASP J 319 -10.09 62.40 -99.34
N PRO J 320 -10.89 62.70 -98.29
CA PRO J 320 -11.58 64.00 -98.26
C PRO J 320 -10.62 65.15 -97.96
N GLU J 321 -9.40 64.82 -97.54
CA GLU J 321 -8.39 65.81 -97.20
C GLU J 321 -7.26 65.93 -98.23
N MET J 322 -7.39 65.17 -99.33
CA MET J 322 -6.55 65.28 -100.55
C MET J 322 -5.07 65.29 -100.25
N ARG J 323 -4.64 64.33 -99.45
CA ARG J 323 -3.33 64.34 -98.86
C ARG J 323 -2.22 64.26 -99.91
N ALA J 324 -2.50 63.55 -100.99
CA ALA J 324 -1.56 63.42 -102.10
C ALA J 324 -1.25 64.76 -102.75
N CYS J 325 -2.21 65.69 -102.69
CA CYS J 325 -2.17 66.95 -103.44
C CYS J 325 -1.62 68.12 -102.66
N ARG J 326 -1.60 67.99 -101.34
CA ARG J 326 -1.51 69.12 -100.44
C ARG J 326 -0.14 69.38 -99.85
N GLN J 327 0.89 68.80 -100.47
CA GLN J 327 2.26 69.22 -100.20
C GLN J 327 2.66 70.18 -101.31
N CYS J 328 2.28 69.81 -102.54
CA CYS J 328 2.54 70.59 -103.72
C CYS J 328 1.62 71.77 -103.78
N HIS J 329 0.39 71.58 -103.30
CA HIS J 329 -0.62 72.61 -103.22
C HIS J 329 -1.08 72.87 -101.78
N SER J 330 -0.13 73.00 -100.84
CA SER J 330 -0.44 73.21 -99.41
C SER J 330 -1.21 74.49 -99.12
N ASP J 331 -1.11 75.45 -100.05
CA ASP J 331 -1.83 76.72 -99.96
C ASP J 331 -3.32 76.63 -100.37
N LYS J 332 -3.74 75.47 -100.88
CA LYS J 332 -5.14 75.25 -101.27
C LYS J 332 -5.81 74.25 -100.31
N THR J 333 -7.09 74.48 -100.04
CA THR J 333 -7.88 73.51 -99.28
C THR J 333 -8.20 72.29 -100.13
N PRO J 334 -8.52 71.15 -99.48
CA PRO J 334 -9.05 69.96 -100.14
C PRO J 334 -10.25 70.26 -101.05
N ASP J 335 -11.16 71.10 -100.57
CA ASP J 335 -12.39 71.43 -101.28
C ASP J 335 -12.15 72.29 -102.52
N TYR J 336 -11.19 73.21 -102.41
CA TYR J 336 -10.70 73.95 -103.55
C TYR J 336 -10.11 73.04 -104.63
N LEU J 337 -9.17 72.18 -104.25
CA LEU J 337 -8.56 71.25 -105.18
C LEU J 337 -9.63 70.40 -105.88
N LYS J 338 -10.62 69.93 -105.13
CA LYS J 338 -11.74 69.13 -105.68
C LYS J 338 -12.65 69.89 -106.62
N SER J 339 -12.88 71.18 -106.34
CA SER J 339 -13.70 72.02 -107.21
C SER J 339 -13.01 72.23 -108.56
N ARG J 340 -11.68 72.23 -108.56
CA ARG J 340 -10.91 72.44 -109.80
C ARG J 340 -10.79 71.18 -110.66
N VAL J 341 -10.77 70.02 -110.02
CA VAL J 341 -10.90 68.74 -110.75
C VAL J 341 -12.26 68.64 -111.46
N LEU J 342 -13.34 68.89 -110.70
CA LEU J 342 -14.70 68.83 -111.22
C LEU J 342 -15.00 69.86 -112.31
N PHE J 343 -14.30 71.00 -112.26
CA PHE J 343 -14.37 72.07 -113.28
C PHE J 343 -14.01 71.45 -114.64
N THR J 344 -12.96 70.63 -114.67
CA THR J 344 -12.56 69.91 -115.88
C THR J 344 -13.46 68.73 -116.24
N GLN J 345 -13.77 67.87 -115.25
CA GLN J 345 -14.48 66.62 -115.51
C GLN J 345 -15.92 66.76 -116.00
N LYS J 346 -16.64 67.71 -115.42
CA LYS J 346 -18.03 67.95 -115.81
C LYS J 346 -18.14 68.40 -117.26
N ARG J 347 -17.28 69.33 -117.65
CA ARG J 347 -17.25 69.81 -119.03
C ARG J 347 -16.79 68.73 -119.99
N THR J 348 -15.83 67.92 -119.55
CA THR J 348 -15.33 66.81 -120.34
C THR J 348 -16.41 65.76 -120.56
N PHE J 349 -17.20 65.50 -119.52
CA PHE J 349 -18.22 64.47 -119.58
C PHE J 349 -19.46 64.88 -120.38
N ASP J 350 -19.93 66.10 -120.18
CA ASP J 350 -21.04 66.61 -120.98
C ASP J 350 -20.70 66.64 -122.47
N LEU J 351 -19.46 67.00 -122.80
CA LEU J 351 -18.99 67.03 -124.21
C LEU J 351 -18.79 65.64 -124.83
N LEU J 352 -18.31 64.69 -124.02
CA LEU J 352 -18.16 63.30 -124.46
C LEU J 352 -19.49 62.73 -124.92
N LEU J 353 -20.52 62.94 -124.11
CA LEU J 353 -21.83 62.37 -124.37
C LEU J 353 -22.45 62.94 -125.65
N ALA J 354 -22.14 64.19 -125.94
CA ALA J 354 -22.62 64.87 -127.13
C ALA J 354 -21.91 64.34 -128.37
N ALA J 355 -20.60 64.15 -128.22
CA ALA J 355 -19.74 63.61 -129.28
C ALA J 355 -20.11 62.16 -129.63
N GLN J 356 -20.49 61.39 -128.62
CA GLN J 356 -21.04 60.04 -128.84
C GLN J 356 -22.40 60.06 -129.56
N GLU J 357 -23.19 61.11 -129.37
CA GLU J 357 -24.50 61.22 -130.02
C GLU J 357 -24.39 61.49 -131.52
N VAL J 358 -23.49 62.39 -131.90
CA VAL J 358 -23.24 62.68 -133.31
C VAL J 358 -22.49 61.51 -134.01
N SER J 359 -21.69 60.77 -133.23
CA SER J 359 -21.08 59.49 -133.68
C SER J 359 -22.12 58.47 -134.07
N VAL J 360 -23.13 58.27 -133.21
CA VAL J 360 -24.26 57.40 -133.55
C VAL J 360 -25.03 57.87 -134.79
N LYS J 361 -25.23 59.19 -134.91
CA LYS J 361 -25.92 59.76 -136.05
C LYS J 361 -25.12 59.58 -137.32
N ALA J 362 -23.80 59.74 -137.25
CA ALA J 362 -22.88 59.40 -138.34
C ALA J 362 -22.99 57.93 -138.82
N HIS J 363 -23.04 56.96 -137.91
CA HIS J 363 -23.18 55.53 -138.27
C HIS J 363 -24.51 55.30 -138.98
N GLU J 364 -25.54 55.99 -138.50
CA GLU J 364 -26.90 55.90 -139.02
C GLU J 364 -27.05 56.54 -140.42
N ALA J 365 -26.38 57.66 -140.64
CA ALA J 365 -26.39 58.34 -141.93
C ALA J 365 -25.68 57.49 -142.97
N VAL J 366 -24.55 56.88 -142.59
CA VAL J 366 -23.78 56.00 -143.46
C VAL J 366 -24.56 54.70 -143.73
N ARG J 367 -25.24 54.19 -142.71
CA ARG J 367 -26.07 53.01 -142.88
C ARG J 367 -27.24 53.24 -143.85
N LEU J 368 -27.94 54.38 -143.70
CA LEU J 368 -29.07 54.74 -144.57
C LEU J 368 -28.59 55.00 -146.01
N ALA J 369 -27.45 55.66 -146.14
CA ALA J 369 -26.85 55.97 -147.42
C ALA J 369 -26.43 54.69 -148.14
N ASN J 370 -25.92 53.72 -147.37
CA ASN J 370 -25.46 52.42 -147.86
C ASN J 370 -26.60 51.56 -148.42
N GLU J 371 -27.79 51.69 -147.84
CA GLU J 371 -28.96 50.93 -148.28
C GLU J 371 -29.93 51.75 -149.15
N TYR J 372 -29.47 52.93 -149.58
CA TYR J 372 -30.32 53.90 -150.26
C TYR J 372 -30.78 53.45 -151.65
N GLN J 373 -32.08 53.57 -151.90
CA GLN J 373 -32.64 53.12 -153.16
C GLN J 373 -32.86 54.24 -154.20
N GLY J 374 -32.98 55.48 -153.73
CA GLY J 374 -33.18 56.62 -154.63
C GLY J 374 -31.98 56.98 -155.49
N ALA J 375 -32.05 58.14 -156.12
CA ALA J 375 -30.98 58.60 -157.00
C ALA J 375 -29.76 59.03 -156.20
N LYS J 376 -28.59 58.57 -156.63
CA LYS J 376 -27.34 58.87 -155.91
C LYS J 376 -26.48 59.83 -156.70
N ALA J 377 -25.63 60.56 -155.96
CA ALA J 377 -24.55 61.34 -156.55
C ALA J 377 -23.72 60.51 -157.54
N ALA J 378 -23.15 61.17 -158.56
CA ALA J 378 -22.24 60.48 -159.48
C ALA J 378 -21.00 59.96 -158.73
N GLY J 379 -20.52 60.72 -157.76
CA GLY J 379 -19.35 60.32 -156.98
C GLY J 379 -19.68 59.55 -155.71
N TYR J 380 -20.76 58.77 -155.74
CA TYR J 380 -21.32 58.05 -154.58
C TYR J 380 -20.32 57.14 -153.84
N ASP J 381 -19.53 56.37 -154.60
CA ASP J 381 -18.56 55.43 -154.01
C ASP J 381 -17.36 56.11 -153.36
N ASP J 382 -16.82 57.15 -154.01
CA ASP J 382 -15.78 57.97 -153.38
C ASP J 382 -16.24 58.73 -152.12
N LEU J 383 -17.51 59.16 -152.11
CA LEU J 383 -18.07 59.92 -150.98
C LEU J 383 -18.44 59.02 -149.79
N MET J 384 -18.83 57.78 -150.07
CA MET J 384 -19.05 56.78 -149.03
C MET J 384 -17.74 56.35 -148.35
N ILE J 385 -16.64 56.25 -149.10
CA ILE J 385 -15.33 55.97 -148.52
C ILE J 385 -14.86 57.14 -147.66
N GLN J 386 -15.12 58.36 -148.12
CA GLN J 386 -14.82 59.55 -147.33
C GLN J 386 -15.66 59.67 -146.04
N ALA J 387 -16.94 59.31 -146.12
CA ALA J 387 -17.87 59.35 -145.00
C ALA J 387 -17.41 58.36 -143.96
N ARG J 388 -17.24 57.10 -144.39
CA ARG J 388 -16.71 56.03 -143.53
C ARG J 388 -15.39 56.38 -142.87
N GLU J 389 -14.46 57.00 -143.61
CA GLU J 389 -13.22 57.52 -143.01
C GLU J 389 -13.47 58.52 -141.88
N MET J 390 -14.56 59.28 -141.99
CA MET J 390 -14.90 60.28 -140.97
C MET J 390 -15.59 59.68 -139.77
N VAL J 391 -16.44 58.68 -140.01
CA VAL J 391 -16.98 57.85 -138.92
C VAL J 391 -15.84 57.25 -138.06
N ARG J 392 -14.86 56.65 -138.72
CA ARG J 392 -13.72 56.01 -138.10
C ARG J 392 -12.83 56.96 -137.33
N LYS J 393 -12.54 58.11 -137.92
CA LYS J 393 -11.71 59.10 -137.24
C LYS J 393 -12.45 59.76 -136.07
N GLY J 394 -13.74 60.03 -136.25
CA GLY J 394 -14.54 60.67 -135.21
C GLY J 394 -14.65 59.79 -133.98
N GLN J 395 -15.06 58.54 -134.20
CA GLN J 395 -15.12 57.55 -133.14
C GLN J 395 -13.78 57.31 -132.41
N PHE J 396 -12.68 57.22 -133.13
CA PHE J 396 -11.38 57.06 -132.50
C PHE J 396 -11.06 58.23 -131.57
N PHE J 397 -11.38 59.43 -132.02
CA PHE J 397 -11.18 60.63 -131.21
C PHE J 397 -12.00 60.65 -129.91
N TRP J 398 -13.31 60.35 -129.95
CA TRP J 398 -14.08 60.33 -128.69
C TRP J 398 -13.69 59.15 -127.77
N ASP J 399 -13.37 58.01 -128.38
CA ASP J 399 -13.06 56.76 -127.67
C ASP J 399 -11.77 56.92 -126.89
N TYR J 400 -10.83 57.69 -127.47
CA TYR J 400 -9.56 57.99 -126.82
C TYR J 400 -9.78 58.75 -125.50
N VAL J 401 -10.86 59.52 -125.44
CA VAL J 401 -11.19 60.28 -124.21
C VAL J 401 -12.12 59.46 -123.30
N SER J 402 -13.15 58.88 -123.89
CA SER J 402 -14.07 58.00 -123.17
C SER J 402 -13.37 56.89 -122.38
N ALA J 403 -12.40 56.23 -123.02
CA ALA J 403 -11.68 55.10 -122.50
C ALA J 403 -10.73 55.46 -121.37
N GLU J 404 -10.37 56.74 -121.28
CA GLU J 404 -9.35 57.27 -120.38
C GLU J 404 -9.96 57.60 -119.01
N ASN J 405 -9.28 57.21 -117.94
CA ASN J 405 -9.94 57.13 -116.63
C ASN J 405 -10.07 58.39 -115.77
N SER J 406 -9.39 59.47 -116.12
CA SER J 406 -9.42 60.65 -115.27
C SER J 406 -10.53 61.66 -115.61
N VAL J 407 -11.40 61.30 -116.57
CA VAL J 407 -12.46 62.17 -117.12
C VAL J 407 -11.97 63.58 -117.47
N GLY J 408 -10.80 63.65 -118.11
CA GLY J 408 -10.22 64.91 -118.50
C GLY J 408 -9.14 65.45 -117.57
N PHE J 409 -9.13 65.06 -116.30
CA PHE J 409 -8.17 65.64 -115.36
C PHE J 409 -6.66 65.50 -115.70
N HIS J 410 -6.22 64.36 -116.24
CA HIS J 410 -4.79 64.20 -116.63
C HIS J 410 -4.28 65.19 -117.69
N ASN J 411 -5.14 65.57 -118.63
CA ASN J 411 -4.80 66.54 -119.67
C ASN J 411 -6.06 67.27 -120.09
N PRO J 412 -6.49 68.28 -119.32
CA PRO J 412 -7.77 68.91 -119.66
C PRO J 412 -7.83 69.49 -121.09
N ALA J 413 -6.82 70.25 -121.50
CA ALA J 413 -6.75 70.84 -122.88
C ALA J 413 -6.82 69.85 -124.02
N LYS J 414 -6.02 68.78 -123.96
CA LYS J 414 -6.08 67.70 -124.96
C LYS J 414 -7.44 66.98 -124.97
N ALA J 415 -7.98 66.68 -123.79
CA ALA J 415 -9.30 66.04 -123.71
C ALA J 415 -10.39 66.84 -124.45
N LEU J 416 -10.56 68.10 -124.10
CA LEU J 416 -11.57 69.00 -124.73
C LEU J 416 -11.31 69.26 -126.23
N ASP J 417 -10.09 69.63 -126.55
CA ASP J 417 -9.65 69.66 -127.94
C ASP J 417 -10.05 68.40 -128.72
N THR J 418 -9.73 67.22 -128.20
CA THR J 418 -9.94 65.95 -128.90
C THR J 418 -11.42 65.68 -129.15
N LEU J 419 -12.24 65.96 -128.15
CA LEU J 419 -13.68 65.78 -128.24
C LEU J 419 -14.35 66.76 -129.22
N ALA J 420 -13.88 68.00 -129.24
CA ALA J 420 -14.35 68.99 -130.20
C ALA J 420 -14.05 68.54 -131.66
N GLN J 421 -12.87 67.98 -131.90
CA GLN J 421 -12.50 67.48 -133.22
C GLN J 421 -13.34 66.28 -133.57
N SER J 422 -13.52 65.36 -132.64
CA SER J 422 -14.37 64.20 -132.87
C SER J 422 -15.72 64.59 -133.50
N GLN J 423 -16.42 65.53 -132.87
CA GLN J 423 -17.64 66.17 -133.40
C GLN J 423 -17.61 66.64 -134.86
N GLN J 424 -16.54 67.38 -135.20
CA GLN J 424 -16.23 67.84 -136.56
C GLN J 424 -16.15 66.68 -137.54
N PHE J 425 -15.33 65.66 -137.21
CA PHE J 425 -15.17 64.48 -138.07
C PHE J 425 -16.49 63.75 -138.26
N SER J 426 -17.23 63.52 -137.18
CA SER J 426 -18.50 62.80 -137.26
C SER J 426 -19.56 63.56 -138.08
N GLN J 427 -19.61 64.88 -137.94
CA GLN J 427 -20.57 65.72 -138.69
C GLN J 427 -20.22 65.77 -140.17
N LYS J 428 -18.92 65.89 -140.47
CA LYS J 428 -18.40 65.65 -141.82
C LYS J 428 -18.88 64.35 -142.46
N ALA J 429 -18.95 63.24 -141.70
CA ALA J 429 -19.52 61.97 -142.20
C ALA J 429 -21.00 62.09 -142.64
N ILE J 430 -21.80 62.74 -141.79
CA ILE J 430 -23.23 62.98 -142.04
C ILE J 430 -23.41 63.82 -143.31
N ASP J 431 -22.61 64.87 -143.42
CA ASP J 431 -22.62 65.75 -144.56
C ASP J 431 -22.31 64.98 -145.86
N LEU J 432 -21.26 64.16 -145.84
CA LEU J 432 -20.86 63.35 -147.00
C LEU J 432 -21.88 62.29 -147.39
N ALA J 433 -22.46 61.61 -146.40
CA ALA J 433 -23.48 60.59 -146.66
C ALA J 433 -24.78 61.20 -147.23
N MET J 434 -25.08 62.43 -146.82
CA MET J 434 -26.21 63.18 -147.33
C MET J 434 -25.98 63.62 -148.78
N GLU J 435 -24.80 64.18 -149.04
CA GLU J 435 -24.36 64.48 -150.39
C GLU J 435 -24.42 63.24 -151.30
N ALA J 436 -23.84 62.12 -150.84
CA ALA J 436 -23.88 60.83 -151.55
C ALA J 436 -25.28 60.46 -152.08
N THR J 437 -26.33 60.82 -151.35
CA THR J 437 -27.68 60.36 -151.65
C THR J 437 -28.58 61.48 -152.19
N GLN J 438 -27.98 62.60 -152.57
CA GLN J 438 -28.70 63.78 -153.05
C GLN J 438 -29.73 64.24 -152.02
N TYR J 439 -29.30 64.20 -150.76
CA TYR J 439 -30.06 64.68 -149.59
C TYR J 439 -31.33 63.86 -149.30
N GLY J 440 -31.43 62.71 -149.98
CA GLY J 440 -32.57 61.79 -149.87
C GLY J 440 -32.75 61.05 -148.55
N ILE J 441 -31.70 61.03 -147.72
CA ILE J 441 -31.75 60.39 -146.40
C ILE J 441 -32.07 61.40 -145.28
N GLY J 442 -32.17 62.67 -145.64
CA GLY J 442 -32.47 63.73 -144.68
C GLY J 442 -33.70 63.42 -143.87
N LYS J 443 -34.80 63.08 -144.56
CA LYS J 443 -36.08 62.77 -143.95
C LYS J 443 -35.99 61.76 -142.81
N ASP J 444 -35.01 60.86 -142.89
CA ASP J 444 -34.82 59.78 -141.92
C ASP J 444 -33.83 60.14 -140.81
N LEU J 445 -33.28 61.35 -140.83
CA LEU J 445 -32.34 61.82 -139.79
C LEU J 445 -32.84 63.07 -139.03
N SER J 446 -34.15 63.29 -139.01
CA SER J 446 -34.73 64.55 -138.48
C SER J 446 -34.93 64.66 -136.97
N GLY J 447 -35.44 63.62 -136.35
CA GLY J 447 -35.75 63.70 -134.91
C GLY J 447 -34.58 63.95 -133.95
N ASP J 448 -34.82 63.63 -132.68
CA ASP J 448 -33.75 63.47 -131.71
C ASP J 448 -33.07 62.15 -132.08
N ILE J 449 -31.74 62.12 -132.08
CA ILE J 449 -31.01 60.88 -132.38
C ILE J 449 -31.44 59.71 -131.49
N LYS J 450 -31.88 60.03 -130.27
CA LYS J 450 -32.31 59.03 -129.29
C LYS J 450 -33.68 58.45 -129.62
N THR J 451 -34.38 59.07 -130.57
CA THR J 451 -35.64 58.52 -131.10
C THR J 451 -35.41 57.62 -132.32
N ILE J 452 -34.60 58.10 -133.25
CA ILE J 452 -34.29 57.41 -134.49
C ILE J 452 -33.49 56.12 -134.19
N VAL J 453 -32.45 56.27 -133.36
CA VAL J 453 -31.64 55.12 -132.91
C VAL J 453 -31.61 55.03 -131.39
N PRO J 454 -32.57 54.28 -130.79
CA PRO J 454 -32.59 54.10 -129.33
C PRO J 454 -31.28 53.50 -128.81
N PRO J 455 -30.85 53.92 -127.60
CA PRO J 455 -29.69 53.28 -126.98
C PRO J 455 -29.93 51.80 -126.67
N ILE J 456 -28.90 50.97 -126.85
CA ILE J 456 -28.98 49.55 -126.52
C ILE J 456 -28.55 49.35 -125.07
N LEU J 457 -29.50 49.04 -124.20
CA LEU J 457 -29.21 48.87 -122.78
C LEU J 457 -28.66 47.48 -122.51
N LYS J 458 -29.32 46.46 -123.09
CA LYS J 458 -28.99 45.06 -122.86
C LYS J 458 -28.42 44.35 -124.09
N MET J 459 -27.26 43.75 -123.90
CA MET J 459 -26.68 42.80 -124.86
C MET J 459 -25.65 41.96 -124.13
N ASN J 460 -25.80 40.64 -124.24
CA ASN J 460 -24.77 39.68 -123.84
C ASN J 460 -24.84 38.50 -124.79
N ARG J 461 -23.94 37.52 -124.61
CA ARG J 461 -23.83 36.37 -125.51
C ARG J 461 -24.98 35.39 -125.34
N LYS J 462 -25.59 35.39 -124.17
CA LYS J 462 -26.77 34.57 -123.93
C LYS J 462 -27.99 35.12 -124.68
N LEU J 463 -28.17 36.45 -124.59
CA LEU J 463 -29.28 37.15 -125.25
C LEU J 463 -29.18 37.07 -126.76
N GLN J 464 -27.96 37.11 -127.30
CA GLN J 464 -27.77 36.95 -128.74
C GLN J 464 -28.16 35.55 -129.27
N GLN J 465 -28.52 34.63 -128.37
CA GLN J 465 -29.02 33.29 -128.75
C GLN J 465 -30.54 33.28 -128.96
N ASP J 466 -31.23 34.25 -128.35
CA ASP J 466 -32.68 34.38 -128.42
C ASP J 466 -33.06 35.14 -129.69
N PRO J 467 -33.77 34.47 -130.63
CA PRO J 467 -34.16 35.15 -131.87
C PRO J 467 -35.25 36.20 -131.68
N GLU J 468 -36.10 36.03 -130.67
CA GLU J 468 -37.14 37.02 -130.37
C GLU J 468 -36.59 38.33 -129.78
N PHE J 469 -35.47 38.24 -129.06
CA PHE J 469 -34.72 39.39 -128.55
C PHE J 469 -34.02 40.15 -129.67
N MET J 470 -33.48 39.41 -130.63
CA MET J 470 -32.75 40.00 -131.75
C MET J 470 -33.66 40.71 -132.77
N LYS J 471 -34.94 40.82 -132.42
CA LYS J 471 -35.94 41.52 -133.22
C LYS J 471 -36.33 42.85 -132.57
N THR J 472 -35.79 43.12 -131.37
CA THR J 472 -36.22 44.26 -130.56
C THR J 472 -35.42 45.56 -130.80
N HIS J 473 -34.42 45.50 -131.69
CA HIS J 473 -33.69 46.70 -132.13
C HIS J 473 -33.38 46.60 -133.61
N LYS J 474 -33.49 47.74 -134.31
CA LYS J 474 -33.25 47.80 -135.76
C LYS J 474 -31.80 47.44 -136.15
N TRP J 475 -30.86 47.74 -135.26
CA TRP J 475 -29.45 47.45 -135.51
C TRP J 475 -29.07 45.98 -135.22
N PHE J 476 -29.98 45.25 -134.55
CA PHE J 476 -29.75 43.81 -134.30
C PHE J 476 -29.85 43.00 -135.59
N GLN J 477 -30.49 43.55 -136.62
CA GLN J 477 -30.60 42.85 -137.89
C GLN J 477 -29.27 42.69 -138.65
N TYR J 478 -28.22 43.37 -138.19
CA TYR J 478 -26.88 43.27 -138.79
C TYR J 478 -26.00 42.28 -138.04
N LEU J 479 -26.55 41.76 -136.94
CA LEU J 479 -25.90 40.78 -136.10
C LEU J 479 -26.46 39.38 -136.37
N PRO J 480 -25.59 38.35 -136.32
CA PRO J 480 -26.02 36.96 -136.33
C PRO J 480 -26.75 36.57 -135.05
N VAL J 481 -27.78 35.73 -135.19
CA VAL J 481 -28.35 35.01 -134.05
C VAL J 481 -27.44 33.83 -133.74
N LEU J 482 -26.89 33.84 -132.53
CA LEU J 482 -25.90 32.83 -132.12
C LEU J 482 -26.55 31.47 -131.90
N PRO J 483 -25.77 30.38 -132.14
CA PRO J 483 -26.31 29.04 -131.90
C PRO J 483 -26.66 28.82 -130.42
N LYS J 484 -27.76 28.11 -130.18
CA LYS J 484 -28.17 27.73 -128.82
C LYS J 484 -27.02 27.01 -128.15
N ALA J 485 -26.61 27.49 -126.98
CA ALA J 485 -25.41 26.98 -126.30
C ALA J 485 -25.49 27.10 -124.80
N ASP J 486 -25.01 26.06 -124.13
CA ASP J 486 -24.93 26.08 -122.69
C ASP J 486 -23.58 26.66 -122.29
N GLN J 487 -23.56 27.32 -121.13
CA GLN J 487 -22.34 27.88 -120.59
C GLN J 487 -21.33 26.77 -120.31
N VAL J 488 -20.12 26.93 -120.82
CA VAL J 488 -19.05 25.94 -120.67
C VAL J 488 -18.18 26.28 -119.46
N TRP J 489 -17.97 27.57 -119.23
CA TRP J 489 -17.10 28.03 -118.15
C TRP J 489 -17.86 28.91 -117.16
N ASP J 490 -17.60 28.71 -115.88
CA ASP J 490 -18.10 29.60 -114.82
C ASP J 490 -16.89 29.96 -113.98
N GLY J 491 -16.31 31.14 -114.25
CA GLY J 491 -15.02 31.50 -113.68
C GLY J 491 -13.93 30.58 -114.19
N GLN J 492 -13.35 29.79 -113.29
CA GLN J 492 -12.31 28.81 -113.64
C GLN J 492 -12.87 27.40 -113.81
N LYS J 493 -14.15 27.21 -113.48
CA LYS J 493 -14.80 25.90 -113.49
C LYS J 493 -15.50 25.58 -114.81
N ARG J 494 -15.30 24.35 -115.29
CA ARG J 494 -16.11 23.79 -116.36
C ARG J 494 -17.45 23.31 -115.82
N LEU J 495 -18.53 23.53 -116.57
CA LEU J 495 -19.87 23.08 -116.17
C LEU J 495 -20.28 21.81 -116.91
N ALA K 1 25.10 94.49 -87.33
CA ALA K 1 23.70 94.26 -86.85
C ALA K 1 22.64 95.07 -87.64
N GLY K 2 21.62 95.57 -86.93
CA GLY K 2 20.35 95.97 -87.54
C GLY K 2 19.35 94.96 -86.99
N CYS K 3 18.31 95.42 -86.29
CA CYS K 3 17.64 94.54 -85.32
C CYS K 3 16.23 94.88 -84.82
N SER K 4 15.21 94.63 -85.64
CA SER K 4 13.82 94.52 -85.16
C SER K 4 13.03 93.66 -86.14
N ASP K 5 12.04 92.94 -85.63
CA ASP K 5 11.38 91.90 -86.39
C ASP K 5 10.53 92.46 -87.52
N VAL K 6 10.39 91.69 -88.60
CA VAL K 6 9.54 92.04 -89.73
C VAL K 6 8.09 92.10 -89.30
N SER K 7 7.32 92.91 -90.00
CA SER K 7 5.88 92.96 -89.81
C SER K 7 5.25 92.09 -90.91
N THR K 8 4.18 91.37 -90.58
CA THR K 8 3.46 90.57 -91.58
C THR K 8 2.23 91.32 -92.08
N GLU K 9 2.11 92.59 -91.68
CA GLU K 9 0.96 93.44 -92.01
C GLU K 9 0.93 93.83 -93.48
N LEU K 10 2.08 93.69 -94.16
CA LEU K 10 2.24 94.10 -95.56
C LEU K 10 1.58 95.46 -95.83
N LYS K 11 2.01 96.47 -95.06
CA LYS K 11 1.54 97.83 -95.25
C LYS K 11 2.11 98.37 -96.54
N THR K 12 1.19 98.79 -97.41
CA THR K 12 1.54 99.43 -98.67
C THR K 12 1.96 100.92 -98.44
N PRO K 13 2.97 101.42 -99.18
CA PRO K 13 3.37 102.83 -99.03
C PRO K 13 2.19 103.80 -99.15
N VAL K 14 2.19 104.83 -98.30
CA VAL K 14 1.19 105.91 -98.37
C VAL K 14 1.78 107.17 -99.03
N TYR K 15 0.94 107.92 -99.74
CA TYR K 15 1.36 109.08 -100.52
C TYR K 15 0.45 110.27 -100.24
N LYS K 16 1.06 111.46 -100.23
CA LYS K 16 0.34 112.73 -100.23
C LYS K 16 0.94 113.55 -101.35
N THR K 17 0.14 113.81 -102.38
CA THR K 17 0.59 114.52 -103.56
C THR K 17 0.18 116.00 -103.50
N LYS K 18 0.70 116.78 -104.45
CA LYS K 18 0.35 118.21 -104.58
C LYS K 18 -0.84 118.44 -105.52
N LEU K 19 -1.51 117.36 -105.95
CA LEU K 19 -2.57 117.44 -106.96
C LEU K 19 -3.93 117.71 -106.34
N THR K 20 -4.82 118.35 -107.11
CA THR K 20 -6.21 118.58 -106.67
C THR K 20 -7.04 117.30 -106.81
N ALA K 21 -8.24 117.32 -106.25
CA ALA K 21 -9.09 116.12 -106.16
C ALA K 21 -9.65 115.63 -107.50
N GLU K 22 -9.87 116.55 -108.45
CA GLU K 22 -10.44 116.17 -109.73
C GLU K 22 -9.44 116.29 -110.90
N GLU K 23 -8.15 116.27 -110.55
CA GLU K 23 -7.06 116.22 -111.53
C GLU K 23 -7.14 114.93 -112.38
N ILE K 24 -6.99 115.08 -113.69
CA ILE K 24 -7.07 113.96 -114.64
C ILE K 24 -6.02 113.97 -115.75
N ARG K 25 -5.10 114.94 -115.73
CA ARG K 25 -4.10 115.04 -116.82
C ARG K 25 -2.90 114.16 -116.55
N ASN K 26 -2.65 113.25 -117.47
CA ASN K 26 -1.56 112.28 -117.31
C ASN K 26 -0.21 112.93 -117.03
N SER K 27 0.04 114.07 -117.68
CA SER K 27 1.26 114.86 -117.49
C SER K 27 1.43 115.41 -116.07
N ALA K 28 0.32 115.62 -115.38
CA ALA K 28 0.34 116.16 -114.02
C ALA K 28 0.99 115.21 -112.99
N PHE K 29 1.01 113.91 -113.32
CA PHE K 29 1.52 112.90 -112.40
C PHE K 29 3.02 112.65 -112.61
N LYS K 30 3.53 113.00 -113.79
CA LYS K 30 4.93 112.76 -114.13
C LYS K 30 5.95 113.32 -113.12
N PRO K 31 5.85 114.62 -112.74
CA PRO K 31 6.85 115.15 -111.80
C PRO K 31 7.01 114.35 -110.50
N GLU K 32 5.91 113.91 -109.88
CA GLU K 32 5.97 113.16 -108.61
C GLU K 32 6.19 111.64 -108.68
N PHE K 33 5.85 111.03 -109.80
CA PHE K 33 6.03 109.58 -109.98
C PHE K 33 6.80 109.23 -111.27
N PRO K 34 8.08 109.67 -111.35
CA PRO K 34 8.83 109.50 -112.62
C PRO K 34 9.05 108.05 -113.05
N LYS K 35 9.19 107.15 -112.09
CA LYS K 35 9.40 105.72 -112.39
C LYS K 35 8.15 105.05 -113.00
N GLN K 36 6.99 105.22 -112.36
CA GLN K 36 5.74 104.66 -112.85
C GLN K 36 5.33 105.30 -114.18
N TYR K 37 5.57 106.60 -114.30
CA TYR K 37 5.29 107.32 -115.54
C TYR K 37 6.15 106.87 -116.71
N ALA K 38 7.45 106.69 -116.49
CA ALA K 38 8.36 106.18 -117.52
C ALA K 38 7.96 104.78 -118.01
N SER K 39 7.50 103.94 -117.07
CA SER K 39 7.05 102.58 -117.35
C SER K 39 5.75 102.60 -118.16
N TYR K 40 4.88 103.54 -117.82
CA TYR K 40 3.65 103.82 -118.54
C TYR K 40 3.89 104.21 -120.00
N GLU K 41 5.00 104.91 -120.23
CA GLU K 41 5.40 105.41 -121.54
C GLU K 41 5.93 104.29 -122.43
N ARG K 42 6.27 103.17 -121.79
CA ARG K 42 6.71 101.98 -122.54
C ARG K 42 5.58 101.37 -123.38
N ASN K 43 4.35 101.77 -123.11
CA ASN K 43 3.14 101.33 -123.83
C ASN K 43 3.05 101.88 -125.26
N ASP K 44 4.00 102.76 -125.60
CA ASP K 44 4.09 103.35 -126.93
C ASP K 44 4.72 102.42 -127.96
N GLU K 45 5.50 101.43 -127.48
CA GLU K 45 6.03 100.35 -128.33
C GLU K 45 4.89 99.68 -129.09
N THR K 46 4.98 99.72 -130.43
CA THR K 46 3.90 99.22 -131.28
C THR K 46 4.43 98.41 -132.47
N THR K 47 5.58 97.77 -132.29
CA THR K 47 6.24 97.00 -133.35
C THR K 47 6.39 95.51 -133.02
N VAL K 48 6.40 95.18 -131.73
CA VAL K 48 6.64 93.80 -131.30
C VAL K 48 5.38 92.94 -131.36
N MET K 49 5.57 91.77 -131.94
CA MET K 49 4.57 90.73 -132.06
C MET K 49 5.05 89.48 -131.30
N THR K 50 4.09 88.75 -130.75
CA THR K 50 4.32 87.39 -130.24
C THR K 50 3.62 86.43 -131.20
N GLU K 51 3.48 85.16 -130.81
CA GLU K 51 2.91 84.15 -131.70
C GLU K 51 1.48 84.48 -132.12
N TYR K 52 0.58 84.65 -131.15
CA TYR K 52 -0.81 84.98 -131.46
C TYR K 52 -1.17 86.44 -131.21
N LYS K 53 -0.34 87.12 -130.42
CA LYS K 53 -0.64 88.48 -129.98
C LYS K 53 0.53 89.44 -130.25
N GLY K 54 0.41 90.67 -129.74
CA GLY K 54 1.44 91.70 -129.90
C GLY K 54 0.84 93.09 -129.98
N SER K 55 1.69 94.09 -130.20
CA SER K 55 1.30 95.48 -130.14
C SER K 55 1.11 96.15 -131.52
N VAL K 56 1.16 95.35 -132.58
CA VAL K 56 0.94 95.87 -133.93
C VAL K 56 -0.56 95.85 -134.20
N PRO K 57 -1.17 97.03 -134.41
CA PRO K 57 -2.63 97.06 -134.57
C PRO K 57 -3.09 96.62 -135.96
N PHE K 58 -2.86 95.35 -136.30
CA PHE K 58 -3.23 94.81 -137.61
C PHE K 58 -4.72 94.56 -137.75
N ASN K 59 -5.19 94.35 -138.97
CA ASN K 59 -6.61 94.09 -139.22
C ASN K 59 -6.95 92.62 -138.93
N LYS K 60 -7.85 92.38 -138.00
CA LYS K 60 -8.02 91.02 -137.45
C LYS K 60 -8.62 89.97 -138.40
N ASN K 61 -9.36 90.41 -139.42
CA ASN K 61 -9.86 89.51 -140.46
C ASN K 61 -8.87 89.22 -141.62
N ASP K 62 -7.68 89.80 -141.54
CA ASP K 62 -6.78 89.86 -142.69
C ASP K 62 -5.57 88.92 -142.57
N ASN K 63 -5.68 87.73 -143.19
CA ASN K 63 -4.58 86.77 -143.22
C ASN K 63 -3.93 86.63 -144.61
N VAL K 64 -4.20 87.60 -145.47
CA VAL K 64 -3.67 87.66 -146.84
C VAL K 64 -2.42 88.55 -146.88
N ASN K 65 -2.58 89.79 -146.42
CA ASN K 65 -1.52 90.80 -146.42
C ASN K 65 -0.51 90.66 -145.29
N PRO K 66 0.72 91.21 -145.48
CA PRO K 66 1.74 91.14 -144.43
C PRO K 66 1.57 92.24 -143.39
N LEU K 67 2.30 92.14 -142.28
CA LEU K 67 2.31 93.16 -141.24
C LEU K 67 2.81 94.51 -141.78
N PRO K 68 2.21 95.64 -141.34
CA PRO K 68 1.20 95.81 -140.28
C PRO K 68 -0.28 95.69 -140.70
N GLU K 69 -0.56 95.27 -141.93
CA GLU K 69 -1.94 95.31 -142.42
C GLU K 69 -2.70 94.01 -142.15
N GLY K 70 -1.97 92.89 -142.17
CA GLY K 70 -2.54 91.59 -141.87
C GLY K 70 -1.57 90.81 -141.01
N TYR K 71 -1.87 89.53 -140.79
CA TYR K 71 -1.03 88.64 -139.99
C TYR K 71 -1.44 87.21 -140.31
N ARG K 72 -0.54 86.26 -140.06
CA ARG K 72 -0.73 84.84 -140.41
C ARG K 72 -1.82 84.16 -139.58
N HIS K 73 -1.97 84.63 -138.34
CA HIS K 73 -3.07 84.19 -137.50
C HIS K 73 -4.13 85.29 -137.45
N ALA K 74 -5.10 85.18 -138.35
CA ALA K 74 -6.18 86.15 -138.43
C ALA K 74 -7.44 85.35 -138.63
N GLN K 75 -8.57 86.02 -138.49
CA GLN K 75 -9.89 85.39 -138.57
C GLN K 75 -10.66 85.87 -139.81
N PRO K 76 -10.45 85.17 -140.96
CA PRO K 76 -10.91 85.58 -142.30
C PRO K 76 -12.40 85.87 -142.43
N TYR K 77 -13.20 85.38 -141.49
CA TYR K 77 -14.65 85.42 -141.64
C TYR K 77 -15.40 86.48 -140.82
N LEU K 78 -14.68 87.34 -140.12
CA LEU K 78 -15.30 88.31 -139.20
C LEU K 78 -16.31 89.29 -139.82
N LYS K 79 -15.98 89.84 -140.99
CA LYS K 79 -16.87 90.81 -141.66
C LYS K 79 -18.14 90.12 -142.17
N ASN K 80 -18.01 88.86 -142.60
CA ASN K 80 -19.21 88.06 -142.91
C ASN K 80 -20.11 87.92 -141.69
N LEU K 81 -19.49 87.69 -140.54
CA LEU K 81 -20.24 87.33 -139.34
C LEU K 81 -20.88 88.55 -138.69
N TRP K 82 -20.25 89.70 -138.91
CA TRP K 82 -20.69 90.99 -138.38
C TRP K 82 -21.35 91.89 -139.43
N LEU K 83 -21.85 91.28 -140.49
CA LEU K 83 -22.49 91.99 -141.59
C LEU K 83 -23.63 92.85 -141.03
N GLY K 84 -23.58 94.15 -141.32
CA GLY K 84 -24.64 95.07 -140.93
C GLY K 84 -24.51 95.64 -139.54
N TYR K 85 -23.29 95.58 -139.02
CA TYR K 85 -22.96 96.01 -137.68
C TYR K 85 -21.61 96.72 -137.82
N PRO K 86 -21.38 97.82 -137.07
CA PRO K 86 -20.13 98.60 -137.27
C PRO K 86 -18.81 97.82 -137.30
N PHE K 87 -18.80 96.59 -136.83
CA PHE K 87 -17.57 95.84 -136.72
C PHE K 87 -17.10 95.29 -138.07
N MET K 88 -18.01 95.28 -139.04
CA MET K 88 -17.67 94.99 -140.42
C MET K 88 -16.80 96.07 -141.09
N TYR K 89 -16.79 97.29 -140.56
CA TYR K 89 -16.00 98.39 -141.14
C TYR K 89 -14.54 98.36 -140.76
N GLU K 90 -14.25 98.04 -139.49
CA GLU K 90 -12.86 98.01 -139.00
C GLU K 90 -12.75 97.38 -137.60
N TYR K 91 -11.68 96.62 -137.37
CA TYR K 91 -11.45 95.92 -136.11
C TYR K 91 -10.00 95.46 -136.08
N ARG K 92 -9.21 96.09 -135.23
CA ARG K 92 -7.78 95.91 -135.21
C ARG K 92 -7.30 95.29 -133.89
N GLU K 93 -6.15 94.63 -133.92
CA GLU K 93 -5.50 94.13 -132.71
C GLU K 93 -5.31 95.28 -131.70
N ALA K 94 -5.73 95.07 -130.45
CA ALA K 94 -5.58 96.11 -129.41
C ALA K 94 -4.12 96.32 -129.05
N ARG K 95 -3.75 97.56 -128.75
CA ARG K 95 -2.40 97.89 -128.32
C ARG K 95 -2.39 98.77 -127.04
N GLY K 96 -1.25 99.42 -126.77
CA GLY K 96 -1.03 100.12 -125.50
C GLY K 96 -2.08 101.15 -125.15
N HIS K 97 -2.25 101.36 -123.84
CA HIS K 97 -3.28 102.29 -123.34
C HIS K 97 -3.05 103.71 -123.83
N THR K 98 -1.80 104.00 -124.18
CA THR K 98 -1.40 105.33 -124.65
C THR K 98 -1.95 105.71 -126.03
N TYR K 99 -2.34 104.70 -126.82
CA TYR K 99 -2.96 104.92 -128.13
C TYR K 99 -4.46 104.90 -128.13
N ALA K 100 -5.07 104.72 -126.96
CA ALA K 100 -6.50 104.50 -126.87
C ALA K 100 -7.35 105.56 -127.60
N ILE K 101 -7.13 106.83 -127.29
CA ILE K 101 -7.91 107.92 -127.91
C ILE K 101 -7.54 108.12 -129.39
N GLN K 102 -6.24 108.05 -129.67
CA GLN K 102 -5.78 108.04 -131.05
C GLN K 102 -6.44 106.97 -131.90
N ASP K 103 -6.46 105.73 -131.43
CA ASP K 103 -7.08 104.64 -132.19
C ASP K 103 -8.59 104.80 -132.30
N PHE K 104 -9.18 105.26 -131.20
CA PHE K 104 -10.61 105.54 -131.10
C PHE K 104 -11.03 106.58 -132.13
N LEU K 105 -10.20 107.62 -132.29
CA LEU K 105 -10.52 108.71 -133.23
C LEU K 105 -10.10 108.45 -134.68
N HIS K 106 -9.43 107.32 -134.92
CA HIS K 106 -9.11 106.91 -136.27
C HIS K 106 -9.95 105.75 -136.77
N ILE K 107 -10.68 105.09 -135.86
CA ILE K 107 -11.49 103.91 -136.21
C ILE K 107 -12.68 104.25 -137.13
N ASP K 108 -13.01 103.32 -138.03
CA ASP K 108 -14.03 103.52 -139.06
C ASP K 108 -15.43 103.06 -138.61
N ARG K 109 -15.49 102.45 -137.43
CA ARG K 109 -16.77 102.05 -136.77
C ARG K 109 -17.63 103.26 -136.39
N ILE K 110 -16.99 104.33 -135.91
CA ILE K 110 -17.65 105.65 -135.72
C ILE K 110 -17.76 106.32 -137.08
N ASN K 111 -18.95 106.79 -137.47
CA ASN K 111 -19.11 107.56 -138.74
C ASN K 111 -18.29 108.86 -138.84
N ARG K 112 -17.45 108.95 -139.87
CA ARG K 112 -16.66 110.14 -140.12
C ARG K 112 -17.05 110.88 -141.43
N TYR K 113 -18.14 110.43 -142.04
CA TYR K 113 -18.70 110.93 -143.29
C TYR K 113 -20.04 111.61 -143.01
N ALA K 114 -20.20 112.08 -141.78
CA ALA K 114 -21.37 112.83 -141.30
C ALA K 114 -20.92 113.52 -140.02
N GLU K 115 -21.72 114.49 -139.55
CA GLU K 115 -21.43 115.17 -138.27
C GLU K 115 -21.57 114.21 -137.09
N LYS K 116 -22.69 113.48 -137.11
CA LYS K 116 -23.01 112.47 -136.11
C LYS K 116 -22.27 111.16 -136.40
N GLY K 117 -21.54 110.67 -135.39
CA GLY K 117 -20.83 109.38 -135.46
C GLY K 117 -21.74 108.17 -135.62
N GLY K 118 -23.03 108.34 -135.31
CA GLY K 118 -24.02 107.27 -135.34
C GLY K 118 -23.95 106.30 -134.15
N LEU K 119 -23.09 106.60 -133.17
CA LEU K 119 -22.87 105.78 -131.98
C LEU K 119 -22.97 106.63 -130.70
N PRO K 120 -23.26 106.00 -129.53
CA PRO K 120 -23.49 106.74 -128.28
C PRO K 120 -22.20 107.24 -127.62
N ALA K 121 -22.30 108.34 -126.85
CA ALA K 121 -21.14 108.88 -126.15
C ALA K 121 -20.65 107.91 -125.08
N THR K 122 -21.46 106.88 -124.81
CA THR K 122 -21.04 105.74 -124.02
C THR K 122 -19.69 105.14 -124.47
N CYS K 123 -19.34 105.32 -125.75
CA CYS K 123 -18.13 104.75 -126.33
C CYS K 123 -16.87 105.34 -125.74
N TRP K 124 -16.99 106.52 -125.13
CA TRP K 124 -15.89 107.11 -124.39
C TRP K 124 -15.71 106.42 -123.02
N ASN K 125 -16.72 105.67 -122.57
CA ASN K 125 -16.73 105.13 -121.20
C ASN K 125 -15.39 104.56 -120.71
N CYS K 126 -14.71 103.81 -121.59
CA CYS K 126 -13.46 103.15 -121.24
C CYS K 126 -12.24 103.65 -121.98
N LYS K 127 -12.23 104.95 -122.29
CA LYS K 127 -11.13 105.53 -123.05
C LYS K 127 -10.42 106.70 -122.37
N THR K 128 -11.04 107.27 -121.33
CA THR K 128 -10.56 108.54 -120.79
C THR K 128 -11.07 108.86 -119.38
N PRO K 129 -10.20 109.43 -118.51
CA PRO K 129 -10.66 110.02 -117.24
C PRO K 129 -11.63 111.21 -117.43
N LYS K 130 -11.69 111.79 -118.62
CA LYS K 130 -12.60 112.89 -118.92
C LYS K 130 -14.04 112.48 -118.63
N MET K 131 -14.28 111.17 -118.60
CA MET K 131 -15.58 110.59 -118.30
C MET K 131 -16.24 111.09 -117.01
N MET K 132 -15.44 111.32 -115.97
CA MET K 132 -15.93 111.86 -114.72
C MET K 132 -16.50 113.29 -114.88
N GLU K 133 -15.70 114.21 -115.47
CA GLU K 133 -16.15 115.57 -115.84
C GLU K 133 -17.52 115.58 -116.53
N TRP K 134 -17.61 114.79 -117.60
CA TRP K 134 -18.75 114.78 -118.51
C TRP K 134 -20.04 114.22 -117.93
N VAL K 135 -19.93 113.21 -117.07
CA VAL K 135 -21.09 112.71 -116.36
C VAL K 135 -21.52 113.65 -115.22
N LYS K 136 -20.55 114.29 -114.56
CA LYS K 136 -20.86 115.34 -113.60
C LYS K 136 -21.66 116.47 -114.29
N GLU K 137 -21.26 116.86 -115.50
CA GLU K 137 -21.96 117.91 -116.29
C GLU K 137 -23.34 117.52 -116.84
N SER K 138 -23.42 116.41 -117.58
CA SER K 138 -24.66 116.06 -118.29
C SER K 138 -25.54 115.04 -117.55
N GLY K 139 -24.95 114.33 -116.57
CA GLY K 139 -25.66 113.32 -115.79
C GLY K 139 -26.14 112.16 -116.64
N ASP K 140 -27.36 111.70 -116.37
CA ASP K 140 -27.94 110.57 -117.10
C ASP K 140 -28.06 110.79 -118.61
N GLY K 141 -28.15 112.06 -119.02
CA GLY K 141 -28.25 112.43 -120.43
C GLY K 141 -26.95 112.35 -121.22
N PHE K 142 -25.84 112.06 -120.53
CA PHE K 142 -24.55 111.94 -121.21
C PHE K 142 -24.49 110.81 -122.23
N TRP K 143 -25.00 109.65 -121.84
CA TRP K 143 -24.80 108.40 -122.56
C TRP K 143 -25.41 108.44 -123.96
N ALA K 144 -26.62 108.99 -124.06
CA ALA K 144 -27.39 108.97 -125.31
C ALA K 144 -26.96 110.03 -126.32
N LYS K 145 -26.03 110.91 -125.91
CA LYS K 145 -25.46 111.93 -126.80
C LYS K 145 -24.67 111.24 -127.90
N ASP K 146 -24.38 111.94 -128.99
CA ASP K 146 -23.60 111.36 -130.09
C ASP K 146 -22.14 111.40 -129.78
N VAL K 147 -21.47 110.26 -130.00
CA VAL K 147 -20.02 110.12 -129.80
C VAL K 147 -19.19 111.31 -130.29
N ASN K 148 -19.57 111.88 -131.44
CA ASN K 148 -18.77 112.92 -132.10
C ASN K 148 -18.79 114.31 -131.42
N GLU K 149 -19.80 114.56 -130.59
CA GLU K 149 -19.89 115.81 -129.83
C GLU K 149 -18.70 116.08 -128.92
N PHE K 150 -17.92 115.04 -128.59
CA PHE K 150 -16.77 115.17 -127.68
C PHE K 150 -15.45 114.97 -128.37
N ARG K 151 -15.53 114.67 -129.67
CA ARG K 151 -14.39 114.42 -130.53
C ARG K 151 -13.33 115.53 -130.51
N ASP K 152 -13.80 116.79 -130.46
CA ASP K 152 -12.94 117.98 -130.49
C ASP K 152 -12.54 118.49 -129.09
N LYS K 153 -13.07 117.84 -128.06
CA LYS K 153 -13.09 118.38 -126.69
C LYS K 153 -12.13 117.67 -125.71
N ILE K 154 -11.03 117.16 -126.24
CA ILE K 154 -10.17 116.23 -125.49
C ILE K 154 -8.71 116.24 -125.95
N ASP K 155 -7.78 116.16 -125.00
CA ASP K 155 -6.37 115.95 -125.34
C ASP K 155 -6.09 114.44 -125.46
N MET K 156 -5.54 114.07 -126.61
CA MET K 156 -5.44 112.68 -127.02
C MET K 156 -4.23 111.94 -126.41
N LYS K 157 -3.27 112.69 -125.88
CA LYS K 157 -2.16 112.13 -125.09
C LYS K 157 -2.38 112.35 -123.58
N ASP K 158 -2.96 113.49 -123.22
CA ASP K 158 -3.09 113.89 -121.82
C ASP K 158 -4.36 113.39 -121.14
N HIS K 159 -5.36 113.07 -121.95
CA HIS K 159 -6.61 112.52 -121.43
C HIS K 159 -6.92 111.08 -121.85
N THR K 160 -5.95 110.33 -122.37
CA THR K 160 -6.11 108.86 -122.53
C THR K 160 -6.08 108.17 -121.20
N ILE K 161 -6.60 106.93 -121.18
CA ILE K 161 -6.40 105.99 -120.09
C ILE K 161 -5.06 106.28 -119.42
N GLY K 162 -5.12 106.67 -118.16
CA GLY K 162 -3.95 107.12 -117.41
C GLY K 162 -4.26 107.14 -115.92
N CYS K 163 -3.44 107.83 -115.16
CA CYS K 163 -3.38 107.64 -113.70
C CYS K 163 -4.70 107.76 -112.97
N ALA K 164 -5.47 108.82 -113.25
CA ALA K 164 -6.76 109.03 -112.61
C ALA K 164 -7.83 107.99 -112.96
N THR K 165 -7.55 107.14 -113.93
CA THR K 165 -8.48 106.06 -114.20
C THR K 165 -8.51 105.10 -113.01
N CYS K 166 -7.37 104.92 -112.34
CA CYS K 166 -7.23 103.88 -111.33
C CYS K 166 -6.79 104.37 -109.96
N HIS K 167 -6.33 105.61 -109.89
CA HIS K 167 -5.76 106.17 -108.67
C HIS K 167 -6.46 107.45 -108.26
N ASP K 168 -6.71 107.61 -106.97
CA ASP K 168 -7.06 108.90 -106.38
C ASP K 168 -5.80 109.76 -106.50
N PRO K 169 -5.91 110.95 -107.13
CA PRO K 169 -4.73 111.78 -107.44
C PRO K 169 -3.98 112.32 -106.22
N GLN K 170 -4.68 112.49 -105.10
CA GLN K 170 -4.07 112.97 -103.84
C GLN K 170 -3.39 111.87 -103.03
N THR K 171 -4.04 110.72 -102.90
CA THR K 171 -3.50 109.63 -102.07
C THR K 171 -2.80 108.55 -102.86
N MET K 172 -3.12 108.46 -104.15
CA MET K 172 -2.67 107.42 -105.09
C MET K 172 -3.22 106.03 -104.79
N GLU K 173 -4.18 105.98 -103.85
CA GLU K 173 -4.92 104.77 -103.52
C GLU K 173 -5.71 104.28 -104.73
N LEU K 174 -5.76 102.97 -104.92
CA LEU K 174 -6.53 102.38 -106.01
C LEU K 174 -8.01 102.72 -105.89
N ARG K 175 -8.64 102.92 -107.04
CA ARG K 175 -9.98 103.48 -107.17
C ARG K 175 -10.76 102.74 -108.23
N ILE K 176 -12.07 102.70 -108.10
CA ILE K 176 -12.93 102.40 -109.23
C ILE K 176 -13.70 103.67 -109.60
N THR K 177 -13.44 104.17 -110.81
CA THR K 177 -14.09 105.39 -111.31
C THR K 177 -15.24 104.99 -112.21
N SER K 178 -15.25 103.70 -112.56
CA SER K 178 -16.20 103.13 -113.51
C SER K 178 -17.61 103.11 -112.96
N VAL K 179 -18.53 103.64 -113.76
CA VAL K 179 -19.95 103.67 -113.41
C VAL K 179 -20.62 102.28 -113.46
N PRO K 180 -20.45 101.53 -114.59
CA PRO K 180 -21.06 100.21 -114.66
C PRO K 180 -20.48 99.15 -113.70
N LEU K 181 -19.20 99.24 -113.39
CA LEU K 181 -18.60 98.34 -112.41
C LEU K 181 -19.11 98.68 -111.02
N THR K 182 -19.15 99.96 -110.70
CA THR K 182 -19.71 100.42 -109.43
C THR K 182 -21.15 99.94 -109.29
N ASP K 183 -21.95 100.02 -110.36
CA ASP K 183 -23.32 99.52 -110.33
C ASP K 183 -23.34 98.04 -110.03
N TYR K 184 -22.39 97.29 -110.57
CA TYR K 184 -22.37 95.85 -110.31
C TYR K 184 -22.01 95.53 -108.85
N LEU K 185 -20.94 96.16 -108.37
CA LEU K 185 -20.46 96.00 -106.99
C LEU K 185 -21.52 96.36 -105.97
N VAL K 186 -22.25 97.45 -106.22
CA VAL K 186 -23.38 97.80 -105.39
C VAL K 186 -24.47 96.69 -105.39
N SER K 187 -24.79 96.15 -106.57
CA SER K 187 -25.80 95.08 -106.70
C SER K 187 -25.44 93.82 -105.87
N GLN K 188 -24.17 93.69 -105.51
CA GLN K 188 -23.62 92.54 -104.76
C GLN K 188 -23.41 92.87 -103.27
N GLY K 189 -23.88 94.06 -102.87
CA GLY K 189 -23.74 94.53 -101.50
C GLY K 189 -22.32 94.93 -101.11
N LYS K 190 -21.44 95.09 -102.11
CA LYS K 190 -20.05 95.45 -101.87
C LYS K 190 -19.86 96.97 -101.86
N ASP K 191 -18.83 97.42 -101.15
CA ASP K 191 -18.44 98.84 -101.10
C ASP K 191 -17.17 99.08 -101.92
N PRO K 192 -17.27 99.74 -103.09
CA PRO K 192 -16.13 100.03 -103.97
C PRO K 192 -14.96 100.74 -103.28
N LYS K 193 -15.25 101.52 -102.23
CA LYS K 193 -14.19 102.20 -101.47
C LYS K 193 -13.46 101.30 -100.46
N LYS K 194 -14.06 100.15 -100.12
CA LYS K 194 -13.56 99.29 -99.05
C LYS K 194 -13.33 97.84 -99.46
N LEU K 195 -12.72 97.64 -100.62
CA LEU K 195 -12.44 96.31 -101.14
C LEU K 195 -10.99 95.97 -100.82
N PRO K 196 -10.67 94.68 -100.64
CA PRO K 196 -9.30 94.34 -100.24
C PRO K 196 -8.30 94.47 -101.38
N ARG K 197 -7.03 94.63 -101.04
CA ARG K 197 -5.98 94.81 -102.03
C ARG K 197 -5.99 93.77 -103.16
N ASN K 198 -6.10 92.48 -102.83
CA ASN K 198 -6.11 91.45 -103.87
C ASN K 198 -7.24 91.55 -104.88
N GLU K 199 -8.41 91.99 -104.44
CA GLU K 199 -9.54 92.19 -105.33
C GLU K 199 -9.35 93.37 -106.25
N MET K 200 -8.76 94.45 -105.74
CA MET K 200 -8.56 95.65 -106.53
C MET K 200 -7.53 95.46 -107.66
N ARG K 201 -6.55 94.58 -107.42
CA ARG K 201 -5.49 94.30 -108.39
C ARG K 201 -6.01 93.61 -109.66
N ALA K 202 -7.31 93.32 -109.67
CA ALA K 202 -8.01 92.75 -110.81
C ALA K 202 -9.18 93.66 -111.21
N LEU K 203 -9.96 94.11 -110.22
CA LEU K 203 -11.11 94.99 -110.46
C LEU K 203 -10.80 96.27 -111.24
N VAL K 204 -9.65 96.90 -111.00
CA VAL K 204 -9.21 98.04 -111.83
C VAL K 204 -9.11 97.75 -113.34
N CYS K 205 -8.79 96.52 -113.74
CA CYS K 205 -8.87 96.12 -115.17
C CYS K 205 -10.29 95.75 -115.56
N GLY K 206 -11.02 95.13 -114.63
CA GLY K 206 -12.43 94.84 -114.81
C GLY K 206 -13.35 96.05 -114.97
N GLN K 207 -12.79 97.26 -114.88
CA GLN K 207 -13.51 98.46 -115.30
C GLN K 207 -13.79 98.43 -116.81
N CYS K 208 -12.82 97.98 -117.60
CA CYS K 208 -12.92 98.01 -119.07
C CYS K 208 -12.88 96.67 -119.78
N HIS K 209 -12.10 95.74 -119.25
CA HIS K 209 -11.86 94.47 -119.94
C HIS K 209 -12.93 93.42 -119.65
N VAL K 210 -14.13 93.70 -120.12
CA VAL K 210 -15.34 92.99 -119.76
C VAL K 210 -16.33 93.01 -120.92
N GLU K 211 -17.26 92.07 -120.93
CA GLU K 211 -18.40 92.13 -121.83
C GLU K 211 -19.44 93.15 -121.28
N TYR K 212 -20.08 93.89 -122.18
CA TYR K 212 -21.02 94.95 -121.79
C TYR K 212 -22.15 95.05 -122.81
N TYR K 213 -23.22 95.74 -122.45
CA TYR K 213 -24.17 96.23 -123.43
C TYR K 213 -24.55 97.67 -123.09
N PHE K 214 -25.28 98.30 -124.02
CA PHE K 214 -25.85 99.65 -123.82
C PHE K 214 -27.34 99.46 -123.67
N ASN K 215 -27.94 100.18 -122.72
CA ASN K 215 -29.38 100.05 -122.53
C ASN K 215 -30.12 100.52 -123.75
N GLY K 216 -31.18 99.81 -124.11
CA GLY K 216 -32.16 100.32 -125.05
C GLY K 216 -33.05 101.31 -124.31
N PRO K 217 -33.92 102.03 -125.06
CA PRO K 217 -34.66 103.18 -124.48
C PRO K 217 -35.71 102.83 -123.43
N THR K 218 -36.19 101.58 -123.42
CA THR K 218 -37.13 101.10 -122.40
C THR K 218 -36.52 100.15 -121.34
N MET K 219 -35.20 100.20 -121.15
CA MET K 219 -34.49 99.28 -120.25
C MET K 219 -33.94 99.95 -119.01
N GLY K 220 -34.06 101.27 -118.96
CA GLY K 220 -33.44 102.06 -117.92
C GLY K 220 -33.00 103.31 -118.58
N VAL K 221 -31.90 103.89 -118.08
CA VAL K 221 -31.33 105.06 -118.70
C VAL K 221 -30.80 104.67 -120.08
N ASN K 222 -31.40 105.27 -121.11
CA ASN K 222 -31.04 105.03 -122.51
C ASN K 222 -29.54 105.15 -122.76
N LYS K 223 -28.98 104.10 -123.38
CA LYS K 223 -27.59 104.00 -123.86
C LYS K 223 -26.56 103.90 -122.74
N LYS K 224 -27.02 103.74 -121.50
CA LYS K 224 -26.14 103.55 -120.35
C LYS K 224 -25.49 102.16 -120.39
N PRO K 225 -24.19 102.07 -120.08
CA PRO K 225 -23.51 100.78 -120.11
C PRO K 225 -23.85 99.87 -118.89
N VAL K 226 -24.13 98.61 -119.17
CA VAL K 226 -24.39 97.62 -118.14
C VAL K 226 -23.52 96.41 -118.46
N PHE K 227 -22.93 95.81 -117.41
CA PHE K 227 -22.27 94.48 -117.46
C PHE K 227 -23.26 93.34 -117.20
N PRO K 228 -23.40 92.40 -118.15
CA PRO K 228 -24.45 91.39 -118.04
C PRO K 228 -24.09 90.24 -117.08
N TRP K 229 -23.84 90.57 -115.81
CA TRP K 229 -23.23 89.65 -114.84
C TRP K 229 -24.15 89.01 -113.80
N ALA K 230 -25.39 89.45 -113.73
CA ALA K 230 -26.32 89.01 -112.68
C ALA K 230 -26.52 87.50 -112.57
N GLU K 231 -26.32 86.78 -113.68
CA GLU K 231 -26.59 85.35 -113.72
C GLU K 231 -25.33 84.51 -113.56
N GLY K 232 -24.18 85.18 -113.45
CA GLY K 232 -22.86 84.54 -113.44
C GLY K 232 -21.96 85.00 -114.59
N PHE K 233 -20.72 84.48 -114.60
CA PHE K 233 -19.65 84.91 -115.51
C PHE K 233 -19.46 84.09 -116.80
N ASP K 234 -19.97 82.87 -116.80
CA ASP K 234 -19.84 81.99 -117.96
C ASP K 234 -20.77 82.40 -119.13
N PRO K 235 -20.41 82.00 -120.36
CA PRO K 235 -21.19 82.30 -121.58
C PRO K 235 -22.64 81.85 -121.49
N ALA K 236 -22.88 80.69 -120.91
CA ALA K 236 -24.23 80.19 -120.69
C ALA K 236 -25.04 81.12 -119.76
N ASP K 237 -24.37 81.69 -118.76
CA ASP K 237 -25.00 82.56 -117.77
C ASP K 237 -25.35 83.89 -118.41
N MET K 238 -24.36 84.54 -119.04
CA MET K 238 -24.58 85.76 -119.83
C MET K 238 -25.64 85.57 -120.91
N TYR K 239 -25.61 84.43 -121.61
CA TYR K 239 -26.63 84.13 -122.62
C TYR K 239 -28.06 84.12 -122.04
N ARG K 240 -28.23 83.41 -120.92
CA ARG K 240 -29.46 83.43 -120.11
C ARG K 240 -29.93 84.84 -119.70
N TYR K 241 -28.98 85.66 -119.26
CA TYR K 241 -29.24 87.06 -118.93
C TYR K 241 -29.88 87.83 -120.10
N TYR K 242 -29.35 87.64 -121.31
CA TYR K 242 -29.87 88.28 -122.53
C TYR K 242 -31.18 87.65 -123.04
N ASP K 243 -31.61 86.54 -122.42
CA ASP K 243 -32.95 86.00 -122.65
C ASP K 243 -33.99 86.79 -121.81
N LYS K 244 -33.55 87.40 -120.72
CA LYS K 244 -34.46 87.94 -119.68
C LYS K 244 -34.52 89.46 -119.67
N HIS K 245 -33.43 90.07 -120.14
CA HIS K 245 -33.30 91.51 -120.22
C HIS K 245 -33.17 91.85 -121.71
N GLY K 246 -33.87 92.88 -122.14
CA GLY K 246 -33.87 93.30 -123.54
C GLY K 246 -35.24 93.76 -123.98
N ASP K 247 -35.39 94.05 -125.27
CA ASP K 247 -36.56 94.76 -125.80
C ASP K 247 -37.09 94.33 -127.17
N LEU K 248 -36.59 93.22 -127.71
CA LEU K 248 -37.04 92.73 -129.02
C LEU K 248 -38.55 92.47 -129.09
N GLN K 249 -39.09 92.77 -130.26
CA GLN K 249 -40.52 92.66 -130.54
C GLN K 249 -40.78 91.45 -131.43
N VAL K 250 -39.70 91.00 -132.09
CA VAL K 250 -39.74 89.91 -133.07
C VAL K 250 -40.28 88.62 -132.47
N LYS K 251 -41.21 87.97 -133.17
CA LYS K 251 -41.77 86.70 -132.72
C LYS K 251 -40.70 85.62 -132.51
N GLY K 252 -40.78 84.95 -131.36
CA GLY K 252 -39.79 83.96 -130.95
C GLY K 252 -38.70 84.52 -130.03
N PHE K 253 -38.52 85.84 -130.07
CA PHE K 253 -37.42 86.52 -129.35
C PHE K 253 -37.92 87.68 -128.47
N GLU K 254 -39.20 87.65 -128.11
CA GLU K 254 -39.83 88.77 -127.39
C GLU K 254 -39.22 88.98 -125.98
N GLY K 255 -38.63 90.15 -125.78
CA GLY K 255 -38.01 90.49 -124.50
C GLY K 255 -36.54 90.19 -124.45
N LYS K 256 -36.02 89.55 -125.50
CA LYS K 256 -34.59 89.25 -125.59
C LYS K 256 -33.83 90.46 -126.07
N PHE K 257 -32.55 90.50 -125.74
CA PHE K 257 -31.65 91.54 -126.21
C PHE K 257 -30.92 91.22 -127.53
N ALA K 258 -30.72 92.25 -128.35
CA ALA K 258 -29.98 92.12 -129.60
C ALA K 258 -29.16 93.38 -129.86
N ASP K 259 -27.91 93.21 -130.26
CA ASP K 259 -27.07 94.33 -130.67
C ASP K 259 -27.42 94.80 -132.09
N TRP K 260 -27.83 93.85 -132.93
CA TRP K 260 -28.29 94.08 -134.31
C TRP K 260 -28.96 92.84 -134.85
N THR K 261 -29.60 92.99 -136.01
CA THR K 261 -30.12 91.86 -136.78
C THR K 261 -29.20 91.61 -138.00
N HIS K 262 -28.76 90.35 -138.18
CA HIS K 262 -27.91 89.98 -139.31
C HIS K 262 -28.77 90.06 -140.56
N PRO K 263 -28.39 90.91 -141.52
CA PRO K 263 -29.15 91.20 -142.74
C PRO K 263 -29.42 89.97 -143.64
N ALA K 264 -28.44 89.07 -143.73
CA ALA K 264 -28.55 87.86 -144.54
C ALA K 264 -29.50 86.81 -143.94
N SER K 265 -29.23 86.37 -142.71
CA SER K 265 -30.08 85.35 -142.06
C SER K 265 -31.35 85.92 -141.41
N LYS K 266 -31.34 87.22 -141.10
CA LYS K 266 -32.40 87.87 -140.29
C LYS K 266 -32.39 87.40 -138.83
N THR K 267 -31.20 87.12 -138.30
CA THR K 267 -31.09 86.66 -136.92
C THR K 267 -30.75 87.84 -136.01
N PRO K 268 -31.55 88.04 -134.92
CA PRO K 268 -31.25 88.95 -133.80
C PRO K 268 -30.02 88.50 -133.03
N MET K 269 -28.94 89.27 -133.15
CA MET K 269 -27.60 88.85 -132.71
C MET K 269 -27.08 89.60 -131.48
N ILE K 270 -26.29 88.89 -130.65
CA ILE K 270 -25.58 89.54 -129.55
C ILE K 270 -24.11 89.64 -129.95
N LYS K 271 -23.51 90.78 -129.65
CA LYS K 271 -22.09 90.97 -129.82
C LYS K 271 -21.40 90.82 -128.47
N ALA K 272 -20.35 90.01 -128.42
CA ALA K 272 -19.49 89.91 -127.25
C ALA K 272 -18.30 90.84 -127.39
N GLN K 273 -17.76 91.30 -126.26
CA GLN K 273 -16.63 92.21 -126.30
C GLN K 273 -15.67 91.79 -125.23
N HIS K 274 -14.40 91.67 -125.59
CA HIS K 274 -13.26 91.40 -124.69
C HIS K 274 -13.58 90.97 -123.24
N PRO K 275 -14.14 89.75 -123.04
CA PRO K 275 -14.49 89.36 -121.67
C PRO K 275 -13.36 88.83 -120.79
N GLU K 276 -12.28 89.57 -120.64
CA GLU K 276 -11.10 89.08 -119.92
C GLU K 276 -11.36 88.83 -118.44
N TYR K 277 -11.93 89.82 -117.74
CA TYR K 277 -12.31 89.64 -116.35
C TYR K 277 -13.10 88.36 -116.10
N GLU K 278 -14.16 88.18 -116.89
CA GLU K 278 -15.10 87.06 -116.72
C GLU K 278 -14.51 85.71 -117.03
N THR K 279 -13.49 85.69 -117.88
CA THR K 279 -12.79 84.49 -118.30
C THR K 279 -11.76 84.13 -117.21
N TRP K 280 -10.98 85.14 -116.82
CA TRP K 280 -9.94 84.99 -115.78
C TRP K 280 -10.50 84.51 -114.43
N ILE K 281 -11.69 85.02 -114.04
CA ILE K 281 -12.20 84.89 -112.66
C ILE K 281 -12.37 83.47 -112.13
N ASN K 282 -12.69 82.53 -113.03
CA ASN K 282 -12.84 81.11 -112.65
C ASN K 282 -11.93 80.15 -113.45
N GLY K 283 -10.84 80.70 -113.99
CA GLY K 283 -9.81 79.92 -114.64
C GLY K 283 -8.75 79.58 -113.63
N THR K 284 -7.78 78.75 -114.01
CA THR K 284 -6.84 78.24 -113.02
C THR K 284 -6.05 79.31 -112.24
N HIS K 285 -5.71 80.42 -112.86
CA HIS K 285 -5.03 81.53 -112.13
C HIS K 285 -6.00 82.39 -111.36
N GLY K 286 -7.07 82.83 -112.02
CA GLY K 286 -8.14 83.60 -111.38
C GLY K 286 -8.68 82.98 -110.12
N ALA K 287 -9.06 81.69 -110.19
CA ALA K 287 -9.64 80.99 -109.04
C ALA K 287 -8.68 80.86 -107.84
N ALA K 288 -7.38 80.77 -108.12
CA ALA K 288 -6.33 80.75 -107.13
C ALA K 288 -5.98 82.14 -106.59
N GLY K 289 -6.74 83.17 -107.02
CA GLY K 289 -6.49 84.55 -106.60
C GLY K 289 -5.30 85.21 -107.28
N VAL K 290 -4.85 84.62 -108.40
CA VAL K 290 -3.72 85.17 -109.15
C VAL K 290 -4.23 86.22 -110.13
N THR K 291 -3.82 87.44 -109.82
CA THR K 291 -4.44 88.67 -110.29
C THR K 291 -3.83 89.18 -111.59
N CYS K 292 -4.61 89.98 -112.35
CA CYS K 292 -4.11 90.67 -113.55
C CYS K 292 -2.77 91.32 -113.29
N ALA K 293 -2.66 92.00 -112.15
CA ALA K 293 -1.48 92.73 -111.78
C ALA K 293 -0.28 91.81 -111.53
N ASP K 294 -0.54 90.56 -111.13
CA ASP K 294 0.49 89.58 -110.88
C ASP K 294 1.31 89.29 -112.16
N CYS K 295 0.63 89.16 -113.31
CA CYS K 295 1.30 88.91 -114.59
C CYS K 295 1.54 90.13 -115.48
N HIS K 296 0.65 91.12 -115.40
CA HIS K 296 0.71 92.28 -116.27
C HIS K 296 1.36 93.53 -115.65
N MET K 297 1.58 93.48 -114.34
CA MET K 297 2.15 94.58 -113.60
C MET K 297 3.12 94.09 -112.54
N SER K 298 3.98 93.15 -112.89
CA SER K 298 4.90 92.56 -111.93
C SER K 298 5.93 93.57 -111.44
N TYR K 299 6.42 93.35 -110.22
CA TYR K 299 7.39 94.24 -109.62
C TYR K 299 8.73 94.22 -110.34
N THR K 300 9.21 95.41 -110.68
CA THR K 300 10.50 95.61 -111.30
C THR K 300 11.32 96.62 -110.48
N ARG K 301 12.62 96.36 -110.31
CA ARG K 301 13.51 97.31 -109.62
C ARG K 301 14.57 97.90 -110.53
N SER K 302 14.24 97.97 -111.82
CA SER K 302 15.18 98.39 -112.86
C SER K 302 15.57 99.88 -112.83
N ASP K 303 15.12 100.64 -111.83
CA ASP K 303 15.39 102.10 -111.82
C ASP K 303 16.63 102.50 -111.01
N ASP K 304 16.46 102.94 -109.76
CA ASP K 304 17.65 103.10 -108.92
C ASP K 304 18.00 101.71 -108.39
N LYS K 305 17.32 101.27 -107.34
CA LYS K 305 17.34 99.88 -106.89
C LYS K 305 16.05 99.61 -106.10
N LYS K 306 14.95 100.23 -106.51
CA LYS K 306 13.69 100.16 -105.76
C LYS K 306 12.55 99.56 -106.57
N LYS K 307 11.80 98.66 -105.93
CA LYS K 307 10.70 97.93 -106.57
C LYS K 307 9.51 98.81 -106.94
N ILE K 308 9.10 98.75 -108.19
CA ILE K 308 7.80 99.34 -108.58
C ILE K 308 6.98 98.34 -109.40
N SER K 309 5.66 98.49 -109.42
CA SER K 309 4.80 97.74 -110.36
C SER K 309 5.04 98.23 -111.78
N SER K 310 5.48 97.34 -112.67
CA SER K 310 5.52 97.66 -114.09
C SER K 310 4.17 98.22 -114.51
N HIS K 311 4.17 99.40 -115.13
CA HIS K 311 2.95 100.01 -115.66
C HIS K 311 2.91 99.91 -117.18
N TRP K 312 3.50 98.83 -117.69
CA TRP K 312 3.53 98.54 -119.10
C TRP K 312 2.62 97.34 -119.33
N TRP K 313 1.42 97.65 -119.83
CA TRP K 313 0.34 96.68 -119.99
C TRP K 313 0.40 96.10 -121.39
N THR K 314 0.92 94.89 -121.46
CA THR K 314 1.28 94.27 -122.72
C THR K 314 1.32 92.74 -122.54
N SER K 315 1.55 92.01 -123.62
CA SER K 315 1.77 90.57 -123.56
C SER K 315 2.98 90.21 -122.69
N PRO K 316 2.79 89.31 -121.69
CA PRO K 316 3.91 88.81 -120.86
C PRO K 316 4.91 87.89 -121.61
N MET K 317 4.47 87.35 -122.74
CA MET K 317 5.31 86.55 -123.66
C MET K 317 6.41 87.33 -124.39
N LYS K 318 6.38 88.66 -124.28
CA LYS K 318 7.40 89.54 -124.84
C LYS K 318 8.72 89.51 -124.06
N ASP K 319 8.66 89.25 -122.75
CA ASP K 319 9.87 89.06 -121.96
C ASP K 319 10.50 87.69 -122.30
N PRO K 320 11.71 87.67 -122.88
CA PRO K 320 12.28 86.35 -123.16
C PRO K 320 12.67 85.58 -121.88
N GLU K 321 12.91 86.29 -120.78
CA GLU K 321 13.20 85.69 -119.49
C GLU K 321 11.97 85.38 -118.61
N MET K 322 10.77 85.68 -119.12
CA MET K 322 9.49 85.38 -118.44
C MET K 322 9.55 85.64 -116.92
N ARG K 323 10.09 86.80 -116.55
CA ARG K 323 10.34 87.18 -115.17
C ARG K 323 9.08 87.30 -114.30
N ALA K 324 7.98 87.77 -114.88
CA ALA K 324 6.71 87.88 -114.14
C ALA K 324 6.20 86.51 -113.68
N CYS K 325 6.32 85.53 -114.57
CA CYS K 325 5.86 84.16 -114.32
C CYS K 325 6.73 83.49 -113.29
N ARG K 326 8.04 83.68 -113.44
CA ARG K 326 9.01 82.98 -112.62
C ARG K 326 9.13 83.56 -111.22
N GLN K 327 8.31 84.57 -110.89
CA GLN K 327 8.17 85.01 -109.49
C GLN K 327 7.52 83.91 -108.66
N CYS K 328 6.61 83.18 -109.30
CA CYS K 328 5.99 82.02 -108.69
C CYS K 328 6.61 80.72 -109.22
N HIS K 329 6.64 80.57 -110.55
CA HIS K 329 7.18 79.37 -111.19
C HIS K 329 8.72 79.40 -111.31
N SER K 330 9.40 79.61 -110.19
CA SER K 330 10.86 79.73 -110.17
C SER K 330 11.63 78.45 -110.53
N ASP K 331 10.90 77.35 -110.75
CA ASP K 331 11.49 76.05 -111.07
C ASP K 331 11.31 75.69 -112.54
N LYS K 332 10.68 76.60 -113.29
CA LYS K 332 10.44 76.42 -114.71
C LYS K 332 11.34 77.38 -115.51
N THR K 333 11.79 76.90 -116.67
CA THR K 333 12.55 77.75 -117.61
C THR K 333 11.56 78.63 -118.38
N PRO K 334 12.03 79.78 -118.90
CA PRO K 334 11.19 80.62 -119.76
C PRO K 334 10.58 79.86 -120.93
N ASP K 335 11.37 79.02 -121.61
CA ASP K 335 10.87 78.28 -122.78
C ASP K 335 9.81 77.24 -122.41
N TYR K 336 9.95 76.66 -121.22
CA TYR K 336 8.96 75.71 -120.72
C TYR K 336 7.61 76.38 -120.55
N LEU K 337 7.62 77.52 -119.85
CA LEU K 337 6.40 78.31 -119.65
C LEU K 337 5.75 78.71 -120.96
N LYS K 338 6.54 79.13 -121.93
CA LYS K 338 6.04 79.55 -123.25
C LYS K 338 5.38 78.42 -124.01
N SER K 339 5.97 77.21 -123.95
CA SER K 339 5.41 76.04 -124.62
C SER K 339 4.04 75.64 -124.06
N ARG K 340 3.83 75.86 -122.76
CA ARG K 340 2.54 75.57 -122.11
C ARG K 340 1.46 76.57 -122.48
N VAL K 341 1.82 77.85 -122.59
CA VAL K 341 0.91 78.87 -123.12
C VAL K 341 0.48 78.51 -124.54
N LEU K 342 1.45 78.15 -125.38
CA LEU K 342 1.19 77.81 -126.77
C LEU K 342 0.38 76.54 -126.94
N PHE K 343 0.54 75.59 -126.00
CA PHE K 343 -0.27 74.35 -125.91
C PHE K 343 -1.77 74.63 -125.89
N THR K 344 -2.18 75.54 -125.00
CA THR K 344 -3.55 76.06 -124.99
C THR K 344 -3.88 76.89 -126.25
N GLN K 345 -3.02 77.86 -126.56
CA GLN K 345 -3.32 78.83 -127.62
C GLN K 345 -3.48 78.25 -129.02
N LYS K 346 -2.64 77.30 -129.39
CA LYS K 346 -2.69 76.69 -130.72
C LYS K 346 -3.92 75.81 -130.87
N ARG K 347 -4.41 75.27 -129.75
CA ARG K 347 -5.59 74.43 -129.76
C ARG K 347 -6.86 75.27 -129.74
N THR K 348 -6.78 76.45 -129.13
CA THR K 348 -7.92 77.37 -129.08
C THR K 348 -8.15 78.10 -130.39
N PHE K 349 -7.09 78.65 -130.98
CA PHE K 349 -7.21 79.36 -132.26
C PHE K 349 -7.72 78.47 -133.38
N ASP K 350 -7.21 77.24 -133.49
CA ASP K 350 -7.62 76.34 -134.54
C ASP K 350 -9.11 75.98 -134.44
N LEU K 351 -9.55 75.72 -133.21
CA LEU K 351 -10.94 75.43 -132.89
C LEU K 351 -11.87 76.63 -133.14
N LEU K 352 -11.36 77.83 -132.87
CA LEU K 352 -12.06 79.08 -133.15
C LEU K 352 -12.36 79.26 -134.65
N LEU K 353 -11.34 79.05 -135.48
CA LEU K 353 -11.49 79.19 -136.91
C LEU K 353 -12.53 78.23 -137.44
N ALA K 354 -12.53 77.00 -136.91
CA ALA K 354 -13.57 76.00 -137.20
C ALA K 354 -14.96 76.42 -136.71
N ALA K 355 -15.03 77.03 -135.53
CA ALA K 355 -16.31 77.48 -134.97
C ALA K 355 -16.89 78.59 -135.82
N GLN K 356 -16.03 79.48 -136.28
CA GLN K 356 -16.46 80.53 -137.21
C GLN K 356 -16.99 80.04 -138.59
N GLU K 357 -16.37 79.00 -139.15
CA GLU K 357 -16.78 78.42 -140.44
C GLU K 357 -18.17 77.82 -140.39
N VAL K 358 -18.46 77.03 -139.35
CA VAL K 358 -19.78 76.41 -139.20
C VAL K 358 -20.86 77.47 -138.86
N SER K 359 -20.41 78.55 -138.21
CA SER K 359 -21.27 79.69 -137.95
C SER K 359 -21.65 80.38 -139.26
N VAL K 360 -20.66 80.61 -140.15
CA VAL K 360 -20.93 81.19 -141.47
C VAL K 360 -21.91 80.35 -142.27
N LYS K 361 -21.79 79.03 -142.16
CA LYS K 361 -22.65 78.09 -142.85
C LYS K 361 -24.06 78.06 -142.26
N ALA K 362 -24.17 78.27 -140.95
CA ALA K 362 -25.49 78.34 -140.30
C ALA K 362 -26.28 79.57 -140.77
N HIS K 363 -25.64 80.73 -140.82
CA HIS K 363 -26.23 81.96 -141.39
C HIS K 363 -26.63 81.74 -142.84
N GLU K 364 -25.74 81.13 -143.62
CA GLU K 364 -25.99 80.83 -145.02
C GLU K 364 -27.17 79.86 -145.19
N ALA K 365 -27.30 78.89 -144.28
CA ALA K 365 -28.41 77.91 -144.32
C ALA K 365 -29.74 78.55 -143.99
N VAL K 366 -29.71 79.45 -143.02
CA VAL K 366 -30.91 80.18 -142.61
C VAL K 366 -31.31 81.14 -143.73
N ARG K 367 -30.31 81.81 -144.32
CA ARG K 367 -30.54 82.66 -145.49
C ARG K 367 -31.24 81.93 -146.63
N LEU K 368 -30.73 80.75 -146.99
CA LEU K 368 -31.38 79.87 -147.99
C LEU K 368 -32.79 79.42 -147.60
N ALA K 369 -32.98 79.03 -146.35
CA ALA K 369 -34.30 78.62 -145.89
C ALA K 369 -35.26 79.80 -145.85
N ASN K 370 -34.75 80.99 -145.52
CA ASN K 370 -35.54 82.23 -145.56
C ASN K 370 -36.15 82.51 -146.96
N GLU K 371 -35.29 82.47 -147.98
CA GLU K 371 -35.69 82.73 -149.33
C GLU K 371 -36.22 81.50 -150.08
N TYR K 372 -36.42 80.37 -149.39
CA TYR K 372 -36.73 79.09 -150.06
C TYR K 372 -38.11 79.01 -150.74
N GLN K 373 -38.11 78.48 -151.96
CA GLN K 373 -39.28 78.56 -152.83
C GLN K 373 -40.00 77.24 -153.06
N GLY K 374 -39.35 76.13 -152.68
CA GLY K 374 -39.96 74.80 -152.79
C GLY K 374 -40.98 74.48 -151.71
N ALA K 375 -41.38 73.21 -151.66
CA ALA K 375 -42.28 72.69 -150.62
C ALA K 375 -41.61 72.71 -149.23
N LYS K 376 -42.19 73.49 -148.31
CA LYS K 376 -41.65 73.62 -146.96
C LYS K 376 -42.35 72.68 -145.99
N ALA K 377 -41.63 72.28 -144.94
CA ALA K 377 -42.17 71.45 -143.85
C ALA K 377 -43.39 72.14 -143.22
N ALA K 378 -44.26 71.36 -142.59
CA ALA K 378 -45.49 71.91 -142.00
C ALA K 378 -45.21 72.84 -140.81
N GLY K 379 -44.10 72.61 -140.11
CA GLY K 379 -43.73 73.44 -138.97
C GLY K 379 -42.69 74.49 -139.31
N TYR K 380 -42.59 74.84 -140.60
CA TYR K 380 -41.59 75.79 -141.12
C TYR K 380 -41.29 77.00 -140.25
N ASP K 381 -42.32 77.76 -139.87
CA ASP K 381 -42.09 79.02 -139.14
C ASP K 381 -41.52 78.82 -137.75
N ASP K 382 -42.02 77.81 -137.05
CA ASP K 382 -41.49 77.38 -135.75
C ASP K 382 -40.03 76.93 -135.86
N LEU K 383 -39.72 76.10 -136.86
CA LEU K 383 -38.35 75.61 -137.06
C LEU K 383 -37.38 76.73 -137.40
N MET K 384 -37.86 77.75 -138.12
CA MET K 384 -37.09 78.94 -138.49
C MET K 384 -36.72 79.84 -137.31
N ILE K 385 -37.65 79.99 -136.37
CA ILE K 385 -37.39 80.60 -135.05
C ILE K 385 -36.32 79.81 -134.27
N GLN K 386 -36.53 78.50 -134.17
CA GLN K 386 -35.55 77.62 -133.50
C GLN K 386 -34.17 77.66 -134.18
N ALA K 387 -34.15 77.68 -135.50
CA ALA K 387 -32.88 77.74 -136.23
C ALA K 387 -32.12 79.01 -135.94
N ARG K 388 -32.84 80.14 -135.88
CA ARG K 388 -32.24 81.48 -135.67
C ARG K 388 -31.71 81.68 -134.26
N GLU K 389 -32.42 81.11 -133.30
CA GLU K 389 -32.00 81.01 -131.91
C GLU K 389 -30.65 80.32 -131.78
N MET K 390 -30.45 79.24 -132.56
CA MET K 390 -29.19 78.48 -132.54
C MET K 390 -28.04 79.19 -133.21
N VAL K 391 -28.35 79.96 -134.26
CA VAL K 391 -27.36 80.84 -134.92
C VAL K 391 -26.85 81.90 -133.92
N ARG K 392 -27.80 82.58 -133.28
CA ARG K 392 -27.58 83.60 -132.26
C ARG K 392 -26.72 83.05 -131.11
N LYS K 393 -27.12 81.88 -130.60
CA LYS K 393 -26.40 81.23 -129.50
C LYS K 393 -25.01 80.78 -129.90
N GLY K 394 -24.91 80.10 -131.04
CA GLY K 394 -23.63 79.59 -131.53
C GLY K 394 -22.65 80.71 -131.74
N GLN K 395 -23.14 81.82 -132.30
CA GLN K 395 -22.27 82.96 -132.53
C GLN K 395 -21.85 83.67 -131.26
N PHE K 396 -22.76 83.83 -130.30
CA PHE K 396 -22.38 84.45 -129.03
C PHE K 396 -21.27 83.67 -128.31
N PHE K 397 -21.36 82.35 -128.35
CA PHE K 397 -20.35 81.48 -127.77
C PHE K 397 -18.99 81.59 -128.48
N TRP K 398 -18.96 81.57 -129.81
CA TRP K 398 -17.63 81.71 -130.43
C TRP K 398 -17.08 83.12 -130.21
N ASP K 399 -17.98 84.11 -130.18
CA ASP K 399 -17.57 85.53 -130.04
C ASP K 399 -16.96 85.76 -128.66
N TYR K 400 -17.57 85.15 -127.65
CA TYR K 400 -17.06 85.17 -126.28
C TYR K 400 -15.56 84.82 -126.20
N VAL K 401 -15.10 83.87 -127.02
CA VAL K 401 -13.70 83.42 -127.01
C VAL K 401 -12.85 84.21 -127.98
N SER K 402 -13.38 84.44 -129.18
CA SER K 402 -12.74 85.30 -130.19
C SER K 402 -12.41 86.70 -129.62
N ALA K 403 -13.39 87.34 -128.97
CA ALA K 403 -13.21 88.68 -128.42
C ALA K 403 -12.18 88.76 -127.29
N GLU K 404 -11.89 87.61 -126.67
CA GLU K 404 -11.08 87.57 -125.47
C GLU K 404 -9.62 87.48 -125.89
N ASN K 405 -8.79 88.28 -125.23
CA ASN K 405 -7.47 88.57 -125.75
C ASN K 405 -6.32 87.61 -125.42
N SER K 406 -6.58 86.58 -124.61
CA SER K 406 -5.51 85.62 -124.21
C SER K 406 -5.40 84.41 -125.14
N VAL K 407 -6.37 84.25 -126.04
CA VAL K 407 -6.43 83.09 -126.95
C VAL K 407 -6.49 81.75 -126.14
N GLY K 408 -7.22 81.80 -125.03
CA GLY K 408 -7.47 80.64 -124.21
C GLY K 408 -6.63 80.54 -122.95
N PHE K 409 -5.49 81.21 -122.91
CA PHE K 409 -4.60 81.08 -121.75
C PHE K 409 -5.24 81.43 -120.40
N HIS K 410 -6.03 82.51 -120.32
CA HIS K 410 -6.67 82.92 -119.05
C HIS K 410 -7.56 81.82 -118.41
N ASN K 411 -8.26 81.07 -119.26
CA ASN K 411 -9.10 79.94 -118.84
C ASN K 411 -9.19 78.87 -119.94
N PRO K 412 -8.18 77.97 -120.03
CA PRO K 412 -8.11 76.96 -121.10
C PRO K 412 -9.39 76.14 -121.25
N ALA K 413 -9.83 75.50 -120.17
CA ALA K 413 -11.03 74.68 -120.13
C ALA K 413 -12.34 75.41 -120.53
N LYS K 414 -12.52 76.65 -120.07
CA LYS K 414 -13.72 77.42 -120.44
C LYS K 414 -13.71 77.81 -121.94
N ALA K 415 -12.55 78.25 -122.43
CA ALA K 415 -12.37 78.54 -123.85
C ALA K 415 -12.70 77.35 -124.76
N LEU K 416 -12.00 76.24 -124.55
CA LEU K 416 -12.21 75.04 -125.39
C LEU K 416 -13.62 74.51 -125.32
N ASP K 417 -14.15 74.42 -124.11
CA ASP K 417 -15.53 73.94 -123.90
C ASP K 417 -16.54 74.88 -124.56
N THR K 418 -16.34 76.18 -124.43
CA THR K 418 -17.24 77.17 -125.05
C THR K 418 -17.25 77.04 -126.58
N LEU K 419 -16.05 76.93 -127.18
CA LEU K 419 -15.93 76.70 -128.63
C LEU K 419 -16.55 75.38 -129.07
N ALA K 420 -16.35 74.35 -128.28
CA ALA K 420 -16.99 73.07 -128.54
C ALA K 420 -18.51 73.19 -128.59
N GLN K 421 -19.12 73.88 -127.62
CA GLN K 421 -20.59 74.04 -127.64
C GLN K 421 -21.06 74.97 -128.78
N SER K 422 -20.32 76.03 -129.04
CA SER K 422 -20.60 76.92 -130.19
C SER K 422 -20.95 76.15 -131.49
N GLN K 423 -20.00 75.33 -131.95
CA GLN K 423 -20.17 74.44 -133.11
C GLN K 423 -21.41 73.53 -133.06
N GLN K 424 -21.72 73.01 -131.86
CA GLN K 424 -22.97 72.27 -131.63
C GLN K 424 -24.23 73.06 -131.97
N PHE K 425 -24.25 74.36 -131.60
CA PHE K 425 -25.42 75.23 -131.79
C PHE K 425 -25.59 75.62 -133.24
N SER K 426 -24.51 76.13 -133.84
CA SER K 426 -24.47 76.45 -135.25
C SER K 426 -24.88 75.25 -136.13
N GLN K 427 -24.41 74.05 -135.79
CA GLN K 427 -24.77 72.87 -136.56
C GLN K 427 -26.24 72.53 -136.42
N LYS K 428 -26.78 72.74 -135.22
CA LYS K 428 -28.21 72.57 -135.00
C LYS K 428 -29.04 73.59 -135.80
N ALA K 429 -28.57 74.84 -135.87
CA ALA K 429 -29.17 75.84 -136.75
C ALA K 429 -29.24 75.31 -138.17
N ILE K 430 -28.12 74.76 -138.68
CA ILE K 430 -28.08 74.20 -140.04
C ILE K 430 -29.04 73.04 -140.23
N ASP K 431 -29.18 72.18 -139.21
CA ASP K 431 -30.08 71.02 -139.23
C ASP K 431 -31.56 71.38 -139.22
N LEU K 432 -31.90 72.42 -138.46
CA LEU K 432 -33.28 72.85 -138.36
C LEU K 432 -33.70 73.53 -139.67
N ALA K 433 -32.80 74.35 -140.21
CA ALA K 433 -33.00 75.03 -141.50
C ALA K 433 -33.21 74.04 -142.65
N MET K 434 -32.47 72.92 -142.59
CA MET K 434 -32.59 71.85 -143.58
C MET K 434 -33.87 71.06 -143.42
N GLU K 435 -34.27 70.82 -142.17
CA GLU K 435 -35.57 70.20 -141.87
C GLU K 435 -36.73 71.07 -142.34
N ALA K 436 -36.61 72.38 -142.09
CA ALA K 436 -37.61 73.39 -142.46
C ALA K 436 -37.96 73.38 -143.94
N THR K 437 -36.98 73.02 -144.76
CA THR K 437 -37.06 73.08 -146.21
C THR K 437 -37.12 71.68 -146.83
N GLN K 438 -37.29 70.67 -145.98
CA GLN K 438 -37.31 69.25 -146.37
C GLN K 438 -36.07 68.84 -147.17
N TYR K 439 -34.93 69.43 -146.77
CA TYR K 439 -33.58 69.15 -147.30
C TYR K 439 -33.32 69.77 -148.67
N GLY K 440 -34.27 70.59 -149.10
CA GLY K 440 -34.20 71.30 -150.36
C GLY K 440 -33.00 72.21 -150.57
N ILE K 441 -32.43 72.73 -149.47
CA ILE K 441 -31.27 73.63 -149.56
C ILE K 441 -29.93 72.91 -149.55
N GLY K 442 -29.93 71.59 -149.36
CA GLY K 442 -28.70 70.81 -149.38
C GLY K 442 -27.80 71.06 -150.58
N LYS K 443 -28.41 71.16 -151.77
CA LYS K 443 -27.72 71.47 -153.03
C LYS K 443 -26.91 72.76 -153.03
N ASP K 444 -27.27 73.67 -152.13
CA ASP K 444 -26.61 74.97 -152.06
C ASP K 444 -25.62 75.04 -150.91
N LEU K 445 -25.65 74.03 -150.05
CA LEU K 445 -24.80 73.97 -148.87
C LEU K 445 -23.63 72.97 -148.93
N SER K 446 -23.38 72.41 -150.12
CA SER K 446 -22.49 71.24 -150.26
C SER K 446 -20.97 71.45 -150.20
N GLY K 447 -20.46 72.52 -150.79
CA GLY K 447 -19.01 72.61 -150.94
C GLY K 447 -18.14 72.72 -149.68
N ASP K 448 -16.98 73.33 -149.89
CA ASP K 448 -16.22 73.97 -148.83
C ASP K 448 -16.95 75.29 -148.56
N ILE K 449 -17.15 75.66 -147.29
CA ILE K 449 -17.80 76.93 -146.96
C ILE K 449 -17.07 78.12 -147.64
N LYS K 450 -15.75 78.02 -147.70
CA LYS K 450 -14.88 79.05 -148.26
C LYS K 450 -15.18 79.36 -149.74
N THR K 451 -15.90 78.47 -150.41
CA THR K 451 -16.34 78.73 -151.80
C THR K 451 -17.83 79.14 -151.91
N ILE K 452 -18.67 78.56 -151.06
CA ILE K 452 -20.09 78.89 -151.03
C ILE K 452 -20.27 80.31 -150.54
N VAL K 453 -19.53 80.66 -149.48
CA VAL K 453 -19.54 82.00 -148.92
C VAL K 453 -18.09 82.43 -148.72
N PRO K 454 -17.52 83.12 -149.73
CA PRO K 454 -16.15 83.60 -149.61
C PRO K 454 -15.98 84.59 -148.47
N PRO K 455 -14.79 84.64 -147.87
CA PRO K 455 -14.55 85.66 -146.86
C PRO K 455 -14.58 87.08 -147.45
N ILE K 456 -15.23 88.01 -146.75
CA ILE K 456 -15.16 89.43 -147.08
C ILE K 456 -13.88 90.02 -146.49
N LEU K 457 -12.89 90.31 -147.33
CA LEU K 457 -11.63 90.83 -146.83
C LEU K 457 -11.66 92.34 -146.68
N LYS K 458 -12.41 92.99 -147.57
CA LYS K 458 -12.47 94.45 -147.62
C LYS K 458 -13.88 94.94 -147.43
N MET K 459 -14.02 95.90 -146.52
CA MET K 459 -15.28 96.62 -146.34
C MET K 459 -14.99 97.80 -145.42
N ASN K 460 -15.40 98.99 -145.86
CA ASN K 460 -15.38 100.21 -145.07
C ASN K 460 -16.54 101.12 -145.49
N ARG K 461 -16.78 102.19 -144.71
CA ARG K 461 -17.88 103.13 -145.00
C ARG K 461 -17.78 103.78 -146.40
N LYS K 462 -16.55 104.12 -146.80
CA LYS K 462 -16.29 104.62 -148.16
C LYS K 462 -16.72 103.59 -149.23
N LEU K 463 -16.18 102.38 -149.13
CA LEU K 463 -16.42 101.33 -150.12
C LEU K 463 -17.90 101.05 -150.31
N GLN K 464 -18.68 101.13 -149.23
CA GLN K 464 -20.13 100.94 -149.27
C GLN K 464 -20.89 102.04 -150.05
N GLN K 465 -20.21 103.16 -150.33
CA GLN K 465 -20.75 104.26 -151.16
C GLN K 465 -20.70 103.97 -152.67
N ASP K 466 -19.82 103.04 -153.04
CA ASP K 466 -19.52 102.65 -154.43
C ASP K 466 -20.49 101.55 -154.86
N PRO K 467 -21.40 101.85 -155.81
CA PRO K 467 -22.42 100.86 -156.19
C PRO K 467 -21.87 99.62 -156.90
N GLU K 468 -20.67 99.74 -157.49
CA GLU K 468 -20.06 98.64 -158.26
C GLU K 468 -19.39 97.61 -157.36
N PHE K 469 -18.69 98.12 -156.34
CA PHE K 469 -18.11 97.29 -155.29
C PHE K 469 -19.18 96.53 -154.49
N MET K 470 -20.33 97.15 -154.30
CA MET K 470 -21.44 96.53 -153.57
C MET K 470 -22.13 95.40 -154.34
N LYS K 471 -21.55 95.03 -155.48
CA LYS K 471 -22.04 93.90 -156.26
C LYS K 471 -21.03 92.75 -156.25
N THR K 472 -19.89 92.95 -155.58
CA THR K 472 -18.79 91.98 -155.63
C THR K 472 -18.91 90.79 -154.66
N HIS K 473 -19.97 90.75 -153.86
CA HIS K 473 -20.21 89.64 -152.93
C HIS K 473 -21.70 89.39 -152.75
N LYS K 474 -22.08 88.12 -152.76
CA LYS K 474 -23.47 87.70 -152.69
C LYS K 474 -24.21 88.34 -151.51
N TRP K 475 -23.51 88.52 -150.38
CA TRP K 475 -24.10 88.99 -149.13
C TRP K 475 -24.25 90.50 -149.09
N PHE K 476 -23.58 91.21 -150.01
CA PHE K 476 -23.71 92.67 -150.11
C PHE K 476 -25.08 93.13 -150.56
N GLN K 477 -25.84 92.23 -151.18
CA GLN K 477 -27.19 92.53 -151.65
C GLN K 477 -28.19 92.81 -150.51
N TYR K 478 -27.76 92.55 -149.27
CA TYR K 478 -28.58 92.71 -148.06
C TYR K 478 -28.28 93.99 -147.31
N LEU K 479 -27.26 94.70 -147.80
CA LEU K 479 -26.86 96.00 -147.28
C LEU K 479 -27.24 97.12 -148.27
N PRO K 480 -27.51 98.34 -147.75
CA PRO K 480 -27.74 99.46 -148.65
C PRO K 480 -26.44 100.03 -149.25
N VAL K 481 -26.55 100.70 -150.40
CA VAL K 481 -25.47 101.55 -150.87
C VAL K 481 -25.60 102.86 -150.09
N LEU K 482 -24.53 103.24 -149.41
CA LEU K 482 -24.53 104.45 -148.59
C LEU K 482 -24.48 105.68 -149.50
N PRO K 483 -25.10 106.80 -149.06
CA PRO K 483 -25.07 108.02 -149.88
C PRO K 483 -23.64 108.53 -150.06
N LYS K 484 -23.32 108.97 -151.28
CA LYS K 484 -22.02 109.58 -151.57
C LYS K 484 -21.80 110.74 -150.60
N ALA K 485 -20.60 110.83 -150.03
CA ALA K 485 -20.32 111.78 -148.93
C ALA K 485 -18.84 111.91 -148.65
N ASP K 486 -18.38 113.13 -148.42
CA ASP K 486 -16.96 113.39 -148.16
C ASP K 486 -16.66 113.20 -146.69
N GLN K 487 -15.39 112.93 -146.38
CA GLN K 487 -14.96 112.80 -145.00
C GLN K 487 -15.09 114.13 -144.27
N VAL K 488 -15.97 114.15 -143.27
CA VAL K 488 -16.16 115.31 -142.40
C VAL K 488 -15.07 115.37 -141.31
N TRP K 489 -14.71 114.22 -140.76
CA TRP K 489 -13.84 114.17 -139.59
C TRP K 489 -12.53 113.47 -139.92
N ASP K 490 -11.42 114.10 -139.53
CA ASP K 490 -10.09 113.51 -139.75
C ASP K 490 -9.30 113.56 -138.45
N GLY K 491 -9.45 112.52 -137.63
CA GLY K 491 -8.89 112.50 -136.29
C GLY K 491 -9.69 113.45 -135.43
N GLN K 492 -9.04 114.51 -134.97
CA GLN K 492 -9.73 115.62 -134.30
C GLN K 492 -10.07 116.80 -135.25
N LYS K 493 -9.43 116.83 -136.42
CA LYS K 493 -9.59 117.92 -137.41
C LYS K 493 -10.89 117.77 -138.20
N ARG K 494 -11.71 118.80 -138.17
CA ARG K 494 -12.92 118.85 -138.99
C ARG K 494 -12.56 119.36 -140.37
N LEU K 495 -13.04 118.67 -141.41
CA LEU K 495 -12.67 118.93 -142.80
C LEU K 495 -13.77 119.67 -143.58
N VAL K 496 -15.03 119.27 -143.38
CA VAL K 496 -16.18 119.96 -144.00
C VAL K 496 -17.26 120.35 -142.96
N LYS L 14 45.46 87.13 -59.51
CA LYS L 14 44.74 88.43 -59.46
C LYS L 14 44.55 89.05 -60.85
N LEU L 15 45.55 88.90 -61.71
CA LEU L 15 45.46 89.39 -63.09
C LEU L 15 45.80 88.33 -64.16
N VAL L 16 45.67 87.06 -63.75
CA VAL L 16 45.58 85.93 -64.70
C VAL L 16 44.12 85.47 -64.74
N LEU L 17 43.41 85.67 -63.63
CA LEU L 17 41.96 85.58 -63.57
C LEU L 17 41.30 86.87 -64.05
N GLY L 18 42.10 87.72 -64.70
CA GLY L 18 41.62 88.92 -65.37
C GLY L 18 41.51 88.67 -66.86
N GLY L 19 42.34 87.75 -67.35
CA GLY L 19 42.24 87.25 -68.72
C GLY L 19 41.07 86.29 -68.86
N ALA L 20 40.79 85.54 -67.80
CA ALA L 20 39.63 84.66 -67.73
C ALA L 20 38.40 85.38 -67.19
N THR L 21 38.26 86.64 -67.59
CA THR L 21 37.05 87.44 -67.38
C THR L 21 36.67 87.96 -68.76
N LEU L 22 37.62 88.61 -69.45
CA LEU L 22 37.58 88.73 -70.91
C LEU L 22 37.80 87.31 -71.41
N GLY L 23 37.91 87.10 -72.72
CA GLY L 23 38.04 85.72 -73.22
C GLY L 23 36.75 84.94 -73.02
N VAL L 24 36.36 84.73 -71.75
CA VAL L 24 35.02 84.25 -71.41
C VAL L 24 33.97 85.22 -71.97
N VAL L 25 34.20 86.51 -71.76
CA VAL L 25 33.33 87.56 -72.29
C VAL L 25 33.54 87.74 -73.81
N ALA L 26 34.77 87.49 -74.27
CA ALA L 26 35.09 87.56 -75.68
C ALA L 26 34.44 86.42 -76.49
N LEU L 27 34.56 85.19 -75.99
CA LEU L 27 33.95 84.03 -76.65
C LEU L 27 32.42 83.94 -76.45
N ALA L 28 31.90 84.52 -75.37
CA ALA L 28 30.45 84.66 -75.18
C ALA L 28 29.85 85.65 -76.19
N THR L 29 30.61 86.72 -76.46
CA THR L 29 30.23 87.72 -77.46
C THR L 29 30.23 87.16 -78.87
N VAL L 30 31.25 86.36 -79.19
CA VAL L 30 31.33 85.66 -80.49
C VAL L 30 30.12 84.73 -80.68
N ALA L 31 29.81 83.98 -79.63
CA ALA L 31 28.69 83.03 -79.64
C ALA L 31 27.35 83.73 -79.82
N PHE L 32 27.14 84.82 -79.08
CA PHE L 32 25.90 85.60 -79.16
C PHE L 32 25.74 86.26 -80.54
N GLY L 33 26.80 86.88 -81.02
CA GLY L 33 26.80 87.54 -82.33
C GLY L 33 26.60 86.58 -83.48
N MET L 34 27.13 85.36 -83.33
CA MET L 34 26.98 84.26 -84.29
C MET L 34 25.53 83.83 -84.47
N LYS L 35 24.80 83.74 -83.35
CA LYS L 35 23.40 83.31 -83.31
C LYS L 35 22.48 84.45 -83.72
N TYR L 36 22.83 85.67 -83.30
CA TYR L 36 22.04 86.85 -83.64
C TYR L 36 21.97 87.06 -85.14
N THR L 37 23.01 86.60 -85.81
CA THR L 37 23.23 86.92 -87.19
C THR L 37 22.68 85.81 -88.10
N ASP L 38 21.97 84.86 -87.48
CA ASP L 38 21.27 83.75 -88.14
C ASP L 38 19.77 84.00 -88.26
N GLN L 39 19.31 85.04 -87.57
CA GLN L 39 17.90 85.21 -87.27
C GLN L 39 17.21 86.26 -88.11
N ARG L 40 15.89 86.11 -88.22
CA ARG L 40 15.04 86.94 -89.07
C ARG L 40 15.18 88.47 -88.88
N PRO L 41 15.24 88.96 -87.63
CA PRO L 41 15.37 90.42 -87.46
C PRO L 41 16.59 91.02 -88.19
N PHE L 42 17.72 90.31 -88.13
CA PHE L 42 18.96 90.66 -88.82
C PHE L 42 18.89 90.55 -90.35
N CYS L 43 18.43 89.42 -90.85
CA CYS L 43 18.32 89.18 -92.29
C CYS L 43 17.43 90.19 -93.02
N THR L 44 16.36 90.60 -92.36
CA THR L 44 15.40 91.52 -92.95
C THR L 44 15.69 92.96 -92.56
N SER L 45 16.91 93.22 -92.09
CA SER L 45 17.37 94.58 -91.86
C SER L 45 17.68 95.26 -93.20
N CYS L 46 17.81 94.45 -94.26
CA CYS L 46 17.78 94.91 -95.64
C CYS L 46 16.41 94.69 -96.27
N HIS L 47 15.78 95.78 -96.70
CA HIS L 47 14.41 95.75 -97.23
C HIS L 47 14.15 94.77 -98.37
N ILE L 48 15.22 94.37 -99.07
CA ILE L 48 15.12 93.44 -100.20
C ILE L 48 14.76 92.02 -99.72
N MET L 49 15.02 91.78 -98.43
CA MET L 49 14.83 90.51 -97.79
C MET L 49 13.50 90.37 -97.06
N ASN L 50 12.63 91.38 -97.05
CA ASN L 50 11.38 91.11 -96.34
C ASN L 50 10.22 90.32 -96.95
N PRO L 51 10.13 90.19 -98.29
CA PRO L 51 9.15 89.20 -98.75
C PRO L 51 9.50 87.77 -98.29
N VAL L 52 10.79 87.42 -98.22
CA VAL L 52 11.20 86.14 -97.65
C VAL L 52 11.04 86.12 -96.12
N GLY L 53 11.25 87.27 -95.49
CA GLY L 53 11.05 87.41 -94.05
C GLY L 53 9.59 87.33 -93.64
N VAL L 54 8.72 87.96 -94.43
CA VAL L 54 7.28 87.89 -94.24
C VAL L 54 6.76 86.45 -94.38
N THR L 55 7.22 85.75 -95.42
CA THR L 55 6.75 84.39 -95.73
C THR L 55 7.24 83.36 -94.73
N HIS L 56 8.46 83.55 -94.24
CA HIS L 56 9.05 82.79 -93.13
C HIS L 56 8.17 82.90 -91.90
N LYS L 57 7.80 84.14 -91.53
CA LYS L 57 7.05 84.45 -90.31
C LYS L 57 5.60 84.00 -90.31
N LEU L 58 5.07 83.74 -91.51
CA LEU L 58 3.70 83.30 -91.67
C LEU L 58 3.59 81.78 -91.78
N SER L 59 4.73 81.09 -91.78
CA SER L 59 4.82 79.66 -92.10
C SER L 59 5.04 78.72 -90.92
N GLY L 60 4.93 77.43 -91.20
CA GLY L 60 5.25 76.35 -90.27
C GLY L 60 6.63 76.48 -89.65
N HIS L 61 7.56 77.13 -90.36
CA HIS L 61 8.94 77.24 -89.90
C HIS L 61 9.27 78.61 -89.31
N ALA L 62 8.25 79.38 -88.91
CA ALA L 62 8.44 80.74 -88.40
C ALA L 62 9.31 80.81 -87.16
N ASN L 63 9.35 79.73 -86.38
CA ASN L 63 10.10 79.76 -85.12
C ASN L 63 11.47 79.09 -85.16
N ILE L 64 11.94 78.79 -86.37
CA ILE L 64 13.35 78.47 -86.59
C ILE L 64 14.06 79.63 -87.29
N SER L 65 15.35 79.80 -87.06
CA SER L 65 16.10 80.90 -87.66
C SER L 65 16.29 80.66 -89.15
N CYS L 66 16.56 81.72 -89.89
CA CYS L 66 16.87 81.63 -91.32
C CYS L 66 17.96 80.60 -91.65
N ASN L 67 19.04 80.62 -90.87
CA ASN L 67 20.22 79.82 -91.14
C ASN L 67 20.13 78.38 -90.67
N ASP L 68 19.04 78.09 -89.95
CA ASP L 68 18.65 76.70 -89.67
C ASP L 68 18.40 75.91 -90.96
N CYS L 69 17.92 76.61 -92.00
CA CYS L 69 17.89 76.07 -93.36
C CYS L 69 19.02 76.58 -94.24
N HIS L 70 19.39 77.85 -94.05
CA HIS L 70 20.22 78.56 -95.02
C HIS L 70 21.72 78.48 -94.88
N ALA L 71 22.21 77.93 -93.77
CA ALA L 71 23.64 77.69 -93.60
C ALA L 71 23.88 76.27 -93.07
N PRO L 72 25.08 75.70 -93.30
CA PRO L 72 25.36 74.38 -92.73
C PRO L 72 25.32 74.45 -91.20
N HIS L 73 24.94 73.35 -90.56
CA HIS L 73 24.84 73.31 -89.09
C HIS L 73 26.19 73.05 -88.42
N ASN L 74 27.06 72.34 -89.14
CA ASN L 74 28.42 72.04 -88.70
C ASN L 74 29.21 73.32 -88.49
N LEU L 75 29.81 73.45 -87.32
CA LEU L 75 30.45 74.71 -86.91
C LEU L 75 31.60 75.18 -87.80
N LEU L 76 32.41 74.24 -88.26
CA LEU L 76 33.60 74.54 -89.08
C LEU L 76 33.27 74.83 -90.55
N ALA L 77 32.06 74.49 -90.96
CA ALA L 77 31.58 74.77 -92.30
C ALA L 77 30.72 76.03 -92.29
N LYS L 78 30.16 76.35 -91.12
CA LYS L 78 29.18 77.42 -90.98
C LYS L 78 29.82 78.80 -91.00
N LEU L 79 30.88 78.97 -90.20
CA LEU L 79 31.61 80.23 -90.07
C LEU L 79 32.13 80.74 -91.42
N PRO L 80 32.90 79.90 -92.16
CA PRO L 80 33.26 80.32 -93.52
C PRO L 80 32.05 80.61 -94.41
N PHE L 81 30.99 79.81 -94.31
CA PHE L 81 29.82 79.95 -95.20
C PHE L 81 29.13 81.28 -94.99
N LYS L 82 29.00 81.69 -93.74
CA LYS L 82 28.33 82.95 -93.36
C LYS L 82 29.14 84.17 -93.76
N ALA L 83 30.46 84.07 -93.62
CA ALA L 83 31.37 85.15 -93.98
C ALA L 83 31.26 85.41 -95.47
N ILE L 84 31.36 84.35 -96.27
CA ILE L 84 31.30 84.42 -97.73
C ILE L 84 29.95 84.91 -98.27
N ALA L 85 28.86 84.33 -97.78
CA ALA L 85 27.50 84.68 -98.23
C ALA L 85 27.10 86.07 -97.76
N GLY L 86 27.57 86.46 -96.58
CA GLY L 86 27.36 87.80 -96.06
C GLY L 86 28.11 88.85 -96.88
N ALA L 87 29.30 88.48 -97.36
CA ALA L 87 30.10 89.35 -98.22
C ALA L 87 29.37 89.65 -99.53
N ARG L 88 28.95 88.61 -100.26
CA ARG L 88 28.19 88.78 -101.51
C ARG L 88 26.95 89.65 -101.29
N ASP L 89 26.24 89.43 -100.19
CA ASP L 89 24.98 90.11 -99.94
C ASP L 89 25.18 91.60 -99.63
N VAL L 90 26.10 91.94 -98.73
CA VAL L 90 26.47 93.35 -98.52
C VAL L 90 26.94 94.01 -99.83
N TYR L 91 27.83 93.34 -100.57
CA TYR L 91 28.23 93.80 -101.90
C TYR L 91 27.02 94.07 -102.80
N MET L 92 26.16 93.08 -103.00
CA MET L 92 24.98 93.21 -103.88
C MET L 92 23.95 94.23 -103.41
N ASN L 93 23.96 94.55 -102.13
CA ASN L 93 23.04 95.54 -101.58
C ASN L 93 23.52 96.99 -101.81
N THR L 94 24.83 97.15 -102.00
CA THR L 94 25.45 98.49 -102.09
C THR L 94 26.03 98.80 -103.47
N LEU L 95 26.89 97.92 -103.98
CA LEU L 95 27.61 98.14 -105.24
C LEU L 95 27.03 97.41 -106.45
N GLY L 96 26.42 96.25 -106.21
CA GLY L 96 25.82 95.46 -107.29
C GLY L 96 24.42 95.93 -107.64
N HIS L 97 23.86 95.35 -108.70
CA HIS L 97 22.49 95.64 -109.14
C HIS L 97 21.69 94.34 -109.19
N PRO L 98 20.84 94.09 -108.17
CA PRO L 98 20.04 92.86 -108.17
C PRO L 98 18.94 92.91 -109.21
N GLY L 99 18.71 91.80 -109.89
CA GLY L 99 17.64 91.74 -110.91
C GLY L 99 16.24 91.80 -110.33
N ASP L 100 15.24 91.66 -111.19
CA ASP L 100 13.85 91.60 -110.74
C ASP L 100 13.56 90.26 -110.06
N LEU L 101 14.29 89.21 -110.43
CA LEU L 101 14.17 87.89 -109.80
C LEU L 101 15.33 87.59 -108.87
N ILE L 102 15.02 87.48 -107.58
CA ILE L 102 15.99 86.88 -106.65
C ILE L 102 15.76 85.37 -106.70
N LEU L 103 16.79 84.63 -107.11
CA LEU L 103 16.74 83.17 -107.09
C LEU L 103 18.00 82.66 -106.40
N ALA L 104 17.86 81.58 -105.66
CA ALA L 104 18.98 81.00 -104.93
C ALA L 104 19.96 80.32 -105.90
N GLY L 105 21.24 80.31 -105.53
CA GLY L 105 22.27 79.62 -106.30
C GLY L 105 22.32 78.14 -105.97
N MET L 106 23.09 77.38 -106.76
CA MET L 106 23.25 75.95 -106.56
C MET L 106 23.83 75.56 -105.20
N GLU L 107 24.64 76.43 -104.59
CA GLU L 107 25.16 76.13 -103.25
C GLU L 107 24.10 76.23 -102.17
N THR L 108 23.17 77.20 -102.27
CA THR L 108 22.12 77.26 -101.24
C THR L 108 21.07 76.18 -101.43
N LYS L 109 20.74 75.84 -102.68
CA LYS L 109 19.83 74.73 -102.96
C LYS L 109 20.31 73.47 -102.24
N GLU L 110 21.62 73.25 -102.25
CA GLU L 110 22.22 72.06 -101.65
C GLU L 110 22.38 72.12 -100.12
N VAL L 111 22.61 73.30 -99.55
CA VAL L 111 22.64 73.38 -98.07
C VAL L 111 21.23 73.46 -97.45
N VAL L 112 20.29 74.11 -98.12
CA VAL L 112 18.90 74.06 -97.65
C VAL L 112 18.40 72.60 -97.62
N ASN L 113 18.64 71.84 -98.69
CA ASN L 113 18.15 70.46 -98.82
C ASN L 113 18.80 69.51 -97.82
N ALA L 114 20.09 69.70 -97.59
CA ALA L 114 20.80 68.90 -96.61
C ALA L 114 20.18 69.16 -95.24
N ASN L 115 19.67 70.37 -95.04
CA ASN L 115 19.03 70.74 -93.78
C ASN L 115 17.60 70.24 -93.61
N CYS L 116 16.88 70.02 -94.71
CA CYS L 116 15.59 69.33 -94.65
C CYS L 116 15.77 67.96 -94.02
N LYS L 117 16.81 67.26 -94.50
CA LYS L 117 17.13 65.91 -94.07
C LYS L 117 17.64 65.83 -92.64
N ALA L 118 18.30 66.87 -92.14
CA ALA L 118 18.83 66.83 -90.79
C ALA L 118 17.69 66.85 -89.78
N CYS L 119 16.61 67.56 -90.14
CA CYS L 119 15.48 67.72 -89.23
C CYS L 119 14.34 66.73 -89.43
N HIS L 120 14.26 66.12 -90.60
CA HIS L 120 13.12 65.27 -90.94
C HIS L 120 13.51 63.90 -91.43
N THR L 121 14.53 63.30 -90.81
CA THR L 121 15.03 61.99 -91.24
C THR L 121 13.99 60.92 -90.97
N MET L 122 13.38 61.00 -89.79
CA MET L 122 12.51 59.94 -89.29
C MET L 122 11.20 59.73 -90.08
N THR L 123 10.62 60.83 -90.56
CA THR L 123 9.48 60.84 -91.48
C THR L 123 9.80 60.05 -92.77
N ASN L 124 11.08 60.09 -93.16
CA ASN L 124 11.55 59.60 -94.45
C ASN L 124 12.40 58.33 -94.44
N VAL L 125 12.66 57.74 -93.26
CA VAL L 125 13.64 56.64 -93.13
C VAL L 125 13.43 55.38 -93.98
N GLU L 126 12.19 55.07 -94.30
CA GLU L 126 11.85 53.79 -94.92
C GLU L 126 11.44 53.92 -96.39
N VAL L 127 11.73 55.08 -96.96
CA VAL L 127 11.18 55.48 -98.24
C VAL L 127 12.31 56.12 -99.07
N ALA L 128 12.26 55.95 -100.40
CA ALA L 128 13.29 56.50 -101.29
C ALA L 128 12.98 57.96 -101.70
N SER L 129 12.66 58.78 -100.71
CA SER L 129 12.30 60.21 -100.80
C SER L 129 13.27 61.06 -101.58
N MET L 130 14.53 60.66 -101.49
CA MET L 130 15.62 61.41 -102.05
C MET L 130 15.87 61.14 -103.52
N GLU L 131 15.21 60.11 -104.07
CA GLU L 131 15.62 59.50 -105.35
C GLU L 131 14.83 59.94 -106.58
N ALA L 132 13.55 60.28 -106.43
CA ALA L 132 12.74 60.73 -107.61
C ALA L 132 12.88 62.22 -107.88
N LYS L 133 12.51 63.02 -106.88
CA LYS L 133 12.73 64.46 -106.94
C LYS L 133 14.13 64.74 -106.43
N LYS L 134 14.81 65.67 -107.09
CA LYS L 134 16.15 66.12 -106.74
C LYS L 134 16.16 66.78 -105.36
N TYR L 135 15.11 67.53 -105.05
CA TYR L 135 14.98 68.27 -103.78
C TYR L 135 13.68 67.95 -103.09
N CYS L 136 13.70 68.01 -101.76
CA CYS L 136 12.50 67.81 -100.94
C CYS L 136 11.38 68.75 -101.35
N THR L 137 11.75 70.03 -101.53
CA THR L 137 10.82 71.09 -101.90
C THR L 137 10.26 70.99 -103.31
N ASP L 138 10.68 69.97 -104.07
CA ASP L 138 10.05 69.65 -105.38
C ASP L 138 8.65 69.06 -105.16
N CYS L 139 8.43 68.48 -103.97
CA CYS L 139 7.06 68.19 -103.49
C CYS L 139 6.59 69.21 -102.44
N HIS L 140 7.44 69.52 -101.48
CA HIS L 140 7.12 70.53 -100.46
C HIS L 140 7.35 71.95 -100.97
N ARG L 141 6.58 72.29 -101.99
CA ARG L 141 6.81 73.48 -102.80
C ARG L 141 6.75 74.79 -102.03
N ASN L 142 5.76 74.94 -101.15
CA ASN L 142 5.60 76.21 -100.41
C ASN L 142 6.54 76.44 -99.23
N VAL L 143 7.36 75.44 -98.90
CA VAL L 143 8.45 75.63 -97.96
C VAL L 143 9.43 76.64 -98.59
N GLN L 144 9.36 76.73 -99.92
CA GLN L 144 10.01 77.81 -100.65
C GLN L 144 9.23 79.13 -100.56
N HIS L 145 9.26 79.74 -99.39
CA HIS L 145 8.71 81.07 -99.20
C HIS L 145 7.35 81.33 -99.86
N MET L 146 6.48 80.33 -99.83
CA MET L 146 5.09 80.44 -100.30
C MET L 146 4.95 80.93 -101.74
N ARG L 147 5.80 80.41 -102.61
CA ARG L 147 5.95 80.93 -103.97
C ARG L 147 4.73 80.82 -104.86
N MET L 148 3.73 80.01 -104.50
CA MET L 148 2.52 79.85 -105.32
C MET L 148 1.35 80.78 -104.93
N LYS L 149 1.50 81.48 -103.81
CA LYS L 149 0.45 82.37 -103.33
C LYS L 149 0.40 83.68 -104.17
N PRO L 150 -0.79 84.32 -104.25
CA PRO L 150 -0.86 85.61 -104.92
C PRO L 150 0.20 86.61 -104.44
N ILE L 151 0.76 87.35 -105.41
CA ILE L 151 1.79 88.37 -105.15
C ILE L 151 1.47 89.30 -103.98
N SER L 152 0.22 89.78 -103.89
CA SER L 152 -0.18 90.71 -102.83
C SER L 152 -0.14 90.12 -101.41
N THR L 153 0.06 88.80 -101.30
CA THR L 153 0.19 88.13 -100.00
C THR L 153 1.67 88.12 -99.50
N ARG L 154 2.59 88.50 -100.37
CA ARG L 154 4.04 88.42 -100.09
C ARG L 154 4.78 89.74 -100.29
N GLU L 155 4.29 90.61 -101.17
CA GLU L 155 5.10 91.73 -101.69
C GLU L 155 4.39 93.10 -101.77
N VAL L 156 5.12 94.17 -101.43
CA VAL L 156 4.70 95.58 -101.67
C VAL L 156 5.82 96.40 -102.31
N ALA L 157 5.45 97.55 -102.88
CA ALA L 157 6.41 98.47 -103.51
C ALA L 157 7.46 99.02 -102.54
N ASP L 158 8.68 99.23 -103.06
CA ASP L 158 9.88 99.76 -102.35
C ASP L 158 10.72 98.66 -101.70
N GLY M 2 30.88 -59.96 143.16
CA GLY M 2 29.85 -60.55 142.26
C GLY M 2 30.38 -61.30 141.05
N CYS M 3 29.55 -62.19 140.53
CA CYS M 3 29.80 -62.87 139.25
C CYS M 3 29.10 -62.16 138.10
N SER M 4 29.60 -62.42 136.88
CA SER M 4 28.98 -61.98 135.64
C SER M 4 27.83 -62.91 135.27
N ASP M 5 26.71 -62.35 134.79
CA ASP M 5 25.66 -63.19 134.20
C ASP M 5 25.83 -63.33 132.68
N VAL M 6 26.91 -62.75 132.14
CA VAL M 6 27.28 -62.95 130.72
C VAL M 6 27.90 -64.33 130.51
N SER M 7 27.05 -65.34 130.43
CA SER M 7 27.52 -66.72 130.34
C SER M 7 27.74 -67.16 128.90
N THR M 8 27.03 -66.53 127.97
CA THR M 8 27.35 -66.74 126.56
C THR M 8 28.15 -65.58 125.98
N GLU M 9 29.29 -65.95 125.40
CA GLU M 9 30.34 -65.04 124.96
C GLU M 9 30.27 -64.92 123.43
N LEU M 10 30.39 -63.68 122.94
CA LEU M 10 30.36 -63.40 121.50
C LEU M 10 31.62 -63.90 120.82
N LYS M 11 31.42 -64.75 119.82
CA LYS M 11 32.48 -65.34 119.06
C LYS M 11 32.08 -65.35 117.60
N THR M 12 33.05 -65.12 116.74
CA THR M 12 32.81 -65.23 115.31
C THR M 12 32.42 -66.69 114.98
N PRO M 13 31.24 -66.91 114.36
CA PRO M 13 30.84 -68.26 113.98
C PRO M 13 31.83 -69.04 113.10
N VAL M 14 31.96 -70.32 113.41
CA VAL M 14 32.81 -71.26 112.69
C VAL M 14 31.90 -72.36 112.12
N TYR M 15 32.13 -72.75 110.88
CA TYR M 15 31.26 -73.75 110.25
C TYR M 15 32.04 -74.96 109.77
N LYS M 16 31.44 -76.13 109.92
CA LYS M 16 31.92 -77.36 109.28
C LYS M 16 30.71 -78.16 108.81
N THR M 17 30.43 -78.11 107.51
CA THR M 17 29.24 -78.73 106.96
C THR M 17 29.43 -80.23 106.67
N LYS M 18 28.37 -80.88 106.20
CA LYS M 18 28.44 -82.26 105.74
C LYS M 18 28.62 -82.31 104.23
N LEU M 19 29.11 -81.23 103.63
CA LEU M 19 29.19 -81.09 102.17
C LEU M 19 30.58 -81.39 101.60
N THR M 20 30.64 -81.83 100.34
CA THR M 20 31.91 -82.10 99.65
C THR M 20 32.57 -80.83 99.15
N ALA M 21 33.87 -80.93 98.87
CA ALA M 21 34.66 -79.82 98.39
C ALA M 21 34.06 -79.10 97.17
N GLU M 22 33.42 -79.86 96.28
CA GLU M 22 32.92 -79.34 95.02
C GLU M 22 31.40 -79.36 94.89
N GLU M 23 30.70 -79.42 96.03
CA GLU M 23 29.25 -79.30 96.02
C GLU M 23 28.86 -77.96 95.39
N ILE M 24 27.96 -77.97 94.39
CA ILE M 24 27.48 -76.71 93.78
C ILE M 24 25.96 -76.58 93.75
N ARG M 25 25.23 -77.59 94.21
CA ARG M 25 23.78 -77.57 94.10
C ARG M 25 23.21 -76.80 95.27
N ASN M 26 22.35 -75.84 94.97
CA ASN M 26 21.75 -75.00 96.00
C ASN M 26 20.95 -75.80 97.00
N SER M 27 20.20 -76.78 96.52
CA SER M 27 19.37 -77.64 97.36
C SER M 27 20.16 -78.31 98.47
N ALA M 28 21.44 -78.56 98.22
CA ALA M 28 22.32 -79.26 99.15
C ALA M 28 22.67 -78.41 100.38
N PHE M 29 22.50 -77.10 100.25
CA PHE M 29 22.85 -76.16 101.32
C PHE M 29 21.67 -75.93 102.27
N LYS M 30 20.45 -76.09 101.74
CA LYS M 30 19.20 -75.87 102.47
C LYS M 30 19.05 -76.61 103.83
N PRO M 31 19.34 -77.93 103.88
CA PRO M 31 19.33 -78.68 105.14
C PRO M 31 20.20 -78.07 106.24
N GLU M 32 21.37 -77.56 105.83
CA GLU M 32 22.41 -77.06 106.72
C GLU M 32 22.14 -75.63 107.17
N PHE M 33 21.65 -74.80 106.23
CA PHE M 33 21.39 -73.38 106.48
C PHE M 33 19.98 -72.95 106.03
N PRO M 34 18.96 -73.37 106.80
CA PRO M 34 17.57 -73.12 106.37
C PRO M 34 17.15 -71.64 106.51
N LYS M 35 17.80 -70.91 107.40
CA LYS M 35 17.46 -69.52 107.65
C LYS M 35 17.91 -68.63 106.50
N GLN M 36 19.18 -68.75 106.10
CA GLN M 36 19.74 -67.98 104.99
C GLN M 36 19.13 -68.45 103.68
N TYR M 37 18.82 -69.74 103.58
CA TYR M 37 18.12 -70.31 102.42
C TYR M 37 16.71 -69.75 102.21
N ALA M 38 15.98 -69.54 103.30
CA ALA M 38 14.64 -68.96 103.26
C ALA M 38 14.71 -67.52 102.81
N SER M 39 15.73 -66.81 103.28
CA SER M 39 16.04 -65.43 102.84
C SER M 39 16.34 -65.38 101.36
N TYR M 40 17.18 -66.30 100.91
CA TYR M 40 17.59 -66.40 99.53
C TYR M 40 16.40 -66.68 98.62
N GLU M 41 15.41 -67.41 99.12
CA GLU M 41 14.18 -67.69 98.38
C GLU M 41 13.28 -66.46 98.11
N ARG M 42 13.51 -65.36 98.83
CA ARG M 42 12.78 -64.09 98.59
C ARG M 42 13.03 -63.45 97.23
N ASN M 43 14.12 -63.85 96.58
CA ASN M 43 14.48 -63.35 95.25
C ASN M 43 13.54 -63.84 94.16
N ASP M 44 12.69 -64.79 94.51
CA ASP M 44 11.56 -65.19 93.68
C ASP M 44 10.52 -64.08 93.48
N GLU M 45 10.40 -63.15 94.45
CA GLU M 45 9.44 -62.03 94.35
C GLU M 45 9.81 -61.17 93.18
N THR M 46 8.88 -61.09 92.22
CA THR M 46 9.13 -60.48 90.93
C THR M 46 7.92 -59.60 90.55
N THR M 47 7.33 -58.93 91.54
CA THR M 47 6.14 -58.08 91.30
C THR M 47 6.29 -56.66 91.79
N VAL M 48 7.29 -56.42 92.63
CA VAL M 48 7.42 -55.11 93.27
C VAL M 48 8.35 -54.16 92.50
N MET M 49 7.80 -52.99 92.16
CA MET M 49 8.56 -51.92 91.54
C MET M 49 8.82 -50.87 92.58
N THR M 50 9.95 -50.18 92.42
CA THR M 50 10.22 -48.98 93.20
C THR M 50 10.01 -47.79 92.20
N GLU M 51 10.54 -46.62 92.51
CA GLU M 51 10.35 -45.52 91.58
C GLU M 51 11.04 -45.72 90.20
N TYR M 52 12.35 -45.99 90.20
CA TYR M 52 13.12 -46.21 88.96
C TYR M 52 13.49 -47.68 88.72
N LYS M 53 13.50 -48.46 89.80
CA LYS M 53 13.96 -49.85 89.78
C LYS M 53 12.87 -50.81 90.25
N GLY M 54 13.27 -52.02 90.63
CA GLY M 54 12.34 -53.04 91.10
C GLY M 54 12.64 -54.37 90.45
N SER M 55 11.77 -55.36 90.66
CA SER M 55 12.02 -56.75 90.26
C SER M 55 11.12 -57.28 89.14
N VAL M 56 10.42 -56.39 88.46
CA VAL M 56 9.64 -56.75 87.27
C VAL M 56 10.53 -56.59 86.04
N PRO M 57 10.76 -57.69 85.28
CA PRO M 57 11.62 -57.67 84.09
C PRO M 57 10.97 -57.04 82.84
N PHE M 58 10.67 -55.75 82.88
CA PHE M 58 10.08 -55.08 81.71
C PHE M 58 11.15 -54.76 80.68
N ASN M 59 10.71 -54.36 79.49
CA ASN M 59 11.60 -53.98 78.40
C ASN M 59 12.10 -52.55 78.56
N LYS M 60 13.43 -52.40 78.64
CA LYS M 60 14.01 -51.15 79.13
C LYS M 60 13.86 -49.97 78.18
N ASN M 61 13.51 -50.26 76.93
CA ASN M 61 13.26 -49.23 75.93
C ASN M 61 11.78 -48.84 75.82
N ASP M 62 10.93 -49.58 76.52
CA ASP M 62 9.48 -49.49 76.36
C ASP M 62 8.79 -48.61 77.42
N ASN M 63 8.49 -47.37 77.03
CA ASN M 63 7.75 -46.41 77.86
C ASN M 63 6.32 -46.18 77.36
N VAL M 64 5.88 -47.10 76.50
CA VAL M 64 4.59 -47.01 75.81
C VAL M 64 3.58 -47.99 76.41
N ASN M 65 4.01 -49.21 76.70
CA ASN M 65 3.13 -50.27 77.26
C ASN M 65 3.12 -50.28 78.79
N PRO M 66 2.00 -50.72 79.40
CA PRO M 66 1.98 -50.94 80.86
C PRO M 66 2.87 -52.11 81.34
N LEU M 67 3.15 -52.16 82.63
CA LEU M 67 3.82 -53.31 83.24
C LEU M 67 3.02 -54.59 82.98
N PRO M 68 3.69 -55.75 82.80
CA PRO M 68 5.12 -56.04 82.88
C PRO M 68 5.90 -55.80 81.58
N GLU M 69 5.25 -55.22 80.58
CA GLU M 69 5.81 -55.06 79.24
C GLU M 69 6.68 -53.80 79.08
N GLY M 70 6.20 -52.70 79.63
CA GLY M 70 6.88 -51.42 79.57
C GLY M 70 6.74 -50.77 80.93
N TYR M 71 7.20 -49.54 81.06
CA TYR M 71 7.19 -48.86 82.36
C TYR M 71 7.34 -47.37 82.10
N ARG M 72 6.86 -46.55 83.03
CA ARG M 72 6.84 -45.08 82.87
C ARG M 72 8.24 -44.47 82.78
N HIS M 73 9.21 -45.15 83.37
CA HIS M 73 10.61 -44.71 83.32
C HIS M 73 11.39 -45.68 82.46
N ALA M 74 11.35 -45.47 81.15
CA ALA M 74 12.11 -46.30 80.23
C ALA M 74 12.95 -45.44 79.29
N GLN M 75 13.81 -46.09 78.54
CA GLN M 75 14.77 -45.41 77.70
C GLN M 75 14.45 -45.69 76.23
N PRO M 76 13.62 -44.83 75.61
CA PRO M 76 13.05 -45.12 74.26
C PRO M 76 14.06 -45.37 73.11
N TYR M 77 15.27 -44.84 73.22
CA TYR M 77 16.26 -44.88 72.11
C TYR M 77 17.31 -46.02 72.15
N LEU M 78 17.08 -47.02 73.00
CA LEU M 78 18.06 -48.09 73.23
C LEU M 78 18.32 -48.96 72.02
N LYS M 79 17.28 -49.35 71.31
CA LYS M 79 17.48 -50.14 70.10
C LYS M 79 18.11 -49.35 68.96
N ASN M 80 17.81 -48.04 68.88
CA ASN M 80 18.47 -47.17 67.91
C ASN M 80 19.97 -47.18 68.13
N LEU M 81 20.35 -46.94 69.38
CA LEU M 81 21.77 -46.77 69.78
C LEU M 81 22.59 -48.06 69.71
N TRP M 82 21.90 -49.19 69.80
CA TRP M 82 22.53 -50.51 69.76
C TRP M 82 22.21 -51.28 68.47
N LEU M 83 21.79 -50.55 67.43
CA LEU M 83 21.54 -51.14 66.12
C LEU M 83 22.73 -51.97 65.67
N GLY M 84 22.46 -53.22 65.32
CA GLY M 84 23.50 -54.11 64.79
C GLY M 84 24.19 -54.87 65.90
N TYR M 85 23.71 -54.66 67.13
CA TYR M 85 24.21 -55.36 68.31
C TYR M 85 23.06 -56.20 68.93
N PRO M 86 23.40 -57.36 69.54
CA PRO M 86 22.43 -58.21 70.21
C PRO M 86 21.52 -57.52 71.23
N PHE M 87 21.98 -56.41 71.82
CA PHE M 87 21.15 -55.64 72.74
C PHE M 87 19.92 -54.99 72.08
N MET M 88 19.90 -54.91 70.75
CA MET M 88 18.72 -54.39 70.05
C MET M 88 17.57 -55.42 69.94
N TYR M 89 17.84 -56.70 70.19
CA TYR M 89 16.77 -57.71 70.20
C TYR M 89 15.95 -57.76 71.48
N GLU M 90 16.62 -57.77 72.62
CA GLU M 90 15.92 -57.86 73.89
C GLU M 90 16.84 -57.38 74.99
N TYR M 91 16.27 -56.64 75.93
CA TYR M 91 17.02 -56.10 77.06
C TYR M 91 16.01 -55.71 78.12
N ARG M 92 16.09 -56.38 79.27
CA ARG M 92 15.08 -56.28 80.32
C ARG M 92 15.67 -55.84 81.66
N GLU M 93 14.80 -55.30 82.51
CA GLU M 93 15.15 -54.99 83.88
C GLU M 93 15.68 -56.25 84.60
N ALA M 94 16.81 -56.11 85.28
CA ALA M 94 17.41 -57.17 86.09
C ALA M 94 16.50 -57.51 87.26
N ARG M 95 16.53 -58.77 87.68
CA ARG M 95 15.71 -59.24 88.78
C ARG M 95 16.46 -60.33 89.55
N GLY M 96 15.77 -60.99 90.48
CA GLY M 96 16.44 -61.82 91.50
C GLY M 96 17.46 -62.84 91.02
N HIS M 97 18.48 -63.10 91.82
CA HIS M 97 19.46 -64.13 91.47
C HIS M 97 18.84 -65.52 91.08
N THR M 98 17.76 -65.90 91.78
CA THR M 98 17.04 -67.14 91.53
C THR M 98 16.61 -67.33 90.06
N TYR M 99 16.51 -66.21 89.32
CA TYR M 99 16.04 -66.22 87.92
C TYR M 99 17.10 -66.20 86.84
N ALA M 100 18.37 -66.12 87.23
CA ALA M 100 19.44 -65.80 86.28
C ALA M 100 19.56 -66.74 85.08
N ILE M 101 19.53 -68.05 85.33
CA ILE M 101 19.59 -69.05 84.26
C ILE M 101 18.27 -69.14 83.48
N GLN M 102 17.14 -68.95 84.15
CA GLN M 102 15.84 -68.92 83.46
C GLN M 102 15.73 -67.77 82.47
N ASP M 103 16.15 -66.58 82.90
CA ASP M 103 16.13 -65.40 82.07
C ASP M 103 17.14 -65.46 80.94
N PHE M 104 18.31 -66.04 81.24
CA PHE M 104 19.36 -66.27 80.27
C PHE M 104 18.88 -67.16 79.13
N LEU M 105 18.10 -68.17 79.47
CA LEU M 105 17.59 -69.13 78.50
C LEU M 105 16.29 -68.67 77.79
N HIS M 106 15.75 -67.54 78.24
CA HIS M 106 14.59 -66.87 77.60
CA HIS M 106 14.63 -66.95 77.52
C HIS M 106 14.98 -65.72 76.67
N ILE M 107 16.15 -65.12 76.91
CA ILE M 107 16.60 -63.91 76.18
C ILE M 107 16.83 -64.11 74.69
N ASP M 108 16.39 -63.13 73.90
CA ASP M 108 16.47 -63.16 72.44
C ASP M 108 17.84 -62.76 71.90
N ARG M 109 18.70 -62.27 72.79
CA ARG M 109 20.04 -61.83 72.45
C ARG M 109 20.87 -63.02 71.95
N ILE M 110 20.69 -64.18 72.59
CA ILE M 110 21.26 -65.45 72.14
C ILE M 110 20.36 -66.01 71.03
N ASN M 111 20.96 -66.38 69.89
CA ASN M 111 20.18 -66.90 68.77
C ASN M 111 19.49 -68.23 69.13
N ARG M 112 18.17 -68.26 69.03
CA ARG M 112 17.42 -69.49 69.31
C ARG M 112 16.83 -70.07 68.03
N TYR M 113 17.17 -69.46 66.89
CA TYR M 113 16.65 -69.83 65.58
C TYR M 113 17.73 -70.51 64.73
N ALA M 114 18.74 -71.04 65.42
CA ALA M 114 19.77 -71.89 64.83
C ALA M 114 20.26 -72.80 65.96
N GLU M 115 21.16 -73.74 65.63
CA GLU M 115 21.78 -74.60 66.64
C GLU M 115 22.79 -73.81 67.48
N LYS M 116 23.60 -73.02 66.80
CA LYS M 116 24.57 -72.15 67.44
C LYS M 116 23.94 -70.83 67.89
N GLY M 117 24.34 -70.38 69.07
CA GLY M 117 23.77 -69.18 69.68
C GLY M 117 24.40 -67.90 69.19
N GLY M 118 25.53 -68.01 68.50
CA GLY M 118 26.29 -66.85 68.01
C GLY M 118 27.00 -66.05 69.09
N LEU M 119 26.99 -66.56 70.31
CA LEU M 119 27.66 -65.92 71.41
C LEU M 119 28.57 -66.95 72.11
N PRO M 120 29.69 -66.49 72.70
CA PRO M 120 30.59 -67.43 73.36
C PRO M 120 30.05 -68.01 74.67
N ALA M 121 30.61 -69.16 75.05
CA ALA M 121 30.28 -69.81 76.31
C ALA M 121 30.69 -68.99 77.54
N THR M 122 31.45 -67.91 77.33
CA THR M 122 31.71 -66.88 78.36
C THR M 122 30.44 -66.20 78.91
N CYS M 123 29.35 -66.21 78.13
CA CYS M 123 28.04 -65.74 78.63
C CYS M 123 27.54 -66.44 79.91
N TRP M 124 27.98 -67.67 80.12
CA TRP M 124 27.71 -68.47 81.33
C TRP M 124 28.49 -68.01 82.55
N ASN M 125 29.60 -67.28 82.31
CA ASN M 125 30.53 -66.86 83.36
C ASN M 125 29.93 -66.34 84.67
N CYS M 126 28.93 -65.45 84.58
CA CYS M 126 28.31 -64.88 85.77
C CYS M 126 26.88 -65.34 86.03
N LYS M 127 26.57 -66.59 85.71
CA LYS M 127 25.20 -67.13 85.78
C LYS M 127 25.11 -68.40 86.62
N THR M 128 26.25 -69.08 86.84
CA THR M 128 26.21 -70.41 87.47
C THR M 128 27.55 -70.85 88.09
N PRO M 129 27.53 -71.46 89.31
CA PRO M 129 28.74 -72.10 89.86
C PRO M 129 29.23 -73.32 89.06
N LYS M 130 28.41 -73.80 88.13
CA LYS M 130 28.80 -74.83 87.17
C LYS M 130 30.02 -74.43 86.34
N MET M 131 30.34 -73.13 86.32
CA MET M 131 31.56 -72.60 85.69
C MET M 131 32.84 -73.27 86.19
N MET M 132 32.85 -73.72 87.44
CA MET M 132 34.07 -74.32 87.98
C MET M 132 34.36 -75.70 87.36
N GLU M 133 33.33 -76.54 87.20
CA GLU M 133 33.45 -77.82 86.46
C GLU M 133 33.84 -77.60 85.01
N TRP M 134 33.19 -76.63 84.39
CA TRP M 134 33.36 -76.41 82.95
C TRP M 134 34.75 -75.95 82.53
N VAL M 135 35.39 -75.09 83.34
CA VAL M 135 36.75 -74.60 83.08
C VAL M 135 37.79 -75.65 83.49
N LYS M 136 37.52 -76.34 84.59
CA LYS M 136 38.28 -77.54 84.97
C LYS M 136 38.35 -78.57 83.84
N GLU M 137 37.25 -78.75 83.12
CA GLU M 137 37.13 -79.73 82.06
C GLU M 137 37.72 -79.27 80.72
N SER M 138 37.49 -78.03 80.33
CA SER M 138 37.94 -77.56 79.00
C SER M 138 39.15 -76.61 79.02
N GLY M 139 39.54 -76.13 80.20
CA GLY M 139 40.59 -75.12 80.32
C GLY M 139 40.32 -73.85 79.53
N ASP M 140 41.38 -73.33 78.91
CA ASP M 140 41.32 -72.12 78.07
C ASP M 140 40.40 -72.26 76.84
N GLY M 141 40.17 -73.51 76.42
CA GLY M 141 39.25 -73.81 75.33
C GLY M 141 37.77 -73.54 75.59
N PHE M 142 37.40 -73.39 76.87
CA PHE M 142 36.00 -73.25 77.28
C PHE M 142 35.36 -72.02 76.68
N TRP M 143 36.04 -70.88 76.83
CA TRP M 143 35.50 -69.57 76.54
C TRP M 143 34.92 -69.39 75.13
N ALA M 144 35.65 -69.87 74.11
CA ALA M 144 35.24 -69.65 72.71
C ALA M 144 34.31 -70.73 72.15
N LYS M 145 33.92 -71.70 72.98
CA LYS M 145 32.81 -72.59 72.66
C LYS M 145 31.54 -71.76 72.45
N ASP M 146 30.57 -72.32 71.72
CA ASP M 146 29.31 -71.64 71.54
C ASP M 146 28.48 -71.77 72.80
N VAL M 147 27.76 -70.69 73.12
CA VAL M 147 26.94 -70.60 74.33
C VAL M 147 25.93 -71.76 74.45
N ASN M 148 25.32 -72.14 73.33
CA ASN M 148 24.23 -73.12 73.30
C ASN M 148 24.68 -74.55 73.59
N GLU M 149 25.98 -74.78 73.54
CA GLU M 149 26.57 -76.09 73.89
C GLU M 149 26.21 -76.58 75.29
N PHE M 150 25.96 -75.65 76.21
CA PHE M 150 25.71 -76.01 77.60
C PHE M 150 24.28 -75.77 78.06
N ARG M 151 23.38 -75.36 77.15
CA ARG M 151 22.02 -74.96 77.60
C ARG M 151 21.12 -76.10 78.09
N ASP M 152 21.36 -77.31 77.61
CA ASP M 152 20.65 -78.51 78.10
C ASP M 152 21.48 -79.30 79.12
N LYS M 153 22.55 -78.68 79.62
CA LYS M 153 23.51 -79.35 80.51
C LYS M 153 23.61 -78.68 81.89
N ILE M 154 22.48 -78.13 82.33
CA ILE M 154 22.39 -77.36 83.56
C ILE M 154 20.97 -77.50 84.15
N ASP M 155 20.87 -77.49 85.48
CA ASP M 155 19.59 -77.37 86.22
C ASP M 155 19.29 -75.89 86.50
N MET M 156 18.22 -75.39 85.88
CA MET M 156 17.76 -74.01 85.98
C MET M 156 17.62 -73.47 87.41
N LYS M 157 17.32 -74.37 88.35
CA LYS M 157 17.05 -73.99 89.73
C LYS M 157 18.24 -74.27 90.63
N ASP M 158 18.78 -75.49 90.55
CA ASP M 158 19.81 -75.93 91.47
C ASP M 158 21.16 -75.37 91.11
N HIS M 159 21.32 -74.89 89.88
CA HIS M 159 22.60 -74.36 89.45
C HIS M 159 22.66 -72.86 89.15
N THR M 160 21.60 -72.11 89.45
CA THR M 160 21.69 -70.65 89.29
C THR M 160 22.66 -70.13 90.33
N ILE M 161 22.99 -68.85 90.20
CA ILE M 161 23.73 -68.13 91.23
C ILE M 161 23.20 -68.57 92.59
N GLY M 162 24.10 -69.11 93.38
CA GLY M 162 23.75 -69.53 94.73
C GLY M 162 24.99 -69.70 95.57
N CYS M 163 24.82 -70.47 96.65
CA CYS M 163 25.78 -70.57 97.74
C CYS M 163 27.23 -70.76 97.33
N ALA M 164 27.52 -71.73 96.46
CA ALA M 164 28.92 -71.99 96.11
C ALA M 164 29.57 -70.85 95.28
N THR M 165 28.77 -69.95 94.71
CA THR M 165 29.32 -68.73 94.08
C THR M 165 30.22 -67.94 95.03
N CYS M 166 29.83 -67.83 96.31
CA CYS M 166 30.53 -67.00 97.30
C CYS M 166 31.08 -67.72 98.53
N HIS M 167 30.65 -68.97 98.73
CA HIS M 167 31.00 -69.77 99.91
C HIS M 167 31.77 -71.06 99.61
N ASP M 168 32.80 -71.32 100.41
CA ASP M 168 33.37 -72.66 100.53
C ASP M 168 32.31 -73.59 101.12
N PRO M 169 31.87 -74.61 100.35
CA PRO M 169 30.78 -75.50 100.82
C PRO M 169 31.10 -76.28 102.09
N GLN M 170 32.40 -76.40 102.41
CA GLN M 170 32.82 -77.04 103.65
C GLN M 170 32.84 -76.12 104.89
N THR M 171 33.40 -74.93 104.75
CA THR M 171 33.67 -74.07 105.90
C THR M 171 32.80 -72.82 105.87
N MET M 172 32.15 -72.59 104.72
CA MET M 172 31.28 -71.43 104.47
C MET M 172 32.01 -70.08 104.48
N GLU M 173 33.34 -70.14 104.49
CA GLU M 173 34.15 -68.94 104.38
C GLU M 173 33.93 -68.30 103.01
N LEU M 174 33.99 -66.97 102.97
CA LEU M 174 33.77 -66.23 101.74
C LEU M 174 34.87 -66.51 100.71
N ARG M 175 34.46 -66.62 99.45
CA ARG M 175 35.28 -67.10 98.33
C ARG M 175 35.14 -66.22 97.11
N ILE M 176 36.22 -66.09 96.34
CA ILE M 176 36.13 -65.64 94.96
C ILE M 176 36.34 -66.81 94.00
N THR M 177 35.26 -67.18 93.32
CA THR M 177 35.23 -68.26 92.34
C THR M 177 35.46 -67.75 90.91
N SER M 178 35.40 -66.41 90.77
CA SER M 178 35.52 -65.68 89.51
C SER M 178 36.91 -65.71 88.86
N VAL M 179 36.99 -66.18 87.62
CA VAL M 179 38.26 -66.15 86.87
C VAL M 179 38.75 -64.70 86.59
N PRO M 180 37.90 -63.83 85.96
CA PRO M 180 38.41 -62.49 85.66
C PRO M 180 38.69 -61.61 86.87
N LEU M 181 37.89 -61.72 87.94
CA LEU M 181 38.18 -60.99 89.18
C LEU M 181 39.49 -61.44 89.82
N THR M 182 39.77 -62.75 89.79
CA THR M 182 41.00 -63.33 90.31
C THR M 182 42.21 -62.76 89.54
N ASP M 183 42.10 -62.74 88.20
CA ASP M 183 43.11 -62.18 87.31
C ASP M 183 43.42 -60.73 87.68
N TYR M 184 42.38 -59.92 87.89
CA TYR M 184 42.58 -58.52 88.32
C TYR M 184 43.29 -58.44 89.67
N LEU M 185 42.86 -59.25 90.63
CA LEU M 185 43.44 -59.21 91.98
C LEU M 185 44.91 -59.59 91.97
N VAL M 186 45.21 -60.69 91.26
CA VAL M 186 46.60 -61.13 91.03
C VAL M 186 47.47 -60.04 90.37
N SER M 187 46.94 -59.36 89.37
CA SER M 187 47.65 -58.24 88.75
C SER M 187 47.97 -57.10 89.75
N GLN M 188 47.25 -57.04 90.87
CA GLN M 188 47.45 -56.00 91.87
C GLN M 188 48.31 -56.44 93.05
N GLY M 189 48.84 -57.66 92.96
CA GLY M 189 49.61 -58.28 94.03
C GLY M 189 48.77 -58.67 95.23
N LYS M 190 47.48 -58.91 95.02
CA LYS M 190 46.58 -59.28 96.12
C LYS M 190 46.34 -60.79 96.16
N ASP M 191 46.36 -61.36 97.36
CA ASP M 191 46.07 -62.78 97.54
C ASP M 191 44.58 -62.95 97.68
N PRO M 192 43.92 -63.56 96.67
CA PRO M 192 42.47 -63.75 96.70
C PRO M 192 41.98 -64.62 97.88
N LYS M 193 42.89 -65.35 98.54
CA LYS M 193 42.54 -66.18 99.70
C LYS M 193 42.77 -65.48 101.06
N LYS M 194 43.33 -64.28 101.04
CA LYS M 194 43.70 -63.54 102.27
C LYS M 194 43.24 -62.09 102.21
N LEU M 195 42.07 -61.86 101.63
CA LEU M 195 41.53 -60.52 101.53
C LEU M 195 40.83 -60.10 102.84
N PRO M 196 41.06 -58.84 103.29
CA PRO M 196 40.33 -58.31 104.43
C PRO M 196 38.82 -58.51 104.26
N ARG M 197 38.10 -58.62 105.38
CA ARG M 197 36.65 -58.84 105.36
C ARG M 197 35.85 -57.68 104.73
N ASN M 198 36.13 -56.43 105.11
CA ASN M 198 35.40 -55.28 104.51
C ASN M 198 35.53 -55.22 102.98
N GLU M 199 36.71 -55.59 102.46
CA GLU M 199 36.98 -55.70 101.01
C GLU M 199 36.19 -56.82 100.33
N MET M 200 36.22 -58.01 100.92
CA MET M 200 35.44 -59.18 100.46
C MET M 200 33.94 -58.90 100.36
N ARG M 201 33.40 -58.14 101.31
CA ARG M 201 31.99 -57.76 101.31
C ARG M 201 31.55 -56.83 100.16
N ALA M 202 32.51 -56.44 99.33
CA ALA M 202 32.24 -55.78 98.05
C ALA M 202 32.66 -56.65 96.86
N LEU M 203 33.84 -57.27 96.95
CA LEU M 203 34.36 -58.13 95.87
C LEU M 203 33.47 -59.32 95.51
N VAL M 204 32.80 -59.96 96.48
CA VAL M 204 31.82 -61.03 96.15
C VAL M 204 30.79 -60.60 95.09
N CYS M 205 30.41 -59.30 95.10
CA CYS M 205 29.49 -58.71 94.12
C CYS M 205 30.24 -58.28 92.88
N GLY M 206 31.48 -57.83 93.11
CA GLY M 206 32.41 -57.42 92.07
C GLY M 206 32.89 -58.55 91.18
N GLN M 207 32.48 -59.80 91.47
CA GLN M 207 32.70 -60.90 90.52
C GLN M 207 31.81 -60.75 89.27
N CYS M 208 30.69 -60.05 89.38
CA CYS M 208 29.75 -59.98 88.26
C CYS M 208 29.23 -58.60 87.92
N HIS M 209 29.03 -57.76 88.93
CA HIS M 209 28.40 -56.44 88.76
C HIS M 209 29.44 -55.43 88.32
N VAL M 210 30.02 -55.71 87.17
CA VAL M 210 31.18 -54.99 86.64
C VAL M 210 31.05 -54.83 85.11
N GLU M 211 31.82 -53.89 84.56
CA GLU M 211 32.04 -53.76 83.13
C GLU M 211 33.15 -54.74 82.74
N TYR M 212 33.01 -55.34 81.57
CA TYR M 212 33.87 -56.43 81.15
C TYR M 212 33.91 -56.42 79.64
N TYR M 213 34.85 -57.16 79.07
CA TYR M 213 34.86 -57.36 77.65
C TYR M 213 35.38 -58.78 77.43
N PHE M 214 35.32 -59.25 76.19
CA PHE M 214 35.80 -60.58 75.82
C PHE M 214 37.02 -60.43 74.94
N ASN M 215 38.06 -61.25 75.14
CA ASN M 215 39.24 -61.19 74.25
C ASN M 215 38.90 -61.45 72.80
N GLY M 216 39.51 -60.68 71.91
CA GLY M 216 39.53 -61.02 70.49
C GLY M 216 40.56 -62.11 70.29
N PRO M 217 40.63 -62.69 69.07
CA PRO M 217 41.51 -63.84 68.76
C PRO M 217 42.98 -63.57 69.03
N THR M 218 43.37 -62.30 68.97
CA THR M 218 44.75 -61.87 69.02
C THR M 218 45.12 -61.13 70.31
N MET M 219 44.23 -61.15 71.29
CA MET M 219 44.44 -60.38 72.52
C MET M 219 44.86 -61.22 73.73
N GLY M 220 44.95 -62.52 73.54
CA GLY M 220 45.27 -63.46 74.62
C GLY M 220 44.37 -64.62 74.37
N VAL M 221 44.00 -65.35 75.41
CA VAL M 221 43.05 -66.45 75.25
C VAL M 221 41.76 -65.92 74.62
N ASN M 222 41.39 -66.49 73.48
CA ASN M 222 40.20 -66.08 72.74
C ASN M 222 38.91 -66.15 73.56
N LYS M 223 38.25 -65.00 73.62
CA LYS M 223 36.95 -64.84 74.31
C LYS M 223 36.95 -64.93 75.85
N LYS M 224 38.12 -64.99 76.44
CA LYS M 224 38.23 -64.93 77.89
C LYS M 224 37.71 -63.56 78.39
N PRO M 225 36.94 -63.56 79.49
CA PRO M 225 36.49 -62.27 80.04
C PRO M 225 37.60 -61.51 80.79
N VAL M 226 37.65 -60.21 80.57
CA VAL M 226 38.61 -59.34 81.25
C VAL M 226 37.85 -58.15 81.79
N PHE M 227 38.21 -57.70 82.99
CA PHE M 227 37.70 -56.42 83.49
C PHE M 227 38.70 -55.36 83.07
N PRO M 228 38.24 -54.33 82.33
CA PRO M 228 39.16 -53.32 81.78
C PRO M 228 39.58 -52.29 82.82
N TRP M 229 40.21 -52.77 83.90
CA TRP M 229 40.38 -51.95 85.10
C TRP M 229 41.78 -51.33 85.33
N ALA M 230 42.73 -51.66 84.45
CA ALA M 230 44.15 -51.32 84.61
C ALA M 230 44.53 -49.81 84.65
N GLU M 231 43.72 -48.95 84.03
CA GLU M 231 43.97 -47.50 83.99
C GLU M 231 43.22 -46.75 85.08
N GLY M 232 42.36 -47.45 85.81
CA GLY M 232 41.49 -46.85 86.82
C GLY M 232 40.04 -47.26 86.61
N PHE M 233 39.16 -46.80 87.51
CA PHE M 233 37.73 -47.22 87.54
C PHE M 233 36.74 -46.24 86.87
N ASP M 234 37.15 -44.99 86.64
CA ASP M 234 36.26 -43.98 86.06
C ASP M 234 36.09 -44.19 84.55
N PRO M 235 35.03 -43.61 83.93
CA PRO M 235 34.79 -43.75 82.48
C PRO M 235 35.96 -43.33 81.59
N ALA M 236 36.64 -42.25 81.97
CA ALA M 236 37.81 -41.74 81.26
C ALA M 236 38.95 -42.74 81.28
N ASP M 237 39.16 -43.35 82.44
CA ASP M 237 40.17 -44.40 82.62
C ASP M 237 39.88 -45.66 81.78
N MET M 238 38.62 -46.10 81.79
CA MET M 238 38.21 -47.26 81.00
C MET M 238 38.25 -46.97 79.51
N TYR M 239 37.88 -45.74 79.14
CA TYR M 239 37.94 -45.31 77.74
C TYR M 239 39.37 -45.30 77.20
N ARG M 240 40.30 -44.78 78.00
CA ARG M 240 41.75 -44.85 77.76
C ARG M 240 42.28 -46.28 77.65
N TYR M 241 41.91 -47.15 78.59
CA TYR M 241 42.22 -48.60 78.47
C TYR M 241 41.82 -49.14 77.09
N TYR M 242 40.60 -48.83 76.64
CA TYR M 242 40.12 -49.30 75.32
C TYR M 242 40.76 -48.63 74.09
N ASP M 243 41.49 -47.54 74.31
CA ASP M 243 42.36 -46.93 73.30
C ASP M 243 43.63 -47.77 73.06
N LYS M 244 44.10 -48.46 74.11
CA LYS M 244 45.41 -49.12 74.12
C LYS M 244 45.32 -50.64 73.97
N HIS M 245 44.16 -51.20 74.27
CA HIS M 245 43.94 -52.63 74.18
C HIS M 245 42.82 -52.88 73.19
N GLY M 246 43.03 -53.78 72.24
CA GLY M 246 42.07 -54.02 71.18
C GLY M 246 42.73 -54.46 69.88
N ASP M 247 41.93 -54.67 68.85
CA ASP M 247 42.43 -55.31 67.63
C ASP M 247 41.94 -54.68 66.30
N LEU M 248 41.34 -53.49 66.38
CA LEU M 248 40.80 -52.85 65.18
C LEU M 248 41.89 -52.42 64.22
N GLN M 249 41.62 -52.60 62.94
CA GLN M 249 42.56 -52.20 61.90
C GLN M 249 42.06 -50.98 61.12
N VAL M 250 40.81 -50.58 61.38
CA VAL M 250 40.16 -49.39 60.79
C VAL M 250 41.03 -48.14 60.93
N LYS M 251 41.13 -47.36 59.85
CA LYS M 251 41.93 -46.12 59.85
C LYS M 251 41.37 -45.05 60.83
N GLY M 252 42.25 -44.58 61.72
CA GLY M 252 41.89 -43.70 62.82
C GLY M 252 41.67 -44.43 64.16
N PHE M 253 41.52 -45.75 64.10
CA PHE M 253 41.08 -46.57 65.22
C PHE M 253 41.98 -47.81 65.41
N GLU M 254 43.22 -47.71 64.94
CA GLU M 254 44.10 -48.86 64.84
C GLU M 254 44.53 -49.32 66.24
N GLY M 255 44.21 -50.58 66.55
CA GLY M 255 44.53 -51.17 67.86
C GLY M 255 43.56 -50.86 69.00
N LYS M 256 42.46 -50.21 68.69
CA LYS M 256 41.41 -49.89 69.68
C LYS M 256 40.48 -51.08 69.79
N PHE M 257 39.76 -51.13 70.90
CA PHE M 257 38.74 -52.14 71.08
C PHE M 257 37.40 -51.67 70.50
N ALA M 258 36.65 -52.62 69.94
CA ALA M 258 35.26 -52.38 69.57
C ALA M 258 34.45 -53.65 69.77
N ASP M 259 33.25 -53.50 70.35
CA ASP M 259 32.28 -54.59 70.53
C ASP M 259 31.48 -54.86 69.27
N TRP M 260 31.17 -53.79 68.53
CA TRP M 260 30.59 -53.87 67.18
C TRP M 260 30.79 -52.51 66.50
N THR M 261 30.56 -52.42 65.20
CA THR M 261 30.50 -51.10 64.58
C THR M 261 29.06 -50.82 64.19
N HIS M 262 28.59 -49.61 64.51
CA HIS M 262 27.21 -49.22 64.27
C HIS M 262 26.97 -49.15 62.76
N PRO M 263 25.93 -49.85 62.25
CA PRO M 263 25.69 -49.94 60.81
C PRO M 263 25.23 -48.64 60.14
N ALA M 264 24.53 -47.76 60.86
CA ALA M 264 24.17 -46.43 60.34
C ALA M 264 25.38 -45.47 60.22
N SER M 265 26.04 -45.17 61.34
CA SER M 265 27.11 -44.18 61.38
C SER M 265 28.50 -44.73 61.04
N LYS M 266 28.63 -46.07 61.05
CA LYS M 266 29.90 -46.81 60.81
C LYS M 266 30.95 -46.49 61.86
N THR M 267 30.49 -46.24 63.07
CA THR M 267 31.35 -45.97 64.21
C THR M 267 31.68 -47.29 64.94
N PRO M 268 32.98 -47.54 65.21
CA PRO M 268 33.40 -48.67 66.07
C PRO M 268 33.10 -48.37 67.54
N MET M 269 32.21 -49.16 68.13
CA MET M 269 31.60 -48.85 69.44
C MET M 269 32.09 -49.73 70.58
N ILE M 270 32.13 -49.14 71.77
CA ILE M 270 32.26 -49.89 73.03
C ILE M 270 30.89 -50.00 73.68
N LYS M 271 30.60 -51.18 74.22
CA LYS M 271 29.38 -51.43 74.98
C LYS M 271 29.77 -51.51 76.45
N ALA M 272 29.04 -50.77 77.29
CA ALA M 272 29.22 -50.83 78.73
C ALA M 272 28.23 -51.79 79.31
N GLN M 273 28.56 -52.35 80.47
CA GLN M 273 27.68 -53.30 81.14
C GLN M 273 27.75 -53.06 82.62
N HIS M 274 26.58 -52.96 83.26
CA HIS M 274 26.43 -52.86 84.71
C HIS M 274 27.71 -52.60 85.52
N PRO M 275 28.29 -51.38 85.43
CA PRO M 275 29.53 -51.14 86.16
C PRO M 275 29.30 -50.74 87.61
N GLU M 276 28.58 -51.56 88.38
CA GLU M 276 28.24 -51.19 89.76
C GLU M 276 29.46 -51.10 90.67
N TYR M 277 30.44 -51.98 90.51
CA TYR M 277 31.62 -51.98 91.38
C TYR M 277 32.50 -50.74 91.15
N GLU M 278 32.77 -50.43 89.88
CA GLU M 278 33.62 -49.28 89.45
C GLU M 278 33.02 -47.92 89.82
N THR M 279 31.69 -47.86 89.80
CA THR M 279 30.90 -46.68 90.14
C THR M 279 30.88 -46.50 91.67
N TRP M 280 30.53 -47.57 92.38
CA TRP M 280 30.47 -47.59 93.83
C TRP M 280 31.80 -47.23 94.53
N ILE M 281 32.90 -47.76 94.03
CA ILE M 281 34.18 -47.72 94.74
C ILE M 281 34.75 -46.34 95.17
N ASN M 282 34.55 -45.30 94.36
CA ASN M 282 34.92 -43.94 94.74
C ASN M 282 33.72 -42.98 94.91
N GLY M 283 32.55 -43.53 95.21
CA GLY M 283 31.39 -42.71 95.49
C GLY M 283 31.36 -42.41 96.96
N THR M 284 30.33 -41.69 97.40
CA THR M 284 30.22 -41.25 98.81
C THR M 284 30.32 -42.38 99.83
N HIS M 285 29.59 -43.47 99.62
CA HIS M 285 29.62 -44.64 100.49
C HIS M 285 30.84 -45.56 100.25
N GLY M 286 31.12 -45.90 98.99
CA GLY M 286 32.33 -46.69 98.69
C GLY M 286 33.60 -46.10 99.30
N ALA M 287 33.81 -44.80 99.14
CA ALA M 287 35.07 -44.21 99.60
C ALA M 287 35.14 -44.13 101.13
N ALA M 288 33.97 -44.17 101.77
CA ALA M 288 33.90 -44.20 103.24
C ALA M 288 33.88 -45.62 103.82
N GLY M 289 34.18 -46.61 102.99
CA GLY M 289 34.26 -48.01 103.39
C GLY M 289 32.91 -48.71 103.56
N VAL M 290 31.85 -48.13 102.98
CA VAL M 290 30.49 -48.70 103.08
C VAL M 290 30.24 -49.53 101.84
N THR M 291 29.72 -50.73 102.04
CA THR M 291 29.98 -51.86 101.19
C THR M 291 28.68 -52.40 100.55
N CYS M 292 28.78 -53.13 99.44
CA CYS M 292 27.54 -53.73 98.86
C CYS M 292 26.77 -54.55 99.88
N ALA M 293 27.47 -55.27 100.74
CA ALA M 293 26.81 -56.12 101.71
C ALA M 293 26.16 -55.31 102.85
N ASP M 294 26.78 -54.19 103.24
CA ASP M 294 26.19 -53.24 104.21
C ASP M 294 24.75 -52.82 103.91
N CYS M 295 24.43 -52.59 102.64
CA CYS M 295 23.10 -52.15 102.23
C CYS M 295 22.19 -53.22 101.60
N HIS M 296 22.80 -54.22 100.98
CA HIS M 296 22.04 -55.19 100.22
C HIS M 296 22.00 -56.54 100.89
N MET M 297 22.85 -56.71 101.89
CA MET M 297 22.85 -57.95 102.68
C MET M 297 22.87 -57.59 104.15
N SER M 298 22.09 -56.57 104.52
CA SER M 298 22.10 -56.08 105.88
C SER M 298 21.56 -57.11 106.86
N TYR M 299 22.05 -57.01 108.11
CA TYR M 299 21.60 -57.85 109.19
C TYR M 299 20.11 -57.65 109.44
N THR M 300 19.39 -58.74 109.57
CA THR M 300 17.95 -58.69 109.82
C THR M 300 17.64 -59.60 110.98
N ARG M 301 16.96 -59.07 112.00
CA ARG M 301 16.69 -59.88 113.19
C ARG M 301 15.39 -60.68 113.04
N SER M 302 15.46 -61.72 112.23
CA SER M 302 14.29 -62.51 111.85
C SER M 302 14.29 -63.94 112.42
N ASP M 303 15.35 -64.26 113.18
CA ASP M 303 15.49 -65.56 113.84
C ASP M 303 15.29 -65.40 115.34
N ASP M 304 14.04 -65.46 115.80
CA ASP M 304 13.62 -64.76 117.03
C ASP M 304 14.06 -63.31 116.84
N LYS M 305 15.01 -62.82 117.63
CA LYS M 305 15.57 -61.49 117.38
C LYS M 305 17.07 -61.52 117.20
N LYS M 306 17.58 -62.65 116.73
CA LYS M 306 18.99 -62.79 116.40
C LYS M 306 19.17 -62.33 114.98
N LYS M 307 20.24 -61.59 114.74
CA LYS M 307 20.65 -61.23 113.37
C LYS M 307 20.93 -62.45 112.46
N ILE M 308 20.54 -62.27 111.21
CA ILE M 308 20.88 -63.10 110.08
C ILE M 308 21.32 -62.10 109.02
N SER M 309 22.20 -62.50 108.11
CA SER M 309 22.54 -61.66 106.98
C SER M 309 21.49 -61.96 105.93
N SER M 310 20.85 -60.90 105.43
CA SER M 310 19.83 -60.99 104.39
C SER M 310 20.45 -61.50 103.10
N HIS M 311 19.82 -62.49 102.48
CA HIS M 311 20.29 -63.01 101.20
C HIS M 311 19.27 -62.71 100.10
N TRP M 312 18.48 -61.68 100.38
CA TRP M 312 17.57 -61.09 99.44
C TRP M 312 18.33 -59.92 98.82
N TRP M 313 18.78 -60.10 97.59
CA TRP M 313 19.56 -59.08 96.90
C TRP M 313 18.63 -58.36 95.98
N THR M 314 18.24 -57.17 96.41
CA THR M 314 17.14 -56.44 95.79
C THR M 314 17.33 -54.95 96.08
N SER M 315 16.41 -54.11 95.60
CA SER M 315 16.38 -52.71 96.01
C SER M 315 16.19 -52.57 97.52
N PRO M 316 17.04 -51.77 98.19
CA PRO M 316 16.81 -51.38 99.59
C PRO M 316 15.54 -50.52 99.84
N MET M 317 14.95 -49.97 98.78
CA MET M 317 13.70 -49.17 98.86
C MET M 317 12.44 -50.01 98.93
N LYS M 318 12.55 -51.33 98.90
CA LYS M 318 11.42 -52.21 99.08
C LYS M 318 10.98 -52.27 100.56
N ASP M 319 11.93 -52.06 101.46
CA ASP M 319 11.64 -51.91 102.89
C ASP M 319 11.19 -50.48 103.20
N PRO M 320 9.86 -50.26 103.40
CA PRO M 320 9.36 -48.91 103.73
C PRO M 320 10.04 -48.33 104.97
N GLU M 321 10.53 -49.18 105.87
CA GLU M 321 11.27 -48.71 107.04
C GLU M 321 12.81 -48.60 106.85
N MET M 322 13.29 -48.86 105.64
CA MET M 322 14.73 -48.66 105.26
C MET M 322 15.73 -49.12 106.32
N ARG M 323 15.51 -50.30 106.87
CA ARG M 323 16.21 -50.73 108.07
C ARG M 323 17.71 -50.80 107.89
N ALA M 324 18.09 -51.17 106.65
CA ALA M 324 19.48 -51.30 106.22
C ALA M 324 20.24 -50.00 106.41
N CYS M 325 19.53 -48.88 106.30
CA CYS M 325 20.07 -47.52 106.34
C CYS M 325 20.04 -46.89 107.72
N ARG M 326 19.16 -47.42 108.57
CA ARG M 326 18.75 -46.71 109.77
C ARG M 326 19.55 -47.01 111.04
N GLN M 327 20.68 -47.67 110.88
CA GLN M 327 21.69 -47.74 111.95
C GLN M 327 22.72 -46.67 111.71
N CYS M 328 23.18 -46.58 110.46
CA CYS M 328 24.08 -45.50 110.11
C CYS M 328 23.40 -44.14 110.11
N HIS M 329 22.12 -44.12 109.75
CA HIS M 329 21.35 -42.89 109.71
C HIS M 329 20.13 -43.01 110.62
N SER M 330 20.34 -43.42 111.87
CA SER M 330 19.26 -43.63 112.84
C SER M 330 18.55 -42.32 113.18
N ASP M 331 19.21 -41.21 112.90
CA ASP M 331 18.67 -39.86 113.10
C ASP M 331 17.77 -39.37 111.96
N LYS M 332 17.81 -40.07 110.83
CA LYS M 332 16.95 -39.78 109.68
C LYS M 332 15.73 -40.69 109.70
N THR M 333 14.58 -40.16 109.31
CA THR M 333 13.40 -41.01 109.02
C THR M 333 13.57 -41.78 107.70
N PRO M 334 12.92 -42.95 107.56
CA PRO M 334 12.92 -43.68 106.29
C PRO M 334 12.51 -42.82 105.08
N ASP M 335 11.52 -41.94 105.28
CA ASP M 335 11.04 -41.07 104.21
C ASP M 335 12.00 -39.96 103.85
N TYR M 336 12.81 -39.53 104.81
CA TYR M 336 13.91 -38.59 104.52
C TYR M 336 14.95 -39.20 103.56
N LEU M 337 15.38 -40.43 103.88
CA LEU M 337 16.43 -41.11 103.13
C LEU M 337 15.97 -41.44 101.72
N LYS M 338 14.72 -41.83 101.60
CA LYS M 338 14.10 -42.10 100.32
C LYS M 338 14.05 -40.84 99.47
N SER M 339 13.72 -39.70 100.07
CA SER M 339 13.72 -38.44 99.33
C SER M 339 15.11 -38.01 98.83
N ARG M 340 16.16 -38.36 99.58
CA ARG M 340 17.52 -38.02 99.17
C ARG M 340 18.05 -38.91 98.05
N VAL M 341 17.69 -40.20 98.07
CA VAL M 341 18.00 -41.13 96.97
C VAL M 341 17.31 -40.66 95.68
N LEU M 342 16.07 -40.18 95.82
CA LEU M 342 15.29 -39.68 94.69
C LEU M 342 15.78 -38.35 94.15
N PHE M 343 16.46 -37.57 95.00
CA PHE M 343 17.01 -36.26 94.65
C PHE M 343 18.03 -36.47 93.56
N THR M 344 18.90 -37.46 93.79
CA THR M 344 19.85 -37.91 92.77
C THR M 344 19.19 -38.58 91.58
N GLN M 345 18.41 -39.62 91.83
CA GLN M 345 17.90 -40.48 90.76
C GLN M 345 17.10 -39.75 89.68
N LYS M 346 16.25 -38.82 90.08
CA LYS M 346 15.42 -38.09 89.14
C LYS M 346 16.27 -37.23 88.20
N ARG M 347 17.25 -36.53 88.78
CA ARG M 347 18.17 -35.72 87.99
C ARG M 347 19.02 -36.58 87.06
N THR M 348 19.47 -37.73 87.56
CA THR M 348 20.30 -38.63 86.79
C THR M 348 19.54 -39.19 85.58
N PHE M 349 18.30 -39.59 85.80
CA PHE M 349 17.49 -40.20 84.76
C PHE M 349 17.07 -39.21 83.66
N ASP M 350 16.61 -38.02 84.06
CA ASP M 350 16.29 -36.97 83.09
C ASP M 350 17.50 -36.62 82.25
N LEU M 351 18.67 -36.52 82.87
CA LEU M 351 19.89 -36.18 82.14
C LEU M 351 20.29 -37.27 81.14
N LEU M 352 20.13 -38.52 81.58
CA LEU M 352 20.42 -39.70 80.77
C LEU M 352 19.63 -39.69 79.45
N LEU M 353 18.35 -39.36 79.52
CA LEU M 353 17.49 -39.36 78.33
C LEU M 353 17.88 -38.27 77.35
N ALA M 354 18.39 -37.14 77.86
CA ALA M 354 18.90 -36.06 77.03
C ALA M 354 20.24 -36.43 76.38
N ALA M 355 21.12 -37.07 77.16
CA ALA M 355 22.39 -37.60 76.66
C ALA M 355 22.19 -38.56 75.50
N GLN M 356 21.14 -39.37 75.55
CA GLN M 356 20.88 -40.40 74.54
C GLN M 356 20.23 -39.82 73.31
N GLU M 357 19.44 -38.75 73.47
CA GLU M 357 18.89 -38.02 72.32
C GLU M 357 19.96 -37.38 71.47
N VAL M 358 20.98 -36.80 72.11
CA VAL M 358 22.04 -36.15 71.35
C VAL M 358 22.96 -37.20 70.71
N SER M 359 23.08 -38.35 71.37
CA SER M 359 23.82 -39.48 70.84
C SER M 359 23.19 -39.97 69.51
N VAL M 360 21.88 -40.19 69.54
CA VAL M 360 21.12 -40.53 68.33
C VAL M 360 21.31 -39.49 67.23
N LYS M 361 21.25 -38.21 67.60
CA LYS M 361 21.54 -37.13 66.66
C LYS M 361 22.97 -37.13 66.11
N ALA M 362 23.96 -37.47 66.95
CA ALA M 362 25.36 -37.61 66.50
C ALA M 362 25.55 -38.80 65.51
N HIS M 363 24.85 -39.91 65.74
CA HIS M 363 24.85 -41.02 64.78
C HIS M 363 24.18 -40.59 63.46
N GLU M 364 23.07 -39.87 63.59
CA GLU M 364 22.37 -39.32 62.44
C GLU M 364 23.21 -38.31 61.65
N ALA M 365 23.90 -37.41 62.35
CA ALA M 365 24.83 -36.50 61.72
C ALA M 365 25.93 -37.23 60.96
N VAL M 366 26.50 -38.25 61.60
CA VAL M 366 27.63 -38.96 60.98
C VAL M 366 27.16 -39.79 59.78
N ARG M 367 25.97 -40.37 59.89
CA ARG M 367 25.36 -41.12 58.80
C ARG M 367 25.16 -40.23 57.57
N LEU M 368 24.51 -39.07 57.77
CA LEU M 368 24.31 -38.10 56.69
C LEU M 368 25.62 -37.61 56.06
N ALA M 369 26.63 -37.30 56.88
CA ALA M 369 27.94 -36.90 56.40
C ALA M 369 28.68 -38.01 55.61
N ASN M 370 28.51 -39.26 56.04
CA ASN M 370 29.08 -40.41 55.34
C ASN M 370 28.56 -40.52 53.90
N GLU M 371 27.24 -40.33 53.74
CA GLU M 371 26.52 -40.50 52.49
C GLU M 371 26.41 -39.21 51.66
N TYR M 372 27.00 -38.12 52.16
CA TYR M 372 26.85 -36.79 51.56
C TYR M 372 27.38 -36.65 50.13
N GLN M 373 26.52 -36.20 49.22
CA GLN M 373 26.85 -36.02 47.79
C GLN M 373 27.34 -34.61 47.37
N GLY M 374 27.10 -33.59 48.19
CA GLY M 374 27.60 -32.24 47.89
C GLY M 374 29.10 -32.07 48.11
N ALA M 375 29.55 -30.81 48.10
CA ALA M 375 30.96 -30.49 48.31
C ALA M 375 31.40 -30.65 49.76
N LYS M 376 32.46 -31.43 49.94
CA LYS M 376 33.02 -31.74 51.24
C LYS M 376 34.17 -30.81 51.57
N ALA M 377 34.46 -30.64 52.86
CA ALA M 377 35.63 -29.91 53.32
C ALA M 377 36.92 -30.58 52.84
N ALA M 378 38.02 -29.84 52.82
CA ALA M 378 39.31 -30.37 52.41
C ALA M 378 39.77 -31.50 53.34
N GLY M 379 39.58 -31.32 54.65
CA GLY M 379 39.98 -32.32 55.63
C GLY M 379 38.87 -33.29 56.03
N TYR M 380 37.90 -33.48 55.13
CA TYR M 380 36.74 -34.37 55.33
C TYR M 380 37.09 -35.74 55.95
N ASP M 381 38.13 -36.39 55.45
CA ASP M 381 38.50 -37.73 55.95
C ASP M 381 38.92 -37.75 57.41
N ASP M 382 39.83 -36.85 57.81
CA ASP M 382 40.24 -36.70 59.20
CA ASP M 382 40.21 -36.75 59.22
C ASP M 382 39.10 -36.20 60.08
N LEU M 383 38.20 -35.40 59.51
CA LEU M 383 37.08 -34.85 60.27
C LEU M 383 36.04 -35.92 60.58
N MET M 384 35.90 -36.88 59.66
CA MET M 384 35.01 -38.03 59.83
C MET M 384 35.55 -39.03 60.86
N ILE M 385 36.87 -39.18 60.90
CA ILE M 385 37.53 -39.99 61.94
C ILE M 385 37.29 -39.36 63.30
N GLN M 386 37.55 -38.05 63.39
CA GLN M 386 37.34 -37.27 64.61
C GLN M 386 35.88 -37.29 65.09
N ALA M 387 34.93 -37.27 64.15
CA ALA M 387 33.50 -37.28 64.45
C ALA M 387 33.08 -38.62 65.02
N ARG M 388 33.51 -39.71 64.38
CA ARG M 388 33.20 -41.05 64.85
C ARG M 388 33.86 -41.34 66.20
N GLU M 389 35.04 -40.77 66.44
CA GLU M 389 35.68 -40.89 67.76
C GLU M 389 34.79 -40.30 68.87
N MET M 390 34.14 -39.17 68.57
CA MET M 390 33.24 -38.51 69.53
C MET M 390 31.88 -39.19 69.71
N VAL M 391 31.32 -39.73 68.63
CA VAL M 391 30.16 -40.63 68.74
C VAL M 391 30.47 -41.79 69.67
N ARG M 392 31.61 -42.43 69.45
CA ARG M 392 32.01 -43.59 70.24
C ARG M 392 32.29 -43.22 71.71
N LYS M 393 32.96 -42.09 71.94
CA LYS M 393 33.22 -41.63 73.30
C LYS M 393 31.95 -41.15 73.98
N GLY M 394 31.15 -40.37 73.28
CA GLY M 394 29.90 -39.88 73.83
C GLY M 394 29.05 -41.06 74.27
N GLN M 395 28.98 -42.10 73.43
CA GLN M 395 28.11 -43.25 73.69
C GLN M 395 28.61 -44.15 74.82
N PHE M 396 29.93 -44.36 74.90
CA PHE M 396 30.52 -45.07 76.05
C PHE M 396 30.16 -44.45 77.40
N PHE M 397 30.09 -43.11 77.45
CA PHE M 397 29.91 -42.37 78.70
C PHE M 397 28.44 -42.41 79.14
N TRP M 398 27.49 -42.23 78.22
CA TRP M 398 26.09 -42.35 78.66
C TRP M 398 25.78 -43.81 79.01
N ASP M 399 26.41 -44.75 78.30
CA ASP M 399 26.21 -46.20 78.55
C ASP M 399 26.74 -46.68 79.91
N TYR M 400 27.89 -46.14 80.32
CA TYR M 400 28.43 -46.34 81.66
C TYR M 400 27.42 -45.98 82.77
N VAL M 401 26.62 -44.94 82.56
CA VAL M 401 25.60 -44.56 83.54
C VAL M 401 24.28 -45.33 83.36
N SER M 402 23.81 -45.44 82.12
CA SER M 402 22.59 -46.17 81.77
C SER M 402 22.63 -47.61 82.25
N ALA M 403 23.72 -48.32 81.95
CA ALA M 403 23.90 -49.72 82.32
C ALA M 403 23.89 -49.98 83.82
N GLU M 404 24.27 -48.96 84.59
CA GLU M 404 24.49 -49.08 86.03
C GLU M 404 23.16 -48.95 86.79
N ASN M 405 22.97 -49.81 87.77
CA ASN M 405 21.63 -50.06 88.29
C ASN M 405 21.13 -49.13 89.40
N SER M 406 21.97 -48.23 89.91
CA SER M 406 21.55 -47.37 91.02
C SER M 406 20.86 -46.06 90.60
N VAL M 407 20.89 -45.74 89.31
CA VAL M 407 20.34 -44.48 88.76
C VAL M 407 21.01 -43.27 89.42
N GLY M 408 22.34 -43.36 89.59
CA GLY M 408 23.15 -42.29 90.14
C GLY M 408 23.39 -42.35 91.63
N PHE M 409 22.60 -43.13 92.38
CA PHE M 409 22.75 -43.16 93.85
C PHE M 409 24.11 -43.65 94.41
N HIS M 410 24.72 -44.65 93.77
CA HIS M 410 26.02 -45.17 94.23
C HIS M 410 27.14 -44.13 94.18
N ASN M 411 27.08 -43.26 93.16
CA ASN M 411 28.02 -42.17 92.95
C ASN M 411 27.36 -40.99 92.22
N PRO M 412 26.59 -40.14 92.97
CA PRO M 412 25.86 -39.04 92.39
C PRO M 412 26.71 -38.10 91.52
N ALA M 413 27.80 -37.58 92.06
CA ALA M 413 28.69 -36.71 91.28
C ALA M 413 29.38 -37.37 90.07
N LYS M 414 29.82 -38.62 90.18
CA LYS M 414 30.41 -39.27 88.98
C LYS M 414 29.37 -39.45 87.85
N ALA M 415 28.14 -39.83 88.20
CA ALA M 415 27.07 -40.07 87.23
C ALA M 415 26.65 -38.82 86.46
N LEU M 416 26.37 -37.76 87.22
CA LEU M 416 26.00 -36.46 86.66
C LEU M 416 27.10 -35.84 85.78
N ASP M 417 28.34 -35.84 86.27
CA ASP M 417 29.48 -35.36 85.49
C ASP M 417 29.78 -36.19 84.20
N THR M 418 29.71 -37.51 84.32
CA THR M 418 29.81 -38.42 83.18
C THR M 418 28.75 -38.12 82.11
N LEU M 419 27.50 -37.94 82.53
CA LEU M 419 26.43 -37.60 81.59
C LEU M 419 26.61 -36.21 80.99
N ALA M 420 27.13 -35.26 81.76
CA ALA M 420 27.40 -33.92 81.24
C ALA M 420 28.50 -33.95 80.21
N GLN M 421 29.52 -34.78 80.43
CA GLN M 421 30.58 -34.94 79.44
C GLN M 421 30.15 -35.71 78.21
N SER M 422 29.36 -36.77 78.39
CA SER M 422 28.77 -37.51 77.26
C SER M 422 28.12 -36.59 76.20
N GLN M 423 27.26 -35.71 76.66
CA GLN M 423 26.58 -34.70 75.84
C GLN M 423 27.56 -33.78 75.08
N GLN M 424 28.66 -33.40 75.72
CA GLN M 424 29.72 -32.68 75.01
C GLN M 424 30.37 -33.39 73.84
N PHE M 425 30.76 -34.65 74.04
CA PHE M 425 31.37 -35.49 73.01
C PHE M 425 30.42 -35.72 71.83
N SER M 426 29.18 -36.11 72.14
CA SER M 426 28.14 -36.30 71.11
C SER M 426 27.93 -35.03 70.29
N GLN M 427 27.87 -33.88 70.96
CA GLN M 427 27.63 -32.61 70.27
C GLN M 427 28.81 -32.19 69.40
N LYS M 428 30.01 -32.48 69.88
CA LYS M 428 31.20 -32.27 69.08
C LYS M 428 31.20 -33.12 67.78
N ALA M 429 30.71 -34.36 67.86
CA ALA M 429 30.55 -35.24 66.69
C ALA M 429 29.59 -34.66 65.67
N ILE M 430 28.46 -34.11 66.13
CA ILE M 430 27.54 -33.32 65.29
C ILE M 430 28.25 -32.10 64.67
N ASP M 431 29.07 -31.40 65.45
CA ASP M 431 29.77 -30.19 64.99
C ASP M 431 30.85 -30.52 63.96
N LEU M 432 31.53 -31.65 64.14
CA LEU M 432 32.54 -32.11 63.17
C LEU M 432 31.93 -32.65 61.88
N ALA M 433 30.85 -33.43 61.98
CA ALA M 433 30.14 -33.91 60.78
C ALA M 433 29.53 -32.78 59.94
N MET M 434 29.18 -31.68 60.61
CA MET M 434 28.71 -30.49 59.90
C MET M 434 29.79 -29.73 59.20
N GLU M 435 30.92 -29.54 59.90
CA GLU M 435 32.12 -28.93 59.33
C GLU M 435 32.71 -29.70 58.13
N ALA M 436 32.54 -31.03 58.15
CA ALA M 436 33.09 -31.92 57.12
C ALA M 436 32.31 -31.80 55.80
N THR M 437 31.04 -31.46 55.90
CA THR M 437 30.18 -31.27 54.74
C THR M 437 29.85 -29.77 54.51
N GLN M 438 30.63 -28.87 55.10
CA GLN M 438 30.37 -27.41 54.98
C GLN M 438 28.89 -27.04 55.26
N TYR M 439 28.26 -27.72 55.76
CA TYR M 439 26.99 -27.56 56.45
C TYR M 439 25.82 -27.84 55.52
N GLY M 440 26.20 -28.62 54.79
CA GLY M 440 25.24 -29.16 53.82
C GLY M 440 24.24 -30.17 54.37
N ILE M 441 24.54 -30.77 55.52
CA ILE M 441 23.62 -31.72 56.17
C ILE M 441 22.66 -31.04 57.18
N GLY M 442 22.91 -29.77 57.48
CA GLY M 442 22.14 -29.00 58.44
C GLY M 442 20.64 -29.04 58.24
N LYS M 443 20.19 -28.91 57.00
CA LYS M 443 18.75 -28.96 56.70
C LYS M 443 18.12 -30.30 57.08
N ASP M 444 18.92 -31.36 57.16
CA ASP M 444 18.43 -32.68 57.50
C ASP M 444 18.44 -32.93 59.00
N LEU M 445 19.12 -32.06 59.75
CA LEU M 445 19.22 -32.18 61.20
C LEU M 445 18.36 -31.17 61.98
N SER M 446 17.38 -30.56 61.33
CA SER M 446 16.66 -29.40 61.88
C SER M 446 15.60 -29.65 62.98
N GLY M 447 14.71 -30.62 62.80
CA GLY M 447 13.57 -30.74 63.73
C GLY M 447 13.84 -31.16 65.18
N ASP M 448 12.83 -31.79 65.77
CA ASP M 448 13.02 -32.62 66.97
C ASP M 448 13.64 -33.94 66.47
N ILE M 449 14.67 -34.42 67.16
CA ILE M 449 15.30 -35.70 66.81
C ILE M 449 14.32 -36.89 66.84
N LYS M 450 13.28 -36.81 67.68
CA LYS M 450 12.24 -37.84 67.75
C LYS M 450 11.39 -37.92 66.48
N THR M 451 11.39 -36.84 65.69
CA THR M 451 10.68 -36.76 64.43
C THR M 451 11.57 -37.21 63.25
N ILE M 452 12.82 -36.77 63.26
CA ILE M 452 13.76 -37.13 62.20
C ILE M 452 14.37 -38.54 62.34
N VAL M 453 14.58 -39.02 63.57
CA VAL M 453 14.92 -40.44 63.83
C VAL M 453 14.02 -40.98 64.93
N PRO M 454 12.86 -41.57 64.56
CA PRO M 454 11.97 -42.16 65.55
C PRO M 454 12.61 -43.31 66.36
N PRO M 455 12.30 -43.37 67.67
CA PRO M 455 12.59 -44.50 68.55
C PRO M 455 12.09 -45.83 67.99
N ILE M 456 12.95 -46.83 67.95
CA ILE M 456 12.53 -48.17 67.55
C ILE M 456 11.96 -48.90 68.75
N LEU M 457 10.66 -49.16 68.74
CA LEU M 457 10.02 -49.84 69.86
C LEU M 457 10.22 -51.36 69.80
N LYS M 458 10.05 -51.91 68.58
CA LYS M 458 9.99 -53.34 68.33
C LYS M 458 11.18 -53.72 67.48
N MET M 459 11.88 -54.75 67.91
CA MET M 459 12.87 -55.41 67.10
C MET M 459 13.27 -56.68 67.84
N ASN M 460 13.19 -57.81 67.14
CA ASN M 460 13.69 -59.08 67.62
C ASN M 460 14.14 -59.94 66.46
N ARG M 461 14.77 -61.07 66.77
CA ARG M 461 15.29 -61.97 65.73
C ARG M 461 14.23 -62.50 64.76
N LYS M 462 13.00 -62.69 65.23
CA LYS M 462 11.92 -63.15 64.36
C LYS M 462 11.48 -62.03 63.42
N LEU M 463 11.31 -60.82 63.97
CA LEU M 463 10.92 -59.66 63.16
C LEU M 463 11.93 -59.35 62.07
N GLN M 464 13.21 -59.58 62.36
CA GLN M 464 14.27 -59.33 61.39
C GLN M 464 14.28 -60.34 60.21
N GLN M 465 13.46 -61.38 60.32
CA GLN M 465 13.17 -62.30 59.21
C GLN M 465 12.11 -61.75 58.22
N ASP M 466 11.25 -60.86 58.70
CA ASP M 466 10.15 -60.26 57.91
C ASP M 466 10.69 -59.12 57.02
N PRO M 467 10.68 -59.31 55.68
CA PRO M 467 11.20 -58.25 54.78
C PRO M 467 10.31 -57.01 54.71
N GLU M 468 9.05 -57.13 55.13
CA GLU M 468 8.09 -56.01 55.15
C GLU M 468 8.24 -55.14 56.41
N PHE M 469 8.55 -55.78 57.53
CA PHE M 469 8.89 -55.09 58.76
C PHE M 469 10.20 -54.31 58.64
N MET M 470 11.17 -54.88 57.91
CA MET M 470 12.48 -54.23 57.70
C MET M 470 12.45 -52.98 56.81
N LYS M 471 11.25 -52.58 56.39
CA LYS M 471 11.04 -51.34 55.64
C LYS M 471 10.38 -50.22 56.47
N THR M 472 10.10 -50.51 57.76
CA THR M 472 9.33 -49.59 58.61
C THR M 472 10.16 -48.52 59.33
N HIS M 473 11.46 -48.50 59.10
CA HIS M 473 12.34 -47.47 59.69
C HIS M 473 13.54 -47.28 58.79
N LYS M 474 13.95 -46.03 58.59
CA LYS M 474 15.10 -45.70 57.73
C LYS M 474 16.40 -46.39 58.15
N TRP M 475 16.55 -46.65 59.45
CA TRP M 475 17.78 -47.25 59.96
C TRP M 475 17.87 -48.77 59.70
N PHE M 476 16.73 -49.38 59.39
CA PHE M 476 16.65 -50.81 59.14
C PHE M 476 17.32 -51.21 57.82
N GLN M 477 17.47 -50.23 56.92
CA GLN M 477 18.12 -50.43 55.64
C GLN M 477 19.62 -50.79 55.78
N TYR M 478 20.15 -50.66 56.99
CA TYR M 478 21.59 -50.89 57.24
C TYR M 478 21.82 -52.24 57.89
N LEU M 479 20.74 -53.00 58.05
CA LEU M 479 20.74 -54.33 58.64
C LEU M 479 20.29 -55.33 57.60
N PRO M 480 20.80 -56.57 57.65
CA PRO M 480 20.31 -57.65 56.75
C PRO M 480 18.93 -58.14 57.14
N VAL M 481 18.15 -58.62 56.15
CA VAL M 481 16.97 -59.41 56.44
C VAL M 481 17.46 -60.84 56.66
N LEU M 482 17.18 -61.36 57.85
CA LEU M 482 17.63 -62.69 58.23
C LEU M 482 16.87 -63.80 57.48
N PRO M 483 17.52 -64.96 57.27
CA PRO M 483 16.84 -66.10 56.65
C PRO M 483 15.65 -66.55 57.49
N LYS M 484 14.54 -66.88 56.82
CA LYS M 484 13.38 -67.49 57.48
C LYS M 484 13.84 -68.77 58.17
N ALA M 485 13.55 -68.88 59.47
CA ALA M 485 14.06 -69.96 60.30
C ALA M 485 13.15 -70.15 61.50
N ASP M 486 12.84 -71.41 61.81
CA ASP M 486 11.94 -71.71 62.92
C ASP M 486 12.75 -71.78 64.20
N GLN M 487 12.09 -71.53 65.32
CA GLN M 487 12.73 -71.63 66.62
C GLN M 487 13.25 -73.07 66.86
N VAL M 488 14.54 -73.15 67.18
CA VAL M 488 15.19 -74.41 67.54
C VAL M 488 15.08 -74.65 69.04
N TRP M 489 15.33 -73.62 69.84
CA TRP M 489 15.32 -73.77 71.28
C TRP M 489 14.17 -73.02 71.92
N ASP M 490 13.53 -73.67 72.89
CA ASP M 490 12.52 -73.05 73.73
C ASP M 490 12.99 -73.31 75.16
N GLY M 491 13.70 -72.34 75.72
CA GLY M 491 14.48 -72.57 76.94
C GLY M 491 15.46 -73.70 76.70
N GLN M 492 15.34 -74.74 77.52
CA GLN M 492 16.21 -75.93 77.45
C GLN M 492 15.77 -77.01 76.45
N LYS M 493 14.54 -76.91 75.94
CA LYS M 493 13.98 -77.88 75.00
C LYS M 493 14.34 -77.58 73.54
N ARG M 494 14.76 -78.60 72.79
CA ARG M 494 14.84 -78.48 71.32
C ARG M 494 13.47 -78.73 70.69
N LEU M 495 13.08 -77.86 69.75
CA LEU M 495 11.78 -77.97 69.10
C LEU M 495 11.82 -78.74 67.76
N ALA N 1 31.57 -35.78 144.11
CA ALA N 1 32.26 -34.47 143.90
C ALA N 1 31.44 -33.47 143.06
N GLY N 2 30.35 -33.96 142.47
CA GLY N 2 29.46 -33.17 141.60
C GLY N 2 28.10 -33.82 141.64
N CYS N 3 27.04 -33.02 141.51
CA CYS N 3 25.76 -33.38 142.14
C CYS N 3 24.48 -33.43 141.30
N SER N 4 24.09 -32.31 140.70
CA SER N 4 22.82 -32.28 139.97
C SER N 4 22.98 -32.83 138.55
N ASP N 5 21.90 -33.40 138.02
CA ASP N 5 21.88 -33.94 136.67
C ASP N 5 21.90 -32.83 135.59
N VAL N 6 22.36 -33.16 134.37
CA VAL N 6 22.28 -32.24 133.22
C VAL N 6 20.85 -31.93 132.80
N SER N 7 20.71 -30.75 132.20
CA SER N 7 19.49 -30.32 131.58
C SER N 7 19.60 -30.55 130.09
N THR N 8 18.58 -31.13 129.49
CA THR N 8 18.58 -31.32 128.03
C THR N 8 17.85 -30.20 127.28
N GLU N 9 17.66 -29.08 127.94
CA GLU N 9 16.98 -27.94 127.34
C GLU N 9 17.88 -27.15 126.40
N LEU N 10 19.20 -27.24 126.64
CA LEU N 10 20.24 -26.52 125.89
C LEU N 10 19.99 -25.02 125.85
N LYS N 11 19.83 -24.43 127.02
CA LYS N 11 19.57 -23.00 127.17
C LYS N 11 20.83 -22.22 126.80
N THR N 12 20.74 -21.40 125.76
CA THR N 12 21.88 -20.56 125.38
C THR N 12 22.08 -19.46 126.43
N PRO N 13 23.34 -19.09 126.73
CA PRO N 13 23.66 -18.01 127.65
C PRO N 13 22.92 -16.73 127.32
N VAL N 14 22.52 -16.02 128.38
CA VAL N 14 21.76 -14.78 128.27
C VAL N 14 22.69 -13.59 128.53
N TYR N 15 22.43 -12.48 127.83
CA TYR N 15 23.25 -11.29 127.96
C TYR N 15 22.41 -10.04 128.16
N LYS N 16 22.99 -9.09 128.87
CA LYS N 16 22.41 -7.78 129.04
C LYS N 16 23.58 -6.84 128.99
N THR N 17 23.66 -6.07 127.92
CA THR N 17 24.80 -5.19 127.69
C THR N 17 24.53 -3.75 128.12
N LYS N 18 25.59 -2.93 128.06
CA LYS N 18 25.53 -1.51 128.36
C LYS N 18 25.15 -0.67 127.13
N LEU N 19 24.82 -1.32 126.02
CA LEU N 19 24.61 -0.61 124.77
C LEU N 19 23.16 -0.21 124.58
N THR N 20 22.96 0.88 123.82
CA THR N 20 21.65 1.40 123.52
C THR N 20 20.96 0.58 122.43
N ALA N 21 19.64 0.79 122.30
CA ALA N 21 18.79 0.02 121.39
C ALA N 21 19.27 0.06 119.94
N GLU N 22 19.78 1.21 119.50
CA GLU N 22 20.12 1.44 118.11
C GLU N 22 21.62 1.44 117.78
N GLU N 23 22.45 0.99 118.72
CA GLU N 23 23.91 0.93 118.50
C GLU N 23 24.29 0.07 117.29
N ILE N 24 25.16 0.62 116.44
CA ILE N 24 25.66 -0.08 115.22
C ILE N 24 27.17 -0.05 115.05
N ARG N 25 27.89 0.66 115.92
CA ARG N 25 29.35 0.76 115.78
C ARG N 25 29.99 -0.55 116.21
N ASN N 26 30.82 -1.13 115.35
CA ASN N 26 31.49 -2.39 115.68
C ASN N 26 32.35 -2.32 116.95
N SER N 27 33.04 -1.20 117.13
CA SER N 27 33.97 -0.97 118.25
C SER N 27 33.26 -0.91 119.61
N ALA N 28 32.01 -0.42 119.59
CA ALA N 28 31.12 -0.43 120.76
C ALA N 28 30.95 -1.80 121.42
N PHE N 29 31.14 -2.88 120.66
CA PHE N 29 30.97 -4.23 121.16
C PHE N 29 32.25 -4.85 121.65
N LYS N 30 33.41 -4.24 121.34
CA LYS N 30 34.68 -4.85 121.71
C LYS N 30 34.90 -5.02 123.24
N PRO N 31 34.64 -3.99 124.07
CA PRO N 31 34.73 -4.14 125.53
C PRO N 31 34.00 -5.33 126.16
N GLU N 32 32.73 -5.57 125.80
CA GLU N 32 31.96 -6.65 126.42
C GLU N 32 32.15 -8.03 125.79
N PHE N 33 32.56 -8.07 124.53
CA PHE N 33 32.74 -9.35 123.85
C PHE N 33 34.11 -9.46 123.17
N PRO N 34 35.20 -9.39 123.97
CA PRO N 34 36.56 -9.38 123.39
C PRO N 34 36.91 -10.65 122.60
N LYS N 35 36.39 -11.80 123.04
CA LYS N 35 36.72 -13.09 122.41
C LYS N 35 36.09 -13.22 121.02
N GLN N 36 34.80 -12.91 120.90
CA GLN N 36 34.13 -12.91 119.60
C GLN N 36 34.65 -11.81 118.71
N TYR N 37 35.00 -10.66 119.30
CA TYR N 37 35.59 -9.56 118.56
C TYR N 37 36.94 -9.90 117.97
N ALA N 38 37.82 -10.50 118.77
CA ALA N 38 39.15 -10.91 118.30
C ALA N 38 39.06 -11.94 117.18
N SER N 39 38.03 -12.81 117.23
CA SER N 39 37.75 -13.79 116.19
C SER N 39 37.28 -13.11 114.90
N TYR N 40 36.42 -12.10 115.08
CA TYR N 40 35.91 -11.23 114.01
C TYR N 40 37.03 -10.50 113.27
N GLU N 41 38.03 -10.05 114.03
CA GLU N 41 39.18 -9.40 113.44
C GLU N 41 40.07 -10.31 112.55
N ARG N 42 39.98 -11.63 112.72
CA ARG N 42 40.72 -12.58 111.89
C ARG N 42 40.25 -12.57 110.43
N ASN N 43 39.12 -11.94 110.18
CA ASN N 43 38.66 -11.65 108.82
C ASN N 43 39.56 -10.71 108.00
N ASP N 44 40.47 -10.00 108.68
CA ASP N 44 41.49 -9.17 108.01
C ASP N 44 42.52 -9.97 107.22
N GLU N 45 42.64 -11.27 107.52
CA GLU N 45 43.52 -12.17 106.79
C GLU N 45 43.13 -12.23 105.32
N THR N 46 44.03 -11.80 104.45
CA THR N 46 43.70 -11.71 103.03
C THR N 46 44.82 -12.26 102.15
N THR N 47 45.58 -13.23 102.68
CA THR N 47 46.71 -13.80 101.93
C THR N 47 46.62 -15.30 101.59
N VAL N 48 45.71 -16.02 102.26
CA VAL N 48 45.64 -17.47 102.06
C VAL N 48 44.61 -17.90 101.00
N MET N 49 45.09 -18.68 100.04
CA MET N 49 44.26 -19.34 99.06
C MET N 49 44.02 -20.80 99.44
N THR N 50 42.88 -21.34 99.02
CA THR N 50 42.71 -22.79 98.95
C THR N 50 42.80 -23.22 97.48
N GLU N 51 42.50 -24.48 97.17
CA GLU N 51 42.49 -24.94 95.78
C GLU N 51 41.60 -24.09 94.85
N TYR N 52 40.36 -23.84 95.25
CA TYR N 52 39.46 -23.11 94.35
C TYR N 52 39.10 -21.73 94.86
N LYS N 53 39.12 -21.59 96.19
CA LYS N 53 38.71 -20.38 96.89
C LYS N 53 39.87 -19.82 97.73
N GLY N 54 39.54 -18.94 98.67
CA GLY N 54 40.54 -18.24 99.46
C GLY N 54 40.20 -16.77 99.63
N SER N 55 41.11 -16.02 100.21
CA SER N 55 40.84 -14.68 100.75
C SER N 55 41.54 -13.55 99.99
N VAL N 56 42.31 -13.95 98.97
CA VAL N 56 42.94 -13.03 98.04
C VAL N 56 41.91 -12.56 96.98
N PRO N 57 41.67 -11.24 96.89
CA PRO N 57 40.63 -10.72 96.02
C PRO N 57 41.09 -10.56 94.58
N PHE N 58 41.48 -11.66 93.95
CA PHE N 58 41.95 -11.65 92.57
C PHE N 58 40.80 -11.41 91.59
N ASN N 59 41.13 -11.01 90.37
CA ASN N 59 40.14 -10.82 89.31
C ASN N 59 39.61 -12.14 88.73
N LYS N 60 38.31 -12.38 88.85
CA LYS N 60 37.74 -13.70 88.62
C LYS N 60 37.85 -14.21 87.18
N ASN N 61 38.00 -13.29 86.24
CA ASN N 61 38.18 -13.61 84.81
C ASN N 61 39.65 -13.82 84.39
N ASP N 62 40.59 -13.59 85.29
CA ASP N 62 42.01 -13.55 84.92
C ASP N 62 42.76 -14.83 85.31
N ASN N 63 43.01 -15.67 84.30
CA ASN N 63 43.83 -16.88 84.47
C ASN N 63 45.21 -16.72 83.82
N VAL N 64 45.59 -15.47 83.56
CA VAL N 64 46.84 -15.13 82.86
C VAL N 64 47.91 -14.64 83.85
N ASN N 65 47.61 -13.59 84.62
CA ASN N 65 48.59 -13.06 85.57
C ASN N 65 48.66 -13.84 86.87
N PRO N 66 49.77 -13.72 87.61
CA PRO N 66 49.83 -14.37 88.91
C PRO N 66 49.02 -13.62 89.96
N LEU N 67 48.84 -14.27 91.11
CA LEU N 67 48.26 -13.63 92.28
C LEU N 67 49.05 -12.37 92.66
N PRO N 68 48.34 -11.33 93.16
CA PRO N 68 46.92 -11.31 93.46
C PRO N 68 46.06 -10.73 92.34
N GLU N 69 46.60 -10.69 91.13
CA GLU N 69 45.86 -10.16 89.98
C GLU N 69 44.96 -11.20 89.34
N GLY N 70 45.51 -12.40 89.18
CA GLY N 70 44.82 -13.52 88.58
C GLY N 70 45.13 -14.79 89.36
N TYR N 71 44.59 -15.90 88.88
CA TYR N 71 44.76 -17.18 89.56
C TYR N 71 44.61 -18.29 88.52
N ARG N 72 45.18 -19.48 88.85
CA ARG N 72 45.17 -20.64 87.96
C ARG N 72 43.76 -21.15 87.62
N HIS N 73 42.83 -21.03 88.57
CA HIS N 73 41.42 -21.35 88.31
C HIS N 73 40.64 -20.09 88.30
N ALA N 74 40.44 -19.56 87.10
CA ALA N 74 39.66 -18.39 86.86
C ALA N 74 38.74 -18.67 85.65
N GLN N 75 37.82 -17.77 85.38
CA GLN N 75 36.83 -17.97 84.33
C GLN N 75 37.04 -16.89 83.26
N PRO N 76 37.89 -17.20 82.26
CA PRO N 76 38.33 -16.30 81.18
C PRO N 76 37.26 -15.55 80.39
N TYR N 77 36.06 -16.10 80.30
CA TYR N 77 35.00 -15.51 79.47
C TYR N 77 34.00 -14.58 80.17
N LEU N 78 34.18 -14.30 81.46
CA LEU N 78 33.17 -13.55 82.22
C LEU N 78 32.82 -12.17 81.61
N LYS N 79 33.83 -11.36 81.31
CA LYS N 79 33.64 -10.06 80.67
C LYS N 79 32.90 -10.13 79.32
N ASN N 80 33.12 -11.19 78.55
CA ASN N 80 32.39 -11.40 77.27
C ASN N 80 30.91 -11.62 77.55
N LEU N 81 30.65 -12.44 78.57
CA LEU N 81 29.32 -12.92 78.87
C LEU N 81 28.48 -11.86 79.55
N TRP N 82 29.17 -10.91 80.19
CA TRP N 82 28.53 -9.78 80.86
C TRP N 82 28.74 -8.48 80.12
N LEU N 83 28.94 -8.55 78.80
CA LEU N 83 29.07 -7.35 77.98
C LEU N 83 27.88 -6.42 78.14
N GLY N 84 28.15 -5.17 78.49
CA GLY N 84 27.10 -4.14 78.61
C GLY N 84 26.49 -4.06 79.99
N TYR N 85 27.07 -4.79 80.94
CA TYR N 85 26.63 -4.83 82.33
C TYR N 85 27.83 -4.43 83.17
N PRO N 86 27.60 -3.80 84.36
CA PRO N 86 28.71 -3.36 85.26
C PRO N 86 29.73 -4.43 85.68
N PHE N 87 29.35 -5.70 85.67
CA PHE N 87 30.27 -6.79 86.03
C PHE N 87 31.38 -6.92 84.99
N MET N 88 31.19 -6.33 83.80
CA MET N 88 32.27 -6.33 82.82
C MET N 88 33.42 -5.38 83.19
N TYR N 89 33.21 -4.48 84.15
CA TYR N 89 34.27 -3.58 84.60
C TYR N 89 35.17 -4.15 85.71
N GLU N 90 34.59 -4.83 86.69
CA GLU N 90 35.37 -5.42 87.76
C GLU N 90 34.57 -6.45 88.51
N TYR N 91 35.22 -7.57 88.83
CA TYR N 91 34.59 -8.67 89.52
C TYR N 91 35.63 -9.55 90.22
N ARG N 92 35.73 -9.37 91.53
CA ARG N 92 36.79 -10.01 92.32
C ARG N 92 36.29 -11.11 93.25
N GLU N 93 37.20 -12.01 93.59
CA GLU N 93 36.98 -13.03 94.59
C GLU N 93 36.60 -12.34 95.92
N ALA N 94 35.49 -12.79 96.52
CA ALA N 94 35.00 -12.28 97.81
C ALA N 94 36.01 -12.59 98.92
N ARG N 95 36.16 -11.67 99.86
CA ARG N 95 37.00 -11.89 101.03
C ARG N 95 36.25 -11.45 102.28
N GLY N 96 36.99 -11.27 103.37
CA GLY N 96 36.42 -11.09 104.71
C GLY N 96 35.46 -9.92 104.94
N HIS N 97 34.48 -10.14 105.80
CA HIS N 97 33.43 -9.17 106.09
C HIS N 97 33.98 -7.80 106.51
N THR N 98 35.11 -7.80 107.22
CA THR N 98 35.77 -6.55 107.61
C THR N 98 36.14 -5.63 106.43
N TYR N 99 36.30 -6.19 105.24
CA TYR N 99 36.62 -5.42 104.03
C TYR N 99 35.44 -5.06 103.15
N ALA N 100 34.22 -5.40 103.55
CA ALA N 100 33.06 -5.19 102.68
C ALA N 100 32.90 -3.76 102.15
N ILE N 101 33.06 -2.77 103.04
CA ILE N 101 32.87 -1.38 102.63
C ILE N 101 34.07 -0.86 101.86
N GLN N 102 35.28 -1.20 102.31
CA GLN N 102 36.48 -0.84 101.56
C GLN N 102 36.45 -1.32 100.10
N ASP N 103 35.99 -2.55 99.88
CA ASP N 103 35.96 -3.13 98.53
C ASP N 103 34.86 -2.54 97.67
N PHE N 104 33.74 -2.21 98.30
CA PHE N 104 32.58 -1.59 97.68
C PHE N 104 32.94 -0.20 97.14
N LEU N 105 33.68 0.55 97.95
CA LEU N 105 34.10 1.91 97.63
C LEU N 105 35.28 1.95 96.64
N HIS N 106 35.86 0.78 96.36
CA HIS N 106 36.94 0.73 95.38
CA HIS N 106 36.98 0.65 95.41
C HIS N 106 36.59 0.05 94.06
N ILE N 107 35.42 -0.60 94.00
CA ILE N 107 34.96 -1.29 92.79
C ILE N 107 34.59 -0.36 91.63
N ASP N 108 34.99 -0.77 90.42
CA ASP N 108 34.74 -0.04 89.19
C ASP N 108 33.31 -0.29 88.62
N ARG N 109 32.58 -1.24 89.19
CA ARG N 109 31.16 -1.44 88.86
C ARG N 109 30.29 -0.20 89.11
N ILE N 110 30.58 0.49 90.21
CA ILE N 110 30.03 1.83 90.48
C ILE N 110 30.85 2.89 89.73
N ASN N 111 30.15 3.76 89.02
CA ASN N 111 30.80 4.91 88.39
C ASN N 111 31.47 5.92 89.36
N ARG N 112 32.81 5.93 89.32
CA ARG N 112 33.59 6.93 90.05
C ARG N 112 34.03 8.11 89.16
N TYR N 113 33.55 8.11 87.91
CA TYR N 113 33.88 9.13 86.89
C TYR N 113 32.73 10.10 86.63
N ALA N 114 31.69 10.04 87.48
CA ALA N 114 30.60 11.02 87.52
C ALA N 114 30.12 11.23 88.94
N GLU N 115 29.22 12.20 89.13
CA GLU N 115 28.55 12.37 90.40
C GLU N 115 27.69 11.13 90.69
N LYS N 116 26.87 10.74 89.73
CA LYS N 116 26.03 9.56 89.79
C LYS N 116 26.84 8.28 89.62
N GLY N 117 26.67 7.35 90.56
CA GLY N 117 27.28 6.03 90.48
C GLY N 117 26.62 5.14 89.43
N GLY N 118 25.40 5.47 89.03
CA GLY N 118 24.69 4.69 88.00
C GLY N 118 24.01 3.44 88.53
N LEU N 119 24.20 3.18 89.82
CA LEU N 119 23.57 2.09 90.54
C LEU N 119 22.78 2.65 91.73
N PRO N 120 21.68 1.99 92.12
CA PRO N 120 20.85 2.48 93.23
C PRO N 120 21.52 2.29 94.58
N ALA N 121 21.00 3.01 95.57
CA ALA N 121 21.43 2.96 96.95
C ALA N 121 21.12 1.59 97.62
N THR N 122 20.24 0.79 97.01
CA THR N 122 20.02 -0.62 97.37
C THR N 122 21.35 -1.45 97.43
N CYS N 123 22.34 -1.09 96.63
CA CYS N 123 23.69 -1.68 96.73
C CYS N 123 24.35 -1.62 98.12
N TRP N 124 23.87 -0.72 98.97
CA TRP N 124 24.30 -0.65 100.37
C TRP N 124 23.63 -1.69 101.27
N ASN N 125 22.56 -2.31 100.76
CA ASN N 125 21.69 -3.22 101.50
C ASN N 125 22.40 -4.29 102.32
N CYS N 126 23.43 -4.88 101.73
CA CYS N 126 24.12 -6.00 102.33
C CYS N 126 25.57 -5.67 102.62
N LYS N 127 25.85 -4.40 102.93
CA LYS N 127 27.20 -3.95 103.20
C LYS N 127 27.41 -3.36 104.59
N THR N 128 26.33 -2.96 105.27
CA THR N 128 26.42 -2.07 106.45
C THR N 128 25.14 -2.08 107.31
N PRO N 129 25.28 -2.12 108.66
CA PRO N 129 24.13 -1.87 109.52
C PRO N 129 23.61 -0.42 109.52
N LYS N 130 24.33 0.49 108.86
CA LYS N 130 23.84 1.85 108.66
C LYS N 130 22.53 1.86 107.88
N MET N 131 22.16 0.72 107.29
CA MET N 131 20.92 0.55 106.55
C MET N 131 19.65 0.80 107.36
N MET N 132 19.67 0.45 108.64
CA MET N 132 18.55 0.70 109.52
C MET N 132 18.26 2.21 109.69
N GLU N 133 19.31 3.01 109.99
CA GLU N 133 19.25 4.48 110.04
C GLU N 133 18.72 5.04 108.74
N TRP N 134 19.33 4.62 107.64
CA TRP N 134 19.07 5.18 106.32
C TRP N 134 17.66 4.92 105.81
N VAL N 135 17.14 3.73 106.11
CA VAL N 135 15.75 3.41 105.75
C VAL N 135 14.74 4.06 106.71
N LYS N 136 15.07 4.16 107.99
CA LYS N 136 14.22 4.91 108.92
C LYS N 136 14.07 6.37 108.45
N GLU N 137 15.18 6.97 108.03
CA GLU N 137 15.21 8.36 107.60
C GLU N 137 14.44 8.58 106.27
N SER N 138 14.68 7.74 105.27
CA SER N 138 14.09 7.93 103.93
C SER N 138 12.96 6.98 103.55
N GLY N 139 12.82 5.86 104.25
CA GLY N 139 11.77 4.89 103.92
C GLY N 139 11.85 4.34 102.50
N ASP N 140 10.70 4.27 101.84
CA ASP N 140 10.57 3.69 100.50
C ASP N 140 11.43 4.42 99.48
N GLY N 141 11.69 5.68 99.74
CA GLY N 141 12.45 6.53 98.82
C GLY N 141 13.96 6.35 98.93
N PHE N 142 14.41 5.52 99.87
CA PHE N 142 15.85 5.25 100.01
C PHE N 142 16.40 4.53 98.80
N TRP N 143 15.70 3.49 98.35
CA TRP N 143 16.28 2.48 97.45
C TRP N 143 16.79 3.06 96.16
N ALA N 144 16.02 3.99 95.60
CA ALA N 144 16.27 4.53 94.26
C ALA N 144 17.10 5.83 94.25
N LYS N 145 17.52 6.28 95.44
CA LYS N 145 18.60 7.25 95.54
C LYS N 145 19.86 6.69 94.84
N ASP N 146 20.77 7.56 94.45
CA ASP N 146 21.99 7.11 93.81
C ASP N 146 22.94 6.56 94.86
N VAL N 147 23.67 5.50 94.51
CA VAL N 147 24.62 4.86 95.43
C VAL N 147 25.68 5.83 95.97
N ASN N 148 26.12 6.78 95.15
CA ASN N 148 27.16 7.74 95.57
C ASN N 148 26.74 8.76 96.64
N GLU N 149 25.45 8.87 96.93
CA GLU N 149 24.97 9.83 97.92
C GLU N 149 25.43 9.51 99.35
N PHE N 150 25.76 8.25 99.62
CA PHE N 150 26.10 7.79 100.98
C PHE N 150 27.57 7.42 101.12
N ARG N 151 28.29 7.59 100.02
CA ARG N 151 29.70 7.25 99.90
C ARG N 151 30.61 7.88 100.97
N ASP N 152 30.28 9.11 101.33
CA ASP N 152 31.03 9.94 102.28
C ASP N 152 30.36 9.95 103.67
N LYS N 153 29.32 9.13 103.83
CA LYS N 153 28.45 9.19 105.01
C LYS N 153 28.49 7.91 105.85
N ILE N 154 29.69 7.33 105.98
CA ILE N 154 29.89 5.99 106.55
C ILE N 154 31.32 5.82 107.07
N ASP N 155 31.49 5.12 108.19
CA ASP N 155 32.83 4.72 108.67
C ASP N 155 33.17 3.36 108.10
N MET N 156 34.24 3.32 107.30
CA MET N 156 34.60 2.13 106.53
C MET N 156 34.94 0.91 107.39
N LYS N 157 35.43 1.13 108.61
CA LYS N 157 35.76 0.06 109.56
C LYS N 157 34.64 -0.18 110.60
N ASP N 158 34.12 0.89 111.18
CA ASP N 158 33.20 0.80 112.29
C ASP N 158 31.76 0.49 111.84
N HIS N 159 31.51 0.63 110.55
CA HIS N 159 30.18 0.43 110.01
C HIS N 159 30.10 -0.66 108.93
N THR N 160 31.13 -1.52 108.81
CA THR N 160 31.04 -2.68 107.90
C THR N 160 30.21 -3.71 108.56
N ILE N 161 29.81 -4.72 107.78
CA ILE N 161 29.21 -5.94 108.30
C ILE N 161 29.84 -6.26 109.66
N GLY N 162 29.01 -6.21 110.69
CA GLY N 162 29.46 -6.52 112.05
C GLY N 162 28.31 -6.86 112.97
N CYS N 163 28.58 -6.79 114.26
CA CYS N 163 27.69 -7.33 115.29
C CYS N 163 26.22 -7.02 115.13
N ALA N 164 25.87 -5.77 114.87
CA ALA N 164 24.47 -5.33 114.80
C ALA N 164 23.72 -5.86 113.58
N THR N 165 24.44 -6.41 112.61
CA THR N 165 23.83 -7.08 111.47
C THR N 165 22.96 -8.27 111.93
N CYS N 166 23.48 -9.05 112.88
CA CYS N 166 22.87 -10.30 113.33
C CYS N 166 22.45 -10.35 114.79
N HIS N 167 22.87 -9.38 115.59
CA HIS N 167 22.62 -9.40 117.05
C HIS N 167 21.85 -8.16 117.48
N ASP N 168 20.91 -8.34 118.41
CA ASP N 168 20.33 -7.20 119.10
C ASP N 168 21.41 -6.66 120.02
N PRO N 169 21.72 -5.36 119.92
CA PRO N 169 22.81 -4.81 120.74
C PRO N 169 22.62 -4.92 122.26
N GLN N 170 21.38 -4.94 122.74
CA GLN N 170 21.09 -5.04 124.17
C GLN N 170 21.15 -6.47 124.72
N THR N 171 20.50 -7.42 124.02
CA THR N 171 20.41 -8.80 124.49
C THR N 171 21.40 -9.75 123.78
N MET N 172 21.94 -9.30 122.65
CA MET N 172 22.78 -10.11 121.76
C MET N 172 22.07 -11.32 121.14
N GLU N 173 20.74 -11.32 121.23
CA GLU N 173 19.93 -12.35 120.60
C GLU N 173 20.07 -12.23 119.10
N LEU N 174 20.11 -13.38 118.42
CA LEU N 174 20.15 -13.41 116.97
C LEU N 174 18.92 -12.73 116.41
N ARG N 175 19.14 -11.89 115.40
CA ARG N 175 18.21 -10.86 114.89
C ARG N 175 18.21 -10.92 113.34
N ILE N 176 17.08 -10.71 112.69
CA ILE N 176 17.06 -10.46 111.24
C ILE N 176 16.83 -8.96 111.00
N THR N 177 17.82 -8.28 110.44
CA THR N 177 17.70 -6.84 110.18
C THR N 177 17.41 -6.57 108.70
N SER N 178 17.58 -7.61 107.90
CA SER N 178 17.31 -7.61 106.45
C SER N 178 15.87 -7.28 106.05
N VAL N 179 15.70 -6.24 105.23
CA VAL N 179 14.38 -5.92 104.67
C VAL N 179 13.82 -7.02 103.73
N PRO N 180 14.56 -7.36 102.62
CA PRO N 180 13.98 -8.36 101.73
C PRO N 180 13.81 -9.76 102.36
N LEU N 181 14.62 -10.12 103.35
CA LEU N 181 14.46 -11.43 104.00
C LEU N 181 13.25 -11.41 104.92
N THR N 182 13.06 -10.33 105.66
CA THR N 182 11.83 -10.16 106.43
C THR N 182 10.61 -10.26 105.51
N ASP N 183 10.67 -9.63 104.34
CA ASP N 183 9.59 -9.70 103.36
C ASP N 183 9.26 -11.11 102.97
N TYR N 184 10.28 -11.91 102.70
CA TYR N 184 10.08 -13.32 102.38
C TYR N 184 9.45 -14.12 103.53
N LEU N 185 10.03 -13.98 104.72
CA LEU N 185 9.57 -14.73 105.90
C LEU N 185 8.11 -14.47 106.18
N VAL N 186 7.73 -13.20 106.11
CA VAL N 186 6.32 -12.76 106.28
C VAL N 186 5.40 -13.39 105.22
N SER N 187 5.86 -13.44 103.97
CA SER N 187 5.13 -14.09 102.86
C SER N 187 4.85 -15.61 103.08
N GLN N 188 5.63 -16.25 103.95
CA GLN N 188 5.47 -17.68 104.30
C GLN N 188 4.80 -17.86 105.67
N GLY N 189 4.33 -16.74 106.23
CA GLY N 189 3.64 -16.76 107.51
C GLY N 189 4.53 -16.96 108.73
N LYS N 190 5.82 -16.69 108.59
CA LYS N 190 6.75 -16.81 109.72
C LYS N 190 6.87 -15.50 110.46
N ASP N 191 6.98 -15.58 111.78
CA ASP N 191 7.32 -14.42 112.60
C ASP N 191 8.84 -14.41 112.81
N PRO N 192 9.54 -13.44 112.18
CA PRO N 192 11.01 -13.33 112.19
C PRO N 192 11.63 -13.13 113.57
N LYS N 193 10.81 -12.74 114.54
CA LYS N 193 11.27 -12.62 115.94
C LYS N 193 11.15 -13.92 116.73
N LYS N 194 10.47 -14.92 116.16
CA LYS N 194 10.19 -16.16 116.89
C LYS N 194 10.63 -17.42 116.13
N LEU N 195 11.80 -17.37 115.50
CA LEU N 195 12.33 -18.51 114.75
C LEU N 195 13.24 -19.38 115.62
N PRO N 196 13.17 -20.71 115.45
CA PRO N 196 13.99 -21.55 116.31
C PRO N 196 15.48 -21.35 116.04
N ARG N 197 16.31 -21.69 117.01
CA ARG N 197 17.74 -21.46 116.93
C ARG N 197 18.41 -22.03 115.66
N ASN N 198 18.07 -23.27 115.31
CA ASN N 198 18.68 -23.93 114.16
C ASN N 198 18.33 -23.29 112.83
N GLU N 199 17.18 -22.64 112.75
CA GLU N 199 16.81 -21.88 111.55
C GLU N 199 17.63 -20.60 111.43
N MET N 200 17.79 -19.91 112.56
CA MET N 200 18.50 -18.64 112.63
C MET N 200 19.99 -18.80 112.36
N ARG N 201 20.52 -19.98 112.64
CA ARG N 201 21.92 -20.26 112.38
C ARG N 201 22.25 -20.36 110.88
N ALA N 202 21.22 -20.42 110.04
CA ALA N 202 21.41 -20.22 108.59
C ALA N 202 20.81 -18.91 108.09
N LEU N 203 19.72 -18.48 108.70
CA LEU N 203 18.96 -17.33 108.21
C LEU N 203 19.70 -16.03 108.34
N VAL N 204 20.53 -15.89 109.39
CA VAL N 204 21.42 -14.71 109.51
C VAL N 204 22.35 -14.51 108.32
N CYS N 205 22.82 -15.60 107.70
CA CYS N 205 23.64 -15.55 106.48
C CYS N 205 22.78 -15.29 105.23
N GLY N 206 21.60 -15.92 105.21
CA GLY N 206 20.63 -15.76 104.14
C GLY N 206 20.02 -14.37 104.00
N GLN N 207 20.49 -13.43 104.83
CA GLN N 207 20.19 -12.01 104.67
C GLN N 207 20.86 -11.44 103.43
N CYS N 208 22.03 -11.97 103.10
CA CYS N 208 22.88 -11.42 102.02
C CYS N 208 23.39 -12.45 101.01
N HIS N 209 23.67 -13.66 101.49
CA HIS N 209 24.23 -14.69 100.65
C HIS N 209 23.19 -15.41 99.78
N VAL N 210 22.52 -14.63 98.94
CA VAL N 210 21.38 -15.07 98.15
C VAL N 210 21.33 -14.39 96.78
N GLU N 211 20.50 -14.97 95.92
CA GLU N 211 20.12 -14.35 94.67
C GLU N 211 19.00 -13.32 94.94
N TYR N 212 19.09 -12.19 94.24
CA TYR N 212 18.20 -11.07 94.51
C TYR N 212 18.00 -10.32 93.21
N TYR N 213 16.97 -9.49 93.17
CA TYR N 213 16.86 -8.50 92.13
C TYR N 213 16.32 -7.20 92.72
N PHE N 214 16.35 -6.14 91.91
CA PHE N 214 15.84 -4.83 92.27
C PHE N 214 14.61 -4.59 91.43
N ASN N 215 13.53 -4.10 92.05
CA ASN N 215 12.29 -3.72 91.35
C ASN N 215 12.55 -2.67 90.27
N GLY N 216 11.86 -2.80 89.14
CA GLY N 216 11.74 -1.71 88.15
C GLY N 216 10.59 -0.80 88.57
N PRO N 217 10.45 0.38 87.91
CA PRO N 217 9.46 1.40 88.38
C PRO N 217 8.00 0.94 88.46
N THR N 218 7.62 -0.05 87.66
CA THR N 218 6.23 -0.52 87.62
C THR N 218 6.04 -1.87 88.28
N MET N 219 6.98 -2.27 89.14
CA MET N 219 6.94 -3.57 89.80
C MET N 219 6.66 -3.49 91.29
N GLY N 220 6.60 -2.27 91.82
CA GLY N 220 6.40 -2.07 93.26
C GLY N 220 7.19 -0.84 93.65
N VAL N 221 7.68 -0.79 94.88
CA VAL N 221 8.58 0.29 95.28
C VAL N 221 9.85 0.20 94.40
N ASN N 222 10.20 1.29 93.77
CA ASN N 222 11.26 1.34 92.79
C ASN N 222 12.62 1.00 93.40
N LYS N 223 13.33 0.08 92.76
CA LYS N 223 14.68 -0.34 93.16
C LYS N 223 14.78 -1.12 94.47
N LYS N 224 13.66 -1.45 95.10
CA LYS N 224 13.69 -2.22 96.35
C LYS N 224 14.18 -3.64 96.09
N PRO N 225 15.04 -4.19 96.99
CA PRO N 225 15.50 -5.59 96.82
C PRO N 225 14.36 -6.61 97.05
N VAL N 226 14.26 -7.59 96.17
CA VAL N 226 13.34 -8.71 96.36
C VAL N 226 14.16 -10.01 96.12
N PHE N 227 13.94 -11.03 96.95
CA PHE N 227 14.51 -12.37 96.69
C PHE N 227 13.46 -13.18 95.87
N PRO N 228 13.83 -13.69 94.68
CA PRO N 228 12.87 -14.34 93.77
C PRO N 228 12.57 -15.79 94.16
N TRP N 229 11.94 -15.97 95.34
CA TRP N 229 11.82 -17.28 95.96
C TRP N 229 10.44 -17.90 95.95
N ALA N 230 9.43 -17.18 95.43
CA ALA N 230 8.04 -17.65 95.54
C ALA N 230 7.72 -18.95 94.78
N GLU N 231 8.53 -19.30 93.79
CA GLU N 231 8.31 -20.55 93.04
C GLU N 231 9.13 -21.72 93.58
N GLY N 232 10.03 -21.40 94.51
CA GLY N 232 10.97 -22.35 95.08
C GLY N 232 12.42 -21.90 94.94
N PHE N 233 13.33 -22.76 95.37
CA PHE N 233 14.75 -22.40 95.50
C PHE N 233 15.70 -22.81 94.36
N ASP N 234 15.24 -23.71 93.49
CA ASP N 234 16.03 -24.28 92.43
C ASP N 234 16.16 -23.32 91.25
N PRO N 235 17.16 -23.50 90.37
CA PRO N 235 17.28 -22.62 89.20
C PRO N 235 16.03 -22.57 88.31
N ALA N 236 15.36 -23.69 88.11
CA ALA N 236 14.18 -23.73 87.26
C ALA N 236 13.03 -22.99 87.93
N ASP N 237 13.01 -22.99 89.26
CA ASP N 237 11.97 -22.33 90.03
C ASP N 237 12.12 -20.82 89.86
N MET N 238 13.35 -20.31 90.06
CA MET N 238 13.69 -18.90 89.93
C MET N 238 13.52 -18.40 88.52
N TYR N 239 13.96 -19.19 87.55
CA TYR N 239 13.78 -18.85 86.15
C TYR N 239 12.29 -18.68 85.81
N ARG N 240 11.44 -19.54 86.37
CA ARG N 240 10.00 -19.47 86.15
C ARG N 240 9.41 -18.23 86.81
N TYR N 241 9.85 -17.94 88.04
CA TYR N 241 9.54 -16.68 88.71
C TYR N 241 9.84 -15.47 87.81
N TYR N 242 11.01 -15.44 87.18
CA TYR N 242 11.41 -14.33 86.29
C TYR N 242 10.67 -14.27 84.95
N ASP N 243 9.91 -15.31 84.62
CA ASP N 243 9.01 -15.32 83.47
C ASP N 243 7.71 -14.56 83.76
N LYS N 244 7.31 -14.54 85.04
CA LYS N 244 6.00 -14.04 85.49
C LYS N 244 6.10 -12.67 86.13
N HIS N 245 7.32 -12.28 86.50
CA HIS N 245 7.55 -11.07 87.26
C HIS N 245 8.60 -10.32 86.50
N GLY N 246 8.30 -9.07 86.15
CA GLY N 246 9.19 -8.27 85.34
C GLY N 246 8.46 -7.23 84.54
N ASP N 247 9.18 -6.53 83.65
CA ASP N 247 8.62 -5.38 82.94
C ASP N 247 9.06 -5.21 81.49
N LEU N 248 9.62 -6.24 80.88
CA LEU N 248 9.99 -6.14 79.47
C LEU N 248 8.80 -5.94 78.55
N GLN N 249 9.00 -5.06 77.57
CA GLN N 249 8.01 -4.78 76.51
C GLN N 249 8.38 -5.49 75.20
N VAL N 250 9.65 -5.87 75.08
CA VAL N 250 10.20 -6.57 73.89
C VAL N 250 9.34 -7.77 73.46
N LYS N 251 9.05 -7.89 72.16
CA LYS N 251 8.23 -9.01 71.67
C LYS N 251 8.83 -10.41 71.92
N GLY N 252 8.02 -11.29 72.49
CA GLY N 252 8.46 -12.63 72.88
C GLY N 252 8.92 -12.72 74.33
N PHE N 253 9.11 -11.56 74.97
CA PHE N 253 9.61 -11.47 76.33
C PHE N 253 8.71 -10.60 77.22
N GLU N 254 7.44 -10.48 76.85
CA GLU N 254 6.54 -9.51 77.50
C GLU N 254 6.29 -9.88 78.95
N GLY N 255 6.62 -8.95 79.85
CA GLY N 255 6.42 -9.13 81.29
C GLY N 255 7.52 -9.87 82.02
N LYS N 256 8.52 -10.33 81.29
CA LYS N 256 9.67 -11.04 81.86
C LYS N 256 10.62 -10.06 82.50
N PHE N 257 11.48 -10.55 83.40
CA PHE N 257 12.50 -9.74 84.03
C PHE N 257 13.81 -9.81 83.25
N ALA N 258 14.49 -8.68 83.15
CA ALA N 258 15.85 -8.62 82.63
C ALA N 258 16.69 -7.66 83.45
N ASP N 259 17.93 -8.07 83.73
CA ASP N 259 18.89 -7.17 84.35
C ASP N 259 19.53 -6.22 83.33
N TRP N 260 19.83 -6.73 82.14
CA TRP N 260 20.31 -5.91 81.00
C TRP N 260 20.07 -6.64 79.68
N THR N 261 20.37 -5.98 78.56
CA THR N 261 20.33 -6.66 77.26
C THR N 261 21.75 -6.76 76.71
N HIS N 262 22.17 -8.00 76.46
CA HIS N 262 23.50 -8.23 75.89
C HIS N 262 23.54 -7.53 74.53
N PRO N 263 24.46 -6.55 74.37
CA PRO N 263 24.57 -5.71 73.17
C PRO N 263 25.03 -6.45 71.90
N ALA N 264 25.67 -7.61 72.04
CA ALA N 264 26.11 -8.38 70.87
C ALA N 264 25.00 -9.25 70.31
N SER N 265 24.41 -10.10 71.16
CA SER N 265 23.31 -10.98 70.76
C SER N 265 21.91 -10.33 70.79
N LYS N 266 21.78 -9.22 71.53
CA LYS N 266 20.49 -8.53 71.81
C LYS N 266 19.51 -9.38 72.64
N THR N 267 20.04 -10.19 73.55
CA THR N 267 19.23 -11.05 74.42
C THR N 267 19.02 -10.33 75.76
N PRO N 268 17.76 -10.32 76.27
CA PRO N 268 17.44 -9.87 77.63
C PRO N 268 17.88 -10.86 78.71
N MET N 269 18.86 -10.44 79.51
CA MET N 269 19.56 -11.35 80.40
C MET N 269 19.10 -11.26 81.86
N ILE N 270 19.16 -12.37 82.58
CA ILE N 270 19.12 -12.35 84.05
C ILE N 270 20.55 -12.55 84.60
N LYS N 271 20.89 -11.76 85.61
CA LYS N 271 22.15 -11.91 86.33
C LYS N 271 21.83 -12.61 87.64
N ALA N 272 22.57 -13.68 87.93
CA ALA N 272 22.52 -14.39 89.21
C ALA N 272 23.61 -13.86 90.14
N GLN N 273 23.33 -13.86 91.43
CA GLN N 273 24.32 -13.46 92.42
C GLN N 273 24.32 -14.48 93.53
N HIS N 274 25.54 -14.92 93.90
CA HIS N 274 25.84 -15.73 95.09
C HIS N 274 24.66 -16.38 95.82
N PRO N 275 24.00 -17.36 95.20
CA PRO N 275 22.85 -18.00 95.84
C PRO N 275 23.24 -19.11 96.85
N GLU N 276 24.14 -18.80 97.78
CA GLU N 276 24.57 -19.80 98.76
C GLU N 276 23.42 -20.42 99.53
N TYR N 277 22.50 -19.59 100.02
CA TYR N 277 21.39 -20.06 100.83
C TYR N 277 20.45 -21.01 100.07
N GLU N 278 20.09 -20.63 98.84
CA GLU N 278 19.19 -21.40 97.99
C GLU N 278 19.80 -22.72 97.51
N THR N 279 21.13 -22.70 97.39
CA THR N 279 21.92 -23.84 96.98
C THR N 279 22.04 -24.79 98.17
N TRP N 280 22.46 -24.25 99.31
CA TRP N 280 22.59 -24.99 100.55
C TRP N 280 21.29 -25.66 101.06
N ILE N 281 20.16 -24.93 100.95
CA ILE N 281 18.89 -25.38 101.59
C ILE N 281 18.49 -26.84 101.32
N ASN N 282 18.70 -27.32 100.09
CA ASN N 282 18.29 -28.67 99.71
C ASN N 282 19.46 -29.55 99.28
N GLY N 283 20.64 -29.22 99.80
CA GLY N 283 21.84 -30.02 99.57
C GLY N 283 21.94 -31.02 100.69
N THR N 284 22.94 -31.90 100.61
CA THR N 284 22.97 -33.01 101.57
C THR N 284 23.13 -32.54 103.01
N HIS N 285 23.85 -31.44 103.23
CA HIS N 285 23.99 -30.91 104.59
C HIS N 285 22.77 -30.14 105.05
N GLY N 286 22.35 -29.15 104.25
CA GLY N 286 21.21 -28.29 104.56
C GLY N 286 19.89 -28.99 104.74
N ALA N 287 19.61 -29.96 103.88
CA ALA N 287 18.42 -30.81 104.00
C ALA N 287 18.42 -31.60 105.31
N ALA N 288 19.60 -31.81 105.88
CA ALA N 288 19.79 -32.58 107.11
C ALA N 288 19.96 -31.64 108.29
N GLY N 289 19.73 -30.35 108.07
CA GLY N 289 19.76 -29.35 109.14
C GLY N 289 21.13 -28.87 109.59
N VAL N 290 22.17 -29.26 108.85
CA VAL N 290 23.55 -28.75 109.05
C VAL N 290 23.65 -27.35 108.45
N THR N 291 23.95 -26.41 109.32
CA THR N 291 23.65 -25.01 109.16
C THR N 291 24.94 -24.32 108.71
N CYS N 292 24.84 -23.18 108.01
CA CYS N 292 26.03 -22.39 107.69
C CYS N 292 26.98 -22.29 108.88
N ALA N 293 26.40 -22.10 110.07
CA ALA N 293 27.15 -21.85 111.31
C ALA N 293 27.86 -23.08 111.81
N ASP N 294 27.28 -24.27 111.58
CA ASP N 294 27.97 -25.52 111.92
C ASP N 294 29.35 -25.64 111.27
N CYS N 295 29.50 -25.14 110.05
CA CYS N 295 30.78 -25.27 109.34
C CYS N 295 31.63 -24.02 109.27
N HIS N 296 30.99 -22.86 109.36
CA HIS N 296 31.67 -21.57 109.18
C HIS N 296 31.79 -20.78 110.48
N MET N 297 31.11 -21.24 111.52
CA MET N 297 31.20 -20.65 112.84
C MET N 297 31.27 -21.75 113.89
N SER N 298 32.20 -22.68 113.72
CA SER N 298 32.22 -23.81 114.62
C SER N 298 32.78 -23.42 115.98
N TYR N 299 32.43 -24.18 117.00
CA TYR N 299 32.86 -23.84 118.33
C TYR N 299 34.36 -24.00 118.52
N THR N 300 34.94 -22.99 119.16
CA THR N 300 36.36 -22.94 119.38
C THR N 300 36.67 -22.62 120.85
N ARG N 301 37.57 -23.42 121.41
CA ARG N 301 38.01 -23.32 122.80
C ARG N 301 39.30 -22.49 122.83
N SER N 302 39.29 -21.40 122.07
CA SER N 302 40.47 -20.58 121.79
C SER N 302 41.27 -20.19 123.05
N ASP N 303 40.67 -19.38 123.92
CA ASP N 303 41.41 -18.90 125.08
C ASP N 303 41.14 -19.72 126.35
N ASP N 304 40.83 -19.11 127.49
CA ASP N 304 40.93 -19.82 128.78
C ASP N 304 40.67 -21.33 128.67
N LYS N 305 39.45 -21.70 128.29
CA LYS N 305 38.97 -23.08 128.16
C LYS N 305 37.49 -23.03 127.80
N LYS N 306 37.02 -21.81 127.53
CA LYS N 306 35.60 -21.59 127.25
C LYS N 306 35.33 -21.44 125.77
N LYS N 307 34.42 -22.28 125.27
CA LYS N 307 34.10 -22.24 123.86
C LYS N 307 33.16 -21.10 123.46
N ILE N 308 33.52 -20.45 122.35
CA ILE N 308 32.73 -19.39 121.71
C ILE N 308 32.48 -19.85 120.25
N SER N 309 31.51 -19.27 119.55
CA SER N 309 31.37 -19.53 118.12
C SER N 309 32.47 -18.76 117.41
N SER N 310 33.15 -19.41 116.49
CA SER N 310 34.15 -18.72 115.68
C SER N 310 33.46 -17.65 114.83
N HIS N 311 34.05 -16.46 114.77
CA HIS N 311 33.51 -15.36 113.97
C HIS N 311 34.42 -14.99 112.81
N TRP N 312 35.16 -16.00 112.38
CA TRP N 312 36.01 -15.90 111.24
C TRP N 312 35.28 -16.65 110.12
N TRP N 313 34.58 -15.89 109.29
CA TRP N 313 33.79 -16.44 108.18
C TRP N 313 34.68 -16.55 106.95
N THR N 314 35.13 -17.79 106.69
CA THR N 314 36.14 -18.03 105.68
C THR N 314 35.99 -19.46 105.15
N SER N 315 36.94 -19.90 104.33
CA SER N 315 36.95 -21.28 103.83
C SER N 315 37.26 -22.24 104.97
N PRO N 316 36.35 -23.21 105.22
CA PRO N 316 36.68 -24.31 106.16
C PRO N 316 37.90 -25.15 105.77
N MET N 317 38.20 -25.24 104.48
CA MET N 317 39.44 -25.86 103.93
C MET N 317 40.77 -25.24 104.36
N LYS N 318 40.75 -24.03 104.91
CA LYS N 318 41.98 -23.43 105.44
C LYS N 318 42.59 -24.22 106.61
N ASP N 319 41.74 -24.86 107.43
CA ASP N 319 42.18 -25.69 108.56
C ASP N 319 42.80 -27.02 108.09
N PRO N 320 44.13 -27.18 108.26
CA PRO N 320 44.73 -28.47 107.91
C PRO N 320 44.13 -29.64 108.75
N GLU N 321 43.68 -29.34 109.97
CA GLU N 321 43.07 -30.33 110.86
C GLU N 321 41.53 -30.52 110.65
N MET N 322 40.94 -29.74 109.75
CA MET N 322 39.49 -29.81 109.45
C MET N 322 38.58 -29.95 110.68
N ARG N 323 38.84 -29.20 111.76
CA ARG N 323 38.10 -29.43 113.01
C ARG N 323 36.57 -29.22 112.95
N ALA N 324 36.12 -28.21 112.20
CA ALA N 324 34.70 -27.92 112.10
C ALA N 324 33.95 -29.17 111.64
N CYS N 325 34.49 -29.80 110.61
CA CYS N 325 33.97 -31.05 110.04
C CYS N 325 34.02 -32.24 110.97
N ARG N 326 35.11 -32.37 111.70
CA ARG N 326 35.35 -33.57 112.50
C ARG N 326 34.58 -33.52 113.81
N GLN N 327 33.92 -32.40 114.07
CA GLN N 327 32.95 -32.32 115.17
C GLN N 327 31.84 -33.32 114.95
N CYS N 328 31.51 -33.56 113.68
CA CYS N 328 30.62 -34.66 113.27
C CYS N 328 31.34 -35.86 112.63
N HIS N 329 32.22 -35.58 111.66
CA HIS N 329 32.92 -36.63 110.93
C HIS N 329 34.20 -37.05 111.65
N SER N 330 34.06 -37.40 112.92
CA SER N 330 35.24 -37.70 113.75
C SER N 330 36.01 -38.96 113.32
N ASP N 331 35.37 -39.81 112.52
CA ASP N 331 35.97 -41.07 112.03
C ASP N 331 36.74 -40.89 110.74
N LYS N 332 36.74 -39.66 110.21
CA LYS N 332 37.39 -39.36 108.94
C LYS N 332 38.65 -38.52 109.19
N THR N 333 39.68 -38.76 108.39
CA THR N 333 40.91 -37.97 108.45
C THR N 333 40.71 -36.64 107.73
N PRO N 334 41.42 -35.60 108.17
CA PRO N 334 41.35 -34.34 107.42
C PRO N 334 41.60 -34.50 105.93
N ASP N 335 42.57 -35.33 105.55
CA ASP N 335 42.87 -35.53 104.13
C ASP N 335 41.72 -36.24 103.40
N TYR N 336 41.02 -37.15 104.07
CA TYR N 336 39.86 -37.79 103.47
C TYR N 336 38.76 -36.78 103.13
N LEU N 337 38.37 -36.00 104.12
CA LEU N 337 37.39 -34.92 103.94
C LEU N 337 37.75 -33.93 102.84
N LYS N 338 39.02 -33.52 102.76
CA LYS N 338 39.46 -32.62 101.69
C LYS N 338 39.36 -33.25 100.31
N SER N 339 39.62 -34.56 100.22
CA SER N 339 39.55 -35.24 98.92
C SER N 339 38.10 -35.36 98.45
N ARG N 340 37.17 -35.49 99.38
CA ARG N 340 35.75 -35.58 99.05
C ARG N 340 35.14 -34.24 98.66
N VAL N 341 35.71 -33.15 99.18
CA VAL N 341 35.33 -31.81 98.76
C VAL N 341 35.82 -31.57 97.32
N LEU N 342 37.09 -31.91 97.06
CA LEU N 342 37.70 -31.74 95.74
C LEU N 342 37.13 -32.65 94.67
N PHE N 343 36.58 -33.79 95.08
CA PHE N 343 35.89 -34.71 94.19
C PHE N 343 34.76 -33.96 93.50
N THR N 344 34.06 -33.15 94.28
CA THR N 344 32.95 -32.35 93.77
C THR N 344 33.42 -31.12 92.97
N GLN N 345 34.29 -30.31 93.59
CA GLN N 345 34.73 -29.00 93.06
C GLN N 345 35.50 -29.08 91.74
N LYS N 346 36.39 -30.06 91.64
CA LYS N 346 37.13 -30.30 90.41
C LYS N 346 36.18 -30.53 89.24
N ARG N 347 35.19 -31.39 89.46
CA ARG N 347 34.23 -31.75 88.41
C ARG N 347 33.30 -30.59 88.09
N THR N 348 32.97 -29.80 89.11
CA THR N 348 32.05 -28.68 88.95
C THR N 348 32.70 -27.53 88.20
N PHE N 349 33.91 -27.17 88.61
CA PHE N 349 34.67 -26.12 87.92
C PHE N 349 34.99 -26.43 86.47
N ASP N 350 35.38 -27.65 86.15
CA ASP N 350 35.69 -28.04 84.78
C ASP N 350 34.49 -27.95 83.85
N LEU N 351 33.35 -28.38 84.37
CA LEU N 351 32.06 -28.36 83.69
C LEU N 351 31.54 -26.94 83.52
N LEU N 352 31.73 -26.11 84.54
CA LEU N 352 31.38 -24.69 84.48
C LEU N 352 32.10 -24.01 83.30
N LEU N 353 33.41 -24.13 83.24
CA LEU N 353 34.20 -23.56 82.14
C LEU N 353 33.66 -23.97 80.77
N ALA N 354 33.26 -25.22 80.62
CA ALA N 354 32.73 -25.70 79.36
C ALA N 354 31.31 -25.17 79.06
N ALA N 355 30.51 -24.98 80.10
CA ALA N 355 29.20 -24.35 79.97
C ALA N 355 29.30 -22.87 79.49
N GLN N 356 30.32 -22.16 79.97
CA GLN N 356 30.51 -20.74 79.63
C GLN N 356 31.03 -20.57 78.20
N GLU N 357 31.73 -21.59 77.69
CA GLU N 357 32.24 -21.60 76.31
C GLU N 357 31.11 -21.77 75.32
N VAL N 358 30.18 -22.67 75.61
CA VAL N 358 29.03 -22.88 74.72
C VAL N 358 28.08 -21.66 74.76
N SER N 359 28.12 -20.94 75.87
CA SER N 359 27.31 -19.76 76.08
C SER N 359 27.87 -18.63 75.25
N VAL N 360 29.19 -18.47 75.27
CA VAL N 360 29.82 -17.49 74.40
C VAL N 360 29.47 -17.77 72.94
N LYS N 361 29.56 -19.04 72.53
CA LYS N 361 29.26 -19.50 71.20
C LYS N 361 27.80 -19.28 70.86
N ALA N 362 26.91 -19.42 71.85
CA ALA N 362 25.48 -19.14 71.64
C ALA N 362 25.24 -17.63 71.39
N HIS N 363 25.85 -16.76 72.18
CA HIS N 363 25.83 -15.32 71.93
C HIS N 363 26.34 -14.93 70.53
N GLU N 364 27.42 -15.59 70.09
CA GLU N 364 28.02 -15.36 68.77
C GLU N 364 27.13 -15.86 67.64
N ALA N 365 26.52 -17.02 67.81
CA ALA N 365 25.56 -17.53 66.84
C ALA N 365 24.40 -16.57 66.65
N VAL N 366 23.87 -16.05 67.77
CA VAL N 366 22.68 -15.20 67.73
C VAL N 366 23.06 -13.85 67.13
N ARG N 367 24.24 -13.36 67.49
CA ARG N 367 24.81 -12.17 66.88
C ARG N 367 25.02 -12.28 65.37
N LEU N 368 25.57 -13.40 64.90
CA LEU N 368 25.73 -13.65 63.46
C LEU N 368 24.38 -13.78 62.73
N ALA N 369 23.41 -14.43 63.36
CA ALA N 369 22.09 -14.60 62.78
C ALA N 369 21.33 -13.26 62.75
N ASN N 370 21.67 -12.40 63.70
CA ASN N 370 21.07 -11.07 63.77
C ASN N 370 21.47 -10.22 62.56
N GLU N 371 22.74 -10.31 62.18
CA GLU N 371 23.31 -9.46 61.14
C GLU N 371 23.47 -10.16 59.78
N TYR N 372 22.93 -11.36 59.68
CA TYR N 372 22.98 -12.20 58.50
C TYR N 372 22.30 -11.52 57.31
N GLN N 373 23.02 -11.36 56.19
CA GLN N 373 22.45 -10.73 54.99
C GLN N 373 21.91 -11.72 53.91
N GLY N 374 22.11 -13.02 54.10
CA GLY N 374 21.59 -14.01 53.17
C GLY N 374 20.13 -14.31 53.38
N ALA N 375 19.59 -15.21 52.56
CA ALA N 375 18.20 -15.63 52.64
C ALA N 375 17.88 -16.29 53.99
N LYS N 376 16.89 -15.71 54.67
CA LYS N 376 16.48 -16.16 55.99
C LYS N 376 15.36 -17.18 55.91
N ALA N 377 15.35 -18.10 56.87
CA ALA N 377 14.32 -19.12 56.92
C ALA N 377 12.96 -18.46 57.09
N ALA N 378 11.91 -19.23 56.77
CA ALA N 378 10.52 -18.81 56.82
C ALA N 378 10.08 -18.34 58.20
N GLY N 379 10.52 -19.03 59.26
CA GLY N 379 10.13 -18.65 60.60
C GLY N 379 11.17 -17.87 61.39
N TYR N 380 12.05 -17.17 60.69
CA TYR N 380 13.16 -16.40 61.29
C TYR N 380 12.82 -15.68 62.61
N ASP N 381 11.77 -14.86 62.59
CA ASP N 381 11.39 -14.03 63.75
C ASP N 381 11.03 -14.84 65.00
N ASP N 382 10.20 -15.87 64.83
CA ASP N 382 9.91 -16.82 65.90
C ASP N 382 11.14 -17.62 66.38
N LEU N 383 11.98 -18.08 65.44
CA LEU N 383 13.18 -18.86 65.76
C LEU N 383 14.22 -18.03 66.53
N MET N 384 14.31 -16.75 66.21
CA MET N 384 15.22 -15.82 66.89
C MET N 384 14.77 -15.47 68.31
N ILE N 385 13.45 -15.39 68.52
CA ILE N 385 12.87 -15.24 69.87
C ILE N 385 13.21 -16.48 70.69
N GLN N 386 12.90 -17.65 70.14
CA GLN N 386 13.25 -18.93 70.73
C GLN N 386 14.75 -19.06 71.03
N ALA N 387 15.61 -18.69 70.07
CA ALA N 387 17.08 -18.75 70.24
C ALA N 387 17.55 -17.90 71.43
N ARG N 388 17.11 -16.65 71.47
CA ARG N 388 17.42 -15.70 72.53
C ARG N 388 16.89 -16.17 73.89
N GLU N 389 15.69 -16.75 73.92
CA GLU N 389 15.17 -17.33 75.17
C GLU N 389 16.08 -18.46 75.70
N MET N 390 16.70 -19.21 74.78
CA MET N 390 17.65 -20.27 75.15
C MET N 390 19.01 -19.73 75.57
N VAL N 391 19.43 -18.59 75.03
CA VAL N 391 20.67 -17.92 75.47
C VAL N 391 20.52 -17.43 76.92
N ARG N 392 19.37 -16.83 77.20
CA ARG N 392 19.06 -16.26 78.51
C ARG N 392 18.89 -17.36 79.57
N LYS N 393 18.18 -18.42 79.22
CA LYS N 393 18.02 -19.54 80.16
C LYS N 393 19.36 -20.23 80.44
N GLY N 394 20.09 -20.53 79.37
CA GLY N 394 21.38 -21.21 79.50
C GLY N 394 22.35 -20.41 80.34
N GLN N 395 22.37 -19.09 80.13
CA GLN N 395 23.25 -18.20 80.91
C GLN N 395 22.90 -18.12 82.38
N PHE N 396 21.62 -17.95 82.71
CA PHE N 396 21.16 -17.90 84.12
C PHE N 396 21.46 -19.21 84.86
N PHE N 397 21.35 -20.32 84.15
CA PHE N 397 21.73 -21.61 84.73
C PHE N 397 23.20 -21.73 85.11
N TRP N 398 24.14 -21.31 84.24
CA TRP N 398 25.56 -21.45 84.64
C TRP N 398 25.90 -20.36 85.64
N ASP N 399 25.28 -19.18 85.50
CA ASP N 399 25.52 -18.06 86.41
C ASP N 399 25.12 -18.43 87.85
N TYR N 400 24.03 -19.17 87.98
CA TYR N 400 23.59 -19.69 89.27
C TYR N 400 24.71 -20.46 89.96
N VAL N 401 25.42 -21.30 89.21
CA VAL N 401 26.52 -22.10 89.72
C VAL N 401 27.81 -21.27 89.85
N SER N 402 28.10 -20.47 88.83
CA SER N 402 29.31 -19.69 88.78
C SER N 402 29.39 -18.75 89.97
N ALA N 403 28.24 -18.15 90.31
CA ALA N 403 28.18 -17.07 91.30
C ALA N 403 28.27 -17.61 92.71
N GLU N 404 27.90 -18.87 92.87
CA GLU N 404 27.86 -19.55 94.16
C GLU N 404 29.26 -19.91 94.61
N ASN N 405 29.55 -19.68 95.90
CA ASN N 405 30.93 -19.69 96.40
C ASN N 405 31.55 -21.04 96.84
N SER N 406 30.77 -22.11 96.87
CA SER N 406 31.29 -23.43 97.27
C SER N 406 31.84 -24.31 96.14
N VAL N 407 31.79 -23.85 94.89
CA VAL N 407 32.17 -24.65 93.72
C VAL N 407 31.51 -26.05 93.72
N GLY N 408 30.20 -26.06 93.97
CA GLY N 408 29.43 -27.29 93.98
C GLY N 408 29.36 -28.00 95.32
N PHE N 409 30.19 -27.64 96.29
CA PHE N 409 30.22 -28.45 97.51
C PHE N 409 28.94 -28.34 98.38
N HIS N 410 28.34 -27.15 98.47
CA HIS N 410 27.07 -27.00 99.19
C HIS N 410 25.98 -27.94 98.68
N ASN N 411 25.91 -28.14 97.37
CA ASN N 411 24.91 -29.03 96.75
C ASN N 411 25.45 -29.70 95.48
N PRO N 412 26.28 -30.75 95.66
CA PRO N 412 26.94 -31.37 94.51
C PRO N 412 26.01 -31.69 93.34
N ALA N 413 24.96 -32.45 93.60
CA ALA N 413 24.03 -32.88 92.57
C ALA N 413 23.27 -31.72 91.92
N LYS N 414 22.84 -30.72 92.69
CA LYS N 414 22.19 -29.55 92.07
C LYS N 414 23.13 -28.77 91.13
N ALA N 415 24.39 -28.58 91.53
CA ALA N 415 25.39 -27.84 90.73
C ALA N 415 25.65 -28.50 89.38
N LEU N 416 25.86 -29.80 89.40
CA LEU N 416 26.22 -30.57 88.24
C LEU N 416 25.04 -30.71 87.31
N ASP N 417 23.87 -30.99 87.88
CA ASP N 417 22.62 -31.03 87.13
C ASP N 417 22.37 -29.69 86.43
N THR N 418 22.55 -28.59 87.16
CA THR N 418 22.25 -27.25 86.63
C THR N 418 23.19 -26.88 85.50
N LEU N 419 24.46 -27.29 85.60
CA LEU N 419 25.41 -27.02 84.54
C LEU N 419 25.22 -27.88 83.28
N ALA N 420 24.76 -29.12 83.47
CA ALA N 420 24.47 -30.00 82.33
C ALA N 420 23.27 -29.46 81.54
N GLN N 421 22.23 -29.00 82.24
CA GLN N 421 21.09 -28.32 81.62
C GLN N 421 21.48 -27.03 80.92
N SER N 422 22.31 -26.22 81.56
CA SER N 422 22.77 -24.96 80.98
C SER N 422 23.31 -25.21 79.56
N GLN N 423 24.22 -26.17 79.47
CA GLN N 423 24.85 -26.57 78.23
C GLN N 423 23.84 -27.00 77.15
N GLN N 424 22.76 -27.67 77.54
CA GLN N 424 21.66 -28.01 76.63
C GLN N 424 20.92 -26.78 76.06
N PHE N 425 20.62 -25.79 76.91
CA PHE N 425 19.94 -24.57 76.49
C PHE N 425 20.78 -23.73 75.53
N SER N 426 22.03 -23.45 75.91
CA SER N 426 22.97 -22.72 75.06
C SER N 426 23.16 -23.36 73.69
N GLN N 427 23.41 -24.67 73.66
CA GLN N 427 23.48 -25.46 72.42
C GLN N 427 22.17 -25.41 71.60
N LYS N 428 21.02 -25.47 72.27
CA LYS N 428 19.75 -25.28 71.56
C LYS N 428 19.62 -23.88 70.90
N ALA N 429 20.20 -22.84 71.52
CA ALA N 429 20.25 -21.50 70.90
C ALA N 429 21.04 -21.49 69.58
N ILE N 430 22.16 -22.23 69.55
CA ILE N 430 23.03 -22.29 68.39
C ILE N 430 22.31 -22.98 67.23
N ASP N 431 21.66 -24.09 67.56
CA ASP N 431 20.88 -24.84 66.59
C ASP N 431 19.74 -24.01 65.97
N LEU N 432 19.09 -23.16 66.78
CA LEU N 432 17.97 -22.35 66.32
C LEU N 432 18.44 -21.16 65.49
N ALA N 433 19.54 -20.53 65.91
CA ALA N 433 20.19 -19.47 65.13
C ALA N 433 20.70 -19.97 63.77
N MET N 434 21.26 -21.18 63.74
CA MET N 434 21.65 -21.82 62.48
C MET N 434 20.44 -22.14 61.60
N GLU N 435 19.37 -22.67 62.19
CA GLU N 435 18.15 -22.94 61.46
C GLU N 435 17.58 -21.66 60.84
N ALA N 436 17.47 -20.59 61.63
CA ALA N 436 16.98 -19.27 61.15
C ALA N 436 17.72 -18.71 59.91
N THR N 437 18.98 -19.08 59.75
CA THR N 437 19.82 -18.58 58.66
C THR N 437 20.08 -19.64 57.58
N GLN N 438 19.31 -20.73 57.61
CA GLN N 438 19.53 -21.89 56.74
C GLN N 438 21.03 -22.27 56.73
N TYR N 439 21.60 -22.34 57.93
CA TYR N 439 22.99 -22.76 58.17
C TYR N 439 24.03 -21.87 57.51
N GLY N 440 23.61 -20.67 57.15
CA GLY N 440 24.45 -19.67 56.46
C GLY N 440 25.53 -19.11 57.34
N ILE N 441 25.29 -19.17 58.65
CA ILE N 441 26.28 -18.76 59.65
C ILE N 441 27.23 -19.90 60.06
N GLY N 442 26.94 -21.13 59.64
CA GLY N 442 27.81 -22.28 59.89
C GLY N 442 29.31 -22.01 59.82
N LYS N 443 29.76 -21.53 58.66
CA LYS N 443 31.20 -21.32 58.39
C LYS N 443 31.86 -20.36 59.38
N ASP N 444 31.06 -19.47 59.97
CA ASP N 444 31.58 -18.52 60.93
C ASP N 444 31.65 -19.07 62.37
N LEU N 445 31.12 -20.27 62.57
CA LEU N 445 31.10 -20.92 63.87
C LEU N 445 31.99 -22.18 63.95
N SER N 446 32.71 -22.47 62.86
CA SER N 446 33.59 -23.64 62.78
C SER N 446 34.86 -23.52 63.64
N GLY N 447 35.18 -24.56 64.39
CA GLY N 447 36.43 -24.57 65.18
C GLY N 447 36.31 -24.20 66.66
N ASP N 448 37.40 -23.68 67.20
CA ASP N 448 37.52 -23.38 68.62
C ASP N 448 36.92 -22.01 68.90
N ILE N 449 36.02 -21.93 69.89
CA ILE N 449 35.39 -20.67 70.27
C ILE N 449 36.44 -19.66 70.74
N LYS N 450 37.56 -20.16 71.26
CA LYS N 450 38.63 -19.32 71.79
C LYS N 450 39.31 -18.48 70.72
N THR N 451 39.24 -18.91 69.46
CA THR N 451 39.79 -18.14 68.36
C THR N 451 38.72 -17.32 67.62
N ILE N 452 37.51 -17.87 67.47
CA ILE N 452 36.36 -17.11 66.92
C ILE N 452 36.02 -15.90 67.80
N VAL N 453 35.84 -16.13 69.10
CA VAL N 453 35.61 -15.04 70.06
C VAL N 453 36.66 -15.09 71.19
N PRO N 454 37.74 -14.32 71.05
CA PRO N 454 38.75 -14.27 72.08
C PRO N 454 38.22 -13.78 73.43
N PRO N 455 38.68 -14.39 74.54
CA PRO N 455 38.37 -13.87 75.88
C PRO N 455 38.79 -12.41 75.98
N ILE N 456 37.96 -11.58 76.61
CA ILE N 456 38.27 -10.19 76.90
C ILE N 456 38.89 -10.19 78.30
N LEU N 457 40.20 -9.96 78.38
CA LEU N 457 40.93 -9.98 79.64
C LEU N 457 40.80 -8.66 80.39
N LYS N 458 40.78 -7.58 79.63
CA LYS N 458 40.81 -6.24 80.20
C LYS N 458 39.64 -5.42 79.74
N MET N 459 39.00 -4.78 80.69
CA MET N 459 37.95 -3.83 80.45
C MET N 459 37.66 -3.12 81.76
N ASN N 460 37.69 -1.79 81.74
CA ASN N 460 37.25 -0.97 82.85
C ASN N 460 36.66 0.33 82.31
N ARG N 461 36.08 1.13 83.21
CA ARG N 461 35.46 2.41 82.83
C ARG N 461 36.37 3.46 82.21
N LYS N 462 37.64 3.47 82.62
CA LYS N 462 38.68 4.35 82.06
C LYS N 462 39.11 3.96 80.64
N LEU N 463 39.31 2.65 80.41
CA LEU N 463 39.65 2.13 79.09
C LEU N 463 38.54 2.33 78.06
N GLN N 464 37.28 2.30 78.49
CA GLN N 464 36.15 2.49 77.58
C GLN N 464 36.02 3.97 77.13
N GLN N 465 36.92 4.81 77.61
CA GLN N 465 37.05 6.22 77.17
C GLN N 465 37.97 6.35 75.96
N ASP N 466 38.88 5.40 75.81
CA ASP N 466 39.90 5.37 74.78
C ASP N 466 39.37 4.75 73.47
N PRO N 467 39.22 5.55 72.40
CA PRO N 467 38.61 4.99 71.19
C PRO N 467 39.51 4.01 70.41
N GLU N 468 40.82 4.04 70.65
CA GLU N 468 41.77 3.12 70.02
C GLU N 468 41.80 1.73 70.70
N PHE N 469 41.58 1.71 72.02
CA PHE N 469 41.35 0.47 72.77
C PHE N 469 40.03 -0.20 72.34
N MET N 470 39.02 0.62 72.05
CA MET N 470 37.70 0.09 71.70
C MET N 470 37.59 -0.47 70.27
N LYS N 471 38.73 -0.57 69.59
CA LYS N 471 38.83 -1.24 68.28
C LYS N 471 39.50 -2.61 68.44
N THR N 472 39.94 -2.88 69.67
CA THR N 472 40.82 -3.98 70.04
C THR N 472 40.14 -5.37 70.10
N HIS N 473 38.81 -5.40 70.06
CA HIS N 473 38.03 -6.65 70.09
C HIS N 473 36.76 -6.45 69.26
N LYS N 474 36.31 -7.49 68.56
CA LYS N 474 35.12 -7.39 67.69
C LYS N 474 33.84 -7.00 68.45
N TRP N 475 33.70 -7.48 69.67
CA TRP N 475 32.50 -7.22 70.45
C TRP N 475 32.46 -5.80 71.01
N PHE N 476 33.60 -5.11 71.00
CA PHE N 476 33.66 -3.72 71.51
C PHE N 476 32.82 -2.77 70.66
N GLN N 477 32.61 -3.14 69.40
CA GLN N 477 31.82 -2.34 68.46
C GLN N 477 30.36 -2.18 68.86
N TYR N 478 29.90 -3.01 69.80
CA TYR N 478 28.52 -2.96 70.31
C TYR N 478 28.38 -2.08 71.56
N LEU N 479 29.49 -1.51 72.00
CA LEU N 479 29.51 -0.61 73.13
C LEU N 479 29.78 0.82 72.68
N PRO N 480 29.20 1.80 73.38
CA PRO N 480 29.57 3.21 73.19
C PRO N 480 30.98 3.49 73.71
N VAL N 481 31.68 4.44 73.08
CA VAL N 481 32.93 4.95 73.65
C VAL N 481 32.50 6.01 74.67
N LEU N 482 32.94 5.83 75.92
CA LEU N 482 32.53 6.73 77.01
C LEU N 482 33.22 8.08 76.90
N PRO N 483 32.52 9.17 77.30
CA PRO N 483 33.09 10.51 77.29
C PRO N 483 34.36 10.59 78.14
N LYS N 484 35.38 11.29 77.66
CA LYS N 484 36.57 11.61 78.48
C LYS N 484 36.07 12.28 79.76
N ALA N 485 36.54 11.77 80.89
CA ALA N 485 36.07 12.20 82.21
C ALA N 485 37.13 11.92 83.26
N ASP N 486 37.39 12.91 84.11
CA ASP N 486 38.27 12.69 85.25
C ASP N 486 37.57 11.88 86.34
N GLN N 487 38.37 11.20 87.15
CA GLN N 487 37.84 10.48 88.31
C GLN N 487 37.32 11.47 89.33
N VAL N 488 36.06 11.29 89.74
CA VAL N 488 35.38 12.16 90.71
C VAL N 488 35.58 11.62 92.13
N TRP N 489 35.59 10.29 92.27
CA TRP N 489 35.76 9.64 93.56
C TRP N 489 36.98 8.74 93.62
N ASP N 490 37.70 8.82 94.73
CA ASP N 490 38.71 7.83 95.05
C ASP N 490 38.43 7.28 96.45
N GLY N 491 37.74 6.13 96.53
CA GLY N 491 37.25 5.62 97.82
C GLY N 491 36.20 6.57 98.36
N GLN N 492 36.44 7.12 99.54
CA GLN N 492 35.54 8.11 100.16
C GLN N 492 35.96 9.55 99.85
N LYS N 493 37.14 9.67 99.24
CA LYS N 493 37.77 10.94 98.91
C LYS N 493 37.26 11.53 97.59
N ARG N 494 36.63 12.69 97.68
CA ARG N 494 36.18 13.47 96.52
C ARG N 494 37.37 14.17 95.86
N LEU N 495 37.46 14.04 94.54
CA LEU N 495 38.56 14.62 93.77
C LEU N 495 38.13 15.85 92.98
N VAL N 496 36.85 15.91 92.62
CA VAL N 496 36.30 17.05 91.90
C VAL N 496 35.02 17.55 92.56
N SER N 497 34.75 18.83 92.36
CA SER N 497 33.87 19.62 93.20
C SER N 497 32.36 19.39 93.07
N ALA N 498 31.87 19.32 91.82
CA ALA N 498 30.42 19.22 91.50
C ALA N 498 29.80 20.58 91.13
N LEU O 15 35.92 -54.50 171.06
CA LEU O 15 37.14 -54.06 170.31
C LEU O 15 37.23 -54.66 168.91
N VAL O 16 36.56 -55.79 168.72
CA VAL O 16 36.49 -56.45 167.41
C VAL O 16 35.13 -56.21 166.76
N LEU O 17 34.08 -56.05 167.58
CA LEU O 17 32.74 -55.69 167.08
C LEU O 17 32.61 -54.16 166.88
N GLY O 18 33.72 -53.45 167.08
CA GLY O 18 33.81 -52.03 166.75
C GLY O 18 34.65 -51.84 165.51
N GLY O 19 35.65 -52.71 165.34
CA GLY O 19 36.49 -52.76 164.14
C GLY O 19 35.78 -53.39 162.96
N ALA O 20 34.81 -54.28 163.26
CA ALA O 20 33.96 -54.87 162.23
C ALA O 20 32.91 -53.88 161.72
N THR O 21 32.51 -52.93 162.57
CA THR O 21 31.54 -51.90 162.17
C THR O 21 32.23 -50.78 161.36
N LEU O 22 33.56 -50.76 161.37
CA LEU O 22 34.33 -49.81 160.54
C LEU O 22 34.51 -50.34 159.13
N GLY O 23 34.80 -51.64 159.02
CA GLY O 23 35.01 -52.29 157.73
C GLY O 23 33.75 -52.47 156.91
N VAL O 24 32.59 -52.29 157.54
CA VAL O 24 31.30 -52.40 156.86
C VAL O 24 30.66 -51.02 156.61
N VAL O 25 31.39 -49.96 156.94
CA VAL O 25 31.03 -48.61 156.50
C VAL O 25 32.16 -48.04 155.64
N ALA O 26 33.35 -48.64 155.74
CA ALA O 26 34.46 -48.28 154.86
C ALA O 26 34.33 -48.96 153.50
N LEU O 27 33.62 -50.08 153.45
CA LEU O 27 33.36 -50.81 152.20
C LEU O 27 32.04 -50.42 151.56
N ALA O 28 31.05 -50.07 152.38
CA ALA O 28 29.77 -49.56 151.88
C ALA O 28 29.92 -48.12 151.36
N THR O 29 30.90 -47.41 151.92
CA THR O 29 31.23 -46.05 151.51
C THR O 29 32.04 -46.05 150.22
N VAL O 30 33.03 -46.94 150.14
CA VAL O 30 33.83 -47.10 148.94
C VAL O 30 33.02 -47.67 147.77
N ALA O 31 32.01 -48.49 148.06
CA ALA O 31 31.16 -49.08 147.02
C ALA O 31 30.09 -48.12 146.51
N PHE O 32 29.53 -47.30 147.39
CA PHE O 32 28.63 -46.22 146.96
C PHE O 32 29.40 -45.12 146.23
N GLY O 33 30.62 -44.86 146.70
CA GLY O 33 31.50 -43.86 146.10
C GLY O 33 31.88 -44.21 144.68
N MET O 34 32.09 -45.51 144.46
CA MET O 34 32.48 -46.02 143.15
C MET O 34 31.38 -46.04 142.09
N LYS O 35 30.14 -46.33 142.49
CA LYS O 35 29.00 -46.28 141.57
C LYS O 35 28.56 -44.85 141.32
N TYR O 36 28.66 -43.98 142.33
CA TYR O 36 28.31 -42.57 142.18
C TYR O 36 29.20 -41.90 141.14
N THR O 37 30.43 -42.36 141.09
CA THR O 37 31.47 -41.74 140.33
C THR O 37 31.52 -42.34 138.90
N ASP O 38 30.50 -43.16 138.58
CA ASP O 38 30.25 -43.75 137.25
C ASP O 38 29.16 -43.02 136.49
N GLN O 39 28.50 -42.08 137.15
CA GLN O 39 27.21 -41.62 136.66
C GLN O 39 27.22 -40.23 136.07
N ARG O 40 26.21 -39.98 135.25
CA ARG O 40 26.07 -38.73 134.50
C ARG O 40 26.15 -37.43 135.32
N PRO O 41 25.54 -37.38 136.54
CA PRO O 41 25.68 -36.15 137.30
C PRO O 41 27.13 -35.88 137.76
N PHE O 42 27.86 -36.91 138.16
CA PHE O 42 29.27 -36.72 138.49
C PHE O 42 30.08 -36.34 137.24
N CYS O 43 29.98 -37.13 136.16
CA CYS O 43 30.71 -36.86 134.93
C CYS O 43 30.50 -35.46 134.37
N THR O 44 29.25 -35.00 134.38
CA THR O 44 28.93 -33.70 133.81
C THR O 44 29.09 -32.54 134.81
N SER O 45 29.85 -32.79 135.88
CA SER O 45 30.18 -31.74 136.84
C SER O 45 31.23 -30.81 136.24
N CYS O 46 31.96 -31.30 135.24
CA CYS O 46 32.81 -30.44 134.42
C CYS O 46 32.08 -30.08 133.15
N HIS O 47 31.92 -28.78 132.91
CA HIS O 47 31.06 -28.28 131.82
C HIS O 47 31.51 -28.73 130.42
N ILE O 48 32.80 -29.04 130.29
CA ILE O 48 33.36 -29.59 129.06
C ILE O 48 32.69 -30.95 128.70
N MET O 49 32.13 -31.62 129.70
CA MET O 49 31.49 -32.91 129.53
C MET O 49 30.00 -32.84 129.24
N ASN O 50 29.41 -31.66 129.13
CA ASN O 50 27.97 -31.72 128.99
C ASN O 50 27.28 -31.81 127.61
N PRO O 51 28.02 -31.57 126.51
CA PRO O 51 27.44 -32.06 125.25
C PRO O 51 27.30 -33.60 125.23
N VAL O 52 28.31 -34.33 125.69
CA VAL O 52 28.18 -35.80 125.84
C VAL O 52 27.12 -36.21 126.89
N GLY O 53 26.90 -35.36 127.89
CA GLY O 53 25.84 -35.59 128.89
C GLY O 53 24.45 -35.37 128.35
N VAL O 54 24.28 -34.28 127.60
CA VAL O 54 23.01 -33.96 126.93
C VAL O 54 22.62 -35.09 125.98
N THR O 55 23.53 -35.48 125.09
CA THR O 55 23.30 -36.54 124.11
C THR O 55 23.09 -37.92 124.78
N HIS O 56 23.86 -38.22 125.83
CA HIS O 56 23.57 -39.41 126.69
C HIS O 56 22.12 -39.43 127.19
N LYS O 57 21.65 -38.34 127.81
CA LYS O 57 20.31 -38.26 128.39
C LYS O 57 19.17 -38.31 127.36
N LEU O 58 19.47 -37.92 126.13
CA LEU O 58 18.51 -37.92 125.03
C LEU O 58 18.42 -39.26 124.27
N SER O 59 19.35 -40.17 124.52
CA SER O 59 19.50 -41.38 123.70
C SER O 59 18.84 -42.58 124.35
N GLY O 60 18.81 -43.69 123.60
CA GLY O 60 18.32 -44.97 124.08
C GLY O 60 19.07 -45.51 125.28
N HIS O 61 20.30 -45.04 125.49
CA HIS O 61 21.11 -45.46 126.64
C HIS O 61 21.05 -44.51 127.84
N ALA O 62 20.07 -43.61 127.86
CA ALA O 62 19.97 -42.59 128.91
C ALA O 62 19.96 -43.19 130.33
N ASN O 63 19.33 -44.35 130.50
CA ASN O 63 19.19 -44.92 131.83
C ASN O 63 20.26 -45.91 132.28
N ILE O 64 21.36 -45.95 131.55
CA ILE O 64 22.56 -46.68 131.98
C ILE O 64 23.67 -45.66 132.27
N SER O 65 24.61 -45.99 133.16
CA SER O 65 25.66 -45.04 133.53
C SER O 65 26.68 -44.79 132.39
N CYS O 66 27.43 -43.70 132.51
CA CYS O 66 28.55 -43.40 131.61
C CYS O 66 29.58 -44.53 131.57
N ASN O 67 29.94 -45.04 132.73
CA ASN O 67 30.95 -46.10 132.82
C ASN O 67 30.43 -47.50 132.53
N ASP O 68 29.14 -47.68 132.29
CA ASP O 68 28.66 -48.97 131.72
C ASP O 68 29.22 -49.16 130.30
N CYS O 69 29.59 -48.06 129.66
CA CYS O 69 30.29 -48.08 128.40
C CYS O 69 31.74 -47.77 128.57
N HIS O 70 32.04 -46.78 129.40
CA HIS O 70 33.36 -46.14 129.43
C HIS O 70 34.46 -46.75 130.28
N ALA O 71 34.10 -47.63 131.21
CA ALA O 71 35.10 -48.28 132.04
C ALA O 71 34.86 -49.78 131.96
N PRO O 72 35.89 -50.59 132.23
CA PRO O 72 35.72 -52.06 132.31
C PRO O 72 34.71 -52.46 133.38
N HIS O 73 33.98 -53.55 133.14
CA HIS O 73 33.01 -54.05 134.13
C HIS O 73 33.68 -54.88 135.24
N ASN O 74 34.60 -55.77 134.84
CA ASN O 74 35.48 -56.53 135.72
C ASN O 74 36.17 -55.62 136.74
N LEU O 75 35.92 -55.89 138.03
CA LEU O 75 36.33 -55.05 139.17
C LEU O 75 37.83 -54.72 139.29
N LEU O 76 38.68 -55.72 139.04
CA LEU O 76 40.14 -55.58 139.09
C LEU O 76 40.68 -54.70 137.96
N ALA O 77 39.96 -54.68 136.85
CA ALA O 77 40.31 -53.84 135.70
C ALA O 77 39.77 -52.42 135.90
N LYS O 78 38.60 -52.34 136.50
CA LYS O 78 37.81 -51.12 136.62
C LYS O 78 38.45 -50.05 137.50
N LEU O 79 38.89 -50.43 138.70
CA LEU O 79 39.46 -49.50 139.69
C LEU O 79 40.68 -48.72 139.17
N PRO O 80 41.78 -49.42 138.74
CA PRO O 80 42.90 -48.74 138.09
C PRO O 80 42.48 -47.80 136.96
N PHE O 81 41.74 -48.33 135.98
CA PHE O 81 41.24 -47.57 134.82
C PHE O 81 40.51 -46.28 135.21
N LYS O 82 39.61 -46.40 136.18
CA LYS O 82 38.84 -45.26 136.67
C LYS O 82 39.72 -44.19 137.31
N ALA O 83 40.67 -44.63 138.15
CA ALA O 83 41.61 -43.72 138.80
C ALA O 83 42.60 -43.06 137.81
N ILE O 84 43.15 -43.84 136.88
CA ILE O 84 44.04 -43.27 135.84
C ILE O 84 43.32 -42.28 134.94
N ALA O 85 42.08 -42.61 134.58
CA ALA O 85 41.25 -41.78 133.70
C ALA O 85 40.85 -40.49 134.41
N GLY O 86 40.50 -40.62 135.69
CA GLY O 86 40.16 -39.47 136.52
C GLY O 86 41.31 -38.50 136.66
N ALA O 87 42.51 -39.04 136.90
CA ALA O 87 43.72 -38.24 136.98
C ALA O 87 43.97 -37.43 135.70
N ARG O 88 44.08 -38.09 134.55
CA ARG O 88 44.18 -37.43 133.24
C ARG O 88 43.14 -36.33 133.01
N ASP O 89 41.88 -36.63 133.30
CA ASP O 89 40.78 -35.71 133.00
C ASP O 89 40.82 -34.48 133.88
N VAL O 90 41.11 -34.69 135.16
CA VAL O 90 41.30 -33.60 136.12
C VAL O 90 42.51 -32.73 135.77
N TYR O 91 43.60 -33.36 135.36
CA TYR O 91 44.76 -32.60 134.87
C TYR O 91 44.41 -31.74 133.64
N MET O 92 43.72 -32.31 132.65
CA MET O 92 43.38 -31.59 131.41
C MET O 92 42.41 -30.43 131.66
N ASN O 93 41.59 -30.56 132.69
CA ASN O 93 40.61 -29.57 133.06
C ASN O 93 41.20 -28.45 133.91
N THR O 94 42.43 -28.65 134.37
CA THR O 94 43.06 -27.70 135.27
C THR O 94 44.31 -27.13 134.63
N LEU O 95 45.31 -28.00 134.41
CA LEU O 95 46.62 -27.55 133.97
C LEU O 95 46.85 -27.71 132.47
N GLY O 96 46.13 -28.62 131.83
CA GLY O 96 46.24 -28.82 130.39
C GLY O 96 45.40 -27.83 129.61
N HIS O 97 45.44 -27.94 128.28
CA HIS O 97 44.66 -27.05 127.41
C HIS O 97 43.97 -27.87 126.30
N PRO O 98 42.74 -28.37 126.57
CA PRO O 98 42.04 -29.17 125.56
C PRO O 98 41.74 -28.36 124.29
N GLY O 99 41.76 -29.03 123.14
CA GLY O 99 41.55 -28.37 121.86
C GLY O 99 40.10 -28.11 121.53
N ASP O 100 39.82 -27.83 120.26
CA ASP O 100 38.45 -27.58 119.83
C ASP O 100 37.71 -28.90 119.68
N LEU O 101 38.48 -29.96 119.45
CA LEU O 101 37.95 -31.32 119.31
C LEU O 101 38.36 -32.14 120.49
N ILE O 102 37.36 -32.77 121.10
CA ILE O 102 37.59 -33.79 122.13
C ILE O 102 37.17 -35.11 121.55
N LEU O 103 38.13 -35.99 121.36
CA LEU O 103 37.86 -37.31 120.86
C LEU O 103 38.54 -38.37 121.74
N ALA O 104 38.04 -39.61 121.66
CA ALA O 104 38.54 -40.71 122.47
C ALA O 104 39.81 -41.34 121.92
N GLY O 105 40.65 -41.83 122.81
CA GLY O 105 41.88 -42.54 122.43
C GLY O 105 41.60 -44.00 122.14
N MET O 106 42.62 -44.75 121.72
CA MET O 106 42.45 -46.18 121.40
C MET O 106 41.98 -47.01 122.59
N GLU O 107 42.48 -46.68 123.78
CA GLU O 107 42.09 -47.31 125.04
C GLU O 107 40.57 -47.25 125.26
N THR O 108 39.96 -46.07 125.17
CA THR O 108 38.53 -45.96 125.40
C THR O 108 37.68 -46.53 124.27
N LYS O 109 38.17 -46.50 123.03
CA LYS O 109 37.47 -47.13 121.90
C LYS O 109 37.36 -48.63 122.13
N GLU O 110 38.44 -49.21 122.66
CA GLU O 110 38.50 -50.62 122.95
C GLU O 110 37.64 -51.04 124.16
N VAL O 111 37.62 -50.26 125.24
CA VAL O 111 36.74 -50.62 126.36
C VAL O 111 35.26 -50.44 126.01
N VAL O 112 34.91 -49.32 125.36
CA VAL O 112 33.53 -49.06 124.98
C VAL O 112 33.05 -50.17 124.05
N ASN O 113 33.88 -50.59 123.11
CA ASN O 113 33.50 -51.65 122.19
C ASN O 113 33.29 -52.99 122.88
N ALA O 114 34.15 -53.29 123.83
CA ALA O 114 34.06 -54.53 124.61
C ALA O 114 32.75 -54.56 125.39
N ASN O 115 32.27 -53.39 125.77
CA ASN O 115 31.02 -53.24 126.51
C ASN O 115 29.77 -53.41 125.63
N CYS O 116 29.78 -52.89 124.39
CA CYS O 116 28.75 -53.22 123.38
C CYS O 116 28.46 -54.72 123.35
N LYS O 117 29.52 -55.50 123.18
CA LYS O 117 29.51 -56.95 123.16
C LYS O 117 28.98 -57.62 124.44
N ALA O 118 29.31 -57.06 125.61
CA ALA O 118 28.85 -57.63 126.90
C ALA O 118 27.34 -57.53 127.08
N CYS O 119 26.74 -56.55 126.40
CA CYS O 119 25.34 -56.31 126.57
C CYS O 119 24.50 -56.74 125.39
N HIS O 120 25.15 -56.97 124.24
CA HIS O 120 24.41 -57.24 122.99
C HIS O 120 24.92 -58.48 122.25
N THR O 121 25.47 -59.42 123.02
CA THR O 121 25.94 -60.71 122.50
C THR O 121 24.82 -61.45 121.77
N MET O 122 23.64 -61.50 122.38
CA MET O 122 22.60 -62.38 121.85
C MET O 122 22.04 -61.93 120.50
N THR O 123 22.00 -60.62 120.26
CA THR O 123 21.64 -60.07 118.94
C THR O 123 22.59 -60.59 117.86
N ASN O 124 23.86 -60.77 118.23
CA ASN O 124 24.97 -60.95 117.30
C ASN O 124 25.58 -62.36 117.22
N VAL O 125 24.97 -63.35 117.87
CA VAL O 125 25.63 -64.66 118.11
C VAL O 125 25.80 -65.53 116.86
N GLU O 126 24.93 -65.33 115.89
CA GLU O 126 24.92 -66.16 114.71
C GLU O 126 25.52 -65.52 113.47
N VAL O 127 26.17 -64.37 113.69
CA VAL O 127 26.58 -63.47 112.63
C VAL O 127 28.00 -62.98 112.91
N ALA O 128 28.79 -62.77 111.85
CA ALA O 128 30.17 -62.29 111.96
C ALA O 128 30.29 -60.76 112.10
N SER O 129 29.46 -60.19 112.96
CA SER O 129 29.40 -58.76 113.30
C SER O 129 30.72 -58.05 113.63
N MET O 130 31.66 -58.82 114.17
CA MET O 130 32.91 -58.25 114.68
C MET O 130 33.97 -58.15 113.59
N GLU O 131 33.72 -58.78 112.43
CA GLU O 131 34.78 -58.98 111.43
C GLU O 131 34.90 -57.95 110.31
N ALA O 132 33.80 -57.38 109.84
CA ALA O 132 33.90 -56.40 108.76
C ALA O 132 34.30 -55.03 109.28
N LYS O 133 33.56 -54.54 110.27
CA LYS O 133 33.86 -53.25 110.88
C LYS O 133 34.69 -53.48 112.14
N LYS O 134 35.67 -52.60 112.36
CA LYS O 134 36.51 -52.66 113.55
C LYS O 134 35.69 -52.48 114.84
N TYR O 135 34.69 -51.60 114.79
CA TYR O 135 33.86 -51.29 115.95
C TYR O 135 32.39 -51.45 115.62
N CYS O 136 31.59 -51.76 116.65
CA CYS O 136 30.14 -51.88 116.55
C CYS O 136 29.51 -50.60 116.05
N THR O 137 30.13 -49.49 116.42
CA THR O 137 29.64 -48.11 116.17
C THR O 137 30.09 -47.60 114.81
N ASP O 138 30.83 -48.40 114.07
CA ASP O 138 31.03 -48.12 112.65
C ASP O 138 29.74 -48.30 111.87
N CYS O 139 28.79 -49.08 112.40
CA CYS O 139 27.43 -49.08 111.87
C CYS O 139 26.47 -48.33 112.77
N HIS O 140 26.64 -48.46 114.08
CA HIS O 140 25.70 -47.86 115.03
C HIS O 140 26.21 -46.49 115.42
N ARG O 141 26.21 -45.62 114.43
CA ARG O 141 27.02 -44.40 114.44
C ARG O 141 26.59 -43.40 115.52
N ASN O 142 25.29 -43.24 115.71
CA ASN O 142 24.81 -42.24 116.67
C ASN O 142 24.82 -42.72 118.11
N VAL O 143 25.27 -43.95 118.33
CA VAL O 143 25.54 -44.40 119.69
C VAL O 143 26.78 -43.64 120.22
N GLN O 144 27.61 -43.15 119.32
CA GLN O 144 28.64 -42.20 119.68
C GLN O 144 28.10 -40.75 119.76
N HIS O 145 27.25 -40.48 120.77
CA HIS O 145 26.81 -39.11 121.12
C HIS O 145 26.16 -38.29 119.99
N MET O 146 25.34 -38.97 119.19
CA MET O 146 24.54 -38.36 118.14
C MET O 146 25.35 -37.35 117.32
N ARG O 147 26.55 -37.79 116.93
CA ARG O 147 27.50 -36.94 116.23
C ARG O 147 27.08 -36.46 114.83
N MET O 148 26.09 -37.09 114.21
CA MET O 148 25.65 -36.69 112.85
C MET O 148 24.58 -35.60 112.84
N LYS O 149 24.05 -35.32 114.01
CA LYS O 149 23.02 -34.32 114.22
C LYS O 149 23.56 -32.89 114.21
N PRO O 150 22.74 -31.92 113.74
CA PRO O 150 23.22 -30.55 113.71
C PRO O 150 23.73 -30.04 115.08
N ILE O 151 24.69 -29.12 115.04
CA ILE O 151 25.41 -28.72 116.25
C ILE O 151 24.49 -28.14 117.35
N SER O 152 23.51 -27.34 116.97
CA SER O 152 22.57 -26.74 117.94
C SER O 152 21.71 -27.73 118.76
N THR O 153 21.67 -29.01 118.36
CA THR O 153 20.92 -30.03 119.10
C THR O 153 21.80 -30.69 120.18
N ARG O 154 23.06 -30.26 120.23
CA ARG O 154 24.06 -30.89 121.07
C ARG O 154 24.76 -29.88 121.94
N GLU O 155 24.87 -28.64 121.45
CA GLU O 155 25.89 -27.71 121.93
C GLU O 155 25.50 -26.22 121.98
N VAL O 156 25.96 -25.52 123.02
CA VAL O 156 25.86 -24.06 123.19
C VAL O 156 27.22 -23.51 123.66
N ALA O 157 27.38 -22.19 123.60
CA ALA O 157 28.60 -21.53 124.08
C ALA O 157 28.74 -21.62 125.61
N ASP O 158 29.99 -21.44 126.07
CA ASP O 158 30.44 -21.55 127.47
C ASP O 158 30.91 -22.95 127.86
N GLY P 2 24.63 -48.32 145.89
CA GLY P 2 24.62 -47.06 145.09
C GLY P 2 23.25 -46.66 144.60
N CYS P 3 23.16 -45.47 144.00
CA CYS P 3 21.91 -44.97 143.43
C CYS P 3 21.61 -45.65 142.10
N SER P 4 20.38 -45.45 141.64
CA SER P 4 19.96 -45.86 140.29
C SER P 4 20.37 -44.84 139.22
N ASP P 5 20.69 -45.36 138.03
CA ASP P 5 21.00 -44.49 136.89
CA ASP P 5 21.00 -44.52 136.87
C ASP P 5 19.79 -44.30 135.97
N VAL P 6 18.65 -44.85 136.38
CA VAL P 6 17.36 -44.67 135.71
C VAL P 6 16.83 -43.29 136.12
N SER P 7 17.47 -42.24 135.59
CA SER P 7 17.09 -40.89 135.93
C SER P 7 15.84 -40.46 135.18
N THR P 8 15.56 -41.15 134.07
CA THR P 8 14.39 -40.88 133.26
C THR P 8 13.34 -41.96 133.51
N GLU P 9 12.24 -41.53 134.15
CA GLU P 9 11.17 -42.42 134.60
C GLU P 9 10.04 -42.46 133.57
N LEU P 10 9.51 -43.65 133.29
CA LEU P 10 8.46 -43.84 132.28
C LEU P 10 7.11 -43.32 132.75
N LYS P 11 6.55 -42.43 131.95
CA LYS P 11 5.27 -41.81 132.25
C LYS P 11 4.42 -41.88 131.02
N THR P 12 3.12 -42.06 131.21
CA THR P 12 2.17 -41.90 130.11
C THR P 12 2.19 -40.44 129.69
N PRO P 13 2.50 -40.20 128.39
CA PRO P 13 2.52 -38.82 127.89
C PRO P 13 1.20 -38.09 128.14
N VAL P 14 1.29 -36.79 128.42
CA VAL P 14 0.13 -35.92 128.60
C VAL P 14 0.38 -34.74 127.67
N TYR P 15 -0.66 -34.28 127.00
CA TYR P 15 -0.54 -33.15 126.07
C TYR P 15 -1.48 -32.01 126.41
N LYS P 16 -0.99 -30.76 126.25
CA LYS P 16 -1.82 -29.54 126.18
C LYS P 16 -1.36 -28.75 124.98
N THR P 17 -2.19 -28.69 123.95
CA THR P 17 -1.79 -28.04 122.71
C THR P 17 -2.19 -26.56 122.70
N LYS P 18 -1.81 -25.87 121.64
CA LYS P 18 -2.14 -24.47 121.44
C LYS P 18 -3.43 -24.32 120.64
N LEU P 19 -3.95 -25.45 120.15
CA LEU P 19 -5.18 -25.46 119.33
C LEU P 19 -6.46 -25.20 120.12
N THR P 20 -7.50 -24.75 119.41
CA THR P 20 -8.83 -24.51 120.01
C THR P 20 -9.70 -25.77 120.08
N ALA P 21 -10.80 -25.69 120.85
CA ALA P 21 -11.67 -26.83 121.15
C ALA P 21 -12.42 -27.43 119.95
N GLU P 22 -12.65 -26.61 118.93
CA GLU P 22 -13.33 -27.06 117.69
C GLU P 22 -12.41 -26.99 116.45
N GLU P 23 -11.11 -27.07 116.67
CA GLU P 23 -10.16 -27.08 115.56
C GLU P 23 -10.26 -28.41 114.78
N ILE P 24 -10.47 -28.31 113.47
CA ILE P 24 -10.61 -29.51 112.64
C ILE P 24 -9.71 -29.55 111.42
N ARG P 25 -8.85 -28.55 111.24
CA ARG P 25 -7.97 -28.55 110.06
C ARG P 25 -6.74 -29.42 110.32
N ASN P 26 -6.44 -30.28 109.36
CA ASN P 26 -5.28 -31.16 109.50
C ASN P 26 -3.97 -30.40 109.61
N SER P 27 -3.82 -29.35 108.79
CA SER P 27 -2.61 -28.54 108.75
C SER P 27 -2.24 -27.92 110.09
N ALA P 28 -3.27 -27.67 110.89
CA ALA P 28 -3.15 -27.06 112.22
C ALA P 28 -2.44 -27.95 113.22
N PHE P 29 -2.46 -29.26 113.00
CA PHE P 29 -1.82 -30.21 113.94
C PHE P 29 -0.36 -30.49 113.60
N LYS P 30 0.00 -30.28 112.34
CA LYS P 30 1.37 -30.50 111.88
C LYS P 30 2.50 -29.82 112.72
N PRO P 31 2.36 -28.51 113.07
CA PRO P 31 3.34 -27.85 113.93
C PRO P 31 3.52 -28.45 115.31
N GLU P 32 2.44 -28.90 115.94
CA GLU P 32 2.49 -29.46 117.28
C GLU P 32 2.98 -30.91 117.27
N PHE P 33 2.64 -31.64 116.21
CA PHE P 33 2.92 -33.09 116.10
C PHE P 33 3.53 -33.49 114.75
N PRO P 34 4.77 -33.02 114.47
CA PRO P 34 5.37 -33.27 113.15
C PRO P 34 5.72 -34.75 112.88
N LYS P 35 6.03 -35.52 113.92
CA LYS P 35 6.34 -36.95 113.77
C LYS P 35 5.15 -37.77 113.31
N GLN P 36 4.01 -37.65 114.01
CA GLN P 36 2.79 -38.40 113.67
C GLN P 36 2.18 -37.85 112.38
N TYR P 37 2.42 -36.56 112.12
CA TYR P 37 1.99 -35.94 110.87
C TYR P 37 2.70 -36.46 109.61
N ALA P 38 4.03 -36.58 109.70
CA ALA P 38 4.82 -37.18 108.62
C ALA P 38 4.49 -38.66 108.41
N SER P 39 4.06 -39.32 109.49
CA SER P 39 3.61 -40.70 109.41
C SER P 39 2.30 -40.75 108.64
N TYR P 40 1.39 -39.86 109.04
CA TYR P 40 0.10 -39.69 108.40
C TYR P 40 0.24 -39.42 106.90
N GLU P 41 1.21 -38.61 106.50
CA GLU P 41 1.48 -38.35 105.06
C GLU P 41 1.79 -39.58 104.19
N ARG P 42 2.34 -40.65 104.77
CA ARG P 42 2.58 -41.91 104.04
C ARG P 42 1.34 -42.51 103.34
N ASN P 43 0.17 -42.22 103.89
CA ASN P 43 -1.12 -42.53 103.26
C ASN P 43 -1.27 -41.99 101.82
N ASP P 44 -0.42 -41.03 101.47
CA ASP P 44 -0.27 -40.61 100.08
C ASP P 44 0.23 -41.70 99.10
N GLU P 45 0.99 -42.69 99.58
CA GLU P 45 1.46 -43.80 98.72
C GLU P 45 0.28 -44.56 98.12
N THR P 46 0.22 -44.60 96.78
CA THR P 46 -0.92 -45.20 96.07
C THR P 46 -0.45 -46.04 94.87
N THR P 47 0.71 -46.68 95.02
CA THR P 47 1.34 -47.41 93.91
C THR P 47 1.63 -48.88 94.23
N VAL P 48 1.53 -49.24 95.51
CA VAL P 48 1.92 -50.57 96.01
C VAL P 48 0.71 -51.49 96.26
N MET P 49 0.78 -52.68 95.65
CA MET P 49 -0.15 -53.77 95.85
C MET P 49 0.49 -54.90 96.63
N THR P 50 -0.32 -55.57 97.42
CA THR P 50 0.06 -56.87 97.99
C THR P 50 -0.62 -57.92 97.09
N GLU P 51 -0.78 -59.15 97.58
CA GLU P 51 -1.43 -60.18 96.75
C GLU P 51 -2.88 -59.81 96.41
N TYR P 52 -3.68 -59.55 97.43
CA TYR P 52 -5.13 -59.39 97.24
C TYR P 52 -5.54 -57.96 97.42
N LYS P 53 -4.75 -57.22 98.21
CA LYS P 53 -5.08 -55.84 98.55
C LYS P 53 -3.98 -54.84 98.10
N GLY P 54 -3.90 -53.69 98.74
CA GLY P 54 -2.99 -52.65 98.29
C GLY P 54 -3.67 -51.31 98.10
N SER P 55 -2.88 -50.30 97.77
CA SER P 55 -3.34 -48.90 97.73
C SER P 55 -3.57 -48.36 96.32
N VAL P 56 -3.67 -49.27 95.36
CA VAL P 56 -4.00 -48.84 94.00
C VAL P 56 -5.53 -48.88 93.79
N PRO P 57 -6.15 -47.70 93.52
CA PRO P 57 -7.61 -47.63 93.44
C PRO P 57 -8.17 -48.22 92.15
N PHE P 58 -7.87 -49.49 91.85
CA PHE P 58 -8.39 -50.16 90.66
C PHE P 58 -9.88 -50.44 90.79
N ASN P 59 -10.51 -50.69 89.65
CA ASN P 59 -11.92 -51.01 89.53
C ASN P 59 -12.11 -52.46 89.91
N LYS P 60 -12.96 -52.72 90.90
CA LYS P 60 -13.01 -54.01 91.57
C LYS P 60 -13.68 -55.14 90.80
N ASN P 61 -14.44 -54.77 89.76
CA ASN P 61 -15.02 -55.74 88.83
C ASN P 61 -14.14 -56.03 87.61
N ASP P 62 -12.97 -55.39 87.53
CA ASP P 62 -12.16 -55.45 86.31
C ASP P 62 -10.92 -56.33 86.43
N ASN P 63 -10.98 -57.50 85.79
CA ASN P 63 -9.84 -58.42 85.79
C ASN P 63 -9.32 -58.68 84.38
N VAL P 64 -9.57 -57.72 83.48
CA VAL P 64 -9.25 -57.83 82.06
C VAL P 64 -8.17 -56.83 81.68
N ASN P 65 -8.31 -55.59 82.13
CA ASN P 65 -7.33 -54.54 81.91
C ASN P 65 -6.25 -54.55 83.01
N PRO P 66 -5.01 -54.13 82.68
CA PRO P 66 -3.97 -54.04 83.73
C PRO P 66 -4.11 -52.85 84.68
N LEU P 67 -3.36 -52.91 85.78
CA LEU P 67 -3.24 -51.80 86.71
C LEU P 67 -2.86 -50.49 85.99
N PRO P 68 -3.45 -49.35 86.40
CA PRO P 68 -4.35 -49.14 87.54
C PRO P 68 -5.85 -49.35 87.28
N GLU P 69 -6.21 -49.85 86.10
CA GLU P 69 -7.61 -49.99 85.68
C GLU P 69 -8.25 -51.26 86.20
N GLY P 70 -7.55 -52.38 86.05
CA GLY P 70 -7.99 -53.66 86.61
C GLY P 70 -6.92 -54.36 87.42
N TYR P 71 -7.18 -55.59 87.84
CA TYR P 71 -6.20 -56.37 88.60
C TYR P 71 -6.47 -57.85 88.40
N ARG P 72 -5.44 -58.69 88.54
CA ARG P 72 -5.58 -60.15 88.35
C ARG P 72 -6.61 -60.80 89.28
N HIS P 73 -6.81 -60.18 90.45
CA HIS P 73 -7.81 -60.62 91.41
C HIS P 73 -8.91 -59.56 91.49
N ALA P 74 -9.95 -59.78 90.70
CA ALA P 74 -11.09 -58.91 90.68
C ALA P 74 -12.35 -59.75 90.74
N GLN P 75 -13.50 -59.10 90.88
CA GLN P 75 -14.77 -59.79 90.97
C GLN P 75 -15.61 -59.41 89.76
N PRO P 76 -15.51 -60.20 88.67
CA PRO P 76 -16.08 -59.79 87.38
C PRO P 76 -17.62 -59.61 87.31
N TYR P 77 -18.34 -60.06 88.33
CA TYR P 77 -19.81 -60.04 88.31
C TYR P 77 -20.49 -58.91 89.12
N LEU P 78 -19.69 -58.06 89.77
CA LEU P 78 -20.22 -57.02 90.64
C LEU P 78 -21.27 -56.08 90.02
N LYS P 79 -20.97 -55.50 88.86
CA LYS P 79 -21.95 -54.62 88.17
C LYS P 79 -23.27 -55.34 87.84
N ASN P 80 -23.19 -56.63 87.49
CA ASN P 80 -24.38 -57.48 87.28
C ASN P 80 -25.22 -57.58 88.56
N LEU P 81 -24.54 -57.85 89.68
CA LEU P 81 -25.20 -58.13 90.94
C LEU P 81 -25.71 -56.87 91.64
N TRP P 82 -25.15 -55.74 91.26
CA TRP P 82 -25.59 -54.46 91.78
C TRP P 82 -26.33 -53.63 90.74
N LEU P 83 -26.82 -54.28 89.70
CA LEU P 83 -27.69 -53.68 88.67
C LEU P 83 -28.80 -52.81 89.27
N GLY P 84 -28.94 -51.58 88.76
CA GLY P 84 -29.94 -50.64 89.28
C GLY P 84 -29.59 -49.90 90.58
N TYR P 85 -28.37 -50.07 91.05
CA TYR P 85 -27.88 -49.43 92.28
C TYR P 85 -26.62 -48.61 91.90
N PRO P 86 -26.29 -47.53 92.64
CA PRO P 86 -25.09 -46.74 92.31
C PRO P 86 -23.73 -47.48 92.22
N PHE P 87 -23.58 -48.61 92.92
CA PHE P 87 -22.33 -49.37 92.88
C PHE P 87 -22.08 -50.00 91.51
N MET P 88 -23.11 -49.97 90.66
CA MET P 88 -23.06 -50.38 89.27
C MET P 88 -22.19 -49.43 88.41
N TYR P 89 -22.07 -48.17 88.85
CA TYR P 89 -21.33 -47.13 88.12
C TYR P 89 -19.82 -47.11 88.35
N GLU P 90 -19.41 -47.14 89.62
CA GLU P 90 -18.00 -47.13 90.00
C GLU P 90 -17.84 -47.71 91.39
N TYR P 91 -16.85 -48.59 91.53
CA TYR P 91 -16.50 -49.22 92.80
C TYR P 91 -15.04 -49.64 92.70
N ARG P 92 -14.21 -48.96 93.47
CA ARG P 92 -12.79 -49.12 93.41
C ARG P 92 -12.23 -49.54 94.75
N GLU P 93 -11.02 -50.09 94.70
CA GLU P 93 -10.27 -50.48 95.90
C GLU P 93 -10.02 -49.24 96.75
N ALA P 94 -10.29 -49.37 98.06
CA ALA P 94 -10.12 -48.26 99.00
C ALA P 94 -8.63 -48.02 99.13
N ARG P 95 -8.23 -46.76 99.24
CA ARG P 95 -6.81 -46.43 99.49
C ARG P 95 -6.69 -45.45 100.68
N GLY P 96 -5.56 -44.75 100.80
CA GLY P 96 -5.23 -43.97 102.01
C GLY P 96 -6.24 -42.93 102.44
N HIS P 97 -6.38 -42.70 103.74
CA HIS P 97 -7.33 -41.72 104.30
C HIS P 97 -7.13 -40.31 103.75
N THR P 98 -5.93 -40.04 103.23
CA THR P 98 -5.59 -38.71 102.73
C THR P 98 -6.29 -38.42 101.43
N TYR P 99 -6.77 -39.48 100.78
CA TYR P 99 -7.53 -39.37 99.53
C TYR P 99 -9.06 -39.42 99.69
N ALA P 100 -9.56 -39.51 100.92
CA ALA P 100 -11.00 -39.77 101.11
C ALA P 100 -11.93 -38.82 100.33
N ILE P 101 -11.75 -37.50 100.48
CA ILE P 101 -12.61 -36.48 99.83
C ILE P 101 -12.31 -36.35 98.34
N GLN P 102 -11.06 -36.46 97.98
CA GLN P 102 -10.69 -36.50 96.57
C GLN P 102 -11.39 -37.67 95.86
N ASP P 103 -11.38 -38.84 96.49
CA ASP P 103 -11.98 -40.04 95.90
C ASP P 103 -13.50 -39.94 95.89
N PHE P 104 -14.05 -39.31 96.92
CA PHE P 104 -15.46 -39.01 97.07
C PHE P 104 -16.01 -38.14 95.92
N LEU P 105 -15.25 -37.13 95.53
CA LEU P 105 -15.72 -36.14 94.56
C LEU P 105 -15.41 -36.50 93.12
N HIS P 106 -14.71 -37.61 92.94
CA HIS P 106 -14.52 -38.18 91.62
C HIS P 106 -15.33 -39.45 91.37
N ILE P 107 -16.01 -39.97 92.41
CA ILE P 107 -16.83 -41.17 92.25
C ILE P 107 -18.12 -40.93 91.44
N ASP P 108 -18.40 -41.86 90.54
CA ASP P 108 -19.55 -41.79 89.65
C ASP P 108 -20.85 -42.27 90.31
N ARG P 109 -20.77 -42.72 91.56
CA ARG P 109 -21.96 -43.16 92.28
C ARG P 109 -22.82 -41.96 92.60
N ILE P 110 -22.15 -40.85 92.88
CA ILE P 110 -22.77 -39.55 93.08
C ILE P 110 -23.03 -38.94 91.70
N ASN P 111 -24.27 -38.47 91.49
CA ASN P 111 -24.63 -37.82 90.21
C ASN P 111 -23.89 -36.50 89.98
N ARG P 112 -23.14 -36.44 88.87
CA ARG P 112 -22.42 -35.26 88.49
C ARG P 112 -22.94 -34.69 87.17
N TYR P 113 -24.06 -35.25 86.68
CA TYR P 113 -24.69 -34.80 85.43
C TYR P 113 -25.98 -34.04 85.77
N ALA P 114 -26.09 -33.65 87.04
CA ALA P 114 -27.18 -32.84 87.54
C ALA P 114 -26.65 -32.01 88.70
N GLU P 115 -27.38 -30.95 89.04
CA GLU P 115 -27.09 -30.17 90.24
C GLU P 115 -27.15 -31.09 91.46
N LYS P 116 -28.16 -31.96 91.47
CA LYS P 116 -28.38 -32.88 92.56
C LYS P 116 -27.61 -34.19 92.41
N GLY P 117 -26.96 -34.61 93.51
CA GLY P 117 -26.15 -35.83 93.56
C GLY P 117 -26.95 -37.12 93.55
N GLY P 118 -28.19 -37.03 94.02
CA GLY P 118 -29.09 -38.19 94.09
C GLY P 118 -28.98 -38.99 95.39
N LEU P 119 -28.08 -38.55 96.26
CA LEU P 119 -27.75 -39.29 97.48
C LEU P 119 -27.77 -38.33 98.64
N PRO P 120 -27.97 -38.82 99.89
CA PRO P 120 -28.08 -37.92 101.03
C PRO P 120 -26.74 -37.45 101.55
N ALA P 121 -26.74 -36.28 102.20
CA ALA P 121 -25.54 -35.70 102.78
C ALA P 121 -24.91 -36.59 103.84
N THR P 122 -25.63 -37.64 104.23
CA THR P 122 -25.10 -38.70 105.12
C THR P 122 -23.83 -39.37 104.53
N CYS P 123 -23.67 -39.29 103.22
CA CYS P 123 -22.47 -39.86 102.56
C CYS P 123 -21.18 -39.16 102.99
N TRP P 124 -21.33 -37.97 103.58
CA TRP P 124 -20.22 -37.20 104.15
C TRP P 124 -19.82 -37.71 105.52
N ASN P 125 -20.69 -38.52 106.13
CA ASN P 125 -20.52 -38.95 107.53
C ASN P 125 -19.15 -39.54 107.91
N CYS P 126 -18.55 -40.29 107.00
CA CYS P 126 -17.31 -40.97 107.28
C CYS P 126 -16.17 -40.52 106.37
N LYS P 127 -16.20 -39.23 106.02
CA LYS P 127 -15.26 -38.64 105.06
C LYS P 127 -14.54 -37.43 105.59
N THR P 128 -15.06 -36.82 106.66
CA THR P 128 -14.63 -35.50 107.10
C THR P 128 -15.04 -35.12 108.52
N PRO P 129 -14.12 -34.48 109.27
CA PRO P 129 -14.46 -33.96 110.60
C PRO P 129 -15.24 -32.63 110.51
N LYS P 130 -15.41 -32.13 109.30
CA LYS P 130 -16.35 -31.03 108.95
C LYS P 130 -17.79 -31.43 109.36
N MET P 131 -18.03 -32.74 109.46
CA MET P 131 -19.29 -33.31 109.95
C MET P 131 -19.81 -32.72 111.26
N MET P 132 -18.90 -32.41 112.18
CA MET P 132 -19.27 -31.88 113.50
C MET P 132 -19.88 -30.48 113.43
N GLU P 133 -19.33 -29.61 112.57
CA GLU P 133 -19.85 -28.23 112.33
C GLU P 133 -21.20 -28.30 111.63
N TRP P 134 -21.28 -29.17 110.63
CA TRP P 134 -22.46 -29.31 109.78
C TRP P 134 -23.70 -29.81 110.54
N VAL P 135 -23.50 -30.68 111.53
CA VAL P 135 -24.60 -31.25 112.31
C VAL P 135 -25.03 -30.28 113.42
N LYS P 136 -24.06 -29.59 114.01
CA LYS P 136 -24.33 -28.53 114.97
C LYS P 136 -25.23 -27.45 114.33
N GLU P 137 -24.93 -27.15 113.08
CA GLU P 137 -25.62 -26.17 112.25
C GLU P 137 -27.02 -26.59 111.74
N SER P 138 -27.17 -27.81 111.21
CA SER P 138 -28.47 -28.26 110.66
C SER P 138 -29.29 -29.21 111.54
N GLY P 139 -28.66 -29.79 112.56
CA GLY P 139 -29.30 -30.83 113.37
C GLY P 139 -29.77 -32.05 112.60
N ASP P 140 -30.97 -32.52 112.95
CA ASP P 140 -31.59 -33.67 112.31
C ASP P 140 -31.86 -33.46 110.82
N GLY P 141 -31.96 -32.20 110.41
CA GLY P 141 -32.23 -31.85 109.02
C GLY P 141 -31.01 -31.95 108.12
N PHE P 142 -29.83 -32.17 108.70
CA PHE P 142 -28.61 -32.36 107.90
C PHE P 142 -28.70 -33.56 106.97
N TRP P 143 -29.02 -34.71 107.55
CA TRP P 143 -28.86 -36.01 106.89
C TRP P 143 -29.54 -36.10 105.54
N ALA P 144 -30.79 -35.64 105.46
CA ALA P 144 -31.62 -35.76 104.24
C ALA P 144 -31.32 -34.75 103.12
N LYS P 145 -30.53 -33.71 103.42
CA LYS P 145 -29.99 -32.80 102.38
C LYS P 145 -29.31 -33.57 101.27
N ASP P 146 -29.27 -33.00 100.06
CA ASP P 146 -28.57 -33.65 98.95
C ASP P 146 -27.05 -33.55 99.13
N VAL P 147 -26.34 -34.57 98.66
CA VAL P 147 -24.91 -34.70 98.92
C VAL P 147 -24.09 -33.52 98.35
N ASN P 148 -24.47 -33.07 97.15
CA ASN P 148 -23.73 -32.06 96.41
C ASN P 148 -23.79 -30.67 97.03
N GLU P 149 -24.72 -30.45 97.96
CA GLU P 149 -24.88 -29.16 98.65
C GLU P 149 -23.63 -28.73 99.42
N PHE P 150 -22.71 -29.66 99.65
CA PHE P 150 -21.50 -29.38 100.44
C PHE P 150 -20.24 -29.65 99.64
N ARG P 151 -20.43 -30.05 98.39
CA ARG P 151 -19.38 -30.43 97.43
C ARG P 151 -18.28 -29.39 97.28
N ASP P 152 -18.66 -28.13 97.05
CA ASP P 152 -17.79 -26.97 97.30
C ASP P 152 -17.64 -26.92 98.82
N LYS P 153 -17.64 -25.75 99.46
CA LYS P 153 -17.75 -25.74 100.95
C LYS P 153 -16.80 -26.61 101.80
N ILE P 154 -15.80 -27.24 101.19
CA ILE P 154 -14.88 -28.13 101.92
C ILE P 154 -13.45 -28.11 101.33
N ASP P 155 -12.43 -28.17 102.18
CA ASP P 155 -11.03 -28.27 101.72
C ASP P 155 -10.61 -29.75 101.58
N MET P 156 -10.43 -30.18 100.33
CA MET P 156 -10.06 -31.54 99.96
C MET P 156 -8.87 -32.17 100.70
N LYS P 157 -7.84 -31.38 101.03
CA LYS P 157 -6.69 -31.88 101.82
C LYS P 157 -6.84 -31.59 103.31
N ASP P 158 -7.33 -30.39 103.63
CA ASP P 158 -7.33 -29.94 105.03
C ASP P 158 -8.48 -30.54 105.83
N HIS P 159 -9.48 -31.04 105.11
CA HIS P 159 -10.67 -31.57 105.76
C HIS P 159 -10.97 -33.06 105.54
N THR P 160 -10.07 -33.82 104.92
CA THR P 160 -10.21 -35.30 104.91
C THR P 160 -10.00 -35.83 106.28
N ILE P 161 -10.44 -37.08 106.45
CA ILE P 161 -10.11 -37.87 107.63
C ILE P 161 -8.75 -37.42 108.15
N GLY P 162 -8.74 -36.98 109.39
CA GLY P 162 -7.52 -36.49 110.00
C GLY P 162 -7.69 -36.37 111.49
N CYS P 163 -6.82 -35.59 112.11
CA CYS P 163 -6.56 -35.66 113.53
C CYS P 163 -7.79 -35.51 114.41
N ALA P 164 -8.64 -34.55 114.09
CA ALA P 164 -9.85 -34.25 114.87
C ALA P 164 -10.90 -35.40 114.84
N THR P 165 -10.78 -36.28 113.87
CA THR P 165 -11.67 -37.44 113.75
C THR P 165 -11.57 -38.34 114.99
N CYS P 166 -10.36 -38.50 115.51
CA CYS P 166 -10.12 -39.40 116.65
C CYS P 166 -9.50 -38.72 117.82
N HIS P 167 -9.01 -37.49 117.65
CA HIS P 167 -8.35 -36.80 118.76
C HIS P 167 -9.04 -35.53 119.17
N ASP P 168 -9.11 -35.32 120.49
CA ASP P 168 -9.45 -34.02 121.07
C ASP P 168 -8.30 -33.07 120.75
N PRO P 169 -8.60 -31.95 120.06
CA PRO P 169 -7.59 -30.96 119.66
C PRO P 169 -6.68 -30.43 120.75
N GLN P 170 -7.18 -30.33 121.99
CA GLN P 170 -6.51 -29.64 123.09
C GLN P 170 -5.63 -30.54 123.94
N THR P 171 -6.08 -31.79 124.11
CA THR P 171 -5.43 -32.76 124.97
C THR P 171 -4.91 -33.96 124.18
N MET P 172 -5.33 -34.08 122.92
CA MET P 172 -5.04 -35.28 122.10
C MET P 172 -5.60 -36.59 122.65
N GLU P 173 -6.52 -36.51 123.61
CA GLU P 173 -7.14 -37.74 124.10
C GLU P 173 -8.03 -38.28 122.99
N LEU P 174 -8.15 -39.60 122.96
CA LEU P 174 -8.89 -40.29 121.91
C LEU P 174 -10.38 -40.13 122.17
N ARG P 175 -11.13 -39.89 121.11
CA ARG P 175 -12.54 -39.59 121.29
C ARG P 175 -13.33 -40.18 120.13
N ILE P 176 -14.63 -40.32 120.37
CA ILE P 176 -15.55 -40.82 119.36
C ILE P 176 -16.39 -39.65 118.94
N THR P 177 -16.29 -39.30 117.66
CA THR P 177 -16.97 -38.14 117.10
C THR P 177 -18.10 -38.62 116.16
N SER P 178 -18.23 -39.93 116.02
CA SER P 178 -19.28 -40.55 115.22
C SER P 178 -20.64 -40.48 115.89
N VAL P 179 -21.64 -40.00 115.15
CA VAL P 179 -23.01 -40.03 115.65
C VAL P 179 -23.56 -41.47 115.77
N PRO P 180 -23.56 -42.25 114.67
CA PRO P 180 -24.15 -43.59 114.78
C PRO P 180 -23.46 -44.54 115.77
N LEU P 181 -22.15 -44.42 115.91
CA LEU P 181 -21.42 -45.24 116.87
C LEU P 181 -21.76 -44.81 118.29
N THR P 182 -21.85 -43.50 118.48
CA THR P 182 -22.32 -42.92 119.74
C THR P 182 -23.72 -43.43 120.07
N ASP P 183 -24.64 -43.37 119.10
CA ASP P 183 -25.99 -43.95 119.28
C ASP P 183 -25.92 -45.40 119.76
N TYR P 184 -25.05 -46.20 119.13
CA TYR P 184 -24.93 -47.63 119.50
C TYR P 184 -24.36 -47.82 120.93
N LEU P 185 -23.29 -47.10 121.23
CA LEU P 185 -22.65 -47.21 122.53
C LEU P 185 -23.63 -46.89 123.64
N VAL P 186 -24.42 -45.82 123.45
CA VAL P 186 -25.45 -45.41 124.40
C VAL P 186 -26.51 -46.50 124.59
N SER P 187 -26.94 -47.11 123.47
CA SER P 187 -27.91 -48.21 123.50
C SER P 187 -27.44 -49.44 124.29
N GLN P 188 -26.12 -49.63 124.35
CA GLN P 188 -25.50 -50.70 125.12
C GLN P 188 -25.15 -50.26 126.53
N GLY P 189 -25.64 -49.07 126.89
CA GLY P 189 -25.44 -48.50 128.21
C GLY P 189 -24.02 -48.08 128.52
N LYS P 190 -23.27 -47.65 127.50
CA LYS P 190 -21.84 -47.37 127.63
C LYS P 190 -21.52 -45.88 127.52
N ASP P 191 -20.68 -45.38 128.43
CA ASP P 191 -20.23 -43.98 128.39
C ASP P 191 -19.11 -43.78 127.37
N PRO P 192 -19.42 -43.15 126.21
CA PRO P 192 -18.41 -42.97 125.15
C PRO P 192 -17.23 -42.07 125.54
N LYS P 193 -17.29 -41.48 126.73
CA LYS P 193 -16.21 -40.62 127.22
C LYS P 193 -15.36 -41.31 128.28
N LYS P 194 -15.75 -42.51 128.70
CA LYS P 194 -15.01 -43.25 129.72
C LYS P 194 -14.72 -44.71 129.32
N LEU P 195 -14.50 -44.93 128.02
CA LEU P 195 -14.25 -46.29 127.49
C LEU P 195 -12.82 -46.74 127.74
N PRO P 196 -12.62 -48.04 128.05
CA PRO P 196 -11.25 -48.54 128.25
C PRO P 196 -10.36 -48.36 127.02
N ARG P 197 -9.06 -48.24 127.25
CA ARG P 197 -8.11 -47.99 126.19
C ARG P 197 -8.13 -49.07 125.12
N ASN P 198 -8.00 -50.34 125.52
CA ASN P 198 -7.99 -51.45 124.56
C ASN P 198 -9.24 -51.42 123.68
N GLU P 199 -10.41 -51.14 124.27
CA GLU P 199 -11.64 -50.98 123.48
C GLU P 199 -11.59 -49.81 122.48
N MET P 200 -11.10 -48.66 122.92
CA MET P 200 -10.95 -47.46 122.07
C MET P 200 -10.00 -47.68 120.88
N ARG P 201 -9.00 -48.51 121.04
CA ARG P 201 -8.07 -48.81 119.94
C ARG P 201 -8.67 -49.63 118.79
N ALA P 202 -9.95 -49.97 118.91
CA ALA P 202 -10.69 -50.58 117.81
C ALA P 202 -11.89 -49.74 117.48
N LEU P 203 -12.56 -49.22 118.51
CA LEU P 203 -13.72 -48.33 118.34
C LEU P 203 -13.48 -47.11 117.44
N VAL P 204 -12.29 -46.47 117.56
CA VAL P 204 -11.98 -45.35 116.65
C VAL P 204 -12.00 -45.68 115.19
N CYS P 205 -11.82 -46.96 114.85
CA CYS P 205 -11.97 -47.43 113.48
C CYS P 205 -13.40 -47.86 113.19
N GLY P 206 -14.03 -48.49 114.19
CA GLY P 206 -15.46 -48.82 114.15
C GLY P 206 -16.41 -47.62 113.98
N GLN P 207 -15.86 -46.42 113.94
CA GLN P 207 -16.62 -45.23 113.63
C GLN P 207 -17.05 -45.27 112.17
N CYS P 208 -16.25 -45.91 111.33
CA CYS P 208 -16.50 -45.92 109.90
C CYS P 208 -16.44 -47.27 109.24
N HIS P 209 -15.57 -48.16 109.71
CA HIS P 209 -15.33 -49.45 109.03
C HIS P 209 -16.33 -50.51 109.46
N VAL P 210 -17.60 -50.29 109.07
CA VAL P 210 -18.76 -51.02 109.59
C VAL P 210 -19.82 -51.14 108.50
N GLU P 211 -20.72 -52.11 108.68
CA GLU P 211 -21.98 -52.12 107.97
C GLU P 211 -22.94 -51.03 108.57
N TYR P 212 -23.63 -50.31 107.70
CA TYR P 212 -24.54 -49.23 108.09
C TYR P 212 -25.72 -49.23 107.12
N TYR P 213 -26.80 -48.55 107.50
CA TYR P 213 -27.87 -48.22 106.55
C TYR P 213 -28.36 -46.80 106.86
N PHE P 214 -29.13 -46.22 105.95
CA PHE P 214 -29.78 -44.91 106.19
C PHE P 214 -31.29 -45.11 106.45
N ASN P 215 -31.79 -44.57 107.56
CA ASN P 215 -33.25 -44.50 107.81
C ASN P 215 -34.05 -44.02 106.58
N GLY P 216 -35.14 -44.72 106.28
CA GLY P 216 -36.15 -44.15 105.39
C GLY P 216 -37.08 -43.24 106.18
N PRO P 217 -37.98 -42.52 105.49
CA PRO P 217 -38.84 -41.46 106.10
C PRO P 217 -39.60 -41.87 107.38
N THR P 218 -39.96 -43.15 107.48
CA THR P 218 -40.88 -43.66 108.50
C THR P 218 -40.18 -44.40 109.66
N MET P 219 -38.85 -44.46 109.59
CA MET P 219 -38.06 -45.28 110.51
C MET P 219 -37.37 -44.54 111.66
N GLY P 220 -37.51 -43.22 111.68
CA GLY P 220 -36.79 -42.37 112.63
C GLY P 220 -36.45 -41.12 111.86
N VAL P 221 -35.44 -40.37 112.30
CA VAL P 221 -34.96 -39.22 111.52
C VAL P 221 -34.57 -39.64 110.10
N ASN P 222 -35.19 -39.02 109.10
CA ASN P 222 -34.95 -39.39 107.72
C ASN P 222 -33.48 -39.36 107.29
N LYS P 223 -33.09 -40.46 106.65
CA LYS P 223 -31.73 -40.70 106.14
C LYS P 223 -30.56 -40.66 107.14
N LYS P 224 -30.87 -40.73 108.42
CA LYS P 224 -29.85 -40.82 109.47
C LYS P 224 -29.11 -42.16 109.38
N PRO P 225 -27.77 -42.15 109.56
CA PRO P 225 -26.98 -43.40 109.64
C PRO P 225 -27.28 -44.27 110.86
N VAL P 226 -27.53 -45.56 110.63
CA VAL P 226 -27.65 -46.51 111.73
C VAL P 226 -26.77 -47.76 111.51
N PHE P 227 -26.16 -48.24 112.59
CA PHE P 227 -25.45 -49.51 112.57
C PHE P 227 -26.40 -50.67 112.99
N PRO P 228 -26.71 -51.61 112.07
CA PRO P 228 -27.70 -52.69 112.33
C PRO P 228 -27.24 -53.77 113.31
N TRP P 229 -26.89 -53.37 114.52
CA TRP P 229 -26.14 -54.24 115.43
C TRP P 229 -26.96 -54.76 116.63
N ALA P 230 -28.24 -54.41 116.71
CA ALA P 230 -29.06 -54.75 117.89
C ALA P 230 -29.21 -56.25 118.11
N GLU P 231 -29.05 -57.01 117.03
CA GLU P 231 -29.30 -58.45 117.01
C GLU P 231 -27.99 -59.27 117.14
N GLY P 232 -26.85 -58.58 117.04
CA GLY P 232 -25.53 -59.21 117.04
C GLY P 232 -24.77 -58.80 115.79
N PHE P 233 -23.51 -59.24 115.70
CA PHE P 233 -22.55 -58.82 114.65
C PHE P 233 -22.37 -59.76 113.44
N ASP P 234 -22.85 -60.99 113.55
CA ASP P 234 -22.67 -62.00 112.50
C ASP P 234 -23.68 -61.78 111.39
N PRO P 235 -23.40 -62.31 110.17
CA PRO P 235 -24.30 -62.06 109.04
C PRO P 235 -25.74 -62.51 109.29
N ALA P 236 -25.95 -63.60 110.03
CA ALA P 236 -27.29 -64.11 110.29
C ALA P 236 -28.09 -63.17 111.22
N ASP P 237 -27.38 -62.60 112.20
CA ASP P 237 -27.89 -61.61 113.13
C ASP P 237 -28.33 -60.34 112.42
N MET P 238 -27.46 -59.77 111.59
CA MET P 238 -27.78 -58.57 110.83
C MET P 238 -28.89 -58.82 109.86
N TYR P 239 -28.94 -60.01 109.27
CA TYR P 239 -30.03 -60.34 108.37
C TYR P 239 -31.40 -60.32 109.08
N ARG P 240 -31.44 -60.86 110.30
CA ARG P 240 -32.62 -60.88 111.15
C ARG P 240 -33.04 -59.47 111.57
N TYR P 241 -32.06 -58.61 111.89
CA TYR P 241 -32.29 -57.20 112.19
C TYR P 241 -33.03 -56.53 111.04
N TYR P 242 -32.61 -56.84 109.82
CA TYR P 242 -33.18 -56.26 108.63
C TYR P 242 -34.53 -56.88 108.25
N ASP P 243 -34.90 -57.99 108.87
CA ASP P 243 -36.23 -58.58 108.73
C ASP P 243 -37.26 -57.81 109.56
N LYS P 244 -36.81 -57.22 110.67
CA LYS P 244 -37.66 -56.55 111.67
C LYS P 244 -37.65 -55.02 111.57
N HIS P 245 -36.66 -54.45 110.89
CA HIS P 245 -36.54 -53.00 110.76
C HIS P 245 -36.50 -52.66 109.28
N GLY P 246 -37.35 -51.74 108.84
CA GLY P 246 -37.47 -51.39 107.44
C GLY P 246 -38.88 -50.94 107.13
N ASP P 247 -39.14 -50.66 105.87
CA ASP P 247 -40.38 -50.01 105.43
C ASP P 247 -40.96 -50.57 104.13
N LEU P 248 -40.59 -51.79 103.74
CA LEU P 248 -41.10 -52.35 102.51
C LEU P 248 -42.58 -52.67 102.62
N GLN P 249 -43.28 -52.59 101.48
CA GLN P 249 -44.73 -52.85 101.40
C GLN P 249 -45.09 -53.89 100.34
N VAL P 250 -44.07 -54.32 99.59
CA VAL P 250 -44.11 -55.47 98.70
C VAL P 250 -44.59 -56.74 99.43
N LYS P 251 -45.47 -57.52 98.79
CA LYS P 251 -46.01 -58.72 99.43
C LYS P 251 -44.93 -59.78 99.61
N GLY P 252 -44.82 -60.28 100.84
CA GLY P 252 -43.77 -61.24 101.20
C GLY P 252 -42.65 -60.63 102.03
N PHE P 253 -42.44 -59.32 101.86
CA PHE P 253 -41.35 -58.59 102.51
C PHE P 253 -41.84 -57.35 103.29
N GLU P 254 -43.07 -57.38 103.79
CA GLU P 254 -43.66 -56.21 104.48
C GLU P 254 -42.91 -55.86 105.78
N GLY P 255 -42.41 -54.62 105.84
CA GLY P 255 -41.70 -54.13 107.02
C GLY P 255 -40.24 -54.52 107.09
N LYS P 256 -39.72 -55.10 106.01
CA LYS P 256 -38.30 -55.48 105.90
C LYS P 256 -37.52 -54.35 105.21
N PHE P 257 -36.22 -54.29 105.47
CA PHE P 257 -35.37 -53.27 104.83
C PHE P 257 -34.92 -53.69 103.43
N ALA P 258 -34.95 -52.74 102.49
CA ALA P 258 -34.32 -52.90 101.18
C ALA P 258 -33.54 -51.62 100.83
N ASP P 259 -32.31 -51.80 100.37
CA ASP P 259 -31.51 -50.69 99.85
C ASP P 259 -31.90 -50.37 98.41
N TRP P 260 -32.25 -51.39 97.64
CA TRP P 260 -32.81 -51.20 96.29
C TRP P 260 -33.53 -52.47 95.85
N THR P 261 -34.22 -52.44 94.73
CA THR P 261 -34.73 -53.69 94.20
C THR P 261 -34.10 -53.96 92.84
N HIS P 262 -33.57 -55.18 92.70
CA HIS P 262 -32.86 -55.57 91.49
C HIS P 262 -33.85 -55.58 90.33
N PRO P 263 -33.60 -54.74 89.30
CA PRO P 263 -34.43 -54.53 88.12
C PRO P 263 -34.68 -55.81 87.31
N ALA P 264 -33.72 -56.73 87.30
CA ALA P 264 -33.89 -57.99 86.54
C ALA P 264 -34.72 -59.04 87.29
N SER P 265 -34.37 -59.30 88.54
CA SER P 265 -35.06 -60.33 89.30
C SER P 265 -36.30 -59.80 90.05
N LYS P 266 -36.35 -58.47 90.24
CA LYS P 266 -37.39 -57.79 91.06
C LYS P 266 -37.27 -58.22 92.52
N THR P 267 -36.04 -58.35 93.02
CA THR P 267 -35.82 -58.77 94.38
C THR P 267 -35.45 -57.54 95.23
N PRO P 268 -36.08 -57.36 96.39
CA PRO P 268 -35.66 -56.32 97.36
C PRO P 268 -34.35 -56.67 98.07
N MET P 269 -33.27 -55.99 97.70
CA MET P 269 -31.92 -56.31 98.16
C MET P 269 -31.43 -55.50 99.36
N ILE P 270 -30.54 -56.12 100.14
CA ILE P 270 -29.70 -55.40 101.12
C ILE P 270 -28.29 -55.26 100.56
N LYS P 271 -27.75 -54.05 100.62
CA LYS P 271 -26.34 -53.82 100.32
C LYS P 271 -25.49 -53.85 101.59
N ALA P 272 -24.43 -54.66 101.63
CA ALA P 272 -23.49 -54.64 102.76
C ALA P 272 -22.31 -53.72 102.43
N GLN P 273 -21.69 -53.17 103.47
CA GLN P 273 -20.55 -52.30 103.27
C GLN P 273 -19.49 -52.68 104.29
N HIS P 274 -18.26 -52.88 103.82
CA HIS P 274 -17.06 -53.01 104.65
C HIS P 274 -17.35 -53.25 106.12
N PRO P 275 -17.83 -54.47 106.49
CA PRO P 275 -18.07 -54.75 107.91
C PRO P 275 -16.83 -55.25 108.69
N GLU P 276 -15.73 -54.49 108.65
CA GLU P 276 -14.47 -54.88 109.31
C GLU P 276 -14.62 -55.01 110.80
N TYR P 277 -15.27 -54.03 111.42
CA TYR P 277 -15.43 -54.09 112.89
C TYR P 277 -16.24 -55.32 113.31
N GLU P 278 -17.30 -55.62 112.57
CA GLU P 278 -18.23 -56.70 112.98
C GLU P 278 -17.67 -58.08 112.63
N THR P 279 -16.75 -58.11 111.66
CA THR P 279 -15.99 -59.30 111.29
C THR P 279 -14.84 -59.56 112.29
N TRP P 280 -14.08 -58.51 112.63
CA TRP P 280 -12.97 -58.60 113.57
C TRP P 280 -13.36 -59.03 115.00
N ILE P 281 -14.45 -58.46 115.58
CA ILE P 281 -14.72 -58.56 117.04
C ILE P 281 -14.69 -59.97 117.54
N ASN P 282 -15.18 -60.93 116.74
CA ASN P 282 -15.24 -62.33 117.21
C ASN P 282 -14.35 -63.33 116.44
N GLY P 283 -13.34 -62.80 115.73
CA GLY P 283 -12.35 -63.62 115.03
C GLY P 283 -11.22 -63.96 115.99
N THR P 284 -10.29 -64.83 115.59
CA THR P 284 -9.22 -65.26 116.53
C THR P 284 -8.45 -64.14 117.21
N HIS P 285 -8.21 -63.05 116.49
CA HIS P 285 -7.53 -61.88 117.04
C HIS P 285 -8.43 -60.96 117.90
N GLY P 286 -9.55 -60.51 117.35
CA GLY P 286 -10.46 -59.66 118.12
C GLY P 286 -10.98 -60.27 119.41
N ALA P 287 -11.33 -61.56 119.37
CA ALA P 287 -11.79 -62.30 120.56
C ALA P 287 -10.70 -62.40 121.62
N ALA P 288 -9.44 -62.46 121.19
CA ALA P 288 -8.27 -62.44 122.08
C ALA P 288 -7.80 -61.03 122.50
N GLY P 289 -8.56 -59.98 122.11
CA GLY P 289 -8.29 -58.63 122.54
C GLY P 289 -7.17 -57.94 121.77
N VAL P 290 -6.90 -58.45 120.56
CA VAL P 290 -5.98 -57.87 119.59
C VAL P 290 -6.79 -56.98 118.66
N THR P 291 -6.33 -55.75 118.55
CA THR P 291 -7.15 -54.64 118.20
C THR P 291 -6.67 -54.07 116.88
N CYS P 292 -7.48 -53.27 116.20
CA CYS P 292 -7.07 -52.62 114.92
C CYS P 292 -5.79 -51.82 115.06
N ALA P 293 -5.65 -51.05 116.13
CA ALA P 293 -4.44 -50.25 116.33
C ALA P 293 -3.18 -51.12 116.51
N ASP P 294 -3.32 -52.29 117.14
CA ASP P 294 -2.19 -53.21 117.36
C ASP P 294 -1.54 -53.61 116.03
N CYS P 295 -2.37 -53.86 115.02
CA CYS P 295 -1.88 -54.30 113.71
C CYS P 295 -1.69 -53.20 112.69
N HIS P 296 -2.52 -52.16 112.78
CA HIS P 296 -2.54 -51.07 111.81
C HIS P 296 -1.99 -49.72 112.29
N MET P 297 -1.69 -49.61 113.58
CA MET P 297 -1.10 -48.39 114.12
C MET P 297 -0.02 -48.85 115.10
N SER P 298 0.80 -49.78 114.62
CA SER P 298 1.79 -50.43 115.45
C SER P 298 2.90 -49.45 115.80
N TYR P 299 3.50 -49.65 116.96
CA TYR P 299 4.60 -48.85 117.38
C TYR P 299 5.73 -49.08 116.40
N THR P 300 6.28 -47.97 115.91
CA THR P 300 7.38 -47.98 114.97
C THR P 300 8.51 -47.05 115.48
N ARG P 301 9.71 -47.59 115.52
CA ARG P 301 10.82 -46.89 116.16
C ARG P 301 11.60 -46.04 115.13
N SER P 302 10.95 -44.94 114.75
CA SER P 302 11.37 -44.08 113.65
C SER P 302 11.96 -42.74 114.09
N ASP P 303 11.77 -42.37 115.34
CA ASP P 303 12.27 -41.10 115.90
C ASP P 303 13.58 -41.35 116.68
N ASP P 304 14.70 -41.29 115.97
CA ASP P 304 15.92 -41.97 116.42
C ASP P 304 15.48 -43.41 116.66
N LYS P 305 15.52 -43.89 117.90
CA LYS P 305 14.99 -45.23 118.20
C LYS P 305 13.76 -45.31 119.10
N LYS P 306 13.09 -44.18 119.29
CA LYS P 306 11.92 -44.12 120.13
C LYS P 306 10.70 -44.47 119.29
N LYS P 307 9.73 -45.11 119.93
CA LYS P 307 8.47 -45.48 119.29
C LYS P 307 7.61 -44.28 119.07
N ILE P 308 6.96 -44.28 117.91
CA ILE P 308 5.75 -43.52 117.73
C ILE P 308 4.67 -44.52 117.28
N SER P 309 3.41 -44.11 117.26
CA SER P 309 2.35 -44.93 116.69
C SER P 309 2.30 -44.62 115.22
N SER P 310 2.48 -45.65 114.39
CA SER P 310 2.28 -45.50 112.96
C SER P 310 0.88 -44.92 112.66
N HIS P 311 0.85 -43.85 111.88
CA HIS P 311 -0.42 -43.28 111.39
C HIS P 311 -0.61 -43.54 109.91
N TRP P 312 0.07 -44.56 109.42
CA TRP P 312 -0.09 -45.05 108.06
C TRP P 312 -1.00 -46.26 108.18
N TRP P 313 -2.25 -46.05 107.76
CA TRP P 313 -3.31 -47.07 107.86
C TRP P 313 -3.36 -47.67 106.49
N THR P 314 -2.87 -48.90 106.41
CA THR P 314 -2.67 -49.55 105.12
C THR P 314 -2.52 -51.05 105.41
N SER P 315 -2.20 -51.85 104.41
CA SER P 315 -1.95 -53.28 104.64
C SER P 315 -0.66 -53.54 105.41
N PRO P 316 -0.73 -54.38 106.47
CA PRO P 316 0.51 -54.75 107.16
C PRO P 316 1.49 -55.62 106.31
N MET P 317 1.01 -56.17 105.21
CA MET P 317 1.84 -56.97 104.28
C MET P 317 2.79 -56.14 103.44
N LYS P 318 2.69 -54.81 103.55
CA LYS P 318 3.58 -53.88 102.85
C LYS P 318 5.01 -53.85 103.41
N ASP P 319 5.14 -54.17 104.71
CA ASP P 319 6.43 -54.34 105.37
C ASP P 319 6.90 -55.76 105.09
N PRO P 320 8.04 -55.92 104.40
CA PRO P 320 8.43 -57.30 104.13
C PRO P 320 8.90 -58.04 105.39
N GLU P 321 9.21 -57.27 106.45
CA GLU P 321 9.63 -57.80 107.74
C GLU P 321 8.51 -57.94 108.79
N MET P 322 7.27 -57.61 108.39
CA MET P 322 6.05 -57.81 109.21
C MET P 322 6.13 -57.34 110.66
N ARG P 323 6.73 -56.17 110.87
CA ARG P 323 7.08 -55.61 112.19
C ARG P 323 5.93 -55.56 113.21
N ALA P 324 4.71 -55.32 112.73
CA ALA P 324 3.52 -55.25 113.61
C ALA P 324 3.20 -56.60 114.23
N CYS P 325 3.54 -57.66 113.50
CA CYS P 325 3.22 -59.03 113.91
C CYS P 325 4.30 -59.69 114.74
N ARG P 326 5.52 -59.17 114.69
CA ARG P 326 6.65 -59.95 115.16
C ARG P 326 7.12 -59.68 116.59
N GLN P 327 6.27 -59.03 117.38
CA GLN P 327 6.49 -58.97 118.80
C GLN P 327 5.60 -60.05 119.42
N CYS P 328 4.37 -60.15 118.94
CA CYS P 328 3.44 -61.18 119.40
C CYS P 328 3.81 -62.54 118.85
N HIS P 329 4.31 -62.56 117.61
CA HIS P 329 4.77 -63.76 116.93
C HIS P 329 6.29 -63.76 116.68
N SER P 330 7.09 -63.47 117.70
CA SER P 330 8.52 -63.26 117.51
C SER P 330 9.26 -64.53 117.10
N ASP P 331 8.62 -65.67 117.31
CA ASP P 331 9.18 -66.98 117.01
C ASP P 331 8.91 -67.39 115.55
N LYS P 332 8.16 -66.54 114.83
CA LYS P 332 7.80 -66.79 113.45
C LYS P 332 8.52 -65.82 112.54
N THR P 333 8.92 -66.29 111.36
CA THR P 333 9.55 -65.42 110.38
C THR P 333 8.46 -64.63 109.69
N PRO P 334 8.83 -63.48 109.08
CA PRO P 334 7.91 -62.69 108.25
C PRO P 334 7.25 -63.52 107.14
N ASP P 335 8.04 -64.41 106.54
CA ASP P 335 7.60 -65.27 105.46
C ASP P 335 6.57 -66.32 105.87
N TYR P 336 6.76 -66.90 107.06
CA TYR P 336 5.80 -67.82 107.65
C TYR P 336 4.46 -67.09 107.92
N LEU P 337 4.51 -65.94 108.61
CA LEU P 337 3.28 -65.20 108.92
C LEU P 337 2.49 -64.83 107.67
N LYS P 338 3.22 -64.48 106.61
CA LYS P 338 2.66 -64.06 105.34
C LYS P 338 2.03 -65.24 104.62
N SER P 339 2.58 -66.44 104.80
CA SER P 339 2.05 -67.65 104.16
C SER P 339 0.78 -68.10 104.87
N ARG P 340 0.71 -67.83 106.17
CA ARG P 340 -0.47 -68.12 106.94
C ARG P 340 -1.65 -67.18 106.63
N VAL P 341 -1.38 -65.90 106.40
CA VAL P 341 -2.41 -64.97 105.89
C VAL P 341 -3.01 -65.44 104.55
N LEU P 342 -2.12 -65.76 103.60
CA LEU P 342 -2.47 -66.23 102.25
C LEU P 342 -3.24 -67.53 102.22
N PHE P 343 -2.96 -68.41 103.18
CA PHE P 343 -3.69 -69.67 103.39
C PHE P 343 -5.21 -69.42 103.50
N THR P 344 -5.59 -68.48 104.38
CA THR P 344 -6.98 -67.97 104.46
C THR P 344 -7.45 -67.26 103.17
N GLN P 345 -6.75 -66.21 102.76
CA GLN P 345 -7.20 -65.29 101.69
C GLN P 345 -7.46 -65.95 100.35
N LYS P 346 -6.62 -66.91 99.97
CA LYS P 346 -6.78 -67.61 98.70
C LYS P 346 -8.02 -68.49 98.70
N ARG P 347 -8.19 -69.26 99.78
CA ARG P 347 -9.41 -70.03 99.98
C ARG P 347 -10.64 -69.13 100.00
N THR P 348 -10.51 -67.98 100.63
CA THR P 348 -11.62 -67.05 100.77
C THR P 348 -12.01 -66.45 99.42
N PHE P 349 -11.01 -66.01 98.67
CA PHE P 349 -11.25 -65.33 97.41
C PHE P 349 -11.86 -66.25 96.38
N ASP P 350 -11.36 -67.49 96.29
CA ASP P 350 -11.86 -68.44 95.32
C ASP P 350 -13.32 -68.85 95.59
N LEU P 351 -13.64 -69.08 96.85
CA LEU P 351 -15.02 -69.36 97.25
C LEU P 351 -15.94 -68.14 97.01
N LEU P 352 -15.42 -66.93 97.24
CA LEU P 352 -16.15 -65.70 96.96
C LEU P 352 -16.64 -65.65 95.50
N LEU P 353 -15.72 -65.88 94.57
CA LEU P 353 -16.01 -65.89 93.16
C LEU P 353 -17.11 -66.87 92.75
N ALA P 354 -17.14 -68.04 93.39
CA ALA P 354 -18.11 -69.09 93.10
C ALA P 354 -19.51 -68.77 93.64
N ALA P 355 -19.56 -68.26 94.87
CA ALA P 355 -20.77 -67.71 95.48
C ALA P 355 -21.38 -66.56 94.66
N GLN P 356 -20.54 -65.70 94.07
CA GLN P 356 -21.08 -64.65 93.18
C GLN P 356 -21.63 -65.18 91.85
N GLU P 357 -21.08 -66.30 91.39
CA GLU P 357 -21.52 -66.97 90.16
C GLU P 357 -22.86 -67.65 90.33
N VAL P 358 -23.09 -68.28 91.47
CA VAL P 358 -24.39 -68.91 91.74
C VAL P 358 -25.46 -67.84 92.10
N SER P 359 -25.02 -66.71 92.65
CA SER P 359 -25.93 -65.58 92.91
C SER P 359 -26.48 -64.97 91.62
N VAL P 360 -25.61 -64.74 90.63
CA VAL P 360 -26.03 -64.28 89.31
C VAL P 360 -27.00 -65.28 88.67
N LYS P 361 -26.73 -66.58 88.83
CA LYS P 361 -27.62 -67.63 88.30
C LYS P 361 -28.96 -67.69 89.07
N ALA P 362 -28.92 -67.48 90.39
CA ALA P 362 -30.14 -67.22 91.18
C ALA P 362 -30.98 -66.03 90.63
N HIS P 363 -30.35 -64.88 90.39
CA HIS P 363 -31.02 -63.70 89.74
C HIS P 363 -31.58 -64.02 88.36
N GLU P 364 -30.80 -64.71 87.53
CA GLU P 364 -31.28 -65.10 86.18
C GLU P 364 -32.45 -66.11 86.18
N ALA P 365 -32.48 -67.03 87.12
CA ALA P 365 -33.60 -67.98 87.23
C ALA P 365 -34.89 -67.30 87.66
N VAL P 366 -34.78 -66.38 88.63
CA VAL P 366 -35.92 -65.60 89.12
C VAL P 366 -36.41 -64.67 87.98
N ARG P 367 -35.47 -64.07 87.26
CA ARG P 367 -35.83 -63.27 86.10
C ARG P 367 -36.60 -64.07 85.05
N LEU P 368 -36.09 -65.26 84.72
CA LEU P 368 -36.70 -66.16 83.74
C LEU P 368 -38.08 -66.65 84.17
N ALA P 369 -38.18 -67.07 85.43
CA ALA P 369 -39.43 -67.48 86.05
C ALA P 369 -40.46 -66.35 86.11
N ASN P 370 -39.99 -65.12 86.30
CA ASN P 370 -40.86 -63.95 86.34
C ASN P 370 -41.59 -63.75 85.02
N GLU P 371 -40.90 -64.09 83.93
CA GLU P 371 -41.37 -63.80 82.58
C GLU P 371 -41.90 -65.05 81.90
N TYR P 372 -42.01 -66.13 82.67
CA TYR P 372 -42.34 -67.45 82.14
C TYR P 372 -43.74 -67.49 81.53
N GLN P 373 -43.81 -67.93 80.28
CA GLN P 373 -45.05 -68.01 79.50
C GLN P 373 -45.79 -69.34 79.60
N GLY P 374 -45.10 -70.41 79.99
CA GLY P 374 -45.71 -71.74 80.11
C GLY P 374 -46.57 -71.98 81.36
N ALA P 375 -46.88 -73.26 81.63
CA ALA P 375 -47.72 -73.64 82.75
C ALA P 375 -46.94 -73.58 84.06
N LYS P 376 -47.50 -72.85 85.02
CA LYS P 376 -46.83 -72.60 86.29
C LYS P 376 -47.35 -73.54 87.36
N ALA P 377 -46.59 -73.67 88.44
CA ALA P 377 -47.03 -74.45 89.57
C ALA P 377 -48.23 -73.75 90.16
N ALA P 378 -49.16 -74.53 90.72
CA ALA P 378 -50.30 -73.97 91.42
C ALA P 378 -49.84 -72.93 92.45
N GLY P 379 -48.79 -73.25 93.21
CA GLY P 379 -48.24 -72.34 94.23
C GLY P 379 -47.25 -71.30 93.71
N TYR P 380 -47.27 -71.02 92.42
CA TYR P 380 -46.34 -70.09 91.76
C TYR P 380 -46.00 -68.79 92.50
N ASP P 381 -47.00 -68.19 93.15
CA ASP P 381 -46.80 -66.85 93.72
C ASP P 381 -45.96 -66.87 94.99
N ASP P 382 -46.29 -67.78 95.90
CA ASP P 382 -45.55 -67.88 97.15
C ASP P 382 -44.18 -68.56 96.97
N LEU P 383 -43.99 -69.20 95.81
CA LEU P 383 -42.71 -69.83 95.47
C LEU P 383 -41.78 -68.75 94.95
N MET P 384 -42.37 -67.78 94.27
CA MET P 384 -41.64 -66.62 93.77
C MET P 384 -41.19 -65.72 94.91
N ILE P 385 -42.03 -65.54 95.92
CA ILE P 385 -41.69 -64.82 97.12
C ILE P 385 -40.55 -65.53 97.85
N GLN P 386 -40.65 -66.85 97.95
CA GLN P 386 -39.63 -67.66 98.61
C GLN P 386 -38.30 -67.66 97.84
N ALA P 387 -38.40 -67.69 96.51
CA ALA P 387 -37.24 -67.66 95.64
C ALA P 387 -36.48 -66.35 95.83
N ARG P 388 -37.21 -65.23 95.72
CA ARG P 388 -36.64 -63.89 95.92
C ARG P 388 -36.06 -63.69 97.31
N GLU P 389 -36.69 -64.26 98.33
CA GLU P 389 -36.14 -64.22 99.69
C GLU P 389 -34.77 -64.92 99.78
N MET P 390 -34.60 -66.00 99.02
CA MET P 390 -33.33 -66.70 99.00
C MET P 390 -32.23 -65.97 98.23
N VAL P 391 -32.60 -65.28 97.15
CA VAL P 391 -31.68 -64.42 96.40
C VAL P 391 -31.13 -63.28 97.25
N ARG P 392 -32.03 -62.63 97.98
CA ARG P 392 -31.72 -61.55 98.92
C ARG P 392 -30.81 -62.04 100.07
N LYS P 393 -31.14 -63.18 100.67
CA LYS P 393 -30.32 -63.70 101.75
C LYS P 393 -28.94 -64.17 101.26
N GLY P 394 -28.89 -64.84 100.12
CA GLY P 394 -27.64 -65.32 99.54
C GLY P 394 -26.70 -64.18 99.22
N GLN P 395 -27.24 -63.14 98.59
CA GLN P 395 -26.41 -62.03 98.16
C GLN P 395 -25.89 -61.23 99.33
N PHE P 396 -26.68 -61.13 100.39
CA PHE P 396 -26.28 -60.38 101.59
C PHE P 396 -25.12 -61.06 102.27
N PHE P 397 -25.17 -62.39 102.25
CA PHE P 397 -24.16 -63.24 102.85
C PHE P 397 -22.83 -63.15 102.09
N TRP P 398 -22.85 -63.26 100.75
CA TRP P 398 -21.58 -63.08 100.02
C TRP P 398 -21.08 -61.62 100.06
N ASP P 399 -21.99 -60.66 100.04
CA ASP P 399 -21.63 -59.24 100.03
C ASP P 399 -20.95 -58.82 101.34
N TYR P 400 -21.37 -59.45 102.44
CA TYR P 400 -20.77 -59.25 103.76
C TYR P 400 -19.27 -59.61 103.78
N VAL P 401 -18.88 -60.59 102.95
CA VAL P 401 -17.49 -61.07 102.89
C VAL P 401 -16.70 -60.35 101.81
N SER P 402 -17.33 -60.22 100.64
CA SER P 402 -16.82 -59.44 99.51
C SER P 402 -16.44 -58.00 99.88
N ALA P 403 -17.30 -57.35 100.67
CA ALA P 403 -17.12 -55.94 101.01
C ALA P 403 -16.03 -55.73 102.04
N GLU P 404 -15.75 -56.77 102.84
CA GLU P 404 -14.80 -56.68 103.94
C GLU P 404 -13.34 -56.80 103.43
N ASN P 405 -12.47 -55.93 103.95
CA ASN P 405 -11.19 -55.67 103.30
C ASN P 405 -10.02 -56.62 103.61
N SER P 406 -10.18 -57.55 104.53
CA SER P 406 -9.09 -58.47 104.89
C SER P 406 -9.00 -59.77 104.08
N VAL P 407 -9.94 -59.95 103.15
CA VAL P 407 -10.05 -61.17 102.30
C VAL P 407 -10.14 -62.45 103.17
N GLY P 408 -10.87 -62.34 104.26
CA GLY P 408 -11.01 -63.44 105.19
C GLY P 408 -10.06 -63.51 106.38
N PHE P 409 -8.96 -62.75 106.40
CA PHE P 409 -7.99 -62.85 107.49
C PHE P 409 -8.46 -62.36 108.87
N HIS P 410 -9.27 -61.30 108.92
CA HIS P 410 -9.85 -60.86 110.20
C HIS P 410 -10.61 -61.96 110.96
N ASN P 411 -11.32 -62.80 110.22
CA ASN P 411 -12.10 -63.89 110.77
C ASN P 411 -12.20 -65.03 109.74
N PRO P 412 -11.15 -65.89 109.67
CA PRO P 412 -11.22 -66.97 108.68
C PRO P 412 -12.48 -67.88 108.75
N ALA P 413 -12.79 -68.43 109.92
CA ALA P 413 -13.99 -69.29 110.11
C ALA P 413 -15.33 -68.65 109.70
N LYS P 414 -15.55 -67.42 110.15
CA LYS P 414 -16.79 -66.74 109.83
C LYS P 414 -16.89 -66.45 108.34
N ALA P 415 -15.77 -66.09 107.70
CA ALA P 415 -15.78 -65.77 106.26
C ALA P 415 -16.16 -66.98 105.38
N LEU P 416 -15.51 -68.12 105.62
CA LEU P 416 -15.73 -69.32 104.82
C LEU P 416 -17.11 -69.90 105.07
N ASP P 417 -17.48 -69.98 106.35
CA ASP P 417 -18.83 -70.39 106.75
C ASP P 417 -19.93 -69.50 106.16
N THR P 418 -19.71 -68.19 106.10
CA THR P 418 -20.67 -67.26 105.51
C THR P 418 -20.85 -67.48 104.00
N LEU P 419 -19.74 -67.63 103.28
CA LEU P 419 -19.74 -67.96 101.85
C LEU P 419 -20.36 -69.31 101.52
N ALA P 420 -20.10 -70.32 102.34
CA ALA P 420 -20.73 -71.64 102.24
C ALA P 420 -22.26 -71.58 102.35
N GLN P 421 -22.77 -70.81 103.32
CA GLN P 421 -24.21 -70.59 103.47
C GLN P 421 -24.77 -69.76 102.32
N SER P 422 -24.07 -68.69 101.93
CA SER P 422 -24.49 -67.87 100.79
C SER P 422 -24.88 -68.75 99.57
N GLN P 423 -23.97 -69.67 99.21
CA GLN P 423 -24.14 -70.65 98.12
C GLN P 423 -25.42 -71.48 98.20
N GLN P 424 -25.69 -72.00 99.38
CA GLN P 424 -26.93 -72.69 99.69
C GLN P 424 -28.18 -71.86 99.44
N PHE P 425 -28.19 -70.63 99.95
CA PHE P 425 -29.38 -69.78 99.84
C PHE P 425 -29.65 -69.48 98.37
N SER P 426 -28.61 -69.07 97.65
CA SER P 426 -28.72 -68.83 96.23
C SER P 426 -29.14 -70.05 95.41
N GLN P 427 -28.64 -71.23 95.77
CA GLN P 427 -29.08 -72.47 95.11
C GLN P 427 -30.54 -72.82 95.41
N LYS P 428 -30.99 -72.61 96.66
CA LYS P 428 -32.41 -72.70 97.01
C LYS P 428 -33.30 -71.83 96.13
N ALA P 429 -32.81 -70.63 95.80
CA ALA P 429 -33.55 -69.71 94.94
C ALA P 429 -33.75 -70.28 93.54
N ILE P 430 -32.67 -70.84 92.96
CA ILE P 430 -32.71 -71.49 91.66
C ILE P 430 -33.68 -72.66 91.72
N ASP P 431 -33.61 -73.48 92.76
CA ASP P 431 -34.51 -74.61 92.94
C ASP P 431 -35.97 -74.16 92.97
N LEU P 432 -36.29 -73.16 93.81
CA LEU P 432 -37.66 -72.62 93.96
C LEU P 432 -38.20 -72.00 92.67
N ALA P 433 -37.34 -71.33 91.93
CA ALA P 433 -37.74 -70.74 90.65
C ALA P 433 -37.96 -71.83 89.57
N MET P 434 -37.24 -72.94 89.68
CA MET P 434 -37.49 -74.10 88.83
C MET P 434 -38.80 -74.80 89.17
N GLU P 435 -39.01 -75.09 90.45
CA GLU P 435 -40.28 -75.63 90.93
C GLU P 435 -41.49 -74.80 90.50
N ALA P 436 -41.39 -73.48 90.68
CA ALA P 436 -42.42 -72.52 90.25
C ALA P 436 -42.81 -72.59 88.76
N THR P 437 -41.88 -72.98 87.90
CA THR P 437 -42.15 -73.00 86.45
C THR P 437 -42.34 -74.41 85.91
N GLN P 438 -42.53 -75.38 86.82
CA GLN P 438 -42.59 -76.81 86.47
C GLN P 438 -41.38 -77.24 85.63
N TYR P 439 -40.39 -76.52 85.65
CA TYR P 439 -39.01 -76.81 85.23
C TYR P 439 -38.81 -76.48 83.75
N GLY P 440 -39.68 -75.63 83.46
CA GLY P 440 -39.67 -75.06 82.10
C GLY P 440 -38.55 -74.07 81.80
N ILE P 441 -37.91 -73.54 82.84
CA ILE P 441 -36.79 -72.61 82.64
C ILE P 441 -35.41 -73.28 82.66
N GLY P 442 -35.39 -74.60 82.86
CA GLY P 442 -34.15 -75.39 82.86
C GLY P 442 -33.35 -75.26 81.58
N LYS P 443 -34.01 -75.42 80.44
CA LYS P 443 -33.37 -75.26 79.13
C LYS P 443 -32.56 -73.97 78.99
N ASP P 444 -32.91 -72.96 79.79
CA ASP P 444 -32.31 -71.63 79.71
C ASP P 444 -31.18 -71.43 80.73
N LEU P 445 -31.04 -72.34 81.67
CA LEU P 445 -30.01 -72.20 82.71
C LEU P 445 -28.83 -73.17 82.57
N SER P 446 -28.74 -73.81 81.39
CA SER P 446 -27.89 -74.99 81.18
C SER P 446 -26.38 -74.76 81.02
N GLY P 447 -25.97 -73.70 80.33
CA GLY P 447 -24.54 -73.55 80.03
C GLY P 447 -23.61 -73.22 81.21
N ASP P 448 -22.52 -72.55 80.90
CA ASP P 448 -21.71 -71.87 81.89
C ASP P 448 -22.45 -70.56 82.11
N ILE P 449 -22.46 -70.10 83.36
CA ILE P 449 -23.15 -68.87 83.73
C ILE P 449 -22.53 -67.68 83.01
N LYS P 450 -21.21 -67.73 82.81
CA LYS P 450 -20.48 -66.66 82.12
C LYS P 450 -20.83 -66.58 80.64
N THR P 451 -21.47 -67.63 80.14
CA THR P 451 -22.00 -67.65 78.79
C THR P 451 -23.46 -67.11 78.75
N ILE P 452 -24.33 -67.64 79.60
CA ILE P 452 -25.74 -67.23 79.57
C ILE P 452 -25.96 -65.83 80.12
N VAL P 453 -25.17 -65.43 81.12
CA VAL P 453 -25.18 -64.05 81.63
C VAL P 453 -23.75 -63.53 81.66
N PRO P 454 -23.30 -62.89 80.56
CA PRO P 454 -21.91 -62.42 80.55
C PRO P 454 -21.68 -61.35 81.60
N PRO P 455 -20.46 -61.28 82.17
CA PRO P 455 -20.12 -60.16 83.06
C PRO P 455 -20.21 -58.80 82.36
N ILE P 456 -20.71 -57.79 83.06
CA ILE P 456 -20.76 -56.41 82.59
C ILE P 456 -19.48 -55.69 83.03
N LEU P 457 -18.56 -55.50 82.11
CA LEU P 457 -17.28 -54.86 82.44
C LEU P 457 -17.44 -53.35 82.60
N LYS P 458 -18.19 -52.74 81.68
CA LYS P 458 -18.34 -51.29 81.64
C LYS P 458 -19.77 -50.81 81.88
N MET P 459 -19.89 -49.86 82.81
CA MET P 459 -21.14 -49.15 83.08
C MET P 459 -20.84 -47.92 83.90
N ASN P 460 -21.25 -46.77 83.39
CA ASN P 460 -21.16 -45.49 84.11
C ASN P 460 -22.35 -44.64 83.72
N ARG P 461 -22.59 -43.54 84.45
CA ARG P 461 -23.75 -42.66 84.18
C ARG P 461 -23.85 -42.11 82.76
N LYS P 462 -22.70 -41.82 82.16
CA LYS P 462 -22.63 -41.33 80.77
C LYS P 462 -22.87 -42.42 79.73
N LEU P 463 -22.46 -43.65 80.04
CA LEU P 463 -22.70 -44.80 79.14
C LEU P 463 -24.20 -45.14 79.08
N GLN P 464 -24.89 -44.98 80.21
CA GLN P 464 -26.34 -45.15 80.33
C GLN P 464 -27.18 -44.05 79.61
N GLN P 465 -26.49 -43.04 79.06
CA GLN P 465 -27.16 -42.04 78.20
C GLN P 465 -27.25 -42.49 76.73
N ASP P 466 -26.33 -43.35 76.30
CA ASP P 466 -26.29 -43.86 74.94
C ASP P 466 -27.28 -45.02 74.72
N PRO P 467 -28.30 -44.82 73.86
CA PRO P 467 -29.31 -45.86 73.58
C PRO P 467 -28.76 -47.09 72.87
N GLU P 468 -27.61 -46.96 72.23
CA GLU P 468 -26.97 -48.06 71.48
C GLU P 468 -26.15 -48.98 72.38
N PHE P 469 -25.40 -48.37 73.29
CA PHE P 469 -24.72 -49.10 74.36
C PHE P 469 -25.72 -49.85 75.24
N MET P 470 -26.90 -49.27 75.47
CA MET P 470 -27.92 -49.90 76.32
C MET P 470 -28.61 -51.12 75.66
N LYS P 471 -28.12 -51.52 74.49
CA LYS P 471 -28.61 -52.70 73.78
C LYS P 471 -27.61 -53.85 73.81
N THR P 472 -26.43 -53.63 74.40
CA THR P 472 -25.32 -54.58 74.25
C THR P 472 -25.31 -55.71 75.28
N HIS P 473 -26.22 -55.65 76.24
CA HIS P 473 -26.37 -56.69 77.27
C HIS P 473 -27.86 -56.91 77.55
N LYS P 474 -28.26 -58.16 77.79
CA LYS P 474 -29.68 -58.49 77.99
C LYS P 474 -30.27 -57.88 79.26
N TRP P 475 -29.42 -57.69 80.28
CA TRP P 475 -29.84 -57.06 81.54
C TRP P 475 -30.02 -55.55 81.45
N PHE P 476 -29.49 -54.98 80.38
CA PHE P 476 -29.61 -53.55 80.11
C PHE P 476 -31.04 -53.10 79.77
N GLN P 477 -31.90 -54.06 79.45
CA GLN P 477 -33.27 -53.74 79.07
C GLN P 477 -34.16 -53.49 80.30
N TYR P 478 -33.62 -53.71 81.50
CA TYR P 478 -34.35 -53.43 82.75
C TYR P 478 -34.01 -52.07 83.36
N LEU P 479 -33.03 -51.40 82.76
CA LEU P 479 -32.62 -50.06 83.15
C LEU P 479 -33.15 -49.04 82.13
N PRO P 480 -33.51 -47.83 82.59
CA PRO P 480 -33.84 -46.73 81.67
C PRO P 480 -32.62 -46.18 80.93
N VAL P 481 -32.83 -45.71 79.71
CA VAL P 481 -31.82 -44.94 79.01
C VAL P 481 -31.91 -43.52 79.57
N LEU P 482 -30.81 -43.07 80.17
CA LEU P 482 -30.77 -41.78 80.88
C LEU P 482 -30.82 -40.58 79.94
N PRO P 483 -31.46 -39.47 80.38
CA PRO P 483 -31.55 -38.25 79.58
C PRO P 483 -30.17 -37.71 79.19
N LYS P 484 -30.03 -37.30 77.92
CA LYS P 484 -28.83 -36.64 77.43
C LYS P 484 -28.51 -35.50 78.38
N ALA P 485 -27.32 -35.52 78.99
CA ALA P 485 -26.95 -34.50 79.95
C ALA P 485 -25.46 -34.22 79.92
N ASP P 486 -25.11 -32.96 80.17
CA ASP P 486 -23.72 -32.54 80.23
C ASP P 486 -23.27 -32.61 81.69
N GLN P 487 -22.00 -32.94 81.89
CA GLN P 487 -21.44 -33.03 83.24
C GLN P 487 -21.50 -31.65 83.90
N VAL P 488 -22.12 -31.61 85.07
CA VAL P 488 -22.29 -30.37 85.83
C VAL P 488 -21.16 -30.20 86.86
N TRP P 489 -20.70 -31.31 87.41
CA TRP P 489 -19.66 -31.27 88.43
C TRP P 489 -18.37 -31.95 88.00
N ASP P 490 -17.25 -31.34 88.37
CA ASP P 490 -15.92 -31.88 88.07
C ASP P 490 -15.08 -31.71 89.33
N GLY P 491 -15.17 -32.69 90.23
CA GLY P 491 -14.62 -32.55 91.55
C GLY P 491 -15.38 -31.43 92.24
N GLN P 492 -14.69 -30.33 92.52
CA GLN P 492 -15.30 -29.21 93.22
C GLN P 492 -15.80 -28.07 92.32
N LYS P 493 -15.43 -28.11 91.04
CA LYS P 493 -15.76 -27.05 90.06
C LYS P 493 -17.06 -27.32 89.29
N ARG P 494 -17.84 -26.26 89.08
CA ARG P 494 -18.99 -26.34 88.16
C ARG P 494 -18.51 -26.06 86.75
N LEU P 495 -19.11 -26.75 85.78
CA LEU P 495 -18.66 -26.68 84.39
C LEU P 495 -19.60 -25.83 83.52
N GLY Q 2 23.65 -74.37 145.30
CA GLY Q 2 24.14 -75.25 144.26
C GLY Q 2 24.48 -74.51 142.99
N CYS Q 3 25.02 -75.25 141.94
CA CYS Q 3 26.22 -74.80 141.21
C CYS Q 3 26.32 -74.50 139.70
N SER Q 4 26.05 -75.50 138.85
CA SER Q 4 26.44 -75.48 137.43
C SER Q 4 25.35 -74.97 136.46
N ASP Q 5 25.77 -74.38 135.33
CA ASP Q 5 24.85 -73.76 134.35
C ASP Q 5 24.05 -74.79 133.56
N VAL Q 6 22.82 -74.41 133.17
CA VAL Q 6 21.94 -75.29 132.38
C VAL Q 6 22.49 -75.57 130.99
N SER Q 7 22.16 -76.74 130.48
CA SER Q 7 22.48 -77.14 129.13
C SER Q 7 21.28 -76.80 128.23
N THR Q 8 21.58 -76.33 127.02
CA THR Q 8 20.54 -75.90 126.08
C THR Q 8 20.22 -76.99 125.07
N GLU Q 9 21.07 -78.02 125.05
CA GLU Q 9 20.79 -79.23 124.28
C GLU Q 9 19.79 -79.98 125.16
N LEU Q 10 18.57 -80.14 124.68
CA LEU Q 10 17.57 -80.82 125.48
C LEU Q 10 17.75 -82.32 125.35
N LYS Q 11 18.55 -82.89 126.25
CA LYS Q 11 18.85 -84.32 126.26
C LYS Q 11 17.72 -85.11 126.89
N THR Q 12 17.08 -85.95 126.07
CA THR Q 12 16.01 -86.81 126.54
C THR Q 12 16.61 -87.92 127.42
N PRO Q 13 15.91 -88.29 128.52
CA PRO Q 13 16.26 -89.46 129.31
C PRO Q 13 16.58 -90.71 128.47
N VAL Q 14 17.68 -91.38 128.81
CA VAL Q 14 18.09 -92.60 128.12
C VAL Q 14 17.74 -93.87 128.92
N TYR Q 15 17.29 -94.90 128.20
CA TYR Q 15 16.84 -96.14 128.83
C TYR Q 15 17.60 -97.37 128.36
N LYS Q 16 17.72 -98.33 129.28
CA LYS Q 16 18.10 -99.70 128.96
C LYS Q 16 17.26 -100.65 129.81
N THR Q 17 16.31 -101.30 129.14
CA THR Q 17 15.35 -102.19 129.80
C THR Q 17 15.84 -103.65 129.81
N LYS Q 18 15.14 -104.49 130.57
CA LYS Q 18 15.44 -105.92 130.67
C LYS Q 18 14.73 -106.76 129.58
N LEU Q 19 14.21 -106.08 128.57
CA LEU Q 19 13.39 -106.70 127.53
C LEU Q 19 14.17 -107.07 126.28
N THR Q 20 13.61 -108.01 125.53
CA THR Q 20 14.20 -108.53 124.31
C THR Q 20 13.82 -107.65 123.13
N ALA Q 21 14.47 -107.89 122.00
CA ALA Q 21 14.29 -107.08 120.79
C ALA Q 21 12.90 -107.13 120.18
N GLU Q 22 12.28 -108.31 120.18
CA GLU Q 22 11.00 -108.47 119.50
C GLU Q 22 9.82 -108.55 120.45
N GLU Q 23 10.04 -108.10 121.69
CA GLU Q 23 9.00 -108.01 122.70
C GLU Q 23 7.85 -107.10 122.23
N ILE Q 24 6.62 -107.60 122.33
CA ILE Q 24 5.43 -106.84 121.90
C ILE Q 24 4.28 -106.79 122.90
N ARG Q 25 4.39 -107.53 124.00
CA ARG Q 25 3.31 -107.61 125.00
C ARG Q 25 3.30 -106.41 125.91
N ASN Q 26 2.15 -105.75 125.99
CA ASN Q 26 2.01 -104.54 126.80
C ASN Q 26 2.38 -104.76 128.25
N SER Q 27 1.93 -105.89 128.81
CA SER Q 27 2.21 -106.27 130.21
C SER Q 27 3.71 -106.34 130.56
N ALA Q 28 4.55 -106.69 129.59
CA ALA Q 28 6.01 -106.80 129.80
C ALA Q 28 6.68 -105.46 130.13
N PHE Q 29 5.97 -104.36 129.84
CA PHE Q 29 6.50 -103.00 130.04
C PHE Q 29 6.08 -102.44 131.39
N LYS Q 30 5.01 -102.99 131.96
CA LYS Q 30 4.45 -102.49 133.21
C LYS Q 30 5.44 -102.34 134.39
N PRO Q 31 6.22 -103.39 134.73
CA PRO Q 31 7.13 -103.25 135.89
C PRO Q 31 8.28 -102.24 135.70
N GLU Q 32 8.71 -102.00 134.46
CA GLU Q 32 9.78 -101.02 134.20
C GLU Q 32 9.27 -99.57 134.10
N PHE Q 33 8.05 -99.40 133.60
CA PHE Q 33 7.46 -98.08 133.38
C PHE Q 33 6.07 -97.95 133.99
N PRO Q 34 5.98 -98.00 135.33
CA PRO Q 34 4.68 -98.03 136.01
C PRO Q 34 3.83 -96.76 135.82
N LYS Q 35 4.47 -95.60 135.69
CA LYS Q 35 3.79 -94.31 135.53
C LYS Q 35 3.17 -94.13 134.15
N GLN Q 36 3.94 -94.47 133.12
CA GLN Q 36 3.48 -94.44 131.73
C GLN Q 36 2.41 -95.51 131.46
N TYR Q 37 2.58 -96.69 132.07
CA TYR Q 37 1.61 -97.77 131.91
C TYR Q 37 0.29 -97.44 132.63
N ALA Q 38 0.38 -96.87 133.84
CA ALA Q 38 -0.81 -96.44 134.57
C ALA Q 38 -1.61 -95.41 133.77
N SER Q 39 -0.89 -94.52 133.07
CA SER Q 39 -1.52 -93.44 132.29
C SER Q 39 -2.19 -94.05 131.05
N TYR Q 40 -1.53 -95.04 130.48
CA TYR Q 40 -2.07 -95.84 129.38
C TYR Q 40 -3.42 -96.50 129.75
N GLU Q 41 -3.50 -97.04 130.97
CA GLU Q 41 -4.71 -97.73 131.47
C GLU Q 41 -5.92 -96.80 131.59
N ARG Q 42 -5.65 -95.49 131.65
CA ARG Q 42 -6.69 -94.46 131.65
C ARG Q 42 -7.50 -94.41 130.35
N ASN Q 43 -6.97 -95.00 129.27
CA ASN Q 43 -7.73 -95.12 128.01
C ASN Q 43 -8.98 -96.00 128.16
N ASP Q 44 -9.06 -96.73 129.27
CA ASP Q 44 -10.21 -97.58 129.58
C ASP Q 44 -11.48 -96.81 129.85
N GLU Q 45 -11.34 -95.58 130.34
CA GLU Q 45 -12.50 -94.71 130.54
C GLU Q 45 -13.32 -94.62 129.26
N THR Q 46 -14.61 -94.92 129.35
CA THR Q 46 -15.46 -94.98 128.15
C THR Q 46 -16.88 -94.47 128.43
N THR Q 47 -16.98 -93.48 129.31
CA THR Q 47 -18.30 -92.98 129.72
C THR Q 47 -18.46 -91.50 129.46
N VAL Q 48 -17.32 -90.82 129.27
CA VAL Q 48 -17.27 -89.36 129.18
C VAL Q 48 -17.37 -88.83 127.74
N MET Q 49 -18.30 -87.90 127.58
CA MET Q 49 -18.64 -87.29 126.32
C MET Q 49 -18.19 -85.82 126.39
N THR Q 50 -17.87 -85.23 125.24
CA THR Q 50 -17.65 -83.78 125.11
C THR Q 50 -18.81 -83.26 124.25
N GLU Q 51 -18.71 -82.04 123.74
CA GLU Q 51 -19.81 -81.51 122.92
C GLU Q 51 -19.98 -82.31 121.62
N TYR Q 52 -18.88 -82.57 120.92
CA TYR Q 52 -18.93 -83.21 119.62
C TYR Q 52 -18.29 -84.58 119.59
N LYS Q 53 -17.42 -84.82 120.57
CA LYS Q 53 -16.61 -86.05 120.64
C LYS Q 53 -16.79 -86.72 122.00
N GLY Q 54 -15.98 -87.73 122.27
CA GLY Q 54 -15.99 -88.42 123.56
C GLY Q 54 -15.60 -89.86 123.41
N SER Q 55 -15.57 -90.59 124.52
CA SER Q 55 -15.16 -91.99 124.56
C SER Q 55 -16.31 -93.01 124.56
N VAL Q 56 -17.56 -92.55 124.48
CA VAL Q 56 -18.70 -93.48 124.34
C VAL Q 56 -18.82 -93.87 122.87
N PRO Q 57 -18.62 -95.17 122.55
CA PRO Q 57 -18.65 -95.62 121.16
C PRO Q 57 -20.07 -95.72 120.52
N PHE Q 58 -20.80 -94.60 120.51
CA PHE Q 58 -22.14 -94.51 119.88
C PHE Q 58 -22.13 -94.70 118.35
N ASN Q 59 -23.27 -95.08 117.76
CA ASN Q 59 -23.39 -95.28 116.31
C ASN Q 59 -23.50 -93.97 115.60
N LYS Q 60 -22.54 -93.66 114.74
CA LYS Q 60 -22.33 -92.30 114.27
C LYS Q 60 -23.45 -91.74 113.35
N ASN Q 61 -24.35 -92.63 112.90
CA ASN Q 61 -25.48 -92.24 112.05
C ASN Q 61 -26.80 -92.04 112.83
N ASP Q 62 -26.75 -92.31 114.13
CA ASP Q 62 -27.94 -92.38 114.96
C ASP Q 62 -28.09 -91.15 115.85
N ASN Q 63 -28.92 -90.23 115.40
CA ASN Q 63 -29.30 -89.07 116.21
C ASN Q 63 -30.68 -89.26 116.88
N VAL Q 64 -31.22 -90.48 116.76
CA VAL Q 64 -32.58 -90.81 117.26
C VAL Q 64 -32.58 -91.32 118.72
N ASN Q 65 -31.75 -92.32 118.98
CA ASN Q 65 -31.66 -92.92 120.32
C ASN Q 65 -30.69 -92.15 121.24
N PRO Q 66 -30.89 -92.26 122.57
CA PRO Q 66 -29.91 -91.71 123.52
C PRO Q 66 -28.66 -92.56 123.70
N LEU Q 67 -27.64 -91.97 124.31
CA LEU Q 67 -26.40 -92.67 124.62
C LEU Q 67 -26.69 -93.90 125.49
N PRO Q 68 -26.02 -95.04 125.22
CA PRO Q 68 -24.87 -95.19 124.30
C PRO Q 68 -25.15 -95.61 122.85
N GLU Q 69 -26.40 -95.56 122.40
CA GLU Q 69 -26.73 -96.00 121.04
C GLU Q 69 -26.57 -94.93 119.98
N GLY Q 70 -27.11 -93.75 120.26
CA GLY Q 70 -27.07 -92.62 119.36
C GLY Q 70 -26.58 -91.43 120.15
N TYR Q 71 -26.65 -90.24 119.55
CA TYR Q 71 -26.20 -89.00 120.20
C TYR Q 71 -26.81 -87.83 119.46
N ARG Q 72 -27.04 -86.73 120.15
CA ARG Q 72 -27.60 -85.48 119.57
C ARG Q 72 -26.85 -84.97 118.34
N HIS Q 73 -25.52 -85.09 118.34
CA HIS Q 73 -24.73 -84.76 117.16
C HIS Q 73 -24.30 -86.03 116.44
N ALA Q 74 -25.07 -86.36 115.39
CA ALA Q 74 -24.83 -87.53 114.59
C ALA Q 74 -25.18 -87.17 113.15
N GLN Q 75 -24.76 -88.01 112.22
CA GLN Q 75 -24.88 -87.72 110.82
C GLN Q 75 -25.84 -88.75 110.23
N PRO Q 76 -27.14 -88.41 110.17
CA PRO Q 76 -28.25 -89.31 109.81
C PRO Q 76 -28.15 -90.01 108.44
N TYR Q 77 -27.31 -89.51 107.55
CA TYR Q 77 -27.28 -90.05 106.18
C TYR Q 77 -26.11 -90.98 105.87
N LEU Q 78 -25.40 -91.45 106.89
CA LEU Q 78 -24.17 -92.22 106.67
C LEU Q 78 -24.36 -93.57 105.95
N LYS Q 79 -25.37 -94.35 106.35
CA LYS Q 79 -25.67 -95.62 105.67
C LYS Q 79 -26.18 -95.43 104.22
N ASN Q 80 -26.94 -94.36 103.98
CA ASN Q 80 -27.36 -93.99 102.61
C ASN Q 80 -26.17 -93.77 101.68
N LEU Q 81 -25.18 -93.07 102.21
CA LEU Q 81 -24.01 -92.64 101.44
C LEU Q 81 -22.98 -93.77 101.24
N TRP Q 82 -22.91 -94.69 102.19
CA TRP Q 82 -22.05 -95.88 102.05
C TRP Q 82 -22.79 -97.18 101.68
N LEU Q 83 -23.92 -97.04 101.01
CA LEU Q 83 -24.71 -98.18 100.55
C LEU Q 83 -23.84 -99.07 99.66
N GLY Q 84 -23.81 -100.37 99.99
CA GLY Q 84 -23.07 -101.36 99.20
C GLY Q 84 -21.61 -101.52 99.62
N TYR Q 85 -21.27 -100.92 100.74
CA TYR Q 85 -19.93 -100.89 101.28
C TYR Q 85 -20.03 -101.22 102.77
N PRO Q 86 -19.05 -101.95 103.33
CA PRO Q 86 -19.09 -102.36 104.76
C PRO Q 86 -19.48 -101.30 105.78
N PHE Q 87 -19.19 -100.03 105.53
CA PHE Q 87 -19.50 -99.00 106.52
C PHE Q 87 -21.00 -98.85 106.76
N MET Q 88 -21.79 -99.36 105.81
CA MET Q 88 -23.23 -99.36 105.94
C MET Q 88 -23.75 -100.32 107.03
N TYR Q 89 -22.90 -101.28 107.45
CA TYR Q 89 -23.24 -102.20 108.56
C TYR Q 89 -23.04 -101.65 109.96
N GLU Q 90 -21.90 -101.02 110.20
CA GLU Q 90 -21.58 -100.50 111.52
C GLU Q 90 -20.41 -99.53 111.48
N TYR Q 91 -20.57 -98.40 112.17
CA TYR Q 91 -19.57 -97.33 112.25
C TYR Q 91 -19.84 -96.54 113.53
N ARG Q 92 -18.96 -96.73 114.51
CA ARG Q 92 -19.12 -96.12 115.83
C ARG Q 92 -18.05 -95.08 116.11
N GLU Q 93 -18.30 -94.21 117.07
CA GLU Q 93 -17.32 -93.23 117.55
C GLU Q 93 -16.07 -93.97 118.08
N ALA Q 94 -14.87 -93.51 117.69
CA ALA Q 94 -13.63 -94.14 118.18
C ALA Q 94 -13.38 -93.82 119.64
N ARG Q 95 -12.75 -94.74 120.36
CA ARG Q 95 -12.45 -94.55 121.76
C ARG Q 95 -11.03 -95.04 122.06
N GLY Q 96 -10.69 -95.20 123.35
CA GLY Q 96 -9.33 -95.52 123.81
C GLY Q 96 -8.64 -96.66 123.07
N HIS Q 97 -7.32 -96.53 122.91
CA HIS Q 97 -6.47 -97.55 122.26
C HIS Q 97 -6.55 -98.91 122.93
N THR Q 98 -6.78 -98.92 124.24
CA THR Q 98 -6.95 -100.18 124.98
C THR Q 98 -8.12 -101.08 124.45
N TYR Q 99 -9.05 -100.49 123.70
CA TYR Q 99 -10.22 -101.20 123.16
C TYR Q 99 -10.09 -101.60 121.71
N ALA Q 100 -8.95 -101.29 121.09
CA ALA Q 100 -8.83 -101.43 119.64
C ALA Q 100 -9.17 -102.82 119.05
N ILE Q 101 -8.59 -103.88 119.58
CA ILE Q 101 -8.89 -105.26 119.12
C ILE Q 101 -10.29 -105.70 119.55
N GLN Q 102 -10.63 -105.47 120.81
CA GLN Q 102 -11.99 -105.69 121.29
C GLN Q 102 -13.09 -105.12 120.35
N ASP Q 103 -12.96 -103.86 119.93
CA ASP Q 103 -13.93 -103.26 119.00
C ASP Q 103 -13.78 -103.80 117.58
N PHE Q 104 -12.54 -104.14 117.23
CA PHE Q 104 -12.24 -104.74 115.94
C PHE Q 104 -12.97 -106.10 115.85
N LEU Q 105 -12.86 -106.91 116.89
CA LEU Q 105 -13.45 -108.24 116.88
C LEU Q 105 -14.98 -108.26 117.10
N HIS Q 106 -15.56 -107.10 117.45
CA HIS Q 106 -17.02 -106.98 117.61
CA HIS Q 106 -17.01 -107.05 117.57
C HIS Q 106 -17.71 -106.30 116.41
N ILE Q 107 -16.94 -105.64 115.55
CA ILE Q 107 -17.51 -104.85 114.43
C ILE Q 107 -18.21 -105.74 113.38
N ASP Q 108 -19.29 -105.21 112.81
CA ASP Q 108 -20.15 -105.95 111.89
C ASP Q 108 -19.71 -105.80 110.44
N ARG Q 109 -18.73 -104.92 110.24
CA ARG Q 109 -18.17 -104.63 108.92
C ARG Q 109 -17.40 -105.83 108.36
N ILE Q 110 -16.74 -106.56 109.26
CA ILE Q 110 -16.12 -107.86 108.98
C ILE Q 110 -17.18 -108.95 109.17
N ASN Q 111 -17.29 -109.85 108.21
CA ASN Q 111 -18.30 -110.91 108.27
C ASN Q 111 -18.11 -111.93 109.39
N ARG Q 112 -19.14 -112.08 110.21
CA ARG Q 112 -19.14 -113.05 111.30
C ARG Q 112 -20.16 -114.20 111.07
N TYR Q 113 -20.67 -114.27 109.86
CA TYR Q 113 -21.70 -115.22 109.43
C TYR Q 113 -21.14 -116.07 108.30
N ALA Q 114 -19.83 -116.17 108.27
CA ALA Q 114 -19.07 -116.98 107.31
C ALA Q 114 -17.72 -117.21 107.98
N GLU Q 115 -16.93 -118.12 107.43
CA GLU Q 115 -15.59 -118.35 107.94
C GLU Q 115 -14.68 -117.18 107.56
N LYS Q 116 -14.75 -116.84 106.27
CA LYS Q 116 -14.12 -115.66 105.67
C LYS Q 116 -14.85 -114.36 106.04
N GLY Q 117 -14.14 -113.43 106.69
CA GLY Q 117 -14.66 -112.10 107.03
C GLY Q 117 -14.95 -111.19 105.83
N GLY Q 118 -14.46 -111.58 104.65
CA GLY Q 118 -14.66 -110.81 103.43
C GLY Q 118 -13.74 -109.61 103.25
N LEU Q 119 -12.78 -109.45 104.16
CA LEU Q 119 -11.85 -108.31 104.19
C LEU Q 119 -10.38 -108.78 104.33
N PRO Q 120 -9.42 -108.02 103.76
CA PRO Q 120 -8.01 -108.42 103.85
C PRO Q 120 -7.43 -108.40 105.27
N ALA Q 121 -6.34 -109.14 105.47
CA ALA Q 121 -5.61 -109.14 106.75
C ALA Q 121 -4.93 -107.79 107.01
N THR Q 122 -4.78 -106.97 105.97
CA THR Q 122 -4.34 -105.58 106.08
C THR Q 122 -5.15 -104.83 107.18
N CYS Q 123 -6.40 -105.22 107.41
CA CYS Q 123 -7.21 -104.64 108.50
C CYS Q 123 -6.61 -104.70 109.90
N TRP Q 124 -5.66 -105.60 110.13
CA TRP Q 124 -4.93 -105.65 111.40
C TRP Q 124 -3.77 -104.64 111.43
N ASN Q 125 -3.48 -104.00 110.30
CA ASN Q 125 -2.29 -103.11 110.19
C ASN Q 125 -2.12 -102.02 111.28
N CYS Q 126 -3.24 -101.44 111.70
CA CYS Q 126 -3.24 -100.39 112.69
C CYS Q 126 -3.94 -100.79 113.98
N LYS Q 127 -3.92 -102.10 114.27
CA LYS Q 127 -4.57 -102.61 115.48
C LYS Q 127 -3.63 -103.26 116.52
N THR Q 128 -2.43 -103.65 116.11
CA THR Q 128 -1.61 -104.52 116.95
C THR Q 128 -0.11 -104.53 116.59
N PRO Q 129 0.78 -104.63 117.62
CA PRO Q 129 2.20 -104.87 117.34
C PRO Q 129 2.49 -106.26 116.76
N LYS Q 130 1.51 -107.17 116.83
CA LYS Q 130 1.62 -108.51 116.23
C LYS Q 130 1.91 -108.46 114.73
N MET Q 131 1.58 -107.34 114.09
CA MET Q 131 1.86 -107.10 112.67
C MET Q 131 3.34 -107.32 112.24
N MET Q 132 4.25 -107.09 113.17
CA MET Q 132 5.66 -107.35 112.95
C MET Q 132 5.91 -108.86 112.80
N GLU Q 133 5.48 -109.66 113.78
CA GLU Q 133 5.51 -111.14 113.72
C GLU Q 133 4.95 -111.62 112.40
N TRP Q 134 3.73 -111.18 112.10
CA TRP Q 134 2.93 -111.71 111.01
C TRP Q 134 3.48 -111.42 109.61
N VAL Q 135 4.03 -110.23 109.42
CA VAL Q 135 4.68 -109.87 108.15
C VAL Q 135 6.07 -110.52 108.00
N LYS Q 136 6.80 -110.63 109.10
CA LYS Q 136 8.03 -111.43 109.11
C LYS Q 136 7.74 -112.88 108.67
N GLU Q 137 6.66 -113.47 109.20
CA GLU Q 137 6.20 -114.80 108.78
C GLU Q 137 5.78 -114.91 107.30
N SER Q 138 4.78 -114.12 106.87
CA SER Q 138 4.18 -114.31 105.54
C SER Q 138 4.68 -113.39 104.42
N GLY Q 139 5.40 -112.32 104.79
CA GLY Q 139 5.89 -111.33 103.81
C GLY Q 139 4.80 -110.58 103.05
N ASP Q 140 5.01 -110.42 101.75
CA ASP Q 140 4.05 -109.79 100.84
C ASP Q 140 2.71 -110.54 100.79
N GLY Q 141 2.75 -111.81 101.20
CA GLY Q 141 1.58 -112.68 101.17
C GLY Q 141 0.61 -112.46 102.32
N PHE Q 142 1.09 -111.78 103.37
CA PHE Q 142 0.25 -111.47 104.53
C PHE Q 142 -1.02 -110.72 104.14
N TRP Q 143 -0.85 -109.68 103.33
CA TRP Q 143 -1.87 -108.67 103.13
C TRP Q 143 -3.18 -109.25 102.59
N ALA Q 144 -3.08 -110.05 101.53
CA ALA Q 144 -4.27 -110.56 100.85
C ALA Q 144 -4.87 -111.81 101.50
N LYS Q 145 -4.37 -112.16 102.68
CA LYS Q 145 -5.03 -113.13 103.53
C LYS Q 145 -6.42 -112.59 104.00
N ASP Q 146 -7.25 -113.46 104.56
CA ASP Q 146 -8.52 -113.03 105.09
C ASP Q 146 -8.34 -112.56 106.54
N VAL Q 147 -9.01 -111.46 106.88
CA VAL Q 147 -8.94 -110.90 108.22
C VAL Q 147 -9.19 -111.96 109.32
N ASN Q 148 -10.09 -112.92 109.07
CA ASN Q 148 -10.50 -113.85 110.11
C ASN Q 148 -9.49 -114.94 110.50
N GLU Q 149 -8.50 -115.17 109.64
CA GLU Q 149 -7.43 -116.13 109.86
C GLU Q 149 -6.59 -115.85 111.10
N PHE Q 150 -6.63 -114.61 111.59
CA PHE Q 150 -5.82 -114.19 112.74
C PHE Q 150 -6.67 -113.87 113.96
N ARG Q 151 -7.99 -113.86 113.73
CA ARG Q 151 -9.01 -113.56 114.72
C ARG Q 151 -8.87 -114.28 116.07
N ASP Q 152 -8.25 -115.45 116.05
CA ASP Q 152 -8.05 -116.28 117.25
C ASP Q 152 -6.57 -116.37 117.70
N LYS Q 153 -5.68 -115.72 116.94
CA LYS Q 153 -4.23 -115.84 117.15
C LYS Q 153 -3.65 -114.60 117.88
N ILE Q 154 -4.44 -114.02 118.78
CA ILE Q 154 -4.10 -112.75 119.40
C ILE Q 154 -4.71 -112.60 120.79
N ASP Q 155 -3.94 -111.97 121.70
CA ASP Q 155 -4.44 -111.52 123.00
C ASP Q 155 -5.03 -110.10 122.91
N MET Q 156 -6.35 -110.03 123.06
CA MET Q 156 -7.15 -108.81 123.01
C MET Q 156 -6.64 -107.61 123.85
N LYS Q 157 -6.02 -107.90 124.99
CA LYS Q 157 -5.50 -106.83 125.85
C LYS Q 157 -3.98 -106.68 125.75
N ASP Q 158 -3.29 -107.81 125.61
CA ASP Q 158 -1.84 -107.82 125.64
C ASP Q 158 -1.19 -107.46 124.30
N HIS Q 159 -1.96 -107.58 123.22
CA HIS Q 159 -1.46 -107.27 121.89
C HIS Q 159 -2.23 -106.16 121.17
N THR Q 160 -3.01 -105.36 121.91
CA THR Q 160 -3.65 -104.17 121.32
C THR Q 160 -2.60 -103.07 121.24
N ILE Q 161 -2.85 -102.07 120.39
CA ILE Q 161 -2.07 -100.83 120.35
C ILE Q 161 -1.40 -100.58 121.70
N GLY Q 162 -0.08 -100.63 121.72
CA GLY Q 162 0.63 -100.42 122.97
C GLY Q 162 2.07 -100.09 122.71
N CYS Q 163 2.91 -100.35 123.70
CA CYS Q 163 4.26 -99.82 123.75
C CYS Q 163 5.12 -100.12 122.54
N ALA Q 164 5.18 -101.38 122.12
CA ALA Q 164 5.99 -101.79 120.96
C ALA Q 164 5.58 -101.08 119.66
N THR Q 165 4.37 -100.52 119.63
CA THR Q 165 3.87 -99.80 118.46
C THR Q 165 4.74 -98.56 118.16
N CYS Q 166 5.22 -97.89 119.21
CA CYS Q 166 5.88 -96.60 119.08
C CYS Q 166 7.28 -96.56 119.68
N HIS Q 167 7.64 -97.62 120.40
CA HIS Q 167 8.89 -97.65 121.16
C HIS Q 167 9.70 -98.90 120.87
N ASP Q 168 11.01 -98.75 120.78
CA ASP Q 168 11.90 -99.90 120.76
C ASP Q 168 11.95 -100.42 122.18
N PRO Q 169 11.56 -101.70 122.40
CA PRO Q 169 11.51 -102.33 123.73
C PRO Q 169 12.80 -102.22 124.57
N GLN Q 170 13.96 -102.26 123.91
CA GLN Q 170 15.26 -102.19 124.60
C GLN Q 170 15.66 -100.76 125.00
N THR Q 171 15.56 -99.80 124.07
CA THR Q 171 15.99 -98.43 124.36
C THR Q 171 14.88 -97.44 124.71
N MET Q 172 13.62 -97.82 124.42
CA MET Q 172 12.44 -96.94 124.54
C MET Q 172 12.45 -95.69 123.65
N GLU Q 173 13.41 -95.63 122.72
CA GLU Q 173 13.45 -94.60 121.69
C GLU Q 173 12.26 -94.78 120.78
N LEU Q 174 11.66 -93.66 120.37
CA LEU Q 174 10.53 -93.67 119.45
C LEU Q 174 10.95 -94.28 118.13
N ARG Q 175 9.98 -94.90 117.45
CA ARG Q 175 10.23 -95.89 116.44
C ARG Q 175 9.06 -95.89 115.50
N ILE Q 176 9.31 -95.97 114.22
CA ILE Q 176 8.23 -96.21 113.28
C ILE Q 176 8.23 -97.66 112.83
N THR Q 177 7.16 -98.37 113.20
CA THR Q 177 6.98 -99.79 112.91
C THR Q 177 6.07 -99.98 111.67
N SER Q 178 5.35 -98.91 111.32
CA SER Q 178 4.47 -98.90 110.17
C SER Q 178 5.14 -99.19 108.83
N VAL Q 179 4.67 -100.23 108.15
CA VAL Q 179 5.07 -100.51 106.77
C VAL Q 179 4.67 -99.38 105.80
N PRO Q 180 3.38 -98.95 105.76
CA PRO Q 180 3.07 -97.85 104.81
C PRO Q 180 3.67 -96.48 105.09
N LEU Q 181 3.84 -96.11 106.36
CA LEU Q 181 4.50 -94.85 106.69
C LEU Q 181 5.99 -94.89 106.33
N THR Q 182 6.64 -96.01 106.60
CA THR Q 182 8.04 -96.22 106.19
C THR Q 182 8.22 -96.07 104.68
N ASP Q 183 7.35 -96.70 103.90
CA ASP Q 183 7.41 -96.60 102.45
C ASP Q 183 7.31 -95.13 101.98
N TYR Q 184 6.39 -94.37 102.57
CA TYR Q 184 6.28 -92.95 102.28
C TYR Q 184 7.56 -92.17 102.64
N LEU Q 185 8.08 -92.42 103.85
CA LEU Q 185 9.26 -91.71 104.32
C LEU Q 185 10.45 -91.94 103.43
N VAL Q 186 10.64 -93.19 103.00
CA VAL Q 186 11.69 -93.57 102.03
C VAL Q 186 11.51 -92.90 100.67
N SER Q 187 10.27 -92.79 100.20
CA SER Q 187 9.93 -92.11 98.92
C SER Q 187 10.25 -90.60 98.92
N GLN Q 188 10.39 -90.05 100.13
CA GLN Q 188 10.78 -88.64 100.36
C GLN Q 188 12.26 -88.53 100.69
N GLY Q 189 12.96 -89.66 100.62
CA GLY Q 189 14.39 -89.76 100.89
C GLY Q 189 14.79 -89.58 102.34
N LYS Q 190 13.83 -89.73 103.27
CA LYS Q 190 14.09 -89.61 104.71
C LYS Q 190 14.37 -90.96 105.36
N ASP Q 191 15.26 -90.98 106.37
CA ASP Q 191 15.59 -92.19 107.12
C ASP Q 191 14.73 -92.25 108.38
N PRO Q 192 13.76 -93.20 108.43
CA PRO Q 192 12.85 -93.34 109.57
C PRO Q 192 13.55 -93.54 110.92
N LYS Q 193 14.83 -93.92 110.88
CA LYS Q 193 15.61 -94.19 112.10
C LYS Q 193 16.39 -92.96 112.55
N LYS Q 194 16.42 -91.92 111.73
CA LYS Q 194 17.17 -90.70 112.02
C LYS Q 194 16.33 -89.44 111.77
N LEU Q 195 15.12 -89.41 112.31
CA LEU Q 195 14.27 -88.23 112.21
C LEU Q 195 14.31 -87.47 113.53
N PRO Q 196 14.17 -86.13 113.47
CA PRO Q 196 14.21 -85.28 114.67
C PRO Q 196 13.08 -85.58 115.66
N ARG Q 197 13.35 -85.35 116.95
CA ARG Q 197 12.33 -85.44 118.00
C ARG Q 197 11.00 -84.81 117.62
N ASN Q 198 11.00 -83.53 117.23
CA ASN Q 198 9.74 -82.84 116.95
C ASN Q 198 8.88 -83.43 115.82
N GLU Q 199 9.52 -83.99 114.79
CA GLU Q 199 8.82 -84.72 113.73
C GLU Q 199 8.23 -86.04 114.22
N MET Q 200 8.99 -86.75 115.05
CA MET Q 200 8.59 -88.06 115.54
C MET Q 200 7.39 -87.97 116.47
N ARG Q 201 7.27 -86.84 117.15
CA ARG Q 201 6.16 -86.57 118.04
C ARG Q 201 4.81 -86.36 117.29
N ALA Q 202 4.83 -86.28 115.96
CA ALA Q 202 3.59 -86.37 115.20
C ALA Q 202 3.55 -87.59 114.28
N LEU Q 203 4.70 -88.01 113.77
CA LEU Q 203 4.79 -89.20 112.89
C LEU Q 203 4.37 -90.53 113.52
N VAL Q 204 4.58 -90.70 114.84
CA VAL Q 204 4.08 -91.91 115.53
C VAL Q 204 2.55 -92.06 115.46
N CYS Q 205 1.83 -90.94 115.36
CA CYS Q 205 0.37 -90.96 115.27
C CYS Q 205 -0.03 -91.15 113.82
N GLY Q 206 0.79 -90.58 112.94
CA GLY Q 206 0.69 -90.74 111.48
C GLY Q 206 0.93 -92.13 110.93
N GLN Q 207 1.34 -93.08 111.78
CA GLN Q 207 1.36 -94.47 111.37
C GLN Q 207 -0.08 -94.97 111.14
N CYS Q 208 -1.07 -94.38 111.83
CA CYS Q 208 -2.45 -94.92 111.78
C CYS Q 208 -3.54 -93.90 111.47
N HIS Q 209 -3.32 -92.66 111.93
CA HIS Q 209 -4.33 -91.60 111.86
C HIS Q 209 -4.26 -90.83 110.56
N VAL Q 210 -4.44 -91.56 109.47
CA VAL Q 210 -4.19 -91.10 108.12
C VAL Q 210 -5.21 -91.70 107.15
N GLU Q 211 -5.31 -91.12 105.97
CA GLU Q 211 -6.08 -91.70 104.88
C GLU Q 211 -5.22 -92.74 104.16
N TYR Q 212 -5.83 -93.87 103.82
CA TYR Q 212 -5.09 -94.98 103.28
C TYR Q 212 -5.96 -95.63 102.20
N TYR Q 213 -5.36 -96.50 101.42
CA TYR Q 213 -6.10 -97.40 100.55
C TYR Q 213 -5.33 -98.72 100.45
N PHE Q 214 -5.99 -99.76 99.94
CA PHE Q 214 -5.34 -101.05 99.66
C PHE Q 214 -5.14 -101.17 98.16
N ASN Q 215 -4.01 -101.75 97.77
CA ASN Q 215 -3.74 -102.03 96.36
C ASN Q 215 -4.70 -103.07 95.86
N GLY Q 216 -5.13 -102.93 94.61
CA GLY Q 216 -5.80 -104.00 93.88
C GLY Q 216 -4.72 -104.90 93.27
N PRO Q 217 -5.13 -106.00 92.61
CA PRO Q 217 -4.21 -107.06 92.22
C PRO Q 217 -3.22 -106.67 91.12
N THR Q 218 -3.46 -105.54 90.45
CA THR Q 218 -2.60 -105.05 89.38
C THR Q 218 -1.93 -103.70 89.70
N MET Q 219 -1.90 -103.32 90.98
CA MET Q 219 -1.35 -102.04 91.40
C MET Q 219 0.00 -102.20 92.11
N GLY Q 220 0.37 -103.45 92.35
CA GLY Q 220 1.56 -103.77 93.11
C GLY Q 220 1.23 -105.00 93.91
N VAL Q 221 1.78 -105.06 95.11
CA VAL Q 221 1.45 -106.11 96.05
C VAL Q 221 -0.03 -106.01 96.44
N ASN Q 222 -0.82 -106.98 95.99
CA ASN Q 222 -2.25 -107.07 96.28
C ASN Q 222 -2.59 -106.85 97.77
N LYS Q 223 -3.50 -105.89 97.99
CA LYS Q 223 -4.05 -105.52 99.31
C LYS Q 223 -3.07 -104.86 100.28
N LYS Q 224 -1.86 -104.56 99.82
CA LYS Q 224 -0.88 -103.80 100.62
C LYS Q 224 -1.38 -102.35 100.85
N PRO Q 225 -1.25 -101.83 102.09
CA PRO Q 225 -1.69 -100.46 102.36
C PRO Q 225 -0.74 -99.37 101.85
N VAL Q 226 -1.33 -98.35 101.26
CA VAL Q 226 -0.59 -97.22 100.66
C VAL Q 226 -1.26 -95.92 101.12
N PHE Q 227 -0.45 -94.94 101.53
CA PHE Q 227 -0.95 -93.59 101.87
C PHE Q 227 -0.92 -92.72 100.62
N PRO Q 228 -2.09 -92.22 100.17
CA PRO Q 228 -2.19 -91.52 98.88
C PRO Q 228 -1.63 -90.09 98.94
N TRP Q 229 -0.34 -89.99 99.26
CA TRP Q 229 0.32 -88.74 99.70
C TRP Q 229 1.26 -88.06 98.67
N ALA Q 230 1.52 -88.69 97.54
CA ALA Q 230 2.50 -88.23 96.52
C ALA Q 230 2.24 -86.88 95.84
N GLU Q 231 1.00 -86.38 95.93
CA GLU Q 231 0.60 -85.13 95.27
C GLU Q 231 0.43 -84.04 96.31
N GLY Q 232 0.49 -84.44 97.57
CA GLY Q 232 0.25 -83.54 98.70
C GLY Q 232 -0.84 -84.05 99.63
N PHE Q 233 -1.10 -83.25 100.67
CA PHE Q 233 -1.92 -83.66 101.82
C PHE Q 233 -3.38 -83.21 101.75
N ASP Q 234 -3.66 -82.23 100.88
CA ASP Q 234 -4.97 -81.61 100.73
C ASP Q 234 -5.94 -82.49 99.92
N PRO Q 235 -7.26 -82.40 100.18
CA PRO Q 235 -8.29 -83.16 99.45
C PRO Q 235 -8.16 -83.14 97.91
N ALA Q 236 -7.81 -81.98 97.34
CA ALA Q 236 -7.65 -81.89 95.91
C ALA Q 236 -6.43 -82.72 95.45
N ASP Q 237 -5.42 -82.79 96.31
CA ASP Q 237 -4.16 -83.49 96.03
C ASP Q 237 -4.38 -85.00 96.00
N MET Q 238 -5.02 -85.52 97.05
CA MET Q 238 -5.33 -86.94 97.16
C MET Q 238 -6.30 -87.36 96.08
N TYR Q 239 -7.20 -86.44 95.72
CA TYR Q 239 -8.18 -86.74 94.67
C TYR Q 239 -7.50 -86.86 93.30
N ARG Q 240 -6.51 -86.00 93.05
CA ARG Q 240 -5.67 -86.08 91.87
C ARG Q 240 -4.87 -87.40 91.85
N TYR Q 241 -4.32 -87.80 92.99
CA TYR Q 241 -3.62 -89.07 93.12
C TYR Q 241 -4.50 -90.25 92.72
N TYR Q 242 -5.77 -90.22 93.14
CA TYR Q 242 -6.75 -91.28 92.87
C TYR Q 242 -7.26 -91.30 91.43
N ASP Q 243 -6.94 -90.26 90.66
CA ASP Q 243 -7.23 -90.21 89.22
C ASP Q 243 -6.13 -90.93 88.42
N LYS Q 244 -4.94 -91.01 89.00
CA LYS Q 244 -3.73 -91.43 88.29
C LYS Q 244 -3.25 -92.79 88.73
N HIS Q 245 -3.68 -93.22 89.91
CA HIS Q 245 -3.43 -94.56 90.45
C HIS Q 245 -4.76 -95.27 90.66
N GLY Q 246 -4.88 -96.49 90.14
CA GLY Q 246 -6.14 -97.22 90.21
C GLY Q 246 -6.22 -98.22 89.08
N ASP Q 247 -7.38 -98.87 88.94
CA ASP Q 247 -7.55 -100.03 88.06
C ASP Q 247 -8.97 -100.20 87.52
N LEU Q 248 -9.73 -99.11 87.44
CA LEU Q 248 -11.09 -99.18 86.91
C LEU Q 248 -11.10 -99.35 85.40
N GLN Q 249 -12.01 -100.21 84.93
CA GLN Q 249 -12.24 -100.44 83.50
C GLN Q 249 -13.35 -99.53 83.01
N VAL Q 250 -14.15 -99.07 83.98
CA VAL Q 250 -15.33 -98.23 83.73
C VAL Q 250 -15.03 -97.04 82.82
N LYS Q 251 -15.82 -96.93 81.74
CA LYS Q 251 -15.74 -95.83 80.78
C LYS Q 251 -15.92 -94.50 81.48
N GLY Q 252 -15.00 -93.57 81.22
CA GLY Q 252 -14.99 -92.27 81.88
C GLY Q 252 -14.05 -92.24 83.08
N PHE Q 253 -13.82 -93.42 83.67
CA PHE Q 253 -13.05 -93.54 84.90
C PHE Q 253 -11.86 -94.48 84.76
N GLU Q 254 -11.39 -94.69 83.53
CA GLU Q 254 -10.32 -95.67 83.24
C GLU Q 254 -9.05 -95.32 83.97
N GLY Q 255 -8.52 -96.29 84.73
CA GLY Q 255 -7.30 -96.09 85.53
C GLY Q 255 -7.46 -95.37 86.86
N LYS Q 256 -8.69 -94.99 87.20
CA LYS Q 256 -8.97 -94.32 88.49
C LYS Q 256 -9.23 -95.36 89.59
N PHE Q 257 -9.16 -94.91 90.83
CA PHE Q 257 -9.32 -95.78 91.96
C PHE Q 257 -10.75 -95.67 92.47
N ALA Q 258 -11.28 -96.78 92.95
CA ALA Q 258 -12.60 -96.82 93.57
C ALA Q 258 -12.58 -97.88 94.64
N ASP Q 259 -13.00 -97.52 95.84
CA ASP Q 259 -13.16 -98.48 96.94
C ASP Q 259 -14.44 -99.31 96.76
N TRP Q 260 -15.48 -98.69 96.18
CA TRP Q 260 -16.68 -99.44 95.76
C TRP Q 260 -17.46 -98.66 94.74
N THR Q 261 -18.47 -99.30 94.15
CA THR Q 261 -19.40 -98.63 93.25
C THR Q 261 -20.74 -98.52 93.98
N HIS Q 262 -21.28 -97.30 94.10
CA HIS Q 262 -22.62 -97.09 94.71
C HIS Q 262 -23.74 -97.76 93.89
N PRO Q 263 -24.43 -98.75 94.50
CA PRO Q 263 -25.53 -99.53 93.93
C PRO Q 263 -26.66 -98.72 93.30
N ALA Q 264 -27.06 -97.60 93.93
CA ALA Q 264 -28.19 -96.80 93.44
C ALA Q 264 -27.82 -95.86 92.30
N SER Q 265 -26.74 -95.11 92.47
CA SER Q 265 -26.25 -94.20 91.41
C SER Q 265 -25.32 -94.84 90.35
N LYS Q 266 -24.69 -95.97 90.67
CA LYS Q 266 -23.68 -96.62 89.80
C LYS Q 266 -22.35 -95.82 89.73
N THR Q 267 -22.09 -95.02 90.76
CA THR Q 267 -20.88 -94.21 90.82
C THR Q 267 -19.74 -94.98 91.46
N PRO Q 268 -18.56 -95.04 90.79
CA PRO Q 268 -17.31 -95.51 91.41
C PRO Q 268 -16.79 -94.53 92.46
N MET Q 269 -16.71 -94.98 93.72
CA MET Q 269 -16.54 -94.10 94.88
C MET Q 269 -15.21 -94.32 95.62
N ILE Q 270 -14.69 -93.27 96.26
CA ILE Q 270 -13.53 -93.40 97.15
C ILE Q 270 -14.01 -93.15 98.56
N LYS Q 271 -13.54 -93.97 99.49
CA LYS Q 271 -13.85 -93.80 100.91
C LYS Q 271 -12.64 -93.19 101.62
N ALA Q 272 -12.84 -92.06 102.31
CA ALA Q 272 -11.79 -91.48 103.16
C ALA Q 272 -11.82 -92.09 104.56
N GLN Q 273 -10.67 -92.05 105.23
CA GLN Q 273 -10.59 -92.52 106.59
C GLN Q 273 -9.75 -91.53 107.36
N HIS Q 274 -10.26 -91.14 108.54
CA HIS Q 274 -9.51 -90.41 109.56
C HIS Q 274 -8.18 -89.76 109.12
N PRO Q 275 -8.26 -88.69 108.28
CA PRO Q 275 -7.03 -88.03 107.84
C PRO Q 275 -6.53 -86.98 108.83
N GLU Q 276 -6.28 -87.38 110.07
CA GLU Q 276 -5.85 -86.43 111.10
C GLU Q 276 -4.49 -85.84 110.79
N TYR Q 277 -3.53 -86.70 110.40
CA TYR Q 277 -2.18 -86.24 110.08
C TYR Q 277 -2.18 -85.20 108.96
N GLU Q 278 -2.89 -85.51 107.89
CA GLU Q 278 -2.94 -84.67 106.69
C GLU Q 278 -3.72 -83.37 106.91
N THR Q 279 -4.65 -83.40 107.85
CA THR Q 279 -5.39 -82.21 108.22
C THR Q 279 -4.51 -81.32 109.13
N TRP Q 280 -3.91 -81.93 110.15
CA TRP Q 280 -3.06 -81.23 111.11
C TRP Q 280 -1.85 -80.50 110.49
N ILE Q 281 -1.20 -81.14 109.50
CA ILE Q 281 0.14 -80.75 109.06
C ILE Q 281 0.29 -79.31 108.54
N ASN Q 282 -0.75 -78.78 107.89
CA ASN Q 282 -0.77 -77.41 107.39
C ASN Q 282 -1.89 -76.54 107.99
N GLY Q 283 -2.40 -76.96 109.16
CA GLY Q 283 -3.34 -76.17 109.96
C GLY Q 283 -2.56 -75.27 110.91
N THR Q 284 -3.23 -74.36 111.60
CA THR Q 284 -2.49 -73.36 112.36
C THR Q 284 -1.53 -73.92 113.43
N HIS Q 285 -1.87 -75.02 114.08
CA HIS Q 285 -0.95 -75.64 115.04
C HIS Q 285 0.15 -76.44 114.34
N GLY Q 286 -0.26 -77.32 113.43
CA GLY Q 286 0.66 -78.12 112.63
C GLY Q 286 1.76 -77.36 111.90
N ALA Q 287 1.40 -76.32 111.15
CA ALA Q 287 2.38 -75.56 110.38
C ALA Q 287 3.39 -74.83 111.28
N ALA Q 288 2.97 -74.57 112.51
CA ALA Q 288 3.77 -73.95 113.54
C ALA Q 288 4.59 -74.98 114.31
N GLY Q 289 4.54 -76.25 113.91
CA GLY Q 289 5.28 -77.34 114.57
C GLY Q 289 4.74 -77.76 115.93
N VAL Q 290 3.47 -77.46 116.18
CA VAL Q 290 2.77 -77.90 117.37
C VAL Q 290 2.16 -79.26 117.07
N THR Q 291 2.61 -80.24 117.84
CA THR Q 291 2.57 -81.66 117.51
C THR Q 291 1.40 -82.33 118.21
N CYS Q 292 0.97 -83.48 117.67
CA CYS Q 292 0.01 -84.37 118.35
C CYS Q 292 0.33 -84.53 119.83
N ALA Q 293 1.55 -84.97 120.12
CA ALA Q 293 2.09 -85.04 121.48
C ALA Q 293 1.90 -83.77 122.30
N ASP Q 294 1.96 -82.59 121.67
CA ASP Q 294 1.86 -81.34 122.40
C ASP Q 294 0.51 -81.20 123.12
N CYS Q 295 -0.58 -81.57 122.44
CA CYS Q 295 -1.93 -81.51 123.03
C CYS Q 295 -2.48 -82.82 123.62
N HIS Q 296 -2.10 -83.94 123.03
CA HIS Q 296 -2.65 -85.24 123.44
C HIS Q 296 -1.71 -86.04 124.38
N MET Q 297 -0.51 -85.54 124.62
CA MET Q 297 0.48 -86.26 125.43
C MET Q 297 1.29 -85.28 126.25
N SER Q 298 0.61 -84.32 126.86
CA SER Q 298 1.31 -83.25 127.57
C SER Q 298 1.97 -83.73 128.86
N TYR Q 299 2.99 -82.99 129.30
CA TYR Q 299 3.71 -83.37 130.48
C TYR Q 299 2.87 -83.20 131.74
N THR Q 300 2.86 -84.24 132.57
CA THR Q 300 2.03 -84.25 133.77
C THR Q 300 2.85 -84.65 134.99
N ARG Q 301 2.87 -83.79 136.00
CA ARG Q 301 3.52 -84.08 137.27
C ARG Q 301 2.60 -84.86 138.19
N SER Q 302 2.60 -86.18 138.05
CA SER Q 302 1.43 -87.00 138.43
C SER Q 302 1.38 -87.56 139.87
N ASP Q 303 2.24 -88.53 140.18
CA ASP Q 303 2.16 -89.25 141.48
C ASP Q 303 3.46 -89.21 142.33
N ASP Q 304 4.39 -88.35 141.91
CA ASP Q 304 5.66 -88.08 142.60
C ASP Q 304 5.69 -86.57 142.38
N LYS Q 305 6.84 -86.02 142.00
CA LYS Q 305 6.95 -84.70 141.42
C LYS Q 305 7.85 -84.95 140.22
N LYS Q 306 7.28 -85.49 139.15
CA LYS Q 306 8.06 -86.34 138.24
C LYS Q 306 7.87 -86.23 136.73
N LYS Q 307 7.31 -85.13 136.23
CA LYS Q 307 6.71 -85.13 134.87
C LYS Q 307 7.05 -86.25 133.86
N ILE Q 308 5.99 -86.90 133.39
CA ILE Q 308 6.03 -87.90 132.33
C ILE Q 308 5.04 -87.41 131.27
N SER Q 309 5.14 -87.95 130.06
CA SER Q 309 4.12 -87.72 129.04
C SER Q 309 2.84 -88.51 129.35
N SER Q 310 1.73 -87.80 129.53
CA SER Q 310 0.44 -88.48 129.56
C SER Q 310 0.31 -89.43 128.36
N HIS Q 311 0.03 -90.70 128.63
CA HIS Q 311 -0.26 -91.70 127.60
C HIS Q 311 -1.74 -92.02 127.59
N TRP Q 312 -2.53 -91.02 127.94
CA TRP Q 312 -3.97 -91.12 127.83
C TRP Q 312 -4.35 -90.29 126.60
N TRP Q 313 -4.60 -90.99 125.50
CA TRP Q 313 -4.87 -90.37 124.22
C TRP Q 313 -6.36 -90.23 124.06
N THR Q 314 -6.81 -89.00 124.30
CA THR Q 314 -8.22 -88.73 124.37
C THR Q 314 -8.50 -87.27 123.95
N SER Q 315 -9.74 -86.81 124.07
CA SER Q 315 -10.05 -85.42 123.76
C SER Q 315 -9.44 -84.52 124.84
N PRO Q 316 -8.70 -83.48 124.43
CA PRO Q 316 -8.22 -82.41 125.34
C PRO Q 316 -9.33 -81.61 126.05
N MET Q 317 -10.56 -81.67 125.52
CA MET Q 317 -11.69 -80.90 126.07
C MET Q 317 -12.27 -81.54 127.33
N LYS Q 318 -11.75 -82.73 127.68
CA LYS Q 318 -12.17 -83.45 128.87
C LYS Q 318 -11.64 -82.80 130.14
N ASP Q 319 -10.46 -82.18 130.06
CA ASP Q 319 -9.88 -81.41 131.16
C ASP Q 319 -10.60 -80.06 131.39
N PRO Q 320 -11.26 -79.90 132.57
CA PRO Q 320 -11.96 -78.63 132.84
C PRO Q 320 -10.98 -77.47 132.95
N GLU Q 321 -9.73 -77.80 133.27
CA GLU Q 321 -8.68 -76.81 133.47
C GLU Q 321 -7.81 -76.56 132.22
N MET Q 322 -8.10 -77.29 131.13
CA MET Q 322 -7.39 -77.19 129.84
C MET Q 322 -5.86 -77.05 129.99
N ARG Q 323 -5.28 -77.83 130.90
CA ARG Q 323 -3.85 -77.77 131.22
C ARG Q 323 -2.88 -77.95 130.06
N ALA Q 324 -3.19 -78.84 129.13
CA ALA Q 324 -2.33 -79.08 127.97
C ALA Q 324 -2.27 -77.85 127.05
N CYS Q 325 -3.40 -77.15 126.94
CA CYS Q 325 -3.49 -75.91 126.16
C CYS Q 325 -2.75 -74.76 126.81
N ARG Q 326 -2.86 -74.65 128.13
CA ARG Q 326 -2.36 -73.50 128.86
C ARG Q 326 -0.86 -73.56 129.15
N GLN Q 327 -0.22 -74.66 128.75
CA GLN Q 327 1.24 -74.76 128.72
C GLN Q 327 1.80 -73.69 127.78
N CYS Q 328 1.04 -73.41 126.72
CA CYS Q 328 1.37 -72.31 125.81
C CYS Q 328 0.49 -71.09 126.01
N HIS Q 329 -0.84 -71.30 125.92
CA HIS Q 329 -1.85 -70.26 126.13
C HIS Q 329 -2.08 -69.95 127.60
N SER Q 330 -1.01 -69.66 128.34
CA SER Q 330 -1.11 -69.41 129.77
C SER Q 330 -1.87 -68.13 130.13
N ASP Q 331 -2.19 -67.31 129.13
CA ASP Q 331 -2.88 -66.03 129.35
C ASP Q 331 -4.38 -66.13 129.08
N LYS Q 332 -4.85 -67.32 128.72
CA LYS Q 332 -6.25 -67.52 128.39
C LYS Q 332 -6.90 -68.38 129.44
N THR Q 333 -8.21 -68.20 129.64
CA THR Q 333 -8.96 -69.04 130.57
C THR Q 333 -9.37 -70.33 129.86
N PRO Q 334 -9.57 -71.43 130.61
CA PRO Q 334 -10.12 -72.67 130.05
C PRO Q 334 -11.41 -72.47 129.25
N ASP Q 335 -12.37 -71.74 129.83
CA ASP Q 335 -13.63 -71.42 129.19
C ASP Q 335 -13.46 -70.64 127.90
N TYR Q 336 -12.49 -69.72 127.86
CA TYR Q 336 -12.17 -68.99 126.63
C TYR Q 336 -11.69 -69.95 125.54
N LEU Q 337 -10.77 -70.85 125.92
CA LEU Q 337 -10.18 -71.81 125.00
C LEU Q 337 -11.26 -72.77 124.47
N LYS Q 338 -12.19 -73.16 125.35
CA LYS Q 338 -13.28 -74.06 124.92
C LYS Q 338 -14.25 -73.44 123.92
N SER Q 339 -14.50 -72.13 124.05
CA SER Q 339 -15.42 -71.41 123.16
C SER Q 339 -14.82 -71.18 121.77
N ARG Q 340 -13.49 -71.05 121.72
CA ARG Q 340 -12.80 -70.92 120.43
C ARG Q 340 -12.78 -72.25 119.66
N VAL Q 341 -12.70 -73.36 120.40
CA VAL Q 341 -12.83 -74.73 119.79
C VAL Q 341 -14.23 -74.95 119.20
N LEU Q 342 -15.24 -74.50 119.94
CA LEU Q 342 -16.64 -74.68 119.56
C LEU Q 342 -17.07 -73.75 118.44
N PHE Q 343 -16.41 -72.59 118.36
CA PHE Q 343 -16.58 -71.59 117.28
C PHE Q 343 -16.32 -72.25 115.91
N THR Q 344 -15.25 -73.03 115.83
CA THR Q 344 -14.93 -73.82 114.63
C THR Q 344 -15.83 -75.06 114.50
N GLN Q 345 -15.91 -75.85 115.57
CA GLN Q 345 -16.51 -77.18 115.50
C GLN Q 345 -17.98 -77.09 115.13
N LYS Q 346 -18.69 -76.15 115.73
CA LYS Q 346 -20.13 -76.00 115.51
C LYS Q 346 -20.42 -75.67 114.05
N ARG Q 347 -19.71 -74.70 113.50
CA ARG Q 347 -19.88 -74.31 112.10
C ARG Q 347 -19.53 -75.45 111.17
N THR Q 348 -18.50 -76.21 111.51
CA THR Q 348 -18.05 -77.33 110.69
C THR Q 348 -19.10 -78.44 110.65
N PHE Q 349 -19.59 -78.82 111.82
CA PHE Q 349 -20.61 -79.85 111.91
C PHE Q 349 -21.87 -79.49 111.15
N ASP Q 350 -22.27 -78.22 111.24
CA ASP Q 350 -23.50 -77.74 110.62
C ASP Q 350 -23.43 -77.81 109.11
N LEU Q 351 -22.29 -77.37 108.57
CA LEU Q 351 -22.01 -77.38 107.14
C LEU Q 351 -21.79 -78.81 106.63
N LEU Q 352 -21.24 -79.67 107.47
CA LEU Q 352 -21.05 -81.07 107.09
C LEU Q 352 -22.39 -81.79 106.80
N LEU Q 353 -23.39 -81.56 107.65
CA LEU Q 353 -24.70 -82.17 107.48
C LEU Q 353 -25.40 -81.66 106.23
N ALA Q 354 -25.21 -80.38 105.90
CA ALA Q 354 -25.71 -79.81 104.65
C ALA Q 354 -24.99 -80.37 103.41
N ALA Q 355 -23.67 -80.52 103.51
CA ALA Q 355 -22.90 -81.21 102.46
C ALA Q 355 -23.35 -82.67 102.28
N GLN Q 356 -23.63 -83.39 103.36
CA GLN Q 356 -24.13 -84.77 103.23
C GLN Q 356 -25.52 -84.90 102.57
N GLU Q 357 -26.40 -83.90 102.79
CA GLU Q 357 -27.75 -83.88 102.22
C GLU Q 357 -27.78 -83.65 100.72
N VAL Q 358 -26.97 -82.70 100.26
CA VAL Q 358 -26.88 -82.44 98.84
C VAL Q 358 -26.14 -83.59 98.13
N SER Q 359 -25.29 -84.31 98.87
CA SER Q 359 -24.69 -85.57 98.36
C SER Q 359 -25.76 -86.65 98.16
N VAL Q 360 -26.57 -86.89 99.19
CA VAL Q 360 -27.70 -87.81 99.05
C VAL Q 360 -28.60 -87.49 97.85
N LYS Q 361 -28.85 -86.19 97.61
CA LYS Q 361 -29.69 -85.72 96.52
C LYS Q 361 -29.00 -85.86 95.18
N ALA Q 362 -27.66 -85.80 95.19
CA ALA Q 362 -26.85 -86.03 94.01
C ALA Q 362 -26.92 -87.50 93.57
N HIS Q 363 -26.75 -88.43 94.52
CA HIS Q 363 -26.87 -89.86 94.26
C HIS Q 363 -28.25 -90.25 93.72
N GLU Q 364 -29.29 -89.61 94.27
CA GLU Q 364 -30.68 -89.82 93.88
C GLU Q 364 -30.99 -89.22 92.50
N ALA Q 365 -30.41 -88.06 92.19
CA ALA Q 365 -30.58 -87.47 90.86
C ALA Q 365 -29.91 -88.31 89.76
N VAL Q 366 -28.74 -88.86 90.08
CA VAL Q 366 -28.05 -89.76 89.14
C VAL Q 366 -28.85 -91.08 88.99
N ARG Q 367 -29.34 -91.61 90.11
CA ARG Q 367 -30.20 -92.78 90.07
C ARG Q 367 -31.42 -92.54 89.17
N LEU Q 368 -32.07 -91.39 89.34
CA LEU Q 368 -33.25 -91.07 88.54
C LEU Q 368 -32.95 -90.96 87.04
N ALA Q 369 -31.83 -90.30 86.71
CA ALA Q 369 -31.37 -90.15 85.32
C ALA Q 369 -30.94 -91.47 84.67
N ASN Q 370 -30.18 -92.26 85.40
CA ASN Q 370 -29.86 -93.65 85.04
C ASN Q 370 -31.06 -94.47 84.58
N GLU Q 371 -32.18 -94.35 85.29
CA GLU Q 371 -33.36 -95.18 85.06
C GLU Q 371 -34.47 -94.49 84.26
N TYR Q 372 -34.15 -93.32 83.68
CA TYR Q 372 -35.14 -92.41 83.12
C TYR Q 372 -35.66 -92.90 81.77
N GLN Q 373 -36.96 -92.80 81.59
CA GLN Q 373 -37.67 -93.40 80.45
C GLN Q 373 -38.08 -92.37 79.38
N GLY Q 374 -37.91 -91.08 79.68
CA GLY Q 374 -38.33 -90.02 78.78
C GLY Q 374 -37.24 -89.67 77.78
N ALA Q 375 -37.49 -88.65 76.97
CA ALA Q 375 -36.51 -88.16 76.00
C ALA Q 375 -35.27 -87.65 76.71
N LYS Q 376 -34.12 -88.11 76.25
CA LYS Q 376 -32.86 -87.74 76.86
C LYS Q 376 -32.12 -86.71 76.00
N ALA Q 377 -31.19 -85.97 76.63
CA ALA Q 377 -30.37 -85.01 75.92
C ALA Q 377 -29.46 -85.73 74.91
N ALA Q 378 -29.01 -85.02 73.88
CA ALA Q 378 -28.17 -85.65 72.87
C ALA Q 378 -26.88 -86.24 73.49
N GLY Q 379 -26.22 -85.44 74.33
CA GLY Q 379 -25.00 -85.88 74.99
C GLY Q 379 -25.25 -86.56 76.32
N TYR Q 380 -26.33 -87.33 76.40
CA TYR Q 380 -26.76 -87.98 77.65
C TYR Q 380 -25.68 -88.88 78.27
N ASP Q 381 -25.00 -89.67 77.43
CA ASP Q 381 -23.99 -90.63 77.85
C ASP Q 381 -22.80 -89.91 78.51
N ASP Q 382 -22.31 -88.86 77.87
CA ASP Q 382 -21.20 -88.05 78.42
C ASP Q 382 -21.57 -87.25 79.68
N LEU Q 383 -22.76 -86.66 79.72
CA LEU Q 383 -23.28 -85.95 80.90
C LEU Q 383 -23.40 -86.85 82.13
N MET Q 384 -23.74 -88.12 81.91
CA MET Q 384 -23.83 -89.08 83.01
C MET Q 384 -22.47 -89.41 83.67
N ILE Q 385 -21.44 -89.55 82.85
CA ILE Q 385 -20.05 -89.68 83.29
C ILE Q 385 -19.60 -88.44 84.08
N GLN Q 386 -19.85 -87.27 83.49
CA GLN Q 386 -19.58 -85.98 84.13
C GLN Q 386 -20.29 -85.88 85.48
N ALA Q 387 -21.55 -86.31 85.52
CA ALA Q 387 -22.36 -86.23 86.73
C ALA Q 387 -21.83 -87.14 87.81
N ARG Q 388 -21.42 -88.36 87.43
CA ARG Q 388 -20.90 -89.35 88.38
C ARG Q 388 -19.54 -88.93 88.95
N GLU Q 389 -18.68 -88.39 88.09
CA GLU Q 389 -17.43 -87.77 88.52
C GLU Q 389 -17.69 -86.70 89.60
N MET Q 390 -18.79 -85.96 89.44
CA MET Q 390 -19.13 -84.91 90.40
C MET Q 390 -19.63 -85.43 91.76
N VAL Q 391 -20.47 -86.46 91.71
CA VAL Q 391 -20.86 -87.25 92.90
C VAL Q 391 -19.65 -87.79 93.64
N ARG Q 392 -18.83 -88.56 92.92
CA ARG Q 392 -17.59 -89.14 93.42
C ARG Q 392 -16.77 -88.11 94.16
N LYS Q 393 -16.49 -87.01 93.45
CA LYS Q 393 -15.66 -85.93 93.97
C LYS Q 393 -16.27 -85.16 95.14
N GLY Q 394 -17.58 -84.89 95.06
CA GLY Q 394 -18.27 -84.18 96.13
C GLY Q 394 -18.28 -85.00 97.40
N GLN Q 395 -18.45 -86.30 97.24
CA GLN Q 395 -18.52 -87.20 98.38
C GLN Q 395 -17.18 -87.37 99.09
N PHE Q 396 -16.09 -87.51 98.33
CA PHE Q 396 -14.74 -87.62 98.88
C PHE Q 396 -14.34 -86.39 99.71
N PHE Q 397 -14.73 -85.21 99.24
CA PHE Q 397 -14.53 -83.98 99.96
C PHE Q 397 -15.27 -83.92 101.28
N TRP Q 398 -16.58 -84.22 101.30
CA TRP Q 398 -17.26 -84.23 102.62
C TRP Q 398 -16.71 -85.36 103.48
N ASP Q 399 -16.39 -86.49 102.86
CA ASP Q 399 -15.93 -87.67 103.60
C ASP Q 399 -14.59 -87.41 104.26
N TYR Q 400 -13.75 -86.62 103.61
CA TYR Q 400 -12.46 -86.16 104.14
C TYR Q 400 -12.61 -85.43 105.48
N VAL Q 401 -13.64 -84.56 105.57
CA VAL Q 401 -13.95 -83.83 106.81
C VAL Q 401 -14.71 -84.69 107.84
N SER Q 402 -15.76 -85.36 107.38
CA SER Q 402 -16.55 -86.23 108.24
C SER Q 402 -15.70 -87.27 108.98
N ALA Q 403 -14.79 -87.92 108.26
CA ALA Q 403 -13.91 -88.95 108.81
C ALA Q 403 -12.88 -88.47 109.83
N GLU Q 404 -12.52 -87.18 109.79
CA GLU Q 404 -11.48 -86.64 110.65
C GLU Q 404 -12.09 -86.29 111.99
N ASN Q 405 -11.34 -86.55 113.07
CA ASN Q 405 -11.97 -86.60 114.39
C ASN Q 405 -12.01 -85.32 115.20
N SER Q 406 -11.39 -84.25 114.73
CA SER Q 406 -11.39 -83.00 115.52
C SER Q 406 -12.53 -82.03 115.20
N VAL Q 407 -13.42 -82.41 114.27
CA VAL Q 407 -14.58 -81.58 113.86
C VAL Q 407 -14.18 -80.16 113.41
N GLY Q 408 -13.10 -80.10 112.65
CA GLY Q 408 -12.64 -78.82 112.11
C GLY Q 408 -11.50 -78.19 112.90
N PHE Q 409 -11.33 -78.56 114.17
CA PHE Q 409 -10.32 -77.90 115.00
C PHE Q 409 -8.87 -78.03 114.50
N HIS Q 410 -8.42 -79.22 114.11
CA HIS Q 410 -7.01 -79.34 113.68
C HIS Q 410 -6.72 -78.36 112.54
N ASN Q 411 -7.65 -78.19 111.59
CA ASN Q 411 -7.48 -77.25 110.48
C ASN Q 411 -8.76 -76.48 110.11
N PRO Q 412 -9.11 -75.42 110.89
CA PRO Q 412 -10.42 -74.80 110.63
C PRO Q 412 -10.69 -74.41 109.20
N ALA Q 413 -9.77 -73.69 108.57
CA ALA Q 413 -10.01 -73.15 107.25
C ALA Q 413 -9.99 -74.21 106.13
N LYS Q 414 -9.12 -75.22 106.25
CA LYS Q 414 -9.18 -76.34 105.31
C LYS Q 414 -10.55 -77.05 105.39
N ALA Q 415 -11.02 -77.33 106.61
CA ALA Q 415 -12.33 -77.99 106.84
C ALA Q 415 -13.51 -77.28 106.18
N LEU Q 416 -13.68 -76.01 106.50
CA LEU Q 416 -14.76 -75.19 105.94
C LEU Q 416 -14.72 -75.06 104.41
N ASP Q 417 -13.54 -74.73 103.88
CA ASP Q 417 -13.31 -74.62 102.44
C ASP Q 417 -13.50 -75.95 101.71
N THR Q 418 -13.14 -77.07 102.34
CA THR Q 418 -13.38 -78.39 101.77
C THR Q 418 -14.88 -78.73 101.68
N LEU Q 419 -15.62 -78.45 102.75
CA LEU Q 419 -17.05 -78.67 102.77
C LEU Q 419 -17.84 -77.85 101.74
N ALA Q 420 -17.42 -76.59 101.59
CA ALA Q 420 -17.99 -75.66 100.62
C ALA Q 420 -17.75 -76.10 99.16
N GLN Q 421 -16.56 -76.65 98.87
CA GLN Q 421 -16.30 -77.24 97.55
C GLN Q 421 -17.11 -78.52 97.34
N SER Q 422 -17.12 -79.41 98.33
CA SER Q 422 -17.95 -80.61 98.27
C SER Q 422 -19.35 -80.28 97.74
N GLN Q 423 -20.00 -79.37 98.45
CA GLN Q 423 -21.32 -78.81 98.14
C GLN Q 423 -21.48 -78.37 96.68
N GLN Q 424 -20.49 -77.62 96.18
CA GLN Q 424 -20.46 -77.22 94.75
C GLN Q 424 -20.42 -78.42 93.80
N PHE Q 425 -19.67 -79.46 94.18
CA PHE Q 425 -19.46 -80.63 93.31
C PHE Q 425 -20.72 -81.50 93.25
N SER Q 426 -21.33 -81.71 94.40
CA SER Q 426 -22.58 -82.46 94.50
C SER Q 426 -23.68 -81.76 93.74
N GLN Q 427 -23.82 -80.45 93.94
CA GLN Q 427 -24.81 -79.65 93.20
C GLN Q 427 -24.63 -79.72 91.69
N LYS Q 428 -23.38 -79.69 91.22
CA LYS Q 428 -23.11 -79.91 89.80
C LYS Q 428 -23.50 -81.29 89.27
N ALA Q 429 -23.38 -82.34 90.09
CA ALA Q 429 -23.92 -83.66 89.73
C ALA Q 429 -25.41 -83.56 89.45
N ILE Q 430 -26.16 -82.91 90.35
CA ILE Q 430 -27.61 -82.66 90.20
C ILE Q 430 -27.96 -81.95 88.88
N ASP Q 431 -27.26 -80.84 88.62
CA ASP Q 431 -27.45 -80.01 87.42
C ASP Q 431 -27.19 -80.74 86.12
N LEU Q 432 -26.13 -81.56 86.12
CA LEU Q 432 -25.78 -82.39 84.97
C LEU Q 432 -26.82 -83.51 84.74
N ALA Q 433 -27.25 -84.16 85.83
CA ALA Q 433 -28.28 -85.20 85.74
C ALA Q 433 -29.63 -84.67 85.22
N MET Q 434 -30.00 -83.45 85.62
CA MET Q 434 -31.18 -82.76 85.10
C MET Q 434 -31.06 -82.40 83.63
N GLU Q 435 -29.92 -81.81 83.27
CA GLU Q 435 -29.56 -81.57 81.88
C GLU Q 435 -29.68 -82.86 81.01
N ALA Q 436 -29.10 -83.96 81.50
CA ALA Q 436 -29.15 -85.26 80.82
C ALA Q 436 -30.57 -85.69 80.45
N THR Q 437 -31.53 -85.34 81.30
CA THR Q 437 -32.92 -85.80 81.17
C THR Q 437 -33.88 -84.72 80.68
N GLN Q 438 -33.33 -83.60 80.18
CA GLN Q 438 -34.10 -82.44 79.73
C GLN Q 438 -35.04 -81.92 80.84
N TYR Q 439 -34.54 -81.98 82.07
CA TYR Q 439 -35.20 -81.54 83.31
C TYR Q 439 -36.39 -82.37 83.80
N GLY Q 440 -36.57 -83.52 83.16
CA GLY Q 440 -37.70 -84.41 83.40
C GLY Q 440 -37.66 -85.14 84.74
N ILE Q 441 -36.51 -85.11 85.41
CA ILE Q 441 -36.38 -85.70 86.74
C ILE Q 441 -36.65 -84.67 87.84
N GLY Q 442 -36.98 -83.46 87.40
CA GLY Q 442 -37.19 -82.33 88.28
C GLY Q 442 -38.28 -82.56 89.28
N LYS Q 443 -39.46 -82.97 88.80
CA LYS Q 443 -40.61 -83.26 89.68
C LYS Q 443 -40.28 -84.21 90.83
N ASP Q 444 -39.36 -85.13 90.59
CA ASP Q 444 -38.99 -86.15 91.57
C ASP Q 444 -37.99 -85.69 92.62
N LEU Q 445 -37.35 -84.54 92.38
CA LEU Q 445 -36.33 -83.97 93.27
C LEU Q 445 -36.81 -82.74 94.05
N SER Q 446 -38.08 -82.35 93.87
CA SER Q 446 -38.65 -81.11 94.42
C SER Q 446 -38.79 -80.94 95.96
N GLY Q 447 -39.09 -81.97 96.70
CA GLY Q 447 -39.46 -81.74 98.11
C GLY Q 447 -38.36 -81.61 99.16
N ASP Q 448 -38.66 -82.11 100.36
CA ASP Q 448 -37.73 -82.28 101.47
C ASP Q 448 -36.88 -83.53 101.22
N ILE Q 449 -35.56 -83.38 101.24
CA ILE Q 449 -34.66 -84.53 101.00
C ILE Q 449 -34.85 -85.67 102.03
N LYS Q 450 -35.23 -85.33 103.26
CA LYS Q 450 -35.51 -86.34 104.26
C LYS Q 450 -36.77 -87.18 103.98
N THR Q 451 -37.58 -86.81 102.99
CA THR Q 451 -38.70 -87.68 102.54
C THR Q 451 -38.44 -88.32 101.19
N ILE Q 452 -37.71 -87.62 100.32
CA ILE Q 452 -37.36 -88.11 98.99
C ILE Q 452 -36.45 -89.34 99.10
N VAL Q 453 -35.48 -89.26 100.00
CA VAL Q 453 -34.65 -90.38 100.38
C VAL Q 453 -34.61 -90.32 101.89
N PRO Q 454 -35.43 -91.14 102.57
CA PRO Q 454 -35.32 -91.08 104.02
C PRO Q 454 -33.96 -91.60 104.46
N PRO Q 455 -33.48 -91.17 105.65
CA PRO Q 455 -32.28 -91.79 106.16
C PRO Q 455 -32.50 -93.26 106.52
N ILE Q 456 -31.45 -94.06 106.39
CA ILE Q 456 -31.44 -95.46 106.75
C ILE Q 456 -30.80 -95.53 108.12
N LEU Q 457 -31.61 -95.77 109.16
CA LEU Q 457 -31.12 -95.78 110.54
C LEU Q 457 -30.55 -97.15 110.96
N LYS Q 458 -31.18 -98.22 110.48
CA LYS Q 458 -30.79 -99.61 110.80
C LYS Q 458 -30.38 -100.36 109.54
N MET Q 459 -29.31 -101.13 109.69
CA MET Q 459 -28.78 -101.99 108.62
C MET Q 459 -27.58 -102.68 109.22
N ASN Q 460 -27.62 -104.02 109.24
CA ASN Q 460 -26.49 -104.85 109.61
C ASN Q 460 -26.53 -106.11 108.77
N ARG Q 461 -25.57 -107.00 108.95
CA ARG Q 461 -25.47 -108.18 108.10
C ARG Q 461 -26.61 -109.19 108.33
N LYS Q 462 -27.07 -109.32 109.57
CA LYS Q 462 -28.24 -110.15 109.85
C LYS Q 462 -29.55 -109.58 109.26
N LEU Q 463 -29.74 -108.27 109.35
CA LEU Q 463 -30.94 -107.61 108.81
C LEU Q 463 -31.08 -107.81 107.31
N GLN Q 464 -29.95 -107.84 106.61
CA GLN Q 464 -29.92 -108.00 105.15
C GLN Q 464 -30.26 -109.45 104.69
N GLN Q 465 -30.37 -110.38 105.64
CA GLN Q 465 -30.84 -111.77 105.41
C GLN Q 465 -32.37 -111.87 105.34
N ASP Q 466 -33.04 -110.84 105.85
CA ASP Q 466 -34.50 -110.77 106.01
C ASP Q 466 -35.13 -110.11 104.79
N PRO Q 467 -35.92 -110.86 104.00
CA PRO Q 467 -36.34 -110.27 102.72
C PRO Q 467 -37.51 -109.30 102.89
N GLU Q 468 -38.11 -109.29 104.08
CA GLU Q 468 -39.22 -108.39 104.40
C GLU Q 468 -38.69 -107.01 104.81
N PHE Q 469 -37.61 -107.02 105.58
CA PHE Q 469 -36.87 -105.81 105.94
C PHE Q 469 -36.26 -105.14 104.70
N MET Q 470 -35.91 -105.94 103.71
CA MET Q 470 -35.32 -105.43 102.48
C MET Q 470 -36.30 -104.81 101.48
N LYS Q 471 -37.55 -104.67 101.90
CA LYS Q 471 -38.60 -104.01 101.12
C LYS Q 471 -38.90 -102.64 101.71
N THR Q 472 -38.27 -102.40 102.86
CA THR Q 472 -38.57 -101.30 103.77
C THR Q 472 -37.96 -99.93 103.42
N HIS Q 473 -37.12 -99.89 102.38
CA HIS Q 473 -36.53 -98.63 101.89
C HIS Q 473 -36.33 -98.74 100.39
N LYS Q 474 -36.51 -97.63 99.70
CA LYS Q 474 -36.44 -97.59 98.24
C LYS Q 474 -35.06 -97.95 97.65
N TRP Q 475 -34.01 -97.72 98.45
CA TRP Q 475 -32.62 -97.96 98.01
C TRP Q 475 -32.16 -99.39 98.28
N PHE Q 476 -32.97 -100.15 99.00
CA PHE Q 476 -32.67 -101.54 99.28
C PHE Q 476 -32.85 -102.43 98.06
N GLN Q 477 -33.57 -101.96 97.05
CA GLN Q 477 -33.81 -102.72 95.82
C GLN Q 477 -32.53 -102.90 94.99
N TYR Q 478 -31.46 -102.21 95.39
CA TYR Q 478 -30.17 -102.21 94.70
C TYR Q 478 -29.17 -103.15 95.38
N LEU Q 479 -29.58 -103.70 96.53
CA LEU Q 479 -28.77 -104.61 97.33
C LEU Q 479 -29.30 -106.04 97.30
N PRO Q 480 -28.41 -107.05 97.48
CA PRO Q 480 -28.83 -108.45 97.50
C PRO Q 480 -29.45 -108.85 98.84
N VAL Q 481 -30.38 -109.80 98.83
CA VAL Q 481 -30.79 -110.43 100.08
C VAL Q 481 -29.71 -111.48 100.35
N LEU Q 482 -29.03 -111.32 101.48
CA LEU Q 482 -27.98 -112.26 101.85
C LEU Q 482 -28.63 -113.61 102.16
N PRO Q 483 -27.93 -114.71 101.83
CA PRO Q 483 -28.36 -116.03 102.31
C PRO Q 483 -28.47 -116.11 103.83
N LYS Q 484 -29.45 -116.88 104.32
CA LYS Q 484 -29.54 -117.21 105.74
C LYS Q 484 -28.28 -117.91 106.24
N ALA Q 485 -27.79 -117.46 107.39
CA ALA Q 485 -26.53 -117.93 107.96
C ALA Q 485 -26.51 -117.65 109.45
N ASP Q 486 -26.08 -118.65 110.22
CA ASP Q 486 -25.91 -118.49 111.65
C ASP Q 486 -24.60 -117.75 111.87
N GLN Q 487 -24.54 -116.93 112.91
CA GLN Q 487 -23.30 -116.31 113.33
C GLN Q 487 -22.27 -117.41 113.59
N VAL Q 488 -21.14 -117.33 112.90
CA VAL Q 488 -20.00 -118.22 113.12
C VAL Q 488 -19.06 -117.67 114.20
N TRP Q 489 -18.87 -116.34 114.18
CA TRP Q 489 -17.87 -115.70 115.03
C TRP Q 489 -18.51 -114.82 116.08
N ASP Q 490 -18.03 -114.94 117.31
CA ASP Q 490 -18.57 -114.19 118.43
C ASP Q 490 -17.41 -113.65 119.26
N GLY Q 491 -16.83 -112.54 118.79
CA GLY Q 491 -15.57 -112.04 119.34
C GLY Q 491 -14.47 -112.92 118.79
N GLN Q 492 -13.76 -113.61 119.69
CA GLN Q 492 -12.75 -114.59 119.31
C GLN Q 492 -13.27 -116.04 119.25
N LYS Q 493 -14.44 -116.26 119.84
CA LYS Q 493 -15.02 -117.60 119.97
C LYS Q 493 -15.74 -118.04 118.70
N ARG Q 494 -15.41 -119.24 118.23
CA ARG Q 494 -16.11 -119.87 117.11
C ARG Q 494 -17.41 -120.52 117.64
N LEU Q 495 -18.54 -120.21 116.99
CA LEU Q 495 -19.85 -120.75 117.38
C LEU Q 495 -20.25 -121.98 116.56
N VAL Q 496 -19.95 -121.95 115.26
CA VAL Q 496 -20.20 -123.11 114.38
C VAL Q 496 -18.90 -123.64 113.76
N LYS R 14 46.54 -52.97 166.23
CA LYS R 14 46.66 -54.14 165.31
C LYS R 14 45.53 -55.15 165.55
N LEU R 15 44.74 -54.95 166.61
CA LEU R 15 43.64 -55.86 166.94
C LEU R 15 42.24 -55.27 166.70
N VAL R 16 42.22 -54.00 166.28
CA VAL R 16 41.01 -53.37 165.75
C VAL R 16 41.03 -53.52 164.22
N LEU R 17 42.25 -53.66 163.67
CA LEU R 17 42.46 -53.95 162.25
C LEU R 17 42.30 -55.45 161.97
N GLY R 18 41.70 -56.17 162.92
CA GLY R 18 41.35 -57.58 162.75
C GLY R 18 39.84 -57.74 162.59
N GLY R 19 39.11 -56.73 163.05
CA GLY R 19 37.67 -56.65 162.83
C GLY R 19 37.37 -55.96 161.51
N ALA R 20 38.24 -55.02 161.15
CA ALA R 20 38.21 -54.39 159.83
C ALA R 20 39.02 -55.22 158.84
N THR R 21 38.97 -56.53 159.02
CA THR R 21 39.53 -57.48 158.05
C THR R 21 38.48 -58.57 157.83
N LEU R 22 37.77 -58.94 158.90
CA LEU R 22 36.65 -59.87 158.78
C LEU R 22 35.32 -59.12 158.70
N GLY R 23 35.37 -57.79 158.73
CA GLY R 23 34.21 -56.95 158.44
C GLY R 23 34.05 -56.79 156.94
N VAL R 24 35.17 -56.56 156.26
CA VAL R 24 35.20 -56.45 154.79
C VAL R 24 35.04 -57.81 154.11
N VAL R 25 35.43 -58.88 154.81
CA VAL R 25 35.27 -60.24 154.30
C VAL R 25 33.83 -60.73 154.49
N ALA R 26 33.18 -60.29 155.58
CA ALA R 26 31.79 -60.67 155.87
C ALA R 26 30.78 -59.95 154.96
N LEU R 27 31.10 -58.71 154.58
CA LEU R 27 30.26 -57.92 153.68
C LEU R 27 30.42 -58.37 152.22
N ALA R 28 31.67 -58.61 151.81
CA ALA R 28 31.98 -59.10 150.47
C ALA R 28 31.45 -60.53 150.23
N THR R 29 31.33 -61.30 151.31
CA THR R 29 30.73 -62.64 151.27
C THR R 29 29.22 -62.58 151.08
N VAL R 30 28.54 -61.71 151.83
CA VAL R 30 27.10 -61.57 151.74
C VAL R 30 26.68 -60.90 150.43
N ALA R 31 27.52 -59.99 149.92
CA ALA R 31 27.29 -59.35 148.62
C ALA R 31 27.47 -60.35 147.47
N PHE R 32 28.52 -61.17 147.52
CA PHE R 32 28.71 -62.22 146.52
C PHE R 32 27.57 -63.24 146.53
N GLY R 33 27.17 -63.66 147.72
CA GLY R 33 26.06 -64.61 147.88
C GLY R 33 24.74 -64.05 147.40
N MET R 34 24.51 -62.76 147.65
CA MET R 34 23.36 -62.06 147.09
C MET R 34 23.32 -62.10 145.56
N LYS R 35 24.48 -61.89 144.92
CA LYS R 35 24.56 -61.94 143.46
C LYS R 35 24.42 -63.36 142.91
N TYR R 36 25.14 -64.32 143.48
CA TYR R 36 25.12 -65.71 143.00
C TYR R 36 23.71 -66.31 143.02
N THR R 37 22.92 -65.82 143.98
CA THR R 37 21.59 -66.35 144.26
C THR R 37 20.48 -65.66 143.41
N ASP R 38 20.95 -64.93 142.39
CA ASP R 38 20.15 -64.19 141.40
C ASP R 38 20.24 -64.83 140.01
N GLN R 39 21.16 -65.79 139.86
CA GLN R 39 21.64 -66.24 138.56
C GLN R 39 21.17 -67.65 138.15
N ARG R 40 21.17 -67.89 136.84
CA ARG R 40 20.70 -69.15 136.24
C ARG R 40 21.27 -70.46 136.82
N PRO R 41 22.61 -70.56 137.00
CA PRO R 41 23.18 -71.73 137.69
C PRO R 41 22.43 -72.13 138.97
N PHE R 42 22.22 -71.18 139.87
CA PHE R 42 21.52 -71.38 141.13
C PHE R 42 20.03 -71.67 140.95
N CYS R 43 19.36 -70.87 140.13
CA CYS R 43 17.92 -71.00 139.89
C CYS R 43 17.51 -72.35 139.32
N THR R 44 18.39 -72.91 138.49
CA THR R 44 18.12 -74.17 137.82
C THR R 44 18.79 -75.36 138.53
N SER R 45 19.22 -75.13 139.77
CA SER R 45 19.72 -76.23 140.61
C SER R 45 18.56 -77.14 141.04
N CYS R 46 17.33 -76.64 140.88
CA CYS R 46 16.12 -77.44 140.90
C CYS R 46 15.65 -77.71 139.48
N HIS R 47 15.47 -78.98 139.13
CA HIS R 47 15.11 -79.38 137.75
C HIS R 47 13.70 -78.93 137.34
N ILE R 48 12.88 -78.58 138.32
CA ILE R 48 11.57 -77.98 138.02
C ILE R 48 11.72 -76.62 137.30
N MET R 49 12.86 -75.97 137.49
CA MET R 49 13.17 -74.66 136.92
C MET R 49 13.99 -74.70 135.65
N ASN R 50 14.26 -75.87 135.09
CA ASN R 50 15.11 -75.78 133.92
C ASN R 50 14.47 -75.56 132.57
N PRO R 51 13.15 -75.83 132.41
CA PRO R 51 12.58 -75.35 131.16
C PRO R 51 12.65 -73.82 131.06
N VAL R 52 12.43 -73.10 132.15
CA VAL R 52 12.61 -71.63 132.17
C VAL R 52 14.09 -71.23 132.05
N GLY R 53 14.99 -72.04 132.59
CA GLY R 53 16.43 -71.80 132.44
C GLY R 53 16.94 -72.01 131.03
N VAL R 54 16.52 -73.10 130.40
CA VAL R 54 16.78 -73.38 128.99
C VAL R 54 16.24 -72.28 128.08
N THR R 55 14.97 -71.89 128.22
CA THR R 55 14.40 -70.79 127.42
C THR R 55 15.06 -69.42 127.67
N HIS R 56 15.48 -69.15 128.91
CA HIS R 56 16.24 -67.95 129.28
C HIS R 56 17.54 -67.94 128.47
N LYS R 57 18.26 -69.06 128.51
CA LYS R 57 19.56 -69.19 127.87
C LYS R 57 19.54 -69.01 126.36
N LEU R 58 18.45 -69.40 125.72
CA LEU R 58 18.32 -69.31 124.25
C LEU R 58 17.78 -67.96 123.77
N SER R 59 17.42 -67.10 124.71
CA SER R 59 16.73 -65.83 124.41
C SER R 59 17.67 -64.62 124.42
N GLY R 60 17.20 -63.49 123.89
CA GLY R 60 17.96 -62.23 123.94
C GLY R 60 18.39 -61.74 125.32
N HIS R 61 17.65 -62.11 126.36
CA HIS R 61 18.01 -61.79 127.75
C HIS R 61 18.86 -62.86 128.43
N ALA R 62 19.54 -63.70 127.65
CA ALA R 62 20.35 -64.75 128.19
C ALA R 62 21.51 -64.22 129.05
N ASN R 63 21.97 -63.00 128.79
CA ASN R 63 23.10 -62.50 129.59
C ASN R 63 22.78 -61.55 130.74
N ILE R 64 21.50 -61.50 131.12
CA ILE R 64 21.13 -60.84 132.33
C ILE R 64 20.64 -61.92 133.29
N SER R 65 20.64 -61.64 134.59
CA SER R 65 20.28 -62.67 135.57
C SER R 65 18.77 -62.89 135.62
N CYS R 66 18.34 -64.01 136.20
CA CYS R 66 16.92 -64.30 136.39
C CYS R 66 16.25 -63.22 137.20
N ASN R 67 16.96 -62.73 138.21
CA ASN R 67 16.40 -61.77 139.16
C ASN R 67 16.37 -60.32 138.68
N ASP R 68 17.06 -60.05 137.58
CA ASP R 68 16.98 -58.78 136.84
C ASP R 68 15.56 -58.52 136.36
N CYS R 69 14.84 -59.60 136.03
CA CYS R 69 13.39 -59.50 135.86
C CYS R 69 12.60 -59.84 137.11
N HIS R 70 13.03 -60.89 137.83
CA HIS R 70 12.19 -61.55 138.81
C HIS R 70 12.19 -61.04 140.24
N ALA R 71 13.08 -60.10 140.57
CA ALA R 71 13.11 -59.48 141.90
C ALA R 71 13.24 -57.97 141.73
N PRO R 72 12.74 -57.18 142.72
CA PRO R 72 12.92 -55.72 142.70
C PRO R 72 14.40 -55.31 142.65
N HIS R 73 14.71 -54.21 141.96
CA HIS R 73 16.11 -53.75 141.88
C HIS R 73 16.56 -52.98 143.13
N ASN R 74 15.65 -52.21 143.72
CA ASN R 74 15.92 -51.52 144.99
C ASN R 74 16.29 -52.50 146.10
N LEU R 75 17.46 -52.28 146.71
CA LEU R 75 18.09 -53.22 147.66
C LEU R 75 17.24 -53.51 148.89
N LEU R 76 16.59 -52.48 149.44
CA LEU R 76 15.72 -52.62 150.60
C LEU R 76 14.53 -53.55 150.33
N ALA R 77 13.96 -53.48 149.14
CA ALA R 77 12.80 -54.32 148.79
C ALA R 77 13.23 -55.69 148.24
N LYS R 78 14.50 -55.84 147.93
CA LYS R 78 15.02 -57.02 147.23
C LYS R 78 15.35 -58.18 148.16
N LEU R 79 16.02 -57.89 149.27
CA LEU R 79 16.33 -58.89 150.33
C LEU R 79 15.09 -59.60 150.91
N PRO R 80 14.10 -58.84 151.42
CA PRO R 80 12.82 -59.44 151.83
C PRO R 80 12.20 -60.29 150.72
N PHE R 81 12.12 -59.74 149.51
CA PHE R 81 11.48 -60.42 148.37
C PHE R 81 12.11 -61.79 148.14
N LYS R 82 13.44 -61.83 148.09
CA LYS R 82 14.22 -63.05 147.82
C LYS R 82 14.10 -64.12 148.89
N ALA R 83 14.00 -63.70 150.16
CA ALA R 83 13.89 -64.63 151.29
C ALA R 83 12.52 -65.32 151.26
N ILE R 84 11.48 -64.51 151.12
CA ILE R 84 10.09 -64.95 151.04
C ILE R 84 9.80 -65.80 149.79
N ALA R 85 10.38 -65.42 148.64
CA ALA R 85 10.29 -66.22 147.41
C ALA R 85 11.12 -67.50 147.46
N GLY R 86 12.28 -67.44 148.10
CA GLY R 86 13.15 -68.59 148.27
C GLY R 86 12.56 -69.62 149.21
N ALA R 87 11.86 -69.13 150.23
CA ALA R 87 11.24 -70.00 151.22
C ALA R 87 10.04 -70.73 150.62
N ARG R 88 9.16 -70.00 149.95
CA ARG R 88 8.04 -70.61 149.22
C ARG R 88 8.51 -71.65 148.22
N ASP R 89 9.63 -71.40 147.55
CA ASP R 89 10.11 -72.31 146.52
C ASP R 89 10.72 -73.59 147.10
N VAL R 90 11.59 -73.46 148.10
CA VAL R 90 12.15 -74.61 148.81
C VAL R 90 11.03 -75.52 149.35
N TYR R 91 10.01 -74.90 149.97
CA TYR R 91 8.84 -75.61 150.47
C TYR R 91 8.10 -76.39 149.38
N MET R 92 7.74 -75.71 148.30
CA MET R 92 6.96 -76.34 147.21
C MET R 92 7.72 -77.45 146.50
N ASN R 93 9.04 -77.38 146.54
CA ASN R 93 9.89 -78.40 145.91
C ASN R 93 10.08 -79.65 146.78
N THR R 94 9.94 -79.46 148.11
CA THR R 94 10.09 -80.57 149.05
C THR R 94 8.75 -81.07 149.60
N LEU R 95 8.03 -80.19 150.30
CA LEU R 95 6.83 -80.61 151.01
C LEU R 95 5.53 -80.40 150.25
N GLY R 96 5.49 -79.37 149.39
CA GLY R 96 4.31 -79.06 148.60
C GLY R 96 4.13 -80.00 147.42
N HIS R 97 3.03 -79.82 146.68
CA HIS R 97 2.72 -80.64 145.50
C HIS R 97 2.47 -79.75 144.28
N PRO R 98 3.52 -79.47 143.47
CA PRO R 98 3.37 -78.53 142.35
C PRO R 98 2.58 -79.14 141.19
N GLY R 99 1.61 -78.39 140.67
CA GLY R 99 0.72 -78.87 139.62
C GLY R 99 1.39 -79.14 138.29
N ASP R 100 0.60 -79.46 137.27
CA ASP R 100 1.12 -79.65 135.91
C ASP R 100 1.51 -78.32 135.27
N LEU R 101 0.93 -77.23 135.75
CA LEU R 101 1.18 -75.89 135.23
C LEU R 101 1.88 -75.07 136.28
N ILE R 102 3.07 -74.57 135.95
CA ILE R 102 3.72 -73.58 136.78
C ILE R 102 3.36 -72.21 136.22
N LEU R 103 2.67 -71.42 137.02
CA LEU R 103 2.29 -70.06 136.61
C LEU R 103 2.68 -69.07 137.68
N ALA R 104 2.96 -67.85 137.25
CA ALA R 104 3.36 -66.79 138.16
C ALA R 104 2.16 -66.26 138.93
N GLY R 105 2.40 -65.86 140.18
CA GLY R 105 1.41 -65.11 140.96
C GLY R 105 1.35 -63.68 140.46
N MET R 106 0.38 -62.91 140.95
CA MET R 106 0.27 -61.48 140.62
C MET R 106 1.45 -60.65 141.11
N GLU R 107 2.07 -61.04 142.23
CA GLU R 107 3.21 -60.30 142.73
C GLU R 107 4.37 -60.33 141.73
N THR R 108 4.70 -61.51 141.18
CA THR R 108 5.80 -61.56 140.19
C THR R 108 5.46 -60.92 138.85
N LYS R 109 4.22 -61.08 138.40
CA LYS R 109 3.72 -60.34 137.23
C LYS R 109 4.02 -58.84 137.39
N GLU R 110 3.83 -58.32 138.59
CA GLU R 110 4.07 -56.92 138.88
C GLU R 110 5.54 -56.53 138.96
N VAL R 111 6.38 -57.37 139.59
CA VAL R 111 7.79 -57.02 139.67
C VAL R 111 8.52 -57.25 138.34
N VAL R 112 8.08 -58.23 137.55
CA VAL R 112 8.68 -58.46 136.23
C VAL R 112 8.36 -57.27 135.32
N ASN R 113 7.10 -56.81 135.32
CA ASN R 113 6.70 -55.70 134.47
C ASN R 113 7.37 -54.40 134.81
N ALA R 114 7.54 -54.13 136.11
CA ALA R 114 8.21 -52.91 136.54
C ALA R 114 9.69 -52.92 136.15
N ASN R 115 10.24 -54.11 135.96
CA ASN R 115 11.61 -54.29 135.50
C ASN R 115 11.80 -54.16 133.98
N CYS R 116 10.76 -54.48 133.19
CA CYS R 116 10.74 -54.14 131.76
C CYS R 116 10.92 -52.63 131.63
N LYS R 117 10.14 -51.89 132.43
CA LYS R 117 10.11 -50.43 132.38
C LYS R 117 11.43 -49.83 132.82
N ALA R 118 12.05 -50.39 133.86
CA ALA R 118 13.35 -49.93 134.36
C ALA R 118 14.46 -49.99 133.30
N CYS R 119 14.34 -50.93 132.37
CA CYS R 119 15.38 -51.13 131.36
C CYS R 119 15.03 -50.62 129.97
N HIS R 120 13.74 -50.49 129.68
CA HIS R 120 13.30 -50.11 128.36
C HIS R 120 12.40 -48.86 128.34
N THR R 121 12.79 -47.85 129.13
CA THR R 121 12.02 -46.60 129.22
C THR R 121 12.12 -45.78 127.93
N MET R 122 13.32 -45.72 127.36
CA MET R 122 13.58 -44.78 126.30
C MET R 122 12.92 -45.13 124.98
N THR R 123 12.87 -46.43 124.68
CA THR R 123 12.06 -46.98 123.58
C THR R 123 10.60 -46.52 123.65
N ASN R 124 10.09 -46.36 124.89
CA ASN R 124 8.66 -46.11 125.21
C ASN R 124 8.31 -44.70 125.69
N VAL R 125 9.29 -43.79 125.76
CA VAL R 125 9.08 -42.46 126.40
C VAL R 125 7.99 -41.57 125.82
N GLU R 126 7.63 -41.79 124.56
CA GLU R 126 6.79 -40.86 123.83
C GLU R 126 5.46 -41.46 123.45
N VAL R 127 5.14 -42.58 124.10
CA VAL R 127 4.07 -43.46 123.68
C VAL R 127 3.33 -44.04 124.91
N ALA R 128 2.01 -44.24 124.79
CA ALA R 128 1.20 -44.77 125.90
C ALA R 128 1.14 -46.29 125.92
N SER R 129 2.32 -46.94 125.87
CA SER R 129 2.40 -48.41 125.80
C SER R 129 1.99 -49.12 127.09
N MET R 130 2.06 -48.40 128.20
CA MET R 130 1.56 -48.86 129.50
C MET R 130 0.03 -48.90 129.61
N GLU R 131 -0.68 -48.25 128.68
CA GLU R 131 -2.12 -48.03 128.80
C GLU R 131 -3.06 -49.08 128.18
N ALA R 132 -2.71 -49.66 127.04
CA ALA R 132 -3.66 -50.57 126.37
C ALA R 132 -3.63 -51.97 126.96
N LYS R 133 -2.43 -52.57 126.90
CA LYS R 133 -2.15 -53.85 127.52
C LYS R 133 -1.69 -53.62 128.94
N LYS R 134 -2.21 -54.43 129.86
CA LYS R 134 -1.86 -54.39 131.27
C LYS R 134 -0.36 -54.67 131.47
N TYR R 135 0.24 -55.50 130.61
CA TYR R 135 1.64 -55.88 130.70
C TYR R 135 2.38 -55.73 129.38
N CYS R 136 3.65 -55.32 129.44
CA CYS R 136 4.49 -55.26 128.24
C CYS R 136 4.44 -56.55 127.44
N THR R 137 4.53 -57.67 128.17
CA THR R 137 4.56 -59.01 127.58
C THR R 137 3.22 -59.48 127.00
N ASP R 138 2.19 -58.62 127.05
CA ASP R 138 0.95 -58.88 126.33
C ASP R 138 1.16 -58.65 124.84
N CYS R 139 2.18 -57.86 124.52
CA CYS R 139 2.66 -57.74 123.16
C CYS R 139 3.96 -58.51 122.95
N HIS R 140 4.90 -58.39 123.88
CA HIS R 140 6.18 -59.09 123.78
C HIS R 140 6.10 -60.48 124.38
N ARG R 141 5.38 -61.37 123.71
CA ARG R 141 4.88 -62.60 124.36
C ARG R 141 5.94 -63.66 124.62
N ASN R 142 6.96 -63.74 123.78
CA ASN R 142 7.96 -64.79 124.01
C ASN R 142 9.07 -64.34 124.95
N VAL R 143 8.89 -63.19 125.57
CA VAL R 143 9.73 -62.80 126.70
C VAL R 143 9.32 -63.64 127.94
N GLN R 144 8.08 -64.14 127.92
CA GLN R 144 7.62 -65.16 128.87
C GLN R 144 8.09 -66.52 128.40
N HIS R 145 9.39 -66.73 128.43
CA HIS R 145 9.98 -68.07 128.23
C HIS R 145 9.48 -68.81 127.00
N MET R 146 9.28 -68.08 125.91
CA MET R 146 9.03 -68.69 124.61
C MET R 146 7.85 -69.66 124.62
N ARG R 147 6.75 -69.23 125.26
CA ARG R 147 5.59 -70.07 125.53
C ARG R 147 4.87 -70.54 124.28
N MET R 148 5.12 -69.87 123.16
CA MET R 148 4.40 -70.18 121.92
C MET R 148 5.12 -71.23 121.10
N LYS R 149 6.34 -71.56 121.48
CA LYS R 149 7.13 -72.54 120.72
C LYS R 149 6.73 -73.98 121.02
N PRO R 150 6.90 -74.90 120.05
CA PRO R 150 6.59 -76.30 120.31
C PRO R 150 7.18 -76.80 121.63
N ILE R 151 6.48 -77.72 122.27
CA ILE R 151 6.89 -78.26 123.56
C ILE R 151 8.34 -78.83 123.56
N SER R 152 8.70 -79.53 122.50
CA SER R 152 9.99 -80.22 122.43
C SER R 152 11.23 -79.30 122.36
N THR R 153 11.00 -78.00 122.21
CA THR R 153 12.07 -77.01 122.19
C THR R 153 12.32 -76.46 123.59
N ARG R 154 11.48 -76.84 124.55
CA ARG R 154 11.56 -76.34 125.91
C ARG R 154 11.64 -77.43 126.97
N GLU R 155 11.14 -78.62 126.67
CA GLU R 155 10.89 -79.63 127.69
C GLU R 155 11.23 -81.08 127.35
N VAL R 156 11.75 -81.79 128.36
CA VAL R 156 11.95 -83.24 128.36
C VAL R 156 11.34 -83.81 129.65
N ALA R 157 11.21 -85.14 129.72
CA ALA R 157 10.70 -85.80 130.94
C ALA R 157 11.74 -85.78 132.05
N ASP R 158 11.26 -85.86 133.30
CA ASP R 158 12.05 -85.83 134.54
C ASP R 158 11.97 -84.47 135.24
#